data_8FWD
#
_entry.id   8FWD
#
_cell.length_a   1.00
_cell.length_b   1.00
_cell.length_c   1.00
_cell.angle_alpha   90.00
_cell.angle_beta   90.00
_cell.angle_gamma   90.00
#
_symmetry.space_group_name_H-M   'P 1'
#
loop_
_entity.id
_entity.type
_entity.pdbx_description
1 polymer O43-rpxdoc-EK1_A
2 polymer O43-rpxdoc-EK1_B
#
loop_
_entity_poly.entity_id
_entity_poly.type
_entity_poly.pdbx_seq_one_letter_code
_entity_poly.pdbx_strand_id
1 'polypeptide(L)'
;EEAELAYLLGELAYKLGEYRIAIRAYRIALKRDPNNAEAWYNLGNAYTKQGDYDEAIEYYLRALVLDPNNAEAATNLGQA
YMNQGDKDRAKLMLLLALKLDPNNDSARVILGVAKVGIEELAKLASQAQQEGDSEKQKAIELAAEAARVAQEVGDPELEK
LALEAARRGDSEKAKAILLAAEAARVAKEVGDPELIKLALEAARRGDSEKARAILEAAERAREAKERGDPEQIKKARELA
KR
;
0,2,4,6,8,B,D,F,H,J,L,N,P,R,T,V,X,Z,b,d,f,h,j,l
2 'polypeptide(L)'
;DVSALAYVMLGLLLSLLNRLSLAAEAYKKAIELDPNDALAWLLLGSVLEKLKRLDEAAEAYKKAIELKPNDASAWKELGK
VLEKLGRLDEAAEAYLIAIMLDPEDAEAAKELGKVLEKLGELEMAEEAYKLAIKLDPND
;
1,3,5,7,9,A,C,E,G,I,K,M,O,Q,S,U,W,Y,a,c,e,g,i,k
#
# COMPACT_ATOMS: atom_id res chain seq x y z
N GLU A 1 57.75 -2.91 -0.47
CA GLU A 1 57.13 -4.27 -0.49
C GLU A 1 58.17 -5.31 -0.88
N GLU A 2 57.71 -6.54 -1.13
CA GLU A 2 58.64 -7.63 -1.43
C GLU A 2 59.45 -7.34 -2.68
N ALA A 3 58.95 -6.47 -3.57
CA ALA A 3 59.68 -6.14 -4.78
C ALA A 3 61.08 -5.65 -4.48
N GLU A 4 61.28 -5.00 -3.33
CA GLU A 4 62.60 -4.53 -2.94
C GLU A 4 63.37 -5.56 -2.12
N LEU A 5 62.69 -6.29 -1.24
CA LEU A 5 63.39 -7.29 -0.45
C LEU A 5 63.98 -8.39 -1.33
N ALA A 6 63.23 -8.84 -2.33
CA ALA A 6 63.76 -9.85 -3.25
C ALA A 6 64.96 -9.30 -4.00
N TYR A 7 64.89 -8.04 -4.42
CA TYR A 7 66.02 -7.43 -5.12
C TYR A 7 67.24 -7.35 -4.21
N LEU A 8 67.03 -7.01 -2.94
CA LEU A 8 68.14 -6.98 -1.98
C LEU A 8 68.77 -8.35 -1.85
N LEU A 9 67.95 -9.38 -1.74
CA LEU A 9 68.49 -10.74 -1.67
C LEU A 9 69.27 -11.06 -2.93
N GLY A 10 68.75 -10.66 -4.09
CA GLY A 10 69.46 -10.90 -5.33
C GLY A 10 70.82 -10.22 -5.35
N GLU A 11 70.88 -8.96 -4.90
CA GLU A 11 72.15 -8.25 -4.87
C GLU A 11 73.12 -8.92 -3.91
N LEU A 12 72.65 -9.35 -2.75
CA LEU A 12 73.52 -10.02 -1.80
C LEU A 12 74.07 -11.32 -2.39
N ALA A 13 73.20 -12.09 -3.07
CA ALA A 13 73.66 -13.33 -3.68
C ALA A 13 74.68 -13.05 -4.77
N TYR A 14 74.43 -12.04 -5.62
CA TYR A 14 75.35 -11.73 -6.69
C TYR A 14 76.69 -11.26 -6.16
N LYS A 15 76.68 -10.44 -5.11
CA LYS A 15 77.93 -9.98 -4.52
C LYS A 15 78.80 -11.15 -4.08
N LEU A 16 78.19 -12.24 -3.63
CA LEU A 16 78.91 -13.40 -3.11
C LEU A 16 78.99 -14.54 -4.12
N GLY A 17 78.66 -14.29 -5.39
CA GLY A 17 78.89 -15.26 -6.44
C GLY A 17 77.85 -16.37 -6.57
N GLU A 18 76.75 -16.30 -5.81
CA GLU A 18 75.68 -17.30 -5.92
C GLU A 18 74.70 -16.92 -7.03
N TYR A 19 75.20 -17.05 -8.27
CA TYR A 19 74.43 -16.60 -9.43
C TYR A 19 73.11 -17.35 -9.57
N ARG A 20 73.12 -18.68 -9.35
CA ARG A 20 71.89 -19.44 -9.48
C ARG A 20 70.85 -19.02 -8.46
N ILE A 21 71.27 -18.41 -7.35
CA ILE A 21 70.33 -17.81 -6.41
C ILE A 21 69.90 -16.44 -6.89
N ALA A 22 70.87 -15.64 -7.35
CA ALA A 22 70.61 -14.26 -7.72
C ALA A 22 69.60 -14.16 -8.85
N ILE A 23 69.69 -15.04 -9.84
CA ILE A 23 68.80 -14.95 -11.00
C ILE A 23 67.35 -15.13 -10.57
N ARG A 24 67.08 -16.20 -9.83
CA ARG A 24 65.71 -16.44 -9.38
C ARG A 24 65.25 -15.34 -8.44
N ALA A 25 66.13 -14.85 -7.57
CA ALA A 25 65.76 -13.77 -6.67
C ALA A 25 65.33 -12.53 -7.46
N TYR A 26 66.14 -12.15 -8.45
CA TYR A 26 65.82 -10.98 -9.25
C TYR A 26 64.52 -11.18 -10.02
N ARG A 27 64.27 -12.40 -10.51
CA ARG A 27 63.02 -12.66 -11.21
C ARG A 27 61.82 -12.47 -10.28
N ILE A 28 61.95 -12.88 -9.02
CA ILE A 28 60.85 -12.68 -8.09
C ILE A 28 60.52 -11.20 -7.97
N ALA A 29 61.55 -10.34 -8.02
CA ALA A 29 61.30 -8.90 -7.97
C ALA A 29 60.68 -8.39 -9.26
N LEU A 30 61.29 -8.73 -10.39
CA LEU A 30 60.82 -8.19 -11.67
C LEU A 30 59.37 -8.58 -11.95
N LYS A 31 58.93 -9.75 -11.46
CA LYS A 31 57.55 -10.12 -11.68
C LYS A 31 56.58 -9.15 -10.99
N ARG A 32 57.08 -8.32 -10.08
CA ARG A 32 56.28 -7.24 -9.48
C ARG A 32 56.57 -5.87 -10.09
N ASP A 33 57.83 -5.59 -10.43
CA ASP A 33 58.27 -4.25 -10.79
C ASP A 33 59.04 -4.30 -12.10
N PRO A 34 58.34 -4.39 -13.24
CA PRO A 34 59.03 -4.54 -14.52
C PRO A 34 59.80 -3.32 -14.99
N ASN A 35 59.59 -2.14 -14.39
CA ASN A 35 60.28 -0.92 -14.80
C ASN A 35 61.62 -0.72 -14.10
N ASN A 36 62.11 -1.70 -13.35
CA ASN A 36 63.31 -1.56 -12.53
C ASN A 36 64.56 -1.72 -13.38
N ALA A 37 65.17 -0.60 -13.75
CA ALA A 37 66.30 -0.63 -14.67
C ALA A 37 67.48 -1.42 -14.10
N GLU A 38 67.89 -1.08 -12.87
CA GLU A 38 69.05 -1.74 -12.29
C GLU A 38 68.80 -3.23 -12.11
N ALA A 39 67.55 -3.62 -11.83
CA ALA A 39 67.25 -5.05 -11.72
C ALA A 39 67.53 -5.76 -13.03
N TRP A 40 67.06 -5.21 -14.15
CA TRP A 40 67.31 -5.82 -15.44
C TRP A 40 68.80 -5.90 -15.73
N TYR A 41 69.53 -4.80 -15.48
CA TYR A 41 70.96 -4.79 -15.78
C TYR A 41 71.71 -5.83 -14.94
N ASN A 42 71.41 -5.89 -13.65
CA ASN A 42 72.11 -6.82 -12.77
C ASN A 42 71.75 -8.26 -13.11
N LEU A 43 70.50 -8.52 -13.48
CA LEU A 43 70.15 -9.84 -13.97
C LEU A 43 70.94 -10.20 -15.22
N GLY A 44 71.10 -9.23 -16.12
CA GLY A 44 71.87 -9.49 -17.33
C GLY A 44 73.29 -9.88 -17.02
N ASN A 45 73.96 -9.13 -16.13
CA ASN A 45 75.35 -9.48 -15.84
C ASN A 45 75.44 -10.72 -14.96
N ALA A 46 74.40 -11.00 -14.16
CA ALA A 46 74.38 -12.26 -13.42
C ALA A 46 74.36 -13.44 -14.37
N TYR A 47 73.58 -13.35 -15.44
CA TYR A 47 73.68 -14.34 -16.50
C TYR A 47 75.06 -14.33 -17.14
N THR A 48 75.59 -13.13 -17.41
CA THR A 48 76.84 -13.02 -18.16
C THR A 48 77.99 -13.72 -17.46
N LYS A 49 78.08 -13.59 -16.14
CA LYS A 49 79.22 -14.18 -15.43
C LYS A 49 79.22 -15.70 -15.53
N GLN A 50 78.06 -16.32 -15.74
CA GLN A 50 78.02 -17.74 -16.05
C GLN A 50 78.38 -17.99 -17.51
N GLY A 51 77.88 -17.15 -18.40
CA GLY A 51 77.87 -17.41 -19.83
C GLY A 51 76.53 -16.97 -20.37
N ASP A 52 75.81 -17.88 -21.04
CA ASP A 52 74.42 -17.68 -21.40
C ASP A 52 74.19 -16.36 -22.14
N TYR A 53 75.19 -15.90 -22.88
CA TYR A 53 75.13 -14.55 -23.45
C TYR A 53 73.93 -14.39 -24.38
N ASP A 54 73.59 -15.45 -25.12
CA ASP A 54 72.47 -15.37 -26.06
C ASP A 54 71.17 -15.01 -25.37
N GLU A 55 71.05 -15.28 -24.08
CA GLU A 55 69.89 -14.84 -23.31
C GLU A 55 70.16 -13.53 -22.57
N ALA A 56 71.39 -13.35 -22.07
CA ALA A 56 71.71 -12.14 -21.31
C ALA A 56 71.51 -10.89 -22.15
N ILE A 57 71.72 -10.98 -23.46
CA ILE A 57 71.59 -9.80 -24.32
C ILE A 57 70.18 -9.22 -24.23
N GLU A 58 69.17 -10.08 -24.12
CA GLU A 58 67.79 -9.57 -24.05
C GLU A 58 67.59 -8.72 -22.79
N TYR A 59 68.10 -9.19 -21.65
CA TYR A 59 67.92 -8.44 -20.41
C TYR A 59 68.74 -7.16 -20.44
N TYR A 60 69.94 -7.20 -21.04
CA TYR A 60 70.70 -5.97 -21.23
C TYR A 60 69.93 -4.97 -22.09
N LEU A 61 69.27 -5.46 -23.13
CA LEU A 61 68.48 -4.59 -24.00
C LEU A 61 67.32 -3.98 -23.23
N ARG A 62 66.63 -4.78 -22.42
CA ARG A 62 65.55 -4.23 -21.60
C ARG A 62 66.08 -3.18 -20.65
N ALA A 63 67.28 -3.38 -20.10
CA ALA A 63 67.86 -2.39 -19.22
C ALA A 63 68.14 -1.08 -19.97
N LEU A 64 68.73 -1.19 -21.17
CA LEU A 64 69.08 0.01 -21.92
C LEU A 64 67.84 0.77 -22.39
N VAL A 65 66.83 0.05 -22.85
CA VAL A 65 65.60 0.70 -23.33
C VAL A 65 64.96 1.51 -22.21
N LEU A 66 64.96 0.97 -20.99
CA LEU A 66 64.41 1.67 -19.85
C LEU A 66 65.33 2.74 -19.29
N ASP A 67 66.59 2.76 -19.70
CA ASP A 67 67.56 3.73 -19.19
C ASP A 67 68.61 3.97 -20.27
N PRO A 68 68.32 4.86 -21.23
CA PRO A 68 69.19 4.97 -22.41
C PRO A 68 70.57 5.53 -22.13
N ASN A 69 70.82 6.07 -20.93
CA ASN A 69 72.12 6.62 -20.59
C ASN A 69 72.99 5.66 -19.80
N ASN A 70 72.56 4.40 -19.64
CA ASN A 70 73.26 3.44 -18.80
C ASN A 70 74.53 2.96 -19.51
N ALA A 71 75.62 3.69 -19.28
CA ALA A 71 76.88 3.35 -19.94
C ALA A 71 77.39 1.97 -19.52
N GLU A 72 77.20 1.61 -18.26
CA GLU A 72 77.64 0.28 -17.82
C GLU A 72 76.92 -0.82 -18.58
N ALA A 73 75.60 -0.67 -18.74
CA ALA A 73 74.83 -1.65 -19.51
C ALA A 73 75.29 -1.69 -20.95
N ALA A 74 75.63 -0.52 -21.53
CA ALA A 74 76.12 -0.49 -22.89
C ALA A 74 77.42 -1.28 -23.02
N THR A 75 78.35 -1.07 -22.08
CA THR A 75 79.61 -1.81 -22.13
C THR A 75 79.38 -3.31 -21.99
N ASN A 76 78.51 -3.69 -21.04
CA ASN A 76 78.20 -5.10 -20.86
C ASN A 76 77.57 -5.71 -22.11
N LEU A 77 76.67 -4.98 -22.76
CA LEU A 77 76.04 -5.51 -23.96
C LEU A 77 77.04 -5.62 -25.10
N GLY A 78 77.98 -4.68 -25.19
CA GLY A 78 79.05 -4.80 -26.17
C GLY A 78 79.87 -6.06 -25.93
N GLN A 79 80.22 -6.31 -24.67
CA GLN A 79 80.92 -7.54 -24.34
C GLN A 79 80.10 -8.76 -24.73
N ALA A 80 78.80 -8.75 -24.43
CA ALA A 80 77.95 -9.88 -24.75
C ALA A 80 77.89 -10.13 -26.25
N TYR A 81 77.75 -9.07 -27.04
CA TYR A 81 77.73 -9.24 -28.48
C TYR A 81 79.07 -9.73 -29.01
N MET A 82 80.17 -9.28 -28.41
CA MET A 82 81.47 -9.82 -28.80
C MET A 82 81.55 -11.31 -28.48
N ASN A 83 80.99 -11.73 -27.35
CA ASN A 83 80.89 -13.15 -27.06
C ASN A 83 79.99 -13.86 -28.06
N GLN A 84 78.92 -13.19 -28.52
CA GLN A 84 78.11 -13.74 -29.59
C GLN A 84 78.84 -13.78 -30.92
N GLY A 85 79.95 -13.05 -31.04
CA GLY A 85 80.81 -13.15 -32.20
C GLY A 85 80.59 -12.11 -33.29
N ASP A 86 79.79 -11.08 -33.05
CA ASP A 86 79.56 -10.02 -34.02
C ASP A 86 80.39 -8.80 -33.63
N LYS A 87 81.39 -8.47 -34.45
CA LYS A 87 82.17 -7.27 -34.21
C LYS A 87 81.31 -6.02 -34.32
N ASP A 88 80.37 -6.01 -35.27
CA ASP A 88 79.65 -4.78 -35.57
C ASP A 88 78.81 -4.30 -34.38
N ARG A 89 77.90 -5.16 -33.90
CA ARG A 89 77.01 -4.75 -32.81
C ARG A 89 77.80 -4.47 -31.54
N ALA A 90 78.79 -5.31 -31.24
CA ALA A 90 79.60 -5.11 -30.04
C ALA A 90 80.32 -3.77 -30.09
N LYS A 91 80.96 -3.47 -31.22
CA LYS A 91 81.64 -2.19 -31.37
C LYS A 91 80.65 -1.03 -31.28
N LEU A 92 79.46 -1.20 -31.84
CA LEU A 92 78.45 -0.16 -31.78
C LEU A 92 78.10 0.15 -30.32
N MET A 93 77.85 -0.89 -29.53
CA MET A 93 77.46 -0.64 -28.14
C MET A 93 78.64 -0.15 -27.29
N LEU A 94 79.86 -0.59 -27.59
CA LEU A 94 81.03 -0.05 -26.90
C LEU A 94 81.18 1.43 -27.18
N LEU A 95 81.01 1.84 -28.45
CA LEU A 95 81.05 3.24 -28.79
C LEU A 95 79.93 4.01 -28.10
N LEU A 96 78.74 3.39 -28.00
CA LEU A 96 77.65 4.01 -27.26
C LEU A 96 78.07 4.26 -25.81
N ALA A 97 78.72 3.27 -25.19
CA ALA A 97 79.17 3.43 -23.81
C ALA A 97 80.16 4.58 -23.70
N LEU A 98 81.13 4.63 -24.61
CA LEU A 98 82.14 5.69 -24.56
C LEU A 98 81.52 7.06 -24.78
N LYS A 99 80.54 7.16 -25.67
CA LYS A 99 79.86 8.43 -25.89
C LYS A 99 79.05 8.85 -24.67
N LEU A 100 78.38 7.90 -24.03
CA LEU A 100 77.55 8.20 -22.87
C LEU A 100 78.42 8.63 -21.69
N ASP B 1 22.88 9.30 -30.44
CA ASP B 1 23.44 8.25 -31.35
C ASP B 1 24.43 8.87 -32.34
N VAL B 2 25.37 8.06 -32.82
CA VAL B 2 26.38 8.54 -33.76
C VAL B 2 25.83 8.84 -35.14
N SER B 3 24.54 8.56 -35.38
CA SER B 3 23.98 8.71 -36.73
C SER B 3 24.21 10.11 -37.27
N ALA B 4 24.15 11.12 -36.40
CA ALA B 4 24.31 12.50 -36.86
C ALA B 4 25.63 12.68 -37.60
N LEU B 5 26.65 11.92 -37.24
CA LEU B 5 27.96 12.02 -37.86
C LEU B 5 28.18 10.99 -38.97
N ALA B 6 27.52 9.83 -38.87
CA ALA B 6 27.80 8.75 -39.81
C ALA B 6 27.56 9.18 -41.25
N TYR B 7 26.52 9.97 -41.50
CA TYR B 7 26.25 10.41 -42.87
C TYR B 7 27.42 11.19 -43.44
N VAL B 8 28.19 11.89 -42.60
CA VAL B 8 29.36 12.59 -43.09
C VAL B 8 30.38 11.59 -43.62
N MET B 9 30.58 10.50 -42.91
CA MET B 9 31.47 9.44 -43.41
C MET B 9 30.94 8.87 -44.71
N LEU B 10 29.62 8.67 -44.79
CA LEU B 10 29.06 8.10 -46.00
C LEU B 10 29.33 9.00 -47.19
N GLY B 11 29.15 10.31 -47.00
CA GLY B 11 29.43 11.24 -48.08
C GLY B 11 30.91 11.28 -48.42
N LEU B 12 31.77 11.23 -47.40
CA LEU B 12 33.20 11.24 -47.66
C LEU B 12 33.61 10.02 -48.47
N LEU B 13 33.05 8.86 -48.15
CA LEU B 13 33.33 7.66 -48.93
C LEU B 13 32.85 7.83 -50.36
N LEU B 14 31.58 8.24 -50.53
CA LEU B 14 31.04 8.37 -51.87
C LEU B 14 31.69 9.49 -52.67
N SER B 15 32.48 10.34 -52.03
CA SER B 15 33.34 11.28 -52.75
C SER B 15 34.74 10.73 -53.00
N LEU B 16 35.23 9.89 -52.10
CA LEU B 16 36.53 9.25 -52.25
C LEU B 16 36.47 8.22 -53.37
N LEU B 17 35.50 7.31 -53.30
CA LEU B 17 35.02 6.63 -54.49
C LEU B 17 34.18 7.62 -55.30
N ASN B 18 34.35 7.61 -56.61
CA ASN B 18 33.91 8.73 -57.45
C ASN B 18 32.41 8.59 -57.77
N ARG B 19 31.58 8.97 -56.79
CA ARG B 19 30.13 9.06 -56.96
C ARG B 19 29.59 10.32 -56.29
N LEU B 20 30.22 11.46 -56.59
CA LEU B 20 29.89 12.72 -55.93
C LEU B 20 28.39 12.97 -55.80
N SER B 21 27.63 12.65 -56.86
CA SER B 21 26.23 13.04 -56.90
C SER B 21 25.41 12.39 -55.78
N LEU B 22 25.85 11.25 -55.26
CA LEU B 22 25.24 10.67 -54.07
C LEU B 22 25.82 11.24 -52.79
N ALA B 23 27.09 11.65 -52.82
CA ALA B 23 27.71 12.25 -51.66
C ALA B 23 26.99 13.53 -51.26
N ALA B 24 26.58 14.33 -52.25
CA ALA B 24 25.84 15.54 -51.92
C ALA B 24 24.58 15.22 -51.11
N GLU B 25 23.84 14.21 -51.54
CA GLU B 25 22.62 13.83 -50.82
C GLU B 25 22.96 13.33 -49.41
N ALA B 26 24.04 12.55 -49.27
CA ALA B 26 24.43 12.09 -47.95
C ALA B 26 24.74 13.27 -47.03
N TYR B 27 25.48 14.26 -47.54
CA TYR B 27 25.77 15.44 -46.74
C TYR B 27 24.49 16.17 -46.37
N LYS B 28 23.54 16.26 -47.30
CA LYS B 28 22.28 16.95 -47.00
C LYS B 28 21.50 16.24 -45.90
N LYS B 29 21.49 14.91 -45.92
CA LYS B 29 20.87 14.19 -44.81
C LYS B 29 21.57 14.51 -43.50
N ALA B 30 22.90 14.54 -43.53
CA ALA B 30 23.65 14.88 -42.31
C ALA B 30 23.24 16.25 -41.80
N ILE B 31 23.15 17.22 -42.71
CA ILE B 31 22.75 18.58 -42.32
C ILE B 31 21.34 18.56 -41.73
N GLU B 32 20.43 17.80 -42.33
CA GLU B 32 19.09 17.68 -41.79
C GLU B 32 19.12 17.17 -40.36
N LEU B 33 20.06 16.27 -40.05
CA LEU B 33 20.18 15.82 -38.67
C LEU B 33 20.84 16.86 -37.77
N ASP B 34 21.71 17.71 -38.32
CA ASP B 34 22.38 18.72 -37.52
C ASP B 34 22.82 19.90 -38.39
N PRO B 35 22.09 21.01 -38.40
CA PRO B 35 22.47 22.13 -39.28
C PRO B 35 23.72 22.87 -38.83
N ASN B 36 24.22 22.64 -37.62
CA ASN B 36 25.34 23.41 -37.09
C ASN B 36 26.71 22.84 -37.44
N ASP B 37 26.78 21.69 -38.10
CA ASP B 37 28.05 21.03 -38.39
C ASP B 37 28.79 21.80 -39.47
N ALA B 38 29.88 22.47 -39.09
CA ALA B 38 30.69 23.22 -40.04
C ALA B 38 31.36 22.32 -41.07
N LEU B 39 31.78 21.13 -40.65
CA LEU B 39 32.49 20.23 -41.55
C LEU B 39 31.58 19.72 -42.65
N ALA B 40 30.34 19.39 -42.29
CA ALA B 40 29.37 18.97 -43.30
C ALA B 40 29.20 20.05 -44.36
N TRP B 41 28.99 21.29 -43.92
CA TRP B 41 28.77 22.39 -44.87
C TRP B 41 29.99 22.59 -45.76
N LEU B 42 31.18 22.58 -45.17
CA LEU B 42 32.38 22.80 -45.98
C LEU B 42 32.57 21.71 -47.02
N LEU B 43 32.44 20.44 -46.62
CA LEU B 43 32.62 19.35 -47.58
C LEU B 43 31.54 19.38 -48.64
N LEU B 44 30.31 19.69 -48.26
CA LEU B 44 29.23 19.82 -49.23
C LEU B 44 29.52 20.94 -50.22
N GLY B 45 30.09 22.04 -49.74
CA GLY B 45 30.48 23.11 -50.65
C GLY B 45 31.48 22.62 -51.68
N SER B 46 32.50 21.91 -51.23
CA SER B 46 33.48 21.40 -52.19
C SER B 46 32.86 20.41 -53.17
N VAL B 47 31.97 19.54 -52.69
CA VAL B 47 31.38 18.53 -53.57
C VAL B 47 30.52 19.20 -54.63
N LEU B 48 29.66 20.12 -54.21
CA LEU B 48 28.87 20.88 -55.17
C LEU B 48 29.76 21.66 -56.12
N GLU B 49 30.91 22.14 -55.66
CA GLU B 49 31.85 22.79 -56.56
C GLU B 49 32.29 21.83 -57.66
N LYS B 50 32.58 20.58 -57.29
CA LYS B 50 33.05 19.63 -58.30
C LYS B 50 31.93 19.20 -59.23
N LEU B 51 30.68 19.18 -58.76
CA LEU B 51 29.55 18.93 -59.65
C LEU B 51 29.22 20.13 -60.54
N LYS B 52 29.90 21.25 -60.33
CA LYS B 52 29.72 22.45 -61.16
C LYS B 52 28.33 23.06 -60.99
N ARG B 53 27.76 22.92 -59.80
CA ARG B 53 26.61 23.71 -59.37
C ARG B 53 27.06 24.97 -58.63
N LEU B 54 27.77 25.85 -59.35
CA LEU B 54 28.65 26.84 -58.71
C LEU B 54 27.96 27.62 -57.60
N ASP B 55 26.79 28.19 -57.88
CA ASP B 55 26.21 29.13 -56.93
C ASP B 55 25.76 28.44 -55.65
N GLU B 56 25.25 27.21 -55.75
CA GLU B 56 24.90 26.47 -54.56
C GLU B 56 26.13 26.18 -53.73
N ALA B 57 27.26 25.89 -54.39
CA ALA B 57 28.51 25.71 -53.68
C ALA B 57 28.93 26.99 -52.97
N ALA B 58 28.75 28.14 -53.63
CA ALA B 58 29.07 29.40 -52.97
C ALA B 58 28.24 29.60 -51.71
N GLU B 59 26.94 29.30 -51.79
CA GLU B 59 26.09 29.46 -50.61
C GLU B 59 26.49 28.48 -49.51
N ALA B 60 26.84 27.24 -49.89
CA ALA B 60 27.28 26.27 -48.90
C ALA B 60 28.54 26.75 -48.19
N TYR B 61 29.51 27.27 -48.96
CA TYR B 61 30.72 27.80 -48.35
C TYR B 61 30.38 28.94 -47.39
N LYS B 62 29.49 29.84 -47.81
CA LYS B 62 29.12 30.95 -46.95
C LYS B 62 28.45 30.47 -45.67
N LYS B 63 27.57 29.47 -45.77
CA LYS B 63 26.95 28.89 -44.58
C LYS B 63 28.00 28.32 -43.65
N ALA B 64 29.02 27.68 -44.20
CA ALA B 64 30.09 27.15 -43.36
C ALA B 64 30.87 28.27 -42.67
N ILE B 65 31.26 29.28 -43.45
CA ILE B 65 32.09 30.37 -42.91
C ILE B 65 31.35 31.10 -41.79
N GLU B 66 30.04 31.28 -41.95
CA GLU B 66 29.25 31.93 -40.91
C GLU B 66 29.28 31.15 -39.60
N LEU B 67 29.60 29.86 -39.64
CA LEU B 67 29.60 29.02 -38.45
C LEU B 67 30.96 28.90 -37.79
N LYS B 68 32.04 29.10 -38.55
CA LYS B 68 33.40 29.07 -38.00
C LYS B 68 34.19 30.17 -38.70
N PRO B 69 34.08 31.41 -38.21
CA PRO B 69 34.45 32.57 -39.04
C PRO B 69 35.91 32.60 -39.50
N ASN B 70 36.84 32.01 -38.76
CA ASN B 70 38.25 32.37 -38.92
C ASN B 70 39.04 31.45 -39.85
N ASP B 71 38.49 30.30 -40.25
CA ASP B 71 39.26 29.33 -41.03
C ASP B 71 39.60 29.91 -42.39
N ALA B 72 40.85 30.36 -42.55
CA ALA B 72 41.24 31.07 -43.76
C ALA B 72 41.01 30.26 -45.02
N SER B 73 41.23 28.94 -44.96
CA SER B 73 41.11 28.14 -46.17
C SER B 73 39.70 28.14 -46.73
N ALA B 74 38.68 28.19 -45.86
CA ALA B 74 37.31 28.28 -46.36
C ALA B 74 37.10 29.57 -47.15
N TRP B 75 37.66 30.69 -46.66
CA TRP B 75 37.57 31.93 -47.41
C TRP B 75 38.22 31.82 -48.77
N LYS B 76 39.38 31.17 -48.83
CA LYS B 76 40.06 31.01 -50.12
C LYS B 76 39.22 30.21 -51.10
N GLU B 77 38.61 29.13 -50.63
CA GLU B 77 37.78 28.32 -51.52
C GLU B 77 36.54 29.09 -51.97
N LEU B 78 35.94 29.86 -51.07
CA LEU B 78 34.80 30.69 -51.47
C LEU B 78 35.24 31.72 -52.50
N GLY B 79 36.44 32.27 -52.35
CA GLY B 79 36.97 33.16 -53.36
C GLY B 79 37.16 32.48 -54.70
N LYS B 80 37.65 31.25 -54.67
CA LYS B 80 37.78 30.49 -55.92
C LYS B 80 36.44 30.33 -56.61
N VAL B 81 35.42 29.92 -55.86
CA VAL B 81 34.11 29.71 -56.44
C VAL B 81 33.55 31.02 -56.97
N LEU B 82 33.70 32.10 -56.21
CA LEU B 82 33.21 33.39 -56.66
C LEU B 82 33.93 33.84 -57.93
N GLU B 83 35.24 33.62 -58.00
CA GLU B 83 35.97 33.92 -59.23
C GLU B 83 35.36 33.18 -60.40
N LYS B 84 35.06 31.89 -60.21
CA LYS B 84 34.45 31.12 -61.30
C LYS B 84 33.04 31.60 -61.61
N LEU B 85 32.35 32.19 -60.63
CA LEU B 85 31.02 32.76 -60.89
C LEU B 85 31.08 34.14 -61.54
N GLY B 86 32.25 34.77 -61.58
CA GLY B 86 32.39 36.09 -62.18
C GLY B 86 32.04 37.25 -61.28
N ARG B 87 31.69 37.01 -60.02
CA ARG B 87 31.42 38.08 -59.06
C ARG B 87 32.73 38.55 -58.43
N LEU B 88 33.58 39.10 -59.29
CA LEU B 88 34.99 39.30 -58.94
C LEU B 88 35.17 40.23 -57.74
N ASP B 89 34.25 41.17 -57.51
CA ASP B 89 34.39 42.05 -56.36
C ASP B 89 34.32 41.26 -55.05
N GLU B 90 33.30 40.40 -54.93
CA GLU B 90 33.21 39.57 -53.74
C GLU B 90 34.38 38.59 -53.65
N ALA B 91 34.91 38.13 -54.79
CA ALA B 91 36.08 37.27 -54.76
C ALA B 91 37.29 38.02 -54.21
N ALA B 92 37.48 39.27 -54.64
CA ALA B 92 38.57 40.08 -54.09
C ALA B 92 38.38 40.28 -52.60
N GLU B 93 37.14 40.54 -52.17
CA GLU B 93 36.87 40.69 -50.74
C GLU B 93 37.23 39.42 -49.98
N ALA B 94 36.85 38.26 -50.54
CA ALA B 94 37.15 37.00 -49.87
C ALA B 94 38.65 36.76 -49.75
N TYR B 95 39.39 36.97 -50.82
CA TYR B 95 40.83 36.76 -50.76
C TYR B 95 41.50 37.76 -49.82
N LEU B 96 41.00 39.01 -49.80
CA LEU B 96 41.50 39.98 -48.85
C LEU B 96 41.25 39.52 -47.41
N ILE B 97 40.05 39.01 -47.14
CA ILE B 97 39.76 38.47 -45.81
C ILE B 97 40.72 37.35 -45.48
N ALA B 98 41.04 36.50 -46.47
CA ALA B 98 41.99 35.43 -46.24
C ALA B 98 43.36 35.98 -45.85
N ILE B 99 43.80 37.04 -46.53
CA ILE B 99 45.07 37.66 -46.17
C ILE B 99 45.01 38.23 -44.77
N MET B 100 43.90 38.87 -44.41
CA MET B 100 43.78 39.45 -43.08
C MET B 100 43.85 38.37 -42.02
N LEU B 101 43.21 37.23 -42.25
CA LEU B 101 43.25 36.14 -41.28
C LEU B 101 44.64 35.52 -41.20
N ASP B 102 45.36 35.48 -42.31
CA ASP B 102 46.71 34.93 -42.34
C ASP B 102 47.53 35.76 -43.32
N PRO B 103 48.31 36.72 -42.83
CA PRO B 103 49.03 37.62 -43.74
C PRO B 103 50.24 37.00 -44.44
N GLU B 104 50.50 35.70 -44.22
CA GLU B 104 51.71 35.07 -44.73
C GLU B 104 51.45 33.95 -45.73
N ASP B 105 50.20 33.72 -46.14
CA ASP B 105 49.89 32.71 -47.15
C ASP B 105 50.19 33.26 -48.54
N ALA B 106 51.01 32.53 -49.31
CA ALA B 106 51.35 32.97 -50.65
C ALA B 106 50.16 32.83 -51.60
N GLU B 107 49.40 31.74 -51.47
CA GLU B 107 48.31 31.48 -52.40
C GLU B 107 47.25 32.57 -52.34
N ALA B 108 46.95 33.07 -51.14
CA ALA B 108 45.97 34.15 -51.02
C ALA B 108 46.40 35.36 -51.84
N ALA B 109 47.68 35.74 -51.73
CA ALA B 109 48.18 36.89 -52.49
C ALA B 109 48.15 36.61 -53.99
N LYS B 110 48.52 35.39 -54.39
CA LYS B 110 48.50 35.06 -55.81
C LYS B 110 47.08 35.16 -56.38
N GLU B 111 46.11 34.60 -55.66
CA GLU B 111 44.72 34.66 -56.11
C GLU B 111 44.22 36.10 -56.11
N LEU B 112 44.62 36.89 -55.10
CA LEU B 112 44.24 38.30 -55.09
C LEU B 112 44.82 39.02 -56.30
N GLY B 113 46.05 38.69 -56.68
CA GLY B 113 46.62 39.26 -57.89
C GLY B 113 45.80 38.91 -59.11
N LYS B 114 45.45 37.62 -59.25
CA LYS B 114 44.59 37.21 -60.36
C LYS B 114 43.31 38.04 -60.40
N VAL B 115 42.61 38.11 -59.27
CA VAL B 115 41.29 38.72 -59.23
C VAL B 115 41.39 40.22 -59.47
N LEU B 116 42.38 40.88 -58.88
CA LEU B 116 42.55 42.30 -59.08
C LEU B 116 42.93 42.62 -60.52
N GLU B 117 43.79 41.80 -61.13
CA GLU B 117 44.14 42.02 -62.53
C GLU B 117 42.91 41.89 -63.42
N LYS B 118 42.11 40.84 -63.22
CA LYS B 118 40.91 40.69 -64.01
C LYS B 118 39.90 41.80 -63.71
N LEU B 119 39.93 42.34 -62.50
CA LEU B 119 39.02 43.40 -62.07
C LEU B 119 39.49 44.78 -62.48
N GLY B 120 40.69 44.91 -63.02
CA GLY B 120 41.20 46.18 -63.51
C GLY B 120 42.02 46.99 -62.54
N GLU B 121 42.28 46.48 -61.34
CA GLU B 121 43.17 47.15 -60.39
C GLU B 121 44.63 46.75 -60.61
N LEU B 122 45.15 47.07 -61.80
CA LEU B 122 46.44 46.53 -62.22
C LEU B 122 47.55 46.82 -61.21
N GLU B 123 47.56 48.02 -60.63
CA GLU B 123 48.62 48.36 -59.68
C GLU B 123 48.55 47.45 -58.45
N MET B 124 47.38 47.35 -57.84
CA MET B 124 47.24 46.49 -56.66
C MET B 124 47.39 45.02 -57.03
N ALA B 125 46.98 44.63 -58.24
CA ALA B 125 47.18 43.27 -58.69
C ALA B 125 48.66 42.93 -58.74
N GLU B 126 49.47 43.82 -59.31
CA GLU B 126 50.91 43.60 -59.36
C GLU B 126 51.53 43.63 -57.96
N GLU B 127 51.04 44.50 -57.08
CA GLU B 127 51.52 44.50 -55.71
C GLU B 127 51.26 43.16 -55.03
N ALA B 128 50.04 42.63 -55.18
CA ALA B 128 49.70 41.35 -54.60
C ALA B 128 50.53 40.22 -55.20
N TYR B 129 50.75 40.26 -56.51
CA TYR B 129 51.58 39.24 -57.15
C TYR B 129 53.00 39.26 -56.60
N LYS B 130 53.57 40.47 -56.46
CA LYS B 130 54.91 40.58 -55.89
C LYS B 130 54.95 40.09 -54.45
N LEU B 131 53.92 40.41 -53.66
CA LEU B 131 53.87 39.93 -52.29
C LEU B 131 53.80 38.41 -52.23
N ALA B 132 52.99 37.80 -53.09
CA ALA B 132 52.90 36.35 -53.16
C ALA B 132 54.24 35.74 -53.53
N ILE B 133 54.93 36.33 -54.51
CA ILE B 133 56.26 35.84 -54.88
C ILE B 133 57.22 35.95 -53.70
N LYS B 134 57.14 37.04 -52.96
CA LYS B 134 58.00 37.21 -51.79
C LYS B 134 57.73 36.15 -50.74
N LEU B 135 56.45 35.84 -50.49
CA LEU B 135 56.11 34.79 -49.54
C LEU B 135 56.59 33.44 -50.02
N ASP B 136 56.40 33.13 -51.30
CA ASP B 136 56.90 31.91 -51.89
C ASP B 136 56.94 32.06 -53.41
N PRO B 137 58.11 31.85 -54.03
CA PRO B 137 58.21 32.06 -55.48
C PRO B 137 57.76 30.89 -56.32
N ASN B 138 57.60 29.69 -55.73
CA ASN B 138 57.28 28.51 -56.51
C ASN B 138 55.81 28.41 -56.91
N ASP B 139 54.96 29.28 -56.37
CA ASP B 139 53.54 29.25 -56.70
C ASP B 139 53.28 29.80 -58.11
N GLU C 1 -7.97 26.22 -52.73
CA GLU C 1 -9.10 25.93 -51.82
C GLU C 1 -9.97 24.82 -52.41
N GLU C 2 -10.50 23.95 -51.55
CA GLU C 2 -11.23 22.78 -52.02
C GLU C 2 -12.49 23.15 -52.77
N ALA C 3 -13.00 24.37 -52.60
CA ALA C 3 -14.19 24.80 -53.31
C ALA C 3 -13.96 24.93 -54.81
N GLU C 4 -12.70 25.00 -55.25
CA GLU C 4 -12.42 25.42 -56.62
C GLU C 4 -13.02 24.46 -57.64
N LEU C 5 -13.19 23.19 -57.31
CA LEU C 5 -13.80 22.27 -58.27
C LEU C 5 -15.26 22.63 -58.53
N ALA C 6 -16.02 22.87 -57.47
CA ALA C 6 -17.42 23.24 -57.64
C ALA C 6 -17.54 24.58 -58.36
N TYR C 7 -16.67 25.54 -58.01
CA TYR C 7 -16.69 26.83 -58.71
C TYR C 7 -16.35 26.66 -60.18
N LEU C 8 -15.40 25.80 -60.49
CA LEU C 8 -15.06 25.54 -61.89
C LEU C 8 -16.25 24.95 -62.63
N LEU C 9 -16.95 24.00 -62.01
CA LEU C 9 -18.14 23.47 -62.65
C LEU C 9 -19.17 24.57 -62.87
N GLY C 10 -19.35 25.43 -61.88
CA GLY C 10 -20.28 26.54 -62.04
C GLY C 10 -19.90 27.44 -63.21
N GLU C 11 -18.62 27.79 -63.31
CA GLU C 11 -18.18 28.66 -64.41
C GLU C 11 -18.38 27.97 -65.75
N LEU C 12 -18.06 26.68 -65.83
CA LEU C 12 -18.25 25.95 -67.08
C LEU C 12 -19.71 25.94 -67.48
N ALA C 13 -20.61 25.69 -66.52
CA ALA C 13 -22.03 25.70 -66.82
C ALA C 13 -22.49 27.08 -67.28
N TYR C 14 -22.05 28.13 -66.59
CA TYR C 14 -22.48 29.49 -66.94
C TYR C 14 -21.99 29.87 -68.33
N LYS C 15 -20.71 29.64 -68.61
CA LYS C 15 -20.16 30.03 -69.90
C LYS C 15 -20.84 29.31 -71.05
N LEU C 16 -21.41 28.13 -70.78
CA LEU C 16 -22.15 27.37 -71.79
C LEU C 16 -23.65 27.58 -71.71
N GLY C 17 -24.11 28.52 -70.87
CA GLY C 17 -25.51 28.88 -70.83
C GLY C 17 -26.43 27.95 -70.05
N GLU C 18 -25.89 27.05 -69.24
CA GLU C 18 -26.70 26.19 -68.38
C GLU C 18 -26.90 26.84 -67.01
N TYR C 19 -27.74 27.88 -67.01
CA TYR C 19 -27.80 28.79 -65.87
C TYR C 19 -28.27 28.09 -64.59
N ARG C 20 -29.26 27.20 -64.69
CA ARG C 20 -29.73 26.50 -63.50
C ARG C 20 -28.60 25.68 -62.89
N ILE C 21 -27.86 24.95 -63.72
CA ILE C 21 -26.74 24.15 -63.25
C ILE C 21 -25.69 25.06 -62.61
N ALA C 22 -25.44 26.22 -63.23
CA ALA C 22 -24.46 27.16 -62.68
C ALA C 22 -24.86 27.63 -61.30
N ILE C 23 -26.14 28.00 -61.13
CA ILE C 23 -26.62 28.44 -59.82
C ILE C 23 -26.44 27.33 -58.79
N ARG C 24 -26.90 26.12 -59.13
CA ARG C 24 -26.87 25.04 -58.17
C ARG C 24 -25.43 24.62 -57.83
N ALA C 25 -24.47 24.90 -58.72
CA ALA C 25 -23.08 24.61 -58.41
C ALA C 25 -22.44 25.70 -57.57
N TYR C 26 -22.65 26.96 -57.94
CA TYR C 26 -22.13 28.05 -57.14
C TYR C 26 -22.66 27.97 -55.71
N ARG C 27 -23.87 27.45 -55.53
CA ARG C 27 -24.36 27.23 -54.17
C ARG C 27 -23.43 26.33 -53.38
N ILE C 28 -23.03 25.20 -53.96
CA ILE C 28 -22.11 24.29 -53.27
C ILE C 28 -20.80 25.01 -52.99
N ALA C 29 -20.30 25.74 -54.00
CA ALA C 29 -19.01 26.41 -53.86
C ALA C 29 -19.04 27.39 -52.70
N LEU C 30 -20.11 28.19 -52.61
CA LEU C 30 -20.24 29.15 -51.53
C LEU C 30 -20.39 28.47 -50.18
N LYS C 31 -21.15 27.37 -50.13
CA LYS C 31 -21.26 26.65 -48.87
C LYS C 31 -19.89 26.19 -48.38
N ARG C 32 -19.04 25.76 -49.30
CA ARG C 32 -17.68 25.39 -48.91
C ARG C 32 -16.89 26.60 -48.41
N ASP C 33 -17.05 27.75 -49.06
CA ASP C 33 -16.27 28.94 -48.71
C ASP C 33 -17.05 30.21 -49.06
N PRO C 34 -17.54 30.95 -48.06
CA PRO C 34 -18.44 32.08 -48.35
C PRO C 34 -17.75 33.39 -48.72
N ASN C 35 -16.42 33.47 -48.66
CA ASN C 35 -15.72 34.73 -48.89
C ASN C 35 -15.38 34.99 -50.36
N ASN C 36 -15.75 34.10 -51.28
CA ASN C 36 -15.39 34.25 -52.69
C ASN C 36 -16.27 35.31 -53.33
N ALA C 37 -15.75 36.53 -53.42
CA ALA C 37 -16.52 37.64 -54.00
C ALA C 37 -16.94 37.35 -55.42
N GLU C 38 -16.02 36.84 -56.24
CA GLU C 38 -16.35 36.58 -57.64
C GLU C 38 -17.41 35.49 -57.76
N ALA C 39 -17.45 34.55 -56.82
CA ALA C 39 -18.51 33.54 -56.83
C ALA C 39 -19.86 34.17 -56.60
N TRP C 40 -19.96 35.09 -55.63
CA TRP C 40 -21.21 35.81 -55.41
C TRP C 40 -21.60 36.58 -56.66
N TYR C 41 -20.64 37.25 -57.29
CA TYR C 41 -20.93 38.03 -58.49
C TYR C 41 -21.46 37.12 -59.60
N ASN C 42 -20.83 35.97 -59.81
CA ASN C 42 -21.28 35.07 -60.87
C ASN C 42 -22.66 34.51 -60.57
N LEU C 43 -22.94 34.22 -59.30
CA LEU C 43 -24.28 33.76 -58.93
C LEU C 43 -25.32 34.84 -59.25
N GLY C 44 -25.01 36.09 -58.91
CA GLY C 44 -25.91 37.16 -59.26
C GLY C 44 -26.08 37.32 -60.76
N ASN C 45 -25.00 37.10 -61.53
CA ASN C 45 -25.09 37.19 -62.98
C ASN C 45 -25.99 36.10 -63.55
N ALA C 46 -25.87 34.88 -63.01
CA ALA C 46 -26.75 33.80 -63.45
C ALA C 46 -28.21 34.13 -63.14
N TYR C 47 -28.49 34.60 -61.93
CA TYR C 47 -29.87 34.98 -61.62
C TYR C 47 -30.34 36.12 -62.51
N THR C 48 -29.42 37.03 -62.90
CA THR C 48 -29.78 38.10 -63.82
C THR C 48 -30.20 37.53 -65.17
N LYS C 49 -29.42 36.59 -65.71
CA LYS C 49 -29.82 35.96 -66.96
C LYS C 49 -31.16 35.26 -66.81
N GLN C 50 -31.44 34.70 -65.64
CA GLN C 50 -32.76 34.12 -65.40
C GLN C 50 -33.85 35.17 -65.31
N GLY C 51 -33.50 36.44 -65.10
CA GLY C 51 -34.49 37.48 -64.94
C GLY C 51 -35.06 37.62 -63.54
N ASP C 52 -34.44 36.99 -62.54
CA ASP C 52 -34.82 37.15 -61.14
C ASP C 52 -34.10 38.33 -60.50
N TYR C 53 -34.40 39.52 -61.01
CA TYR C 53 -33.53 40.68 -60.80
C TYR C 53 -33.36 41.03 -59.33
N ASP C 54 -34.41 40.88 -58.52
CA ASP C 54 -34.28 41.24 -57.10
C ASP C 54 -33.33 40.29 -56.36
N GLU C 55 -33.40 39.00 -56.65
CA GLU C 55 -32.46 38.07 -56.01
C GLU C 55 -31.04 38.30 -56.51
N ALA C 56 -30.89 38.59 -57.80
CA ALA C 56 -29.59 38.99 -58.32
C ALA C 56 -29.07 40.22 -57.58
N ILE C 57 -29.96 41.17 -57.27
CA ILE C 57 -29.60 42.32 -56.45
C ILE C 57 -29.10 41.86 -55.08
N GLU C 58 -29.86 40.95 -54.46
CA GLU C 58 -29.49 40.48 -53.14
C GLU C 58 -28.07 39.90 -53.14
N TYR C 59 -27.70 39.20 -54.20
CA TYR C 59 -26.37 38.60 -54.23
C TYR C 59 -25.29 39.59 -54.68
N TYR C 60 -25.63 40.48 -55.61
CA TYR C 60 -24.69 41.52 -56.03
C TYR C 60 -24.28 42.40 -54.86
N LEU C 61 -25.22 42.69 -53.96
CA LEU C 61 -24.90 43.51 -52.80
C LEU C 61 -23.82 42.85 -51.95
N ARG C 62 -23.95 41.56 -51.69
CA ARG C 62 -22.92 40.85 -50.93
C ARG C 62 -21.61 40.87 -51.70
N ALA C 63 -21.67 40.69 -53.02
CA ALA C 63 -20.45 40.71 -53.82
C ALA C 63 -19.73 42.04 -53.69
N LEU C 64 -20.46 43.15 -53.75
CA LEU C 64 -19.85 44.46 -53.60
C LEU C 64 -19.30 44.66 -52.19
N VAL C 65 -20.04 44.22 -51.17
CA VAL C 65 -19.56 44.39 -49.80
C VAL C 65 -18.24 43.65 -49.62
N LEU C 66 -18.11 42.47 -50.22
CA LEU C 66 -16.87 41.72 -50.11
C LEU C 66 -15.76 42.24 -51.02
N ASP C 67 -16.09 43.10 -51.99
CA ASP C 67 -15.10 43.63 -52.93
C ASP C 67 -15.56 45.00 -53.39
N PRO C 68 -15.25 46.05 -52.62
CA PRO C 68 -15.83 47.38 -52.90
C PRO C 68 -15.38 47.99 -54.21
N ASN C 69 -14.31 47.50 -54.83
CA ASN C 69 -13.81 48.05 -56.08
C ASN C 69 -14.37 47.35 -57.32
N ASN C 70 -15.29 46.39 -57.14
CA ASN C 70 -15.76 45.56 -58.25
C ASN C 70 -16.71 46.37 -59.14
N ALA C 71 -16.12 47.05 -60.13
CA ALA C 71 -16.92 47.89 -61.01
C ALA C 71 -17.93 47.10 -61.80
N GLU C 72 -17.58 45.89 -62.25
CA GLU C 72 -18.51 45.08 -63.02
C GLU C 72 -19.75 44.74 -62.20
N ALA C 73 -19.55 44.34 -60.94
CA ALA C 73 -20.68 44.05 -60.07
C ALA C 73 -21.55 45.29 -59.88
N ALA C 74 -20.93 46.45 -59.73
CA ALA C 74 -21.69 47.69 -59.61
C ALA C 74 -22.54 47.94 -60.85
N THR C 75 -21.97 47.75 -62.04
CA THR C 75 -22.71 47.97 -63.26
C THR C 75 -23.90 47.02 -63.36
N ASN C 76 -23.66 45.73 -63.10
CA ASN C 76 -24.75 44.76 -63.16
C ASN C 76 -25.81 45.04 -62.12
N LEU C 77 -25.40 45.47 -60.92
CA LEU C 77 -26.37 45.81 -59.88
C LEU C 77 -27.21 47.01 -60.30
N GLY C 78 -26.59 48.02 -60.90
CA GLY C 78 -27.36 49.14 -61.41
C GLY C 78 -28.37 48.72 -62.45
N GLN C 79 -27.94 47.86 -63.38
CA GLN C 79 -28.87 47.33 -64.38
C GLN C 79 -30.02 46.57 -63.71
N ALA C 80 -29.70 45.77 -62.70
CA ALA C 80 -30.73 45.01 -62.01
C ALA C 80 -31.74 45.92 -61.32
N TYR C 81 -31.24 46.96 -60.64
CA TYR C 81 -32.15 47.92 -60.02
C TYR C 81 -33.00 48.64 -61.05
N MET C 82 -32.43 48.93 -62.23
CA MET C 82 -33.23 49.51 -63.30
C MET C 82 -34.32 48.54 -63.75
N ASN C 83 -34.00 47.24 -63.80
CA ASN C 83 -35.01 46.24 -64.13
C ASN C 83 -36.09 46.18 -63.05
N GLN C 84 -35.73 46.47 -61.80
CA GLN C 84 -36.71 46.58 -60.73
C GLN C 84 -37.43 47.91 -60.72
N GLY C 85 -37.05 48.84 -61.61
CA GLY C 85 -37.71 50.13 -61.72
C GLY C 85 -37.22 51.19 -60.75
N ASP C 86 -36.24 50.88 -59.91
CA ASP C 86 -35.67 51.87 -58.98
C ASP C 86 -34.60 52.67 -59.72
N LYS C 87 -35.06 53.50 -60.66
CA LYS C 87 -34.14 54.20 -61.55
C LYS C 87 -33.14 55.06 -60.79
N ASP C 88 -33.54 55.65 -59.66
CA ASP C 88 -32.63 56.50 -58.92
C ASP C 88 -31.47 55.70 -58.33
N ARG C 89 -31.79 54.60 -57.64
CA ARG C 89 -30.75 53.77 -57.05
C ARG C 89 -29.88 53.13 -58.14
N ALA C 90 -30.50 52.72 -59.24
CA ALA C 90 -29.73 52.18 -60.36
C ALA C 90 -28.76 53.21 -60.89
N LYS C 91 -29.21 54.47 -61.02
CA LYS C 91 -28.33 55.54 -61.45
C LYS C 91 -27.19 55.73 -60.46
N LEU C 92 -27.49 55.65 -59.16
CA LEU C 92 -26.43 55.74 -58.15
C LEU C 92 -25.37 54.68 -58.38
N MET C 93 -25.81 53.43 -58.56
CA MET C 93 -24.85 52.35 -58.73
C MET C 93 -24.10 52.44 -60.05
N LEU C 94 -24.75 52.93 -61.11
CA LEU C 94 -24.06 53.12 -62.38
C LEU C 94 -22.99 54.20 -62.26
N LEU C 95 -23.31 55.30 -61.58
CA LEU C 95 -22.31 56.33 -61.33
C LEU C 95 -21.18 55.78 -60.48
N LEU C 96 -21.50 54.91 -59.51
CA LEU C 96 -20.46 54.25 -58.73
C LEU C 96 -19.55 53.43 -59.64
N ALA C 97 -20.14 52.71 -60.59
CA ALA C 97 -19.34 51.93 -61.53
C ALA C 97 -18.42 52.83 -62.34
N LEU C 98 -18.94 53.97 -62.81
CA LEU C 98 -18.11 54.90 -63.56
C LEU C 98 -16.97 55.44 -62.70
N LYS C 99 -17.25 55.73 -61.43
CA LYS C 99 -16.22 56.23 -60.54
C LYS C 99 -15.15 55.17 -60.30
N LEU C 100 -15.55 53.92 -60.12
CA LEU C 100 -14.61 52.84 -59.83
C LEU C 100 -13.77 52.52 -61.06
N ASP D 1 25.43 -2.99 -29.77
CA ASP D 1 25.79 -1.78 -30.56
C ASP D 1 26.80 -2.11 -31.64
N VAL D 2 27.02 -1.17 -32.57
CA VAL D 2 27.82 -1.41 -33.76
C VAL D 2 29.31 -1.53 -33.48
N SER D 3 29.73 -1.43 -32.23
CA SER D 3 31.17 -1.47 -31.93
C SER D 3 31.81 -2.74 -32.47
N ALA D 4 31.11 -3.87 -32.40
CA ALA D 4 31.69 -5.12 -32.85
C ALA D 4 32.11 -5.06 -34.30
N LEU D 5 31.42 -4.25 -35.11
CA LEU D 5 31.76 -4.10 -36.52
C LEU D 5 32.69 -2.91 -36.77
N ALA D 6 32.60 -1.86 -35.96
CA ALA D 6 33.36 -0.64 -36.23
C ALA D 6 34.85 -0.93 -36.39
N TYR D 7 35.41 -1.80 -35.55
CA TYR D 7 36.83 -2.07 -35.63
C TYR D 7 37.23 -2.66 -36.98
N VAL D 8 36.32 -3.39 -37.62
CA VAL D 8 36.62 -3.91 -38.95
C VAL D 8 36.82 -2.77 -39.93
N MET D 9 35.96 -1.75 -39.85
CA MET D 9 36.11 -0.59 -40.71
C MET D 9 37.40 0.16 -40.38
N LEU D 10 37.74 0.25 -39.10
CA LEU D 10 38.98 0.93 -38.73
C LEU D 10 40.18 0.22 -39.36
N GLY D 11 40.20 -1.11 -39.28
CA GLY D 11 41.29 -1.86 -39.88
C GLY D 11 41.31 -1.73 -41.39
N LEU D 12 40.13 -1.74 -42.01
CA LEU D 12 40.07 -1.57 -43.45
C LEU D 12 40.61 -0.22 -43.88
N LEU D 13 40.25 0.83 -43.15
CA LEU D 13 40.78 2.16 -43.45
C LEU D 13 42.29 2.17 -43.33
N LEU D 14 42.82 1.65 -42.23
CA LEU D 14 44.26 1.67 -42.03
C LEU D 14 44.98 0.90 -43.13
N SER D 15 44.42 -0.25 -43.54
CA SER D 15 45.02 -1.00 -44.64
C SER D 15 44.95 -0.21 -45.94
N LEU D 16 43.82 0.47 -46.18
CA LEU D 16 43.66 1.28 -47.37
C LEU D 16 44.63 2.45 -47.39
N LEU D 17 45.02 2.94 -46.22
CA LEU D 17 45.94 4.05 -46.08
C LEU D 17 47.40 3.62 -46.06
N ASN D 18 47.67 2.32 -46.24
CA ASN D 18 49.02 1.78 -46.18
C ASN D 18 49.62 1.97 -44.77
N ARG D 19 48.85 1.55 -43.77
CA ARG D 19 49.24 1.55 -42.37
C ARG D 19 48.95 0.19 -41.74
N LEU D 20 49.45 -0.86 -42.41
CA LEU D 20 49.01 -2.23 -42.13
C LEU D 20 49.23 -2.63 -40.67
N SER D 21 50.39 -2.28 -40.10
CA SER D 21 50.77 -2.82 -38.81
C SER D 21 49.79 -2.44 -37.70
N LEU D 22 49.08 -1.32 -37.83
CA LEU D 22 47.99 -0.98 -36.92
C LEU D 22 46.68 -1.64 -37.32
N ALA D 23 46.50 -1.90 -38.61
CA ALA D 23 45.30 -2.57 -39.09
C ALA D 23 45.20 -3.97 -38.49
N ALA D 24 46.33 -4.67 -38.39
CA ALA D 24 46.31 -6.00 -37.77
C ALA D 24 45.76 -5.93 -36.36
N GLU D 25 46.20 -4.95 -35.57
CA GLU D 25 45.71 -4.81 -34.20
C GLU D 25 44.24 -4.47 -34.18
N ALA D 26 43.80 -3.60 -35.10
CA ALA D 26 42.37 -3.30 -35.17
C ALA D 26 41.55 -4.55 -35.43
N TYR D 27 41.99 -5.37 -36.38
CA TYR D 27 41.29 -6.62 -36.66
C TYR D 27 41.29 -7.53 -35.45
N LYS D 28 42.41 -7.60 -34.72
CA LYS D 28 42.46 -8.46 -33.54
C LYS D 28 41.48 -8.00 -32.49
N LYS D 29 41.36 -6.69 -32.28
CA LYS D 29 40.34 -6.19 -31.35
C LYS D 29 38.95 -6.59 -31.82
N ALA D 30 38.68 -6.46 -33.11
CA ALA D 30 37.39 -6.86 -33.64
C ALA D 30 37.12 -8.33 -33.34
N ILE D 31 38.12 -9.18 -33.57
CA ILE D 31 37.97 -10.62 -33.30
C ILE D 31 37.66 -10.86 -31.84
N GLU D 32 38.40 -10.19 -30.95
CA GLU D 32 38.16 -10.38 -29.52
C GLU D 32 36.76 -9.92 -29.13
N LEU D 33 36.20 -8.97 -29.88
CA LEU D 33 34.79 -8.61 -29.66
C LEU D 33 33.85 -9.71 -30.16
N ASP D 34 34.21 -10.40 -31.24
CA ASP D 34 33.38 -11.44 -31.82
C ASP D 34 34.23 -12.42 -32.60
N PRO D 35 34.56 -13.59 -32.04
CA PRO D 35 35.45 -14.53 -32.74
C PRO D 35 34.82 -15.20 -33.95
N ASN D 36 33.50 -15.11 -34.13
CA ASN D 36 32.82 -15.84 -35.19
C ASN D 36 32.78 -15.09 -36.52
N ASP D 37 33.28 -13.86 -36.59
CA ASP D 37 33.15 -13.04 -37.78
C ASP D 37 34.01 -13.61 -38.90
N ALA D 38 33.36 -14.15 -39.94
CA ALA D 38 34.09 -14.72 -41.07
C ALA D 38 34.80 -13.66 -41.91
N LEU D 39 34.40 -12.40 -41.78
CA LEU D 39 35.00 -11.33 -42.57
C LEU D 39 36.23 -10.72 -41.90
N ALA D 40 36.24 -10.67 -40.56
CA ALA D 40 37.43 -10.19 -39.86
C ALA D 40 38.61 -11.10 -40.14
N TRP D 41 38.42 -12.41 -39.98
CA TRP D 41 39.54 -13.35 -40.08
C TRP D 41 40.18 -13.30 -41.47
N LEU D 42 39.35 -13.24 -42.51
CA LEU D 42 39.88 -13.26 -43.87
C LEU D 42 40.73 -12.02 -44.16
N LEU D 43 40.23 -10.84 -43.81
CA LEU D 43 41.01 -9.62 -44.03
C LEU D 43 42.27 -9.63 -43.18
N LEU D 44 42.17 -10.11 -41.95
CA LEU D 44 43.36 -10.23 -41.12
C LEU D 44 44.38 -11.17 -41.75
N GLY D 45 43.91 -12.24 -42.37
CA GLY D 45 44.81 -13.14 -43.06
C GLY D 45 45.55 -12.44 -44.18
N SER D 46 44.82 -11.69 -45.00
CA SER D 46 45.48 -10.98 -46.09
C SER D 46 46.46 -9.93 -45.57
N VAL D 47 46.08 -9.21 -44.50
CA VAL D 47 46.95 -8.18 -43.94
C VAL D 47 48.24 -8.81 -43.42
N LEU D 48 48.13 -9.88 -42.63
CA LEU D 48 49.32 -10.56 -42.15
C LEU D 48 50.14 -11.11 -43.30
N GLU D 49 49.47 -11.54 -44.37
CA GLU D 49 50.20 -12.01 -45.54
C GLU D 49 51.09 -10.91 -46.11
N LYS D 50 50.53 -9.71 -46.26
CA LYS D 50 51.31 -8.65 -46.89
C LYS D 50 52.38 -8.08 -45.97
N LEU D 51 52.23 -8.26 -44.65
CA LEU D 51 53.33 -7.97 -43.73
C LEU D 51 54.41 -9.04 -43.76
N LYS D 52 54.22 -10.11 -44.55
CA LYS D 52 55.20 -11.18 -44.69
C LYS D 52 55.37 -11.97 -43.40
N ARG D 53 54.36 -11.98 -42.54
CA ARG D 53 54.29 -12.89 -41.40
C ARG D 53 53.48 -14.14 -41.74
N LEU D 54 53.91 -14.85 -42.78
CA LEU D 54 53.09 -15.93 -43.35
C LEU D 54 52.66 -16.95 -42.31
N ASP D 55 53.53 -17.23 -41.34
CA ASP D 55 53.31 -18.36 -40.43
C ASP D 55 51.96 -18.25 -39.75
N GLU D 56 51.47 -17.04 -39.50
CA GLU D 56 50.16 -16.83 -38.89
C GLU D 56 49.10 -16.46 -39.90
N ALA D 57 49.48 -15.95 -41.07
CA ALA D 57 48.50 -15.72 -42.13
C ALA D 57 47.84 -17.03 -42.53
N ALA D 58 48.61 -18.11 -42.62
CA ALA D 58 48.01 -19.40 -42.93
C ALA D 58 46.94 -19.77 -41.91
N GLU D 59 47.25 -19.58 -40.61
CA GLU D 59 46.29 -19.93 -39.58
C GLU D 59 45.06 -19.04 -39.61
N ALA D 60 45.24 -17.75 -39.88
CA ALA D 60 44.08 -16.87 -40.01
C ALA D 60 43.17 -17.31 -41.14
N TYR D 61 43.75 -17.65 -42.29
CA TYR D 61 42.94 -18.14 -43.40
C TYR D 61 42.22 -19.41 -43.02
N LYS D 62 42.91 -20.32 -42.33
CA LYS D 62 42.28 -21.58 -41.93
C LYS D 62 41.12 -21.35 -40.97
N LYS D 63 41.29 -20.44 -40.02
CA LYS D 63 40.19 -20.11 -39.12
C LYS D 63 39.00 -19.57 -39.90
N ALA D 64 39.26 -18.68 -40.86
CA ALA D 64 38.18 -18.14 -41.66
C ALA D 64 37.45 -19.23 -42.42
N ILE D 65 38.21 -20.13 -43.05
CA ILE D 65 37.61 -21.21 -43.83
C ILE D 65 36.78 -22.12 -42.92
N GLU D 66 37.28 -22.41 -41.73
CA GLU D 66 36.52 -23.22 -40.79
C GLU D 66 35.22 -22.53 -40.41
N LEU D 67 35.25 -21.20 -40.25
CA LEU D 67 34.06 -20.46 -39.85
C LEU D 67 33.08 -20.23 -40.98
N LYS D 68 33.50 -20.39 -42.24
CA LYS D 68 32.64 -20.10 -43.39
C LYS D 68 33.00 -21.06 -44.52
N PRO D 69 32.52 -22.29 -44.46
CA PRO D 69 32.93 -23.30 -45.46
C PRO D 69 32.43 -22.96 -46.86
N ASN D 70 33.04 -23.62 -47.84
CA ASN D 70 32.47 -23.76 -49.18
C ASN D 70 32.51 -22.43 -49.95
N ASP D 71 33.70 -21.82 -50.01
CA ASP D 71 33.96 -20.66 -50.85
C ASP D 71 35.36 -20.76 -51.43
N ALA D 72 35.50 -20.42 -52.72
CA ALA D 72 36.73 -20.75 -53.44
C ALA D 72 37.88 -19.81 -53.08
N SER D 73 37.62 -18.50 -52.99
CA SER D 73 38.71 -17.54 -52.93
C SER D 73 39.52 -17.67 -51.64
N ALA D 74 38.86 -17.99 -50.53
CA ALA D 74 39.60 -18.22 -49.29
C ALA D 74 40.56 -19.38 -49.44
N TRP D 75 40.10 -20.47 -50.06
CA TRP D 75 40.98 -21.60 -50.33
C TRP D 75 42.13 -21.19 -51.24
N LYS D 76 41.85 -20.38 -52.26
CA LYS D 76 42.91 -19.91 -53.14
C LYS D 76 43.99 -19.17 -52.36
N GLU D 77 43.58 -18.23 -51.51
CA GLU D 77 44.57 -17.43 -50.77
C GLU D 77 45.34 -18.28 -49.78
N LEU D 78 44.65 -19.20 -49.09
CA LEU D 78 45.37 -20.11 -48.20
C LEU D 78 46.36 -20.94 -48.97
N GLY D 79 45.98 -21.38 -50.17
CA GLY D 79 46.92 -22.09 -51.03
C GLY D 79 48.14 -21.26 -51.38
N LYS D 80 47.92 -19.98 -51.68
CA LYS D 80 49.05 -19.11 -51.98
C LYS D 80 50.00 -19.03 -50.80
N VAL D 81 49.46 -18.80 -49.61
CA VAL D 81 50.31 -18.68 -48.43
C VAL D 81 51.05 -19.97 -48.16
N LEU D 82 50.35 -21.11 -48.26
CA LEU D 82 51.00 -22.40 -48.08
C LEU D 82 52.09 -22.61 -49.11
N GLU D 83 51.83 -22.21 -50.36
CA GLU D 83 52.83 -22.35 -51.41
C GLU D 83 54.09 -21.59 -51.06
N LYS D 84 53.94 -20.35 -50.57
CA LYS D 84 55.13 -19.58 -50.20
C LYS D 84 55.75 -20.07 -48.90
N LEU D 85 55.00 -20.78 -48.05
CA LEU D 85 55.60 -21.43 -46.89
C LEU D 85 56.36 -22.70 -47.25
N GLY D 86 56.25 -23.18 -48.49
CA GLY D 86 56.93 -24.38 -48.90
C GLY D 86 56.21 -25.69 -48.59
N ARG D 87 55.00 -25.62 -48.05
CA ARG D 87 54.19 -26.82 -47.78
C ARG D 87 53.40 -27.22 -49.03
N LEU D 88 54.15 -27.55 -50.08
CA LEU D 88 53.55 -27.69 -51.41
C LEU D 88 52.44 -28.74 -51.44
N ASP D 89 52.51 -29.76 -50.59
CA ASP D 89 51.44 -30.74 -50.56
C ASP D 89 50.13 -30.11 -50.11
N GLU D 90 50.16 -29.39 -49.00
CA GLU D 90 48.95 -28.70 -48.54
C GLU D 90 48.50 -27.64 -49.52
N ALA D 91 49.45 -26.98 -50.21
CA ALA D 91 49.07 -25.99 -51.22
C ALA D 91 48.34 -26.65 -52.38
N ALA D 92 48.83 -27.80 -52.85
CA ALA D 92 48.14 -28.53 -53.89
C ALA D 92 46.76 -28.95 -53.42
N GLU D 93 46.66 -29.41 -52.17
CA GLU D 93 45.36 -29.77 -51.61
C GLU D 93 44.40 -28.58 -51.64
N ALA D 94 44.88 -27.41 -51.23
CA ALA D 94 44.02 -26.23 -51.17
C ALA D 94 43.56 -25.83 -52.57
N TYR D 95 44.48 -25.76 -53.53
CA TYR D 95 44.06 -25.43 -54.90
C TYR D 95 43.10 -26.47 -55.44
N LEU D 96 43.28 -27.74 -55.04
CA LEU D 96 42.35 -28.78 -55.44
C LEU D 96 40.96 -28.55 -54.84
N ILE D 97 40.90 -28.13 -53.58
CA ILE D 97 39.62 -27.77 -52.99
C ILE D 97 38.98 -26.64 -53.78
N ALA D 98 39.80 -25.67 -54.21
CA ALA D 98 39.29 -24.57 -55.00
C ALA D 98 38.67 -25.07 -56.30
N ILE D 99 39.36 -25.99 -56.99
CA ILE D 99 38.81 -26.54 -58.23
C ILE D 99 37.54 -27.34 -57.96
N MET D 100 37.54 -28.14 -56.89
CA MET D 100 36.38 -28.97 -56.58
C MET D 100 35.16 -28.13 -56.25
N LEU D 101 35.36 -26.98 -55.62
CA LEU D 101 34.24 -26.08 -55.34
C LEU D 101 33.75 -25.39 -56.61
N ASP D 102 34.65 -25.07 -57.54
CA ASP D 102 34.29 -24.39 -58.78
C ASP D 102 35.19 -24.94 -59.88
N PRO D 103 34.68 -25.87 -60.70
CA PRO D 103 35.53 -26.49 -61.73
C PRO D 103 35.82 -25.60 -62.93
N GLU D 104 35.41 -24.33 -62.92
CA GLU D 104 35.40 -23.51 -64.12
C GLU D 104 36.37 -22.34 -64.10
N ASP D 105 37.06 -22.09 -62.99
CA ASP D 105 37.92 -20.92 -62.86
C ASP D 105 39.36 -21.30 -63.18
N ALA D 106 39.96 -20.61 -64.15
CA ALA D 106 41.27 -21.01 -64.65
C ALA D 106 42.38 -20.74 -63.63
N GLU D 107 42.22 -19.71 -62.80
CA GLU D 107 43.31 -19.29 -61.92
C GLU D 107 43.74 -20.44 -61.01
N ALA D 108 42.77 -21.15 -60.43
CA ALA D 108 43.09 -22.24 -59.52
C ALA D 108 43.85 -23.35 -60.26
N ALA D 109 43.43 -23.66 -61.48
CA ALA D 109 44.13 -24.68 -62.26
C ALA D 109 45.55 -24.25 -62.58
N LYS D 110 45.74 -22.99 -62.95
CA LYS D 110 47.08 -22.49 -63.25
C LYS D 110 48.00 -22.64 -62.05
N GLU D 111 47.55 -22.16 -60.88
CA GLU D 111 48.42 -22.21 -59.71
C GLU D 111 48.62 -23.65 -59.22
N LEU D 112 47.60 -24.51 -59.36
CA LEU D 112 47.78 -25.92 -59.04
C LEU D 112 48.84 -26.53 -59.95
N GLY D 113 48.82 -26.20 -61.23
CA GLY D 113 49.85 -26.68 -62.13
C GLY D 113 51.23 -26.20 -61.72
N LYS D 114 51.35 -24.94 -61.31
CA LYS D 114 52.63 -24.42 -60.85
C LYS D 114 53.13 -25.23 -59.64
N VAL D 115 52.26 -25.44 -58.65
CA VAL D 115 52.64 -26.20 -57.47
C VAL D 115 53.04 -27.62 -57.85
N LEU D 116 52.26 -28.25 -58.72
CA LEU D 116 52.54 -29.63 -59.12
C LEU D 116 53.86 -29.74 -59.85
N GLU D 117 54.17 -28.77 -60.73
CA GLU D 117 55.50 -28.72 -61.33
C GLU D 117 56.57 -28.66 -60.25
N LYS D 118 56.43 -27.73 -59.31
CA LYS D 118 57.39 -27.65 -58.22
C LYS D 118 57.34 -28.87 -57.33
N LEU D 119 56.17 -29.53 -57.24
CA LEU D 119 56.03 -30.72 -56.43
C LEU D 119 56.42 -32.00 -57.15
N GLY D 120 56.65 -31.94 -58.46
CA GLY D 120 57.13 -33.08 -59.22
C GLY D 120 56.05 -33.96 -59.83
N GLU D 121 54.79 -33.54 -59.82
CA GLU D 121 53.71 -34.27 -60.49
C GLU D 121 53.54 -33.78 -61.93
N LEU D 122 54.56 -34.01 -62.76
CA LEU D 122 54.62 -33.36 -64.07
C LEU D 122 53.36 -33.59 -64.88
N GLU D 123 52.85 -34.82 -64.90
CA GLU D 123 51.68 -35.11 -65.72
C GLU D 123 50.44 -34.37 -65.21
N MET D 124 50.20 -34.42 -63.90
CA MET D 124 49.07 -33.70 -63.34
C MET D 124 49.23 -32.19 -63.53
N ALA D 125 50.47 -31.69 -63.42
CA ALA D 125 50.72 -30.28 -63.67
C ALA D 125 50.38 -29.90 -65.10
N GLU D 126 50.77 -30.75 -66.06
CA GLU D 126 50.43 -30.49 -67.46
C GLU D 126 48.91 -30.49 -67.65
N GLU D 127 48.22 -31.44 -67.03
CA GLU D 127 46.76 -31.47 -67.12
C GLU D 127 46.15 -30.19 -66.55
N ALA D 128 46.64 -29.74 -65.39
CA ALA D 128 46.12 -28.53 -64.77
C ALA D 128 46.40 -27.31 -65.65
N TYR D 129 47.60 -27.22 -66.23
CA TYR D 129 47.92 -26.10 -67.09
C TYR D 129 47.03 -26.08 -68.33
N LYS D 130 46.80 -27.24 -68.93
CA LYS D 130 45.91 -27.30 -70.08
C LYS D 130 44.49 -26.90 -69.70
N LEU D 131 44.01 -27.37 -68.55
CA LEU D 131 42.68 -26.99 -68.09
C LEU D 131 42.59 -25.48 -67.87
N ALA D 132 43.62 -24.89 -67.26
CA ALA D 132 43.65 -23.45 -67.06
C ALA D 132 43.60 -22.70 -68.38
N ILE D 133 44.40 -23.15 -69.36
CA ILE D 133 44.41 -22.48 -70.65
C ILE D 133 43.07 -22.61 -71.34
N LYS D 134 42.39 -23.75 -71.18
CA LYS D 134 41.10 -23.95 -71.83
C LYS D 134 40.01 -23.13 -71.15
N LEU D 135 40.07 -22.99 -69.82
CA LEU D 135 39.02 -22.29 -69.10
C LEU D 135 39.00 -20.80 -69.41
N ASP D 136 40.17 -20.18 -69.56
CA ASP D 136 40.25 -18.78 -69.91
C ASP D 136 41.43 -18.58 -70.84
N PRO D 137 41.31 -17.69 -71.84
CA PRO D 137 42.41 -17.51 -72.79
C PRO D 137 43.51 -16.58 -72.31
N ASN D 138 43.22 -15.68 -71.37
CA ASN D 138 44.17 -14.66 -70.95
C ASN D 138 45.05 -15.10 -69.79
N ASP D 139 44.89 -16.33 -69.30
CA ASP D 139 45.71 -16.82 -68.20
C ASP D 139 46.31 -18.20 -68.51
N GLU E 1 55.36 -16.33 -4.66
CA GLU E 1 54.90 -16.11 -3.26
C GLU E 1 56.09 -16.10 -2.31
N GLU E 2 55.89 -15.54 -1.10
CA GLU E 2 56.97 -15.43 -0.14
C GLU E 2 57.61 -16.78 0.16
N ALA E 3 56.87 -17.87 -0.06
CA ALA E 3 57.45 -19.18 0.21
C ALA E 3 58.77 -19.36 -0.54
N GLU E 4 58.79 -18.99 -1.83
CA GLU E 4 59.98 -19.22 -2.63
C GLU E 4 61.10 -18.25 -2.26
N LEU E 5 60.76 -17.01 -1.91
CA LEU E 5 61.78 -16.05 -1.49
C LEU E 5 62.44 -16.50 -0.20
N ALA E 6 61.64 -16.96 0.77
CA ALA E 6 62.21 -17.45 2.02
C ALA E 6 63.03 -18.71 1.78
N TYR E 7 62.57 -19.59 0.89
CA TYR E 7 63.35 -20.77 0.56
C TYR E 7 64.67 -20.39 -0.09
N LEU E 8 64.66 -19.36 -0.94
CA LEU E 8 65.91 -18.89 -1.54
C LEU E 8 66.85 -18.34 -0.48
N LEU E 9 66.31 -17.60 0.49
CA LEU E 9 67.15 -17.14 1.59
C LEU E 9 67.74 -18.32 2.34
N GLY E 10 66.95 -19.36 2.54
CA GLY E 10 67.48 -20.56 3.17
C GLY E 10 68.58 -21.19 2.34
N GLU E 11 68.40 -21.25 1.02
CA GLU E 11 69.43 -21.78 0.13
C GLU E 11 70.73 -21.01 0.32
N LEU E 12 70.64 -19.69 0.29
CA LEU E 12 71.84 -18.87 0.42
C LEU E 12 72.48 -19.06 1.78
N ALA E 13 71.68 -19.07 2.85
CA ALA E 13 72.24 -19.22 4.18
C ALA E 13 72.88 -20.59 4.38
N TYR E 14 72.31 -21.63 3.78
CA TYR E 14 72.87 -22.98 3.94
C TYR E 14 74.11 -23.18 3.08
N LYS E 15 74.16 -22.58 1.89
CA LYS E 15 75.37 -22.65 1.09
C LYS E 15 76.53 -21.99 1.83
N LEU E 16 76.30 -20.84 2.46
CA LEU E 16 77.29 -20.23 3.32
C LEU E 16 77.23 -20.88 4.70
N GLY E 17 78.08 -20.39 5.61
CA GLY E 17 78.22 -20.99 6.92
C GLY E 17 77.30 -20.45 7.99
N GLU E 18 75.99 -20.42 7.72
CA GLU E 18 75.03 -19.78 8.60
C GLU E 18 73.86 -20.70 8.96
N TYR E 19 74.17 -21.92 9.40
CA TYR E 19 73.13 -22.95 9.54
C TYR E 19 71.96 -22.47 10.40
N ARG E 20 72.23 -21.69 11.44
CA ARG E 20 71.14 -21.15 12.26
C ARG E 20 70.19 -20.32 11.40
N ILE E 21 70.74 -19.42 10.60
CA ILE E 21 69.91 -18.61 9.70
C ILE E 21 69.16 -19.51 8.74
N ALA E 22 69.81 -20.56 8.24
CA ALA E 22 69.15 -21.47 7.31
C ALA E 22 67.93 -22.12 7.93
N ILE E 23 68.08 -22.63 9.16
CA ILE E 23 66.96 -23.26 9.85
C ILE E 23 65.81 -22.26 10.01
N ARG E 24 66.12 -21.10 10.59
CA ARG E 24 65.06 -20.14 10.89
C ARG E 24 64.41 -19.62 9.62
N ALA E 25 65.16 -19.59 8.51
CA ALA E 25 64.58 -19.17 7.24
C ALA E 25 63.67 -20.23 6.66
N TYR E 26 64.17 -21.47 6.55
CA TYR E 26 63.37 -22.54 5.98
C TYR E 26 62.06 -22.72 6.74
N ARG E 27 62.07 -22.47 8.05
CA ARG E 27 60.84 -22.63 8.81
C ARG E 27 59.73 -21.74 8.28
N ILE E 28 60.05 -20.53 7.83
CA ILE E 28 59.01 -19.64 7.31
C ILE E 28 58.37 -20.24 6.07
N ALA E 29 59.20 -20.67 5.12
CA ALA E 29 58.66 -21.21 3.88
C ALA E 29 57.82 -22.46 4.15
N LEU E 30 58.33 -23.35 4.99
CA LEU E 30 57.58 -24.56 5.30
C LEU E 30 56.27 -24.24 6.01
N LYS E 31 56.27 -23.23 6.88
CA LYS E 31 55.02 -22.81 7.50
C LYS E 31 54.04 -22.28 6.47
N ARG E 32 54.55 -21.65 5.40
CA ARG E 32 53.64 -21.19 4.35
C ARG E 32 53.17 -22.35 3.46
N ASP E 33 54.04 -23.31 3.18
CA ASP E 33 53.76 -24.34 2.19
C ASP E 33 54.45 -25.63 2.60
N PRO E 34 53.73 -26.54 3.26
CA PRO E 34 54.39 -27.71 3.86
C PRO E 34 54.70 -28.85 2.90
N ASN E 35 54.33 -28.76 1.63
CA ASN E 35 54.53 -29.85 0.69
C ASN E 35 55.89 -29.84 0.00
N ASN E 36 56.76 -28.88 0.30
CA ASN E 36 58.07 -28.78 -0.35
C ASN E 36 59.01 -29.82 0.23
N ALA E 37 59.10 -30.97 -0.45
CA ALA E 37 59.96 -32.05 0.02
C ALA E 37 61.40 -31.62 0.16
N GLU E 38 61.92 -30.91 -0.84
CA GLU E 38 63.32 -30.49 -0.80
C GLU E 38 63.58 -29.50 0.32
N ALA E 39 62.57 -28.70 0.69
CA ALA E 39 62.75 -27.80 1.81
C ALA E 39 62.89 -28.56 3.12
N TRP E 40 62.08 -29.59 3.32
CA TRP E 40 62.24 -30.46 4.48
C TRP E 40 63.62 -31.10 4.47
N TYR E 41 64.06 -31.55 3.29
CA TYR E 41 65.37 -32.18 3.19
C TYR E 41 66.49 -31.22 3.58
N ASN E 42 66.43 -29.98 3.10
CA ASN E 42 67.45 -29.00 3.46
C ASN E 42 67.41 -28.67 4.94
N LEU E 43 66.21 -28.56 5.52
CA LEU E 43 66.12 -28.33 6.95
C LEU E 43 66.76 -29.46 7.73
N GLY E 44 66.51 -30.70 7.30
CA GLY E 44 67.17 -31.84 7.92
C GLY E 44 68.68 -31.76 7.81
N ASN E 45 69.18 -31.36 6.64
CA ASN E 45 70.62 -31.21 6.46
C ASN E 45 71.19 -30.17 7.43
N ALA E 46 70.47 -29.05 7.58
CA ALA E 46 70.93 -28.00 8.48
C ALA E 46 71.01 -28.52 9.92
N TYR E 47 69.93 -29.15 10.39
CA TYR E 47 69.96 -29.72 11.73
C TYR E 47 71.03 -30.79 11.87
N THR E 48 71.31 -31.52 10.79
CA THR E 48 72.35 -32.55 10.84
C THR E 48 73.72 -31.94 11.05
N LYS E 49 74.06 -30.93 10.26
CA LYS E 49 75.36 -30.30 10.41
C LYS E 49 75.46 -29.53 11.72
N GLN E 50 74.32 -29.14 12.28
CA GLN E 50 74.33 -28.62 13.66
C GLN E 50 74.62 -29.71 14.68
N GLY E 51 74.51 -30.98 14.29
CA GLY E 51 74.64 -32.08 15.22
C GLY E 51 73.39 -32.42 16.00
N ASP E 52 72.24 -31.85 15.64
CA ASP E 52 70.96 -32.15 16.28
C ASP E 52 70.22 -33.28 15.56
N TYR E 53 70.85 -34.45 15.52
CA TYR E 53 70.33 -35.55 14.71
C TYR E 53 68.93 -35.95 15.17
N ASP E 54 68.68 -35.95 16.48
CA ASP E 54 67.35 -36.31 16.98
C ASP E 54 66.27 -35.40 16.40
N GLU E 55 66.63 -34.17 16.04
CA GLU E 55 65.69 -33.29 15.35
C GLU E 55 65.67 -33.59 13.85
N ALA E 56 66.84 -33.83 13.25
CA ALA E 56 66.94 -33.97 11.81
C ALA E 56 66.15 -35.18 11.31
N ILE E 57 66.08 -36.24 12.11
CA ILE E 57 65.45 -37.47 11.64
C ILE E 57 63.99 -37.23 11.27
N GLU E 58 63.27 -36.44 12.07
CA GLU E 58 61.85 -36.21 11.78
C GLU E 58 61.66 -35.52 10.44
N TYR E 59 62.46 -34.49 10.17
CA TYR E 59 62.30 -33.77 8.91
C TYR E 59 62.76 -34.60 7.73
N TYR E 60 63.80 -35.43 7.92
CA TYR E 60 64.16 -36.38 6.86
C TYR E 60 63.01 -37.34 6.58
N LEU E 61 62.32 -37.80 7.63
CA LEU E 61 61.18 -38.68 7.46
C LEU E 61 60.06 -38.01 6.68
N ARG E 62 59.75 -36.75 7.01
CA ARG E 62 58.74 -36.04 6.24
C ARG E 62 59.17 -35.90 4.79
N ALA E 63 60.46 -35.62 4.56
CA ALA E 63 60.95 -35.51 3.18
C ALA E 63 60.76 -36.80 2.42
N LEU E 64 61.08 -37.94 3.05
CA LEU E 64 60.90 -39.23 2.39
C LEU E 64 59.42 -39.52 2.13
N VAL E 65 58.55 -39.19 3.09
CA VAL E 65 57.12 -39.42 2.89
C VAL E 65 56.63 -38.63 1.69
N LEU E 66 57.06 -37.37 1.57
CA LEU E 66 56.63 -36.54 0.46
C LEU E 66 57.36 -36.84 -0.84
N ASP E 67 58.46 -37.59 -0.78
CA ASP E 67 59.24 -37.93 -1.97
C ASP E 67 59.93 -39.25 -1.73
N PRO E 68 59.24 -40.37 -1.96
CA PRO E 68 59.80 -41.68 -1.59
C PRO E 68 61.00 -42.10 -2.41
N ASN E 69 61.30 -41.43 -3.51
CA ASN E 69 62.46 -41.75 -4.34
C ASN E 69 63.71 -40.95 -3.97
N ASN E 70 63.65 -40.14 -2.92
CA ASN E 70 64.73 -39.21 -2.58
C ASN E 70 65.89 -39.99 -1.95
N ALA E 71 66.82 -40.43 -2.81
CA ALA E 71 67.95 -41.21 -2.33
C ALA E 71 68.84 -40.40 -1.39
N GLU E 72 69.04 -39.11 -1.69
CA GLU E 72 69.88 -38.28 -0.83
C GLU E 72 69.30 -38.18 0.59
N ALA E 73 68.00 -37.94 0.68
CA ALA E 73 67.35 -37.89 1.99
C ALA E 73 67.50 -39.21 2.72
N ALA E 74 67.37 -40.33 1.99
CA ALA E 74 67.55 -41.64 2.62
C ALA E 74 68.96 -41.79 3.17
N THR E 75 69.97 -41.39 2.39
CA THR E 75 71.36 -41.51 2.85
C THR E 75 71.59 -40.67 4.09
N ASN E 76 71.11 -39.43 4.08
CA ASN E 76 71.32 -38.57 5.24
C ASN E 76 70.52 -39.05 6.45
N LEU E 77 69.35 -39.64 6.24
CA LEU E 77 68.60 -40.23 7.34
C LEU E 77 69.34 -41.43 7.93
N GLY E 78 69.95 -42.24 7.07
CA GLY E 78 70.79 -43.31 7.57
C GLY E 78 71.94 -42.78 8.40
N GLN E 79 72.57 -41.71 7.91
CA GLN E 79 73.64 -41.06 8.68
C GLN E 79 73.13 -40.61 10.04
N ALA E 80 71.95 -39.99 10.07
CA ALA E 80 71.39 -39.52 11.35
C ALA E 80 71.10 -40.67 12.29
N TYR E 81 70.52 -41.76 11.79
CA TYR E 81 70.26 -42.92 12.64
C TYR E 81 71.57 -43.50 13.17
N MET E 82 72.60 -43.57 12.32
CA MET E 82 73.89 -44.06 12.77
C MET E 82 74.48 -43.17 13.85
N ASN E 83 74.34 -41.85 13.69
CA ASN E 83 74.78 -40.93 14.74
C ASN E 83 74.00 -41.12 16.01
N GLN E 84 72.73 -41.52 15.89
CA GLN E 84 71.93 -41.93 17.05
C GLN E 84 72.28 -43.31 17.56
N GLY E 85 73.19 -44.02 16.88
CA GLY E 85 73.55 -45.37 17.29
C GLY E 85 72.55 -46.44 16.90
N ASP E 86 71.53 -46.10 16.12
CA ASP E 86 70.52 -47.07 15.69
C ASP E 86 70.96 -47.76 14.40
N LYS E 87 71.98 -48.60 14.54
CA LYS E 87 72.64 -49.19 13.38
C LYS E 87 71.66 -49.97 12.50
N ASP E 88 70.64 -50.59 13.10
CA ASP E 88 69.70 -51.36 12.28
C ASP E 88 68.91 -50.45 11.34
N ARG E 89 68.29 -49.40 11.88
CA ARG E 89 67.55 -48.46 11.05
C ARG E 89 68.47 -47.75 10.08
N ALA E 90 69.67 -47.38 10.53
CA ALA E 90 70.62 -46.68 9.66
C ALA E 90 70.98 -47.54 8.46
N LYS E 91 71.32 -48.80 8.71
CA LYS E 91 71.64 -49.72 7.61
C LYS E 91 70.44 -49.93 6.71
N LEU E 92 69.24 -50.01 7.28
CA LEU E 92 68.03 -50.15 6.47
C LEU E 92 67.88 -48.97 5.51
N MET E 93 68.04 -47.75 6.02
CA MET E 93 67.87 -46.58 5.16
C MET E 93 69.01 -46.43 4.16
N LEU E 94 70.22 -46.85 4.53
CA LEU E 94 71.32 -46.85 3.57
C LEU E 94 71.05 -47.82 2.43
N LEU E 95 70.55 -49.01 2.75
CA LEU E 95 70.15 -49.96 1.72
C LEU E 95 69.04 -49.38 0.84
N LEU E 96 68.09 -48.66 1.47
CA LEU E 96 67.06 -47.98 0.70
C LEU E 96 67.66 -47.00 -0.29
N ALA E 97 68.64 -46.22 0.18
CA ALA E 97 69.29 -45.25 -0.71
C ALA E 97 70.00 -45.95 -1.86
N LEU E 98 70.70 -47.04 -1.56
CA LEU E 98 71.39 -47.77 -2.63
C LEU E 98 70.40 -48.35 -3.63
N LYS E 99 69.25 -48.84 -3.17
CA LYS E 99 68.24 -49.35 -4.08
C LYS E 99 67.65 -48.23 -4.94
N LEU E 100 67.45 -47.06 -4.35
CA LEU E 100 66.88 -45.93 -5.07
C LEU E 100 67.89 -45.38 -6.08
N ASP F 1 21.96 24.30 22.44
CA ASP F 1 22.86 23.49 23.30
C ASP F 1 23.77 24.40 24.14
N VAL F 2 24.73 23.81 24.84
CA VAL F 2 25.58 24.53 25.77
C VAL F 2 26.45 25.59 25.08
N SER F 3 26.49 25.61 23.75
CA SER F 3 27.34 26.57 23.05
C SER F 3 27.00 28.00 23.45
N ALA F 4 25.71 28.27 23.71
CA ALA F 4 25.32 29.61 24.12
C ALA F 4 26.02 30.04 25.40
N LEU F 5 26.39 29.09 26.25
CA LEU F 5 27.04 29.38 27.52
C LEU F 5 28.55 29.29 27.43
N ALA F 6 29.08 28.40 26.59
CA ALA F 6 30.53 28.15 26.58
C ALA F 6 31.33 29.42 26.38
N TYR F 7 30.86 30.33 25.52
CA TYR F 7 31.61 31.54 25.26
C TYR F 7 31.78 32.37 26.52
N VAL F 8 30.82 32.31 27.44
CA VAL F 8 30.96 33.03 28.71
C VAL F 8 32.16 32.49 29.47
N MET F 9 32.32 31.17 29.51
CA MET F 9 33.49 30.59 30.17
C MET F 9 34.77 30.97 29.45
N LEU F 10 34.73 31.00 28.12
CA LEU F 10 35.93 31.40 27.39
C LEU F 10 36.35 32.81 27.76
N GLY F 11 35.38 33.72 27.86
CA GLY F 11 35.70 35.08 28.27
C GLY F 11 36.18 35.14 29.71
N LEU F 12 35.57 34.35 30.59
CA LEU F 12 35.99 34.34 31.99
C LEU F 12 37.44 33.86 32.09
N LEU F 13 37.79 32.84 31.33
CA LEU F 13 39.18 32.37 31.33
C LEU F 13 40.11 33.46 30.81
N LEU F 14 39.78 34.04 29.66
CA LEU F 14 40.66 35.05 29.08
C LEU F 14 40.70 36.33 29.90
N SER F 15 39.80 36.49 30.88
CA SER F 15 39.92 37.55 31.87
C SER F 15 40.68 37.11 33.12
N LEU F 16 40.61 35.83 33.45
CA LEU F 16 41.34 35.29 34.59
C LEU F 16 42.82 35.20 34.28
N LEU F 17 43.16 34.58 33.15
CA LEU F 17 44.42 34.87 32.49
C LEU F 17 44.31 36.24 31.83
N ASN F 18 45.38 37.03 31.91
CA ASN F 18 45.29 38.47 31.65
C ASN F 18 45.36 38.74 30.14
N ARG F 19 44.23 38.52 29.47
CA ARG F 19 44.06 38.87 28.05
C ARG F 19 42.67 39.49 27.82
N LEU F 20 42.33 40.49 28.64
CA LEU F 20 40.99 41.08 28.62
C LEU F 20 40.51 41.39 27.21
N SER F 21 41.39 41.89 26.35
CA SER F 21 40.96 42.39 25.04
C SER F 21 40.34 41.29 24.17
N LEU F 22 40.70 40.02 24.40
CA LEU F 22 40.01 38.91 23.75
C LEU F 22 38.76 38.48 24.52
N ALA F 23 38.78 38.66 25.84
CA ALA F 23 37.62 38.31 26.65
C ALA F 23 36.41 39.14 26.24
N ALA F 24 36.62 40.42 25.94
CA ALA F 24 35.51 41.25 25.49
C ALA F 24 34.85 40.66 24.25
N GLU F 25 35.66 40.23 23.28
CA GLU F 25 35.10 39.64 22.06
C GLU F 25 34.39 38.33 22.36
N ALA F 26 34.95 37.52 23.24
CA ALA F 26 34.27 36.27 23.61
C ALA F 26 32.90 36.56 24.22
N TYR F 27 32.83 37.54 25.12
CA TYR F 27 31.54 37.92 25.70
C TYR F 27 30.59 38.41 24.63
N LYS F 28 31.08 39.23 23.70
CA LYS F 28 30.21 39.74 22.65
C LYS F 28 29.63 38.61 21.81
N LYS F 29 30.45 37.61 21.48
CA LYS F 29 29.93 36.45 20.78
C LYS F 29 28.86 35.77 21.61
N ALA F 30 29.07 35.65 22.92
CA ALA F 30 28.07 35.04 23.79
C ALA F 30 26.76 35.81 23.74
N ILE F 31 26.84 37.14 23.79
CA ILE F 31 25.63 37.98 23.81
C ILE F 31 24.83 37.77 22.54
N GLU F 32 25.50 37.76 21.39
CA GLU F 32 24.79 37.60 20.13
C GLU F 32 24.14 36.23 20.02
N LEU F 33 24.62 35.23 20.78
CA LEU F 33 23.93 33.96 20.85
C LEU F 33 22.69 34.04 21.73
N ASP F 34 22.69 34.92 22.74
CA ASP F 34 21.61 35.01 23.70
C ASP F 34 21.60 36.39 24.35
N PRO F 35 20.92 37.37 23.76
CA PRO F 35 21.02 38.75 24.28
C PRO F 35 20.40 38.94 25.66
N ASN F 36 19.59 38.01 26.14
CA ASN F 36 18.91 38.17 27.43
C ASN F 36 19.75 37.72 28.63
N ASP F 37 20.99 37.28 28.40
CA ASP F 37 21.82 36.76 29.49
C ASP F 37 22.25 37.90 30.41
N ALA F 38 21.76 37.89 31.64
CA ALA F 38 22.07 38.94 32.60
C ALA F 38 23.50 38.85 33.15
N LEU F 39 24.19 37.74 32.91
CA LEU F 39 25.54 37.55 33.42
C LEU F 39 26.60 37.97 32.39
N ALA F 40 26.36 37.65 31.12
CA ALA F 40 27.28 38.07 30.06
C ALA F 40 27.42 39.58 30.04
N TRP F 41 26.30 40.29 30.09
CA TRP F 41 26.36 41.76 30.05
C TRP F 41 27.13 42.30 31.25
N LEU F 42 26.88 41.77 32.44
CA LEU F 42 27.56 42.27 33.63
C LEU F 42 29.06 42.04 33.54
N LEU F 43 29.48 40.84 33.14
CA LEU F 43 30.91 40.57 33.06
C LEU F 43 31.56 41.42 31.98
N LEU F 44 30.88 41.59 30.84
CA LEU F 44 31.41 42.46 29.79
C LEU F 44 31.54 43.89 30.28
N GLY F 45 30.57 44.35 31.07
CA GLY F 45 30.67 45.68 31.66
C GLY F 45 31.90 45.81 32.53
N SER F 46 32.14 44.81 33.37
CA SER F 46 33.32 44.86 34.24
C SER F 46 34.62 44.75 33.46
N VAL F 47 34.62 44.07 32.31
CA VAL F 47 35.83 43.93 31.52
C VAL F 47 36.14 45.23 30.79
N LEU F 48 35.16 45.79 30.08
CA LEU F 48 35.38 47.04 29.38
C LEU F 48 35.81 48.15 30.34
N GLU F 49 35.37 48.07 31.60
CA GLU F 49 35.78 49.07 32.58
C GLU F 49 37.30 49.07 32.77
N LYS F 50 37.91 47.90 32.89
CA LYS F 50 39.34 47.83 33.16
C LYS F 50 40.18 48.04 31.90
N LEU F 51 39.60 47.86 30.71
CA LEU F 51 40.25 48.38 29.51
C LEU F 51 40.12 49.89 29.40
N LYS F 52 39.35 50.52 30.28
CA LYS F 52 39.21 51.97 30.35
C LYS F 52 38.55 52.53 29.09
N ARG F 53 37.65 51.74 28.51
CA ARG F 53 36.68 52.22 27.51
C ARG F 53 35.35 52.54 28.18
N LEU F 54 35.38 53.52 29.10
CA LEU F 54 34.37 53.60 30.15
C LEU F 54 32.95 53.74 29.61
N ASP F 55 32.75 54.47 28.51
CA ASP F 55 31.39 54.69 28.04
C ASP F 55 30.71 53.37 27.68
N GLU F 56 31.42 52.49 26.98
CA GLU F 56 30.87 51.19 26.67
C GLU F 56 30.58 50.38 27.93
N ALA F 57 31.41 50.56 28.96
CA ALA F 57 31.20 49.86 30.22
C ALA F 57 29.91 50.32 30.89
N ALA F 58 29.68 51.63 30.92
CA ALA F 58 28.43 52.14 31.47
C ALA F 58 27.24 51.63 30.67
N GLU F 59 27.37 51.60 29.35
CA GLU F 59 26.28 51.09 28.51
C GLU F 59 25.97 49.63 28.85
N ALA F 60 27.00 48.80 28.93
CA ALA F 60 26.79 47.38 29.24
C ALA F 60 26.17 47.20 30.62
N TYR F 61 26.66 47.96 31.61
CA TYR F 61 26.10 47.86 32.95
C TYR F 61 24.63 48.22 32.94
N LYS F 62 24.27 49.30 32.23
CA LYS F 62 22.87 49.72 32.21
C LYS F 62 21.98 48.69 31.53
N LYS F 63 22.47 48.07 30.45
CA LYS F 63 21.67 47.02 29.84
C LYS F 63 21.50 45.84 30.80
N ALA F 64 22.57 45.46 31.51
CA ALA F 64 22.47 44.34 32.44
C ALA F 64 21.46 44.65 33.53
N ILE F 65 21.50 45.87 34.07
CA ILE F 65 20.53 46.26 35.09
C ILE F 65 19.12 46.23 34.53
N GLU F 66 18.95 46.68 33.29
CA GLU F 66 17.63 46.57 32.66
C GLU F 66 17.17 45.13 32.60
N LEU F 67 18.10 44.19 32.53
CA LEU F 67 17.73 42.78 32.47
C LEU F 67 17.61 42.11 33.85
N LYS F 68 18.00 42.80 34.93
CA LYS F 68 17.89 42.21 36.26
C LYS F 68 17.85 43.34 37.29
N PRO F 69 16.69 43.97 37.50
CA PRO F 69 16.69 45.31 38.09
C PRO F 69 17.23 45.41 39.51
N ASN F 70 17.02 44.40 40.36
CA ASN F 70 17.22 44.57 41.80
C ASN F 70 18.66 44.35 42.25
N ASP F 71 19.62 44.22 41.33
CA ASP F 71 20.99 43.88 41.69
C ASP F 71 21.66 45.08 42.35
N ALA F 72 21.89 44.99 43.67
CA ALA F 72 22.52 46.09 44.38
C ALA F 72 23.99 46.27 44.01
N SER F 73 24.65 45.23 43.49
CA SER F 73 26.05 45.34 43.10
C SER F 73 26.20 45.97 41.71
N ALA F 74 25.32 45.60 40.78
CA ALA F 74 25.38 46.18 39.44
C ALA F 74 25.18 47.68 39.49
N TRP F 75 24.20 48.14 40.29
CA TRP F 75 24.01 49.58 40.45
C TRP F 75 25.28 50.24 41.01
N LYS F 76 25.92 49.58 41.98
CA LYS F 76 27.09 50.19 42.61
C LYS F 76 28.22 50.36 41.61
N GLU F 77 28.53 49.32 40.84
CA GLU F 77 29.63 49.49 39.88
C GLU F 77 29.25 50.36 38.69
N LEU F 78 27.96 50.42 38.32
CA LEU F 78 27.54 51.41 37.34
C LEU F 78 27.79 52.82 37.87
N GLY F 79 27.48 53.04 39.15
CA GLY F 79 27.79 54.32 39.77
C GLY F 79 29.28 54.59 39.77
N LYS F 80 30.09 53.57 40.00
CA LYS F 80 31.54 53.75 39.94
C LYS F 80 31.97 54.24 38.57
N VAL F 81 31.50 53.58 37.51
CA VAL F 81 31.89 53.97 36.16
C VAL F 81 31.38 55.38 35.87
N LEU F 82 30.14 55.67 36.24
CA LEU F 82 29.60 57.02 36.02
C LEU F 82 30.42 58.07 36.76
N GLU F 83 30.85 57.76 37.98
CA GLU F 83 31.70 58.69 38.72
C GLU F 83 32.99 58.94 37.96
N LYS F 84 33.58 57.88 37.38
CA LYS F 84 34.77 58.07 36.57
C LYS F 84 34.46 58.86 35.30
N LEU F 85 33.27 58.71 34.74
CA LEU F 85 32.88 59.48 33.56
C LEU F 85 32.59 60.94 33.87
N GLY F 86 32.49 61.31 35.15
CA GLY F 86 32.26 62.69 35.53
C GLY F 86 30.81 63.14 35.51
N ARG F 87 29.86 62.24 35.23
CA ARG F 87 28.44 62.57 35.29
C ARG F 87 27.91 62.36 36.70
N LEU F 88 28.40 63.20 37.62
CA LEU F 88 28.24 62.94 39.05
C LEU F 88 26.79 62.85 39.48
N ASP F 89 25.88 63.57 38.82
CA ASP F 89 24.47 63.48 39.19
C ASP F 89 23.93 62.08 38.97
N GLU F 90 24.19 61.51 37.79
CA GLU F 90 23.74 60.15 37.52
C GLU F 90 24.42 59.15 38.45
N ALA F 91 25.69 59.38 38.78
CA ALA F 91 26.38 58.50 39.72
C ALA F 91 25.72 58.54 41.10
N ALA F 92 25.38 59.74 41.57
CA ALA F 92 24.67 59.86 42.83
C ALA F 92 23.32 59.15 42.76
N GLU F 93 22.62 59.29 41.64
CA GLU F 93 21.35 58.58 41.47
C GLU F 93 21.56 57.07 41.60
N ALA F 94 22.58 56.53 40.91
CA ALA F 94 22.83 55.10 40.95
C ALA F 94 23.15 54.63 42.37
N TYR F 95 24.03 55.35 43.07
CA TYR F 95 24.36 54.94 44.44
C TYR F 95 23.13 55.03 45.33
N LEU F 96 22.26 56.01 45.10
CA LEU F 96 21.02 56.09 45.83
C LEU F 96 20.14 54.89 45.56
N ILE F 97 20.05 54.45 44.30
CA ILE F 97 19.29 53.24 44.00
C ILE F 97 19.89 52.07 44.76
N ALA F 98 21.21 52.02 44.86
CA ALA F 98 21.86 50.95 45.60
C ALA F 98 21.44 50.97 47.07
N ILE F 99 21.39 52.17 47.66
CA ILE F 99 20.95 52.28 49.05
C ILE F 99 19.50 51.84 49.19
N MET F 100 18.64 52.26 48.26
CA MET F 100 17.23 51.89 48.36
C MET F 100 17.05 50.39 48.28
N LEU F 101 17.76 49.73 47.35
CA LEU F 101 17.63 48.29 47.21
C LEU F 101 18.17 47.55 48.43
N ASP F 102 19.20 48.10 49.07
CA ASP F 102 19.81 47.47 50.24
C ASP F 102 20.28 48.58 51.17
N PRO F 103 19.47 48.94 52.18
CA PRO F 103 19.87 50.04 53.08
C PRO F 103 20.99 49.68 54.04
N GLU F 104 21.47 48.45 54.03
CA GLU F 104 22.45 47.98 55.01
C GLU F 104 23.86 47.83 54.44
N ASP F 105 24.11 48.36 53.25
CA ASP F 105 25.45 48.31 52.65
C ASP F 105 26.20 49.61 52.95
N ALA F 106 27.37 49.48 53.58
CA ALA F 106 28.15 50.66 53.92
C ALA F 106 28.81 51.29 52.70
N GLU F 107 29.26 50.45 51.75
CA GLU F 107 29.98 50.98 50.59
C GLU F 107 29.12 51.93 49.78
N ALA F 108 27.84 51.59 49.61
CA ALA F 108 26.95 52.48 48.86
C ALA F 108 26.88 53.85 49.50
N ALA F 109 26.73 53.89 50.83
CA ALA F 109 26.64 55.18 51.53
C ALA F 109 27.95 55.94 51.43
N LYS F 110 29.08 55.25 51.56
CA LYS F 110 30.37 55.93 51.49
C LYS F 110 30.60 56.52 50.10
N GLU F 111 30.30 55.75 49.05
CA GLU F 111 30.42 56.25 47.69
C GLU F 111 29.46 57.42 47.45
N LEU F 112 28.24 57.32 47.98
CA LEU F 112 27.30 58.43 47.84
C LEU F 112 27.84 59.67 48.52
N GLY F 113 28.46 59.51 49.70
CA GLY F 113 29.08 60.65 50.35
C GLY F 113 30.17 61.28 49.50
N LYS F 114 31.04 60.46 48.93
CA LYS F 114 32.10 60.97 48.05
C LYS F 114 31.50 61.73 46.87
N VAL F 115 30.53 61.13 46.20
CA VAL F 115 29.95 61.73 45.00
C VAL F 115 29.21 63.02 45.34
N LEU F 116 28.45 63.03 46.42
CA LEU F 116 27.76 64.24 46.83
C LEU F 116 28.74 65.34 47.22
N GLU F 117 29.82 64.98 47.90
CA GLU F 117 30.84 65.96 48.25
C GLU F 117 31.43 66.60 47.01
N LYS F 118 31.77 65.78 46.01
CA LYS F 118 32.26 66.34 44.75
C LYS F 118 31.18 67.18 44.07
N LEU F 119 29.92 66.76 44.20
CA LEU F 119 28.80 67.41 43.54
C LEU F 119 28.34 68.67 44.26
N GLY F 120 28.81 68.91 45.48
CA GLY F 120 28.52 70.14 46.20
C GLY F 120 27.41 70.07 47.22
N GLU F 121 26.84 68.90 47.46
CA GLU F 121 25.86 68.71 48.54
C GLU F 121 26.55 68.40 49.87
N LEU F 122 27.35 69.35 50.34
CA LEU F 122 28.26 69.08 51.45
C LEU F 122 27.53 68.50 52.66
N GLU F 123 26.39 69.08 53.03
CA GLU F 123 25.68 68.59 54.21
C GLU F 123 25.24 67.15 54.01
N MET F 124 24.58 66.86 52.87
CA MET F 124 24.14 65.49 52.61
C MET F 124 25.31 64.55 52.40
N ALA F 125 26.39 65.03 51.80
CA ALA F 125 27.57 64.19 51.63
C ALA F 125 28.13 63.77 52.99
N GLU F 126 28.26 64.71 53.92
CA GLU F 126 28.73 64.38 55.26
C GLU F 126 27.76 63.47 55.99
N GLU F 127 26.45 63.69 55.82
CA GLU F 127 25.46 62.81 56.44
C GLU F 127 25.63 61.39 55.93
N ALA F 128 25.78 61.22 54.62
CA ALA F 128 25.97 59.90 54.03
C ALA F 128 27.26 59.26 54.51
N TYR F 129 28.33 60.05 54.61
CA TYR F 129 29.60 59.50 55.11
C TYR F 129 29.44 59.00 56.53
N LYS F 130 28.78 59.79 57.39
CA LYS F 130 28.56 59.35 58.76
C LYS F 130 27.68 58.11 58.82
N LEU F 131 26.65 58.04 57.98
CA LEU F 131 25.79 56.87 57.95
C LEU F 131 26.57 55.63 57.53
N ALA F 132 27.43 55.77 56.52
CA ALA F 132 28.27 54.66 56.08
C ALA F 132 29.19 54.20 57.21
N ILE F 133 29.78 55.16 57.92
CA ILE F 133 30.65 54.81 59.06
C ILE F 133 29.86 54.06 60.12
N LYS F 134 28.64 54.52 60.41
CA LYS F 134 27.81 53.85 61.40
C LYS F 134 27.41 52.45 60.96
N LEU F 135 27.27 52.24 59.64
CA LEU F 135 26.99 50.90 59.12
C LEU F 135 28.22 50.03 59.11
N ASP F 136 29.38 50.59 58.82
CA ASP F 136 30.66 49.90 58.93
C ASP F 136 31.77 50.94 58.98
N PRO F 137 32.61 50.91 60.02
CA PRO F 137 33.61 51.97 60.17
C PRO F 137 34.93 51.68 59.46
N ASN F 138 35.16 50.45 59.01
CA ASN F 138 36.43 50.07 58.41
C ASN F 138 36.55 50.48 56.95
N ASP F 139 35.48 50.99 56.34
CA ASP F 139 35.53 51.40 54.94
C ASP F 139 36.19 52.77 54.78
N GLU G 1 26.02 51.00 -8.31
CA GLU G 1 25.42 50.68 -9.64
C GLU G 1 25.95 51.61 -10.72
N GLU G 2 25.71 51.25 -11.98
CA GLU G 2 26.02 52.15 -13.08
C GLU G 2 25.25 53.46 -12.94
N ALA G 3 24.13 53.45 -12.21
CA ALA G 3 23.34 54.66 -12.04
C ALA G 3 24.21 55.81 -11.57
N GLU G 4 25.28 55.53 -10.82
CA GLU G 4 26.23 56.54 -10.40
C GLU G 4 27.53 56.53 -11.20
N LEU G 5 28.05 55.35 -11.56
CA LEU G 5 29.32 55.33 -12.28
C LEU G 5 29.18 55.95 -13.67
N ALA G 6 28.15 55.55 -14.41
CA ALA G 6 27.93 56.15 -15.73
C ALA G 6 27.58 57.63 -15.60
N TYR G 7 26.86 58.00 -14.55
CA TYR G 7 26.58 59.42 -14.32
C TYR G 7 27.88 60.19 -14.07
N LEU G 8 28.79 59.61 -13.31
CA LEU G 8 30.09 60.24 -13.08
C LEU G 8 30.84 60.41 -14.39
N LEU G 9 30.82 59.38 -15.23
CA LEU G 9 31.46 59.52 -16.55
C LEU G 9 30.81 60.65 -17.34
N GLY G 10 29.49 60.73 -17.30
CA GLY G 10 28.80 61.81 -18.01
C GLY G 10 29.20 63.17 -17.49
N GLU G 11 29.27 63.33 -16.17
CA GLU G 11 29.66 64.61 -15.59
C GLU G 11 31.08 64.96 -15.98
N LEU G 12 31.98 63.98 -15.95
CA LEU G 12 33.37 64.24 -16.34
C LEU G 12 33.45 64.67 -17.80
N ALA G 13 32.72 63.98 -18.68
CA ALA G 13 32.73 64.33 -20.10
C ALA G 13 32.17 65.73 -20.31
N TYR G 14 31.07 66.06 -19.62
CA TYR G 14 30.46 67.38 -19.80
C TYR G 14 31.40 68.48 -19.33
N LYS G 15 31.98 68.33 -18.13
CA LYS G 15 32.83 69.38 -17.60
C LYS G 15 34.08 69.57 -18.46
N LEU G 16 34.52 68.53 -19.17
CA LEU G 16 35.64 68.64 -20.09
C LEU G 16 35.22 69.03 -21.49
N GLY G 17 33.94 69.36 -21.71
CA GLY G 17 33.49 69.85 -22.99
C GLY G 17 33.29 68.79 -24.05
N GLU G 18 33.21 67.52 -23.69
CA GLU G 18 32.97 66.44 -24.64
C GLU G 18 31.49 66.07 -24.67
N TYR G 19 30.69 67.01 -25.19
CA TYR G 19 29.25 66.95 -25.00
C TYR G 19 28.62 65.69 -25.61
N ARG G 20 29.10 65.26 -26.78
CA ARG G 20 28.55 64.04 -27.38
C ARG G 20 28.65 62.87 -26.41
N ILE G 21 29.84 62.69 -25.83
CA ILE G 21 30.04 61.60 -24.88
C ILE G 21 29.18 61.82 -23.64
N ALA G 22 29.00 63.08 -23.24
CA ALA G 22 28.17 63.36 -22.08
C ALA G 22 26.74 62.88 -22.30
N ILE G 23 26.17 63.21 -23.45
CA ILE G 23 24.82 62.75 -23.76
C ILE G 23 24.76 61.22 -23.77
N ARG G 24 25.67 60.61 -24.54
CA ARG G 24 25.60 59.16 -24.69
C ARG G 24 25.86 58.45 -23.38
N ALA G 25 26.56 59.09 -22.45
CA ALA G 25 26.80 58.49 -21.15
C ALA G 25 25.59 58.65 -20.24
N TYR G 26 25.09 59.88 -20.10
CA TYR G 26 23.92 60.11 -19.24
C TYR G 26 22.77 59.21 -19.64
N ARG G 27 22.61 58.93 -20.93
CA ARG G 27 21.50 58.06 -21.33
C ARG G 27 21.59 56.69 -20.66
N ILE G 28 22.82 56.20 -20.43
CA ILE G 28 22.96 54.91 -19.76
C ILE G 28 22.44 54.98 -18.34
N ALA G 29 22.83 56.02 -17.60
CA ALA G 29 22.40 56.13 -16.21
C ALA G 29 20.89 56.30 -16.10
N LEU G 30 20.32 57.20 -16.91
CA LEU G 30 18.89 57.46 -16.81
C LEU G 30 18.08 56.21 -17.17
N LYS G 31 18.55 55.44 -18.15
CA LYS G 31 17.86 54.21 -18.50
C LYS G 31 17.81 53.22 -17.34
N ARG G 32 18.70 53.38 -16.36
CA ARG G 32 18.69 52.55 -15.17
C ARG G 32 17.95 53.20 -14.01
N ASP G 33 17.90 54.53 -13.97
CA ASP G 33 17.39 55.27 -12.81
C ASP G 33 16.62 56.48 -13.30
N PRO G 34 15.37 56.29 -13.73
CA PRO G 34 14.62 57.40 -14.35
C PRO G 34 14.21 58.50 -13.38
N ASN G 35 14.25 58.26 -12.08
CA ASN G 35 13.86 59.27 -11.10
C ASN G 35 14.96 60.28 -10.80
N ASN G 36 16.10 60.21 -11.51
CA ASN G 36 17.27 61.02 -11.20
C ASN G 36 17.11 62.40 -11.82
N ALA G 37 16.62 63.36 -11.04
CA ALA G 37 16.30 64.68 -11.56
C ALA G 37 17.54 65.39 -12.12
N GLU G 38 18.63 65.38 -11.35
CA GLU G 38 19.82 66.11 -11.78
C GLU G 38 20.39 65.53 -13.06
N ALA G 39 20.28 64.22 -13.25
CA ALA G 39 20.73 63.61 -14.50
C ALA G 39 19.92 64.15 -15.68
N TRP G 40 18.61 64.24 -15.53
CA TRP G 40 17.78 64.81 -16.59
C TRP G 40 18.21 66.25 -16.88
N TYR G 41 18.41 67.04 -15.82
CA TYR G 41 18.81 68.43 -16.01
C TYR G 41 20.12 68.54 -16.76
N ASN G 42 21.12 67.72 -16.38
CA ASN G 42 22.42 67.82 -17.02
C ASN G 42 22.36 67.34 -18.47
N LEU G 43 21.55 66.32 -18.74
CA LEU G 43 21.35 65.91 -20.13
C LEU G 43 20.75 67.03 -20.94
N GLY G 44 19.77 67.73 -20.39
CA GLY G 44 19.23 68.90 -21.05
C GLY G 44 20.28 69.96 -21.29
N ASN G 45 21.19 70.14 -20.32
CA ASN G 45 22.27 71.11 -20.49
C ASN G 45 23.18 70.71 -21.64
N ALA G 46 23.51 69.43 -21.74
CA ALA G 46 24.36 68.97 -22.83
C ALA G 46 23.69 69.21 -24.18
N TYR G 47 22.41 68.85 -24.30
CA TYR G 47 21.70 69.13 -25.54
C TYR G 47 21.63 70.63 -25.82
N THR G 48 21.55 71.46 -24.76
CA THR G 48 21.56 72.90 -24.95
C THR G 48 22.87 73.37 -25.56
N LYS G 49 23.99 72.86 -25.03
CA LYS G 49 25.28 73.20 -25.62
C LYS G 49 25.35 72.76 -27.07
N GLN G 50 24.79 71.58 -27.38
CA GLN G 50 24.72 71.14 -28.76
C GLN G 50 23.83 72.02 -29.62
N GLY G 51 22.93 72.80 -29.01
CA GLY G 51 22.01 73.64 -29.74
C GLY G 51 20.72 72.97 -30.17
N ASP G 52 20.41 71.78 -29.65
CA ASP G 52 19.16 71.10 -29.91
C ASP G 52 18.07 71.53 -28.93
N TYR G 53 17.70 72.81 -29.00
CA TYR G 53 17.00 73.45 -27.90
C TYR G 53 15.65 72.80 -27.60
N ASP G 54 14.96 72.25 -28.60
CA ASP G 54 13.67 71.63 -28.33
C ASP G 54 13.81 70.33 -27.55
N GLU G 55 14.79 69.50 -27.89
CA GLU G 55 15.03 68.29 -27.12
C GLU G 55 15.52 68.65 -25.71
N ALA G 56 16.35 69.68 -25.60
CA ALA G 56 16.74 70.18 -24.29
C ALA G 56 15.51 70.59 -23.49
N ILE G 57 14.53 71.23 -24.14
CA ILE G 57 13.27 71.55 -23.49
C ILE G 57 12.59 70.28 -23.01
N GLU G 58 12.53 69.27 -23.88
CA GLU G 58 11.85 68.03 -23.53
C GLU G 58 12.44 67.41 -22.28
N TYR G 59 13.76 67.49 -22.12
CA TYR G 59 14.38 66.88 -20.94
C TYR G 59 14.36 67.81 -19.73
N TYR G 60 14.46 69.12 -19.94
CA TYR G 60 14.32 70.07 -18.84
C TYR G 60 12.95 69.96 -18.20
N LEU G 61 11.92 69.71 -19.01
CA LEU G 61 10.56 69.56 -18.46
C LEU G 61 10.50 68.38 -17.50
N ARG G 62 11.06 67.24 -17.89
CA ARG G 62 11.11 66.10 -16.99
C ARG G 62 11.89 66.43 -15.73
N ALA G 63 13.02 67.13 -15.88
CA ALA G 63 13.81 67.51 -14.72
C ALA G 63 12.99 68.35 -13.75
N LEU G 64 12.29 69.35 -14.27
CA LEU G 64 11.48 70.22 -13.41
C LEU G 64 10.33 69.46 -12.77
N VAL G 65 9.67 68.58 -13.53
CA VAL G 65 8.57 67.81 -12.97
C VAL G 65 9.05 66.94 -11.82
N LEU G 66 10.20 66.30 -11.99
CA LEU G 66 10.74 65.44 -10.94
C LEU G 66 11.36 66.22 -9.78
N ASP G 67 11.62 67.51 -9.96
CA ASP G 67 12.26 68.32 -8.93
C ASP G 67 11.78 69.76 -9.05
N PRO G 68 10.59 70.07 -8.55
CA PRO G 68 10.12 71.46 -8.56
C PRO G 68 11.01 72.33 -7.68
N ASN G 69 10.95 73.63 -7.95
CA ASN G 69 11.75 74.66 -7.29
C ASN G 69 13.21 74.64 -7.72
N ASN G 70 13.56 73.86 -8.75
CA ASN G 70 14.93 73.81 -9.26
C ASN G 70 15.15 75.04 -10.14
N ALA G 71 15.67 76.11 -9.52
CA ALA G 71 15.75 77.39 -10.20
C ALA G 71 16.66 77.34 -11.43
N GLU G 72 17.78 76.61 -11.34
CA GLU G 72 18.69 76.52 -12.48
C GLU G 72 18.00 75.91 -13.68
N ALA G 73 17.26 74.81 -13.46
CA ALA G 73 16.54 74.17 -14.55
C ALA G 73 15.52 75.12 -15.15
N ALA G 74 14.81 75.88 -14.31
CA ALA G 74 13.83 76.84 -14.83
C ALA G 74 14.51 77.89 -15.70
N THR G 75 15.65 78.42 -15.24
CA THR G 75 16.36 79.42 -16.01
C THR G 75 16.79 78.86 -17.37
N ASN G 76 17.36 77.66 -17.38
CA ASN G 76 17.84 77.10 -18.64
C ASN G 76 16.67 76.75 -19.56
N LEU G 77 15.55 76.30 -19.00
CA LEU G 77 14.38 76.04 -19.82
C LEU G 77 13.85 77.32 -20.43
N GLY G 78 13.86 78.41 -19.66
CA GLY G 78 13.51 79.71 -20.23
C GLY G 78 14.42 80.08 -21.38
N GLN G 79 15.73 79.88 -21.20
CA GLN G 79 16.67 80.13 -22.28
C GLN G 79 16.31 79.31 -23.51
N ALA G 80 16.04 78.02 -23.31
CA ALA G 80 15.73 77.14 -24.43
C ALA G 80 14.47 77.59 -25.15
N TYR G 81 13.43 77.95 -24.41
CA TYR G 81 12.20 78.43 -25.02
C TYR G 81 12.45 79.71 -25.80
N MET G 82 13.29 80.60 -25.26
CA MET G 82 13.62 81.82 -25.99
C MET G 82 14.35 81.49 -27.29
N ASN G 83 15.23 80.49 -27.26
CA ASN G 83 15.89 80.06 -28.49
C ASN G 83 14.89 79.50 -29.48
N GLN G 84 13.83 78.85 -29.00
CA GLN G 84 12.74 78.39 -29.87
C GLN G 84 11.77 79.50 -30.24
N GLY G 85 11.92 80.69 -29.68
CA GLY G 85 11.06 81.80 -30.00
C GLY G 85 9.75 81.87 -29.25
N ASP G 86 9.52 80.96 -28.30
CA ASP G 86 8.32 81.00 -27.46
C ASP G 86 8.56 82.00 -26.32
N LYS G 87 8.50 83.28 -26.68
CA LYS G 87 8.83 84.33 -25.73
C LYS G 87 7.92 84.28 -24.51
N ASP G 88 6.65 83.92 -24.68
CA ASP G 88 5.75 83.83 -23.53
C ASP G 88 6.24 82.76 -22.55
N ARG G 89 6.48 81.55 -23.04
CA ARG G 89 6.96 80.47 -22.19
C ARG G 89 8.31 80.79 -21.58
N ALA G 90 9.21 81.34 -22.39
CA ALA G 90 10.54 81.69 -21.90
C ALA G 90 10.46 82.70 -20.75
N LYS G 91 9.70 83.78 -20.95
CA LYS G 91 9.57 84.77 -19.90
C LYS G 91 8.89 84.20 -18.67
N LEU G 92 7.88 83.34 -18.86
CA LEU G 92 7.24 82.70 -17.72
C LEU G 92 8.24 81.92 -16.89
N MET G 93 9.04 81.08 -17.55
CA MET G 93 10.00 80.25 -16.82
C MET G 93 11.12 81.08 -16.22
N LEU G 94 11.51 82.18 -16.87
CA LEU G 94 12.54 83.05 -16.30
C LEU G 94 12.04 83.73 -15.04
N LEU G 95 10.81 84.24 -15.07
CA LEU G 95 10.22 84.82 -13.86
C LEU G 95 10.12 83.76 -12.77
N LEU G 96 9.71 82.54 -13.14
CA LEU G 96 9.68 81.45 -12.17
C LEU G 96 11.06 81.24 -11.56
N ALA G 97 12.09 81.23 -12.39
CA ALA G 97 13.44 81.00 -11.90
C ALA G 97 13.85 82.08 -10.89
N LEU G 98 13.65 83.36 -11.25
CA LEU G 98 14.06 84.42 -10.35
C LEU G 98 13.16 84.52 -9.12
N LYS G 99 11.97 83.92 -9.17
CA LYS G 99 11.15 83.84 -7.97
C LYS G 99 11.52 82.66 -7.09
N LEU G 100 12.09 81.60 -7.66
CA LEU G 100 12.45 80.41 -6.90
C LEU G 100 13.73 80.65 -6.11
N ASP H 1 11.42 -35.73 13.46
CA ASP H 1 10.74 -37.06 13.35
C ASP H 1 11.65 -38.20 13.80
N VAL H 2 12.70 -38.45 13.01
CA VAL H 2 13.48 -39.68 13.14
C VAL H 2 14.16 -39.78 14.50
N SER H 3 14.40 -38.66 15.18
CA SER H 3 15.06 -38.71 16.47
C SER H 3 14.30 -39.62 17.44
N ALA H 4 12.97 -39.64 17.32
CA ALA H 4 12.17 -40.50 18.20
C ALA H 4 12.54 -41.96 18.03
N LEU H 5 13.02 -42.35 16.84
CA LEU H 5 13.39 -43.74 16.57
C LEU H 5 14.88 -43.99 16.79
N ALA H 6 15.72 -42.98 16.55
CA ALA H 6 17.16 -43.21 16.61
C ALA H 6 17.60 -43.80 17.94
N TYR H 7 16.99 -43.34 19.04
CA TYR H 7 17.39 -43.86 20.35
C TYR H 7 17.16 -45.36 20.44
N VAL H 8 16.16 -45.88 19.73
CA VAL H 8 15.95 -47.33 19.71
C VAL H 8 17.16 -48.03 19.10
N MET H 9 17.68 -47.48 18.00
CA MET H 9 18.90 -48.05 17.42
C MET H 9 20.06 -47.94 18.39
N LEU H 10 20.16 -46.82 19.10
CA LEU H 10 21.27 -46.66 20.03
C LEU H 10 21.20 -47.72 21.12
N GLY H 11 20.00 -47.99 21.64
CA GLY H 11 19.86 -49.02 22.64
C GLY H 11 20.13 -50.41 22.08
N LEU H 12 19.69 -50.66 20.84
CA LEU H 12 19.94 -51.95 20.23
C LEU H 12 21.43 -52.19 20.07
N LEU H 13 22.16 -51.16 19.65
CA LEU H 13 23.61 -51.29 19.55
C LEU H 13 24.22 -51.55 20.92
N LEU H 14 23.88 -50.73 21.91
CA LEU H 14 24.47 -50.89 23.23
C LEU H 14 24.05 -52.18 23.92
N SER H 15 23.05 -52.87 23.39
CA SER H 15 22.73 -54.23 23.84
C SER H 15 23.41 -55.30 23.00
N LEU H 16 23.67 -55.00 21.72
CA LEU H 16 24.38 -55.93 20.84
C LEU H 16 25.86 -55.97 21.20
N LEU H 17 26.49 -54.80 21.29
CA LEU H 17 27.68 -54.65 22.12
C LEU H 17 27.25 -54.68 23.57
N ASN H 18 28.02 -55.37 24.41
CA ASN H 18 27.53 -55.79 25.73
C ASN H 18 27.69 -54.63 26.73
N ARG H 19 26.76 -53.68 26.65
CA ARG H 19 26.68 -52.59 27.62
C ARG H 19 25.21 -52.31 27.99
N LEU H 20 24.49 -53.38 28.34
CA LEU H 20 23.05 -53.30 28.61
C LEU H 20 22.66 -52.07 29.43
N SER H 21 23.42 -51.78 30.49
CA SER H 21 23.00 -50.77 31.45
C SER H 21 22.88 -49.38 30.83
N LEU H 22 23.60 -49.11 29.74
CA LEU H 22 23.37 -47.88 28.98
C LEU H 22 22.22 -48.03 28.00
N ALA H 23 22.00 -49.25 27.50
CA ALA H 23 20.89 -49.49 26.58
C ALA H 23 19.56 -49.19 27.26
N ALA H 24 19.42 -49.56 28.52
CA ALA H 24 18.18 -49.26 29.23
C ALA H 24 17.90 -47.76 29.23
N GLU H 25 18.92 -46.95 29.50
CA GLU H 25 18.73 -45.50 29.50
C GLU H 25 18.40 -44.99 28.11
N ALA H 26 19.05 -45.55 27.08
CA ALA H 26 18.72 -45.14 25.71
C ALA H 26 17.26 -45.42 25.40
N TYR H 27 16.77 -46.61 25.75
CA TYR H 27 15.37 -46.93 25.53
C TYR H 27 14.47 -45.97 26.29
N LYS H 28 14.81 -45.66 27.54
CA LYS H 28 14.00 -44.75 28.32
C LYS H 28 13.92 -43.38 27.67
N LYS H 29 15.05 -42.88 27.15
CA LYS H 29 15.02 -41.63 26.42
C LYS H 29 14.09 -41.73 25.21
N ALA H 30 14.10 -42.88 24.53
CA ALA H 30 13.18 -43.07 23.41
C ALA H 30 11.74 -42.98 23.87
N ILE H 31 11.41 -43.65 24.98
CA ILE H 31 10.02 -43.68 25.46
C ILE H 31 9.55 -42.29 25.81
N GLU H 32 10.38 -41.51 26.50
CA GLU H 32 10.00 -40.16 26.89
C GLU H 32 9.81 -39.23 25.69
N LEU H 33 10.24 -39.65 24.50
CA LEU H 33 9.91 -38.94 23.27
C LEU H 33 8.65 -39.48 22.61
N ASP H 34 8.31 -40.74 22.84
CA ASP H 34 7.08 -41.32 22.31
C ASP H 34 6.64 -42.50 23.19
N PRO H 35 5.70 -42.29 24.11
CA PRO H 35 5.29 -43.39 24.99
C PRO H 35 4.62 -44.55 24.27
N ASN H 36 4.14 -44.36 23.04
CA ASN H 36 3.30 -45.34 22.37
C ASN H 36 4.07 -46.40 21.60
N ASP H 37 5.40 -46.31 21.53
CA ASP H 37 6.17 -47.22 20.70
C ASP H 37 6.13 -48.62 21.29
N ALA H 38 5.46 -49.55 20.58
CA ALA H 38 5.37 -50.93 21.05
C ALA H 38 6.69 -51.68 20.95
N LEU H 39 7.65 -51.17 20.18
CA LEU H 39 8.93 -51.84 20.02
C LEU H 39 9.95 -51.39 21.06
N ALA H 40 9.91 -50.13 21.47
CA ALA H 40 10.78 -49.68 22.55
C ALA H 40 10.51 -50.45 23.83
N TRP H 41 9.24 -50.49 24.24
CA TRP H 41 8.89 -51.16 25.50
C TRP H 41 9.29 -52.62 25.48
N LEU H 42 9.02 -53.31 24.37
CA LEU H 42 9.28 -54.74 24.31
C LEU H 42 10.77 -55.04 24.49
N LEU H 43 11.63 -54.26 23.83
CA LEU H 43 13.06 -54.47 23.97
C LEU H 43 13.55 -54.09 25.35
N LEU H 44 13.03 -52.98 25.90
CA LEU H 44 13.39 -52.59 27.26
C LEU H 44 13.05 -53.71 28.22
N GLY H 45 11.98 -54.46 27.95
CA GLY H 45 11.62 -55.58 28.77
C GLY H 45 12.74 -56.58 28.88
N SER H 46 13.25 -57.05 27.75
CA SER H 46 14.30 -58.07 27.79
C SER H 46 15.61 -57.49 28.29
N VAL H 47 15.89 -56.21 28.04
CA VAL H 47 17.11 -55.62 28.56
C VAL H 47 17.08 -55.60 30.08
N LEU H 48 15.98 -55.13 30.66
CA LEU H 48 15.86 -55.16 32.12
C LEU H 48 15.86 -56.60 32.64
N GLU H 49 15.27 -57.53 31.88
CA GLU H 49 15.30 -58.93 32.30
C GLU H 49 16.73 -59.44 32.42
N LYS H 50 17.58 -59.13 31.43
CA LYS H 50 18.95 -59.62 31.45
C LYS H 50 19.75 -59.00 32.59
N LEU H 51 19.45 -57.76 32.98
CA LEU H 51 20.08 -57.17 34.15
C LEU H 51 19.54 -57.74 35.45
N LYS H 52 18.57 -58.65 35.38
CA LYS H 52 18.00 -59.30 36.55
C LYS H 52 17.23 -58.34 37.45
N ARG H 53 16.84 -57.17 36.92
CA ARG H 53 15.92 -56.29 37.61
C ARG H 53 14.48 -56.66 37.27
N LEU H 54 14.09 -57.88 37.62
CA LEU H 54 12.84 -58.46 37.12
C LEU H 54 11.63 -57.60 37.46
N ASP H 55 11.63 -56.99 38.64
CA ASP H 55 10.46 -56.26 39.09
C ASP H 55 10.04 -55.19 38.09
N GLU H 56 11.00 -54.62 37.36
CA GLU H 56 10.70 -53.64 36.32
C GLU H 56 10.48 -54.30 34.96
N ALA H 57 11.12 -55.45 34.71
CA ALA H 57 10.96 -56.13 33.44
C ALA H 57 9.53 -56.59 33.24
N ALA H 58 8.92 -57.15 34.29
CA ALA H 58 7.52 -57.57 34.15
C ALA H 58 6.63 -56.38 33.83
N GLU H 59 6.86 -55.25 34.48
CA GLU H 59 6.06 -54.05 34.23
C GLU H 59 6.22 -53.59 32.79
N ALA H 60 7.46 -53.55 32.29
CA ALA H 60 7.68 -53.12 30.91
C ALA H 60 7.01 -54.05 29.93
N TYR H 61 7.12 -55.36 30.14
CA TYR H 61 6.45 -56.31 29.27
C TYR H 61 4.95 -56.09 29.27
N LYS H 62 4.37 -55.89 30.45
CA LYS H 62 2.93 -55.68 30.53
C LYS H 62 2.49 -54.43 29.80
N LYS H 63 3.26 -53.34 29.94
CA LYS H 63 2.89 -52.13 29.20
C LYS H 63 2.99 -52.36 27.70
N ALA H 64 4.02 -53.08 27.25
CA ALA H 64 4.13 -53.39 25.83
C ALA H 64 2.93 -54.19 25.35
N ILE H 65 2.54 -55.21 26.10
CA ILE H 65 1.39 -56.04 25.72
C ILE H 65 0.12 -55.21 25.67
N GLU H 66 -0.02 -54.26 26.61
CA GLU H 66 -1.16 -53.37 26.57
C GLU H 66 -1.17 -52.53 25.30
N LEU H 67 0.02 -52.08 24.87
CA LEU H 67 0.10 -51.23 23.69
C LEU H 67 -0.05 -51.98 22.39
N LYS H 68 0.14 -53.30 22.37
CA LYS H 68 0.14 -54.06 21.12
C LYS H 68 -0.32 -55.49 21.42
N PRO H 69 -1.62 -55.74 21.37
CA PRO H 69 -2.14 -57.04 21.81
C PRO H 69 -1.83 -58.15 20.81
N ASN H 70 -2.05 -59.37 21.27
CA ASN H 70 -2.14 -60.61 20.48
C ASN H 70 -0.79 -61.19 20.07
N ASP H 71 0.33 -60.55 20.37
CA ASP H 71 1.64 -61.07 19.99
C ASP H 71 2.08 -62.12 21.00
N ALA H 72 2.03 -63.39 20.58
CA ALA H 72 2.29 -64.49 21.52
C ALA H 72 3.69 -64.40 22.11
N SER H 73 4.66 -63.87 21.36
CA SER H 73 6.03 -63.79 21.86
C SER H 73 6.11 -62.95 23.13
N ALA H 74 5.45 -61.80 23.12
CA ALA H 74 5.47 -60.93 24.30
C ALA H 74 4.82 -61.63 25.48
N TRP H 75 3.71 -62.33 25.27
CA TRP H 75 3.06 -63.04 26.35
C TRP H 75 3.97 -64.12 26.92
N LYS H 76 4.66 -64.88 26.05
CA LYS H 76 5.56 -65.91 26.54
C LYS H 76 6.70 -65.31 27.35
N GLU H 77 7.27 -64.20 26.88
CA GLU H 77 8.35 -63.58 27.63
C GLU H 77 7.86 -63.06 28.99
N LEU H 78 6.67 -62.46 29.02
CA LEU H 78 6.12 -62.01 30.29
C LEU H 78 5.88 -63.19 31.22
N GLY H 79 5.43 -64.32 30.66
CA GLY H 79 5.30 -65.52 31.45
C GLY H 79 6.62 -65.99 32.02
N LYS H 80 7.69 -65.86 31.23
CA LYS H 80 9.01 -66.22 31.74
C LYS H 80 9.41 -65.33 32.92
N VAL H 81 9.20 -64.03 32.79
CA VAL H 81 9.58 -63.12 33.87
C VAL H 81 8.73 -63.40 35.12
N LEU H 82 7.43 -63.62 34.92
CA LEU H 82 6.57 -63.95 36.06
C LEU H 82 6.98 -65.26 36.72
N GLU H 83 7.37 -66.26 35.91
CA GLU H 83 7.90 -67.50 36.44
C GLU H 83 9.09 -67.21 37.35
N LYS H 84 10.00 -66.35 36.88
CA LYS H 84 11.15 -65.99 37.71
C LYS H 84 10.70 -65.30 39.00
N LEU H 85 9.72 -64.41 38.92
CA LEU H 85 9.25 -63.68 40.09
C LEU H 85 8.47 -64.55 41.07
N GLY H 86 8.11 -65.77 40.69
CA GLY H 86 7.36 -66.66 41.57
C GLY H 86 5.88 -66.43 41.61
N ARG H 87 5.33 -65.61 40.70
CA ARG H 87 3.88 -65.40 40.60
C ARG H 87 3.27 -66.45 39.68
N LEU H 88 3.40 -67.71 40.11
CA LEU H 88 3.11 -68.84 39.23
C LEU H 88 1.71 -68.79 38.64
N ASP H 89 0.74 -68.25 39.37
CA ASP H 89 -0.62 -68.16 38.83
C ASP H 89 -0.65 -67.23 37.61
N GLU H 90 -0.06 -66.05 37.73
CA GLU H 90 -0.02 -65.14 36.59
C GLU H 90 0.82 -65.70 35.45
N ALA H 91 1.90 -66.44 35.77
CA ALA H 91 2.68 -67.08 34.72
C ALA H 91 1.85 -68.11 33.96
N ALA H 92 1.08 -68.91 34.68
CA ALA H 92 0.20 -69.87 34.03
C ALA H 92 -0.83 -69.17 33.18
N GLU H 93 -1.38 -68.06 33.68
CA GLU H 93 -2.33 -67.28 32.89
C GLU H 93 -1.67 -66.78 31.60
N ALA H 94 -0.45 -66.27 31.70
CA ALA H 94 0.25 -65.75 30.52
C ALA H 94 0.47 -66.86 29.50
N TYR H 95 0.95 -68.02 29.96
CA TYR H 95 1.21 -69.10 29.01
C TYR H 95 -0.10 -69.63 28.42
N LEU H 96 -1.17 -69.66 29.20
CA LEU H 96 -2.47 -70.05 28.67
C LEU H 96 -2.92 -69.09 27.56
N ILE H 97 -2.76 -67.79 27.80
CA ILE H 97 -3.12 -66.80 26.78
C ILE H 97 -2.24 -66.99 25.55
N ALA H 98 -0.96 -67.34 25.75
CA ALA H 98 -0.08 -67.60 24.62
C ALA H 98 -0.59 -68.78 23.79
N ILE H 99 -0.99 -69.86 24.46
CA ILE H 99 -1.54 -71.01 23.74
C ILE H 99 -2.80 -70.60 22.98
N MET H 100 -3.68 -69.84 23.64
CA MET H 100 -4.95 -69.47 23.02
C MET H 100 -4.75 -68.52 21.84
N LEU H 101 -3.67 -67.75 21.85
CA LEU H 101 -3.33 -66.93 20.69
C LEU H 101 -2.71 -67.75 19.57
N ASP H 102 -2.00 -68.82 19.91
CA ASP H 102 -1.33 -69.65 18.92
C ASP H 102 -1.34 -71.08 19.43
N PRO H 103 -2.41 -71.84 19.14
CA PRO H 103 -2.56 -73.18 19.72
C PRO H 103 -1.56 -74.20 19.19
N GLU H 104 -0.78 -73.86 18.17
CA GLU H 104 0.17 -74.80 17.57
C GLU H 104 1.58 -74.69 18.15
N ASP H 105 1.80 -73.81 19.12
CA ASP H 105 3.15 -73.60 19.68
C ASP H 105 3.44 -74.65 20.74
N ALA H 106 4.50 -75.44 20.53
CA ALA H 106 4.91 -76.42 21.53
C ALA H 106 5.56 -75.76 22.74
N GLU H 107 6.26 -74.64 22.54
CA GLU H 107 6.97 -73.99 23.63
C GLU H 107 6.01 -73.52 24.72
N ALA H 108 4.89 -72.92 24.31
CA ALA H 108 3.91 -72.47 25.29
C ALA H 108 3.38 -73.63 26.10
N ALA H 109 3.10 -74.77 25.45
CA ALA H 109 2.61 -75.94 26.15
C ALA H 109 3.64 -76.46 27.15
N LYS H 110 4.91 -76.50 26.73
CA LYS H 110 5.97 -76.96 27.63
C LYS H 110 6.07 -76.05 28.85
N GLU H 111 6.09 -74.74 28.63
CA GLU H 111 6.17 -73.79 29.74
C GLU H 111 4.98 -73.93 30.66
N LEU H 112 3.78 -74.08 30.10
CA LEU H 112 2.59 -74.26 30.91
C LEU H 112 2.67 -75.53 31.74
N GLY H 113 3.18 -76.61 31.15
CA GLY H 113 3.36 -77.84 31.91
C GLY H 113 4.30 -77.65 33.07
N LYS H 114 5.45 -77.01 32.83
CA LYS H 114 6.40 -76.75 33.90
C LYS H 114 5.77 -75.90 35.02
N VAL H 115 5.10 -74.82 34.64
CA VAL H 115 4.53 -73.90 35.63
C VAL H 115 3.42 -74.60 36.42
N LEU H 116 2.60 -75.41 35.76
CA LEU H 116 1.52 -76.10 36.45
C LEU H 116 2.05 -77.23 37.33
N GLU H 117 3.15 -77.88 36.93
CA GLU H 117 3.80 -78.82 37.83
C GLU H 117 4.24 -78.12 39.10
N LYS H 118 4.87 -76.95 38.97
CA LYS H 118 5.29 -76.21 40.16
C LYS H 118 4.08 -75.71 40.96
N LEU H 119 2.99 -75.39 40.28
CA LEU H 119 1.79 -74.84 40.90
C LEU H 119 0.87 -75.91 41.48
N GLY H 120 1.11 -77.18 41.18
CA GLY H 120 0.36 -78.27 41.78
C GLY H 120 -0.81 -78.80 40.98
N GLU H 121 -1.01 -78.34 39.75
CA GLU H 121 -2.04 -78.90 38.87
C GLU H 121 -1.49 -80.08 38.06
N LEU H 122 -1.16 -81.17 38.77
CA LEU H 122 -0.39 -82.26 38.17
C LEU H 122 -1.03 -82.77 36.88
N GLU H 123 -2.34 -83.03 36.91
CA GLU H 123 -3.00 -83.59 35.72
C GLU H 123 -2.91 -82.62 34.55
N MET H 124 -3.21 -81.33 34.79
CA MET H 124 -3.15 -80.36 33.71
C MET H 124 -1.73 -80.15 33.23
N ALA H 125 -0.75 -80.20 34.14
CA ALA H 125 0.65 -80.08 33.74
C ALA H 125 1.05 -81.25 32.85
N GLU H 126 0.63 -82.46 33.19
CA GLU H 126 0.93 -83.62 32.35
C GLU H 126 0.26 -83.49 31.00
N GLU H 127 -0.98 -83.02 30.96
CA GLU H 127 -1.65 -82.79 29.69
C GLU H 127 -0.91 -81.77 28.84
N ALA H 128 -0.45 -80.68 29.46
CA ALA H 128 0.30 -79.67 28.73
C ALA H 128 1.62 -80.23 28.21
N TYR H 129 2.30 -81.02 29.02
CA TYR H 129 3.56 -81.62 28.58
C TYR H 129 3.32 -82.56 27.39
N LYS H 130 2.26 -83.37 27.45
CA LYS H 130 1.94 -84.24 26.32
C LYS H 130 1.61 -83.43 25.08
N LEU H 131 0.85 -82.35 25.24
CA LEU H 131 0.52 -81.49 24.11
C LEU H 131 1.78 -80.88 23.51
N ALA H 132 2.71 -80.44 24.36
CA ALA H 132 3.98 -79.90 23.87
C ALA H 132 4.75 -80.95 23.09
N ILE H 133 4.81 -82.18 23.63
CA ILE H 133 5.52 -83.25 22.93
C ILE H 133 4.85 -83.58 21.60
N LYS H 134 3.53 -83.44 21.52
CA LYS H 134 2.83 -83.72 20.27
C LYS H 134 2.96 -82.59 19.26
N LEU H 135 3.09 -81.35 19.73
CA LEU H 135 3.10 -80.20 18.82
C LEU H 135 4.40 -80.07 18.06
N ASP H 136 5.53 -80.46 18.66
CA ASP H 136 6.83 -80.35 18.01
C ASP H 136 7.63 -81.61 18.32
N PRO H 137 8.53 -82.01 17.42
CA PRO H 137 9.28 -83.26 17.64
C PRO H 137 10.55 -83.09 18.45
N ASN H 138 10.99 -81.86 18.74
CA ASN H 138 12.27 -81.64 19.41
C ASN H 138 12.11 -80.84 20.69
N ASP H 139 10.89 -80.72 21.22
CA ASP H 139 10.66 -80.00 22.47
C ASP H 139 9.75 -80.80 23.41
N GLU I 1 10.31 -22.54 51.73
CA GLU I 1 10.00 -21.10 51.93
C GLU I 1 10.50 -20.63 53.30
N GLU I 2 10.79 -19.34 53.42
CA GLU I 2 11.39 -18.82 54.65
C GLU I 2 10.49 -19.03 55.86
N ALA I 3 9.18 -19.23 55.64
CA ALA I 3 8.28 -19.41 56.78
C ALA I 3 8.71 -20.59 57.64
N GLU I 4 9.11 -21.70 57.02
CA GLU I 4 9.53 -22.86 57.79
C GLU I 4 10.76 -22.56 58.62
N LEU I 5 11.75 -21.88 58.03
CA LEU I 5 12.97 -21.57 58.75
C LEU I 5 12.69 -20.62 59.91
N ALA I 6 11.84 -19.61 59.68
CA ALA I 6 11.51 -18.70 60.77
C ALA I 6 10.78 -19.43 61.88
N TYR I 7 9.86 -20.33 61.54
CA TYR I 7 9.19 -21.12 62.57
C TYR I 7 10.19 -21.96 63.35
N LEU I 8 11.15 -22.56 62.66
CA LEU I 8 12.16 -23.36 63.36
C LEU I 8 12.96 -22.50 64.33
N LEU I 9 13.35 -21.30 63.89
CA LEU I 9 14.06 -20.40 64.79
C LEU I 9 13.20 -20.05 66.01
N GLY I 10 11.92 -19.79 65.77
CA GLY I 10 11.02 -19.52 66.88
C GLY I 10 10.95 -20.68 67.85
N GLU I 11 10.85 -21.90 67.33
CA GLU I 11 10.76 -23.07 68.19
C GLU I 11 12.03 -23.24 69.01
N LEU I 12 13.18 -23.03 68.39
CA LEU I 12 14.44 -23.13 69.13
C LEU I 12 14.51 -22.09 70.24
N ALA I 13 14.17 -20.84 69.91
CA ALA I 13 14.21 -19.78 70.91
C ALA I 13 13.26 -20.08 72.06
N TYR I 14 12.05 -20.56 71.75
CA TYR I 14 11.12 -20.92 72.81
C TYR I 14 11.64 -22.07 73.65
N LYS I 15 12.20 -23.09 73.01
CA LYS I 15 12.74 -24.23 73.74
C LYS I 15 13.82 -23.77 74.73
N LEU I 16 14.61 -22.78 74.34
CA LEU I 16 15.69 -22.30 75.20
C LEU I 16 15.32 -21.06 75.99
N GLY I 17 14.03 -20.75 76.09
CA GLY I 17 13.56 -19.71 77.00
C GLY I 17 13.78 -18.28 76.57
N GLU I 18 14.20 -18.04 75.32
CA GLU I 18 14.36 -16.68 74.79
C GLU I 18 13.04 -16.18 74.20
N TYR I 19 12.11 -15.86 75.10
CA TYR I 19 10.73 -15.59 74.69
C TYR I 19 10.63 -14.34 73.81
N ARG I 20 11.42 -13.31 74.08
CA ARG I 20 11.44 -12.16 73.19
C ARG I 20 11.82 -12.58 71.77
N ILE I 21 12.88 -13.40 71.66
CA ILE I 21 13.32 -13.87 70.36
C ILE I 21 12.23 -14.72 69.71
N ALA I 22 11.59 -15.59 70.50
CA ALA I 22 10.53 -16.43 69.94
C ALA I 22 9.38 -15.60 69.39
N ILE I 23 8.94 -14.60 70.15
CA ILE I 23 7.84 -13.75 69.70
C ILE I 23 8.21 -13.02 68.42
N ARG I 24 9.39 -12.38 68.41
CA ARG I 24 9.78 -11.64 67.23
C ARG I 24 10.10 -12.56 66.05
N ALA I 25 10.34 -13.85 66.31
CA ALA I 25 10.59 -14.79 65.22
C ALA I 25 9.28 -15.26 64.59
N TYR I 26 8.36 -15.76 65.41
CA TYR I 26 7.16 -16.41 64.87
C TYR I 26 6.38 -15.49 63.94
N ARG I 27 6.37 -14.19 64.23
CA ARG I 27 5.62 -13.27 63.37
C ARG I 27 6.17 -13.25 61.95
N ILE I 28 7.47 -13.43 61.78
CA ILE I 28 8.02 -13.44 60.43
C ILE I 28 7.44 -14.60 59.63
N ALA I 29 7.19 -15.74 60.28
CA ALA I 29 6.54 -16.83 59.59
C ALA I 29 5.06 -16.53 59.36
N LEU I 30 4.36 -16.09 60.40
CA LEU I 30 2.91 -15.91 60.30
C LEU I 30 2.54 -14.86 59.26
N LYS I 31 3.40 -13.85 59.07
CA LYS I 31 3.10 -12.82 58.08
C LYS I 31 3.00 -13.41 56.67
N ARG I 32 3.64 -14.55 56.44
CA ARG I 32 3.58 -15.22 55.15
C ARG I 32 2.54 -16.33 55.09
N ASP I 33 2.36 -17.07 56.18
CA ASP I 33 1.53 -18.27 56.20
C ASP I 33 0.66 -18.28 57.46
N PRO I 34 -0.45 -17.53 57.46
CA PRO I 34 -1.24 -17.38 58.69
C PRO I 34 -2.07 -18.60 59.06
N ASN I 35 -2.03 -19.69 58.30
CA ASN I 35 -2.84 -20.86 58.59
C ASN I 35 -2.17 -21.84 59.55
N ASN I 36 -0.96 -21.56 60.00
CA ASN I 36 -0.25 -22.49 60.90
C ASN I 36 -0.83 -22.45 62.30
N ALA I 37 -1.69 -23.42 62.63
CA ALA I 37 -2.27 -23.48 63.95
C ALA I 37 -1.19 -23.63 65.03
N GLU I 38 -0.18 -24.47 64.74
CA GLU I 38 0.90 -24.66 65.71
C GLU I 38 1.61 -23.34 65.98
N ALA I 39 1.82 -22.52 64.95
CA ALA I 39 2.51 -21.25 65.14
C ALA I 39 1.71 -20.32 66.04
N TRP I 40 0.41 -20.20 65.79
CA TRP I 40 -0.42 -19.36 66.65
C TRP I 40 -0.39 -19.87 68.09
N TYR I 41 -0.54 -21.18 68.27
CA TYR I 41 -0.52 -21.74 69.62
C TYR I 41 0.79 -21.43 70.34
N ASN I 42 1.91 -21.63 69.66
CA ASN I 42 3.20 -21.43 70.32
C ASN I 42 3.45 -19.95 70.59
N LEU I 43 3.00 -19.07 69.69
CA LEU I 43 3.11 -17.64 69.97
C LEU I 43 2.31 -17.26 71.20
N GLY I 44 1.09 -17.78 71.31
CA GLY I 44 0.32 -17.57 72.52
C GLY I 44 1.01 -18.12 73.75
N ASN I 45 1.69 -19.26 73.62
CA ASN I 45 2.41 -19.83 74.75
C ASN I 45 3.56 -18.94 75.18
N ALA I 46 4.28 -18.36 74.20
CA ALA I 46 5.34 -17.42 74.54
C ALA I 46 4.79 -16.22 75.28
N TYR I 47 3.70 -15.63 74.77
CA TYR I 47 3.09 -14.51 75.49
C TYR I 47 2.62 -14.92 76.87
N THR I 48 2.17 -16.18 77.03
CA THR I 48 1.78 -16.68 78.34
C THR I 48 2.98 -16.71 79.28
N LYS I 49 4.12 -17.21 78.81
CA LYS I 49 5.32 -17.18 79.62
C LYS I 49 5.67 -15.76 80.02
N GLN I 50 5.49 -14.81 79.10
CA GLN I 50 5.74 -13.41 79.42
C GLN I 50 4.74 -12.85 80.42
N GLY I 51 3.61 -13.52 80.63
CA GLY I 51 2.55 -12.99 81.47
C GLY I 51 1.63 -12.01 80.78
N ASP I 52 1.72 -11.88 79.45
CA ASP I 52 0.84 -10.99 78.68
C ASP I 52 -0.43 -11.73 78.28
N TYR I 53 -1.24 -12.02 79.29
CA TYR I 53 -2.32 -13.00 79.13
C TYR I 53 -3.38 -12.54 78.13
N ASP I 54 -3.56 -11.23 77.95
CA ASP I 54 -4.53 -10.76 76.96
C ASP I 54 -4.08 -11.13 75.54
N GLU I 55 -2.81 -10.89 75.22
CA GLU I 55 -2.29 -11.30 73.92
C GLU I 55 -2.35 -12.81 73.75
N ALA I 56 -2.01 -13.54 74.81
CA ALA I 56 -2.10 -15.00 74.75
C ALA I 56 -3.53 -15.45 74.45
N ILE I 57 -4.52 -14.82 75.08
CA ILE I 57 -5.91 -15.12 74.76
C ILE I 57 -6.19 -14.86 73.29
N GLU I 58 -5.79 -13.68 72.82
CA GLU I 58 -6.09 -13.31 71.44
C GLU I 58 -5.54 -14.32 70.46
N TYR I 59 -4.31 -14.79 70.69
CA TYR I 59 -3.69 -15.70 69.73
C TYR I 59 -4.16 -17.15 69.93
N TYR I 60 -4.44 -17.55 71.17
CA TYR I 60 -4.99 -18.89 71.41
C TYR I 60 -6.34 -19.05 70.74
N LEU I 61 -7.15 -17.99 70.72
CA LEU I 61 -8.44 -18.07 70.05
C LEU I 61 -8.27 -18.40 68.57
N ARG I 62 -7.34 -17.71 67.91
CA ARG I 62 -7.09 -17.98 66.50
C ARG I 62 -6.47 -19.35 66.30
N ALA I 63 -5.71 -19.83 67.29
CA ALA I 63 -5.24 -21.22 67.24
C ALA I 63 -6.40 -22.19 67.22
N LEU I 64 -7.39 -21.97 68.10
CA LEU I 64 -8.53 -22.88 68.17
C LEU I 64 -9.40 -22.80 66.92
N VAL I 65 -9.64 -21.58 66.41
CA VAL I 65 -10.50 -21.45 65.24
C VAL I 65 -9.95 -22.24 64.07
N LEU I 66 -8.63 -22.24 63.91
CA LEU I 66 -7.98 -22.97 62.82
C LEU I 66 -7.81 -24.45 63.11
N ASP I 67 -8.05 -24.89 64.35
CA ASP I 67 -7.87 -26.28 64.73
C ASP I 67 -8.77 -26.59 65.94
N PRO I 68 -10.07 -26.81 65.72
CA PRO I 68 -11.00 -26.86 66.86
C PRO I 68 -10.81 -28.06 67.77
N ASN I 69 -10.01 -29.06 67.38
CA ASN I 69 -9.77 -30.23 68.21
C ASN I 69 -8.55 -30.08 69.13
N ASN I 70 -7.89 -28.93 69.12
CA ASN I 70 -6.61 -28.76 69.81
C ASN I 70 -6.84 -28.68 71.32
N ALA I 71 -6.68 -29.82 71.99
CA ALA I 71 -6.92 -29.86 73.43
C ALA I 71 -5.92 -29.02 74.22
N GLU I 72 -4.64 -29.04 73.83
CA GLU I 72 -3.63 -28.29 74.57
C GLU I 72 -3.88 -26.79 74.48
N ALA I 73 -4.22 -26.30 73.28
CA ALA I 73 -4.54 -24.90 73.11
C ALA I 73 -5.75 -24.53 73.96
N ALA I 74 -6.75 -25.41 74.02
CA ALA I 74 -7.91 -25.15 74.88
C ALA I 74 -7.50 -25.05 76.34
N THR I 75 -6.61 -25.94 76.79
CA THR I 75 -6.16 -25.91 78.18
C THR I 75 -5.46 -24.59 78.50
N ASN I 76 -4.55 -24.17 77.61
CA ASN I 76 -3.82 -22.93 77.87
C ASN I 76 -4.74 -21.72 77.77
N LEU I 77 -5.72 -21.76 76.87
CA LEU I 77 -6.71 -20.70 76.79
C LEU I 77 -7.51 -20.61 78.08
N GLY I 78 -7.93 -21.75 78.62
CA GLY I 78 -8.63 -21.76 79.89
C GLY I 78 -7.79 -21.17 81.00
N GLN I 79 -6.51 -21.53 81.03
CA GLN I 79 -5.60 -20.96 82.03
C GLN I 79 -5.49 -19.45 81.87
N ALA I 80 -5.35 -18.97 80.64
CA ALA I 80 -5.20 -17.55 80.39
C ALA I 80 -6.47 -16.78 80.74
N TYR I 81 -7.63 -17.42 80.64
CA TYR I 81 -8.85 -16.79 81.15
C TYR I 81 -8.89 -16.83 82.67
N MET I 82 -8.45 -17.94 83.27
CA MET I 82 -8.53 -18.09 84.72
C MET I 82 -7.67 -17.05 85.43
N ASN I 83 -6.43 -16.87 84.97
CA ASN I 83 -5.57 -15.90 85.64
C ASN I 83 -5.96 -14.46 85.31
N GLN I 84 -6.87 -14.24 84.36
CA GLN I 84 -7.43 -12.92 84.10
C GLN I 84 -8.77 -12.73 84.79
N GLY I 85 -9.22 -13.69 85.59
CA GLY I 85 -10.44 -13.58 86.36
C GLY I 85 -11.72 -13.91 85.62
N ASP I 86 -11.65 -14.25 84.33
CA ASP I 86 -12.83 -14.67 83.58
C ASP I 86 -13.10 -16.15 83.83
N LYS I 87 -13.41 -16.47 85.09
CA LYS I 87 -13.52 -17.86 85.50
C LYS I 87 -14.65 -18.58 84.77
N ASP I 88 -15.67 -17.85 84.31
CA ASP I 88 -16.69 -18.48 83.48
C ASP I 88 -16.11 -18.97 82.16
N ARG I 89 -15.43 -18.08 81.43
CA ARG I 89 -14.82 -18.46 80.16
C ARG I 89 -13.71 -19.48 80.39
N ALA I 90 -12.93 -19.31 81.46
CA ALA I 90 -11.88 -20.25 81.77
C ALA I 90 -12.45 -21.64 82.01
N LYS I 91 -13.51 -21.73 82.82
CA LYS I 91 -14.15 -23.01 83.08
C LYS I 91 -14.70 -23.62 81.79
N LEU I 92 -15.33 -22.79 80.94
CA LEU I 92 -15.83 -23.30 79.67
C LEU I 92 -14.72 -23.94 78.85
N MET I 93 -13.58 -23.24 78.72
CA MET I 93 -12.52 -23.76 77.89
C MET I 93 -11.79 -24.94 78.54
N LEU I 94 -11.73 -24.99 79.87
CA LEU I 94 -11.13 -26.14 80.53
C LEU I 94 -11.99 -27.38 80.35
N LEU I 95 -13.31 -27.22 80.47
CA LEU I 95 -14.21 -28.34 80.18
C LEU I 95 -14.09 -28.75 78.72
N LEU I 96 -13.91 -27.77 77.82
CA LEU I 96 -13.65 -28.10 76.42
C LEU I 96 -12.40 -28.94 76.29
N ALA I 97 -11.34 -28.57 77.00
CA ALA I 97 -10.10 -29.34 76.93
C ALA I 97 -10.32 -30.77 77.41
N LEU I 98 -11.04 -30.93 78.53
CA LEU I 98 -11.30 -32.28 79.04
C LEU I 98 -12.14 -33.09 78.06
N LYS I 99 -13.09 -32.45 77.39
CA LYS I 99 -13.90 -33.14 76.40
C LYS I 99 -13.05 -33.56 75.19
N LEU I 100 -12.15 -32.69 74.76
CA LEU I 100 -11.34 -32.96 73.58
C LEU I 100 -10.32 -34.06 73.88
N ASP J 1 29.64 19.28 18.33
CA ASP J 1 29.87 20.63 17.76
C ASP J 1 30.85 21.43 18.63
N VAL J 2 30.46 21.64 19.89
CA VAL J 2 31.17 22.56 20.77
C VAL J 2 32.59 22.10 21.09
N SER J 3 32.91 20.82 20.86
CA SER J 3 34.24 20.32 21.18
C SER J 3 35.32 21.18 20.54
N ALA J 4 35.06 21.67 19.32
CA ALA J 4 36.03 22.48 18.61
C ALA J 4 36.46 23.70 19.42
N LEU J 5 35.56 24.20 20.28
CA LEU J 5 35.91 25.28 21.18
C LEU J 5 36.36 24.75 22.54
N ALA J 6 35.79 23.64 23.00
CA ALA J 6 36.15 23.10 24.29
C ALA J 6 37.65 22.86 24.39
N TYR J 7 38.26 22.40 23.30
CA TYR J 7 39.71 22.18 23.34
C TYR J 7 40.46 23.47 23.64
N VAL J 8 39.93 24.61 23.19
CA VAL J 8 40.59 25.88 23.49
C VAL J 8 40.56 26.16 24.99
N MET J 9 39.43 25.86 25.65
CA MET J 9 39.36 26.01 27.09
C MET J 9 40.35 25.09 27.78
N LEU J 10 40.49 23.86 27.28
CA LEU J 10 41.43 22.95 27.89
C LEU J 10 42.85 23.50 27.81
N GLY J 11 43.21 24.05 26.66
CA GLY J 11 44.53 24.65 26.53
C GLY J 11 44.71 25.85 27.43
N LEU J 12 43.67 26.68 27.53
CA LEU J 12 43.75 27.86 28.38
C LEU J 12 43.95 27.47 29.83
N LEU J 13 43.23 26.44 30.28
CA LEU J 13 43.42 25.97 31.66
C LEU J 13 44.84 25.46 31.84
N LEU J 14 45.32 24.61 30.94
CA LEU J 14 46.66 24.05 31.10
C LEU J 14 47.74 25.10 30.93
N SER J 15 47.41 26.29 30.44
CA SER J 15 48.34 27.42 30.46
C SER J 15 48.19 28.28 31.70
N LEU J 16 46.98 28.36 32.25
CA LEU J 16 46.74 29.12 33.48
C LEU J 16 47.35 28.39 34.67
N LEU J 17 47.01 27.10 34.83
CA LEU J 17 47.86 26.18 35.57
C LEU J 17 49.10 25.92 34.73
N ASN J 18 50.26 25.89 35.39
CA ASN J 18 51.54 26.00 34.67
C ASN J 18 51.93 24.63 34.11
N ARG J 19 51.30 24.27 33.00
CA ARG J 19 51.66 23.07 32.23
C ARG J 19 51.62 23.35 30.73
N LEU J 20 52.27 24.44 30.32
CA LEU J 20 52.25 24.91 28.94
C LEU J 20 52.40 23.80 27.90
N SER J 21 53.32 22.86 28.15
CA SER J 21 53.68 21.88 27.14
C SER J 21 52.51 20.99 26.74
N LEU J 22 51.53 20.81 27.62
CA LEU J 22 50.29 20.14 27.25
C LEU J 22 49.29 21.08 26.60
N ALA J 23 49.32 22.37 27.00
CA ALA J 23 48.45 23.36 26.38
C ALA J 23 48.71 23.46 24.89
N ALA J 24 49.97 23.40 24.47
CA ALA J 24 50.26 23.45 23.05
C ALA J 24 49.55 22.33 22.30
N GLU J 25 49.60 21.11 22.84
CA GLU J 25 48.93 19.99 22.18
C GLU J 25 47.43 20.18 22.16
N ALA J 26 46.86 20.71 23.26
CA ALA J 26 45.42 20.96 23.28
C ALA J 26 45.03 21.95 22.18
N TYR J 27 45.81 23.03 22.04
CA TYR J 27 45.54 23.99 20.98
C TYR J 27 45.66 23.35 19.61
N LYS J 28 46.66 22.49 19.42
CA LYS J 28 46.82 21.83 18.13
C LYS J 28 45.62 20.96 17.80
N LYS J 29 45.09 20.24 18.78
CA LYS J 29 43.87 19.48 18.53
C LYS J 29 42.73 20.41 18.15
N ALA J 30 42.59 21.53 18.86
CA ALA J 30 41.55 22.49 18.52
C ALA J 30 41.68 22.95 17.08
N ILE J 31 42.90 23.26 16.65
CA ILE J 31 43.15 23.67 15.27
C ILE J 31 42.76 22.55 14.31
N GLU J 32 43.10 21.32 14.65
CA GLU J 32 42.72 20.19 13.82
C GLU J 32 41.21 20.13 13.64
N LEU J 33 40.45 20.51 14.66
CA LEU J 33 39.01 20.54 14.51
C LEU J 33 38.54 21.75 13.71
N ASP J 34 39.27 22.86 13.74
CA ASP J 34 38.88 24.04 13.00
C ASP J 34 40.11 24.91 12.70
N PRO J 35 40.66 24.85 11.49
CA PRO J 35 41.88 25.64 11.20
C PRO J 35 41.64 27.14 11.10
N ASN J 36 40.39 27.59 11.01
CA ASN J 36 40.09 29.01 10.79
C ASN J 36 39.97 29.82 12.07
N ASP J 37 40.17 29.20 13.25
CA ASP J 37 39.95 29.89 14.52
C ASP J 37 41.08 30.89 14.76
N ALA J 38 40.75 32.19 14.74
CA ALA J 38 41.75 33.22 14.92
C ALA J 38 42.24 33.33 16.35
N LEU J 39 41.55 32.71 17.30
CA LEU J 39 41.92 32.77 18.72
C LEU J 39 42.84 31.62 19.10
N ALA J 40 42.55 30.43 18.60
CA ALA J 40 43.42 29.28 18.85
C ALA J 40 44.84 29.57 18.39
N TRP J 41 44.98 30.06 17.16
CA TRP J 41 46.30 30.31 16.62
C TRP J 41 47.07 31.32 17.47
N LEU J 42 46.39 32.40 17.88
CA LEU J 42 47.07 33.43 18.66
C LEU J 42 47.53 32.89 20.02
N LEU J 43 46.65 32.20 20.73
CA LEU J 43 47.03 31.67 22.03
C LEU J 43 48.15 30.64 21.88
N LEU J 44 48.06 29.80 20.86
CA LEU J 44 49.12 28.83 20.61
C LEU J 44 50.44 29.54 20.32
N GLY J 45 50.39 30.64 19.58
CA GLY J 45 51.60 31.40 19.30
C GLY J 45 52.25 31.88 20.57
N SER J 46 51.46 32.45 21.48
CA SER J 46 52.05 32.94 22.72
C SER J 46 52.52 31.81 23.63
N VAL J 47 51.83 30.67 23.62
CA VAL J 47 52.27 29.53 24.42
C VAL J 47 53.60 29.01 23.92
N LEU J 48 53.72 28.82 22.60
CA LEU J 48 55.00 28.42 22.03
C LEU J 48 56.07 29.46 22.29
N GLU J 49 55.69 30.74 22.31
CA GLU J 49 56.65 31.78 22.68
C GLU J 49 57.21 31.55 24.07
N LYS J 50 56.33 31.22 25.03
CA LYS J 50 56.80 31.07 26.41
C LYS J 50 57.65 29.83 26.59
N LEU J 51 57.44 28.78 25.77
CA LEU J 51 58.32 27.62 25.81
C LEU J 51 59.68 27.88 25.18
N LYS J 52 59.88 29.07 24.60
CA LYS J 52 61.17 29.51 24.08
C LYS J 52 61.61 28.74 22.85
N ARG J 53 60.70 28.07 22.16
CA ARG J 53 60.96 27.61 20.78
C ARG J 53 60.35 28.57 19.77
N LEU J 54 60.95 29.76 19.70
CA LEU J 54 60.38 30.86 18.93
C LEU J 54 60.13 30.49 17.46
N ASP J 55 60.92 29.57 16.92
CA ASP J 55 60.84 29.27 15.50
C ASP J 55 59.42 28.93 15.07
N GLU J 56 58.67 28.24 15.93
CA GLU J 56 57.28 27.94 15.63
C GLU J 56 56.32 29.05 16.05
N ALA J 57 56.67 29.77 17.13
CA ALA J 57 55.79 30.82 17.63
C ALA J 57 55.61 31.92 16.58
N ALA J 58 56.69 32.30 15.91
CA ALA J 58 56.56 33.33 14.87
C ALA J 58 55.56 32.91 13.82
N GLU J 59 55.64 31.66 13.35
CA GLU J 59 54.73 31.19 12.31
C GLU J 59 53.30 31.10 12.83
N ALA J 60 53.12 30.68 14.08
CA ALA J 60 51.77 30.61 14.62
C ALA J 60 51.14 32.00 14.68
N TYR J 61 51.88 32.99 15.18
CA TYR J 61 51.38 34.36 15.18
C TYR J 61 51.02 34.79 13.77
N LYS J 62 51.93 34.56 12.83
CA LYS J 62 51.71 35.02 11.46
C LYS J 62 50.47 34.37 10.85
N LYS J 63 50.28 33.08 11.07
CA LYS J 63 49.09 32.41 10.56
C LYS J 63 47.83 32.98 11.20
N ALA J 64 47.92 33.40 12.47
CA ALA J 64 46.79 34.08 13.09
C ALA J 64 46.50 35.40 12.39
N ILE J 65 47.55 36.16 12.05
CA ILE J 65 47.37 37.50 11.51
C ILE J 65 46.65 37.45 10.16
N GLU J 66 46.91 36.42 9.35
CA GLU J 66 46.21 36.29 8.08
C GLU J 66 44.71 36.14 8.27
N LEU J 67 44.26 35.70 9.45
CA LEU J 67 42.85 35.51 9.72
C LEU J 67 42.21 36.72 10.39
N LYS J 68 43.00 37.61 10.99
CA LYS J 68 42.51 38.87 11.52
C LYS J 68 43.54 39.95 11.20
N PRO J 69 43.43 40.59 10.05
CA PRO J 69 44.54 41.45 9.58
C PRO J 69 44.85 42.64 10.46
N ASN J 70 43.88 43.13 11.25
CA ASN J 70 43.95 44.49 11.77
C ASN J 70 44.38 44.59 13.23
N ASP J 71 44.26 43.53 14.03
CA ASP J 71 44.46 43.64 15.47
C ASP J 71 45.91 43.96 15.78
N ALA J 72 46.16 45.13 16.36
CA ALA J 72 47.52 45.56 16.64
C ALA J 72 48.24 44.65 17.64
N SER J 73 47.50 43.98 18.52
CA SER J 73 48.15 43.13 19.52
C SER J 73 48.93 42.01 18.85
N ALA J 74 48.32 41.36 17.86
CA ALA J 74 49.00 40.27 17.16
C ALA J 74 50.25 40.77 16.45
N TRP J 75 50.16 41.91 15.79
CA TRP J 75 51.33 42.46 15.10
C TRP J 75 52.44 42.78 16.09
N LYS J 76 52.09 43.40 17.22
CA LYS J 76 53.10 43.74 18.20
C LYS J 76 53.77 42.48 18.76
N GLU J 77 52.99 41.44 19.04
CA GLU J 77 53.58 40.22 19.58
C GLU J 77 54.47 39.52 18.55
N LEU J 78 54.04 39.51 17.29
CA LEU J 78 54.89 38.94 16.25
C LEU J 78 56.18 39.74 16.11
N GLY J 79 56.08 41.06 16.25
CA GLY J 79 57.28 41.89 16.27
C GLY J 79 58.20 41.55 17.42
N LYS J 80 57.62 41.28 18.60
CA LYS J 80 58.43 40.87 19.74
C LYS J 80 59.18 39.59 19.44
N VAL J 81 58.48 38.59 18.90
CA VAL J 81 59.11 37.31 18.62
C VAL J 81 60.21 37.49 17.58
N LEU J 82 59.92 38.23 16.51
CA LEU J 82 60.92 38.47 15.49
C LEU J 82 62.13 39.23 16.04
N GLU J 83 61.88 40.20 16.93
CA GLU J 83 62.98 40.93 17.54
C GLU J 83 63.89 40.00 18.31
N LYS J 84 63.30 39.06 19.06
CA LYS J 84 64.13 38.10 19.79
C LYS J 84 64.79 37.09 18.87
N LEU J 85 64.20 36.83 17.70
CA LEU J 85 64.82 35.96 16.72
C LEU J 85 65.98 36.61 15.98
N GLY J 86 66.16 37.93 16.12
CA GLY J 86 67.23 38.63 15.45
C GLY J 86 66.94 39.04 14.02
N ARG J 87 65.72 38.81 13.53
CA ARG J 87 65.32 39.24 12.19
C ARG J 87 64.78 40.67 12.23
N LEU J 88 65.69 41.59 12.57
CA LEU J 88 65.29 42.92 13.01
C LEU J 88 64.54 43.70 11.94
N ASP J 89 64.84 43.49 10.66
CA ASP J 89 64.11 44.22 9.62
C ASP J 89 62.64 43.83 9.60
N GLU J 90 62.36 42.53 9.67
CA GLU J 90 60.97 42.08 9.70
C GLU J 90 60.29 42.54 10.99
N ALA J 91 61.01 42.56 12.11
CA ALA J 91 60.44 43.07 13.36
C ALA J 91 60.08 44.55 13.23
N ALA J 92 60.97 45.32 12.58
CA ALA J 92 60.66 46.73 12.33
C ALA J 92 59.43 46.86 11.44
N GLU J 93 59.31 46.01 10.43
CA GLU J 93 58.11 46.04 9.60
C GLU J 93 56.86 45.76 10.43
N ALA J 94 56.94 44.76 11.33
CA ALA J 94 55.79 44.43 12.16
C ALA J 94 55.40 45.60 13.07
N TYR J 95 56.38 46.21 13.75
CA TYR J 95 56.05 47.31 14.65
C TYR J 95 55.53 48.52 13.87
N LEU J 96 56.10 48.77 12.69
CA LEU J 96 55.60 49.83 11.83
C LEU J 96 54.14 49.58 11.45
N ILE J 97 53.83 48.34 11.07
CA ILE J 97 52.44 47.99 10.77
C ILE J 97 51.55 48.24 11.98
N ALA J 98 52.06 47.93 13.18
CA ALA J 98 51.29 48.19 14.38
C ALA J 98 50.99 49.68 14.51
N ILE J 99 51.99 50.53 14.26
CA ILE J 99 51.77 51.97 14.34
C ILE J 99 50.77 52.41 13.27
N MET J 100 50.86 51.84 12.07
CA MET J 100 49.91 52.21 11.03
C MET J 100 48.48 51.86 11.43
N LEU J 101 48.29 50.69 12.03
CA LEU J 101 46.95 50.28 12.45
C LEU J 101 46.46 51.13 13.61
N ASP J 102 47.35 51.57 14.49
CA ASP J 102 47.00 52.41 15.64
C ASP J 102 48.12 53.42 15.83
N PRO J 103 47.96 54.66 15.32
CA PRO J 103 49.05 55.64 15.40
C PRO J 103 49.28 56.22 16.79
N GLU J 104 48.58 55.74 17.83
CA GLU J 104 48.62 56.34 19.15
C GLU J 104 48.92 55.33 20.24
N ASP J 105 49.79 54.35 19.96
CA ASP J 105 50.24 53.39 20.96
C ASP J 105 51.68 53.69 21.31
N ALA J 106 51.93 53.98 22.60
CA ALA J 106 53.30 54.29 23.02
C ALA J 106 54.21 53.07 23.02
N GLU J 107 53.68 51.90 23.35
CA GLU J 107 54.49 50.69 23.37
C GLU J 107 55.05 50.38 21.99
N ALA J 108 54.21 50.50 20.96
CA ALA J 108 54.68 50.28 19.60
C ALA J 108 55.81 51.24 19.25
N ALA J 109 55.67 52.50 19.63
CA ALA J 109 56.71 53.49 19.35
C ALA J 109 58.02 53.12 20.05
N LYS J 110 57.94 52.75 21.32
CA LYS J 110 59.15 52.41 22.05
C LYS J 110 59.82 51.15 21.49
N GLU J 111 59.01 50.16 21.12
CA GLU J 111 59.56 48.95 20.51
C GLU J 111 60.21 49.26 19.17
N LEU J 112 59.59 50.14 18.38
CA LEU J 112 60.21 50.55 17.12
C LEU J 112 61.52 51.28 17.39
N GLY J 113 61.57 52.08 18.44
CA GLY J 113 62.82 52.71 18.84
C GLY J 113 63.88 51.69 19.11
N LYS J 114 63.54 50.69 19.92
CA LYS J 114 64.47 49.59 20.19
C LYS J 114 64.98 48.97 18.90
N VAL J 115 64.05 48.57 18.03
CA VAL J 115 64.41 47.77 16.86
C VAL J 115 65.24 48.60 15.88
N LEU J 116 64.86 49.86 15.67
CA LEU J 116 65.58 50.70 14.73
C LEU J 116 66.93 51.14 15.28
N GLU J 117 67.04 51.32 16.61
CA GLU J 117 68.35 51.58 17.18
C GLU J 117 69.28 50.40 16.99
N LYS J 118 68.81 49.19 17.31
CA LYS J 118 69.63 48.01 17.10
C LYS J 118 69.92 47.77 15.63
N LEU J 119 69.01 48.18 14.75
CA LEU J 119 69.15 48.01 13.31
C LEU J 119 69.95 49.12 12.65
N GLY J 120 70.23 50.20 13.35
CA GLY J 120 71.09 51.26 12.85
C GLY J 120 70.39 52.47 12.28
N GLU J 121 69.05 52.51 12.29
CA GLU J 121 68.31 53.70 11.86
C GLU J 121 68.17 54.68 13.03
N LEU J 122 69.32 55.22 13.45
CA LEU J 122 69.37 55.98 14.70
C LEU J 122 68.38 57.14 14.70
N GLU J 123 68.27 57.87 13.60
CA GLU J 123 67.35 59.01 13.56
C GLU J 123 65.91 58.54 13.77
N MET J 124 65.51 57.51 13.04
CA MET J 124 64.15 57.00 13.20
C MET J 124 63.92 56.41 14.59
N ALA J 125 64.95 55.78 15.16
CA ALA J 125 64.81 55.23 16.51
C ALA J 125 64.58 56.34 17.54
N GLU J 126 65.36 57.42 17.44
CA GLU J 126 65.15 58.56 18.34
C GLU J 126 63.78 59.18 18.13
N GLU J 127 63.36 59.30 16.87
CA GLU J 127 62.02 59.85 16.60
C GLU J 127 60.94 58.97 17.22
N ALA J 128 61.08 57.65 17.11
CA ALA J 128 60.10 56.74 17.69
C ALA J 128 60.09 56.83 19.21
N TYR J 129 61.27 56.93 19.82
CA TYR J 129 61.32 57.09 21.27
C TYR J 129 60.62 58.38 21.71
N LYS J 130 60.88 59.47 20.99
CA LYS J 130 60.21 60.73 21.30
C LYS J 130 58.70 60.61 21.12
N LEU J 131 58.27 59.90 20.07
CA LEU J 131 56.83 59.70 19.86
C LEU J 131 56.22 58.89 20.99
N ALA J 132 56.94 57.87 21.46
CA ALA J 132 56.46 57.09 22.61
C ALA J 132 56.33 57.96 23.84
N ILE J 133 57.30 58.85 24.07
CA ILE J 133 57.20 59.78 25.18
C ILE J 133 55.97 60.67 25.02
N LYS J 134 55.74 61.17 23.81
CA LYS J 134 54.60 62.04 23.56
C LYS J 134 53.28 61.32 23.82
N LEU J 135 53.18 60.07 23.37
CA LEU J 135 51.92 59.33 23.49
C LEU J 135 51.59 59.03 24.95
N ASP J 136 52.59 58.63 25.73
CA ASP J 136 52.39 58.35 27.15
C ASP J 136 53.64 58.73 27.90
N PRO J 137 53.53 59.12 29.18
CA PRO J 137 54.72 59.53 29.93
C PRO J 137 55.50 58.38 30.54
N ASN J 138 54.89 57.21 30.70
CA ASN J 138 55.53 56.09 31.40
C ASN J 138 55.74 54.86 30.53
N ASP J 139 55.14 54.79 29.34
CA ASP J 139 55.31 53.63 28.47
C ASP J 139 56.71 53.61 27.84
N ASP K 1 -20.51 2.89 34.81
CA ASP K 1 -21.09 1.52 34.74
C ASP K 1 -22.12 1.30 35.85
N VAL K 2 -23.23 0.65 35.49
CA VAL K 2 -24.41 0.57 36.35
C VAL K 2 -24.14 -0.20 37.65
N SER K 3 -23.10 -1.03 37.69
CA SER K 3 -22.82 -1.79 38.90
C SER K 3 -22.72 -0.89 40.12
N ALA K 4 -22.20 0.32 39.94
CA ALA K 4 -21.99 1.23 41.06
C ALA K 4 -23.30 1.54 41.78
N LEU K 5 -24.42 1.43 41.08
CA LEU K 5 -25.74 1.62 41.66
C LEU K 5 -26.43 0.30 41.96
N ALA K 6 -26.14 -0.73 41.17
CA ALA K 6 -26.66 -2.06 41.47
C ALA K 6 -26.29 -2.47 42.88
N TYR K 7 -25.08 -2.12 43.32
CA TYR K 7 -24.71 -2.44 44.70
C TYR K 7 -25.56 -1.71 45.71
N VAL K 8 -25.93 -0.45 45.43
CA VAL K 8 -26.84 0.26 46.32
C VAL K 8 -28.17 -0.46 46.39
N MET K 9 -28.65 -0.95 45.24
CA MET K 9 -29.89 -1.71 45.23
C MET K 9 -29.78 -2.96 46.09
N LEU K 10 -28.65 -3.66 45.98
CA LEU K 10 -28.47 -4.88 46.76
C LEU K 10 -28.48 -4.57 48.25
N GLY K 11 -27.84 -3.48 48.65
CA GLY K 11 -27.85 -3.11 50.06
C GLY K 11 -29.25 -2.75 50.53
N LEU K 12 -29.99 -2.04 49.68
CA LEU K 12 -31.36 -1.68 50.05
C LEU K 12 -32.21 -2.92 50.26
N LEU K 13 -32.08 -3.90 49.36
CA LEU K 13 -32.82 -5.14 49.53
C LEU K 13 -32.43 -5.83 50.82
N LEU K 14 -31.14 -6.00 51.06
CA LEU K 14 -30.70 -6.71 52.26
C LEU K 14 -31.01 -5.93 53.54
N SER K 15 -31.38 -4.65 53.43
CA SER K 15 -31.90 -3.92 54.58
C SER K 15 -33.42 -4.00 54.69
N LEU K 16 -34.11 -4.17 53.56
CA LEU K 16 -35.56 -4.31 53.56
C LEU K 16 -35.97 -5.68 54.07
N LEU K 17 -35.41 -6.73 53.48
CA LEU K 17 -35.29 -8.00 54.18
C LEU K 17 -34.25 -7.84 55.28
N ASN K 18 -34.53 -8.41 56.45
CA ASN K 18 -33.81 -8.03 57.67
C ASN K 18 -32.48 -8.78 57.76
N ARG K 19 -31.49 -8.29 57.01
CA ARG K 19 -30.11 -8.77 57.08
C ARG K 19 -29.12 -7.61 57.02
N LEU K 20 -29.34 -6.59 57.86
CA LEU K 20 -28.51 -5.39 57.87
C LEU K 20 -27.02 -5.70 57.77
N SER K 21 -26.57 -6.75 58.47
CA SER K 21 -25.15 -7.01 58.58
C SER K 21 -24.49 -7.18 57.21
N LEU K 22 -25.20 -7.78 56.26
CA LEU K 22 -24.73 -7.86 54.89
C LEU K 22 -24.96 -6.56 54.12
N ALA K 23 -26.01 -5.82 54.48
CA ALA K 23 -26.31 -4.58 53.79
C ALA K 23 -25.19 -3.57 53.92
N ALA K 24 -24.59 -3.47 55.11
CA ALA K 24 -23.49 -2.54 55.30
C ALA K 24 -22.36 -2.81 54.31
N GLU K 25 -21.96 -4.08 54.19
CA GLU K 25 -20.90 -4.43 53.24
C GLU K 25 -21.34 -4.16 51.80
N ALA K 26 -22.61 -4.46 51.49
CA ALA K 26 -23.10 -4.21 50.14
C ALA K 26 -22.97 -2.73 49.80
N TYR K 27 -23.29 -1.85 50.74
CA TYR K 27 -23.10 -0.41 50.52
C TYR K 27 -21.62 -0.07 50.37
N LYS K 28 -20.77 -0.68 51.20
CA LYS K 28 -19.36 -0.32 51.18
C LYS K 28 -18.74 -0.63 49.82
N LYS K 29 -19.15 -1.72 49.19
CA LYS K 29 -18.63 -2.00 47.85
C LYS K 29 -19.03 -0.91 46.86
N ALA K 30 -20.27 -0.44 46.96
CA ALA K 30 -20.69 0.67 46.10
C ALA K 30 -19.83 1.89 46.35
N ILE K 31 -19.58 2.22 47.61
CA ILE K 31 -18.72 3.35 47.93
C ILE K 31 -17.34 3.16 47.30
N GLU K 32 -16.81 1.94 47.35
CA GLU K 32 -15.54 1.65 46.71
C GLU K 32 -15.61 1.94 45.21
N LEU K 33 -16.75 1.62 44.59
CA LEU K 33 -16.89 1.91 43.17
C LEU K 33 -17.09 3.40 42.89
N ASP K 34 -17.69 4.14 43.83
CA ASP K 34 -17.91 5.56 43.65
C ASP K 34 -18.02 6.26 45.00
N PRO K 35 -16.95 6.91 45.47
CA PRO K 35 -17.01 7.52 46.82
C PRO K 35 -17.88 8.77 46.91
N ASN K 36 -18.35 9.31 45.79
CA ASN K 36 -19.07 10.58 45.78
C ASN K 36 -20.58 10.44 45.93
N ASP K 37 -21.11 9.22 46.00
CA ASP K 37 -22.55 9.00 46.01
C ASP K 37 -23.14 9.50 47.33
N ALA K 38 -23.96 10.55 47.26
CA ALA K 38 -24.56 11.11 48.47
C ALA K 38 -25.64 10.21 49.05
N LEU K 39 -26.14 9.25 48.28
CA LEU K 39 -27.20 8.35 48.73
C LEU K 39 -26.64 7.12 49.42
N ALA K 40 -25.55 6.56 48.86
CA ALA K 40 -24.91 5.41 49.49
C ALA K 40 -24.49 5.74 50.91
N TRP K 41 -23.80 6.87 51.08
CA TRP K 41 -23.31 7.23 52.40
C TRP K 41 -24.46 7.38 53.39
N LEU K 42 -25.54 8.04 52.98
CA LEU K 42 -26.65 8.26 53.89
C LEU K 42 -27.31 6.95 54.30
N LEU K 43 -27.57 6.07 53.33
CA LEU K 43 -28.19 4.79 53.67
C LEU K 43 -27.27 3.95 54.54
N LEU K 44 -25.96 3.97 54.26
CA LEU K 44 -25.01 3.25 55.09
C LEU K 44 -25.01 3.79 56.50
N GLY K 45 -25.08 5.11 56.64
CA GLY K 45 -25.15 5.69 57.97
C GLY K 45 -26.35 5.20 58.74
N SER K 46 -27.52 5.23 58.11
CA SER K 46 -28.72 4.81 58.81
C SER K 46 -28.80 3.30 59.01
N VAL K 47 -28.03 2.51 58.24
CA VAL K 47 -27.94 1.08 58.50
C VAL K 47 -27.04 0.82 59.70
N LEU K 48 -25.83 1.40 59.70
CA LEU K 48 -24.96 1.27 60.85
C LEU K 48 -25.62 1.81 62.12
N GLU K 49 -26.50 2.80 61.97
CA GLU K 49 -27.20 3.34 63.14
C GLU K 49 -27.96 2.24 63.88
N LYS K 50 -28.58 1.32 63.13
CA LYS K 50 -29.41 0.29 63.76
C LYS K 50 -28.63 -0.96 64.15
N LEU K 51 -27.44 -1.18 63.58
CA LEU K 51 -26.53 -2.16 64.14
C LEU K 51 -25.92 -1.67 65.45
N LYS K 52 -26.17 -0.41 65.81
CA LYS K 52 -25.69 0.17 67.06
C LYS K 52 -24.16 0.24 67.09
N ARG K 53 -23.57 0.45 65.91
CA ARG K 53 -22.17 0.83 65.75
C ARG K 53 -22.04 2.35 65.64
N LEU K 54 -22.47 3.03 66.70
CA LEU K 54 -22.86 4.45 66.62
C LEU K 54 -21.84 5.31 65.87
N ASP K 55 -20.58 5.32 66.34
CA ASP K 55 -19.67 6.36 65.87
C ASP K 55 -19.38 6.24 64.38
N GLU K 56 -19.30 5.01 63.87
CA GLU K 56 -19.12 4.85 62.43
C GLU K 56 -20.33 5.42 61.68
N ALA K 57 -21.53 5.23 62.23
CA ALA K 57 -22.72 5.83 61.64
C ALA K 57 -22.63 7.34 61.65
N ALA K 58 -22.14 7.93 62.74
CA ALA K 58 -21.98 9.37 62.78
C ALA K 58 -21.02 9.85 61.69
N GLU K 59 -19.91 9.14 61.51
CA GLU K 59 -18.95 9.54 60.48
C GLU K 59 -19.56 9.41 59.09
N ALA K 60 -20.31 8.33 58.85
CA ALA K 60 -20.95 8.16 57.54
C ALA K 60 -21.95 9.30 57.29
N TYR K 61 -22.74 9.65 58.29
CA TYR K 61 -23.66 10.77 58.14
C TYR K 61 -22.92 12.05 57.80
N LYS K 62 -21.80 12.29 58.50
CA LYS K 62 -21.02 13.49 58.23
C LYS K 62 -20.46 13.50 56.82
N LYS K 63 -19.97 12.36 56.35
CA LYS K 63 -19.50 12.28 54.96
C LYS K 63 -20.63 12.62 53.99
N ALA K 64 -21.82 12.07 54.24
CA ALA K 64 -22.94 12.37 53.36
C ALA K 64 -23.27 13.86 53.37
N ILE K 65 -23.33 14.45 54.56
CA ILE K 65 -23.66 15.87 54.69
C ILE K 65 -22.61 16.72 53.97
N GLU K 66 -21.35 16.35 54.08
CA GLU K 66 -20.30 17.07 53.36
C GLU K 66 -20.47 16.95 51.86
N LEU K 67 -20.88 15.76 51.39
CA LEU K 67 -20.98 15.53 49.95
C LEU K 67 -22.18 16.21 49.31
N LYS K 68 -23.21 16.55 50.08
CA LYS K 68 -24.44 17.12 49.53
C LYS K 68 -25.13 17.94 50.60
N PRO K 69 -24.69 19.18 50.83
CA PRO K 69 -25.20 19.95 51.97
C PRO K 69 -26.63 20.46 51.77
N ASN K 70 -27.18 21.03 52.85
CA ASN K 70 -28.45 21.76 52.80
C ASN K 70 -29.65 20.83 52.63
N ASP K 71 -29.66 19.73 53.39
CA ASP K 71 -30.82 18.84 53.50
C ASP K 71 -31.12 18.64 54.99
N ALA K 72 -32.35 18.97 55.39
CA ALA K 72 -32.71 18.97 56.80
C ALA K 72 -32.87 17.57 57.37
N SER K 73 -32.89 16.54 56.54
CA SER K 73 -33.05 15.17 57.02
C SER K 73 -31.75 14.62 57.59
N ALA K 74 -30.68 14.70 56.80
CA ALA K 74 -29.39 14.16 57.23
C ALA K 74 -28.90 14.83 58.50
N TRP K 75 -29.10 16.15 58.62
CA TRP K 75 -28.67 16.84 59.83
C TRP K 75 -29.42 16.32 61.05
N LYS K 76 -30.73 16.12 60.93
CA LYS K 76 -31.49 15.60 62.07
C LYS K 76 -31.03 14.20 62.44
N GLU K 77 -30.80 13.34 61.44
CA GLU K 77 -30.37 11.98 61.76
C GLU K 77 -28.99 11.99 62.43
N LEU K 78 -28.08 12.83 61.94
CA LEU K 78 -26.79 12.97 62.59
C LEU K 78 -26.95 13.51 64.00
N GLY K 79 -27.93 14.39 64.20
CA GLY K 79 -28.22 14.87 65.55
C GLY K 79 -28.63 13.75 66.47
N LYS K 80 -29.49 12.85 66.00
CA LYS K 80 -29.88 11.71 66.82
C LYS K 80 -28.67 10.85 67.17
N VAL K 81 -27.85 10.53 66.16
CA VAL K 81 -26.69 9.69 66.42
C VAL K 81 -25.75 10.37 67.42
N LEU K 82 -25.53 11.68 67.25
CA LEU K 82 -24.66 12.40 68.17
C LEU K 82 -25.23 12.41 69.58
N GLU K 83 -26.55 12.58 69.71
CA GLU K 83 -27.17 12.53 71.03
C GLU K 83 -26.88 11.19 71.70
N LYS K 84 -27.10 10.10 70.97
CA LYS K 84 -26.85 8.79 71.58
C LYS K 84 -25.37 8.53 71.85
N LEU K 85 -24.48 9.27 71.20
CA LEU K 85 -23.06 9.21 71.53
C LEU K 85 -22.69 10.11 72.71
N GLY K 86 -23.62 10.94 73.19
CA GLY K 86 -23.37 11.81 74.31
C GLY K 86 -22.65 13.11 73.98
N ARG K 87 -22.33 13.37 72.71
CA ARG K 87 -21.69 14.61 72.30
C ARG K 87 -22.75 15.69 72.09
N LEU K 88 -23.42 16.05 73.18
CA LEU K 88 -24.65 16.83 73.10
C LEU K 88 -24.44 18.20 72.46
N ASP K 89 -23.24 18.77 72.59
CA ASP K 89 -22.99 20.06 71.97
C ASP K 89 -23.10 19.97 70.44
N GLU K 90 -22.44 18.98 69.85
CA GLU K 90 -22.55 18.79 68.41
C GLU K 90 -23.98 18.45 68.02
N ALA K 91 -24.72 17.73 68.87
CA ALA K 91 -26.11 17.44 68.58
C ALA K 91 -26.95 18.72 68.54
N ALA K 92 -26.70 19.62 69.50
CA ALA K 92 -27.39 20.91 69.49
C ALA K 92 -27.05 21.68 68.23
N GLU K 93 -25.77 21.67 67.83
CA GLU K 93 -25.39 22.32 66.58
C GLU K 93 -26.14 21.71 65.40
N ALA K 94 -26.24 20.38 65.35
CA ALA K 94 -26.93 19.72 64.25
C ALA K 94 -28.39 20.13 64.19
N TYR K 95 -29.08 20.13 65.34
CA TYR K 95 -30.50 20.45 65.31
C TYR K 95 -30.72 21.94 65.01
N LEU K 96 -29.81 22.79 65.47
CA LEU K 96 -29.87 24.21 65.09
C LEU K 96 -29.71 24.39 63.59
N ILE K 97 -28.76 23.67 62.99
CA ILE K 97 -28.60 23.70 61.54
C ILE K 97 -29.87 23.21 60.87
N ALA K 98 -30.49 22.18 61.42
CA ALA K 98 -31.73 21.67 60.85
C ALA K 98 -32.82 22.74 60.86
N ILE K 99 -32.97 23.45 61.98
CA ILE K 99 -33.96 24.52 62.06
C ILE K 99 -33.63 25.62 61.05
N MET K 100 -32.35 25.99 60.96
CA MET K 100 -31.98 27.11 60.10
C MET K 100 -32.10 26.77 58.63
N LEU K 101 -31.94 25.50 58.26
CA LEU K 101 -32.22 25.09 56.89
C LEU K 101 -33.71 25.07 56.60
N ASP K 102 -34.53 24.73 57.60
CA ASP K 102 -35.97 24.66 57.42
C ASP K 102 -36.62 25.12 58.71
N PRO K 103 -36.94 26.42 58.82
CA PRO K 103 -37.45 26.94 60.11
C PRO K 103 -38.82 26.41 60.49
N GLU K 104 -39.52 25.72 59.59
CA GLU K 104 -40.88 25.26 59.84
C GLU K 104 -40.96 23.82 60.33
N ASP K 105 -39.83 23.14 60.53
CA ASP K 105 -39.82 21.74 60.96
C ASP K 105 -39.98 21.68 62.47
N ALA K 106 -41.14 21.21 62.94
CA ALA K 106 -41.38 21.11 64.37
C ALA K 106 -40.55 19.99 65.01
N GLU K 107 -40.25 18.93 64.25
CA GLU K 107 -39.47 17.82 64.82
C GLU K 107 -38.10 18.29 65.25
N ALA K 108 -37.43 19.08 64.41
CA ALA K 108 -36.14 19.64 64.80
C ALA K 108 -36.28 20.51 66.04
N ALA K 109 -37.39 21.24 66.15
CA ALA K 109 -37.60 22.10 67.31
C ALA K 109 -37.68 21.28 68.59
N LYS K 110 -38.48 20.22 68.57
CA LYS K 110 -38.62 19.41 69.79
C LYS K 110 -37.33 18.65 70.10
N GLU K 111 -36.61 18.21 69.06
CA GLU K 111 -35.32 17.56 69.28
C GLU K 111 -34.32 18.52 69.91
N LEU K 112 -34.28 19.76 69.42
CA LEU K 112 -33.42 20.77 70.03
C LEU K 112 -33.85 21.04 71.46
N GLY K 113 -35.15 21.04 71.72
CA GLY K 113 -35.62 21.18 73.09
C GLY K 113 -35.09 20.09 74.00
N LYS K 114 -35.19 18.83 73.54
CA LYS K 114 -34.66 17.72 74.33
C LYS K 114 -33.16 17.88 74.57
N VAL K 115 -32.41 18.16 73.51
CA VAL K 115 -30.96 18.22 73.62
C VAL K 115 -30.54 19.36 74.56
N LEU K 116 -31.16 20.53 74.41
CA LEU K 116 -30.83 21.66 75.26
C LEU K 116 -31.27 21.43 76.70
N GLU K 117 -32.41 20.78 76.91
CA GLU K 117 -32.83 20.46 78.28
C GLU K 117 -31.81 19.55 78.95
N LYS K 118 -31.33 18.54 78.22
CA LYS K 118 -30.27 17.69 78.78
C LYS K 118 -28.98 18.48 78.98
N LEU K 119 -28.69 19.42 78.08
CA LEU K 119 -27.45 20.19 78.13
C LEU K 119 -27.50 21.34 79.12
N GLY K 120 -28.68 21.64 79.68
CA GLY K 120 -28.80 22.63 80.74
C GLY K 120 -29.25 24.01 80.32
N GLU K 121 -29.53 24.23 79.04
CA GLU K 121 -30.07 25.51 78.57
C GLU K 121 -31.60 25.55 78.72
N LEU K 122 -32.08 25.51 79.96
CA LEU K 122 -33.50 25.31 80.21
C LEU K 122 -34.36 26.33 79.47
N GLU K 123 -33.99 27.61 79.52
CA GLU K 123 -34.80 28.63 78.86
C GLU K 123 -34.85 28.41 77.36
N MET K 124 -33.70 28.12 76.74
CA MET K 124 -33.69 27.86 75.31
C MET K 124 -34.42 26.57 74.98
N ALA K 125 -34.36 25.58 75.87
CA ALA K 125 -35.11 24.36 75.66
C ALA K 125 -36.61 24.63 75.65
N GLU K 126 -37.08 25.46 76.59
CA GLU K 126 -38.50 25.83 76.62
C GLU K 126 -38.88 26.60 75.37
N GLU K 127 -38.02 27.52 74.92
CA GLU K 127 -38.28 28.23 73.68
C GLU K 127 -38.42 27.26 72.51
N ALA K 128 -37.51 26.28 72.43
CA ALA K 128 -37.57 25.29 71.35
C ALA K 128 -38.83 24.46 71.45
N TYR K 129 -39.24 24.09 72.67
CA TYR K 129 -40.46 23.30 72.82
C TYR K 129 -41.69 24.08 72.37
N LYS K 130 -41.77 25.36 72.75
CA LYS K 130 -42.88 26.19 72.28
C LYS K 130 -42.85 26.34 70.76
N LEU K 131 -41.66 26.51 70.19
CA LEU K 131 -41.54 26.60 68.74
C LEU K 131 -42.00 25.31 68.07
N ALA K 132 -41.67 24.16 68.66
CA ALA K 132 -42.16 22.89 68.13
C ALA K 132 -43.68 22.83 68.19
N ILE K 133 -44.25 23.27 69.31
CA ILE K 133 -45.71 23.25 69.45
C ILE K 133 -46.36 24.12 68.39
N LYS K 134 -45.79 25.30 68.12
CA LYS K 134 -46.43 26.27 67.24
C LYS K 134 -46.19 25.98 65.76
N LEU K 135 -44.99 25.49 65.41
CA LEU K 135 -44.56 25.47 64.01
C LEU K 135 -45.37 24.48 63.18
N ASP K 136 -45.79 23.36 63.77
CA ASP K 136 -46.49 22.31 63.03
C ASP K 136 -47.92 22.22 63.53
N PRO K 137 -48.93 22.40 62.67
CA PRO K 137 -50.32 22.27 63.13
C PRO K 137 -50.65 20.88 63.63
N ASN K 138 -49.91 19.86 63.22
CA ASN K 138 -50.13 18.50 63.71
C ASN K 138 -49.50 18.26 65.09
N ASP K 139 -48.65 19.17 65.56
CA ASP K 139 -48.03 19.03 66.88
C ASP K 139 -49.05 19.29 67.99
N GLU L 1 12.30 -9.51 55.51
CA GLU L 1 13.53 -9.95 54.78
C GLU L 1 14.48 -10.68 55.71
N GLU L 2 15.52 -11.29 55.13
CA GLU L 2 16.56 -11.91 55.93
C GLU L 2 17.24 -10.90 56.85
N ALA L 3 17.19 -9.62 56.50
CA ALA L 3 17.81 -8.60 57.34
C ALA L 3 17.28 -8.67 58.76
N GLU L 4 16.06 -9.17 58.95
CA GLU L 4 15.46 -9.34 60.27
C GLU L 4 15.71 -10.75 60.82
N LEU L 5 15.46 -11.78 60.02
CA LEU L 5 15.58 -13.14 60.53
C LEU L 5 17.01 -13.49 60.90
N ALA L 6 17.97 -13.14 60.03
CA ALA L 6 19.37 -13.40 60.34
C ALA L 6 19.83 -12.59 61.54
N TYR L 7 19.34 -11.36 61.68
CA TYR L 7 19.67 -10.58 62.88
C TYR L 7 19.13 -11.25 64.13
N LEU L 8 17.91 -11.80 64.05
CA LEU L 8 17.37 -12.53 65.18
C LEU L 8 18.24 -13.74 65.51
N LEU L 9 18.69 -14.46 64.49
CA LEU L 9 19.60 -15.57 64.73
C LEU L 9 20.88 -15.07 65.39
N GLY L 10 21.35 -13.90 64.99
CA GLY L 10 22.53 -13.33 65.63
C GLY L 10 22.30 -13.03 67.09
N GLU L 11 21.15 -12.42 67.40
CA GLU L 11 20.82 -12.16 68.81
C GLU L 11 20.82 -13.45 69.59
N LEU L 12 20.18 -14.48 69.06
CA LEU L 12 20.10 -15.75 69.78
C LEU L 12 21.48 -16.37 69.98
N ALA L 13 22.29 -16.38 68.92
CA ALA L 13 23.61 -16.99 69.02
C ALA L 13 24.49 -16.24 70.02
N TYR L 14 24.50 -14.91 69.96
CA TYR L 14 25.31 -14.14 70.89
C TYR L 14 24.82 -14.33 72.32
N LYS L 15 23.50 -14.33 72.52
CA LYS L 15 22.96 -14.48 73.86
C LYS L 15 23.40 -15.80 74.49
N LEU L 16 23.45 -16.87 73.70
CA LEU L 16 23.82 -18.19 74.20
C LEU L 16 25.30 -18.49 74.07
N GLY L 17 26.12 -17.52 73.67
CA GLY L 17 27.55 -17.69 73.71
C GLY L 17 28.18 -18.37 72.52
N GLU L 18 27.46 -18.52 71.41
CA GLU L 18 28.02 -19.09 70.17
C GLU L 18 28.53 -17.98 69.26
N TYR L 19 29.65 -17.40 69.67
CA TYR L 19 30.11 -16.14 69.06
C TYR L 19 30.45 -16.29 67.59
N ARG L 20 31.06 -17.40 67.18
CA ARG L 20 31.36 -17.57 65.76
C ARG L 20 30.08 -17.56 64.93
N ILE L 21 29.07 -18.30 65.37
CA ILE L 21 27.79 -18.31 64.67
C ILE L 21 27.16 -16.94 64.72
N ALA L 22 27.33 -16.22 65.82
CA ALA L 22 26.81 -14.86 65.92
C ALA L 22 27.43 -13.96 64.85
N ILE L 23 28.75 -14.02 64.70
CA ILE L 23 29.43 -13.21 63.69
C ILE L 23 28.92 -13.55 62.30
N ARG L 24 28.92 -14.84 61.98
CA ARG L 24 28.51 -15.24 60.63
C ARG L 24 27.04 -14.93 60.38
N ALA L 25 26.23 -14.92 61.43
CA ALA L 25 24.82 -14.56 61.27
C ALA L 25 24.67 -13.07 60.99
N TYR L 26 25.30 -12.23 61.81
CA TYR L 26 25.19 -10.79 61.61
C TYR L 26 25.72 -10.39 60.24
N ARG L 27 26.74 -11.08 59.75
CA ARG L 27 27.27 -10.78 58.43
C ARG L 27 26.19 -10.88 57.36
N ILE L 28 25.36 -11.94 57.43
CA ILE L 28 24.32 -12.12 56.42
C ILE L 28 23.36 -10.95 56.43
N ALA L 29 22.94 -10.50 57.61
CA ALA L 29 22.03 -9.36 57.69
C ALA L 29 22.68 -8.11 57.12
N LEU L 30 23.91 -7.82 57.54
CA LEU L 30 24.56 -6.59 57.08
C LEU L 30 24.81 -6.60 55.58
N LYS L 31 24.99 -7.77 54.99
CA LYS L 31 25.15 -7.83 53.54
C LYS L 31 23.94 -7.23 52.82
N ARG L 32 22.75 -7.34 53.41
CA ARG L 32 21.54 -6.86 52.77
C ARG L 32 21.17 -5.44 53.18
N ASP L 33 21.54 -5.01 54.40
CA ASP L 33 21.15 -3.70 54.91
C ASP L 33 22.25 -3.19 55.82
N PRO L 34 23.13 -2.31 55.32
CA PRO L 34 24.25 -1.83 56.15
C PRO L 34 23.89 -0.72 57.12
N ASN L 35 22.63 -0.29 57.19
CA ASN L 35 22.25 0.84 58.04
C ASN L 35 21.92 0.46 59.47
N ASN L 36 21.91 -0.83 59.82
CA ASN L 36 21.48 -1.27 61.15
C ASN L 36 22.59 -1.00 62.16
N ALA L 37 22.44 0.10 62.90
CA ALA L 37 23.43 0.43 63.92
C ALA L 37 23.55 -0.66 64.97
N GLU L 38 22.42 -1.21 65.41
CA GLU L 38 22.45 -2.27 66.41
C GLU L 38 23.23 -3.47 65.91
N ALA L 39 23.13 -3.79 64.63
CA ALA L 39 23.84 -4.94 64.08
C ALA L 39 25.34 -4.73 64.13
N TRP L 40 25.81 -3.55 63.70
CA TRP L 40 27.24 -3.25 63.80
C TRP L 40 27.72 -3.31 65.25
N TYR L 41 26.94 -2.74 66.17
CA TYR L 41 27.32 -2.75 67.58
C TYR L 41 27.43 -4.18 68.11
N ASN L 42 26.45 -5.02 67.80
CA ASN L 42 26.50 -6.40 68.28
C ASN L 42 27.67 -7.16 67.65
N LEU L 43 27.96 -6.91 66.37
CA LEU L 43 29.12 -7.53 65.76
C LEU L 43 30.40 -7.11 66.46
N GLY L 44 30.51 -5.83 66.81
CA GLY L 44 31.65 -5.39 67.59
C GLY L 44 31.73 -6.09 68.93
N ASN L 45 30.58 -6.28 69.59
CA ASN L 45 30.56 -7.01 70.86
C ASN L 45 31.05 -8.43 70.67
N ALA L 46 30.64 -9.08 69.59
CA ALA L 46 31.07 -10.46 69.34
C ALA L 46 32.58 -10.53 69.15
N TYR L 47 33.12 -9.67 68.27
CA TYR L 47 34.57 -9.68 68.08
C TYR L 47 35.30 -9.30 69.36
N THR L 48 34.69 -8.48 70.21
CA THR L 48 35.28 -8.17 71.51
C THR L 48 35.36 -9.42 72.38
N LYS L 49 34.28 -10.20 72.42
CA LYS L 49 34.30 -11.45 73.17
C LYS L 49 35.39 -12.37 72.64
N GLN L 50 35.58 -12.39 71.32
CA GLN L 50 36.65 -13.19 70.73
C GLN L 50 38.04 -12.64 71.07
N GLY L 51 38.13 -11.42 71.57
CA GLY L 51 39.43 -10.80 71.81
C GLY L 51 40.07 -10.20 70.58
N ASP L 52 39.35 -10.07 69.49
CA ASP L 52 39.85 -9.45 68.26
C ASP L 52 39.54 -7.95 68.27
N TYR L 53 40.16 -7.26 69.24
CA TYR L 53 39.74 -5.91 69.57
C TYR L 53 39.89 -4.93 68.41
N ASP L 54 40.88 -5.15 67.53
CA ASP L 54 41.07 -4.21 66.42
C ASP L 54 39.94 -4.32 65.41
N GLU L 55 39.37 -5.52 65.20
CA GLU L 55 38.21 -5.65 64.33
C GLU L 55 36.97 -5.02 64.97
N ALA L 56 36.77 -5.32 66.25
CA ALA L 56 35.67 -4.70 67.00
C ALA L 56 35.77 -3.19 66.94
N ILE L 57 36.98 -2.65 66.89
CA ILE L 57 37.14 -1.19 66.79
C ILE L 57 36.51 -0.67 65.52
N GLU L 58 36.81 -1.29 64.38
CA GLU L 58 36.23 -0.84 63.12
C GLU L 58 34.71 -0.94 63.16
N TYR L 59 34.20 -2.07 63.65
CA TYR L 59 32.75 -2.25 63.62
C TYR L 59 32.06 -1.31 64.61
N TYR L 60 32.69 -1.05 65.76
CA TYR L 60 32.17 -0.06 66.70
C TYR L 60 32.17 1.34 66.09
N LEU L 61 33.20 1.66 65.30
CA LEU L 61 33.24 2.96 64.63
C LEU L 61 32.08 3.10 63.66
N ARG L 62 31.84 2.06 62.86
CA ARG L 62 30.68 2.10 61.97
C ARG L 62 29.39 2.24 62.76
N ALA L 63 29.33 1.61 63.95
CA ALA L 63 28.14 1.75 64.78
C ALA L 63 27.96 3.20 65.24
N LEU L 64 29.03 3.84 65.70
CA LEU L 64 28.93 5.20 66.21
C LEU L 64 28.58 6.18 65.11
N VAL L 65 29.19 6.04 63.93
CA VAL L 65 28.92 6.98 62.84
C VAL L 65 27.44 6.97 62.48
N LEU L 66 26.82 5.80 62.49
CA LEU L 66 25.40 5.68 62.17
C LEU L 66 24.49 6.03 63.33
N ASP L 67 25.02 6.14 64.55
CA ASP L 67 24.22 6.46 65.73
C ASP L 67 25.12 7.20 66.72
N PRO L 68 25.31 8.51 66.52
CA PRO L 68 26.32 9.24 67.31
C PRO L 68 25.98 9.39 68.78
N ASN L 69 24.77 9.01 69.21
CA ASN L 69 24.38 9.09 70.61
C ASN L 69 24.52 7.76 71.34
N ASN L 70 25.08 6.74 70.72
CA ASN L 70 25.11 5.39 71.27
C ASN L 70 26.17 5.32 72.37
N ALA L 71 25.74 5.56 73.61
CA ALA L 71 26.68 5.57 74.73
C ALA L 71 27.34 4.21 74.95
N GLU L 72 26.58 3.13 74.82
CA GLU L 72 27.13 1.80 75.05
C GLU L 72 28.21 1.48 74.03
N ALA L 73 27.96 1.81 72.76
CA ALA L 73 28.97 1.57 71.73
C ALA L 73 30.23 2.37 72.02
N ALA L 74 30.08 3.62 72.48
CA ALA L 74 31.24 4.43 72.83
C ALA L 74 32.03 3.79 73.97
N THR L 75 31.33 3.32 75.00
CA THR L 75 32.00 2.67 76.12
C THR L 75 32.80 1.46 75.65
N ASN L 76 32.17 0.60 74.85
CA ASN L 76 32.84 -0.61 74.40
C ASN L 76 33.97 -0.29 73.43
N LEU L 77 33.83 0.74 72.60
CA LEU L 77 34.93 1.15 71.73
C LEU L 77 36.11 1.66 72.54
N GLY L 78 35.83 2.43 73.60
CA GLY L 78 36.91 2.85 74.48
C GLY L 78 37.61 1.67 75.12
N GLN L 79 36.83 0.69 75.58
CA GLN L 79 37.42 -0.52 76.14
C GLN L 79 38.28 -1.24 75.11
N ALA L 80 37.81 -1.32 73.87
CA ALA L 80 38.58 -1.97 72.81
C ALA L 80 39.89 -1.24 72.55
N TYR L 81 39.82 0.10 72.50
CA TYR L 81 41.05 0.88 72.32
C TYR L 81 42.02 0.65 73.46
N MET L 82 41.51 0.57 74.70
CA MET L 82 42.38 0.31 75.83
C MET L 82 42.99 -1.08 75.73
N ASN L 83 42.22 -2.05 75.25
CA ASN L 83 42.78 -3.38 75.01
C ASN L 83 43.87 -3.34 73.95
N GLN L 84 43.78 -2.42 73.01
CA GLN L 84 44.85 -2.17 72.06
C GLN L 84 45.95 -1.28 72.61
N GLY L 85 45.80 -0.78 73.84
CA GLY L 85 46.81 0.02 74.48
C GLY L 85 46.81 1.49 74.12
N ASP L 86 45.86 1.95 73.30
CA ASP L 86 45.74 3.37 72.95
C ASP L 86 45.00 4.08 74.07
N LYS L 87 45.77 4.54 75.07
CA LYS L 87 45.19 5.25 76.20
C LYS L 87 44.36 6.45 75.75
N ASP L 88 44.92 7.28 74.87
CA ASP L 88 44.29 8.57 74.61
C ASP L 88 42.93 8.43 73.94
N ARG L 89 42.84 7.68 72.84
CA ARG L 89 41.56 7.59 72.13
C ARG L 89 40.54 6.77 72.93
N ALA L 90 41.00 5.74 73.64
CA ALA L 90 40.10 4.98 74.49
C ALA L 90 39.48 5.88 75.56
N LYS L 91 40.32 6.66 76.24
CA LYS L 91 39.80 7.60 77.22
C LYS L 91 38.88 8.63 76.58
N LEU L 92 39.19 9.06 75.35
CA LEU L 92 38.32 9.99 74.65
C LEU L 92 36.93 9.40 74.47
N MET L 93 36.86 8.15 73.99
CA MET L 93 35.55 7.54 73.76
C MET L 93 34.84 7.22 75.08
N LEU L 94 35.58 6.92 76.14
CA LEU L 94 34.95 6.71 77.44
C LEU L 94 34.34 8.00 77.97
N LEU L 95 35.06 9.11 77.85
CA LEU L 95 34.50 10.40 78.23
C LEU L 95 33.29 10.74 77.36
N LEU L 96 33.35 10.38 76.07
CA LEU L 96 32.18 10.54 75.21
C LEU L 96 31.00 9.75 75.75
N ALA L 97 31.23 8.52 76.19
CA ALA L 97 30.16 7.71 76.76
C ALA L 97 29.57 8.39 77.98
N LEU L 98 30.42 8.87 78.88
CA LEU L 98 29.92 9.54 80.08
C LEU L 98 29.14 10.80 79.73
N LYS L 99 29.60 11.56 78.74
CA LYS L 99 28.88 12.76 78.33
C LYS L 99 27.52 12.41 77.74
N LEU L 100 27.45 11.36 76.93
CA LEU L 100 26.21 10.96 76.30
C LEU L 100 25.21 10.45 77.33
N ASP M 1 12.80 -38.22 2.92
CA ASP M 1 13.12 -38.20 4.38
C ASP M 1 13.82 -39.49 4.80
N VAL M 2 14.85 -39.35 5.65
CA VAL M 2 15.76 -40.44 5.96
C VAL M 2 15.07 -41.59 6.69
N SER M 3 13.90 -41.35 7.29
CA SER M 3 13.21 -42.41 8.02
C SER M 3 13.01 -43.64 7.16
N ALA M 4 12.77 -43.44 5.86
CA ALA M 4 12.47 -44.55 4.96
C ALA M 4 13.62 -45.56 4.94
N LEU M 5 14.84 -45.12 5.23
CA LEU M 5 16.00 -45.98 5.32
C LEU M 5 16.36 -46.33 6.76
N ALA M 6 16.06 -45.42 7.70
CA ALA M 6 16.24 -45.72 9.10
C ALA M 6 15.50 -46.99 9.48
N TYR M 7 14.31 -47.20 8.90
CA TYR M 7 13.58 -48.44 9.18
C TYR M 7 14.34 -49.66 8.68
N VAL M 8 14.99 -49.56 7.52
CA VAL M 8 15.82 -50.67 7.04
C VAL M 8 16.94 -50.94 8.03
N MET M 9 17.54 -49.88 8.57
CA MET M 9 18.59 -50.06 9.56
C MET M 9 18.06 -50.77 10.78
N LEU M 10 16.86 -50.39 11.24
CA LEU M 10 16.28 -51.03 12.41
C LEU M 10 16.05 -52.52 12.16
N GLY M 11 15.55 -52.86 10.98
CA GLY M 11 15.35 -54.26 10.66
C GLY M 11 16.66 -55.03 10.64
N LEU M 12 17.69 -54.42 10.05
CA LEU M 12 19.00 -55.08 10.01
C LEU M 12 19.52 -55.33 11.42
N LEU M 13 19.40 -54.33 12.29
CA LEU M 13 19.86 -54.51 13.67
C LEU M 13 19.12 -55.65 14.34
N LEU M 14 17.79 -55.66 14.23
CA LEU M 14 17.02 -56.72 14.89
C LEU M 14 17.40 -58.09 14.36
N SER M 15 17.61 -58.21 13.05
CA SER M 15 18.06 -59.48 12.50
C SER M 15 19.43 -59.85 13.02
N LEU M 16 20.32 -58.86 13.17
CA LEU M 16 21.66 -59.10 13.66
C LEU M 16 21.65 -59.52 15.12
N LEU M 17 20.68 -59.02 15.89
CA LEU M 17 20.52 -59.39 17.29
C LEU M 17 19.74 -60.69 17.46
N ASN M 18 19.33 -61.32 16.36
CA ASN M 18 18.59 -62.59 16.39
C ASN M 18 17.21 -62.42 17.04
N ARG M 19 16.46 -61.43 16.55
CA ARG M 19 15.08 -61.17 16.93
C ARG M 19 14.23 -60.99 15.68
N LEU M 20 14.37 -61.94 14.73
CA LEU M 20 13.90 -61.72 13.36
C LEU M 20 12.45 -61.27 13.30
N SER M 21 11.60 -61.83 14.16
CA SER M 21 10.16 -61.63 14.03
C SER M 21 9.76 -60.16 14.10
N LEU M 22 10.55 -59.33 14.78
CA LEU M 22 10.33 -57.89 14.74
C LEU M 22 10.99 -57.26 13.53
N ALA M 23 12.09 -57.85 13.05
CA ALA M 23 12.76 -57.34 11.86
C ALA M 23 11.83 -57.37 10.66
N ALA M 24 11.04 -58.44 10.53
CA ALA M 24 10.10 -58.50 9.42
C ALA M 24 9.16 -57.29 9.43
N GLU M 25 8.61 -56.95 10.59
CA GLU M 25 7.71 -55.81 10.68
C GLU M 25 8.44 -54.51 10.37
N ALA M 26 9.68 -54.37 10.85
CA ALA M 26 10.44 -53.17 10.53
C ALA M 26 10.63 -53.02 9.03
N TYR M 27 10.98 -54.12 8.36
CA TYR M 27 11.12 -54.07 6.90
C TYR M 27 9.81 -53.71 6.23
N LYS M 28 8.70 -54.25 6.73
CA LYS M 28 7.40 -53.96 6.13
C LYS M 28 7.06 -52.48 6.24
N LYS M 29 7.33 -51.88 7.40
CA LYS M 29 7.10 -50.44 7.52
C LYS M 29 7.99 -49.66 6.57
N ALA M 30 9.25 -50.09 6.43
CA ALA M 30 10.14 -49.45 5.47
C ALA M 30 9.56 -49.53 4.06
N ILE M 31 9.07 -50.70 3.68
CA ILE M 31 8.48 -50.89 2.36
C ILE M 31 7.30 -49.96 2.16
N GLU M 32 6.41 -49.90 3.15
CA GLU M 32 5.24 -49.03 3.04
C GLU M 32 5.66 -47.57 2.96
N LEU M 33 6.84 -47.21 3.47
CA LEU M 33 7.37 -45.88 3.24
C LEU M 33 7.86 -45.71 1.80
N ASP M 34 8.44 -46.75 1.22
CA ASP M 34 8.97 -46.68 -0.14
C ASP M 34 9.00 -48.07 -0.78
N PRO M 35 8.03 -48.41 -1.63
CA PRO M 35 7.98 -49.78 -2.18
C PRO M 35 9.08 -50.10 -3.17
N ASN M 36 9.84 -49.12 -3.64
CA ASN M 36 10.83 -49.33 -4.69
C ASN M 36 12.20 -49.77 -4.18
N ASP M 37 12.41 -49.84 -2.88
CA ASP M 37 13.73 -50.14 -2.33
C ASP M 37 14.07 -51.60 -2.56
N ALA M 38 15.17 -51.85 -3.29
CA ALA M 38 15.60 -53.22 -3.54
C ALA M 38 16.12 -53.90 -2.28
N LEU M 39 16.84 -53.16 -1.43
CA LEU M 39 17.41 -53.77 -0.23
C LEU M 39 16.31 -54.22 0.72
N ALA M 40 15.27 -53.41 0.89
CA ALA M 40 14.19 -53.79 1.80
C ALA M 40 13.60 -55.13 1.41
N TRP M 41 13.19 -55.26 0.15
CA TRP M 41 12.57 -56.52 -0.30
C TRP M 41 13.57 -57.67 -0.22
N LEU M 42 14.80 -57.44 -0.68
CA LEU M 42 15.77 -58.52 -0.73
C LEU M 42 16.08 -59.05 0.67
N LEU M 43 16.20 -58.17 1.66
CA LEU M 43 16.49 -58.62 3.02
C LEU M 43 15.26 -59.24 3.65
N LEU M 44 14.07 -58.65 3.42
CA LEU M 44 12.86 -59.24 3.96
C LEU M 44 12.67 -60.65 3.45
N GLY M 45 13.09 -60.92 2.22
CA GLY M 45 13.01 -62.27 1.70
C GLY M 45 13.77 -63.26 2.55
N SER M 46 15.01 -62.94 2.88
CA SER M 46 15.80 -63.86 3.68
C SER M 46 15.31 -63.94 5.12
N VAL M 47 14.82 -62.83 5.67
CA VAL M 47 14.29 -62.86 7.02
C VAL M 47 13.10 -63.81 7.10
N LEU M 48 12.15 -63.65 6.16
CA LEU M 48 11.02 -64.58 6.11
C LEU M 48 11.48 -66.01 5.84
N GLU M 49 12.52 -66.16 5.02
CA GLU M 49 13.04 -67.50 4.75
C GLU M 49 13.50 -68.18 6.03
N LYS M 50 14.22 -67.45 6.88
CA LYS M 50 14.73 -68.04 8.11
C LYS M 50 13.62 -68.37 9.10
N LEU M 51 12.53 -67.61 9.06
CA LEU M 51 11.36 -67.92 9.89
C LEU M 51 10.54 -69.09 9.35
N LYS M 52 11.00 -69.76 8.30
CA LYS M 52 10.33 -70.91 7.70
C LYS M 52 9.02 -70.53 7.00
N ARG M 53 8.72 -69.24 6.86
CA ARG M 53 7.53 -68.79 6.15
C ARG M 53 7.78 -68.69 4.65
N LEU M 54 8.17 -69.82 4.04
CA LEU M 54 8.63 -69.81 2.65
C LEU M 54 7.60 -69.20 1.70
N ASP M 55 6.31 -69.48 1.93
CA ASP M 55 5.29 -69.04 1.00
C ASP M 55 5.36 -67.55 0.74
N GLU M 56 5.73 -66.76 1.76
CA GLU M 56 5.89 -65.33 1.61
C GLU M 56 7.28 -64.94 1.12
N ALA M 57 8.30 -65.71 1.50
CA ALA M 57 9.66 -65.40 1.09
C ALA M 57 9.83 -65.47 -0.41
N ALA M 58 9.20 -66.45 -1.06
CA ALA M 58 9.32 -66.55 -2.51
C ALA M 58 8.79 -65.28 -3.18
N GLU M 59 7.61 -64.80 -2.73
CA GLU M 59 7.04 -63.61 -3.33
C GLU M 59 7.88 -62.37 -3.02
N ALA M 60 8.44 -62.29 -1.81
CA ALA M 60 9.30 -61.16 -1.50
C ALA M 60 10.51 -61.13 -2.43
N TYR M 61 11.13 -62.29 -2.66
CA TYR M 61 12.26 -62.35 -3.58
C TYR M 61 11.86 -61.95 -4.99
N LYS M 62 10.69 -62.41 -5.45
CA LYS M 62 10.22 -62.02 -6.78
C LYS M 62 10.00 -60.52 -6.88
N LYS M 63 9.36 -59.92 -5.87
CA LYS M 63 9.17 -58.47 -5.87
C LYS M 63 10.50 -57.75 -5.93
N ALA M 64 11.52 -58.27 -5.23
CA ALA M 64 12.84 -57.68 -5.31
C ALA M 64 13.42 -57.80 -6.71
N ILE M 65 13.32 -58.99 -7.32
CA ILE M 65 13.96 -59.25 -8.60
C ILE M 65 13.34 -58.38 -9.69
N GLU M 66 12.03 -58.12 -9.61
CA GLU M 66 11.42 -57.23 -10.59
C GLU M 66 12.02 -55.83 -10.55
N LEU M 67 12.73 -55.47 -9.47
CA LEU M 67 13.34 -54.16 -9.34
C LEU M 67 14.85 -54.16 -9.59
N LYS M 68 15.46 -55.32 -9.74
CA LYS M 68 16.85 -55.42 -10.19
C LYS M 68 16.96 -56.65 -11.07
N PRO M 69 16.55 -56.54 -12.33
CA PRO M 69 16.30 -57.76 -13.13
C PRO M 69 17.49 -58.69 -13.25
N ASN M 70 18.71 -58.17 -13.36
CA ASN M 70 19.88 -58.99 -13.64
C ASN M 70 20.70 -59.31 -12.38
N ASP M 71 20.10 -59.22 -11.19
CA ASP M 71 20.80 -59.52 -9.97
C ASP M 71 21.18 -61.00 -9.94
N ALA M 72 22.50 -61.27 -9.93
CA ALA M 72 22.99 -62.63 -10.08
C ALA M 72 22.80 -63.49 -8.83
N SER M 73 22.45 -62.90 -7.69
CA SER M 73 22.32 -63.65 -6.46
C SER M 73 20.90 -63.69 -5.90
N ALA M 74 20.07 -62.67 -6.16
CA ALA M 74 18.66 -62.77 -5.80
C ALA M 74 18.02 -63.99 -6.43
N TRP M 75 18.39 -64.29 -7.67
CA TRP M 75 17.85 -65.46 -8.34
C TRP M 75 18.24 -66.74 -7.60
N LYS M 76 19.47 -66.82 -7.09
CA LYS M 76 19.90 -68.02 -6.38
C LYS M 76 19.08 -68.22 -5.10
N GLU M 77 18.87 -67.16 -4.34
CA GLU M 77 18.09 -67.28 -3.11
C GLU M 77 16.64 -67.65 -3.41
N LEU M 78 16.06 -67.03 -4.45
CA LEU M 78 14.72 -67.43 -4.87
C LEU M 78 14.70 -68.89 -5.29
N GLY M 79 15.78 -69.35 -5.93
CA GLY M 79 15.86 -70.75 -6.28
C GLY M 79 15.89 -71.65 -5.07
N LYS M 80 16.62 -71.25 -4.03
CA LYS M 80 16.63 -72.04 -2.80
C LYS M 80 15.25 -72.11 -2.19
N VAL M 81 14.55 -70.98 -2.11
CA VAL M 81 13.21 -70.98 -1.53
C VAL M 81 12.28 -71.85 -2.37
N LEU M 82 12.34 -71.71 -3.69
CA LEU M 82 11.49 -72.52 -4.56
C LEU M 82 11.80 -74.00 -4.39
N GLU M 83 13.08 -74.35 -4.31
CA GLU M 83 13.45 -75.76 -4.13
C GLU M 83 12.88 -76.30 -2.83
N LYS M 84 12.96 -75.52 -1.75
CA LYS M 84 12.40 -75.96 -0.49
C LYS M 84 10.88 -76.02 -0.54
N LEU M 85 10.24 -75.21 -1.40
CA LEU M 85 8.81 -75.32 -1.61
C LEU M 85 8.43 -76.51 -2.49
N GLY M 86 9.39 -77.17 -3.12
CA GLY M 86 9.10 -78.31 -3.97
C GLY M 86 8.74 -77.99 -5.40
N ARG M 87 8.86 -76.72 -5.82
CA ARG M 87 8.61 -76.33 -7.21
C ARG M 87 9.88 -76.49 -8.04
N LEU M 88 10.32 -77.75 -8.14
CA LEU M 88 11.65 -78.04 -8.66
C LEU M 88 11.87 -77.47 -10.06
N ASP M 89 10.83 -77.45 -10.91
CA ASP M 89 11.00 -76.91 -12.25
C ASP M 89 11.32 -75.42 -12.20
N GLU M 90 10.57 -74.66 -11.40
CA GLU M 90 10.85 -73.23 -11.29
C GLU M 90 12.21 -72.99 -10.63
N ALA M 91 12.61 -73.86 -9.70
CA ALA M 91 13.94 -73.74 -9.11
C ALA M 91 15.02 -73.96 -10.15
N ALA M 92 14.83 -74.95 -11.03
CA ALA M 92 15.78 -75.16 -12.12
C ALA M 92 15.83 -73.94 -13.03
N GLU M 93 14.66 -73.36 -13.34
CA GLU M 93 14.63 -72.14 -14.14
C GLU M 93 15.43 -71.03 -13.46
N ALA M 94 15.24 -70.86 -12.15
CA ALA M 94 15.95 -69.81 -11.43
C ALA M 94 17.46 -70.02 -11.49
N TYR M 95 17.91 -71.26 -11.25
CA TYR M 95 19.35 -71.51 -11.27
C TYR M 95 19.92 -71.37 -12.68
N LEU M 96 19.13 -71.72 -13.71
CA LEU M 96 19.57 -71.48 -15.08
C LEU M 96 19.74 -69.98 -15.34
N ILE M 97 18.79 -69.17 -14.86
CA ILE M 97 18.93 -67.73 -14.98
C ILE M 97 20.20 -67.27 -14.26
N ALA M 98 20.47 -67.85 -13.10
CA ALA M 98 21.66 -67.48 -12.34
C ALA M 98 22.93 -67.78 -13.14
N ILE M 99 22.99 -68.97 -13.75
CA ILE M 99 24.15 -69.32 -14.56
C ILE M 99 24.30 -68.38 -15.74
N MET M 100 23.19 -68.08 -16.41
CA MET M 100 23.24 -67.24 -17.60
C MET M 100 23.61 -65.80 -17.26
N LEU M 101 23.28 -65.34 -16.04
CA LEU M 101 23.73 -64.01 -15.62
C LEU M 101 25.22 -64.02 -15.28
N ASP M 102 25.75 -65.14 -14.81
CA ASP M 102 27.16 -65.25 -14.48
C ASP M 102 27.61 -66.67 -14.79
N PRO M 103 28.16 -66.89 -15.98
CA PRO M 103 28.53 -68.27 -16.37
C PRO M 103 29.57 -68.91 -15.47
N GLU M 104 30.33 -68.12 -14.70
CA GLU M 104 31.42 -68.65 -13.89
C GLU M 104 31.01 -69.00 -12.47
N ASP M 105 29.74 -68.88 -12.12
CA ASP M 105 29.29 -69.19 -10.76
C ASP M 105 29.20 -70.70 -10.59
N ALA M 106 30.22 -71.28 -9.96
CA ALA M 106 30.24 -72.73 -9.74
C ALA M 106 29.12 -73.18 -8.81
N GLU M 107 28.81 -72.39 -7.78
CA GLU M 107 27.75 -72.77 -6.85
C GLU M 107 26.42 -72.88 -7.57
N ALA M 108 26.12 -71.95 -8.47
CA ALA M 108 24.88 -72.02 -9.21
C ALA M 108 24.81 -73.29 -10.04
N ALA M 109 25.92 -73.66 -10.68
CA ALA M 109 25.95 -74.88 -11.49
C ALA M 109 25.71 -76.11 -10.62
N LYS M 110 26.35 -76.16 -9.45
CA LYS M 110 26.18 -77.31 -8.56
C LYS M 110 24.73 -77.40 -8.06
N GLU M 111 24.14 -76.28 -7.70
CA GLU M 111 22.76 -76.29 -7.21
C GLU M 111 21.79 -76.67 -8.34
N LEU M 112 22.07 -76.19 -9.56
CA LEU M 112 21.26 -76.60 -10.70
C LEU M 112 21.37 -78.09 -10.94
N GLY M 113 22.57 -78.64 -10.77
CA GLY M 113 22.73 -80.08 -10.86
C GLY M 113 21.89 -80.81 -9.82
N LYS M 114 21.91 -80.30 -8.58
CA LYS M 114 21.09 -80.90 -7.52
C LYS M 114 19.61 -80.90 -7.91
N VAL M 115 19.12 -79.75 -8.37
CA VAL M 115 17.70 -79.62 -8.69
C VAL M 115 17.34 -80.52 -9.88
N LEU M 116 18.19 -80.55 -10.89
CA LEU M 116 17.93 -81.40 -12.05
C LEU M 116 17.93 -82.88 -11.66
N GLU M 117 18.88 -83.29 -10.81
CA GLU M 117 18.91 -84.67 -10.36
C GLU M 117 17.63 -85.03 -9.62
N LYS M 118 17.21 -84.17 -8.69
CA LYS M 118 15.94 -84.42 -7.99
C LYS M 118 14.77 -84.40 -8.96
N LEU M 119 14.87 -83.63 -10.04
CA LEU M 119 13.81 -83.49 -11.02
C LEU M 119 13.82 -84.59 -12.08
N GLY M 120 14.85 -85.44 -12.11
CA GLY M 120 14.91 -86.55 -13.03
C GLY M 120 15.61 -86.29 -14.34
N GLU M 121 16.21 -85.11 -14.53
CA GLU M 121 17.00 -84.85 -15.72
C GLU M 121 18.42 -85.34 -15.52
N LEU M 122 18.59 -86.65 -15.36
CA LEU M 122 19.85 -87.20 -14.89
C LEU M 122 21.02 -86.79 -15.77
N GLU M 123 20.86 -86.85 -17.09
CA GLU M 123 21.97 -86.50 -17.98
C GLU M 123 22.35 -85.03 -17.83
N MET M 124 21.35 -84.14 -17.86
CA MET M 124 21.64 -82.72 -17.69
C MET M 124 22.17 -82.43 -16.29
N ALA M 125 21.68 -83.16 -15.28
CA ALA M 125 22.20 -82.96 -13.93
C ALA M 125 23.67 -83.34 -13.85
N GLU M 126 24.05 -84.45 -14.48
CA GLU M 126 25.46 -84.84 -14.51
C GLU M 126 26.30 -83.81 -15.25
N GLU M 127 25.78 -83.31 -16.38
CA GLU M 127 26.51 -82.27 -17.11
C GLU M 127 26.74 -81.05 -16.24
N ALA M 128 25.68 -80.59 -15.56
CA ALA M 128 25.80 -79.43 -14.69
C ALA M 128 26.77 -79.67 -13.55
N TYR M 129 26.72 -80.86 -12.95
CA TYR M 129 27.63 -81.18 -11.84
C TYR M 129 29.09 -81.16 -12.31
N LYS M 130 29.36 -81.77 -13.47
CA LYS M 130 30.71 -81.74 -14.00
C LYS M 130 31.16 -80.32 -14.32
N LEU M 131 30.27 -79.52 -14.90
CA LEU M 131 30.61 -78.13 -15.20
C LEU M 131 30.94 -77.35 -13.93
N ALA M 132 30.11 -77.53 -12.89
CA ALA M 132 30.35 -76.86 -11.62
C ALA M 132 31.70 -77.28 -11.04
N ILE M 133 31.99 -78.58 -11.08
CA ILE M 133 33.26 -79.07 -10.54
C ILE M 133 34.43 -78.46 -11.31
N LYS M 134 34.28 -78.32 -12.63
CA LYS M 134 35.34 -77.72 -13.42
C LYS M 134 35.50 -76.24 -13.11
N LEU M 135 34.40 -75.53 -12.89
CA LEU M 135 34.50 -74.12 -12.51
C LEU M 135 35.16 -73.97 -11.15
N ASP M 136 34.79 -74.82 -10.19
CA ASP M 136 35.44 -74.85 -8.89
C ASP M 136 35.07 -76.15 -8.18
N PRO M 137 36.06 -76.93 -7.73
CA PRO M 137 35.72 -78.21 -7.09
C PRO M 137 35.23 -78.08 -5.67
N ASN M 138 35.50 -76.96 -5.00
CA ASN M 138 35.10 -76.78 -3.61
C ASN M 138 33.71 -76.19 -3.46
N ASP M 139 33.10 -75.70 -4.54
CA ASP M 139 31.77 -75.10 -4.47
C ASP M 139 30.66 -76.15 -4.59
N GLU N 1 -25.33 -51.32 7.51
CA GLU N 1 -25.87 -50.29 8.46
C GLU N 1 -27.19 -50.76 9.08
N GLU N 2 -27.95 -49.81 9.62
CA GLU N 2 -29.18 -50.14 10.34
C GLU N 2 -30.14 -50.95 9.47
N ALA N 3 -30.05 -50.82 8.14
CA ALA N 3 -30.95 -51.57 7.27
C ALA N 3 -30.88 -53.07 7.57
N GLU N 4 -29.67 -53.60 7.73
CA GLU N 4 -29.52 -55.03 7.98
C GLU N 4 -30.13 -55.43 9.31
N LEU N 5 -29.93 -54.61 10.34
CA LEU N 5 -30.47 -54.93 11.65
C LEU N 5 -31.99 -54.90 11.64
N ALA N 6 -32.57 -53.89 11.00
CA ALA N 6 -34.03 -53.82 10.91
C ALA N 6 -34.58 -55.00 10.12
N TYR N 7 -33.92 -55.38 9.03
CA TYR N 7 -34.36 -56.53 8.27
C TYR N 7 -34.31 -57.80 9.11
N LEU N 8 -33.24 -57.95 9.90
CA LEU N 8 -33.13 -59.12 10.77
C LEU N 8 -34.26 -59.15 11.79
N LEU N 9 -34.58 -58.00 12.38
CA LEU N 9 -35.69 -57.95 13.31
C LEU N 9 -36.98 -58.35 12.62
N GLY N 10 -37.19 -57.86 11.40
CA GLY N 10 -38.37 -58.24 10.66
C GLY N 10 -38.43 -59.74 10.42
N GLU N 11 -37.31 -60.33 10.02
CA GLU N 11 -37.28 -61.77 9.77
C GLU N 11 -37.60 -62.56 11.03
N LEU N 12 -37.02 -62.16 12.16
CA LEU N 12 -37.28 -62.85 13.42
C LEU N 12 -38.76 -62.74 13.79
N ALA N 13 -39.32 -61.54 13.70
CA ALA N 13 -40.72 -61.36 14.03
C ALA N 13 -41.62 -62.18 13.12
N TYR N 14 -41.32 -62.21 11.83
CA TYR N 14 -42.12 -62.98 10.90
C TYR N 14 -42.04 -64.47 11.21
N LYS N 15 -40.84 -64.98 11.44
CA LYS N 15 -40.69 -66.42 11.69
C LYS N 15 -41.32 -66.82 13.03
N LEU N 16 -41.43 -65.89 13.98
CA LEU N 16 -42.11 -66.17 15.22
C LEU N 16 -43.59 -65.77 15.19
N GLY N 17 -44.10 -65.40 14.01
CA GLY N 17 -45.53 -65.18 13.85
C GLY N 17 -46.07 -63.87 14.37
N GLU N 18 -45.22 -62.89 14.63
CA GLU N 18 -45.66 -61.57 15.09
C GLU N 18 -45.71 -60.59 13.90
N TYR N 19 -46.67 -60.84 13.01
CA TYR N 19 -46.66 -60.21 11.70
C TYR N 19 -46.73 -58.68 11.78
N ARG N 20 -47.45 -58.14 12.76
CA ARG N 20 -47.51 -56.69 12.91
C ARG N 20 -46.11 -56.10 13.03
N ILE N 21 -45.31 -56.67 13.94
CA ILE N 21 -43.94 -56.21 14.14
C ILE N 21 -43.11 -56.44 12.88
N ALA N 22 -43.35 -57.55 12.19
CA ALA N 22 -42.62 -57.83 10.95
C ALA N 22 -42.86 -56.72 9.93
N ILE N 23 -44.12 -56.32 9.75
CA ILE N 23 -44.42 -55.23 8.83
C ILE N 23 -43.71 -53.96 9.26
N ARG N 24 -43.87 -53.60 10.54
CA ARG N 24 -43.30 -52.32 10.99
C ARG N 24 -41.79 -52.31 10.90
N ALA N 25 -41.13 -53.48 10.95
CA ALA N 25 -39.68 -53.51 10.84
C ALA N 25 -39.22 -53.48 9.38
N TYR N 26 -39.79 -54.36 8.55
CA TYR N 26 -39.45 -54.33 7.12
C TYR N 26 -39.72 -52.95 6.54
N ARG N 27 -40.71 -52.24 7.07
CA ARG N 27 -40.96 -50.88 6.59
C ARG N 27 -39.74 -49.99 6.80
N ILE N 28 -39.14 -50.03 7.98
CA ILE N 28 -37.96 -49.23 8.24
C ILE N 28 -36.82 -49.68 7.33
N ALA N 29 -36.63 -50.99 7.22
CA ALA N 29 -35.52 -51.51 6.42
C ALA N 29 -35.62 -51.02 4.98
N LEU N 30 -36.81 -51.15 4.39
CA LEU N 30 -37.02 -50.68 3.02
C LEU N 30 -36.88 -49.17 2.93
N LYS N 31 -37.42 -48.45 3.91
CA LYS N 31 -37.29 -47.00 3.92
C LYS N 31 -35.84 -46.58 3.85
N ARG N 32 -34.93 -47.38 4.41
CA ARG N 32 -33.51 -47.05 4.28
C ARG N 32 -32.95 -47.43 2.91
N ASP N 33 -33.37 -48.57 2.36
CA ASP N 33 -32.72 -49.15 1.19
C ASP N 33 -33.76 -49.88 0.35
N PRO N 34 -34.32 -49.23 -0.66
CA PRO N 34 -35.47 -49.80 -1.38
C PRO N 34 -35.13 -50.89 -2.39
N ASN N 35 -33.86 -51.21 -2.63
CA ASN N 35 -33.50 -52.19 -3.64
C ASN N 35 -33.48 -53.62 -3.13
N ASN N 36 -33.81 -53.86 -1.86
CA ASN N 36 -33.78 -55.21 -1.30
C ASN N 36 -34.99 -56.03 -1.74
N ALA N 37 -34.81 -56.87 -2.77
CA ALA N 37 -35.92 -57.68 -3.26
C ALA N 37 -36.48 -58.58 -2.18
N GLU N 38 -35.61 -59.23 -1.41
CA GLU N 38 -36.06 -60.12 -0.36
C GLU N 38 -36.95 -59.39 0.64
N ALA N 39 -36.63 -58.13 0.94
CA ALA N 39 -37.42 -57.37 1.91
C ALA N 39 -38.83 -57.12 1.39
N TRP N 40 -38.95 -56.70 0.13
CA TRP N 40 -40.27 -56.50 -0.45
C TRP N 40 -41.06 -57.80 -0.45
N TYR N 41 -40.42 -58.90 -0.83
CA TYR N 41 -41.12 -60.19 -0.87
C TYR N 41 -41.59 -60.60 0.52
N ASN N 42 -40.74 -60.44 1.53
CA ASN N 42 -41.13 -60.80 2.88
C ASN N 42 -42.27 -59.91 3.38
N LEU N 43 -42.24 -58.62 3.04
CA LEU N 43 -43.34 -57.74 3.42
C LEU N 43 -44.64 -58.20 2.78
N GLY N 44 -44.59 -58.62 1.51
CA GLY N 44 -45.77 -59.18 0.88
C GLY N 44 -46.26 -60.43 1.59
N ASN N 45 -45.33 -61.29 2.01
CA ASN N 45 -45.71 -62.48 2.77
C ASN N 45 -46.41 -62.09 4.07
N ALA N 46 -45.88 -61.08 4.75
CA ALA N 46 -46.48 -60.64 6.00
C ALA N 46 -47.90 -60.14 5.77
N TYR N 47 -48.09 -59.33 4.73
CA TYR N 47 -49.44 -58.82 4.44
C TYR N 47 -50.38 -59.96 4.09
N THR N 48 -49.90 -60.95 3.33
CA THR N 48 -50.76 -62.06 2.96
C THR N 48 -51.21 -62.86 4.17
N LYS N 49 -50.28 -63.20 5.06
CA LYS N 49 -50.68 -63.89 6.29
C LYS N 49 -51.56 -62.99 7.16
N GLN N 50 -51.41 -61.68 7.04
CA GLN N 50 -52.34 -60.76 7.70
C GLN N 50 -53.70 -60.75 7.02
N GLY N 51 -53.79 -61.27 5.79
CA GLY N 51 -55.03 -61.26 5.04
C GLY N 51 -55.28 -60.00 4.23
N ASP N 52 -54.29 -59.13 4.08
CA ASP N 52 -54.42 -57.90 3.29
C ASP N 52 -53.91 -58.08 1.87
N TYR N 53 -54.55 -58.99 1.13
CA TYR N 53 -54.06 -59.34 -0.20
C TYR N 53 -54.01 -58.13 -1.13
N ASP N 54 -55.03 -57.28 -1.06
CA ASP N 54 -55.07 -56.10 -1.92
C ASP N 54 -53.86 -55.21 -1.70
N GLU N 55 -53.30 -55.24 -0.49
CA GLU N 55 -52.04 -54.56 -0.22
C GLU N 55 -50.85 -55.40 -0.71
N ALA N 56 -50.89 -56.71 -0.43
CA ALA N 56 -49.73 -57.56 -0.68
C ALA N 56 -49.36 -57.60 -2.17
N ILE N 57 -50.35 -57.50 -3.05
CA ILE N 57 -50.06 -57.63 -4.48
C ILE N 57 -49.07 -56.54 -4.92
N GLU N 58 -49.22 -55.32 -4.41
CA GLU N 58 -48.34 -54.24 -4.82
C GLU N 58 -46.88 -54.55 -4.46
N TYR N 59 -46.65 -55.01 -3.23
CA TYR N 59 -45.29 -55.29 -2.79
C TYR N 59 -44.73 -56.50 -3.52
N TYR N 60 -45.57 -57.50 -3.80
CA TYR N 60 -45.10 -58.62 -4.61
C TYR N 60 -44.68 -58.17 -6.00
N LEU N 61 -45.45 -57.27 -6.61
CA LEU N 61 -45.09 -56.72 -7.91
C LEU N 61 -43.76 -55.98 -7.84
N ARG N 62 -43.60 -55.13 -6.83
CA ARG N 62 -42.34 -54.40 -6.70
C ARG N 62 -41.17 -55.35 -6.49
N ALA N 63 -41.42 -56.47 -5.82
CA ALA N 63 -40.38 -57.48 -5.68
C ALA N 63 -40.03 -58.12 -7.02
N LEU N 64 -41.05 -58.46 -7.82
CA LEU N 64 -40.79 -59.09 -9.10
C LEU N 64 -40.05 -58.16 -10.06
N VAL N 65 -40.35 -56.86 -10.01
CA VAL N 65 -39.63 -55.92 -10.86
C VAL N 65 -38.13 -55.95 -10.54
N LEU N 66 -37.80 -55.99 -9.26
CA LEU N 66 -36.40 -55.98 -8.85
C LEU N 66 -35.70 -57.31 -9.10
N ASP N 67 -36.44 -58.41 -9.20
CA ASP N 67 -35.86 -59.72 -9.43
C ASP N 67 -36.85 -60.56 -10.22
N PRO N 68 -36.74 -60.58 -11.55
CA PRO N 68 -37.74 -61.29 -12.36
C PRO N 68 -37.61 -62.80 -12.33
N ASN N 69 -36.73 -63.34 -11.49
CA ASN N 69 -36.57 -64.78 -11.35
C ASN N 69 -37.02 -65.30 -9.99
N ASN N 70 -37.61 -64.46 -9.14
CA ASN N 70 -38.06 -64.88 -7.81
C ASN N 70 -39.35 -65.68 -7.97
N ALA N 71 -39.19 -66.99 -8.21
CA ALA N 71 -40.34 -67.84 -8.48
C ALA N 71 -41.28 -67.90 -7.28
N GLU N 72 -40.75 -67.89 -6.06
CA GLU N 72 -41.60 -67.91 -4.89
C GLU N 72 -42.49 -66.67 -4.84
N ALA N 73 -41.92 -65.50 -5.13
CA ALA N 73 -42.70 -64.28 -5.17
C ALA N 73 -43.79 -64.36 -6.24
N ALA N 74 -43.47 -64.94 -7.40
CA ALA N 74 -44.48 -65.11 -8.44
C ALA N 74 -45.61 -66.00 -7.97
N THR N 75 -45.29 -67.11 -7.30
CA THR N 75 -46.33 -68.00 -6.79
C THR N 75 -47.21 -67.27 -5.79
N ASN N 76 -46.60 -66.54 -4.86
CA ASN N 76 -47.40 -65.81 -3.88
C ASN N 76 -48.24 -64.72 -4.53
N LEU N 77 -47.71 -64.07 -5.57
CA LEU N 77 -48.50 -63.07 -6.29
C LEU N 77 -49.70 -63.71 -6.96
N GLY N 78 -49.50 -64.87 -7.57
CA GLY N 78 -50.62 -65.60 -8.15
C GLY N 78 -51.67 -65.95 -7.10
N GLN N 79 -51.21 -66.42 -5.94
CA GLN N 79 -52.13 -66.73 -4.85
C GLN N 79 -52.90 -65.48 -4.41
N ALA N 80 -52.20 -64.35 -4.31
CA ALA N 80 -52.86 -63.11 -3.90
C ALA N 80 -53.91 -62.67 -4.91
N TYR N 81 -53.58 -62.77 -6.20
CA TYR N 81 -54.56 -62.45 -7.23
C TYR N 81 -55.75 -63.39 -7.17
N MET N 82 -55.51 -64.67 -6.88
CA MET N 82 -56.61 -65.61 -6.72
C MET N 82 -57.49 -65.24 -5.53
N ASN N 83 -56.86 -64.77 -4.43
CA ASN N 83 -57.63 -64.28 -3.30
C ASN N 83 -58.41 -63.02 -3.68
N GLN N 84 -57.87 -62.23 -4.60
CA GLN N 84 -58.61 -61.12 -5.18
C GLN N 84 -59.70 -61.59 -6.14
N GLY N 85 -59.72 -62.87 -6.49
CA GLY N 85 -60.65 -63.35 -7.49
C GLY N 85 -60.27 -63.02 -8.92
N ASP N 86 -59.07 -62.50 -9.14
CA ASP N 86 -58.60 -62.18 -10.49
C ASP N 86 -57.91 -63.40 -11.09
N LYS N 87 -58.75 -64.34 -11.53
CA LYS N 87 -58.26 -65.65 -11.94
C LYS N 87 -57.23 -65.57 -13.05
N ASP N 88 -57.44 -64.67 -14.01
CA ASP N 88 -56.56 -64.65 -15.18
C ASP N 88 -55.13 -64.30 -14.79
N ARG N 89 -54.95 -63.18 -14.08
CA ARG N 89 -53.61 -62.76 -13.70
C ARG N 89 -52.99 -63.71 -12.69
N ALA N 90 -53.79 -64.24 -11.77
CA ALA N 90 -53.26 -65.20 -10.80
C ALA N 90 -52.70 -66.43 -11.51
N LYS N 91 -53.49 -66.98 -12.44
CA LYS N 91 -53.01 -68.14 -13.20
C LYS N 91 -51.79 -67.78 -14.03
N LEU N 92 -51.75 -66.57 -14.58
CA LEU N 92 -50.58 -66.15 -15.36
C LEU N 92 -49.34 -66.14 -14.48
N MET N 93 -49.44 -65.60 -13.27
CA MET N 93 -48.28 -65.54 -12.39
C MET N 93 -47.90 -66.93 -11.89
N LEU N 94 -48.88 -67.81 -11.69
CA LEU N 94 -48.54 -69.19 -11.33
C LEU N 94 -47.76 -69.87 -12.45
N LEU N 95 -48.20 -69.66 -13.70
CA LEU N 95 -47.46 -70.19 -14.83
C LEU N 95 -46.07 -69.59 -14.91
N LEU N 96 -45.95 -68.30 -14.60
CA LEU N 96 -44.64 -67.66 -14.54
C LEU N 96 -43.75 -68.35 -13.52
N ALA N 97 -44.30 -68.67 -12.35
CA ALA N 97 -43.53 -69.37 -11.33
C ALA N 97 -43.09 -70.74 -11.84
N LEU N 98 -44.01 -71.47 -12.48
CA LEU N 98 -43.65 -72.80 -12.99
C LEU N 98 -42.57 -72.71 -14.07
N LYS N 99 -42.60 -71.66 -14.88
CA LYS N 99 -41.57 -71.48 -15.90
C LYS N 99 -40.23 -71.13 -15.26
N LEU N 100 -40.23 -70.26 -14.27
CA LEU N 100 -39.00 -69.83 -13.61
C LEU N 100 -38.40 -70.97 -12.80
N ASP O 1 -8.55 41.01 -10.64
CA ASP O 1 -9.79 40.35 -10.13
C ASP O 1 -11.04 41.16 -10.48
N VAL O 2 -12.16 40.77 -9.89
CA VAL O 2 -13.43 41.45 -10.05
C VAL O 2 -13.94 42.04 -8.74
N SER O 3 -13.78 41.31 -7.64
CA SER O 3 -14.40 41.71 -6.38
C SER O 3 -13.91 43.08 -5.94
N ALA O 4 -12.59 43.30 -5.97
CA ALA O 4 -12.05 44.59 -5.58
C ALA O 4 -12.50 45.70 -6.52
N LEU O 5 -12.93 45.36 -7.73
CA LEU O 5 -13.44 46.34 -8.69
C LEU O 5 -14.94 46.54 -8.56
N ALA O 6 -15.66 45.52 -8.07
CA ALA O 6 -17.09 45.64 -7.91
C ALA O 6 -17.44 46.80 -6.99
N TYR O 7 -16.68 46.99 -5.92
CA TYR O 7 -16.95 48.12 -5.04
C TYR O 7 -16.73 49.45 -5.73
N VAL O 8 -15.72 49.53 -6.61
CA VAL O 8 -15.55 50.75 -7.39
C VAL O 8 -16.77 51.00 -8.24
N MET O 9 -17.30 49.94 -8.86
CA MET O 9 -18.50 50.10 -9.68
C MET O 9 -19.68 50.56 -8.82
N LEU O 10 -19.82 49.99 -7.62
CA LEU O 10 -20.91 50.39 -6.74
C LEU O 10 -20.80 51.86 -6.36
N GLY O 11 -19.60 52.31 -6.04
CA GLY O 11 -19.41 53.72 -5.71
C GLY O 11 -19.71 54.61 -6.89
N LEU O 12 -19.31 54.18 -8.09
CA LEU O 12 -19.61 54.97 -9.28
C LEU O 12 -21.11 55.08 -9.50
N LEU O 13 -21.83 53.97 -9.33
CA LEU O 13 -23.28 54.02 -9.46
C LEU O 13 -23.88 54.99 -8.46
N LEU O 14 -23.49 54.88 -7.20
CA LEU O 14 -24.08 55.74 -6.17
C LEU O 14 -23.78 57.21 -6.46
N SER O 15 -22.56 57.52 -6.90
CA SER O 15 -22.24 58.89 -7.27
C SER O 15 -23.09 59.34 -8.46
N LEU O 16 -23.29 58.45 -9.42
CA LEU O 16 -24.09 58.77 -10.60
C LEU O 16 -25.55 59.00 -10.22
N LEU O 17 -26.03 58.31 -9.20
CA LEU O 17 -27.39 58.46 -8.71
C LEU O 17 -27.54 59.63 -7.75
N ASN O 18 -26.45 60.33 -7.45
CA ASN O 18 -26.46 61.51 -6.58
C ASN O 18 -26.76 61.13 -5.13
N ARG O 19 -26.05 60.11 -4.64
CA ARG O 19 -26.09 59.68 -3.25
C ARG O 19 -24.67 59.57 -2.71
N LEU O 20 -23.89 60.63 -2.94
CA LEU O 20 -22.43 60.59 -2.79
C LEU O 20 -22.00 59.96 -1.47
N SER O 21 -22.66 60.32 -0.37
CA SER O 21 -22.16 59.99 0.96
C SER O 21 -22.01 58.48 1.16
N LEU O 22 -22.78 57.66 0.44
CA LEU O 22 -22.54 56.22 0.47
C LEU O 22 -21.46 55.82 -0.53
N ALA O 23 -21.31 56.58 -1.62
CA ALA O 23 -20.26 56.30 -2.59
C ALA O 23 -18.89 56.38 -1.95
N ALA O 24 -18.68 57.37 -1.07
CA ALA O 24 -17.40 57.47 -0.39
C ALA O 24 -17.08 56.18 0.36
N GLU O 25 -18.06 55.65 1.09
CA GLU O 25 -17.84 54.42 1.84
C GLU O 25 -17.56 53.25 0.91
N ALA O 26 -18.27 53.17 -0.21
CA ALA O 26 -18.01 52.10 -1.17
C ALA O 26 -16.58 52.17 -1.68
N TYR O 27 -16.11 53.38 -2.02
CA TYR O 27 -14.73 53.54 -2.46
C TYR O 27 -13.76 53.12 -1.37
N LYS O 28 -14.07 53.43 -0.11
CA LYS O 28 -13.20 53.04 0.98
C LYS O 28 -13.12 51.52 1.11
N LYS O 29 -14.25 50.84 0.94
CA LYS O 29 -14.22 49.38 0.89
C LYS O 29 -13.27 48.91 -0.19
N ALA O 30 -13.40 49.49 -1.39
CA ALA O 30 -12.54 49.09 -2.50
C ALA O 30 -11.07 49.30 -2.16
N ILE O 31 -10.74 50.46 -1.57
CA ILE O 31 -9.36 50.75 -1.21
C ILE O 31 -8.84 49.73 -0.21
N GLU O 32 -9.63 49.43 0.82
CA GLU O 32 -9.18 48.46 1.81
C GLU O 32 -9.01 47.08 1.19
N LEU O 33 -9.73 46.79 0.10
CA LEU O 33 -9.47 45.55 -0.62
C LEU O 33 -8.17 45.63 -1.42
N ASP O 34 -7.81 46.82 -1.90
CA ASP O 34 -6.60 46.99 -2.70
C ASP O 34 -6.09 48.42 -2.59
N PRO O 35 -5.09 48.69 -1.74
CA PRO O 35 -4.61 50.07 -1.58
C PRO O 35 -3.99 50.67 -2.84
N ASN O 36 -3.60 49.84 -3.81
CA ASN O 36 -2.80 50.31 -4.95
C ASN O 36 -3.63 50.80 -6.13
N ASP O 37 -4.97 50.78 -6.04
CA ASP O 37 -5.81 51.12 -7.18
C ASP O 37 -5.74 52.63 -7.44
N ALA O 38 -5.16 53.01 -8.58
CA ALA O 38 -5.01 54.42 -8.91
C ALA O 38 -6.32 55.08 -9.30
N LEU O 39 -7.36 54.30 -9.60
CA LEU O 39 -8.65 54.83 -10.00
C LEU O 39 -9.58 55.05 -8.82
N ALA O 40 -9.57 54.12 -7.87
CA ALA O 40 -10.36 54.28 -6.66
C ALA O 40 -10.01 55.57 -5.94
N TRP O 41 -8.72 55.81 -5.74
CA TRP O 41 -8.30 56.99 -5.00
C TRP O 41 -8.74 58.26 -5.72
N LEU O 42 -8.60 58.30 -7.04
CA LEU O 42 -8.95 59.50 -7.78
C LEU O 42 -10.46 59.78 -7.68
N LEU O 43 -11.28 58.74 -7.89
CA LEU O 43 -12.72 58.96 -7.81
C LEU O 43 -13.14 59.34 -6.40
N LEU O 44 -12.52 58.73 -5.38
CA LEU O 44 -12.81 59.09 -4.01
C LEU O 44 -12.44 60.54 -3.75
N GLY O 45 -11.32 61.00 -4.31
CA GLY O 45 -10.95 62.39 -4.17
C GLY O 45 -12.01 63.31 -4.75
N SER O 46 -12.49 62.99 -5.95
CA SER O 46 -13.52 63.84 -6.53
C SER O 46 -14.80 63.83 -5.70
N VAL O 47 -15.18 62.66 -5.19
CA VAL O 47 -16.42 62.55 -4.43
C VAL O 47 -16.32 63.38 -3.14
N LEU O 48 -15.21 63.22 -2.42
CA LEU O 48 -15.01 64.02 -1.22
C LEU O 48 -14.94 65.50 -1.54
N GLU O 49 -14.38 65.86 -2.70
CA GLU O 49 -14.39 67.26 -3.12
C GLU O 49 -15.83 67.78 -3.23
N LYS O 50 -16.71 66.98 -3.85
CA LYS O 50 -18.08 67.44 -4.02
C LYS O 50 -18.81 67.56 -2.70
N LEU O 51 -18.46 66.75 -1.70
CA LEU O 51 -19.04 66.88 -0.38
C LEU O 51 -18.47 68.04 0.41
N LYS O 52 -17.52 68.79 -0.17
CA LYS O 52 -16.92 69.96 0.47
C LYS O 52 -16.04 69.58 1.66
N ARG O 53 -15.68 68.31 1.79
CA ARG O 53 -14.72 67.86 2.79
C ARG O 53 -13.30 67.99 2.26
N LEU O 54 -12.91 69.20 1.86
CA LEU O 54 -11.67 69.41 1.10
C LEU O 54 -10.45 68.83 1.81
N ASP O 55 -10.39 68.95 3.13
CA ASP O 55 -9.18 68.58 3.86
C ASP O 55 -8.77 67.15 3.56
N GLU O 56 -9.73 66.27 3.31
CA GLU O 56 -9.44 64.88 2.95
C GLU O 56 -9.31 64.69 1.44
N ALA O 57 -10.02 65.48 0.66
CA ALA O 57 -9.94 65.35 -0.80
C ALA O 57 -8.53 65.64 -1.29
N ALA O 58 -7.88 66.66 -0.73
CA ALA O 58 -6.51 66.96 -1.15
C ALA O 58 -5.59 65.77 -0.93
N GLU O 59 -5.70 65.13 0.25
CA GLU O 59 -4.85 63.98 0.54
C GLU O 59 -5.18 62.81 -0.38
N ALA O 60 -6.46 62.58 -0.66
CA ALA O 60 -6.82 61.50 -1.58
C ALA O 60 -6.19 61.73 -2.95
N TYR O 61 -6.28 62.96 -3.46
CA TYR O 61 -5.66 63.27 -4.75
C TYR O 61 -4.15 63.04 -4.69
N LYS O 62 -3.50 63.48 -3.61
CA LYS O 62 -2.06 63.30 -3.51
C LYS O 62 -1.66 61.83 -3.49
N LYS O 63 -2.41 61.00 -2.76
CA LYS O 63 -2.12 59.57 -2.76
C LYS O 63 -2.29 58.99 -4.15
N ALA O 64 -3.34 59.39 -4.86
CA ALA O 64 -3.54 58.90 -6.21
C ALA O 64 -2.37 59.29 -7.10
N ILE O 65 -1.92 60.54 -6.98
CA ILE O 65 -0.82 61.01 -7.81
C ILE O 65 0.46 60.24 -7.50
N GLU O 66 0.68 59.91 -6.23
CA GLU O 66 1.82 59.06 -5.89
C GLU O 66 1.69 57.70 -6.55
N LEU O 67 0.47 57.15 -6.62
CA LEU O 67 0.29 55.81 -7.15
C LEU O 67 0.38 55.74 -8.67
N LYS O 68 0.19 56.86 -9.38
CA LYS O 68 0.22 56.83 -10.84
C LYS O 68 0.60 58.19 -11.39
N PRO O 69 1.89 58.53 -11.42
CA PRO O 69 2.29 59.90 -11.77
C PRO O 69 2.12 60.26 -13.23
N ASN O 70 2.34 61.54 -13.53
CA ASN O 70 2.48 62.04 -14.90
C ASN O 70 1.16 62.13 -15.65
N ASP O 71 0.07 62.40 -14.93
CA ASP O 71 -1.25 62.64 -15.53
C ASP O 71 -1.70 64.04 -15.17
N ALA O 72 -2.00 64.87 -16.18
CA ALA O 72 -2.31 66.27 -15.94
C ALA O 72 -3.62 66.43 -15.18
N SER O 73 -4.59 65.54 -15.41
CA SER O 73 -5.91 65.71 -14.81
C SER O 73 -5.84 65.69 -13.29
N ALA O 74 -5.15 64.70 -12.73
CA ALA O 74 -5.05 64.59 -11.28
C ALA O 74 -4.38 65.82 -10.68
N TRP O 75 -3.31 66.29 -11.32
CA TRP O 75 -2.64 67.50 -10.83
C TRP O 75 -3.56 68.70 -10.89
N LYS O 76 -4.33 68.84 -11.97
CA LYS O 76 -5.28 69.94 -12.07
C LYS O 76 -6.29 69.91 -10.93
N GLU O 77 -6.87 68.74 -10.68
CA GLU O 77 -7.90 68.65 -9.64
C GLU O 77 -7.31 68.89 -8.26
N LEU O 78 -6.10 68.37 -8.00
CA LEU O 78 -5.45 68.66 -6.73
C LEU O 78 -5.17 70.15 -6.60
N GLY O 79 -4.79 70.79 -7.70
CA GLY O 79 -4.60 72.23 -7.67
C GLY O 79 -5.88 72.97 -7.33
N LYS O 80 -7.01 72.53 -7.91
CA LYS O 80 -8.29 73.17 -7.59
C LYS O 80 -8.62 73.02 -6.11
N VAL O 81 -8.42 71.81 -5.56
CA VAL O 81 -8.73 71.60 -4.14
C VAL O 81 -7.81 72.44 -3.27
N LEU O 82 -6.52 72.49 -3.60
CA LEU O 82 -5.59 73.32 -2.84
C LEU O 82 -5.98 74.79 -2.93
N GLU O 83 -6.36 75.25 -4.12
CA GLU O 83 -6.79 76.63 -4.29
C GLU O 83 -7.98 76.94 -3.39
N LYS O 84 -8.94 76.03 -3.34
CA LYS O 84 -10.11 76.25 -2.49
C LYS O 84 -9.74 76.19 -1.00
N LEU O 85 -8.73 75.39 -0.65
CA LEU O 85 -8.23 75.40 0.73
C LEU O 85 -7.43 76.64 1.06
N GLY O 86 -7.07 77.45 0.06
CA GLY O 86 -6.34 78.68 0.29
C GLY O 86 -4.84 78.55 0.39
N ARG O 87 -4.29 77.36 0.14
CA ARG O 87 -2.83 77.16 0.14
C ARG O 87 -2.27 77.44 -1.25
N LEU O 88 -2.36 78.72 -1.64
CA LEU O 88 -2.17 79.10 -3.03
C LEU O 88 -0.80 78.73 -3.58
N ASP O 89 0.22 78.64 -2.72
CA ASP O 89 1.55 78.26 -3.20
C ASP O 89 1.54 76.82 -3.73
N GLU O 90 0.99 75.90 -2.96
CA GLU O 90 0.89 74.52 -3.41
C GLU O 90 0.02 74.43 -4.66
N ALA O 91 -1.03 75.24 -4.74
CA ALA O 91 -1.88 75.25 -5.93
C ALA O 91 -1.10 75.71 -7.15
N ALA O 92 -0.29 76.75 -7.01
CA ALA O 92 0.54 77.22 -8.12
C ALA O 92 1.52 76.13 -8.53
N GLU O 93 2.12 75.44 -7.56
CA GLU O 93 3.03 74.34 -7.88
C GLU O 93 2.30 73.26 -8.67
N ALA O 94 1.09 72.90 -8.23
CA ALA O 94 0.33 71.86 -8.92
C ALA O 94 0.00 72.27 -10.36
N TYR O 95 -0.47 73.51 -10.55
CA TYR O 95 -0.81 73.95 -11.90
C TYR O 95 0.44 74.01 -12.77
N LEU O 96 1.58 74.41 -12.21
CA LEU O 96 2.82 74.41 -12.95
C LEU O 96 3.22 72.99 -13.36
N ILE O 97 3.07 72.03 -12.46
CA ILE O 97 3.33 70.64 -12.82
C ILE O 97 2.41 70.20 -13.95
N ALA O 98 1.14 70.63 -13.89
CA ALA O 98 0.20 70.29 -14.95
C ALA O 98 0.66 70.86 -16.29
N ILE O 99 1.11 72.11 -16.30
CA ILE O 99 1.58 72.72 -17.54
C ILE O 99 2.81 71.96 -18.06
N MET O 100 3.76 71.68 -17.17
CA MET O 100 5.01 71.06 -17.60
C MET O 100 4.83 69.60 -18.02
N LEU O 101 3.77 68.95 -17.55
CA LEU O 101 3.45 67.62 -18.07
C LEU O 101 2.82 67.68 -19.45
N ASP O 102 2.06 68.74 -19.74
CA ASP O 102 1.40 68.89 -21.03
C ASP O 102 1.32 70.38 -21.34
N PRO O 103 2.34 70.94 -22.00
CA PRO O 103 2.42 72.40 -22.13
C PRO O 103 1.43 73.00 -23.13
N GLU O 104 0.50 72.20 -23.65
CA GLU O 104 -0.48 72.68 -24.61
C GLU O 104 -1.87 72.90 -24.00
N ASP O 105 -2.07 72.59 -22.73
CA ASP O 105 -3.37 72.77 -22.08
C ASP O 105 -3.56 74.23 -21.71
N ALA O 106 -4.45 74.91 -22.44
CA ALA O 106 -4.77 76.30 -22.11
C ALA O 106 -5.42 76.41 -20.73
N GLU O 107 -6.23 75.41 -20.35
CA GLU O 107 -6.93 75.46 -19.07
C GLU O 107 -5.94 75.59 -17.90
N ALA O 108 -4.87 74.80 -17.94
CA ALA O 108 -3.90 74.84 -16.85
C ALA O 108 -3.26 76.21 -16.74
N ALA O 109 -2.89 76.80 -17.88
CA ALA O 109 -2.30 78.13 -17.86
C ALA O 109 -3.29 79.17 -17.34
N LYS O 110 -4.56 79.06 -17.74
CA LYS O 110 -5.56 80.01 -17.27
C LYS O 110 -5.71 79.94 -15.75
N GLU O 111 -5.83 78.74 -15.20
CA GLU O 111 -6.01 78.63 -13.76
C GLU O 111 -4.72 78.96 -13.01
N LEU O 112 -3.57 78.70 -13.62
CA LEU O 112 -2.31 79.17 -13.02
C LEU O 112 -2.29 80.69 -12.97
N GLY O 113 -2.78 81.35 -14.03
CA GLY O 113 -2.91 82.79 -13.98
C GLY O 113 -3.82 83.25 -12.86
N LYS O 114 -4.96 82.58 -12.70
CA LYS O 114 -5.86 82.91 -11.59
C LYS O 114 -5.13 82.81 -10.26
N VAL O 115 -4.47 81.68 -10.01
CA VAL O 115 -3.84 81.44 -8.72
C VAL O 115 -2.70 82.42 -8.48
N LEU O 116 -1.89 82.70 -9.52
CA LEU O 116 -0.78 83.62 -9.35
C LEU O 116 -1.27 85.06 -9.17
N GLU O 117 -2.37 85.43 -9.82
CA GLU O 117 -2.95 86.75 -9.59
C GLU O 117 -3.40 86.89 -8.15
N LYS O 118 -4.12 85.89 -7.63
CA LYS O 118 -4.53 85.94 -6.24
C LYS O 118 -3.33 85.85 -5.30
N LEU O 119 -2.23 85.24 -5.74
CA LEU O 119 -1.03 85.10 -4.94
C LEU O 119 -0.12 86.31 -5.03
N GLY O 120 -0.42 87.27 -5.90
CA GLY O 120 0.35 88.49 -6.01
C GLY O 120 1.48 88.49 -7.02
N GLU O 121 1.67 87.41 -7.77
CA GLU O 121 2.65 87.37 -8.85
C GLU O 121 2.07 87.93 -10.14
N LEU O 122 1.71 89.22 -10.10
CA LEU O 122 0.90 89.81 -11.18
C LEU O 122 1.55 89.61 -12.54
N GLU O 123 2.87 89.79 -12.65
CA GLU O 123 3.52 89.64 -13.94
C GLU O 123 3.37 88.22 -14.47
N MET O 124 3.66 87.23 -13.62
CA MET O 124 3.49 85.84 -14.04
C MET O 124 2.04 85.51 -14.31
N ALA O 125 1.12 86.11 -13.56
CA ALA O 125 -0.30 85.88 -13.81
C ALA O 125 -0.71 86.35 -15.20
N GLU O 126 -0.32 87.58 -15.56
CA GLU O 126 -0.63 88.11 -16.89
C GLU O 126 0.04 87.27 -17.97
N GLU O 127 1.30 86.88 -17.75
CA GLU O 127 1.98 86.05 -18.75
C GLU O 127 1.25 84.73 -18.94
N ALA O 128 0.83 84.09 -17.84
CA ALA O 128 0.10 82.83 -17.93
C ALA O 128 -1.24 83.01 -18.64
N TYR O 129 -1.94 84.11 -18.35
CA TYR O 129 -3.21 84.35 -19.03
C TYR O 129 -3.02 84.50 -20.53
N LYS O 130 -2.01 85.27 -20.94
CA LYS O 130 -1.72 85.43 -22.36
C LYS O 130 -1.32 84.11 -22.99
N LEU O 131 -0.51 83.31 -22.29
CA LEU O 131 -0.11 82.02 -22.82
C LEU O 131 -1.31 81.08 -22.98
N ALA O 132 -2.22 81.08 -22.01
CA ALA O 132 -3.43 80.28 -22.12
C ALA O 132 -4.26 80.73 -23.32
N ILE O 133 -4.38 82.04 -23.52
CA ILE O 133 -5.13 82.54 -24.67
C ILE O 133 -4.47 82.06 -25.96
N LYS O 134 -3.14 82.10 -26.02
CA LYS O 134 -2.44 81.66 -27.23
C LYS O 134 -2.63 80.17 -27.46
N LEU O 135 -2.55 79.36 -26.40
CA LEU O 135 -2.72 77.91 -26.56
C LEU O 135 -4.12 77.58 -27.05
N ASP O 136 -5.13 78.21 -26.49
CA ASP O 136 -6.50 78.06 -26.96
C ASP O 136 -7.30 79.31 -26.62
N PRO O 137 -7.70 80.10 -27.62
CA PRO O 137 -8.47 81.32 -27.33
C PRO O 137 -9.91 81.06 -26.95
N ASN O 138 -10.40 79.83 -27.08
CA ASN O 138 -11.79 79.51 -26.79
C ASN O 138 -12.09 79.46 -25.30
N ASP O 139 -11.08 79.39 -24.44
CA ASP O 139 -11.30 79.34 -23.00
C ASP O 139 -11.45 80.74 -22.41
N GLU P 1 -9.56 46.59 33.31
CA GLU P 1 -8.25 46.17 33.88
C GLU P 1 -8.31 46.15 35.40
N GLU P 2 -8.10 44.97 36.00
CA GLU P 2 -8.17 44.85 37.45
C GLU P 2 -7.22 45.83 38.13
N ALA P 3 -6.01 45.98 37.60
CA ALA P 3 -5.02 46.84 38.23
C ALA P 3 -5.45 48.30 38.28
N GLU P 4 -6.37 48.71 37.41
CA GLU P 4 -6.86 50.09 37.40
C GLU P 4 -8.07 50.26 38.30
N LEU P 5 -9.04 49.34 38.20
CA LEU P 5 -10.23 49.43 39.04
C LEU P 5 -9.88 49.27 40.51
N ALA P 6 -9.02 48.31 40.83
CA ALA P 6 -8.61 48.13 42.21
C ALA P 6 -7.86 49.35 42.72
N TYR P 7 -6.99 49.93 41.90
CA TYR P 7 -6.29 51.15 42.31
C TYR P 7 -7.27 52.28 42.57
N LEU P 8 -8.29 52.43 41.72
CA LEU P 8 -9.28 53.47 41.93
C LEU P 8 -10.02 53.25 43.23
N LEU P 9 -10.40 52.00 43.51
CA LEU P 9 -11.03 51.70 44.79
C LEU P 9 -10.12 52.08 45.95
N GLY P 10 -8.83 51.76 45.83
CA GLY P 10 -7.89 52.12 46.87
C GLY P 10 -7.80 53.62 47.08
N GLU P 11 -7.71 54.37 45.97
CA GLU P 11 -7.62 55.83 46.08
C GLU P 11 -8.86 56.41 46.73
N LEU P 12 -10.03 55.92 46.33
CA LEU P 12 -11.28 56.40 46.93
C LEU P 12 -11.31 56.09 48.42
N ALA P 13 -10.93 54.87 48.80
CA ALA P 13 -10.94 54.50 50.21
C ALA P 13 -9.97 55.37 51.00
N TYR P 14 -8.78 55.60 50.47
CA TYR P 14 -7.78 56.40 51.18
C TYR P 14 -8.26 57.84 51.36
N LYS P 15 -8.73 58.46 50.28
CA LYS P 15 -9.15 59.86 50.37
C LYS P 15 -10.32 60.02 51.33
N LEU P 16 -11.10 58.97 51.55
CA LEU P 16 -12.19 59.00 52.52
C LEU P 16 -11.78 58.40 53.87
N GLY P 17 -10.50 58.12 54.07
CA GLY P 17 -10.00 57.75 55.38
C GLY P 17 -10.27 56.33 55.83
N GLU P 18 -10.53 55.40 54.89
CA GLU P 18 -10.71 53.99 55.23
C GLU P 18 -9.43 53.22 54.91
N TYR P 19 -8.45 53.41 55.79
CA TYR P 19 -7.09 52.94 55.50
C TYR P 19 -7.01 51.42 55.38
N ARG P 20 -7.74 50.69 56.22
CA ARG P 20 -7.77 49.24 56.12
C ARG P 20 -8.07 48.80 54.70
N ILE P 21 -9.25 49.15 54.21
CA ILE P 21 -9.67 48.73 52.88
C ILE P 21 -8.81 49.38 51.81
N ALA P 22 -8.26 50.57 52.08
CA ALA P 22 -7.33 51.16 51.12
C ALA P 22 -6.13 50.25 50.87
N ILE P 23 -5.50 49.80 51.96
CA ILE P 23 -4.35 48.90 51.83
C ILE P 23 -4.77 47.60 51.15
N ARG P 24 -5.86 46.99 51.64
CA ARG P 24 -6.27 45.70 51.11
C ARG P 24 -6.68 45.81 49.65
N ALA P 25 -7.11 46.99 49.20
CA ALA P 25 -7.45 47.18 47.80
C ALA P 25 -6.21 47.37 46.96
N TYR P 26 -5.32 48.29 47.37
CA TYR P 26 -4.11 48.52 46.59
C TYR P 26 -3.32 47.24 46.38
N ARG P 27 -3.33 46.35 47.37
CA ARG P 27 -2.58 45.11 47.21
C ARG P 27 -3.09 44.29 46.05
N ILE P 28 -4.40 44.31 45.80
CA ILE P 28 -4.95 43.57 44.67
C ILE P 28 -4.40 44.11 43.37
N ALA P 29 -4.30 45.43 43.24
CA ALA P 29 -3.71 46.02 42.05
C ALA P 29 -2.25 45.62 41.91
N LEU P 30 -1.47 45.75 43.00
CA LEU P 30 -0.05 45.48 42.92
C LEU P 30 0.22 44.03 42.54
N LYS P 31 -0.61 43.10 43.03
CA LYS P 31 -0.41 41.70 42.70
C LYS P 31 -0.57 41.42 41.21
N ARG P 32 -1.05 42.39 40.43
CA ARG P 32 -1.10 42.27 38.98
C ARG P 32 -0.31 43.33 38.23
N ASP P 33 0.28 44.30 38.93
CA ASP P 33 1.01 45.39 38.29
C ASP P 33 2.12 45.86 39.22
N PRO P 34 3.19 45.07 39.35
CA PRO P 34 4.21 45.38 40.38
C PRO P 34 5.05 46.61 40.09
N ASN P 35 5.05 47.12 38.85
CA ASN P 35 5.85 48.30 38.52
C ASN P 35 5.18 49.61 38.86
N ASN P 36 3.98 49.59 39.44
CA ASN P 36 3.17 50.79 39.64
C ASN P 36 3.73 51.61 40.79
N ALA P 37 4.45 52.68 40.46
CA ALA P 37 5.07 53.51 41.48
C ALA P 37 4.04 54.14 42.40
N GLU P 38 2.94 54.64 41.83
CA GLU P 38 1.95 55.34 42.64
C GLU P 38 1.32 54.40 43.66
N ALA P 39 1.08 53.13 43.28
CA ALA P 39 0.48 52.18 44.20
C ALA P 39 1.41 51.90 45.38
N TRP P 40 2.71 51.73 45.12
CA TRP P 40 3.66 51.53 46.21
C TRP P 40 3.69 52.75 47.12
N TYR P 41 3.73 53.94 46.54
CA TYR P 41 3.73 55.15 47.37
C TYR P 41 2.47 55.22 48.22
N ASN P 42 1.32 54.86 47.65
CA ASN P 42 0.08 54.92 48.41
C ASN P 42 0.06 53.89 49.52
N LEU P 43 0.63 52.70 49.28
CA LEU P 43 0.78 51.74 50.38
C LEU P 43 1.59 52.34 51.51
N GLY P 44 2.72 52.94 51.17
CA GLY P 44 3.53 53.60 52.20
C GLY P 44 2.76 54.66 52.94
N ASN P 45 2.02 55.50 52.19
CA ASN P 45 1.27 56.59 52.81
C ASN P 45 0.18 56.07 53.73
N ALA P 46 -0.53 55.02 53.29
CA ALA P 46 -1.58 54.45 54.11
C ALA P 46 -1.02 53.87 55.40
N TYR P 47 0.05 53.08 55.30
CA TYR P 47 0.65 52.55 56.52
C TYR P 47 1.14 53.66 57.43
N THR P 48 1.70 54.72 56.86
CA THR P 48 2.18 55.83 57.67
C THR P 48 1.03 56.51 58.40
N LYS P 49 -0.04 56.83 57.68
CA LYS P 49 -1.17 57.52 58.30
C LYS P 49 -1.85 56.63 59.33
N GLN P 50 -1.77 55.31 59.16
CA GLN P 50 -2.30 54.40 60.16
C GLN P 50 -1.38 54.26 61.37
N GLY P 51 -0.14 54.74 61.27
CA GLY P 51 0.80 54.64 62.37
C GLY P 51 1.67 53.40 62.37
N ASP P 52 1.60 52.57 61.34
CA ASP P 52 2.48 51.41 61.19
C ASP P 52 3.78 51.79 60.49
N TYR P 53 4.51 52.74 61.08
CA TYR P 53 5.64 53.36 60.40
C TYR P 53 6.67 52.34 59.93
N ASP P 54 6.89 51.27 60.69
CA ASP P 54 7.90 50.29 60.29
C ASP P 54 7.54 49.65 58.95
N GLU P 55 6.24 49.37 58.74
CA GLU P 55 5.82 48.70 57.52
C GLU P 55 5.99 49.62 56.30
N ALA P 56 5.72 50.91 56.46
CA ALA P 56 5.75 51.83 55.33
C ALA P 56 7.15 51.94 54.72
N ILE P 57 8.19 51.59 55.47
CA ILE P 57 9.55 51.81 55.01
C ILE P 57 9.81 51.04 53.72
N GLU P 58 9.50 49.74 53.71
CA GLU P 58 9.78 48.93 52.54
C GLU P 58 9.03 49.43 51.31
N TYR P 59 7.76 49.79 51.49
CA TYR P 59 6.98 50.21 50.33
C TYR P 59 7.44 51.57 49.81
N TYR P 60 7.83 52.47 50.71
CA TYR P 60 8.41 53.74 50.25
C TYR P 60 9.72 53.50 49.50
N LEU P 61 10.55 52.58 49.99
CA LEU P 61 11.79 52.25 49.29
C LEU P 61 11.50 51.70 47.90
N ARG P 62 10.55 50.77 47.81
CA ARG P 62 10.19 50.20 46.52
C ARG P 62 9.66 51.27 45.59
N ALA P 63 8.93 52.24 46.13
CA ALA P 63 8.47 53.36 45.31
C ALA P 63 9.65 54.17 44.78
N LEU P 64 10.62 54.47 45.64
CA LEU P 64 11.76 55.28 45.22
C LEU P 64 12.60 54.55 44.17
N VAL P 65 12.76 53.24 44.31
CA VAL P 65 13.50 52.48 43.31
C VAL P 65 12.85 52.63 41.94
N LEU P 66 11.53 52.54 41.88
CA LEU P 66 10.81 52.61 40.61
C LEU P 66 10.63 54.03 40.12
N ASP P 67 10.83 55.04 40.97
CA ASP P 67 10.65 56.44 40.59
C ASP P 67 11.62 57.28 41.40
N PRO P 68 12.89 57.35 40.97
CA PRO P 68 13.91 57.99 41.83
C PRO P 68 13.75 59.48 41.99
N ASN P 69 12.89 60.13 41.20
CA ASN P 69 12.66 61.57 41.33
C ASN P 69 11.46 61.90 42.22
N ASN P 70 10.85 60.92 42.85
CA ASN P 70 9.61 61.13 43.62
C ASN P 70 9.95 61.86 44.92
N ALA P 71 9.87 63.19 44.87
CA ALA P 71 10.20 63.98 46.06
C ALA P 71 9.25 63.69 47.22
N GLU P 72 7.96 63.49 46.92
CA GLU P 72 7.00 63.20 47.99
C GLU P 72 7.34 61.89 48.68
N ALA P 73 7.71 60.86 47.92
CA ALA P 73 8.10 59.59 48.53
C ALA P 73 9.31 59.77 49.43
N ALA P 74 10.29 60.55 48.99
CA ALA P 74 11.48 60.79 49.81
C ALA P 74 11.11 61.50 51.10
N THR P 75 10.25 62.53 51.01
CA THR P 75 9.84 63.25 52.20
C THR P 75 9.14 62.33 53.20
N ASN P 76 8.19 61.53 52.71
CA ASN P 76 7.46 60.66 53.61
C ASN P 76 8.35 59.55 54.15
N LEU P 77 9.31 59.07 53.37
CA LEU P 77 10.25 58.07 53.88
C LEU P 77 11.12 58.66 54.97
N GLY P 78 11.59 59.90 54.80
CA GLY P 78 12.33 60.55 55.85
C GLY P 78 11.51 60.69 57.12
N GLN P 79 10.26 61.11 56.97
CA GLN P 79 9.37 61.22 58.13
C GLN P 79 9.19 59.88 58.81
N ALA P 80 8.98 58.82 58.02
CA ALA P 80 8.79 57.49 58.60
C ALA P 80 10.03 57.01 59.32
N TYR P 81 11.21 57.25 58.74
CA TYR P 81 12.45 56.93 59.43
C TYR P 81 12.53 57.67 60.76
N MET P 82 12.23 58.97 60.75
CA MET P 82 12.26 59.75 61.98
C MET P 82 11.29 59.19 63.01
N ASN P 83 10.15 58.68 62.55
CA ASN P 83 9.20 58.03 63.44
C ASN P 83 9.71 56.69 63.96
N GLN P 84 10.86 56.22 63.48
CA GLN P 84 11.48 54.97 63.93
C GLN P 84 12.93 55.19 64.33
N GLY P 85 13.33 56.42 64.60
CA GLY P 85 14.72 56.72 64.93
C GLY P 85 15.53 56.98 63.68
N ASP P 86 16.76 56.47 63.66
CA ASP P 86 17.65 56.63 62.52
C ASP P 86 17.61 58.05 61.98
N LYS P 87 17.82 59.01 62.89
CA LYS P 87 17.73 60.42 62.50
C LYS P 87 18.66 60.75 61.34
N ASP P 88 19.79 60.04 61.22
CA ASP P 88 20.69 60.29 60.10
C ASP P 88 20.04 59.91 58.77
N ARG P 89 19.40 58.74 58.71
CA ARG P 89 18.71 58.33 57.50
C ARG P 89 17.58 59.28 57.16
N ALA P 90 16.83 59.70 58.19
CA ALA P 90 15.74 60.65 57.95
C ALA P 90 16.27 61.95 57.37
N LYS P 91 17.35 62.47 57.94
CA LYS P 91 17.97 63.68 57.39
C LYS P 91 18.40 63.46 55.95
N LEU P 92 19.03 62.31 55.68
CA LEU P 92 19.48 62.02 54.32
C LEU P 92 18.31 62.05 53.34
N MET P 93 17.20 61.40 53.69
CA MET P 93 16.08 61.33 52.75
C MET P 93 15.36 62.68 52.63
N LEU P 94 15.30 63.44 53.71
CA LEU P 94 14.72 64.79 53.62
C LEU P 94 15.56 65.68 52.72
N LEU P 95 16.89 65.59 52.85
CA LEU P 95 17.76 66.34 51.96
C LEU P 95 17.60 65.88 50.52
N LEU P 96 17.41 64.58 50.30
CA LEU P 96 17.11 64.07 48.96
C LEU P 96 15.84 64.71 48.42
N ALA P 97 14.79 64.77 49.24
CA ALA P 97 13.55 65.39 48.80
C ALA P 97 13.75 66.85 48.44
N LEU P 98 14.49 67.59 49.27
CA LEU P 98 14.71 69.00 48.98
C LEU P 98 15.57 69.19 47.73
N LYS P 99 16.51 68.28 47.49
CA LYS P 99 17.29 68.34 46.26
C LYS P 99 16.41 68.09 45.04
N LEU P 100 15.49 67.14 45.14
CA LEU P 100 14.58 66.83 44.04
C LEU P 100 13.55 67.95 43.87
N ASP Q 1 -27.15 -6.01 27.31
CA ASP Q 1 -27.20 -5.85 28.79
C ASP Q 1 -28.35 -6.67 29.41
N VAL Q 2 -28.50 -6.54 30.73
CA VAL Q 2 -29.42 -7.36 31.52
C VAL Q 2 -30.87 -6.93 31.35
N SER Q 3 -31.13 -6.01 30.42
CA SER Q 3 -32.47 -5.45 30.28
C SER Q 3 -33.52 -6.55 30.16
N ALA Q 4 -33.20 -7.64 29.47
CA ALA Q 4 -34.18 -8.72 29.29
C ALA Q 4 -34.70 -9.23 30.63
N LEU Q 5 -33.87 -9.20 31.67
CA LEU Q 5 -34.28 -9.65 32.98
C LEU Q 5 -34.76 -8.50 33.88
N ALA Q 6 -34.23 -7.29 33.68
CA ALA Q 6 -34.56 -6.19 34.58
C ALA Q 6 -36.06 -5.97 34.71
N TYR Q 7 -36.79 -6.11 33.61
CA TYR Q 7 -38.23 -5.87 33.66
C TYR Q 7 -38.92 -6.83 34.63
N VAL Q 8 -38.38 -8.03 34.79
CA VAL Q 8 -38.96 -8.97 35.76
C VAL Q 8 -38.83 -8.39 37.17
N MET Q 9 -37.67 -7.81 37.48
CA MET Q 9 -37.51 -7.16 38.79
C MET Q 9 -38.49 -6.00 38.92
N LEU Q 10 -38.67 -5.23 37.85
CA LEU Q 10 -39.58 -4.10 37.94
C LEU Q 10 -41.01 -4.57 38.24
N GLY Q 11 -41.44 -5.63 37.56
CA GLY Q 11 -42.77 -6.15 37.80
C GLY Q 11 -42.91 -6.85 39.13
N LEU Q 12 -41.81 -7.36 39.68
CA LEU Q 12 -41.85 -7.92 41.02
C LEU Q 12 -41.97 -6.83 42.06
N LEU Q 13 -41.23 -5.73 41.89
CA LEU Q 13 -41.36 -4.61 42.80
C LEU Q 13 -42.76 -4.04 42.78
N LEU Q 14 -43.31 -3.83 41.58
CA LEU Q 14 -44.64 -3.25 41.48
C LEU Q 14 -45.73 -4.19 41.96
N SER Q 15 -45.41 -5.47 42.19
CA SER Q 15 -46.34 -6.39 42.84
C SER Q 15 -46.12 -6.52 44.34
N LEU Q 16 -44.87 -6.32 44.78
CA LEU Q 16 -44.55 -6.33 46.20
C LEU Q 16 -45.09 -5.07 46.88
N LEU Q 17 -44.76 -3.91 46.32
CA LEU Q 17 -45.60 -2.73 46.48
C LEU Q 17 -46.89 -2.94 45.70
N ASN Q 18 -48.00 -2.50 46.27
CA ASN Q 18 -49.32 -2.95 45.81
C ASN Q 18 -49.78 -2.10 44.61
N ARG Q 19 -49.20 -2.41 43.44
CA ARG Q 19 -49.61 -1.79 42.18
C ARG Q 19 -49.63 -2.83 41.05
N LEU Q 20 -50.31 -3.97 41.32
CA LEU Q 20 -50.38 -5.06 40.34
C LEU Q 20 -50.65 -4.58 38.93
N SER Q 21 -51.53 -3.58 38.77
CA SER Q 21 -51.98 -3.18 37.44
C SER Q 21 -50.83 -2.78 36.55
N LEU Q 22 -49.79 -2.16 37.11
CA LEU Q 22 -48.57 -1.87 36.37
C LEU Q 22 -47.65 -3.07 36.28
N ALA Q 23 -47.70 -3.95 37.28
CA ALA Q 23 -46.84 -5.13 37.28
C ALA Q 23 -47.11 -6.02 36.07
N ALA Q 24 -48.39 -6.18 35.73
CA ALA Q 24 -48.72 -7.02 34.58
C ALA Q 24 -48.03 -6.51 33.32
N GLU Q 25 -48.12 -5.20 33.06
CA GLU Q 25 -47.47 -4.62 31.89
C GLU Q 25 -45.95 -4.76 31.98
N ALA Q 26 -45.40 -4.57 33.18
CA ALA Q 26 -43.95 -4.72 33.34
C ALA Q 26 -43.51 -6.12 32.96
N TYR Q 27 -44.27 -7.14 33.37
CA TYR Q 27 -43.96 -8.50 32.96
C TYR Q 27 -44.11 -8.67 31.45
N LYS Q 28 -45.15 -8.08 30.87
CA LYS Q 28 -45.42 -8.29 29.45
C LYS Q 28 -44.26 -7.79 28.60
N LYS Q 29 -43.68 -6.65 28.97
CA LYS Q 29 -42.53 -6.17 28.21
C LYS Q 29 -41.37 -7.17 28.27
N ALA Q 30 -41.12 -7.74 29.46
CA ALA Q 30 -40.08 -8.75 29.58
C ALA Q 30 -40.37 -9.94 28.68
N ILE Q 31 -41.63 -10.39 28.68
CA ILE Q 31 -42.00 -11.52 27.82
C ILE Q 31 -41.69 -11.19 26.36
N GLU Q 32 -42.06 -9.97 25.93
CA GLU Q 32 -41.80 -9.59 24.55
C GLU Q 32 -40.30 -9.49 24.26
N LEU Q 33 -39.48 -9.29 25.29
CA LEU Q 33 -38.03 -9.33 25.09
C LEU Q 33 -37.48 -10.74 25.09
N ASP Q 34 -38.15 -11.69 25.75
CA ASP Q 34 -37.65 -13.05 25.86
C ASP Q 34 -38.80 -14.01 26.15
N PRO Q 35 -39.51 -14.49 25.11
CA PRO Q 35 -40.72 -15.28 25.37
C PRO Q 35 -40.46 -16.63 26.05
N ASN Q 36 -39.22 -17.13 26.02
CA ASN Q 36 -38.92 -18.44 26.60
C ASN Q 36 -38.82 -18.44 28.11
N ASP Q 37 -38.87 -17.29 28.77
CA ASP Q 37 -38.68 -17.20 30.22
C ASP Q 37 -39.88 -17.81 30.94
N ALA Q 38 -39.65 -18.92 31.64
CA ALA Q 38 -40.71 -19.56 32.42
C ALA Q 38 -41.14 -18.73 33.62
N LEU Q 39 -40.20 -18.01 34.24
CA LEU Q 39 -40.46 -17.29 35.46
C LEU Q 39 -41.33 -16.07 35.21
N ALA Q 40 -41.07 -15.35 34.12
CA ALA Q 40 -41.95 -14.25 33.74
C ALA Q 40 -43.38 -14.73 33.57
N TRP Q 41 -43.58 -15.80 32.82
CA TRP Q 41 -44.92 -16.30 32.58
C TRP Q 41 -45.59 -16.72 33.87
N LEU Q 42 -44.87 -17.43 34.73
CA LEU Q 42 -45.48 -17.89 35.98
C LEU Q 42 -45.91 -16.71 36.86
N LEU Q 43 -45.03 -15.73 37.03
CA LEU Q 43 -45.37 -14.58 37.86
C LEU Q 43 -46.52 -13.80 37.24
N LEU Q 44 -46.50 -13.63 35.92
CA LEU Q 44 -47.61 -12.93 35.26
C LEU Q 44 -48.92 -13.67 35.49
N GLY Q 45 -48.89 -14.99 35.45
CA GLY Q 45 -50.08 -15.76 35.73
C GLY Q 45 -50.62 -15.46 37.12
N SER Q 46 -49.74 -15.48 38.11
CA SER Q 46 -50.20 -15.18 39.47
C SER Q 46 -50.74 -13.76 39.58
N VAL Q 47 -50.10 -12.79 38.93
CA VAL Q 47 -50.53 -11.41 39.03
C VAL Q 47 -51.90 -11.23 38.40
N LEU Q 48 -52.09 -11.75 37.18
CA LEU Q 48 -53.40 -11.71 36.56
C LEU Q 48 -54.44 -12.43 37.40
N GLU Q 49 -54.04 -13.51 38.09
CA GLU Q 49 -54.98 -14.16 39.00
C GLU Q 49 -55.44 -13.19 40.08
N LYS Q 50 -54.51 -12.41 40.65
CA LYS Q 50 -54.91 -11.51 41.72
C LYS Q 50 -55.76 -10.36 41.21
N LEU Q 51 -55.57 -9.92 39.96
CA LEU Q 51 -56.46 -8.92 39.38
C LEU Q 51 -57.82 -9.49 39.01
N LYS Q 52 -58.03 -10.79 39.19
CA LYS Q 52 -59.32 -11.43 38.96
C LYS Q 52 -59.71 -11.39 37.48
N ARG Q 53 -58.70 -11.40 36.60
CA ARG Q 53 -58.88 -11.63 35.17
C ARG Q 53 -58.64 -13.10 34.84
N LEU Q 54 -59.49 -13.96 35.42
CA LEU Q 54 -59.14 -15.37 35.62
C LEU Q 54 -58.63 -16.06 34.35
N ASP Q 55 -59.37 -15.97 33.25
CA ASP Q 55 -59.04 -16.81 32.10
C ASP Q 55 -57.71 -16.40 31.47
N GLU Q 56 -57.40 -15.11 31.49
CA GLU Q 56 -56.08 -14.67 31.05
C GLU Q 56 -54.99 -15.30 31.90
N ALA Q 57 -55.22 -15.41 33.20
CA ALA Q 57 -54.26 -16.05 34.10
C ALA Q 57 -54.12 -17.52 33.79
N ALA Q 58 -55.23 -18.20 33.47
CA ALA Q 58 -55.15 -19.59 33.07
C ALA Q 58 -54.28 -19.75 31.82
N GLU Q 59 -54.49 -18.86 30.83
CA GLU Q 59 -53.67 -18.89 29.63
C GLU Q 59 -52.20 -18.71 29.97
N ALA Q 60 -51.89 -17.72 30.82
CA ALA Q 60 -50.50 -17.49 31.20
C ALA Q 60 -49.90 -18.72 31.89
N TYR Q 61 -50.65 -19.32 32.81
CA TYR Q 61 -50.15 -20.50 33.51
C TYR Q 61 -49.87 -21.64 32.55
N LYS Q 62 -50.77 -21.88 31.59
CA LYS Q 62 -50.54 -22.96 30.64
C LYS Q 62 -49.31 -22.67 29.77
N LYS Q 63 -49.15 -21.44 29.31
CA LYS Q 63 -47.98 -21.11 28.51
C LYS Q 63 -46.71 -21.29 29.32
N ALA Q 64 -46.76 -21.01 30.62
CA ALA Q 64 -45.61 -21.25 31.49
C ALA Q 64 -45.34 -22.75 31.59
N ILE Q 65 -46.38 -23.54 31.83
CA ILE Q 65 -46.21 -24.97 32.04
C ILE Q 65 -45.62 -25.63 30.80
N GLU Q 66 -45.96 -25.14 29.62
CA GLU Q 66 -45.34 -25.70 28.42
C GLU Q 66 -43.83 -25.51 28.42
N LEU Q 67 -43.32 -24.50 29.11
CA LEU Q 67 -41.91 -24.15 29.06
C LEU Q 67 -41.07 -24.80 30.17
N LYS Q 68 -41.70 -25.39 31.18
CA LYS Q 68 -40.98 -26.09 32.24
C LYS Q 68 -41.89 -27.20 32.77
N PRO Q 69 -41.87 -28.36 32.11
CA PRO Q 69 -43.01 -29.28 32.24
C PRO Q 69 -43.32 -29.76 33.65
N ASN Q 70 -42.32 -29.97 34.51
CA ASN Q 70 -42.48 -30.89 35.63
C ASN Q 70 -42.72 -30.23 36.99
N ASP Q 71 -42.80 -28.91 37.06
CA ASP Q 71 -42.93 -28.23 38.35
C ASP Q 71 -44.35 -28.41 38.87
N ALA Q 72 -44.50 -29.20 39.93
CA ALA Q 72 -45.82 -29.53 40.43
C ALA Q 72 -46.60 -28.29 40.87
N SER Q 73 -45.94 -27.30 41.45
CA SER Q 73 -46.65 -26.16 42.01
C SER Q 73 -47.37 -25.39 40.91
N ALA Q 74 -46.77 -25.26 39.73
CA ALA Q 74 -47.44 -24.56 38.64
C ALA Q 74 -48.74 -25.25 38.26
N TRP Q 75 -48.72 -26.59 38.18
CA TRP Q 75 -49.94 -27.33 37.89
C TRP Q 75 -50.98 -27.08 38.97
N LYS Q 76 -50.55 -27.03 40.23
CA LYS Q 76 -51.50 -26.79 41.32
C LYS Q 76 -52.15 -25.42 41.23
N GLU Q 77 -51.36 -24.39 40.92
CA GLU Q 77 -51.95 -23.05 40.78
C GLU Q 77 -52.88 -22.97 39.59
N LEU Q 78 -52.51 -23.60 38.47
CA LEU Q 78 -53.44 -23.68 37.36
C LEU Q 78 -54.71 -24.42 37.75
N GLY Q 79 -54.57 -25.43 38.61
CA GLY Q 79 -55.75 -26.09 39.14
C GLY Q 79 -56.65 -25.15 39.90
N LYS Q 80 -56.06 -24.30 40.74
CA LYS Q 80 -56.85 -23.31 41.47
C LYS Q 80 -57.57 -22.37 40.51
N VAL Q 81 -56.85 -21.87 39.50
CA VAL Q 81 -57.46 -20.93 38.56
C VAL Q 81 -58.60 -21.61 37.79
N LEU Q 82 -58.36 -22.84 37.31
CA LEU Q 82 -59.40 -23.56 36.58
C LEU Q 82 -60.61 -23.83 37.47
N GLU Q 83 -60.36 -24.19 38.74
CA GLU Q 83 -61.47 -24.42 39.65
C GLU Q 83 -62.31 -23.16 39.82
N LYS Q 84 -61.65 -22.00 39.92
CA LYS Q 84 -62.39 -20.75 39.99
C LYS Q 84 -63.16 -20.48 38.70
N LEU Q 85 -62.59 -20.85 37.54
CA LEU Q 85 -63.29 -20.66 36.27
C LEU Q 85 -64.45 -21.62 36.09
N GLY Q 86 -64.58 -22.64 36.93
CA GLY Q 86 -65.67 -23.59 36.82
C GLY Q 86 -65.43 -24.72 35.82
N ARG Q 87 -64.26 -24.78 35.20
CA ARG Q 87 -63.91 -25.89 34.31
C ARG Q 87 -63.37 -27.06 35.13
N LEU Q 88 -64.26 -27.59 35.97
CA LEU Q 88 -63.84 -28.49 37.05
C LEU Q 88 -63.12 -29.73 36.53
N ASP Q 89 -63.47 -30.22 35.35
CA ASP Q 89 -62.80 -31.40 34.82
C ASP Q 89 -61.32 -31.12 34.57
N GLU Q 90 -61.00 -30.00 33.91
CA GLU Q 90 -59.61 -29.64 33.70
C GLU Q 90 -58.90 -29.38 35.04
N ALA Q 91 -59.62 -28.84 36.02
CA ALA Q 91 -59.02 -28.63 37.34
C ALA Q 91 -58.65 -29.95 37.98
N ALA Q 92 -59.54 -30.95 37.90
CA ALA Q 92 -59.23 -32.28 38.41
C ALA Q 92 -58.03 -32.86 37.67
N GLU Q 93 -57.97 -32.67 36.35
CA GLU Q 93 -56.82 -33.16 35.60
C GLU Q 93 -55.53 -32.50 36.09
N ALA Q 94 -55.57 -31.19 36.32
CA ALA Q 94 -54.37 -30.48 36.77
C ALA Q 94 -53.93 -30.97 38.14
N TYR Q 95 -54.86 -31.11 39.08
CA TYR Q 95 -54.49 -31.58 40.41
C TYR Q 95 -53.97 -33.02 40.35
N LEU Q 96 -54.56 -33.85 39.50
CA LEU Q 96 -54.06 -35.21 39.31
C LEU Q 96 -52.64 -35.19 38.78
N ILE Q 97 -52.37 -34.34 37.79
CA ILE Q 97 -51.01 -34.21 37.28
C ILE Q 97 -50.06 -33.80 38.39
N ALA Q 98 -50.51 -32.88 39.24
CA ALA Q 98 -49.68 -32.46 40.37
C ALA Q 98 -49.36 -33.64 41.28
N ILE Q 99 -50.36 -34.48 41.55
CA ILE Q 99 -50.12 -35.66 42.39
C ILE Q 99 -49.16 -36.62 41.71
N MET Q 100 -49.29 -36.79 40.40
CA MET Q 100 -48.37 -37.67 39.67
C MET Q 100 -46.94 -37.17 39.78
N LEU Q 101 -46.74 -35.85 39.63
CA LEU Q 101 -45.39 -35.30 39.69
C LEU Q 101 -44.82 -35.41 41.10
N ASP Q 102 -45.65 -35.26 42.12
CA ASP Q 102 -45.23 -35.39 43.52
C ASP Q 102 -46.34 -36.10 44.27
N PRO Q 103 -46.24 -37.42 44.47
CA PRO Q 103 -47.33 -38.15 45.15
C PRO Q 103 -47.43 -37.86 46.63
N GLU Q 104 -46.51 -37.11 47.22
CA GLU Q 104 -46.53 -36.81 48.65
C GLU Q 104 -47.12 -35.45 48.98
N ASP Q 105 -47.60 -34.70 47.98
CA ASP Q 105 -48.16 -33.37 48.20
C ASP Q 105 -49.57 -33.51 48.78
N ALA Q 106 -49.70 -33.29 50.09
CA ALA Q 106 -51.01 -33.38 50.73
C ALA Q 106 -51.96 -32.31 50.24
N GLU Q 107 -51.46 -31.10 49.97
CA GLU Q 107 -52.33 -30.02 49.52
C GLU Q 107 -52.97 -30.37 48.18
N ALA Q 108 -52.20 -30.99 47.28
CA ALA Q 108 -52.76 -31.39 45.99
C ALA Q 108 -53.91 -32.38 46.18
N ALA Q 109 -53.75 -33.31 47.12
CA ALA Q 109 -54.81 -34.28 47.38
C ALA Q 109 -56.04 -33.61 47.98
N LYS Q 110 -55.84 -32.68 48.91
CA LYS Q 110 -56.97 -31.93 49.46
C LYS Q 110 -57.73 -31.19 48.35
N GLU Q 111 -56.99 -30.53 47.46
CA GLU Q 111 -57.63 -29.83 46.35
C GLU Q 111 -58.33 -30.79 45.41
N LEU Q 112 -57.74 -31.96 45.16
CA LEU Q 112 -58.38 -32.95 44.30
C LEU Q 112 -59.70 -33.40 44.91
N GLY Q 113 -59.73 -33.60 46.23
CA GLY Q 113 -61.00 -33.88 46.89
C GLY Q 113 -61.98 -32.75 46.74
N LYS Q 114 -61.53 -31.51 46.97
CA LYS Q 114 -62.42 -30.35 46.87
C LYS Q 114 -63.05 -30.25 45.48
N VAL Q 115 -62.27 -30.58 44.45
CA VAL Q 115 -62.79 -30.50 43.08
C VAL Q 115 -63.72 -31.67 42.79
N LEU Q 116 -63.24 -32.90 43.03
CA LEU Q 116 -64.02 -34.08 42.66
C LEU Q 116 -65.32 -34.17 43.43
N GLU Q 117 -65.39 -33.61 44.64
CA GLU Q 117 -66.63 -33.68 45.40
C GLU Q 117 -67.77 -33.02 44.64
N LYS Q 118 -67.58 -31.78 44.21
CA LYS Q 118 -68.63 -31.10 43.46
C LYS Q 118 -68.63 -31.47 41.98
N LEU Q 119 -67.57 -32.11 41.49
CA LEU Q 119 -67.61 -32.66 40.14
C LEU Q 119 -68.42 -33.94 40.07
N GLY Q 120 -68.78 -34.52 41.22
CA GLY Q 120 -69.66 -35.68 41.28
C GLY Q 120 -68.99 -37.01 41.48
N GLU Q 121 -67.66 -37.05 41.58
CA GLU Q 121 -66.94 -38.30 41.86
C GLU Q 121 -66.77 -38.48 43.38
N LEU Q 122 -67.90 -38.67 44.04
CA LEU Q 122 -67.92 -38.64 45.50
C LEU Q 122 -66.94 -39.65 46.10
N GLU Q 123 -66.91 -40.88 45.58
CA GLU Q 123 -66.00 -41.87 46.12
C GLU Q 123 -64.55 -41.46 45.92
N MET Q 124 -64.21 -40.99 44.72
CA MET Q 124 -62.86 -40.52 44.46
C MET Q 124 -62.52 -39.32 45.34
N ALA Q 125 -63.49 -38.43 45.55
CA ALA Q 125 -63.24 -37.26 46.40
C ALA Q 125 -62.95 -37.67 47.84
N GLU Q 126 -63.72 -38.61 48.38
CA GLU Q 126 -63.47 -39.09 49.74
C GLU Q 126 -62.12 -39.78 49.83
N GLU Q 127 -61.79 -40.60 48.84
CA GLU Q 127 -60.48 -41.25 48.83
C GLU Q 127 -59.37 -40.21 48.82
N ALA Q 128 -59.51 -39.18 47.97
CA ALA Q 128 -58.51 -38.13 47.90
C ALA Q 128 -58.37 -37.38 49.22
N TYR Q 129 -59.50 -37.06 49.86
CA TYR Q 129 -59.44 -36.37 51.15
C TYR Q 129 -58.73 -37.20 52.19
N LYS Q 130 -59.07 -38.49 52.29
CA LYS Q 130 -58.42 -39.35 53.27
C LYS Q 130 -56.93 -39.50 52.96
N LEU Q 131 -56.58 -39.67 51.68
CA LEU Q 131 -55.17 -39.78 51.31
C LEU Q 131 -54.41 -38.51 51.61
N ALA Q 132 -55.04 -37.35 51.39
CA ALA Q 132 -54.42 -36.09 51.75
C ALA Q 132 -54.16 -36.01 53.24
N ILE Q 133 -55.14 -36.42 54.05
CA ILE Q 133 -54.95 -36.42 55.49
C ILE Q 133 -53.81 -37.34 55.88
N LYS Q 134 -53.71 -38.50 55.23
CA LYS Q 134 -52.63 -39.44 55.54
C LYS Q 134 -51.27 -38.89 55.12
N LEU Q 135 -51.22 -38.19 53.98
CA LEU Q 135 -49.95 -37.74 53.44
C LEU Q 135 -49.26 -36.76 54.40
N ASP Q 136 -50.03 -35.93 55.08
CA ASP Q 136 -49.48 -34.98 56.04
C ASP Q 136 -50.52 -34.78 57.13
N PRO Q 137 -50.48 -35.58 58.20
CA PRO Q 137 -51.43 -35.38 59.30
C PRO Q 137 -51.18 -34.09 60.07
N ASN Q 138 -50.07 -33.40 59.81
CA ASN Q 138 -49.81 -32.13 60.47
C ASN Q 138 -50.58 -30.97 59.86
N ASP Q 139 -51.15 -31.15 58.68
CA ASP Q 139 -51.95 -30.11 58.03
C ASP Q 139 -51.25 -28.76 58.07
N GLU R 1 -58.02 2.58 1.14
CA GLU R 1 -57.36 3.30 0.02
C GLU R 1 -58.39 4.13 -0.77
N GLU R 2 -57.89 5.06 -1.58
CA GLU R 2 -58.71 5.90 -2.44
C GLU R 2 -59.81 5.10 -3.14
N ALA R 3 -59.52 3.84 -3.48
CA ALA R 3 -60.50 3.03 -4.18
C ALA R 3 -61.81 2.92 -3.40
N GLU R 4 -61.74 3.03 -2.07
CA GLU R 4 -62.95 2.97 -1.25
C GLU R 4 -63.63 4.33 -1.18
N LEU R 5 -62.86 5.40 -0.97
CA LEU R 5 -63.45 6.73 -0.83
C LEU R 5 -64.15 7.16 -2.13
N ALA R 6 -63.47 6.99 -3.26
CA ALA R 6 -64.07 7.37 -4.53
C ALA R 6 -65.31 6.52 -4.81
N TYR R 7 -65.26 5.22 -4.48
CA TYR R 7 -66.43 4.38 -4.68
C TYR R 7 -67.58 4.82 -3.80
N LEU R 8 -67.28 5.26 -2.57
CA LEU R 8 -68.33 5.78 -1.71
C LEU R 8 -68.96 7.03 -2.32
N LEU R 9 -68.13 7.92 -2.85
CA LEU R 9 -68.67 9.08 -3.55
C LEU R 9 -69.54 8.63 -4.72
N GLY R 10 -69.12 7.57 -5.40
CA GLY R 10 -69.94 7.04 -6.49
C GLY R 10 -71.29 6.57 -6.03
N GLU R 11 -71.32 5.81 -4.95
CA GLU R 11 -72.60 5.36 -4.38
C GLU R 11 -73.48 6.56 -4.06
N LEU R 12 -72.91 7.55 -3.37
CA LEU R 12 -73.69 8.71 -2.95
C LEU R 12 -74.26 9.45 -4.15
N ALA R 13 -73.42 9.69 -5.17
CA ALA R 13 -73.88 10.39 -6.35
C ALA R 13 -74.97 9.60 -7.09
N TYR R 14 -74.77 8.28 -7.22
CA TYR R 14 -75.72 7.48 -7.98
C TYR R 14 -77.08 7.44 -7.29
N LYS R 15 -77.09 7.16 -5.99
CA LYS R 15 -78.37 7.01 -5.29
C LYS R 15 -79.12 8.33 -5.23
N LEU R 16 -78.42 9.46 -5.32
CA LEU R 16 -79.07 10.77 -5.38
C LEU R 16 -79.39 11.20 -6.80
N GLY R 17 -79.22 10.31 -7.79
CA GLY R 17 -79.60 10.61 -9.15
C GLY R 17 -78.67 11.54 -9.90
N GLU R 18 -77.44 11.73 -9.42
CA GLU R 18 -76.45 12.58 -10.08
C GLU R 18 -75.50 11.73 -10.92
N TYR R 19 -76.03 11.20 -12.02
CA TYR R 19 -75.35 10.13 -12.76
C TYR R 19 -74.00 10.58 -13.33
N ARG R 20 -73.89 11.82 -13.82
CA ARG R 20 -72.60 12.28 -14.35
C ARG R 20 -71.51 12.15 -13.31
N ILE R 21 -71.77 12.65 -12.10
CA ILE R 21 -70.81 12.55 -11.01
C ILE R 21 -70.55 11.09 -10.68
N ALA R 22 -71.59 10.25 -10.74
CA ALA R 22 -71.41 8.83 -10.45
C ALA R 22 -70.40 8.21 -11.39
N ILE R 23 -70.53 8.47 -12.69
CA ILE R 23 -69.61 7.91 -13.67
C ILE R 23 -68.20 8.42 -13.41
N ARG R 24 -68.06 9.75 -13.30
CA ARG R 24 -66.73 10.32 -13.14
C ARG R 24 -66.08 9.88 -11.84
N ALA R 25 -66.88 9.56 -10.83
CA ALA R 25 -66.34 9.09 -9.56
C ALA R 25 -65.91 7.63 -9.66
N TYR R 26 -66.79 6.75 -10.14
CA TYR R 26 -66.44 5.34 -10.24
C TYR R 26 -65.19 5.15 -11.07
N ARG R 27 -65.04 5.93 -12.15
CA ARG R 27 -63.87 5.74 -13.00
C ARG R 27 -62.57 5.99 -12.25
N ILE R 28 -62.58 6.89 -11.26
CA ILE R 28 -61.38 7.09 -10.46
C ILE R 28 -61.05 5.86 -9.64
N ALA R 29 -62.07 5.25 -9.04
CA ALA R 29 -61.83 4.05 -8.25
C ALA R 29 -61.31 2.90 -9.12
N LEU R 30 -61.94 2.69 -10.27
CA LEU R 30 -61.55 1.57 -11.12
C LEU R 30 -60.10 1.71 -11.61
N LYS R 31 -59.69 2.94 -11.95
CA LYS R 31 -58.31 3.16 -12.34
C LYS R 31 -57.34 2.73 -11.24
N ARG R 32 -57.76 2.83 -9.98
CA ARG R 32 -56.90 2.42 -8.88
C ARG R 32 -56.96 0.91 -8.64
N ASP R 33 -58.13 0.30 -8.82
CA ASP R 33 -58.34 -1.10 -8.46
C ASP R 33 -59.37 -1.70 -9.39
N PRO R 34 -58.94 -2.34 -10.48
CA PRO R 34 -59.89 -2.79 -11.51
C PRO R 34 -60.65 -4.06 -11.19
N ASN R 35 -60.39 -4.71 -10.06
CA ASN R 35 -61.04 -5.99 -9.76
C ASN R 35 -62.38 -5.85 -9.02
N ASN R 36 -62.83 -4.63 -8.74
CA ASN R 36 -64.06 -4.41 -7.98
C ASN R 36 -65.25 -4.69 -8.88
N ALA R 37 -65.85 -5.88 -8.72
CA ALA R 37 -67.02 -6.23 -9.50
C ALA R 37 -68.17 -5.27 -9.27
N GLU R 38 -68.40 -4.89 -8.01
CA GLU R 38 -69.49 -3.98 -7.70
C GLU R 38 -69.30 -2.63 -8.39
N ALA R 39 -68.05 -2.18 -8.52
CA ALA R 39 -67.80 -0.90 -9.16
C ALA R 39 -68.16 -0.95 -10.64
N TRP R 40 -67.73 -2.00 -11.34
CA TRP R 40 -68.11 -2.16 -12.74
C TRP R 40 -69.62 -2.23 -12.88
N TYR R 41 -70.29 -2.99 -12.00
CA TYR R 41 -71.74 -3.12 -12.10
C TYR R 41 -72.43 -1.78 -11.90
N ASN R 42 -72.00 -1.00 -10.90
CA ASN R 42 -72.64 0.29 -10.66
C ASN R 42 -72.35 1.26 -11.79
N LEU R 43 -71.17 1.18 -12.39
CA LEU R 43 -70.89 2.00 -13.57
C LEU R 43 -71.81 1.64 -14.72
N GLY R 44 -72.05 0.34 -14.93
CA GLY R 44 -73.01 -0.06 -15.92
C GLY R 44 -74.41 0.44 -15.62
N ASN R 45 -74.80 0.41 -14.35
CA ASN R 45 -76.09 0.95 -13.94
C ASN R 45 -76.18 2.44 -14.26
N ALA R 46 -75.12 3.18 -13.98
CA ALA R 46 -75.10 4.61 -14.25
C ALA R 46 -75.27 4.87 -15.74
N TYR R 47 -74.49 4.20 -16.57
CA TYR R 47 -74.64 4.38 -18.01
C TYR R 47 -76.03 3.94 -18.49
N THR R 48 -76.62 2.94 -17.85
CA THR R 48 -77.95 2.48 -18.25
C THR R 48 -78.99 3.55 -17.96
N LYS R 49 -78.99 4.09 -16.75
CA LYS R 49 -79.92 5.19 -16.45
C LYS R 49 -79.65 6.38 -17.36
N GLN R 50 -78.38 6.62 -17.69
CA GLN R 50 -78.06 7.69 -18.62
C GLN R 50 -78.57 7.42 -20.03
N GLY R 51 -78.88 6.16 -20.35
CA GLY R 51 -79.37 5.80 -21.66
C GLY R 51 -78.31 5.42 -22.67
N ASP R 52 -77.06 5.26 -22.25
CA ASP R 52 -75.98 4.81 -23.13
C ASP R 52 -75.82 3.30 -23.11
N TYR R 53 -76.89 2.59 -23.47
CA TYR R 53 -76.92 1.14 -23.31
C TYR R 53 -75.76 0.47 -24.04
N ASP R 54 -75.41 0.97 -25.23
CA ASP R 54 -74.34 0.35 -26.01
C ASP R 54 -73.06 0.24 -25.20
N GLU R 55 -72.76 1.28 -24.41
CA GLU R 55 -71.55 1.27 -23.60
C GLU R 55 -71.76 0.62 -22.23
N ALA R 56 -72.97 0.70 -21.68
CA ALA R 56 -73.26 -0.04 -20.44
C ALA R 56 -73.05 -1.54 -20.64
N ILE R 57 -73.28 -2.02 -21.86
CA ILE R 57 -73.12 -3.46 -22.14
C ILE R 57 -71.70 -3.90 -21.81
N GLU R 58 -70.71 -3.11 -22.21
CA GLU R 58 -69.32 -3.52 -22.01
C GLU R 58 -69.00 -3.66 -20.53
N TYR R 59 -69.41 -2.68 -19.72
CA TYR R 59 -69.07 -2.73 -18.31
C TYR R 59 -69.87 -3.82 -17.58
N TYR R 60 -71.12 -4.06 -18.00
CA TYR R 60 -71.85 -5.19 -17.47
C TYR R 60 -71.13 -6.50 -17.79
N LEU R 61 -70.62 -6.63 -19.01
CA LEU R 61 -69.89 -7.82 -19.40
C LEU R 61 -68.66 -8.02 -18.53
N ARG R 62 -67.89 -6.95 -18.32
CA ARG R 62 -66.71 -7.07 -17.48
C ARG R 62 -67.09 -7.47 -16.06
N ALA R 63 -68.19 -6.89 -15.54
CA ALA R 63 -68.63 -7.23 -14.20
C ALA R 63 -68.99 -8.71 -14.10
N LEU R 64 -69.72 -9.22 -15.10
CA LEU R 64 -70.08 -10.64 -15.08
C LEU R 64 -68.86 -11.54 -15.22
N VAL R 65 -67.88 -11.12 -16.02
CA VAL R 65 -66.66 -11.92 -16.16
C VAL R 65 -65.94 -12.00 -14.82
N LEU R 66 -65.90 -10.89 -14.09
CA LEU R 66 -65.23 -10.89 -12.79
C LEU R 66 -66.03 -11.63 -11.72
N ASP R 67 -67.32 -11.83 -11.92
CA ASP R 67 -68.14 -12.60 -10.99
C ASP R 67 -69.35 -13.14 -11.75
N PRO R 68 -69.31 -14.41 -12.19
CA PRO R 68 -70.44 -14.94 -12.98
C PRO R 68 -71.68 -15.25 -12.15
N ASN R 69 -71.63 -15.11 -10.83
CA ASN R 69 -72.79 -15.38 -9.99
C ASN R 69 -73.76 -14.22 -9.89
N ASN R 70 -73.39 -13.04 -10.38
CA ASN R 70 -74.16 -11.81 -10.18
C ASN R 70 -75.42 -11.86 -11.04
N ALA R 71 -76.51 -12.34 -10.45
CA ALA R 71 -77.78 -12.44 -11.19
C ALA R 71 -78.29 -11.06 -11.60
N GLU R 72 -78.17 -10.06 -10.73
CA GLU R 72 -78.66 -8.73 -11.06
C GLU R 72 -77.91 -8.14 -12.24
N ALA R 73 -76.59 -8.35 -12.29
CA ALA R 73 -75.80 -7.89 -13.42
C ALA R 73 -76.28 -8.55 -14.71
N ALA R 74 -76.58 -9.84 -14.66
CA ALA R 74 -77.10 -10.52 -15.84
C ALA R 74 -78.44 -9.95 -16.27
N THR R 75 -79.33 -9.67 -15.31
CA THR R 75 -80.62 -9.09 -15.65
C THR R 75 -80.45 -7.75 -16.35
N ASN R 76 -79.58 -6.89 -15.80
CA ASN R 76 -79.40 -5.58 -16.39
C ASN R 76 -78.67 -5.65 -17.73
N LEU R 77 -77.75 -6.60 -17.89
CA LEU R 77 -77.12 -6.79 -19.20
C LEU R 77 -78.15 -7.22 -20.23
N GLY R 78 -79.05 -8.14 -19.84
CA GLY R 78 -80.14 -8.50 -20.75
C GLY R 78 -80.99 -7.31 -21.12
N GLN R 79 -81.31 -6.47 -20.13
CA GLN R 79 -82.07 -5.25 -20.40
C GLN R 79 -81.33 -4.36 -21.39
N ALA R 80 -80.02 -4.19 -21.21
CA ALA R 80 -79.23 -3.37 -22.13
C ALA R 80 -79.24 -3.95 -23.53
N TYR R 81 -79.07 -5.27 -23.65
CA TYR R 81 -79.11 -5.90 -24.96
C TYR R 81 -80.46 -5.70 -25.62
N MET R 82 -81.54 -5.83 -24.84
CA MET R 82 -82.88 -5.60 -25.38
C MET R 82 -83.04 -4.17 -25.84
N ASN R 83 -82.49 -3.21 -25.09
CA ASN R 83 -82.51 -1.82 -25.52
C ASN R 83 -81.73 -1.65 -26.82
N GLN R 84 -80.66 -2.43 -27.01
CA GLN R 84 -79.97 -2.47 -28.29
C GLN R 84 -80.68 -3.34 -29.31
N GLY R 85 -81.76 -4.03 -28.92
CA GLY R 85 -82.57 -4.78 -29.86
C GLY R 85 -82.08 -6.16 -30.22
N ASP R 86 -81.01 -6.64 -29.58
CA ASP R 86 -80.52 -8.01 -29.82
C ASP R 86 -81.30 -8.94 -28.90
N LYS R 87 -82.46 -9.37 -29.39
CA LYS R 87 -83.38 -10.15 -28.56
C LYS R 87 -82.74 -11.43 -28.05
N ASP R 88 -81.98 -12.12 -28.90
CA ASP R 88 -81.49 -13.44 -28.52
C ASP R 88 -80.52 -13.38 -27.35
N ARG R 89 -79.51 -12.50 -27.43
CA ARG R 89 -78.53 -12.43 -26.35
C ARG R 89 -79.16 -11.87 -25.08
N ALA R 90 -80.04 -10.89 -25.20
CA ALA R 90 -80.72 -10.36 -24.02
C ALA R 90 -81.53 -11.44 -23.33
N LYS R 91 -82.29 -12.21 -24.11
CA LYS R 91 -83.06 -13.31 -23.53
C LYS R 91 -82.14 -14.35 -22.88
N LEU R 92 -81.00 -14.63 -23.51
CA LEU R 92 -80.06 -15.57 -22.92
C LEU R 92 -79.58 -15.09 -21.56
N MET R 93 -79.23 -13.80 -21.47
CA MET R 93 -78.75 -13.27 -20.20
C MET R 93 -79.86 -13.20 -19.16
N LEU R 94 -81.11 -12.94 -19.59
CA LEU R 94 -82.22 -12.97 -18.66
C LEU R 94 -82.42 -14.38 -18.09
N LEU R 95 -82.35 -15.38 -18.96
CA LEU R 95 -82.43 -16.77 -18.49
C LEU R 95 -81.28 -17.08 -17.54
N LEU R 96 -80.08 -16.59 -17.85
CA LEU R 96 -78.95 -16.75 -16.94
C LEU R 96 -79.25 -16.16 -15.58
N ALA R 97 -79.84 -14.96 -15.57
CA ALA R 97 -80.20 -14.33 -14.30
C ALA R 97 -81.20 -15.18 -13.53
N LEU R 98 -82.23 -15.69 -14.21
CA LEU R 98 -83.22 -16.52 -13.54
C LEU R 98 -82.60 -17.79 -13.00
N LYS R 99 -81.63 -18.36 -13.71
CA LYS R 99 -80.96 -19.57 -13.23
C LYS R 99 -80.03 -19.27 -12.06
N LEU R 100 -79.43 -18.08 -12.04
CA LEU R 100 -78.49 -17.71 -10.98
C LEU R 100 -79.24 -17.38 -9.69
N ASP S 1 31.13 4.88 -25.37
CA ASP S 1 30.27 5.13 -26.57
C ASP S 1 31.13 5.19 -27.83
N VAL S 2 30.60 4.63 -28.92
CA VAL S 2 31.38 4.40 -30.13
C VAL S 2 31.88 5.70 -30.77
N SER S 3 31.22 6.83 -30.50
CA SER S 3 31.64 8.09 -31.11
C SER S 3 33.12 8.34 -30.90
N ALA S 4 33.61 8.02 -29.70
CA ALA S 4 35.01 8.28 -29.36
C ALA S 4 35.96 7.60 -30.35
N LEU S 5 35.51 6.50 -30.96
CA LEU S 5 36.26 5.87 -32.02
C LEU S 5 35.87 6.40 -33.39
N ALA S 6 34.60 6.74 -33.58
CA ALA S 6 34.13 7.20 -34.89
C ALA S 6 34.93 8.41 -35.37
N TYR S 7 35.27 9.31 -34.44
CA TYR S 7 36.05 10.47 -34.86
C TYR S 7 37.38 10.06 -35.48
N VAL S 8 37.96 8.95 -35.05
CA VAL S 8 39.21 8.48 -35.64
C VAL S 8 38.99 8.10 -37.10
N MET S 9 37.88 7.43 -37.40
CA MET S 9 37.58 7.11 -38.79
C MET S 9 37.38 8.38 -39.59
N LEU S 10 36.72 9.37 -39.00
CA LEU S 10 36.52 10.62 -39.73
C LEU S 10 37.86 11.24 -40.08
N GLY S 11 38.79 11.22 -39.14
CA GLY S 11 40.12 11.77 -39.41
C GLY S 11 40.84 11.01 -40.51
N LEU S 12 40.79 9.68 -40.45
CA LEU S 12 41.44 8.87 -41.47
C LEU S 12 40.86 9.16 -42.85
N LEU S 13 39.54 9.20 -42.94
CA LEU S 13 38.91 9.50 -44.23
C LEU S 13 39.38 10.84 -44.76
N LEU S 14 39.34 11.87 -43.91
CA LEU S 14 39.78 13.19 -44.37
C LEU S 14 41.24 13.15 -44.80
N SER S 15 42.06 12.32 -44.14
CA SER S 15 43.46 12.21 -44.56
C SER S 15 43.57 11.57 -45.94
N LEU S 16 42.69 10.62 -46.24
CA LEU S 16 42.73 9.98 -47.56
C LEU S 16 42.44 10.98 -48.67
N LEU S 17 41.65 12.01 -48.40
CA LEU S 17 41.32 13.03 -49.38
C LEU S 17 42.30 14.19 -49.40
N ASN S 18 43.37 14.13 -48.61
CA ASN S 18 44.38 15.18 -48.52
C ASN S 18 43.86 16.45 -47.85
N ARG S 19 42.69 16.41 -47.23
CA ARG S 19 42.23 17.51 -46.38
C ARG S 19 42.76 17.33 -44.96
N LEU S 20 44.08 17.32 -44.83
CA LEU S 20 44.71 17.03 -43.54
C LEU S 20 44.29 18.01 -42.46
N SER S 21 44.14 19.29 -42.82
CA SER S 21 43.89 20.32 -41.83
C SER S 21 42.60 20.07 -41.06
N LEU S 22 41.60 19.45 -41.69
CA LEU S 22 40.39 19.06 -40.98
C LEU S 22 40.61 17.76 -40.21
N ALA S 23 41.44 16.88 -40.74
CA ALA S 23 41.72 15.61 -40.08
C ALA S 23 42.34 15.83 -38.71
N ALA S 24 43.25 16.79 -38.61
CA ALA S 24 43.86 17.08 -37.31
C ALA S 24 42.80 17.44 -36.28
N GLU S 25 41.83 18.28 -36.67
CA GLU S 25 40.78 18.66 -35.74
C GLU S 25 39.91 17.46 -35.37
N ALA S 26 39.63 16.59 -36.34
CA ALA S 26 38.86 15.39 -36.03
C ALA S 26 39.59 14.53 -35.00
N TYR S 27 40.90 14.34 -35.18
CA TYR S 27 41.67 13.58 -34.21
C TYR S 27 41.64 14.25 -32.85
N LYS S 28 41.74 15.58 -32.82
CA LYS S 28 41.74 16.30 -31.55
C LYS S 28 40.44 16.10 -30.80
N LYS S 29 39.30 16.17 -31.50
CA LYS S 29 38.04 15.91 -30.83
C LYS S 29 37.98 14.47 -30.32
N ALA S 30 38.50 13.53 -31.11
CA ALA S 30 38.57 12.15 -30.64
C ALA S 30 39.35 12.07 -29.33
N ILE S 31 40.51 12.73 -29.27
CA ILE S 31 41.34 12.71 -28.07
C ILE S 31 40.58 13.30 -26.90
N GLU S 32 39.93 14.46 -27.11
CA GLU S 32 39.19 15.09 -26.05
C GLU S 32 38.00 14.25 -25.60
N LEU S 33 37.58 13.27 -26.40
CA LEU S 33 36.61 12.29 -25.93
C LEU S 33 37.26 11.12 -25.21
N ASP S 34 38.52 10.81 -25.50
CA ASP S 34 39.22 9.70 -24.87
C ASP S 34 40.73 9.91 -24.94
N PRO S 35 41.35 10.49 -23.90
CA PRO S 35 42.79 10.83 -24.01
C PRO S 35 43.72 9.64 -23.99
N ASN S 36 43.25 8.45 -23.61
CA ASN S 36 44.11 7.27 -23.50
C ASN S 36 44.29 6.51 -24.80
N ASP S 37 43.67 6.95 -25.90
CA ASP S 37 43.71 6.20 -27.16
C ASP S 37 45.11 6.26 -27.75
N ALA S 38 45.79 5.11 -27.80
CA ALA S 38 47.15 5.05 -28.32
C ALA S 38 47.21 5.24 -29.82
N LEU S 39 46.09 5.05 -30.53
CA LEU S 39 46.06 5.16 -31.98
C LEU S 39 45.77 6.57 -32.45
N ALA S 40 44.88 7.28 -31.75
CA ALA S 40 44.57 8.66 -32.11
C ALA S 40 45.83 9.51 -32.08
N TRP S 41 46.59 9.44 -30.98
CA TRP S 41 47.81 10.23 -30.88
C TRP S 41 48.80 9.86 -31.98
N LEU S 42 48.96 8.57 -32.22
CA LEU S 42 49.96 8.12 -33.19
C LEU S 42 49.63 8.63 -34.58
N LEU S 43 48.36 8.59 -34.97
CA LEU S 43 47.98 9.10 -36.29
C LEU S 43 48.07 10.62 -36.34
N LEU S 44 47.64 11.29 -35.26
CA LEU S 44 47.72 12.75 -35.22
C LEU S 44 49.14 13.23 -35.38
N GLY S 45 50.10 12.49 -34.83
CA GLY S 45 51.49 12.86 -35.02
C GLY S 45 51.88 12.89 -36.48
N SER S 46 51.53 11.83 -37.22
CA SER S 46 51.89 11.77 -38.63
C SER S 46 51.12 12.79 -39.46
N VAL S 47 49.90 13.15 -39.05
CA VAL S 47 49.17 14.18 -39.77
C VAL S 47 49.82 15.54 -39.55
N LEU S 48 50.11 15.90 -38.30
CA LEU S 48 50.78 17.17 -38.02
C LEU S 48 52.15 17.21 -38.68
N GLU S 49 52.80 16.06 -38.83
CA GLU S 49 54.11 16.05 -39.48
C GLU S 49 54.02 16.59 -40.90
N LYS S 50 52.97 16.21 -41.64
CA LYS S 50 52.85 16.63 -43.03
C LYS S 50 52.19 17.99 -43.19
N LEU S 51 51.51 18.51 -42.17
CA LEU S 51 51.20 19.92 -42.14
C LEU S 51 52.43 20.76 -41.77
N LYS S 52 53.53 20.10 -41.41
CA LYS S 52 54.79 20.76 -41.11
C LYS S 52 54.70 21.64 -39.86
N ARG S 53 53.92 21.19 -38.88
CA ARG S 53 53.94 21.73 -37.52
C ARG S 53 54.85 20.87 -36.63
N LEU S 54 56.14 20.84 -36.97
CA LEU S 54 57.02 19.76 -36.53
C LEU S 54 57.02 19.58 -35.02
N ASP S 55 57.13 20.66 -34.26
CA ASP S 55 57.26 20.50 -32.81
C ASP S 55 56.01 19.87 -32.22
N GLU S 56 54.83 20.29 -32.68
CA GLU S 56 53.61 19.67 -32.19
C GLU S 56 53.54 18.20 -32.59
N ALA S 57 54.06 17.86 -33.77
CA ALA S 57 54.09 16.47 -34.21
C ALA S 57 54.97 15.63 -33.29
N ALA S 58 56.15 16.15 -32.95
CA ALA S 58 57.02 15.43 -32.02
C ALA S 58 56.34 15.29 -30.66
N GLU S 59 55.64 16.33 -30.22
CA GLU S 59 54.90 16.26 -28.96
C GLU S 59 53.87 15.14 -29.01
N ALA S 60 53.10 15.07 -30.10
CA ALA S 60 52.08 14.04 -30.22
C ALA S 60 52.71 12.65 -30.24
N TYR S 61 53.81 12.48 -30.99
CA TYR S 61 54.49 11.19 -31.00
C TYR S 61 54.93 10.79 -29.59
N LYS S 62 55.55 11.74 -28.88
CA LYS S 62 56.02 11.44 -27.53
C LYS S 62 54.86 11.06 -26.61
N LYS S 63 53.74 11.79 -26.71
CA LYS S 63 52.59 11.44 -25.90
C LYS S 63 52.07 10.06 -26.23
N ALA S 64 52.13 9.67 -27.51
CA ALA S 64 51.72 8.33 -27.89
C ALA S 64 52.65 7.28 -27.29
N ILE S 65 53.96 7.52 -27.36
CA ILE S 65 54.93 6.51 -26.93
C ILE S 65 54.80 6.22 -25.45
N GLU S 66 54.44 7.22 -24.64
CA GLU S 66 54.19 6.97 -23.22
C GLU S 66 52.99 6.05 -23.02
N LEU S 67 51.98 6.14 -23.90
CA LEU S 67 50.73 5.43 -23.69
C LEU S 67 50.79 3.97 -24.11
N LYS S 68 51.73 3.58 -24.97
CA LYS S 68 51.82 2.22 -25.48
C LYS S 68 53.25 1.95 -25.91
N PRO S 69 54.15 1.73 -24.95
CA PRO S 69 55.58 1.67 -25.28
C PRO S 69 56.01 0.46 -26.07
N ASN S 70 57.28 0.46 -26.48
CA ASN S 70 58.01 -0.66 -27.08
C ASN S 70 57.74 -0.87 -28.56
N ASP S 71 56.93 -0.03 -29.20
CA ASP S 71 56.60 -0.19 -30.61
C ASP S 71 57.69 0.48 -31.45
N ALA S 72 58.45 -0.32 -32.19
CA ALA S 72 59.56 0.22 -32.96
C ALA S 72 59.13 1.19 -34.05
N SER S 73 57.84 1.20 -34.42
CA SER S 73 57.36 2.12 -35.44
C SER S 73 57.32 3.55 -34.92
N ALA S 74 56.70 3.75 -33.76
CA ALA S 74 56.54 5.12 -33.24
C ALA S 74 57.89 5.76 -32.97
N TRP S 75 58.83 5.01 -32.41
CA TRP S 75 60.13 5.57 -32.08
C TRP S 75 60.84 6.08 -33.33
N LYS S 76 60.78 5.32 -34.42
CA LYS S 76 61.44 5.75 -35.65
C LYS S 76 60.83 7.03 -36.19
N GLU S 77 59.49 7.14 -36.18
CA GLU S 77 58.85 8.37 -36.65
C GLU S 77 59.21 9.55 -35.77
N LEU S 78 59.26 9.34 -34.46
CA LEU S 78 59.68 10.41 -33.57
C LEU S 78 61.10 10.85 -33.87
N GLY S 79 61.99 9.89 -34.14
CA GLY S 79 63.33 10.23 -34.55
C GLY S 79 63.36 11.01 -35.85
N LYS S 80 62.47 10.66 -36.78
CA LYS S 80 62.41 11.37 -38.06
C LYS S 80 62.06 12.84 -37.83
N VAL S 81 60.99 13.09 -37.07
CA VAL S 81 60.59 14.48 -36.85
C VAL S 81 61.61 15.21 -36.00
N LEU S 82 62.26 14.52 -35.06
CA LEU S 82 63.33 15.15 -34.29
C LEU S 82 64.50 15.54 -35.17
N GLU S 83 64.87 14.67 -36.11
CA GLU S 83 65.93 15.01 -37.07
C GLU S 83 65.54 16.26 -37.85
N LYS S 84 64.32 16.29 -38.39
CA LYS S 84 63.89 17.46 -39.13
C LYS S 84 63.92 18.71 -38.25
N LEU S 85 63.54 18.56 -36.98
CA LEU S 85 63.45 19.68 -36.05
C LEU S 85 64.82 20.12 -35.52
N GLY S 86 65.88 19.36 -35.78
CA GLY S 86 67.23 19.76 -35.44
C GLY S 86 67.74 19.29 -34.10
N ARG S 87 66.98 18.48 -33.36
CA ARG S 87 67.43 17.94 -32.08
C ARG S 87 68.13 16.59 -32.30
N LEU S 88 69.27 16.68 -33.00
CA LEU S 88 69.94 15.48 -33.50
C LEU S 88 70.31 14.51 -32.39
N ASP S 89 70.63 15.01 -31.20
CA ASP S 89 70.96 14.11 -30.09
C ASP S 89 69.74 13.27 -29.70
N GLU S 90 68.59 13.92 -29.52
CA GLU S 90 67.38 13.16 -29.20
C GLU S 90 66.99 12.23 -30.34
N ALA S 91 67.24 12.64 -31.59
CA ALA S 91 66.97 11.75 -32.73
C ALA S 91 67.86 10.51 -32.68
N ALA S 92 69.14 10.69 -32.35
CA ALA S 92 70.02 9.54 -32.21
C ALA S 92 69.56 8.64 -31.08
N GLU S 93 69.12 9.24 -29.97
CA GLU S 93 68.58 8.44 -28.87
C GLU S 93 67.36 7.64 -29.32
N ALA S 94 66.45 8.28 -30.06
CA ALA S 94 65.26 7.60 -30.54
C ALA S 94 65.62 6.43 -31.44
N TYR S 95 66.55 6.63 -32.38
CA TYR S 95 66.90 5.55 -33.29
C TYR S 95 67.65 4.44 -32.56
N LEU S 96 68.44 4.78 -31.55
CA LEU S 96 69.06 3.76 -30.72
C LEU S 96 67.99 2.93 -30.00
N ILE S 97 66.97 3.59 -29.46
CA ILE S 97 65.87 2.86 -28.83
C ILE S 97 65.19 1.96 -29.86
N ALA S 98 65.03 2.45 -31.09
CA ALA S 98 64.42 1.65 -32.13
C ALA S 98 65.23 0.39 -32.41
N ILE S 99 66.55 0.53 -32.53
CA ILE S 99 67.40 -0.63 -32.76
C ILE S 99 67.30 -1.61 -31.59
N MET S 100 67.37 -1.10 -30.36
CA MET S 100 67.39 -1.98 -29.20
C MET S 100 66.04 -2.63 -28.94
N LEU S 101 64.95 -2.06 -29.44
CA LEU S 101 63.66 -2.73 -29.38
C LEU S 101 63.56 -3.84 -30.42
N ASP S 102 64.21 -3.66 -31.57
CA ASP S 102 64.18 -4.66 -32.63
C ASP S 102 65.52 -4.64 -33.34
N PRO S 103 66.46 -5.48 -32.92
CA PRO S 103 67.82 -5.43 -33.51
C PRO S 103 67.85 -5.70 -35.01
N GLU S 104 66.83 -6.32 -35.57
CA GLU S 104 66.83 -6.71 -36.97
C GLU S 104 66.32 -5.63 -37.92
N ASP S 105 65.93 -4.47 -37.41
CA ASP S 105 65.40 -3.40 -38.25
C ASP S 105 66.55 -2.72 -39.01
N ALA S 106 66.64 -3.00 -40.31
CA ALA S 106 67.67 -2.37 -41.13
C ALA S 106 67.48 -0.86 -41.21
N GLU S 107 66.23 -0.40 -41.36
CA GLU S 107 65.98 1.02 -41.50
C GLU S 107 66.40 1.79 -40.25
N ALA S 108 66.22 1.19 -39.08
CA ALA S 108 66.65 1.85 -37.86
C ALA S 108 68.16 2.07 -37.88
N ALA S 109 68.93 1.06 -38.31
CA ALA S 109 70.38 1.22 -38.41
C ALA S 109 70.76 2.27 -39.45
N LYS S 110 70.06 2.29 -40.58
CA LYS S 110 70.37 3.29 -41.61
C LYS S 110 70.13 4.71 -41.07
N GLU S 111 68.99 4.91 -40.42
CA GLU S 111 68.69 6.23 -39.85
C GLU S 111 69.69 6.59 -38.76
N LEU S 112 70.07 5.63 -37.93
CA LEU S 112 71.06 5.90 -36.90
C LEU S 112 72.39 6.31 -37.52
N GLY S 113 72.78 5.64 -38.61
CA GLY S 113 73.99 6.04 -39.31
C GLY S 113 73.91 7.46 -39.84
N LYS S 114 72.79 7.80 -40.48
CA LYS S 114 72.62 9.15 -41.00
C LYS S 114 72.72 10.18 -39.89
N VAL S 115 71.98 9.96 -38.80
CA VAL S 115 71.93 10.95 -37.73
C VAL S 115 73.28 11.06 -37.03
N LEU S 116 73.97 9.94 -36.81
CA LEU S 116 75.27 9.99 -36.15
C LEU S 116 76.31 10.65 -37.04
N GLU S 117 76.27 10.40 -38.35
CA GLU S 117 77.17 11.09 -39.27
C GLU S 117 76.94 12.59 -39.21
N LYS S 118 75.68 13.02 -39.26
CA LYS S 118 75.39 14.44 -39.14
C LYS S 118 75.79 14.97 -37.77
N LEU S 119 75.76 14.13 -36.75
CA LEU S 119 76.13 14.52 -35.39
C LEU S 119 77.63 14.42 -35.14
N GLY S 120 78.39 13.83 -36.05
CA GLY S 120 79.84 13.81 -35.96
C GLY S 120 80.46 12.57 -35.36
N GLU S 121 79.69 11.53 -35.09
CA GLU S 121 80.23 10.25 -34.60
C GLU S 121 80.54 9.34 -35.79
N LEU S 122 81.58 9.71 -36.54
CA LEU S 122 81.83 9.08 -37.84
C LEU S 122 81.98 7.56 -37.71
N GLU S 123 82.77 7.10 -36.74
CA GLU S 123 82.98 5.66 -36.61
C GLU S 123 81.67 4.93 -36.33
N MET S 124 80.90 5.43 -35.36
CA MET S 124 79.64 4.78 -35.01
C MET S 124 78.64 4.87 -36.16
N ALA S 125 78.62 5.99 -36.88
CA ALA S 125 77.73 6.12 -38.03
C ALA S 125 78.08 5.09 -39.11
N GLU S 126 79.38 4.94 -39.39
CA GLU S 126 79.80 3.92 -40.36
C GLU S 126 79.42 2.52 -39.89
N GLU S 127 79.58 2.25 -38.59
CA GLU S 127 79.18 0.95 -38.06
C GLU S 127 77.68 0.73 -38.23
N ALA S 128 76.88 1.76 -37.97
CA ALA S 128 75.43 1.64 -38.14
C ALA S 128 75.07 1.41 -39.60
N TYR S 129 75.74 2.11 -40.52
CA TYR S 129 75.48 1.89 -41.94
C TYR S 129 75.82 0.47 -42.36
N LYS S 130 76.95 -0.05 -41.87
CA LYS S 130 77.32 -1.43 -42.16
C LYS S 130 76.29 -2.40 -41.59
N LEU S 131 75.80 -2.13 -40.38
CA LEU S 131 74.77 -2.98 -39.79
C LEU S 131 73.50 -2.96 -40.63
N ALA S 132 73.10 -1.77 -41.08
CA ALA S 132 71.92 -1.65 -41.94
C ALA S 132 72.11 -2.45 -43.22
N ILE S 133 73.30 -2.38 -43.81
CA ILE S 133 73.57 -3.17 -45.01
C ILE S 133 73.46 -4.66 -44.70
N LYS S 134 74.01 -5.08 -43.56
CA LYS S 134 73.96 -6.50 -43.20
C LYS S 134 72.53 -6.98 -43.02
N LEU S 135 71.70 -6.18 -42.34
CA LEU S 135 70.31 -6.58 -42.14
C LEU S 135 69.55 -6.60 -43.46
N ASP S 136 69.77 -5.60 -44.29
CA ASP S 136 69.15 -5.55 -45.62
C ASP S 136 70.02 -4.71 -46.54
N PRO S 137 70.61 -5.32 -47.59
CA PRO S 137 71.50 -4.55 -48.47
C PRO S 137 70.77 -3.61 -49.42
N ASN S 138 69.45 -3.73 -49.55
CA ASN S 138 68.72 -2.91 -50.50
C ASN S 138 68.40 -1.51 -49.98
N ASP S 139 68.61 -1.25 -48.69
CA ASP S 139 68.34 0.06 -48.12
C ASP S 139 69.58 0.95 -48.14
N GLU T 1 36.36 43.02 -12.93
CA GLU T 1 34.95 43.49 -12.96
C GLU T 1 34.87 45.01 -12.89
N GLU T 2 33.69 45.53 -12.53
CA GLU T 2 33.48 46.97 -12.51
C GLU T 2 34.51 47.69 -11.66
N ALA T 3 35.10 47.01 -10.68
CA ALA T 3 36.09 47.67 -9.85
C ALA T 3 37.20 48.28 -10.69
N GLU T 4 37.67 47.57 -11.72
CA GLU T 4 38.76 48.08 -12.53
C GLU T 4 38.30 49.23 -13.43
N LEU T 5 37.08 49.15 -13.95
CA LEU T 5 36.57 50.24 -14.75
C LEU T 5 36.44 51.52 -13.92
N ALA T 6 35.90 51.39 -12.71
CA ALA T 6 35.79 52.55 -11.84
C ALA T 6 37.17 53.09 -11.46
N TYR T 7 38.13 52.20 -11.21
CA TYR T 7 39.48 52.66 -10.91
C TYR T 7 40.09 53.40 -12.09
N LEU T 8 39.85 52.91 -13.31
CA LEU T 8 40.33 53.61 -14.49
C LEU T 8 39.70 54.98 -14.60
N LEU T 9 38.39 55.08 -14.34
CA LEU T 9 37.75 56.39 -14.32
C LEU T 9 38.40 57.28 -13.27
N GLY T 10 38.76 56.70 -12.13
CA GLY T 10 39.45 57.48 -11.11
C GLY T 10 40.78 58.00 -11.59
N GLU T 11 41.57 57.14 -12.24
CA GLU T 11 42.84 57.58 -12.79
C GLU T 11 42.63 58.75 -13.75
N LEU T 12 41.68 58.59 -14.68
CA LEU T 12 41.44 59.62 -15.67
C LEU T 12 41.01 60.93 -15.02
N ALA T 13 40.09 60.86 -14.07
CA ALA T 13 39.62 62.06 -13.39
C ALA T 13 40.75 62.74 -12.63
N TYR T 14 41.57 61.96 -11.92
CA TYR T 14 42.65 62.55 -11.14
C TYR T 14 43.67 63.22 -12.03
N LYS T 15 44.07 62.55 -13.12
CA LYS T 15 45.10 63.13 -13.98
C LYS T 15 44.64 64.44 -14.60
N LEU T 16 43.34 64.59 -14.86
CA LEU T 16 42.79 65.80 -15.45
C LEU T 16 42.31 66.81 -14.41
N GLY T 17 42.59 66.58 -13.14
CA GLY T 17 42.32 67.56 -12.10
C GLY T 17 40.91 67.63 -11.59
N GLU T 18 40.06 66.64 -11.91
CA GLU T 18 38.69 66.59 -11.40
C GLU T 18 38.62 65.77 -10.11
N TYR T 19 39.14 66.39 -9.04
CA TYR T 19 39.41 65.64 -7.81
C TYR T 19 38.13 65.12 -7.15
N ARG T 20 37.05 65.89 -7.20
CA ARG T 20 35.78 65.37 -6.68
C ARG T 20 35.35 64.12 -7.43
N ILE T 21 35.43 64.16 -8.76
CA ILE T 21 35.10 63.01 -9.57
C ILE T 21 36.00 61.84 -9.22
N ALA T 22 37.29 62.12 -9.04
CA ALA T 22 38.25 61.06 -8.70
C ALA T 22 37.91 60.41 -7.37
N ILE T 23 37.57 61.23 -6.37
CA ILE T 23 37.24 60.68 -5.06
C ILE T 23 36.04 59.75 -5.17
N ARG T 24 34.97 60.23 -5.80
CA ARG T 24 33.77 59.40 -5.86
C ARG T 24 34.01 58.13 -6.68
N ALA T 25 34.76 58.24 -7.77
CA ALA T 25 35.06 57.05 -8.58
C ALA T 25 35.88 56.04 -7.79
N TYR T 26 36.93 56.50 -7.12
CA TYR T 26 37.76 55.59 -6.34
C TYR T 26 36.96 54.92 -5.24
N ARG T 27 36.03 55.65 -4.63
CA ARG T 27 35.18 55.03 -3.61
C ARG T 27 34.28 53.96 -4.22
N ILE T 28 33.69 54.24 -5.38
CA ILE T 28 32.88 53.22 -6.05
C ILE T 28 33.71 51.97 -6.29
N ALA T 29 34.96 52.16 -6.72
CA ALA T 29 35.84 51.03 -6.97
C ALA T 29 36.13 50.27 -5.67
N LEU T 30 36.55 50.99 -4.63
CA LEU T 30 36.99 50.36 -3.39
C LEU T 30 35.86 49.62 -2.68
N LYS T 31 34.61 50.04 -2.88
CA LYS T 31 33.53 49.41 -2.15
C LYS T 31 33.44 47.91 -2.42
N ARG T 32 34.05 47.42 -3.50
CA ARG T 32 34.08 45.98 -3.76
C ARG T 32 35.49 45.47 -4.04
N ASP T 33 36.52 46.20 -3.60
CA ASP T 33 37.90 45.73 -3.72
C ASP T 33 38.77 46.37 -2.65
N PRO T 34 38.47 46.11 -1.37
CA PRO T 34 39.16 46.84 -0.29
C PRO T 34 40.66 46.60 -0.19
N ASN T 35 41.17 45.52 -0.77
CA ASN T 35 42.59 45.20 -0.69
C ASN T 35 43.44 45.96 -1.71
N ASN T 36 42.84 46.84 -2.51
CA ASN T 36 43.54 47.51 -3.61
C ASN T 36 44.41 48.64 -3.05
N ALA T 37 45.72 48.39 -3.00
CA ALA T 37 46.63 49.37 -2.41
C ALA T 37 46.64 50.68 -3.19
N GLU T 38 46.85 50.61 -4.50
CA GLU T 38 46.95 51.82 -5.29
C GLU T 38 45.67 52.63 -5.24
N ALA T 39 44.52 51.96 -5.08
CA ALA T 39 43.26 52.70 -4.97
C ALA T 39 43.22 53.56 -3.72
N TRP T 40 43.59 52.98 -2.58
CA TRP T 40 43.66 53.76 -1.35
C TRP T 40 44.67 54.89 -1.49
N TYR T 41 45.83 54.60 -2.06
CA TYR T 41 46.85 55.63 -2.21
C TYR T 41 46.35 56.80 -3.06
N ASN T 42 45.71 56.49 -4.19
CA ASN T 42 45.22 57.55 -5.07
C ASN T 42 44.07 58.31 -4.42
N LEU T 43 43.22 57.63 -3.64
CA LEU T 43 42.17 58.35 -2.93
C LEU T 43 42.77 59.34 -1.94
N GLY T 44 43.78 58.91 -1.19
CA GLY T 44 44.46 59.84 -0.29
C GLY T 44 45.09 60.98 -1.05
N ASN T 45 45.66 60.70 -2.22
CA ASN T 45 46.25 61.76 -3.03
C ASN T 45 45.20 62.75 -3.51
N ALA T 46 44.03 62.24 -3.90
CA ALA T 46 42.95 63.10 -4.36
C ALA T 46 42.48 64.02 -3.25
N TYR T 47 42.39 63.50 -2.03
CA TYR T 47 42.10 64.37 -0.89
C TYR T 47 43.22 65.38 -0.68
N THR T 48 44.48 64.92 -0.75
CA THR T 48 45.61 65.80 -0.46
C THR T 48 45.69 66.97 -1.41
N LYS T 49 45.36 66.75 -2.68
CA LYS T 49 45.42 67.85 -3.65
C LYS T 49 44.54 69.02 -3.21
N GLN T 50 43.39 68.74 -2.60
CA GLN T 50 42.52 69.81 -2.12
C GLN T 50 42.94 70.28 -0.73
N GLY T 51 43.33 69.36 0.13
CA GLY T 51 43.54 69.63 1.54
C GLY T 51 43.06 68.45 2.36
N ASP T 52 42.22 68.70 3.37
CA ASP T 52 41.54 67.63 4.10
C ASP T 52 42.53 66.60 4.63
N TYR T 53 43.72 67.06 5.02
CA TYR T 53 44.79 66.13 5.39
C TYR T 53 44.36 65.22 6.54
N ASP T 54 43.57 65.75 7.47
CA ASP T 54 43.11 64.94 8.61
C ASP T 54 42.40 63.68 8.16
N GLU T 55 41.80 63.68 6.97
CA GLU T 55 41.17 62.50 6.40
C GLU T 55 42.10 61.75 5.44
N ALA T 56 42.95 62.48 4.71
CA ALA T 56 43.87 61.82 3.79
C ALA T 56 44.81 60.87 4.53
N ILE T 57 45.21 61.23 5.75
CA ILE T 57 46.15 60.40 6.49
C ILE T 57 45.56 59.02 6.75
N GLU T 58 44.25 58.92 6.98
CA GLU T 58 43.66 57.61 7.22
C GLU T 58 43.83 56.69 6.02
N TYR T 59 43.56 57.20 4.82
CA TYR T 59 43.67 56.37 3.62
C TYR T 59 45.12 56.06 3.32
N TYR T 60 46.02 57.02 3.55
CA TYR T 60 47.45 56.72 3.40
C TYR T 60 47.88 55.60 4.35
N LEU T 61 47.40 55.65 5.60
CA LEU T 61 47.71 54.62 6.57
C LEU T 61 47.19 53.26 6.12
N ARG T 62 45.96 53.21 5.62
CA ARG T 62 45.44 51.95 5.13
C ARG T 62 46.29 51.43 3.98
N ALA T 63 46.72 52.32 3.08
CA ALA T 63 47.56 51.91 1.98
C ALA T 63 48.88 51.33 2.47
N LEU T 64 49.49 51.97 3.47
CA LEU T 64 50.74 51.44 4.01
C LEU T 64 50.53 50.11 4.69
N VAL T 65 49.41 49.93 5.39
CA VAL T 65 49.10 48.65 5.99
C VAL T 65 49.03 47.57 4.92
N LEU T 66 48.41 47.90 3.78
CA LEU T 66 48.28 46.93 2.70
C LEU T 66 49.55 46.79 1.86
N ASP T 67 50.49 47.72 1.98
CA ASP T 67 51.72 47.70 1.18
C ASP T 67 52.81 48.44 1.94
N PRO T 68 53.50 47.76 2.86
CA PRO T 68 54.47 48.45 3.72
C PRO T 68 55.69 48.97 2.97
N ASN T 69 55.94 48.54 1.74
CA ASN T 69 57.08 49.00 0.97
C ASN T 69 56.78 50.24 0.14
N ASN T 70 55.56 50.78 0.22
CA ASN T 70 55.13 51.88 -0.65
C ASN T 70 55.80 53.18 -0.20
N ALA T 71 56.99 53.42 -0.75
CA ALA T 71 57.75 54.61 -0.32
C ALA T 71 57.04 55.90 -0.68
N GLU T 72 56.40 55.97 -1.84
CA GLU T 72 55.72 57.20 -2.23
C GLU T 72 54.56 57.50 -1.29
N ALA T 73 53.80 56.47 -0.92
CA ALA T 73 52.72 56.67 0.04
C ALA T 73 53.26 57.16 1.37
N ALA T 74 54.41 56.63 1.79
CA ALA T 74 55.03 57.08 3.03
C ALA T 74 55.42 58.56 2.93
N THR T 75 55.99 58.97 1.81
CA THR T 75 56.38 60.37 1.64
C THR T 75 55.16 61.27 1.71
N ASN T 76 54.09 60.91 0.99
CA ASN T 76 52.90 61.75 0.99
C ASN T 76 52.23 61.76 2.36
N LEU T 77 52.28 60.63 3.09
CA LEU T 77 51.75 60.60 4.44
C LEU T 77 52.54 61.50 5.36
N GLY T 78 53.87 61.52 5.21
CA GLY T 78 54.68 62.43 5.99
C GLY T 78 54.34 63.88 5.71
N GLN T 79 54.14 64.21 4.43
CA GLN T 79 53.73 65.56 4.07
C GLN T 79 52.36 65.88 4.66
N ALA T 80 51.44 64.93 4.65
CA ALA T 80 50.12 65.15 5.25
C ALA T 80 50.23 65.40 6.74
N TYR T 81 51.07 64.63 7.44
CA TYR T 81 51.27 64.87 8.86
C TYR T 81 51.89 66.23 9.12
N MET T 82 52.84 66.64 8.26
CA MET T 82 53.43 67.97 8.41
C MET T 82 52.38 69.05 8.22
N ASN T 83 51.47 68.86 7.26
CA ASN T 83 50.36 69.80 7.09
C ASN T 83 49.46 69.79 8.32
N GLN T 84 49.30 68.64 8.96
CA GLN T 84 48.62 68.56 10.25
C GLN T 84 49.45 69.15 11.39
N GLY T 85 50.71 69.49 11.14
CA GLY T 85 51.56 70.07 12.15
C GLY T 85 52.28 69.10 13.06
N ASP T 86 52.13 67.78 12.83
CA ASP T 86 52.82 66.78 13.63
C ASP T 86 54.20 66.53 13.02
N LYS T 87 55.16 67.34 13.45
CA LYS T 87 56.53 67.23 12.93
C LYS T 87 57.11 65.86 13.23
N ASP T 88 56.79 65.28 14.39
CA ASP T 88 57.41 64.02 14.79
C ASP T 88 57.03 62.90 13.84
N ARG T 89 55.73 62.61 13.73
CA ARG T 89 55.29 61.50 12.87
C ARG T 89 55.56 61.79 11.41
N ALA T 90 55.41 63.05 10.98
CA ALA T 90 55.74 63.41 9.61
C ALA T 90 57.19 63.08 9.29
N LYS T 91 58.11 63.49 10.17
CA LYS T 91 59.51 63.17 9.97
C LYS T 91 59.74 61.66 10.01
N LEU T 92 59.04 60.96 10.89
CA LEU T 92 59.18 59.50 10.95
C LEU T 92 58.82 58.88 9.61
N MET T 93 57.70 59.29 9.02
CA MET T 93 57.27 58.70 7.75
C MET T 93 58.18 59.13 6.60
N LEU T 94 58.68 60.36 6.62
CA LEU T 94 59.65 60.78 5.60
C LEU T 94 60.91 59.93 5.67
N LEU T 95 61.41 59.71 6.88
CA LEU T 95 62.58 58.84 7.05
C LEU T 95 62.27 57.42 6.61
N LEU T 96 61.05 56.94 6.88
CA LEU T 96 60.64 55.63 6.39
C LEU T 96 60.71 55.57 4.87
N ALA T 97 60.23 56.61 4.21
CA ALA T 97 60.28 56.66 2.75
C ALA T 97 61.72 56.63 2.26
N LEU T 98 62.59 57.42 2.89
CA LEU T 98 63.99 57.44 2.48
C LEU T 98 64.66 56.09 2.71
N LYS T 99 64.28 55.38 3.78
CA LYS T 99 64.82 54.05 4.02
C LYS T 99 64.33 53.07 2.97
N LEU T 100 63.07 53.16 2.58
CA LEU T 100 62.50 52.26 1.58
C LEU T 100 63.08 52.56 0.20
N ASP U 1 -19.71 32.15 -12.02
CA ASP U 1 -21.04 32.09 -11.35
C ASP U 1 -21.93 33.24 -11.83
N VAL U 2 -21.57 34.45 -11.42
CA VAL U 2 -22.41 35.63 -11.64
C VAL U 2 -22.54 36.01 -13.12
N SER U 3 -21.75 35.39 -13.99
CA SER U 3 -21.76 35.79 -15.40
C SER U 3 -23.18 35.77 -15.97
N ALA U 4 -24.00 34.82 -15.52
CA ALA U 4 -25.36 34.71 -16.05
C ALA U 4 -26.13 36.00 -15.85
N LEU U 5 -25.82 36.76 -14.81
CA LEU U 5 -26.51 38.01 -14.53
C LEU U 5 -25.79 39.23 -15.08
N ALA U 6 -24.47 39.19 -15.19
CA ALA U 6 -23.70 40.37 -15.58
C ALA U 6 -24.18 40.94 -16.91
N TYR U 7 -24.52 40.07 -17.86
CA TYR U 7 -24.97 40.56 -19.16
C TYR U 7 -26.22 41.42 -19.04
N VAL U 8 -27.06 41.15 -18.03
CA VAL U 8 -28.23 42.01 -17.83
C VAL U 8 -27.78 43.41 -17.45
N MET U 9 -26.77 43.52 -16.59
CA MET U 9 -26.23 44.84 -16.24
C MET U 9 -25.65 45.50 -17.48
N LEU U 10 -24.95 44.74 -18.31
CA LEU U 10 -24.34 45.33 -19.50
C LEU U 10 -25.42 45.90 -20.41
N GLY U 11 -26.50 45.15 -20.61
CA GLY U 11 -27.59 45.64 -21.43
C GLY U 11 -28.26 46.85 -20.83
N LEU U 12 -28.45 46.84 -19.50
CA LEU U 12 -29.06 47.98 -18.84
C LEU U 12 -28.20 49.23 -18.99
N LEU U 13 -26.88 49.08 -18.85
CA LEU U 13 -25.99 50.21 -19.05
C LEU U 13 -26.10 50.75 -20.47
N LEU U 14 -26.03 49.85 -21.45
CA LEU U 14 -26.06 50.30 -22.84
C LEU U 14 -27.38 51.01 -23.15
N SER U 15 -28.49 50.49 -22.62
CA SER U 15 -29.78 51.16 -22.80
C SER U 15 -29.79 52.51 -22.10
N LEU U 16 -29.20 52.57 -20.90
CA LEU U 16 -29.14 53.81 -20.14
C LEU U 16 -28.27 54.84 -20.82
N LEU U 17 -27.25 54.39 -21.56
CA LEU U 17 -26.38 55.25 -22.34
C LEU U 17 -26.98 55.62 -23.69
N ASN U 18 -28.20 55.17 -23.98
CA ASN U 18 -28.87 55.43 -25.25
C ASN U 18 -28.11 54.81 -26.42
N ARG U 19 -27.82 53.52 -26.29
CA ARG U 19 -27.16 52.71 -27.30
C ARG U 19 -27.87 51.36 -27.43
N LEU U 20 -29.18 51.41 -27.67
CA LEU U 20 -30.04 50.26 -27.48
C LEU U 20 -29.61 49.05 -28.32
N SER U 21 -29.22 49.29 -29.58
CA SER U 21 -29.03 48.20 -30.51
C SER U 21 -27.96 47.21 -30.06
N LEU U 22 -27.03 47.64 -29.20
CA LEU U 22 -26.11 46.69 -28.57
C LEU U 22 -26.71 46.07 -27.33
N ALA U 23 -27.59 46.81 -26.65
CA ALA U 23 -28.25 46.29 -25.46
C ALA U 23 -29.10 45.06 -25.79
N ALA U 24 -29.76 45.08 -26.94
CA ALA U 24 -30.54 43.91 -27.34
C ALA U 24 -29.66 42.67 -27.42
N GLU U 25 -28.48 42.79 -28.02
CA GLU U 25 -27.58 41.64 -28.13
C GLU U 25 -27.09 41.22 -26.75
N ALA U 26 -26.79 42.18 -25.88
CA ALA U 26 -26.37 41.82 -24.52
C ALA U 26 -27.45 41.01 -23.82
N TYR U 27 -28.70 41.47 -23.91
CA TYR U 27 -29.80 40.72 -23.31
C TYR U 27 -29.91 39.33 -23.92
N LYS U 28 -29.73 39.22 -25.23
CA LYS U 28 -29.85 37.93 -25.88
C LYS U 28 -28.80 36.95 -25.38
N LYS U 29 -27.56 37.42 -25.20
CA LYS U 29 -26.55 36.53 -24.64
C LYS U 29 -26.90 36.14 -23.21
N ALA U 30 -27.43 37.11 -22.44
CA ALA U 30 -27.88 36.77 -21.09
C ALA U 30 -28.91 35.65 -21.12
N ILE U 31 -29.89 35.76 -22.02
CA ILE U 31 -30.91 34.72 -22.17
C ILE U 31 -30.26 33.40 -22.55
N GLU U 32 -29.28 33.45 -23.45
CA GLU U 32 -28.58 32.23 -23.84
C GLU U 32 -27.95 31.56 -22.62
N LEU U 33 -27.48 32.34 -21.66
CA LEU U 33 -26.95 31.73 -20.45
C LEU U 33 -28.05 31.23 -19.52
N ASP U 34 -29.23 31.83 -19.57
CA ASP U 34 -30.33 31.41 -18.71
C ASP U 34 -31.67 31.81 -19.32
N PRO U 35 -32.40 30.87 -19.95
CA PRO U 35 -33.66 31.25 -20.60
C PRO U 35 -34.80 31.52 -19.64
N ASN U 36 -34.66 31.21 -18.35
CA ASN U 36 -35.76 31.31 -17.39
C ASN U 36 -35.84 32.66 -16.70
N ASP U 37 -34.98 33.62 -17.04
CA ASP U 37 -34.93 34.89 -16.32
C ASP U 37 -36.12 35.76 -16.71
N ALA U 38 -36.99 36.04 -15.73
CA ALA U 38 -38.18 36.85 -16.00
C ALA U 38 -37.86 38.31 -16.21
N LEU U 39 -36.67 38.76 -15.84
CA LEU U 39 -36.27 40.16 -15.96
C LEU U 39 -35.59 40.45 -17.29
N ALA U 40 -34.73 39.53 -17.74
CA ALA U 40 -34.06 39.70 -19.03
C ALA U 40 -35.08 39.84 -20.14
N TRP U 41 -36.07 38.94 -20.18
CA TRP U 41 -37.06 38.97 -21.24
C TRP U 41 -37.83 40.28 -21.24
N LEU U 42 -38.24 40.74 -20.05
CA LEU U 42 -39.02 41.97 -19.97
C LEU U 42 -38.22 43.17 -20.46
N LEU U 43 -36.96 43.30 -20.02
CA LEU U 43 -36.16 44.43 -20.46
C LEU U 43 -35.88 44.35 -21.95
N LEU U 44 -35.62 43.14 -22.46
CA LEU U 44 -35.43 42.96 -23.90
C LEU U 44 -36.68 43.37 -24.66
N GLY U 45 -37.85 43.04 -24.12
CA GLY U 45 -39.09 43.45 -24.75
C GLY U 45 -39.18 44.96 -24.86
N SER U 46 -38.89 45.66 -23.76
CA SER U 46 -38.95 47.12 -23.84
C SER U 46 -37.92 47.69 -24.81
N VAL U 47 -36.71 47.12 -24.85
CA VAL U 47 -35.69 47.64 -25.73
C VAL U 47 -36.10 47.46 -27.19
N LEU U 48 -36.55 46.25 -27.54
CA LEU U 48 -37.04 46.02 -28.89
C LEU U 48 -38.24 46.91 -29.20
N GLU U 49 -39.07 47.21 -28.20
CA GLU U 49 -40.16 48.14 -28.43
C GLU U 49 -39.65 49.50 -28.88
N LYS U 50 -38.66 50.04 -28.16
CA LYS U 50 -38.21 51.38 -28.47
C LYS U 50 -37.34 51.45 -29.72
N LEU U 51 -36.83 50.33 -30.21
CA LEU U 51 -36.27 50.30 -31.55
C LEU U 51 -37.33 50.28 -32.63
N LYS U 52 -38.61 50.26 -32.25
CA LYS U 52 -39.73 50.21 -33.19
C LYS U 52 -39.73 48.91 -33.98
N ARG U 53 -39.12 47.87 -33.42
CA ARG U 53 -39.17 46.51 -33.96
C ARG U 53 -40.28 45.69 -33.30
N LEU U 54 -41.52 46.18 -33.36
CA LEU U 54 -42.60 45.63 -32.54
C LEU U 54 -42.77 44.13 -32.73
N ASP U 55 -42.53 43.63 -33.95
CA ASP U 55 -42.82 42.24 -34.24
C ASP U 55 -42.17 41.30 -33.25
N GLU U 56 -40.96 41.64 -32.78
CA GLU U 56 -40.27 40.83 -31.80
C GLU U 56 -40.61 41.24 -30.37
N ALA U 57 -40.89 42.52 -30.16
CA ALA U 57 -41.17 43.02 -28.82
C ALA U 57 -42.43 42.36 -28.24
N ALA U 58 -43.46 42.20 -29.07
CA ALA U 58 -44.67 41.54 -28.59
C ALA U 58 -44.36 40.15 -28.05
N GLU U 59 -43.60 39.37 -28.82
CA GLU U 59 -43.27 38.01 -28.39
C GLU U 59 -42.40 38.00 -27.15
N ALA U 60 -41.44 38.93 -27.07
CA ALA U 60 -40.60 38.99 -25.88
C ALA U 60 -41.43 39.27 -24.63
N TYR U 61 -42.33 40.25 -24.71
CA TYR U 61 -43.21 40.53 -23.58
C TYR U 61 -44.05 39.30 -23.24
N LYS U 62 -44.57 38.63 -24.26
CA LYS U 62 -45.44 37.48 -24.01
C LYS U 62 -44.67 36.35 -23.33
N LYS U 63 -43.44 36.08 -23.75
CA LYS U 63 -42.65 35.06 -23.09
C LYS U 63 -42.33 35.44 -21.66
N ALA U 64 -42.04 36.72 -21.41
CA ALA U 64 -41.80 37.16 -20.05
C ALA U 64 -43.04 36.92 -19.19
N ILE U 65 -44.22 37.24 -19.72
CA ILE U 65 -45.46 37.03 -18.98
C ILE U 65 -45.67 35.55 -18.71
N GLU U 66 -45.40 34.70 -19.70
CA GLU U 66 -45.49 33.26 -19.48
C GLU U 66 -44.57 32.83 -18.35
N LEU U 67 -43.40 33.46 -18.23
CA LEU U 67 -42.47 33.09 -17.18
C LEU U 67 -42.86 33.63 -15.81
N LYS U 68 -43.71 34.66 -15.77
CA LYS U 68 -44.15 35.23 -14.49
C LYS U 68 -45.52 35.88 -14.70
N PRO U 69 -46.61 35.22 -14.29
CA PRO U 69 -47.92 35.54 -14.87
C PRO U 69 -48.55 36.84 -14.38
N ASN U 70 -48.27 37.28 -13.17
CA ASN U 70 -49.21 38.15 -12.45
C ASN U 70 -48.94 39.65 -12.61
N ASP U 71 -47.72 40.07 -12.95
CA ASP U 71 -47.36 41.47 -12.87
C ASP U 71 -48.14 42.28 -13.91
N ALA U 72 -48.99 43.19 -13.43
CA ALA U 72 -49.82 43.99 -14.34
C ALA U 72 -48.98 44.89 -15.23
N SER U 73 -47.78 45.28 -14.81
CA SER U 73 -46.94 46.13 -15.65
C SER U 73 -46.63 45.45 -16.98
N ALA U 74 -46.26 44.17 -16.94
CA ALA U 74 -45.95 43.46 -18.18
C ALA U 74 -47.18 43.36 -19.07
N TRP U 75 -48.34 43.07 -18.49
CA TRP U 75 -49.56 42.99 -19.29
C TRP U 75 -49.88 44.32 -19.93
N LYS U 76 -49.76 45.41 -19.19
CA LYS U 76 -50.03 46.73 -19.76
C LYS U 76 -49.07 47.05 -20.89
N GLU U 77 -47.78 46.74 -20.71
CA GLU U 77 -46.82 47.03 -21.78
C GLU U 77 -47.09 46.17 -23.01
N LEU U 78 -47.44 44.91 -22.83
CA LEU U 78 -47.80 44.08 -23.98
C LEU U 78 -49.05 44.61 -24.64
N GLY U 79 -49.99 45.13 -23.86
CA GLY U 79 -51.16 45.77 -24.45
C GLY U 79 -50.79 46.98 -25.28
N LYS U 80 -49.85 47.79 -24.79
CA LYS U 80 -49.39 48.95 -25.56
C LYS U 80 -48.76 48.50 -26.88
N VAL U 81 -47.90 47.49 -26.82
CA VAL U 81 -47.24 47.01 -28.04
C VAL U 81 -48.26 46.45 -29.01
N LEU U 82 -49.22 45.67 -28.53
CA LEU U 82 -50.26 45.14 -29.41
C LEU U 82 -51.10 46.26 -30.00
N GLU U 83 -51.44 47.27 -29.20
CA GLU U 83 -52.25 48.37 -29.69
C GLU U 83 -51.53 49.11 -30.82
N LYS U 84 -50.24 49.37 -30.63
CA LYS U 84 -49.49 50.02 -31.70
C LYS U 84 -49.33 49.10 -32.90
N LEU U 85 -49.24 47.78 -32.66
CA LEU U 85 -49.12 46.83 -33.76
C LEU U 85 -50.44 46.63 -34.48
N GLY U 86 -51.56 47.04 -33.87
CA GLY U 86 -52.84 47.08 -34.55
C GLY U 86 -53.76 45.89 -34.32
N ARG U 87 -53.34 44.90 -33.53
CA ARG U 87 -54.20 43.76 -33.21
C ARG U 87 -55.06 44.12 -31.99
N LEU U 88 -56.04 44.99 -32.25
CA LEU U 88 -56.74 45.68 -31.17
C LEU U 88 -57.45 44.72 -30.22
N ASP U 89 -58.00 43.61 -30.72
CA ASP U 89 -58.72 42.68 -29.86
C ASP U 89 -57.78 42.08 -28.81
N GLU U 90 -56.60 41.63 -29.23
CA GLU U 90 -55.65 41.09 -28.28
C GLU U 90 -55.19 42.16 -27.29
N ALA U 91 -55.08 43.42 -27.73
CA ALA U 91 -54.75 44.50 -26.82
C ALA U 91 -55.84 44.69 -25.77
N ALA U 92 -57.10 44.63 -26.19
CA ALA U 92 -58.21 44.72 -25.24
C ALA U 92 -58.16 43.58 -24.24
N GLU U 93 -57.87 42.37 -24.72
CA GLU U 93 -57.73 41.23 -23.81
C GLU U 93 -56.62 41.49 -22.80
N ALA U 94 -55.47 41.99 -23.28
CA ALA U 94 -54.35 42.26 -22.39
C ALA U 94 -54.72 43.29 -21.33
N TYR U 95 -55.39 44.37 -21.74
CA TYR U 95 -55.73 45.42 -20.77
C TYR U 95 -56.77 44.94 -19.78
N LEU U 96 -57.72 44.11 -20.23
CA LEU U 96 -58.67 43.50 -19.29
C LEU U 96 -57.94 42.63 -18.29
N ILE U 97 -56.99 41.82 -18.75
CA ILE U 97 -56.19 41.00 -17.84
C ILE U 97 -55.46 41.89 -16.84
N ALA U 98 -54.95 43.03 -17.32
CA ALA U 98 -54.23 43.95 -16.44
C ALA U 98 -55.16 44.48 -15.35
N ILE U 99 -56.36 44.91 -15.74
CA ILE U 99 -57.31 45.42 -14.75
C ILE U 99 -57.64 44.34 -13.73
N MET U 100 -57.87 43.11 -14.20
CA MET U 100 -58.28 42.05 -13.29
C MET U 100 -57.15 41.61 -12.37
N LEU U 101 -55.90 41.65 -12.84
CA LEU U 101 -54.78 41.26 -11.99
C LEU U 101 -54.53 42.30 -10.91
N ASP U 102 -54.69 43.58 -11.23
CA ASP U 102 -54.39 44.67 -10.30
C ASP U 102 -55.45 45.74 -10.43
N PRO U 103 -56.60 45.58 -9.76
CA PRO U 103 -57.66 46.58 -9.85
C PRO U 103 -57.19 47.96 -9.41
N GLU U 104 -58.01 48.96 -9.72
CA GLU U 104 -57.79 50.34 -9.29
C GLU U 104 -56.56 50.95 -9.96
N ASP U 105 -56.38 50.64 -11.25
CA ASP U 105 -55.33 51.25 -12.07
C ASP U 105 -56.01 52.13 -13.11
N ALA U 106 -55.81 53.45 -12.99
CA ALA U 106 -56.45 54.37 -13.94
C ALA U 106 -55.85 54.27 -15.33
N GLU U 107 -54.54 54.05 -15.44
CA GLU U 107 -53.92 53.92 -16.75
C GLU U 107 -54.50 52.74 -17.52
N ALA U 108 -54.69 51.61 -16.84
CA ALA U 108 -55.25 50.45 -17.51
C ALA U 108 -56.66 50.73 -18.00
N ALA U 109 -57.47 51.40 -17.19
CA ALA U 109 -58.83 51.72 -17.61
C ALA U 109 -58.83 52.66 -18.81
N LYS U 110 -57.95 53.67 -18.80
CA LYS U 110 -57.88 54.60 -19.93
C LYS U 110 -57.46 53.87 -21.20
N GLU U 111 -56.46 52.99 -21.09
CA GLU U 111 -56.02 52.24 -22.26
C GLU U 111 -57.12 51.32 -22.78
N LEU U 112 -57.85 50.68 -21.86
CA LEU U 112 -58.98 49.86 -22.28
C LEU U 112 -60.02 50.70 -23.01
N GLY U 113 -60.28 51.91 -22.50
CA GLY U 113 -61.19 52.80 -23.20
C GLY U 113 -60.71 53.14 -24.59
N LYS U 114 -59.43 53.48 -24.73
CA LYS U 114 -58.87 53.79 -26.03
C LYS U 114 -59.03 52.62 -26.99
N VAL U 115 -58.65 51.42 -26.56
CA VAL U 115 -58.68 50.26 -27.44
C VAL U 115 -60.11 49.90 -27.80
N LEU U 116 -61.03 49.97 -26.84
CA LEU U 116 -62.43 49.67 -27.13
C LEU U 116 -63.03 50.70 -28.09
N GLU U 117 -62.67 51.98 -27.91
CA GLU U 117 -63.13 53.00 -28.85
C GLU U 117 -62.63 52.72 -30.25
N LYS U 118 -61.35 52.36 -30.38
CA LYS U 118 -60.83 51.97 -31.69
C LYS U 118 -61.54 50.73 -32.22
N LEU U 119 -61.98 49.84 -31.33
CA LEU U 119 -62.76 48.68 -31.73
C LEU U 119 -64.22 49.02 -32.01
N GLY U 120 -64.67 50.23 -31.69
CA GLY U 120 -66.05 50.61 -31.91
C GLY U 120 -67.03 50.16 -30.86
N GLU U 121 -66.56 49.60 -29.74
CA GLU U 121 -67.43 49.27 -28.62
C GLU U 121 -67.64 50.52 -27.76
N LEU U 122 -68.34 51.51 -28.31
CA LEU U 122 -68.38 52.84 -27.70
C LEU U 122 -68.88 52.78 -26.26
N GLU U 123 -69.87 51.94 -25.98
CA GLU U 123 -70.44 51.89 -24.63
C GLU U 123 -69.41 51.42 -23.61
N MET U 124 -68.75 50.29 -23.89
CA MET U 124 -67.76 49.78 -22.96
C MET U 124 -66.54 50.69 -22.88
N ALA U 125 -66.18 51.32 -23.99
CA ALA U 125 -65.08 52.29 -23.98
C ALA U 125 -65.42 53.46 -23.05
N GLU U 126 -66.65 53.97 -23.13
CA GLU U 126 -67.07 55.04 -22.23
C GLU U 126 -67.07 54.58 -20.78
N GLU U 127 -67.53 53.35 -20.54
CA GLU U 127 -67.50 52.83 -19.17
C GLU U 127 -66.08 52.78 -18.62
N ALA U 128 -65.15 52.26 -19.43
CA ALA U 128 -63.75 52.19 -19.01
C ALA U 128 -63.17 53.58 -18.80
N TYR U 129 -63.51 54.54 -19.68
CA TYR U 129 -63.01 55.90 -19.54
C TYR U 129 -63.50 56.52 -18.23
N LYS U 130 -64.79 56.33 -17.92
CA LYS U 130 -65.31 56.84 -16.65
C LYS U 130 -64.61 56.17 -15.46
N LEU U 131 -64.38 54.87 -15.55
CA LEU U 131 -63.68 54.17 -14.48
C LEU U 131 -62.28 54.75 -14.29
N ALA U 132 -61.58 55.00 -15.39
CA ALA U 132 -60.24 55.59 -15.32
C ALA U 132 -60.30 56.97 -14.68
N ILE U 133 -61.27 57.79 -15.10
CA ILE U 133 -61.39 59.14 -14.55
C ILE U 133 -61.66 59.09 -13.06
N LYS U 134 -62.41 58.08 -12.62
CA LYS U 134 -62.71 57.96 -11.19
C LYS U 134 -61.53 57.41 -10.40
N LEU U 135 -60.72 56.54 -11.01
CA LEU U 135 -59.71 55.80 -10.28
C LEU U 135 -58.55 56.67 -9.79
N ASP U 136 -58.24 57.76 -10.48
CA ASP U 136 -57.12 58.60 -10.08
C ASP U 136 -57.53 60.07 -10.14
N PRO U 137 -57.15 60.86 -9.13
CA PRO U 137 -57.53 62.28 -9.15
C PRO U 137 -56.87 63.06 -10.27
N ASN U 138 -55.71 62.64 -10.75
CA ASN U 138 -54.99 63.35 -11.81
C ASN U 138 -55.18 62.73 -13.19
N ASP U 139 -56.06 61.74 -13.32
CA ASP U 139 -56.31 61.12 -14.61
C ASP U 139 -56.76 62.14 -15.65
N GLU V 1 -22.88 17.12 -50.29
CA GLU V 1 -21.55 16.44 -50.41
C GLU V 1 -21.24 16.13 -51.87
N GLU V 2 -20.21 15.31 -52.10
CA GLU V 2 -19.75 15.04 -53.45
C GLU V 2 -20.84 14.46 -54.33
N ALA V 3 -21.82 13.76 -53.75
CA ALA V 3 -22.88 13.17 -54.56
C ALA V 3 -23.58 14.22 -55.40
N GLU V 4 -23.92 15.36 -54.78
CA GLU V 4 -24.65 16.40 -55.50
C GLU V 4 -23.79 17.00 -56.61
N LEU V 5 -22.51 17.24 -56.33
CA LEU V 5 -21.64 17.82 -57.34
C LEU V 5 -21.46 16.87 -58.52
N ALA V 6 -21.24 15.59 -58.24
CA ALA V 6 -21.10 14.61 -59.31
C ALA V 6 -22.38 14.50 -60.12
N TYR V 7 -23.54 14.53 -59.46
CA TYR V 7 -24.80 14.49 -60.20
C TYR V 7 -24.96 15.73 -61.07
N LEU V 8 -24.55 16.89 -60.57
CA LEU V 8 -24.61 18.10 -61.40
C LEU V 8 -23.73 17.95 -62.63
N LEU V 9 -22.52 17.41 -62.44
CA LEU V 9 -21.66 17.17 -63.60
C LEU V 9 -22.32 16.19 -64.57
N GLY V 10 -23.02 15.19 -64.02
CA GLY V 10 -23.74 14.27 -64.88
C GLY V 10 -24.81 14.97 -65.70
N GLU V 11 -25.58 15.84 -65.06
CA GLU V 11 -26.60 16.61 -65.78
C GLU V 11 -25.96 17.42 -66.91
N LEU V 12 -24.87 18.12 -66.58
CA LEU V 12 -24.23 18.97 -67.58
C LEU V 12 -23.71 18.14 -68.74
N ALA V 13 -23.05 17.01 -68.45
CA ALA V 13 -22.51 16.17 -69.51
C ALA V 13 -23.62 15.61 -70.38
N TYR V 14 -24.69 15.09 -69.76
CA TYR V 14 -25.77 14.48 -70.53
C TYR V 14 -26.46 15.51 -71.42
N LYS V 15 -26.77 16.68 -70.87
CA LYS V 15 -27.52 17.66 -71.64
C LYS V 15 -26.72 18.14 -72.85
N LEU V 16 -25.40 18.19 -72.75
CA LEU V 16 -24.55 18.56 -73.87
C LEU V 16 -24.17 17.38 -74.74
N GLY V 17 -24.80 16.22 -74.56
CA GLY V 17 -24.60 15.08 -75.44
C GLY V 17 -23.39 14.23 -75.14
N GLU V 18 -22.67 14.48 -74.05
CA GLU V 18 -21.50 13.70 -73.69
C GLU V 18 -21.89 12.50 -72.82
N TYR V 19 -22.63 11.58 -73.43
CA TYR V 19 -23.08 10.39 -72.71
C TYR V 19 -21.88 9.59 -72.20
N ARG V 20 -20.85 9.47 -73.03
CA ARG V 20 -19.63 8.77 -72.62
C ARG V 20 -19.06 9.36 -71.35
N ILE V 21 -19.32 10.63 -71.08
CA ILE V 21 -18.91 11.27 -69.84
C ILE V 21 -19.99 11.16 -68.77
N ALA V 22 -21.26 11.28 -69.18
CA ALA V 22 -22.35 11.28 -68.21
C ALA V 22 -22.42 9.97 -67.44
N ILE V 23 -22.16 8.84 -68.10
CA ILE V 23 -22.23 7.56 -67.40
C ILE V 23 -21.23 7.54 -66.24
N ARG V 24 -19.96 7.86 -66.54
CA ARG V 24 -18.94 7.85 -65.50
C ARG V 24 -19.26 8.88 -64.43
N ALA V 25 -19.81 10.03 -64.82
CA ALA V 25 -20.16 11.06 -63.85
C ALA V 25 -21.22 10.54 -62.87
N TYR V 26 -22.32 10.02 -63.41
CA TYR V 26 -23.41 9.58 -62.54
C TYR V 26 -23.00 8.41 -61.65
N ARG V 27 -22.12 7.53 -62.13
CA ARG V 27 -21.74 6.39 -61.32
C ARG V 27 -21.03 6.83 -60.04
N ILE V 28 -20.25 7.90 -60.10
CA ILE V 28 -19.59 8.40 -58.90
C ILE V 28 -20.63 8.80 -57.86
N ALA V 29 -21.68 9.50 -58.29
CA ALA V 29 -22.73 9.88 -57.35
C ALA V 29 -23.41 8.65 -56.78
N LEU V 30 -23.80 7.71 -57.64
CA LEU V 30 -24.53 6.54 -57.17
C LEU V 30 -23.68 5.69 -56.22
N LYS V 31 -22.36 5.72 -56.36
CA LYS V 31 -21.50 5.00 -55.42
C LYS V 31 -21.74 5.46 -53.99
N ARG V 32 -22.15 6.72 -53.80
CA ARG V 32 -22.39 7.26 -52.47
C ARG V 32 -23.87 7.32 -52.10
N ASP V 33 -24.77 7.43 -53.07
CA ASP V 33 -26.18 7.71 -52.81
C ASP V 33 -27.04 6.73 -53.61
N PRO V 34 -27.07 5.46 -53.20
CA PRO V 34 -27.80 4.46 -53.99
C PRO V 34 -29.30 4.66 -54.03
N ASN V 35 -29.89 5.39 -53.07
CA ASN V 35 -31.33 5.59 -53.04
C ASN V 35 -31.81 6.67 -53.99
N ASN V 36 -30.93 7.24 -54.83
CA ASN V 36 -31.27 8.39 -55.67
C ASN V 36 -31.98 7.91 -56.93
N ALA V 37 -33.31 8.00 -56.92
CA ALA V 37 -34.10 7.52 -58.06
C ALA V 37 -33.76 8.27 -59.34
N GLU V 38 -33.67 9.59 -59.28
CA GLU V 38 -33.43 10.37 -60.49
C GLU V 38 -32.07 10.04 -61.10
N ALA V 39 -31.07 9.79 -60.26
CA ALA V 39 -29.76 9.41 -60.78
C ALA V 39 -29.83 8.10 -61.56
N TRP V 40 -30.52 7.11 -61.01
CA TRP V 40 -30.69 5.85 -61.74
C TRP V 40 -31.40 6.08 -63.06
N TYR V 41 -32.49 6.88 -63.04
CA TYR V 41 -33.23 7.12 -64.27
C TYR V 41 -32.34 7.78 -65.32
N ASN V 42 -31.57 8.79 -64.92
CA ASN V 42 -30.74 9.51 -65.89
C ASN V 42 -29.61 8.63 -66.40
N LEU V 43 -29.06 7.76 -65.55
CA LEU V 43 -28.05 6.83 -66.01
C LEU V 43 -28.62 5.87 -67.05
N GLY V 44 -29.83 5.37 -66.80
CA GLY V 44 -30.48 4.54 -67.80
C GLY V 44 -30.73 5.30 -69.09
N ASN V 45 -31.09 6.58 -68.97
CA ASN V 45 -31.28 7.40 -70.18
C ASN V 45 -29.97 7.54 -70.95
N ALA V 46 -28.87 7.77 -70.23
CA ALA V 46 -27.58 7.90 -70.88
C ALA V 46 -27.22 6.62 -71.63
N TYR V 47 -27.43 5.47 -70.99
CA TYR V 47 -27.21 4.21 -71.71
C TYR V 47 -28.16 4.07 -72.89
N THR V 48 -29.38 4.59 -72.78
CA THR V 48 -30.34 4.47 -73.87
C THR V 48 -29.88 5.26 -75.09
N LYS V 49 -29.43 6.50 -74.91
CA LYS V 49 -28.94 7.28 -76.04
C LYS V 49 -27.77 6.57 -76.72
N GLN V 50 -26.95 5.86 -75.94
CA GLN V 50 -25.85 5.09 -76.51
C GLN V 50 -26.35 3.91 -77.34
N GLY V 51 -27.59 3.48 -77.15
CA GLY V 51 -28.08 2.27 -77.76
C GLY V 51 -27.73 0.99 -77.03
N ASP V 52 -27.21 1.08 -75.81
CA ASP V 52 -26.92 -0.09 -74.97
C ASP V 52 -28.16 -0.49 -74.17
N TYR V 53 -29.25 -0.79 -74.88
CA TYR V 53 -30.54 -0.99 -74.24
C TYR V 53 -30.50 -2.08 -73.18
N ASP V 54 -29.75 -3.15 -73.44
CA ASP V 54 -29.69 -4.24 -72.46
C ASP V 54 -29.19 -3.75 -71.12
N GLU V 55 -28.29 -2.77 -71.11
CA GLU V 55 -27.83 -2.18 -69.87
C GLU V 55 -28.88 -1.25 -69.26
N ALA V 56 -29.52 -0.43 -70.09
CA ALA V 56 -30.52 0.51 -69.60
C ALA V 56 -31.69 -0.20 -68.93
N ILE V 57 -31.97 -1.44 -69.34
CA ILE V 57 -33.08 -2.19 -68.75
C ILE V 57 -32.96 -2.19 -67.23
N GLU V 58 -31.81 -2.63 -66.72
CA GLU V 58 -31.65 -2.81 -65.28
C GLU V 58 -31.77 -1.49 -64.53
N TYR V 59 -31.14 -0.43 -65.05
CA TYR V 59 -31.16 0.84 -64.34
C TYR V 59 -32.56 1.45 -64.34
N TYR V 60 -33.29 1.31 -65.45
CA TYR V 60 -34.68 1.76 -65.46
C TYR V 60 -35.51 0.98 -64.46
N LEU V 61 -35.29 -0.34 -64.38
CA LEU V 61 -36.02 -1.16 -63.41
C LEU V 61 -35.74 -0.67 -61.99
N ARG V 62 -34.47 -0.42 -61.67
CA ARG V 62 -34.14 0.07 -60.34
C ARG V 62 -34.80 1.41 -60.07
N ALA V 63 -34.81 2.29 -61.08
CA ALA V 63 -35.43 3.60 -60.91
C ALA V 63 -36.92 3.47 -60.61
N LEU V 64 -37.61 2.59 -61.34
CA LEU V 64 -39.02 2.38 -61.08
C LEU V 64 -39.26 1.78 -59.70
N VAL V 65 -38.41 0.83 -59.29
CA VAL V 65 -38.56 0.24 -57.97
C VAL V 65 -38.41 1.31 -56.89
N LEU V 66 -37.49 2.25 -57.09
CA LEU V 66 -37.32 3.34 -56.14
C LEU V 66 -38.35 4.45 -56.28
N ASP V 67 -39.13 4.46 -57.36
CA ASP V 67 -40.09 5.53 -57.59
C ASP V 67 -41.22 5.01 -58.49
N PRO V 68 -42.19 4.27 -57.93
CA PRO V 68 -43.17 3.59 -58.79
C PRO V 68 -44.11 4.51 -59.54
N ASN V 69 -44.14 5.80 -59.23
CA ASN V 69 -44.99 6.75 -59.95
C ASN V 69 -44.31 7.36 -61.17
N ASN V 70 -43.06 6.99 -61.45
CA ASN V 70 -42.26 7.66 -62.48
C ASN V 70 -42.74 7.24 -63.86
N ALA V 71 -43.63 8.05 -64.44
CA ALA V 71 -44.16 7.74 -65.76
C ALA V 71 -43.08 7.77 -66.83
N GLU V 72 -42.15 8.74 -66.75
CA GLU V 72 -41.10 8.84 -67.76
C GLU V 72 -40.21 7.61 -67.74
N ALA V 73 -39.86 7.13 -66.54
CA ALA V 73 -39.07 5.90 -66.44
C ALA V 73 -39.82 4.73 -67.06
N ALA V 74 -41.13 4.64 -66.83
CA ALA V 74 -41.92 3.58 -67.43
C ALA V 74 -41.88 3.65 -68.95
N THR V 75 -42.04 4.86 -69.50
CA THR V 75 -42.02 5.02 -70.96
C THR V 75 -40.67 4.59 -71.53
N ASN V 76 -39.58 5.05 -70.91
CA ASN V 76 -38.27 4.72 -71.45
C ASN V 76 -37.93 3.25 -71.24
N LEU V 77 -38.44 2.63 -70.18
CA LEU V 77 -38.25 1.19 -70.01
C LEU V 77 -39.04 0.42 -71.06
N GLY V 78 -40.23 0.90 -71.40
CA GLY V 78 -40.96 0.32 -72.52
C GLY V 78 -40.16 0.41 -73.80
N GLN V 79 -39.54 1.58 -74.04
CA GLN V 79 -38.68 1.73 -75.20
C GLN V 79 -37.52 0.74 -75.16
N ALA V 80 -36.91 0.56 -73.98
CA ALA V 80 -35.81 -0.38 -73.85
C ALA V 80 -36.25 -1.81 -74.18
N TYR V 81 -37.39 -2.23 -73.65
CA TYR V 81 -37.89 -3.57 -73.94
C TYR V 81 -38.22 -3.72 -75.42
N MET V 82 -38.80 -2.68 -76.03
CA MET V 82 -39.12 -2.73 -77.45
C MET V 82 -37.86 -2.87 -78.28
N ASN V 83 -36.81 -2.14 -77.93
CA ASN V 83 -35.55 -2.30 -78.65
C ASN V 83 -34.92 -3.66 -78.39
N GLN V 84 -35.17 -4.24 -77.21
CA GLN V 84 -34.78 -5.62 -76.95
C GLN V 84 -35.69 -6.63 -77.64
N GLY V 85 -36.76 -6.18 -78.27
CA GLY V 85 -37.67 -7.05 -78.99
C GLY V 85 -38.76 -7.69 -78.17
N ASP V 86 -38.83 -7.42 -76.86
CA ASP V 86 -39.89 -7.97 -76.00
C ASP V 86 -41.11 -7.07 -76.13
N LYS V 87 -41.93 -7.38 -77.15
CA LYS V 87 -43.13 -6.60 -77.37
C LYS V 87 -44.06 -6.64 -76.16
N ASP V 88 -44.13 -7.79 -75.49
CA ASP V 88 -45.10 -7.96 -74.41
C ASP V 88 -44.78 -7.04 -73.23
N ARG V 89 -43.59 -7.16 -72.65
CA ARG V 89 -43.24 -6.32 -71.51
C ARG V 89 -43.12 -4.86 -71.91
N ALA V 90 -42.68 -4.58 -73.14
CA ALA V 90 -42.64 -3.20 -73.61
C ALA V 90 -44.02 -2.58 -73.58
N LYS V 91 -45.01 -3.28 -74.14
CA LYS V 91 -46.38 -2.79 -74.12
C LYS V 91 -46.91 -2.69 -72.69
N LEU V 92 -46.53 -3.64 -71.83
CA LEU V 92 -46.94 -3.58 -70.43
C LEU V 92 -46.47 -2.28 -69.79
N MET V 93 -45.19 -1.95 -69.97
CA MET V 93 -44.65 -0.75 -69.34
C MET V 93 -45.18 0.51 -70.00
N LEU V 94 -45.48 0.47 -71.30
CA LEU V 94 -46.11 1.63 -71.94
C LEU V 94 -47.50 1.89 -71.35
N LEU V 95 -48.28 0.82 -71.18
CA LEU V 95 -49.58 0.98 -70.54
C LEU V 95 -49.42 1.46 -69.11
N LEU V 96 -48.39 0.98 -68.42
CA LEU V 96 -48.09 1.48 -67.08
C LEU V 96 -47.84 2.98 -67.10
N ALA V 97 -47.06 3.44 -68.07
CA ALA V 97 -46.78 4.87 -68.19
C ALA V 97 -48.07 5.66 -68.41
N LEU V 98 -48.92 5.17 -69.32
CA LEU V 98 -50.17 5.87 -69.59
C LEU V 98 -51.09 5.87 -68.38
N LYS V 99 -51.05 4.81 -67.57
CA LYS V 99 -51.87 4.79 -66.36
C LYS V 99 -51.32 5.74 -65.29
N LEU V 100 -50.01 5.78 -65.14
CA LEU V 100 -49.38 6.61 -64.12
C LEU V 100 -49.57 8.09 -64.43
N ASP W 1 19.95 -31.13 16.21
CA ASP W 1 19.96 -31.96 14.97
C ASP W 1 20.51 -33.35 15.26
N VAL W 2 19.89 -34.36 14.64
CA VAL W 2 20.20 -35.75 14.93
C VAL W 2 21.64 -36.11 14.60
N SER W 3 22.30 -35.31 13.75
CA SER W 3 23.70 -35.57 13.44
C SER W 3 24.55 -35.60 14.70
N ALA W 4 24.15 -34.87 15.73
CA ALA W 4 24.90 -34.90 16.98
C ALA W 4 24.95 -36.29 17.59
N LEU W 5 23.91 -37.10 17.35
CA LEU W 5 23.85 -38.45 17.88
C LEU W 5 24.34 -39.48 16.88
N ALA W 6 24.14 -39.25 15.58
CA ALA W 6 24.47 -40.26 14.58
C ALA W 6 25.93 -40.70 14.67
N TYR W 7 26.84 -39.76 14.94
CA TYR W 7 28.24 -40.13 15.03
C TYR W 7 28.49 -41.13 16.15
N VAL W 8 27.69 -41.08 17.21
CA VAL W 8 27.84 -42.06 18.28
C VAL W 8 27.53 -43.46 17.75
N MET W 9 26.47 -43.58 16.94
CA MET W 9 26.18 -44.87 16.33
C MET W 9 27.32 -45.30 15.41
N LEU W 10 27.88 -44.35 14.66
CA LEU W 10 28.96 -44.72 13.75
C LEU W 10 30.15 -45.26 14.53
N GLY W 11 30.49 -44.62 15.65
CA GLY W 11 31.57 -45.11 16.46
C GLY W 11 31.25 -46.46 17.09
N LEU W 12 30.02 -46.64 17.53
CA LEU W 12 29.63 -47.91 18.12
C LEU W 12 29.74 -49.03 17.09
N LEU W 13 29.33 -48.77 15.85
CA LEU W 13 29.49 -49.77 14.80
C LEU W 13 30.96 -50.07 14.57
N LEU W 14 31.78 -49.03 14.40
CA LEU W 14 33.18 -49.25 14.11
C LEU W 14 33.93 -49.85 15.29
N SER W 15 33.33 -49.88 16.48
CA SER W 15 33.89 -50.62 17.61
C SER W 15 33.33 -52.03 17.72
N LEU W 16 32.09 -52.24 17.29
CA LEU W 16 31.48 -53.55 17.28
C LEU W 16 32.11 -54.43 16.21
N LEU W 17 32.25 -53.88 15.01
CA LEU W 17 33.23 -54.37 14.05
C LEU W 17 34.60 -53.86 14.48
N ASN W 18 35.62 -54.70 14.35
CA ASN W 18 36.92 -54.41 14.95
C ASN W 18 37.67 -53.37 14.11
N ARG W 19 37.30 -52.10 14.33
CA ARG W 19 38.02 -50.96 13.77
C ARG W 19 38.07 -49.81 14.76
N LEU W 20 38.54 -50.08 15.97
CA LEU W 20 38.53 -49.09 17.05
C LEU W 20 39.14 -47.76 16.63
N SER W 21 40.25 -47.81 15.89
CA SER W 21 41.03 -46.59 15.63
C SER W 21 40.23 -45.55 14.85
N LEU W 22 39.22 -45.97 14.08
CA LEU W 22 38.29 -45.04 13.45
C LEU W 22 37.13 -44.67 14.36
N ALA W 23 36.74 -45.59 15.25
CA ALA W 23 35.68 -45.32 16.20
C ALA W 23 36.06 -44.14 17.10
N ALA W 24 37.33 -44.08 17.50
CA ALA W 24 37.76 -42.95 18.33
C ALA W 24 37.51 -41.62 17.62
N GLU W 25 37.85 -41.54 16.33
CA GLU W 25 37.64 -40.31 15.58
C GLU W 25 36.16 -40.00 15.44
N ALA W 26 35.33 -41.03 15.22
CA ALA W 26 33.90 -40.79 15.15
C ALA W 26 33.37 -40.22 16.46
N TYR W 27 33.81 -40.77 17.59
CA TYR W 27 33.41 -40.24 18.88
C TYR W 27 33.87 -38.81 19.05
N LYS W 28 35.10 -38.50 18.61
CA LYS W 28 35.60 -37.14 18.74
C LYS W 28 34.75 -36.15 17.94
N LYS W 29 34.36 -36.54 16.73
CA LYS W 29 33.46 -35.68 15.97
C LYS W 29 32.14 -35.48 16.72
N ALA W 30 31.59 -36.55 17.27
CA ALA W 30 30.36 -36.43 18.04
C ALA W 30 30.52 -35.45 19.19
N ILE W 31 31.64 -35.57 19.92
CA ILE W 31 31.91 -34.67 21.03
C ILE W 31 31.98 -33.23 20.55
N GLU W 32 32.68 -33.00 19.44
CA GLU W 32 32.80 -31.63 18.93
C GLU W 32 31.44 -31.08 18.52
N LEU W 33 30.50 -31.95 18.15
CA LEU W 33 29.15 -31.48 17.89
C LEU W 33 28.40 -31.18 19.19
N ASP W 34 28.70 -31.91 20.27
CA ASP W 34 28.04 -31.69 21.55
C ASP W 34 28.94 -32.16 22.69
N PRO W 35 29.66 -31.24 23.36
CA PRO W 35 30.60 -31.68 24.39
C PRO W 35 29.94 -32.20 25.66
N ASN W 36 28.64 -32.00 25.85
CA ASN W 36 27.97 -32.36 27.10
C ASN W 36 27.48 -33.81 27.13
N ASP W 37 27.65 -34.58 26.06
CA ASP W 37 27.14 -35.94 26.00
C ASP W 37 27.95 -36.85 26.90
N ALA W 38 27.32 -37.36 27.97
CA ALA W 38 27.99 -38.28 28.87
C ALA W 38 28.31 -39.61 28.21
N LEU W 39 27.46 -40.06 27.29
CA LEU W 39 27.62 -41.37 26.68
C LEU W 39 28.76 -41.40 25.68
N ALA W 40 28.91 -40.32 24.91
CA ALA W 40 30.04 -40.23 23.99
C ALA W 40 31.35 -40.35 24.75
N TRP W 41 31.53 -39.53 25.79
CA TRP W 41 32.76 -39.58 26.56
C TRP W 41 32.94 -40.95 27.20
N LEU W 42 31.88 -41.51 27.78
CA LEU W 42 32.03 -42.78 28.47
C LEU W 42 32.50 -43.87 27.52
N LEU W 43 31.94 -43.92 26.31
CA LEU W 43 32.35 -44.93 25.35
C LEU W 43 33.76 -44.66 24.82
N LEU W 44 34.07 -43.40 24.53
CA LEU W 44 35.41 -43.06 24.05
C LEU W 44 36.46 -43.49 25.05
N GLY W 45 36.13 -43.40 26.34
CA GLY W 45 37.06 -43.87 27.35
C GLY W 45 37.44 -45.31 27.17
N SER W 46 36.44 -46.18 26.98
CA SER W 46 36.74 -47.59 26.80
C SER W 46 37.43 -47.88 25.47
N VAL W 47 37.11 -47.13 24.42
CA VAL W 47 37.78 -47.37 23.14
C VAL W 47 39.27 -47.04 23.27
N LEU W 48 39.59 -45.88 23.85
CA LEU W 48 40.99 -45.53 24.07
C LEU W 48 41.64 -46.51 25.04
N GLU W 49 40.90 -47.02 26.01
CA GLU W 49 41.46 -48.05 26.89
C GLU W 49 41.89 -49.27 26.10
N LYS W 50 41.06 -49.70 25.15
CA LYS W 50 41.39 -50.89 24.37
C LYS W 50 42.52 -50.61 23.39
N LEU W 51 42.65 -49.39 22.89
CA LEU W 51 43.82 -49.05 22.07
C LEU W 51 45.09 -48.88 22.89
N LYS W 52 45.03 -49.09 24.21
CA LYS W 52 46.20 -49.04 25.07
C LYS W 52 46.82 -47.65 25.14
N ARG W 53 46.03 -46.61 24.87
CA ARG W 53 46.43 -45.22 25.10
C ARG W 53 45.90 -44.74 26.44
N LEU W 54 46.43 -45.35 27.51
CA LEU W 54 45.74 -45.36 28.80
C LEU W 54 45.44 -43.95 29.32
N ASP W 55 46.41 -43.05 29.29
CA ASP W 55 46.20 -41.76 29.95
C ASP W 55 45.05 -40.99 29.30
N GLU W 56 44.93 -41.05 27.98
CA GLU W 56 43.79 -40.43 27.33
C GLU W 56 42.48 -41.06 27.80
N ALA W 57 42.49 -42.38 28.03
CA ALA W 57 41.30 -43.06 28.53
C ALA W 57 40.92 -42.57 29.92
N ALA W 58 41.90 -42.42 30.81
CA ALA W 58 41.62 -41.88 32.13
C ALA W 58 41.06 -40.46 32.03
N GLU W 59 41.64 -39.64 31.16
CA GLU W 59 41.13 -38.28 30.96
C GLU W 59 39.68 -38.32 30.51
N ALA W 60 39.37 -39.17 29.53
CA ALA W 60 38.00 -39.25 29.01
C ALA W 60 37.04 -39.72 30.09
N TYR W 61 37.45 -40.72 30.89
CA TYR W 61 36.58 -41.20 31.96
C TYR W 61 36.30 -40.09 32.97
N LYS W 62 37.33 -39.34 33.36
CA LYS W 62 37.12 -38.26 34.31
C LYS W 62 36.19 -37.19 33.74
N LYS W 63 36.39 -36.83 32.48
CA LYS W 63 35.51 -35.84 31.87
C LYS W 63 34.07 -36.34 31.81
N ALA W 64 33.89 -37.64 31.58
CA ALA W 64 32.56 -38.23 31.60
C ALA W 64 31.95 -38.15 33.00
N ILE W 65 32.73 -38.51 34.02
CA ILE W 65 32.21 -38.54 35.38
C ILE W 65 31.79 -37.15 35.83
N GLU W 66 32.54 -36.12 35.41
CA GLU W 66 32.12 -34.77 35.75
C GLU W 66 30.74 -34.46 35.19
N LEU W 67 30.36 -35.07 34.06
CA LEU W 67 29.08 -34.80 33.42
C LEU W 67 27.96 -35.69 33.90
N LYS W 68 28.25 -36.75 34.66
CA LYS W 68 27.25 -37.71 35.11
C LYS W 68 27.65 -38.23 36.48
N PRO W 69 27.50 -37.41 37.51
CA PRO W 69 28.03 -37.79 38.84
C PRO W 69 27.35 -39.03 39.39
N ASN W 70 27.96 -39.58 40.45
CA ASN W 70 27.49 -40.74 41.19
C ASN W 70 27.20 -41.94 40.29
N ASP W 71 27.85 -42.02 39.13
CA ASP W 71 27.76 -43.20 38.29
C ASP W 71 28.56 -44.34 38.90
N ALA W 72 27.90 -45.47 39.16
CA ALA W 72 28.52 -46.56 39.91
C ALA W 72 29.53 -47.36 39.11
N SER W 73 29.55 -47.23 37.78
CA SER W 73 30.43 -48.04 36.94
C SER W 73 31.48 -47.24 36.20
N ALA W 74 31.22 -45.98 35.86
CA ALA W 74 32.26 -45.14 35.31
C ALA W 74 33.44 -45.04 36.28
N TRP W 75 33.15 -44.95 37.57
CA TRP W 75 34.21 -44.92 38.57
C TRP W 75 35.02 -46.21 38.54
N LYS W 76 34.35 -47.36 38.41
CA LYS W 76 35.08 -48.62 38.37
C LYS W 76 35.98 -48.71 37.14
N GLU W 77 35.47 -48.28 35.98
CA GLU W 77 36.31 -48.32 34.78
C GLU W 77 37.50 -47.38 34.90
N LEU W 78 37.27 -46.18 35.44
CA LEU W 78 38.38 -45.27 35.69
C LEU W 78 39.37 -45.88 36.67
N GLY W 79 38.86 -46.62 37.66
CA GLY W 79 39.74 -47.32 38.58
C GLY W 79 40.60 -48.34 37.88
N LYS W 80 40.01 -49.10 36.96
CA LYS W 80 40.79 -50.08 36.20
C LYS W 80 41.89 -49.38 35.41
N VAL W 81 41.54 -48.30 34.72
CA VAL W 81 42.55 -47.60 33.91
C VAL W 81 43.66 -47.06 34.81
N LEU W 82 43.30 -46.43 35.93
CA LEU W 82 44.30 -45.90 36.84
C LEU W 82 45.18 -47.02 37.41
N GLU W 83 44.56 -48.15 37.76
CA GLU W 83 45.32 -49.26 38.32
C GLU W 83 46.34 -49.77 37.31
N LYS W 84 45.94 -49.88 36.04
CA LYS W 84 46.90 -50.24 35.01
C LYS W 84 47.96 -49.15 34.83
N LEU W 85 47.55 -47.89 34.86
CA LEU W 85 48.47 -46.79 34.58
C LEU W 85 49.45 -46.55 35.72
N GLY W 86 49.19 -47.10 36.91
CA GLY W 86 50.14 -47.08 38.00
C GLY W 86 49.90 -46.04 39.07
N ARG W 87 48.89 -45.18 38.92
CA ARG W 87 48.55 -44.19 39.95
C ARG W 87 47.65 -44.83 41.01
N LEU W 88 48.25 -45.78 41.73
CA LEU W 88 47.46 -46.69 42.57
C LEU W 88 46.65 -45.95 43.62
N ASP W 89 47.14 -44.83 44.14
CA ASP W 89 46.37 -44.10 45.14
C ASP W 89 45.05 -43.59 44.57
N GLU W 90 45.10 -43.00 43.38
CA GLU W 90 43.87 -42.55 42.75
C GLU W 90 42.97 -43.71 42.40
N ALA W 91 43.54 -44.87 42.04
CA ALA W 91 42.72 -46.05 41.80
C ALA W 91 42.01 -46.50 43.07
N ALA W 92 42.71 -46.47 44.20
CA ALA W 92 42.07 -46.80 45.47
C ALA W 92 40.95 -45.81 45.78
N GLU W 93 41.19 -44.53 45.53
CA GLU W 93 40.13 -43.54 45.72
C GLU W 93 38.92 -43.84 44.84
N ALA W 94 39.17 -44.18 43.57
CA ALA W 94 38.08 -44.49 42.66
C ALA W 94 37.28 -45.68 43.14
N TYR W 95 37.96 -46.77 43.55
CA TYR W 95 37.23 -47.94 43.99
C TYR W 95 36.52 -47.70 45.31
N LEU W 96 37.08 -46.85 46.18
CA LEU W 96 36.35 -46.44 47.38
C LEU W 96 35.08 -45.69 47.02
N ILE W 97 35.15 -44.77 46.06
CA ILE W 97 33.96 -44.08 45.60
C ILE W 97 32.96 -45.09 45.05
N ALA W 98 33.46 -46.10 44.33
CA ALA W 98 32.58 -47.12 43.77
C ALA W 98 31.83 -47.87 44.85
N ILE W 99 32.56 -48.41 45.83
CA ILE W 99 31.92 -49.17 46.88
C ILE W 99 31.03 -48.29 47.75
N MET W 100 31.31 -46.99 47.83
CA MET W 100 30.43 -46.09 48.59
C MET W 100 29.16 -45.78 47.82
N LEU W 101 29.25 -45.66 46.49
CA LEU W 101 28.06 -45.42 45.69
C LEU W 101 27.12 -46.62 45.71
N ASP W 102 27.67 -47.83 45.80
CA ASP W 102 26.88 -49.05 45.92
C ASP W 102 27.62 -49.99 46.86
N PRO W 103 27.25 -50.01 48.15
CA PRO W 103 27.97 -50.88 49.10
C PRO W 103 27.78 -52.36 48.84
N GLU W 104 26.87 -52.75 47.95
CA GLU W 104 26.61 -54.15 47.65
C GLU W 104 27.38 -54.66 46.44
N ASP W 105 28.24 -53.85 45.84
CA ASP W 105 28.99 -54.25 44.63
C ASP W 105 30.17 -55.12 45.04
N ALA W 106 30.08 -56.41 44.74
CA ALA W 106 31.18 -57.32 45.06
C ALA W 106 32.42 -57.02 44.24
N GLU W 107 32.24 -56.67 42.96
CA GLU W 107 33.39 -56.39 42.10
C GLU W 107 34.19 -55.19 42.61
N ALA W 108 33.50 -54.15 43.07
CA ALA W 108 34.19 -53.00 43.61
C ALA W 108 35.05 -53.40 44.81
N ALA W 109 34.51 -54.23 45.70
CA ALA W 109 35.28 -54.68 46.85
C ALA W 109 36.48 -55.52 46.42
N LYS W 110 36.29 -56.38 45.42
CA LYS W 110 37.40 -57.20 44.93
C LYS W 110 38.53 -56.32 44.39
N GLU W 111 38.17 -55.34 43.57
CA GLU W 111 39.19 -54.45 43.00
C GLU W 111 39.84 -53.59 44.07
N LEU W 112 39.06 -53.15 45.07
CA LEU W 112 39.64 -52.41 46.17
C LEU W 112 40.64 -53.25 46.93
N GLY W 113 40.31 -54.52 47.17
CA GLY W 113 41.27 -55.42 47.81
C GLY W 113 42.54 -55.57 46.99
N LYS W 114 42.38 -55.76 45.68
CA LYS W 114 43.54 -55.87 44.80
C LYS W 114 44.43 -54.62 44.91
N VAL W 115 43.83 -53.45 44.75
CA VAL W 115 44.59 -52.20 44.71
C VAL W 115 45.24 -51.94 46.05
N LEU W 116 44.52 -52.18 47.15
CA LEU W 116 45.09 -51.91 48.47
C LEU W 116 46.16 -52.92 48.84
N GLU W 117 46.05 -54.16 48.38
CA GLU W 117 47.14 -55.11 48.56
C GLU W 117 48.40 -54.65 47.83
N LYS W 118 48.23 -54.24 46.57
CA LYS W 118 49.38 -53.75 45.82
C LYS W 118 49.94 -52.47 46.44
N LEU W 119 49.07 -51.66 47.04
CA LEU W 119 49.44 -50.39 47.63
C LEU W 119 49.99 -50.51 49.05
N GLY W 120 49.86 -51.68 49.66
CA GLY W 120 50.43 -51.93 50.97
C GLY W 120 49.49 -51.77 52.15
N GLU W 121 48.21 -51.52 51.91
CA GLU W 121 47.21 -51.47 52.99
C GLU W 121 46.63 -52.85 53.25
N LEU W 122 47.49 -53.76 53.73
CA LEU W 122 47.13 -55.18 53.78
C LEU W 122 45.84 -55.42 54.56
N GLU W 123 45.66 -54.72 55.69
CA GLU W 123 44.46 -54.95 56.49
C GLU W 123 43.21 -54.54 55.73
N MET W 124 43.22 -53.36 55.13
CA MET W 124 42.07 -52.93 54.33
C MET W 124 41.88 -53.81 53.11
N ALA W 125 42.99 -54.31 52.54
CA ALA W 125 42.88 -55.23 51.41
C ALA W 125 42.15 -56.50 51.81
N GLU W 126 42.51 -57.08 52.97
CA GLU W 126 41.83 -58.27 53.45
C GLU W 126 40.35 -57.97 53.76
N GLU W 127 40.08 -56.81 54.35
CA GLU W 127 38.70 -56.44 54.62
C GLU W 127 37.89 -56.37 53.33
N ALA W 128 38.44 -55.72 52.30
CA ALA W 128 37.75 -55.61 51.02
C ALA W 128 37.57 -56.97 50.37
N TYR W 129 38.57 -57.84 50.47
CA TYR W 129 38.45 -59.17 49.91
C TYR W 129 37.31 -59.94 50.59
N LYS W 130 37.24 -59.85 51.92
CA LYS W 130 36.16 -60.51 52.64
C LYS W 130 34.80 -59.93 52.24
N LEU W 131 34.73 -58.60 52.09
CA LEU W 131 33.49 -57.97 51.65
C LEU W 131 33.06 -58.49 50.29
N ALA W 132 34.01 -58.56 49.34
CA ALA W 132 33.70 -59.08 48.01
C ALA W 132 33.22 -60.52 48.09
N ILE W 133 33.90 -61.35 48.89
CA ILE W 133 33.51 -62.75 49.01
C ILE W 133 32.10 -62.87 49.58
N LYS W 134 31.76 -62.03 50.57
CA LYS W 134 30.46 -62.12 51.19
C LYS W 134 29.35 -61.56 50.31
N LEU W 135 29.64 -60.53 49.51
CA LEU W 135 28.63 -59.99 48.61
C LEU W 135 28.30 -60.96 47.49
N ASP W 136 29.32 -61.59 46.90
CA ASP W 136 29.14 -62.60 45.89
C ASP W 136 30.18 -63.69 46.10
N PRO W 137 29.77 -64.96 46.11
CA PRO W 137 30.73 -66.03 46.43
C PRO W 137 31.60 -66.44 45.26
N ASN W 138 31.19 -66.17 44.02
CA ASN W 138 31.91 -66.66 42.85
C ASN W 138 33.02 -65.73 42.38
N ASP W 139 33.12 -64.53 42.91
CA ASP W 139 34.16 -63.59 42.49
C ASP W 139 35.44 -63.79 43.29
N GLU X 1 55.71 -12.85 9.35
CA GLU X 1 55.51 -12.07 8.09
C GLU X 1 56.84 -11.49 7.62
N GLU X 2 56.77 -10.58 6.62
CA GLU X 2 57.98 -10.01 6.06
C GLU X 2 58.82 -9.30 7.12
N ALA X 3 58.18 -8.81 8.19
CA ALA X 3 58.91 -8.10 9.22
C ALA X 3 60.04 -8.95 9.79
N GLU X 4 59.90 -10.27 9.77
CA GLU X 4 60.96 -11.16 10.23
C GLU X 4 61.89 -11.61 9.11
N LEU X 5 61.36 -11.86 7.92
CA LEU X 5 62.21 -12.28 6.81
C LEU X 5 63.22 -11.20 6.45
N ALA X 6 62.77 -9.94 6.40
CA ALA X 6 63.70 -8.85 6.12
C ALA X 6 64.76 -8.75 7.21
N TYR X 7 64.36 -8.93 8.47
CA TYR X 7 65.34 -8.91 9.55
C TYR X 7 66.35 -10.05 9.42
N LEU X 8 65.88 -11.22 9.01
CA LEU X 8 66.79 -12.34 8.77
C LEU X 8 67.79 -12.01 7.68
N LEU X 9 67.31 -11.41 6.59
CA LEU X 9 68.23 -10.99 5.54
C LEU X 9 69.22 -9.97 6.06
N GLY X 10 68.76 -9.05 6.89
CA GLY X 10 69.67 -8.07 7.47
C GLY X 10 70.75 -8.71 8.31
N GLU X 11 70.37 -9.68 9.15
CA GLU X 11 71.37 -10.37 9.97
C GLU X 11 72.34 -11.13 9.09
N LEU X 12 71.85 -11.80 8.04
CA LEU X 12 72.74 -12.52 7.15
C LEU X 12 73.74 -11.57 6.49
N ALA X 13 73.26 -10.42 6.03
CA ALA X 13 74.16 -9.45 5.41
C ALA X 13 75.18 -8.93 6.40
N TYR X 14 74.75 -8.62 7.63
CA TYR X 14 75.66 -8.06 8.62
C TYR X 14 76.73 -9.08 9.01
N LYS X 15 76.32 -10.32 9.28
CA LYS X 15 77.28 -11.35 9.66
C LYS X 15 78.34 -11.53 8.59
N LEU X 16 77.97 -11.37 7.33
CA LEU X 16 78.90 -11.52 6.22
C LEU X 16 79.62 -10.22 5.88
N GLY X 17 79.43 -9.17 6.66
CA GLY X 17 80.15 -7.93 6.45
C GLY X 17 79.64 -7.07 5.31
N GLU X 18 78.47 -7.36 4.77
CA GLU X 18 77.88 -6.55 3.69
C GLU X 18 76.98 -5.46 4.28
N TYR X 19 77.63 -4.55 5.01
CA TYR X 19 76.88 -3.60 5.83
C TYR X 19 75.94 -2.72 5.02
N ARG X 20 76.36 -2.29 3.83
CA ARG X 20 75.50 -1.42 3.03
C ARG X 20 74.17 -2.08 2.71
N ILE X 21 74.15 -3.41 2.65
CA ILE X 21 72.89 -4.13 2.45
C ILE X 21 72.16 -4.31 3.77
N ALA X 22 72.91 -4.56 4.84
CA ALA X 22 72.28 -4.80 6.14
C ALA X 22 71.48 -3.58 6.60
N ILE X 23 72.03 -2.39 6.40
CA ILE X 23 71.31 -1.19 6.82
C ILE X 23 69.95 -1.12 6.16
N ARG X 24 69.92 -1.28 4.84
CA ARG X 24 68.66 -1.16 4.11
C ARG X 24 67.70 -2.29 4.49
N ALA X 25 68.21 -3.51 4.64
CA ALA X 25 67.33 -4.62 5.02
C ALA X 25 66.69 -4.40 6.38
N TYR X 26 67.51 -4.04 7.37
CA TYR X 26 66.97 -3.75 8.69
C TYR X 26 65.95 -2.62 8.63
N ARG X 27 66.21 -1.62 7.79
CA ARG X 27 65.26 -0.53 7.66
C ARG X 27 63.94 -0.99 7.06
N ILE X 28 64.01 -1.91 6.08
CA ILE X 28 62.77 -2.48 5.55
C ILE X 28 62.00 -3.17 6.67
N ALA X 29 62.70 -3.93 7.50
CA ALA X 29 62.05 -4.66 8.58
C ALA X 29 61.40 -3.71 9.58
N LEU X 30 62.14 -2.68 10.00
CA LEU X 30 61.71 -1.86 11.13
C LEU X 30 60.43 -1.09 10.83
N LYS X 31 60.31 -0.53 9.62
CA LYS X 31 59.16 0.32 9.33
C LYS X 31 57.87 -0.49 9.27
N ARG X 32 57.95 -1.81 9.29
CA ARG X 32 56.78 -2.65 9.51
C ARG X 32 56.49 -2.87 10.98
N ASP X 33 57.51 -2.86 11.84
CA ASP X 33 57.35 -3.13 13.27
C ASP X 33 58.48 -2.43 14.01
N PRO X 34 58.21 -1.26 14.61
CA PRO X 34 59.28 -0.52 15.27
C PRO X 34 59.63 -0.98 16.67
N ASN X 35 59.01 -2.04 17.18
CA ASN X 35 59.26 -2.48 18.56
C ASN X 35 60.48 -3.38 18.71
N ASN X 36 61.10 -3.80 17.61
CA ASN X 36 62.18 -4.79 17.66
C ASN X 36 63.45 -4.14 18.16
N ALA X 37 63.73 -4.30 19.46
CA ALA X 37 64.94 -3.73 20.04
C ALA X 37 66.19 -4.28 19.38
N GLU X 38 66.22 -5.60 19.13
CA GLU X 38 67.38 -6.20 18.49
C GLU X 38 67.63 -5.58 17.12
N ALA X 39 66.57 -5.24 16.39
CA ALA X 39 66.73 -4.67 15.06
C ALA X 39 67.34 -3.28 15.13
N TRP X 40 66.86 -2.43 16.04
CA TRP X 40 67.47 -1.13 16.23
C TRP X 40 68.94 -1.25 16.62
N TYR X 41 69.23 -2.18 17.54
CA TYR X 41 70.62 -2.37 17.98
C TYR X 41 71.50 -2.80 16.81
N ASN X 42 71.03 -3.74 15.99
CA ASN X 42 71.83 -4.19 14.86
C ASN X 42 72.00 -3.09 13.82
N LEU X 43 70.96 -2.27 13.61
CA LEU X 43 71.11 -1.14 12.70
C LEU X 43 72.17 -0.16 13.21
N GLY X 44 72.18 0.09 14.51
CA GLY X 44 73.21 0.93 15.09
C GLY X 44 74.59 0.33 14.89
N ASN X 45 74.71 -0.98 15.09
CA ASN X 45 75.98 -1.66 14.87
C ASN X 45 76.43 -1.55 13.43
N ALA X 46 75.48 -1.67 12.49
CA ALA X 46 75.82 -1.54 11.07
C ALA X 46 76.36 -0.15 10.77
N TYR X 47 75.65 0.89 11.22
CA TYR X 47 76.15 2.24 11.00
C TYR X 47 77.49 2.46 11.70
N THR X 48 77.71 1.78 12.84
CA THR X 48 78.97 1.93 13.55
C THR X 48 80.12 1.36 12.75
N LYS X 49 79.98 0.12 12.27
CA LYS X 49 81.01 -0.44 11.41
C LYS X 49 81.19 0.42 10.16
N GLN X 50 80.11 1.01 9.65
CA GLN X 50 80.22 1.91 8.51
C GLN X 50 80.99 3.18 8.85
N GLY X 51 81.13 3.49 10.14
CA GLY X 51 81.82 4.70 10.56
C GLY X 51 80.94 5.93 10.67
N ASP X 52 79.62 5.79 10.53
CA ASP X 52 78.68 6.90 10.68
C ASP X 52 78.16 7.00 12.11
N TYR X 53 79.09 7.17 13.05
CA TYR X 53 78.75 7.11 14.47
C TYR X 53 77.66 8.10 14.85
N ASP X 54 77.71 9.31 14.28
CA ASP X 54 76.71 10.32 14.62
C ASP X 54 75.30 9.80 14.41
N GLU X 55 75.08 9.04 13.33
CA GLU X 55 73.76 8.49 13.04
C GLU X 55 73.51 7.17 13.75
N ALA X 56 74.57 6.41 14.09
CA ALA X 56 74.38 5.21 14.89
C ALA X 56 73.85 5.55 16.28
N ILE X 57 74.26 6.71 16.81
CA ILE X 57 73.84 7.12 18.15
C ILE X 57 72.32 7.15 18.27
N GLU X 58 71.66 7.79 17.31
CA GLU X 58 70.22 8.01 17.42
C GLU X 58 69.42 6.72 17.31
N TYR X 59 70.00 5.65 16.77
CA TYR X 59 69.34 4.35 16.79
C TYR X 59 69.68 3.55 18.03
N TYR X 60 70.93 3.66 18.52
CA TYR X 60 71.25 3.06 19.80
C TYR X 60 70.34 3.59 20.90
N LEU X 61 69.99 4.87 20.82
CA LEU X 61 69.11 5.47 21.82
C LEU X 61 67.73 4.81 21.81
N ARG X 62 67.16 4.58 20.61
CA ARG X 62 65.90 3.86 20.55
C ARG X 62 66.04 2.45 21.11
N ALA X 63 67.17 1.79 20.80
CA ALA X 63 67.40 0.46 21.33
C ALA X 63 67.37 0.46 22.85
N LEU X 64 68.02 1.44 23.47
CA LEU X 64 68.04 1.53 24.92
C LEU X 64 66.66 1.86 25.48
N VAL X 65 65.92 2.75 24.81
CA VAL X 65 64.59 3.09 25.30
C VAL X 65 63.69 1.86 25.31
N LEU X 66 63.74 1.07 24.24
CA LEU X 66 62.87 -0.10 24.15
C LEU X 66 63.38 -1.27 24.97
N ASP X 67 64.63 -1.26 25.40
CA ASP X 67 65.21 -2.34 26.21
C ASP X 67 66.23 -1.74 27.16
N PRO X 68 65.79 -1.22 28.30
CA PRO X 68 66.70 -0.46 29.17
C PRO X 68 67.79 -1.30 29.82
N ASN X 69 67.71 -2.62 29.75
CA ASN X 69 68.73 -3.50 30.33
C ASN X 69 69.80 -3.92 29.33
N ASN X 70 69.76 -3.41 28.10
CA ASN X 70 70.62 -3.88 27.02
C ASN X 70 72.05 -3.38 27.24
N ALA X 71 72.87 -4.21 27.89
CA ALA X 71 74.24 -3.81 28.18
C ALA X 71 75.06 -3.62 26.91
N GLU X 72 74.84 -4.48 25.90
CA GLU X 72 75.62 -4.36 24.67
C GLU X 72 75.32 -3.04 23.95
N ALA X 73 74.04 -2.65 23.90
CA ALA X 73 73.68 -1.37 23.30
C ALA X 73 74.33 -0.22 24.05
N ALA X 74 74.35 -0.30 25.39
CA ALA X 74 75.00 0.75 26.18
C ALA X 74 76.48 0.85 25.85
N THR X 75 77.16 -0.28 25.77
CA THR X 75 78.59 -0.26 25.46
C THR X 75 78.84 0.34 24.08
N ASN X 76 78.08 -0.09 23.08
CA ASN X 76 78.26 0.44 21.73
C ASN X 76 77.94 1.93 21.67
N LEU X 77 76.89 2.36 22.37
CA LEU X 77 76.56 3.79 22.40
C LEU X 77 77.67 4.59 23.07
N GLY X 78 78.25 4.06 24.14
CA GLY X 78 79.39 4.72 24.75
C GLY X 78 80.55 4.87 23.79
N GLN X 79 80.87 3.80 23.06
CA GLN X 79 81.91 3.88 22.05
C GLN X 79 81.57 4.91 20.97
N ALA X 80 80.29 4.96 20.57
CA ALA X 80 79.89 5.91 19.54
C ALA X 80 80.03 7.35 20.02
N TYR X 81 79.60 7.63 21.25
CA TYR X 81 79.80 8.96 21.82
C TYR X 81 81.28 9.30 21.91
N MET X 82 82.11 8.31 22.28
CA MET X 82 83.55 8.55 22.33
C MET X 82 84.08 8.89 20.94
N ASN X 83 83.58 8.22 19.90
CA ASN X 83 83.98 8.55 18.54
C ASN X 83 83.41 9.88 18.06
N GLN X 84 82.61 10.55 18.90
CA GLN X 84 82.14 11.90 18.60
C GLN X 84 82.71 12.94 19.56
N GLY X 85 83.60 12.55 20.46
CA GLY X 85 84.23 13.48 21.38
C GLY X 85 83.40 13.83 22.61
N ASP X 86 82.21 13.28 22.76
CA ASP X 86 81.40 13.49 23.96
C ASP X 86 81.84 12.55 25.08
N LYS X 87 83.06 12.80 25.57
CA LYS X 87 83.64 11.93 26.57
C LYS X 87 82.75 11.81 27.80
N ASP X 88 82.05 12.88 28.18
CA ASP X 88 81.16 12.80 29.33
C ASP X 88 80.03 11.80 29.08
N ARG X 89 79.32 11.95 27.96
CA ARG X 89 78.21 11.06 27.66
C ARG X 89 78.70 9.63 27.43
N ALA X 90 79.83 9.49 26.74
CA ALA X 90 80.40 8.16 26.52
C ALA X 90 80.73 7.49 27.85
N LYS X 91 81.37 8.23 28.76
CA LYS X 91 81.68 7.66 30.07
C LYS X 91 80.42 7.29 30.82
N LEU X 92 79.38 8.13 30.74
CA LEU X 92 78.13 7.81 31.40
C LEU X 92 77.57 6.49 30.88
N MET X 93 77.56 6.32 29.56
CA MET X 93 76.97 5.09 29.00
C MET X 93 77.85 3.88 29.26
N LEU X 94 79.18 4.05 29.30
CA LEU X 94 80.05 2.94 29.66
C LEU X 94 79.82 2.50 31.10
N LEU X 95 79.68 3.47 32.02
CA LEU X 95 79.35 3.13 33.39
C LEU X 95 78.00 2.44 33.47
N LEU X 96 77.04 2.89 32.65
CA LEU X 96 75.75 2.21 32.57
C LEU X 96 75.93 0.76 32.15
N ALA X 97 76.76 0.53 31.14
CA ALA X 97 77.01 -0.83 30.67
C ALA X 97 77.59 -1.70 31.77
N LEU X 98 78.58 -1.17 32.50
CA LEU X 98 79.18 -1.94 33.58
C LEU X 98 78.19 -2.21 34.70
N LYS X 99 77.32 -1.24 35.00
CA LYS X 99 76.30 -1.45 36.02
C LYS X 99 75.32 -2.54 35.59
N LEU X 100 74.93 -2.54 34.32
CA LEU X 100 73.98 -3.53 33.81
C LEU X 100 74.60 -4.92 33.82
N ASP Y 1 18.23 1.70 -36.18
CA ASP Y 1 19.59 1.50 -35.64
C ASP Y 1 20.66 1.69 -36.72
N VAL Y 2 21.77 2.30 -36.34
CA VAL Y 2 22.78 2.75 -37.29
C VAL Y 2 23.44 1.60 -38.05
N SER Y 3 23.36 0.37 -37.52
CA SER Y 3 23.98 -0.77 -38.20
C SER Y 3 23.51 -0.86 -39.65
N ALA Y 4 22.25 -0.53 -39.90
CA ALA Y 4 21.68 -0.66 -41.24
C ALA Y 4 22.46 0.16 -42.26
N LEU Y 5 23.12 1.23 -41.82
CA LEU Y 5 23.95 2.06 -42.67
C LEU Y 5 25.44 1.72 -42.51
N ALA Y 6 25.85 1.29 -41.32
CA ALA Y 6 27.22 0.83 -41.14
C ALA Y 6 27.56 -0.27 -42.13
N TYR Y 7 26.60 -1.16 -42.40
CA TYR Y 7 26.86 -2.19 -43.41
C TYR Y 7 27.09 -1.59 -44.78
N VAL Y 8 26.37 -0.53 -45.13
CA VAL Y 8 26.63 0.14 -46.41
C VAL Y 8 28.04 0.70 -46.43
N MET Y 9 28.47 1.26 -45.30
CA MET Y 9 29.85 1.77 -45.21
C MET Y 9 30.85 0.66 -45.44
N LEU Y 10 30.60 -0.50 -44.82
CA LEU Y 10 31.53 -1.62 -44.95
C LEU Y 10 31.60 -2.09 -46.40
N GLY Y 11 30.45 -2.19 -47.06
CA GLY Y 11 30.44 -2.59 -48.45
C GLY Y 11 31.05 -1.57 -49.37
N LEU Y 12 31.03 -0.30 -48.99
CA LEU Y 12 31.72 0.72 -49.76
C LEU Y 12 33.23 0.59 -49.61
N LEU Y 13 33.70 0.39 -48.37
CA LEU Y 13 35.14 0.21 -48.17
C LEU Y 13 35.65 -0.99 -48.94
N LEU Y 14 34.95 -2.12 -48.85
CA LEU Y 14 35.42 -3.32 -49.51
C LEU Y 14 35.36 -3.22 -51.03
N SER Y 15 34.71 -2.19 -51.57
CA SER Y 15 34.75 -1.91 -53.00
C SER Y 15 35.79 -0.85 -53.35
N LEU Y 16 36.08 0.06 -52.43
CA LEU Y 16 37.14 1.05 -52.63
C LEU Y 16 38.50 0.38 -52.58
N LEU Y 17 38.75 -0.39 -51.53
CA LEU Y 17 39.72 -1.46 -51.58
C LEU Y 17 39.14 -2.59 -52.41
N ASN Y 18 39.98 -3.21 -53.25
CA ASN Y 18 39.49 -4.03 -54.35
C ASN Y 18 39.18 -5.45 -53.85
N ARG Y 19 38.03 -5.58 -53.19
CA ARG Y 19 37.49 -6.88 -52.77
C ARG Y 19 35.98 -6.96 -53.02
N LEU Y 20 35.57 -6.60 -54.24
CA LEU Y 20 34.16 -6.49 -54.59
C LEU Y 20 33.32 -7.66 -54.08
N SER Y 21 33.86 -8.88 -54.18
CA SER Y 21 33.05 -10.06 -53.89
C SER Y 21 32.58 -10.12 -52.45
N LEU Y 22 33.30 -9.47 -51.52
CA LEU Y 22 32.80 -9.32 -50.16
C LEU Y 22 31.86 -8.12 -50.03
N ALA Y 23 32.08 -7.09 -50.86
CA ALA Y 23 31.23 -5.92 -50.83
C ALA Y 23 29.79 -6.28 -51.18
N ALA Y 24 29.61 -7.18 -52.15
CA ALA Y 24 28.27 -7.59 -52.51
C ALA Y 24 27.54 -8.20 -51.30
N GLU Y 25 28.24 -9.05 -50.54
CA GLU Y 25 27.62 -9.65 -49.36
C GLU Y 25 27.31 -8.59 -48.31
N ALA Y 26 28.21 -7.63 -48.12
CA ALA Y 26 27.95 -6.55 -47.17
C ALA Y 26 26.69 -5.78 -47.54
N TYR Y 27 26.56 -5.44 -48.82
CA TYR Y 27 25.37 -4.74 -49.28
C TYR Y 27 24.12 -5.59 -49.07
N LYS Y 28 24.23 -6.91 -49.31
CA LYS Y 28 23.08 -7.78 -49.11
C LYS Y 28 22.63 -7.79 -47.66
N LYS Y 29 23.58 -7.85 -46.72
CA LYS Y 29 23.22 -7.75 -45.32
C LYS Y 29 22.52 -6.42 -45.04
N ALA Y 30 23.07 -5.33 -45.58
CA ALA Y 30 22.45 -4.02 -45.37
C ALA Y 30 21.01 -4.02 -45.87
N ILE Y 31 20.79 -4.58 -47.07
CA ILE Y 31 19.44 -4.64 -47.63
C ILE Y 31 18.52 -5.44 -46.74
N GLU Y 32 19.00 -6.59 -46.26
CA GLU Y 32 18.15 -7.42 -45.40
C GLU Y 32 17.83 -6.71 -44.09
N LEU Y 33 18.67 -5.78 -43.65
CA LEU Y 33 18.30 -4.96 -42.50
C LEU Y 33 17.27 -3.89 -42.86
N ASP Y 34 17.29 -3.42 -44.11
CA ASP Y 34 16.34 -2.39 -44.55
C ASP Y 34 16.16 -2.48 -46.06
N PRO Y 35 15.09 -3.10 -46.55
CA PRO Y 35 14.93 -3.26 -48.01
C PRO Y 35 14.62 -1.99 -48.76
N ASN Y 36 14.26 -0.90 -48.07
CA ASN Y 36 13.82 0.32 -48.73
C ASN Y 36 14.97 1.26 -49.11
N ASP Y 37 16.21 0.93 -48.76
CA ASP Y 37 17.33 1.84 -48.95
C ASP Y 37 17.64 1.97 -50.44
N ALA Y 38 17.38 3.15 -51.00
CA ALA Y 38 17.63 3.39 -52.42
C ALA Y 38 19.11 3.50 -52.77
N LEU Y 39 19.98 3.64 -51.77
CA LEU Y 39 21.41 3.75 -52.01
C LEU Y 39 22.10 2.40 -51.99
N ALA Y 40 21.70 1.53 -51.05
CA ALA Y 40 22.25 0.18 -51.01
C ALA Y 40 22.03 -0.53 -52.33
N TRP Y 41 20.78 -0.53 -52.82
CA TRP Y 41 20.48 -1.19 -54.08
C TRP Y 41 21.29 -0.60 -55.22
N LEU Y 42 21.37 0.73 -55.27
CA LEU Y 42 22.05 1.36 -56.39
C LEU Y 42 23.53 1.00 -56.42
N LEU Y 43 24.18 0.96 -55.26
CA LEU Y 43 25.59 0.59 -55.22
C LEU Y 43 25.77 -0.90 -55.52
N LEU Y 44 24.90 -1.74 -54.96
CA LEU Y 44 24.98 -3.17 -55.23
C LEU Y 44 24.85 -3.44 -56.73
N GLY Y 45 24.07 -2.64 -57.43
CA GLY Y 45 23.94 -2.82 -58.86
C GLY Y 45 25.28 -2.69 -59.56
N SER Y 46 26.03 -1.64 -59.24
CA SER Y 46 27.33 -1.46 -59.90
C SER Y 46 28.34 -2.51 -59.44
N VAL Y 47 28.29 -2.90 -58.17
CA VAL Y 47 29.23 -3.92 -57.69
C VAL Y 47 29.00 -5.23 -58.43
N LEU Y 48 27.74 -5.64 -58.55
CA LEU Y 48 27.44 -6.85 -59.31
C LEU Y 48 27.78 -6.68 -60.78
N GLU Y 49 27.60 -5.46 -61.31
CA GLU Y 49 27.96 -5.21 -62.71
C GLU Y 49 29.43 -5.47 -62.94
N LYS Y 50 30.29 -4.97 -62.06
CA LYS Y 50 31.73 -5.11 -62.25
C LYS Y 50 32.24 -6.50 -61.93
N LEU Y 51 31.51 -7.28 -61.13
CA LEU Y 51 31.78 -8.71 -61.04
C LEU Y 51 31.32 -9.46 -62.28
N LYS Y 52 30.62 -8.79 -63.19
CA LYS Y 52 30.12 -9.39 -64.43
C LYS Y 52 29.08 -10.47 -64.15
N ARG Y 53 28.29 -10.28 -63.10
CA ARG Y 53 27.03 -11.01 -62.90
C ARG Y 53 25.85 -10.21 -63.44
N LEU Y 54 25.91 -9.83 -64.73
CA LEU Y 54 24.98 -8.85 -65.27
C LEU Y 54 23.52 -9.22 -65.00
N ASP Y 55 23.20 -10.51 -65.02
CA ASP Y 55 21.83 -10.95 -64.82
C ASP Y 55 21.27 -10.42 -63.50
N GLU Y 56 22.09 -10.38 -62.45
CA GLU Y 56 21.66 -9.84 -61.17
C GLU Y 56 21.78 -8.32 -61.12
N ALA Y 57 22.75 -7.75 -61.82
CA ALA Y 57 22.94 -6.30 -61.79
C ALA Y 57 21.75 -5.57 -62.38
N ALA Y 58 21.19 -6.08 -63.49
CA ALA Y 58 20.01 -5.44 -64.05
C ALA Y 58 18.86 -5.45 -63.06
N GLU Y 59 18.67 -6.58 -62.35
CA GLU Y 59 17.61 -6.68 -61.36
C GLU Y 59 17.81 -5.67 -60.23
N ALA Y 60 19.05 -5.57 -59.72
CA ALA Y 60 19.31 -4.62 -58.64
C ALA Y 60 19.05 -3.20 -59.09
N TYR Y 61 19.50 -2.83 -60.28
CA TYR Y 61 19.24 -1.48 -60.78
C TYR Y 61 17.75 -1.23 -60.90
N LYS Y 62 17.00 -2.21 -61.40
CA LYS Y 62 15.55 -2.04 -61.53
C LYS Y 62 14.90 -1.82 -60.18
N LYS Y 63 15.29 -2.60 -59.16
CA LYS Y 63 14.69 -2.39 -57.85
C LYS Y 63 15.03 -1.01 -57.31
N ALA Y 64 16.26 -0.55 -57.52
CA ALA Y 64 16.63 0.79 -57.06
C ALA Y 64 15.78 1.84 -57.76
N ILE Y 65 15.64 1.72 -59.09
CA ILE Y 65 14.85 2.69 -59.84
C ILE Y 65 13.39 2.66 -59.41
N GLU Y 66 12.91 1.51 -58.94
CA GLU Y 66 11.56 1.45 -58.39
C GLU Y 66 11.49 2.19 -57.06
N LEU Y 67 12.57 2.11 -56.26
CA LEU Y 67 12.50 2.67 -54.91
C LEU Y 67 12.57 4.19 -54.88
N LYS Y 68 13.32 4.82 -55.79
CA LYS Y 68 13.30 6.27 -55.93
C LYS Y 68 13.15 6.61 -57.41
N PRO Y 69 12.04 7.21 -57.82
CA PRO Y 69 11.84 7.48 -59.25
C PRO Y 69 12.72 8.61 -59.78
N ASN Y 70 12.78 8.67 -61.10
CA ASN Y 70 13.10 9.86 -61.90
C ASN Y 70 14.53 10.36 -61.73
N ASP Y 71 15.43 9.56 -61.18
CA ASP Y 71 16.86 9.92 -61.13
C ASP Y 71 17.53 9.42 -62.40
N ALA Y 72 17.95 10.35 -63.26
CA ALA Y 72 18.38 10.00 -64.61
C ALA Y 72 19.56 9.05 -64.61
N SER Y 73 20.53 9.26 -63.71
CA SER Y 73 21.76 8.49 -63.77
C SER Y 73 21.52 7.00 -63.56
N ALA Y 74 20.60 6.64 -62.66
CA ALA Y 74 20.29 5.23 -62.46
C ALA Y 74 19.76 4.59 -63.75
N TRP Y 75 18.89 5.31 -64.46
CA TRP Y 75 18.37 4.79 -65.72
C TRP Y 75 19.49 4.52 -66.71
N LYS Y 76 20.48 5.41 -66.77
CA LYS Y 76 21.59 5.22 -67.70
C LYS Y 76 22.38 3.96 -67.38
N GLU Y 77 22.66 3.71 -66.10
CA GLU Y 77 23.40 2.51 -65.74
C GLU Y 77 22.59 1.25 -66.03
N LEU Y 78 21.29 1.28 -65.75
CA LEU Y 78 20.45 0.15 -66.10
C LEU Y 78 20.46 -0.07 -67.61
N GLY Y 79 20.48 1.03 -68.37
CA GLY Y 79 20.59 0.92 -69.81
C GLY Y 79 21.89 0.27 -70.23
N LYS Y 80 22.99 0.63 -69.57
CA LYS Y 80 24.27 0.01 -69.89
C LYS Y 80 24.23 -1.49 -69.64
N VAL Y 81 23.67 -1.90 -68.49
CA VAL Y 81 23.60 -3.33 -68.19
C VAL Y 81 22.70 -4.04 -69.19
N LEU Y 82 21.54 -3.46 -69.52
CA LEU Y 82 20.66 -4.06 -70.50
C LEU Y 82 21.33 -4.16 -71.86
N GLU Y 83 22.07 -3.12 -72.26
CA GLU Y 83 22.82 -3.17 -73.51
C GLU Y 83 23.81 -4.32 -73.50
N LYS Y 84 24.53 -4.50 -72.40
CA LYS Y 84 25.46 -5.62 -72.30
C LYS Y 84 24.74 -6.95 -72.41
N LEU Y 85 23.53 -7.05 -71.84
CA LEU Y 85 22.76 -8.28 -71.90
C LEU Y 85 22.16 -8.53 -73.28
N GLY Y 86 22.22 -7.56 -74.19
CA GLY Y 86 21.69 -7.72 -75.53
C GLY Y 86 20.21 -7.42 -75.67
N ARG Y 87 19.56 -6.91 -74.63
CA ARG Y 87 18.15 -6.51 -74.71
C ARG Y 87 18.03 -5.08 -75.23
N LEU Y 88 18.52 -4.90 -76.46
CA LEU Y 88 18.74 -3.57 -76.99
C LEU Y 88 17.47 -2.73 -77.02
N ASP Y 89 16.30 -3.35 -77.19
CA ASP Y 89 15.06 -2.58 -77.16
C ASP Y 89 14.84 -1.96 -75.79
N GLU Y 90 14.97 -2.75 -74.72
CA GLU Y 90 14.82 -2.21 -73.38
C GLU Y 90 15.94 -1.22 -73.06
N ALA Y 91 17.14 -1.43 -73.59
CA ALA Y 91 18.22 -0.46 -73.39
C ALA Y 91 17.88 0.87 -74.04
N ALA Y 92 17.32 0.83 -75.25
CA ALA Y 92 16.88 2.04 -75.92
C ALA Y 92 15.78 2.73 -75.10
N GLU Y 93 14.86 1.93 -74.55
CA GLU Y 93 13.82 2.51 -73.69
C GLU Y 93 14.43 3.22 -72.49
N ALA Y 94 15.42 2.58 -71.85
CA ALA Y 94 16.04 3.17 -70.67
C ALA Y 94 16.77 4.47 -71.02
N TYR Y 95 17.54 4.47 -72.10
CA TYR Y 95 18.24 5.69 -72.50
C TYR Y 95 17.25 6.79 -72.88
N LEU Y 96 16.17 6.41 -73.56
CA LEU Y 96 15.13 7.38 -73.89
C LEU Y 96 14.56 8.00 -72.61
N ILE Y 97 14.21 7.17 -71.63
CA ILE Y 97 13.69 7.68 -70.37
C ILE Y 97 14.70 8.61 -69.72
N ALA Y 98 15.99 8.27 -69.82
CA ALA Y 98 17.02 9.16 -69.30
C ALA Y 98 16.96 10.53 -69.98
N ILE Y 99 16.77 10.53 -71.30
CA ILE Y 99 16.66 11.80 -72.03
C ILE Y 99 15.41 12.56 -71.59
N MET Y 100 14.29 11.85 -71.38
CA MET Y 100 13.07 12.51 -70.94
C MET Y 100 13.27 13.18 -69.59
N LEU Y 101 13.99 12.51 -68.68
CA LEU Y 101 14.20 13.08 -67.35
C LEU Y 101 15.12 14.29 -67.39
N ASP Y 102 16.08 14.31 -68.31
CA ASP Y 102 16.96 15.45 -68.49
C ASP Y 102 17.25 15.59 -69.98
N PRO Y 103 16.52 16.46 -70.69
CA PRO Y 103 16.72 16.56 -72.15
C PRO Y 103 18.07 17.12 -72.56
N GLU Y 104 18.84 17.68 -71.62
CA GLU Y 104 20.13 18.29 -71.93
C GLU Y 104 21.31 17.33 -71.75
N ASP Y 105 21.06 16.08 -71.36
CA ASP Y 105 22.13 15.12 -71.14
C ASP Y 105 22.69 14.64 -72.48
N ALA Y 106 23.92 15.04 -72.80
CA ALA Y 106 24.52 14.67 -74.08
C ALA Y 106 24.85 13.18 -74.16
N GLU Y 107 25.48 12.64 -73.11
CA GLU Y 107 25.94 11.25 -73.18
C GLU Y 107 24.76 10.29 -73.22
N ALA Y 108 23.63 10.65 -72.64
CA ALA Y 108 22.43 9.84 -72.80
C ALA Y 108 22.06 9.73 -74.28
N ALA Y 109 22.11 10.85 -75.00
CA ALA Y 109 21.83 10.83 -76.43
C ALA Y 109 22.88 10.01 -77.18
N LYS Y 110 24.15 10.12 -76.78
CA LYS Y 110 25.20 9.33 -77.43
C LYS Y 110 24.92 7.84 -77.28
N GLU Y 111 24.63 7.41 -76.06
CA GLU Y 111 24.33 6.00 -75.82
C GLU Y 111 23.08 5.57 -76.57
N LEU Y 112 22.05 6.42 -76.59
CA LEU Y 112 20.83 6.09 -77.33
C LEU Y 112 21.12 5.93 -78.81
N GLY Y 113 21.97 6.80 -79.36
CA GLY Y 113 22.36 6.65 -80.75
C GLY Y 113 23.08 5.34 -81.01
N LYS Y 114 24.02 4.99 -80.12
CA LYS Y 114 24.71 3.71 -80.25
C LYS Y 114 23.73 2.55 -80.28
N VAL Y 115 22.82 2.51 -79.31
CA VAL Y 115 21.88 1.40 -79.18
C VAL Y 115 20.92 1.37 -80.37
N LEU Y 116 20.45 2.54 -80.81
CA LEU Y 116 19.55 2.59 -81.95
C LEU Y 116 20.25 2.14 -83.23
N GLU Y 117 21.51 2.52 -83.41
CA GLU Y 117 22.25 2.06 -84.57
C GLU Y 117 22.36 0.54 -84.56
N LYS Y 118 22.76 -0.03 -83.43
CA LYS Y 118 22.84 -1.49 -83.35
C LYS Y 118 21.46 -2.14 -83.50
N LEU Y 119 20.40 -1.42 -83.13
CA LEU Y 119 19.04 -1.92 -83.21
C LEU Y 119 18.42 -1.75 -84.59
N GLY Y 120 19.05 -0.98 -85.47
CA GLY Y 120 18.58 -0.82 -86.83
C GLY Y 120 17.75 0.42 -87.11
N GLU Y 121 17.51 1.27 -86.11
CA GLU Y 121 16.81 2.53 -86.34
C GLU Y 121 17.79 3.58 -86.83
N LEU Y 122 18.37 3.36 -88.01
CA LEU Y 122 19.49 4.18 -88.47
C LEU Y 122 19.17 5.66 -88.44
N GLU Y 123 17.99 6.05 -88.93
CA GLU Y 123 17.64 7.48 -88.94
C GLU Y 123 17.54 8.03 -87.54
N MET Y 124 16.86 7.31 -86.64
CA MET Y 124 16.76 7.77 -85.27
C MET Y 124 18.11 7.74 -84.56
N ALA Y 125 18.96 6.77 -84.92
CA ALA Y 125 20.31 6.73 -84.36
C ALA Y 125 21.10 7.97 -84.77
N GLU Y 126 21.02 8.36 -86.04
CA GLU Y 126 21.68 9.58 -86.49
C GLU Y 126 21.13 10.81 -85.79
N GLU Y 127 19.80 10.87 -85.63
CA GLU Y 127 19.21 11.99 -84.90
C GLU Y 127 19.74 12.07 -83.48
N ALA Y 128 19.80 10.92 -82.80
CA ALA Y 128 20.31 10.89 -81.43
C ALA Y 128 21.78 11.30 -81.37
N TYR Y 129 22.59 10.84 -82.33
CA TYR Y 129 23.99 11.22 -82.35
C TYR Y 129 24.15 12.73 -82.54
N LYS Y 130 23.37 13.30 -83.47
CA LYS Y 130 23.43 14.74 -83.67
C LYS Y 130 22.99 15.49 -82.42
N LEU Y 131 21.95 15.00 -81.74
CA LEU Y 131 21.50 15.63 -80.50
C LEU Y 131 22.61 15.59 -79.45
N ALA Y 132 23.27 14.43 -79.31
CA ALA Y 132 24.37 14.32 -78.37
C ALA Y 132 25.48 15.32 -78.70
N ILE Y 133 25.82 15.43 -79.99
CA ILE Y 133 26.88 16.34 -80.39
C ILE Y 133 26.51 17.78 -80.07
N LYS Y 134 25.27 18.17 -80.37
CA LYS Y 134 24.85 19.55 -80.15
C LYS Y 134 24.76 19.87 -78.65
N LEU Y 135 24.27 18.91 -77.85
CA LEU Y 135 24.10 19.17 -76.43
C LEU Y 135 25.43 19.42 -75.73
N ASP Y 136 26.49 18.75 -76.17
CA ASP Y 136 27.82 18.95 -75.60
C ASP Y 136 28.84 18.70 -76.70
N PRO Y 137 29.33 19.76 -77.35
CA PRO Y 137 30.38 19.57 -78.37
C PRO Y 137 31.67 19.01 -77.81
N ASN Y 138 31.87 19.09 -76.49
CA ASN Y 138 33.08 18.58 -75.87
C ASN Y 138 33.04 17.07 -75.63
N ASP Y 139 31.91 16.42 -75.86
CA ASP Y 139 31.81 14.97 -75.67
C ASP Y 139 32.74 14.24 -76.62
N GLU Z 1 10.05 -37.22 -43.23
CA GLU Z 1 9.36 -37.87 -42.08
C GLU Z 1 9.38 -39.38 -42.23
N GLU Z 2 9.16 -40.10 -41.13
CA GLU Z 2 9.15 -41.56 -41.17
C GLU Z 2 8.13 -42.08 -42.16
N ALA Z 3 7.09 -41.30 -42.44
CA ALA Z 3 6.06 -41.74 -43.37
C ALA Z 3 6.66 -42.12 -44.72
N GLU Z 4 7.79 -41.52 -45.09
CA GLU Z 4 8.46 -41.88 -46.34
C GLU Z 4 9.50 -42.97 -46.15
N LEU Z 5 10.29 -42.90 -45.07
CA LEU Z 5 11.33 -43.89 -44.85
C LEU Z 5 10.74 -45.29 -44.68
N ALA Z 6 9.71 -45.41 -43.85
CA ALA Z 6 9.06 -46.71 -43.68
C ALA Z 6 8.41 -47.18 -44.98
N TYR Z 7 7.83 -46.26 -45.74
CA TYR Z 7 7.28 -46.63 -47.04
C TYR Z 7 8.37 -47.16 -47.96
N LEU Z 8 9.55 -46.53 -47.94
CA LEU Z 8 10.65 -47.01 -48.77
C LEU Z 8 11.07 -48.40 -48.35
N LEU Z 9 11.13 -48.66 -47.04
CA LEU Z 9 11.43 -50.01 -46.60
C LEU Z 9 10.38 -50.99 -47.10
N GLY Z 10 9.11 -50.59 -47.04
CA GLY Z 10 8.06 -51.45 -47.55
C GLY Z 10 8.21 -51.74 -49.03
N GLU Z 11 8.51 -50.71 -49.81
CA GLU Z 11 8.68 -50.88 -51.25
C GLU Z 11 9.85 -51.80 -51.55
N LEU Z 12 10.96 -51.62 -50.83
CA LEU Z 12 12.12 -52.48 -51.04
C LEU Z 12 11.80 -53.93 -50.69
N ALA Z 13 11.11 -54.14 -49.57
CA ALA Z 13 10.74 -55.50 -49.18
C ALA Z 13 9.81 -56.13 -50.21
N TYR Z 14 8.84 -55.37 -50.71
CA TYR Z 14 7.91 -55.91 -51.69
C TYR Z 14 8.63 -56.26 -53.00
N LYS Z 15 9.50 -55.36 -53.46
CA LYS Z 15 10.22 -55.62 -54.71
C LYS Z 15 11.05 -56.89 -54.61
N LEU Z 16 11.62 -57.15 -53.43
CA LEU Z 16 12.44 -58.34 -53.21
C LEU Z 16 11.61 -59.56 -52.83
N GLY Z 17 10.29 -59.46 -52.84
CA GLY Z 17 9.43 -60.60 -52.58
C GLY Z 17 9.31 -61.00 -51.13
N GLU Z 18 9.66 -60.12 -50.20
CA GLU Z 18 9.53 -60.41 -48.77
C GLU Z 18 8.24 -59.78 -48.21
N TYR Z 19 7.12 -60.29 -48.70
CA TYR Z 19 5.82 -59.67 -48.42
C TYR Z 19 5.55 -59.59 -46.92
N ARG Z 20 5.97 -60.60 -46.16
CA ARG Z 20 5.71 -60.62 -44.72
C ARG Z 20 6.22 -59.35 -44.05
N ILE Z 21 7.34 -58.81 -44.53
CA ILE Z 21 7.88 -57.57 -44.01
C ILE Z 21 7.19 -56.35 -44.64
N ALA Z 22 6.85 -56.45 -45.92
CA ALA Z 22 6.26 -55.34 -46.64
C ALA Z 22 4.96 -54.90 -45.99
N ILE Z 23 4.10 -55.85 -45.62
CA ILE Z 23 2.82 -55.49 -45.02
C ILE Z 23 3.04 -54.66 -43.76
N ARG Z 24 3.90 -55.15 -42.87
CA ARG Z 24 4.12 -54.46 -41.61
C ARG Z 24 4.75 -53.08 -41.84
N ALA Z 25 5.68 -52.98 -42.77
CA ALA Z 25 6.32 -51.70 -43.03
C ALA Z 25 5.32 -50.68 -43.57
N TYR Z 26 4.50 -51.10 -44.54
CA TYR Z 26 3.50 -50.20 -45.07
C TYR Z 26 2.54 -49.76 -43.98
N ARG Z 27 2.18 -50.66 -43.06
CA ARG Z 27 1.31 -50.26 -41.97
C ARG Z 27 1.98 -49.23 -41.07
N ILE Z 28 3.25 -49.42 -40.75
CA ILE Z 28 3.95 -48.45 -39.90
C ILE Z 28 3.96 -47.09 -40.60
N ALA Z 29 4.10 -47.09 -41.92
CA ALA Z 29 4.06 -45.83 -42.67
C ALA Z 29 2.67 -45.21 -42.61
N LEU Z 30 1.63 -46.00 -42.89
CA LEU Z 30 0.27 -45.49 -42.97
C LEU Z 30 -0.21 -44.93 -41.63
N LYS Z 31 0.30 -45.46 -40.52
CA LYS Z 31 -0.15 -44.96 -39.22
C LYS Z 31 0.05 -43.45 -39.10
N ARG Z 32 1.01 -42.89 -39.85
CA ARG Z 32 1.27 -41.46 -39.82
C ARG Z 32 0.67 -40.69 -40.98
N ASP Z 33 0.32 -41.36 -42.08
CA ASP Z 33 -0.08 -40.69 -43.32
C ASP Z 33 -1.20 -41.48 -43.98
N PRO Z 34 -2.43 -41.36 -43.47
CA PRO Z 34 -3.53 -42.17 -44.01
C PRO Z 34 -4.00 -41.75 -45.40
N ASN Z 35 -3.62 -40.58 -45.89
CA ASN Z 35 -4.03 -40.11 -47.21
C ASN Z 35 -3.15 -40.63 -48.34
N ASN Z 36 -2.25 -41.56 -48.08
CA ASN Z 36 -1.24 -41.99 -49.05
C ASN Z 36 -1.83 -43.07 -49.94
N ALA Z 37 -2.18 -42.69 -51.18
CA ALA Z 37 -2.84 -43.62 -52.09
C ALA Z 37 -1.95 -44.80 -52.43
N GLU Z 38 -0.72 -44.53 -52.86
CA GLU Z 38 0.16 -45.62 -53.27
C GLU Z 38 0.46 -46.56 -52.12
N ALA Z 39 0.48 -46.06 -50.89
CA ALA Z 39 0.72 -46.93 -49.75
C ALA Z 39 -0.41 -47.95 -49.59
N TRP Z 40 -1.66 -47.48 -49.66
CA TRP Z 40 -2.79 -48.41 -49.60
C TRP Z 40 -2.75 -49.38 -50.75
N TYR Z 41 -2.46 -48.89 -51.95
CA TYR Z 41 -2.42 -49.76 -53.13
C TYR Z 41 -1.39 -50.87 -52.95
N ASN Z 42 -0.17 -50.51 -52.51
CA ASN Z 42 0.87 -51.51 -52.33
C ASN Z 42 0.54 -52.47 -51.20
N LEU Z 43 -0.09 -51.98 -50.14
CA LEU Z 43 -0.51 -52.89 -49.07
C LEU Z 43 -1.51 -53.91 -49.59
N GLY Z 44 -2.48 -53.47 -50.38
CA GLY Z 44 -3.41 -54.40 -50.98
C GLY Z 44 -2.71 -55.37 -51.92
N ASN Z 45 -1.71 -54.89 -52.65
CA ASN Z 45 -0.95 -55.76 -53.54
C ASN Z 45 -0.21 -56.84 -52.75
N ALA Z 46 0.38 -56.45 -51.62
CA ALA Z 46 1.07 -57.42 -50.79
C ALA Z 46 0.11 -58.46 -50.25
N TYR Z 47 -1.05 -58.03 -49.76
CA TYR Z 47 -2.04 -59.01 -49.31
C TYR Z 47 -2.52 -59.88 -50.46
N THR Z 48 -2.56 -59.34 -51.68
CA THR Z 48 -2.98 -60.13 -52.83
C THR Z 48 -1.97 -61.23 -53.12
N LYS Z 49 -0.68 -60.89 -53.17
CA LYS Z 49 0.34 -61.92 -53.34
C LYS Z 49 0.29 -62.92 -52.18
N GLN Z 50 -0.05 -62.45 -50.97
CA GLN Z 50 -0.18 -63.35 -49.84
C GLN Z 50 -1.39 -64.28 -49.96
N GLY Z 51 -2.38 -63.90 -50.76
CA GLY Z 51 -3.58 -64.70 -50.92
C GLY Z 51 -4.73 -64.35 -50.00
N ASP Z 52 -4.65 -63.23 -49.28
CA ASP Z 52 -5.74 -62.78 -48.42
C ASP Z 52 -6.65 -61.80 -49.18
N TYR Z 53 -7.32 -62.35 -50.19
CA TYR Z 53 -7.94 -61.52 -51.21
C TYR Z 53 -9.01 -60.58 -50.65
N ASP Z 54 -9.76 -61.01 -49.62
CA ASP Z 54 -10.80 -60.14 -49.07
C ASP Z 54 -10.19 -58.93 -48.36
N GLU Z 55 -9.12 -59.14 -47.61
CA GLU Z 55 -8.45 -58.00 -46.98
C GLU Z 55 -7.79 -57.11 -48.02
N ALA Z 56 -7.23 -57.73 -49.07
CA ALA Z 56 -6.74 -56.95 -50.20
C ALA Z 56 -7.83 -56.08 -50.80
N ILE Z 57 -9.05 -56.61 -50.88
CA ILE Z 57 -10.21 -55.81 -51.30
C ILE Z 57 -10.43 -54.66 -50.34
N GLU Z 58 -10.42 -54.96 -49.03
CA GLU Z 58 -10.69 -53.95 -48.03
C GLU Z 58 -9.72 -52.79 -48.14
N TYR Z 59 -8.49 -53.05 -48.55
CA TYR Z 59 -7.51 -51.96 -48.69
C TYR Z 59 -7.52 -51.34 -50.08
N TYR Z 60 -7.78 -52.12 -51.13
CA TYR Z 60 -7.91 -51.56 -52.48
C TYR Z 60 -9.05 -50.56 -52.54
N LEU Z 61 -10.14 -50.80 -51.81
CA LEU Z 61 -11.26 -49.87 -51.81
C LEU Z 61 -10.82 -48.50 -51.33
N ARG Z 62 -10.10 -48.45 -50.20
CA ARG Z 62 -9.59 -47.18 -49.71
C ARG Z 62 -8.55 -46.60 -50.64
N ALA Z 63 -7.81 -47.44 -51.35
CA ALA Z 63 -6.87 -46.93 -52.35
C ALA Z 63 -7.61 -46.20 -53.46
N LEU Z 64 -8.73 -46.76 -53.91
CA LEU Z 64 -9.48 -46.14 -55.00
C LEU Z 64 -10.22 -44.90 -54.53
N VAL Z 65 -10.80 -44.93 -53.33
CA VAL Z 65 -11.57 -43.80 -52.84
C VAL Z 65 -10.69 -42.56 -52.75
N LEU Z 66 -9.42 -42.74 -52.35
CA LEU Z 66 -8.49 -41.62 -52.25
C LEU Z 66 -7.89 -41.24 -53.59
N ASP Z 67 -8.11 -42.04 -54.64
CA ASP Z 67 -7.56 -41.76 -55.96
C ASP Z 67 -8.45 -42.42 -57.01
N PRO Z 68 -9.56 -41.80 -57.38
CA PRO Z 68 -10.56 -42.50 -58.20
C PRO Z 68 -10.11 -42.81 -59.62
N ASN Z 69 -8.98 -42.27 -60.07
CA ASN Z 69 -8.45 -42.55 -61.40
C ASN Z 69 -7.49 -43.72 -61.45
N ASN Z 70 -7.24 -44.39 -60.32
CA ASN Z 70 -6.21 -45.41 -60.23
C ASN Z 70 -6.68 -46.68 -60.95
N ALA Z 71 -6.37 -46.73 -62.26
CA ALA Z 71 -6.82 -47.86 -63.06
C ALA Z 71 -6.20 -49.17 -62.60
N GLU Z 72 -4.93 -49.16 -62.22
CA GLU Z 72 -4.28 -50.38 -61.77
C GLU Z 72 -4.94 -50.91 -60.50
N ALA Z 73 -5.30 -50.01 -59.57
CA ALA Z 73 -5.99 -50.43 -58.37
C ALA Z 73 -7.33 -51.07 -58.71
N ALA Z 74 -8.05 -50.49 -59.67
CA ALA Z 74 -9.32 -51.08 -60.10
C ALA Z 74 -9.10 -52.47 -60.67
N THR Z 75 -8.08 -52.64 -61.52
CA THR Z 75 -7.80 -53.95 -62.09
C THR Z 75 -7.54 -54.98 -61.00
N ASN Z 76 -6.65 -54.64 -60.06
CA ASN Z 76 -6.32 -55.60 -59.00
C ASN Z 76 -7.50 -55.87 -58.09
N LEU Z 77 -8.33 -54.84 -57.84
CA LEU Z 77 -9.54 -55.05 -57.04
C LEU Z 77 -10.51 -55.99 -57.74
N GLY Z 78 -10.68 -55.83 -59.06
CA GLY Z 78 -11.52 -56.76 -59.79
C GLY Z 78 -10.99 -58.18 -59.73
N GLN Z 79 -9.67 -58.33 -59.87
CA GLN Z 79 -9.06 -59.66 -59.76
C GLN Z 79 -9.28 -60.24 -58.37
N ALA Z 80 -9.15 -59.42 -57.32
CA ALA Z 80 -9.40 -59.89 -55.97
C ALA Z 80 -10.84 -60.33 -55.79
N TYR Z 81 -11.79 -59.56 -56.34
CA TYR Z 81 -13.19 -59.97 -56.27
C TYR Z 81 -13.41 -61.28 -57.00
N MET Z 82 -12.77 -61.47 -58.15
CA MET Z 82 -12.86 -62.73 -58.87
C MET Z 82 -12.30 -63.88 -58.02
N ASN Z 83 -11.19 -63.63 -57.34
CA ASN Z 83 -10.65 -64.63 -56.43
C ASN Z 83 -11.62 -64.94 -55.29
N GLN Z 84 -12.38 -63.94 -54.86
CA GLN Z 84 -13.46 -64.14 -53.89
C GLN Z 84 -14.72 -64.72 -54.53
N GLY Z 85 -14.72 -64.95 -55.84
CA GLY Z 85 -15.84 -65.54 -56.52
C GLY Z 85 -16.97 -64.59 -56.90
N ASP Z 86 -16.85 -63.30 -56.59
CA ASP Z 86 -17.86 -62.32 -56.95
C ASP Z 86 -17.61 -61.87 -58.39
N LYS Z 87 -18.05 -62.72 -59.33
CA LYS Z 87 -17.84 -62.43 -60.75
C LYS Z 87 -18.45 -61.09 -61.15
N ASP Z 88 -19.56 -60.69 -60.52
CA ASP Z 88 -20.23 -59.46 -60.92
C ASP Z 88 -19.42 -58.22 -60.54
N ARG Z 89 -19.05 -58.11 -59.26
CA ARG Z 89 -18.20 -56.99 -58.84
C ARG Z 89 -16.88 -57.01 -59.57
N ALA Z 90 -16.31 -58.20 -59.76
CA ALA Z 90 -15.03 -58.33 -60.45
C ALA Z 90 -15.12 -57.75 -61.86
N LYS Z 91 -16.15 -58.17 -62.61
CA LYS Z 91 -16.32 -57.65 -63.96
C LYS Z 91 -16.58 -56.16 -63.95
N LEU Z 92 -17.35 -55.67 -62.98
CA LEU Z 92 -17.62 -54.24 -62.90
C LEU Z 92 -16.32 -53.46 -62.72
N MET Z 93 -15.46 -53.92 -61.81
CA MET Z 93 -14.23 -53.17 -61.54
C MET Z 93 -13.22 -53.33 -62.66
N LEU Z 94 -13.22 -54.47 -63.36
CA LEU Z 94 -12.36 -54.61 -64.53
C LEU Z 94 -12.79 -53.64 -65.63
N LEU Z 95 -14.10 -53.55 -65.86
CA LEU Z 95 -14.61 -52.58 -66.83
C LEU Z 95 -14.28 -51.16 -66.38
N LEU Z 96 -14.33 -50.91 -65.07
CA LEU Z 96 -13.91 -49.60 -64.56
C LEU Z 96 -12.45 -49.33 -64.88
N ALA Z 97 -11.59 -50.33 -64.71
CA ALA Z 97 -10.18 -50.17 -65.04
C ALA Z 97 -10.01 -49.83 -66.51
N LEU Z 98 -10.76 -50.52 -67.38
CA LEU Z 98 -10.66 -50.23 -68.81
C LEU Z 98 -11.20 -48.84 -69.13
N LYS Z 99 -12.24 -48.39 -68.42
CA LYS Z 99 -12.77 -47.05 -68.66
C LYS Z 99 -11.80 -45.98 -68.22
N LEU Z 100 -11.16 -46.16 -67.06
CA LEU Z 100 -10.25 -45.16 -66.52
C LEU Z 100 -8.99 -45.07 -67.38
N ASP AA 1 31.12 11.92 22.83
CA ASP AA 1 30.41 13.01 23.58
C ASP AA 1 31.38 13.81 24.44
N VAL AA 2 31.19 15.13 24.48
CA VAL AA 2 32.15 16.04 25.06
C VAL AA 2 32.30 15.86 26.57
N SER AA 3 31.34 15.21 27.23
CA SER AA 3 31.41 15.05 28.67
C SER AA 3 32.73 14.41 29.10
N ALA AA 4 33.25 13.49 28.27
CA ALA AA 4 34.46 12.77 28.62
C ALA AA 4 35.63 13.73 28.86
N LEU AA 5 35.60 14.90 28.22
CA LEU AA 5 36.61 15.93 28.40
C LEU AA 5 36.14 17.01 29.38
N ALA AA 6 34.84 17.26 29.44
CA ALA AA 6 34.31 18.19 30.42
C ALA AA 6 34.73 17.79 31.83
N TYR AA 7 34.74 16.49 32.11
CA TYR AA 7 35.19 16.05 33.43
C TYR AA 7 36.67 16.39 33.66
N VAL AA 8 37.50 16.27 32.63
CA VAL AA 8 38.89 16.68 32.76
C VAL AA 8 38.95 18.17 33.10
N MET AA 9 38.11 18.96 32.45
CA MET AA 9 38.08 20.39 32.74
C MET AA 9 37.72 20.64 34.19
N LEU AA 10 36.72 19.92 34.69
CA LEU AA 10 36.30 20.11 36.08
C LEU AA 10 37.43 19.76 37.04
N GLY AA 11 38.14 18.66 36.77
CA GLY AA 11 39.25 18.30 37.61
C GLY AA 11 40.35 19.35 37.59
N LEU AA 12 40.63 19.89 36.40
CA LEU AA 12 41.65 20.93 36.30
C LEU AA 12 41.25 22.16 37.12
N LEU AA 13 39.99 22.57 37.02
CA LEU AA 13 39.54 23.73 37.79
C LEU AA 13 39.71 23.47 39.29
N LEU AA 14 39.25 22.32 39.76
CA LEU AA 14 39.35 22.04 41.19
C LEU AA 14 40.80 22.02 41.65
N SER AA 15 41.70 21.45 40.84
CA SER AA 15 43.12 21.48 41.18
C SER AA 15 43.64 22.92 41.21
N LEU AA 16 43.20 23.73 40.26
CA LEU AA 16 43.63 25.13 40.20
C LEU AA 16 43.14 25.91 41.42
N LEU AA 17 42.04 25.47 42.01
CA LEU AA 17 41.43 26.13 43.16
C LEU AA 17 41.95 25.59 44.49
N ASN AA 18 42.99 24.77 44.48
CA ASN AA 18 43.54 24.18 45.70
C ASN AA 18 42.52 23.31 46.42
N ARG AA 19 41.74 22.57 45.65
CA ARG AA 19 40.75 21.63 46.17
C ARG AA 19 41.00 20.22 45.62
N LEU AA 20 42.25 19.76 45.73
CA LEU AA 20 42.70 18.57 45.00
C LEU AA 20 41.77 17.37 45.22
N SER AA 21 41.37 17.12 46.46
CA SER AA 21 40.73 15.86 46.80
C SER AA 21 39.46 15.61 46.00
N LEU AA 22 38.77 16.66 45.55
CA LEU AA 22 37.66 16.48 44.62
C LEU AA 22 38.15 16.34 43.18
N ALA AA 23 39.28 16.97 42.86
CA ALA AA 23 39.84 16.87 41.52
C ALA AA 23 40.18 15.43 41.18
N ALA AA 24 40.73 14.69 42.15
CA ALA AA 24 41.03 13.29 41.90
C ALA AA 24 39.79 12.53 41.45
N GLU AA 25 38.67 12.72 42.14
CA GLU AA 25 37.44 12.03 41.78
C GLU AA 25 36.94 12.49 40.42
N ALA AA 26 37.06 13.78 40.12
CA ALA AA 26 36.64 14.26 38.80
C ALA AA 26 37.44 13.59 37.70
N TYR AA 27 38.76 13.48 37.89
CA TYR AA 27 39.58 12.79 36.91
C TYR AA 27 39.17 11.34 36.78
N LYS AA 28 38.92 10.67 37.91
CA LYS AA 28 38.55 9.27 37.87
C LYS AA 28 37.26 9.07 37.07
N LYS AA 29 36.28 9.94 37.27
CA LYS AA 29 35.06 9.84 36.47
C LYS AA 29 35.36 10.10 35.00
N ALA AA 30 36.31 10.98 34.71
CA ALA AA 30 36.71 11.17 33.32
C ALA AA 30 37.27 9.88 32.74
N ILE AA 31 38.12 9.19 33.50
CA ILE AA 31 38.72 7.94 33.02
C ILE AA 31 37.65 6.90 32.75
N GLU AA 32 36.64 6.83 33.63
CA GLU AA 32 35.55 5.87 33.42
C GLU AA 32 34.88 6.09 32.08
N LEU AA 33 34.81 7.33 31.62
CA LEU AA 33 34.23 7.60 30.30
C LEU AA 33 35.18 7.21 29.17
N ASP AA 34 36.49 7.34 29.39
CA ASP AA 34 37.46 7.02 28.36
C ASP AA 34 38.79 6.65 28.99
N PRO AA 35 39.12 5.35 29.12
CA PRO AA 35 40.37 4.97 29.78
C PRO AA 35 41.62 5.26 28.95
N ASN AA 36 41.48 5.61 27.67
CA ASN AA 36 42.63 5.78 26.78
C ASN AA 36 43.23 7.18 26.81
N ASP AA 37 42.68 8.10 27.60
CA ASP AA 37 43.13 9.49 27.59
C ASP AA 37 44.44 9.61 28.36
N ALA AA 38 45.53 9.94 27.65
CA ALA AA 38 46.82 10.14 28.30
C ALA AA 38 46.81 11.33 29.23
N LEU AA 39 46.13 12.41 28.84
CA LEU AA 39 46.14 13.64 29.62
C LEU AA 39 45.44 13.45 30.96
N ALA AA 40 44.31 12.74 30.96
CA ALA AA 40 43.62 12.46 32.21
C ALA AA 40 44.52 11.72 33.17
N TRP AA 41 45.16 10.64 32.69
CA TRP AA 41 46.01 9.84 33.55
C TRP AA 41 47.18 10.66 34.08
N LEU AA 42 47.82 11.44 33.22
CA LEU AA 42 48.97 12.23 33.66
C LEU AA 42 48.57 13.24 34.74
N LEU AA 43 47.48 13.97 34.51
CA LEU AA 43 47.05 14.96 35.50
C LEU AA 43 46.63 14.28 36.79
N LEU AA 44 45.95 13.14 36.70
CA LEU AA 44 45.55 12.41 37.89
C LEU AA 44 46.77 11.97 38.69
N GLY AA 45 47.81 11.51 38.00
CA GLY AA 45 49.03 11.15 38.70
C GLY AA 45 49.64 12.33 39.43
N SER AA 46 49.69 13.49 38.76
CA SER AA 46 50.25 14.65 39.42
C SER AA 46 49.43 15.05 40.64
N VAL AA 47 48.10 15.04 40.51
CA VAL AA 47 47.23 15.40 41.63
C VAL AA 47 47.44 14.44 42.80
N LEU AA 48 47.45 13.14 42.52
CA LEU AA 48 47.69 12.17 43.58
C LEU AA 48 49.04 12.37 44.23
N GLU AA 49 50.04 12.80 43.45
CA GLU AA 49 51.33 13.12 44.05
C GLU AA 49 51.20 14.29 45.01
N LYS AA 50 50.42 15.31 44.65
CA LYS AA 50 50.24 16.44 45.55
C LYS AA 50 49.60 16.00 46.86
N LEU AA 51 48.62 15.09 46.80
CA LEU AA 51 48.00 14.56 48.01
C LEU AA 51 48.90 13.62 48.79
N LYS AA 52 50.08 13.28 48.25
CA LYS AA 52 51.05 12.42 48.92
C LYS AA 52 50.57 10.98 49.03
N ARG AA 53 49.66 10.56 48.15
CA ARG AA 53 49.33 9.15 47.98
C ARG AA 53 50.29 8.50 46.99
N LEU AA 54 51.59 8.55 47.28
CA LEU AA 54 52.60 8.14 46.30
C LEU AA 54 52.31 6.78 45.69
N ASP AA 55 51.83 5.84 46.53
CA ASP AA 55 51.74 4.43 46.10
C ASP AA 55 50.93 4.27 44.82
N GLU AA 56 49.86 5.04 44.66
CA GLU AA 56 49.03 4.96 43.46
C GLU AA 56 49.33 6.08 42.47
N ALA AA 57 49.95 7.18 42.91
CA ALA AA 57 50.41 8.19 41.96
C ALA AA 57 51.42 7.59 41.00
N ALA AA 58 52.32 6.74 41.51
CA ALA AA 58 53.27 6.07 40.63
C ALA AA 58 52.54 5.25 39.57
N GLU AA 59 51.51 4.50 39.97
CA GLU AA 59 50.78 3.67 39.02
C GLU AA 59 50.07 4.52 37.98
N ALA AA 60 49.46 5.63 38.42
CA ALA AA 60 48.79 6.51 37.46
C ALA AA 60 49.78 7.06 36.44
N TYR AA 61 50.95 7.52 36.91
CA TYR AA 61 51.97 8.00 35.99
C TYR AA 61 52.38 6.90 35.02
N LYS AA 62 52.56 5.68 35.52
CA LYS AA 62 53.01 4.59 34.66
C LYS AA 62 51.96 4.27 33.60
N LYS AA 63 50.69 4.22 33.97
CA LYS AA 63 49.64 3.95 33.00
C LYS AA 63 49.52 5.07 31.98
N ALA AA 64 49.84 6.31 32.39
CA ALA AA 64 49.92 7.39 31.42
C ALA AA 64 51.05 7.15 30.43
N ILE AA 65 52.23 6.79 30.94
CA ILE AA 65 53.39 6.58 30.08
C ILE AA 65 53.13 5.46 29.09
N GLU AA 66 52.49 4.38 29.55
CA GLU AA 66 52.20 3.26 28.65
C GLU AA 66 51.33 3.69 27.47
N LEU AA 67 50.55 4.75 27.63
CA LEU AA 67 49.63 5.21 26.59
C LEU AA 67 50.23 6.27 25.68
N LYS AA 68 51.41 6.80 26.01
CA LYS AA 68 52.09 7.78 25.16
C LYS AA 68 53.58 7.65 25.39
N PRO AA 69 54.23 6.71 24.69
CA PRO AA 69 55.54 6.21 25.16
C PRO AA 69 56.62 7.25 25.37
N ASN AA 70 56.72 8.27 24.52
CA ASN AA 70 57.97 8.99 24.34
C ASN AA 70 58.07 10.30 25.11
N ASP AA 71 57.05 10.70 25.86
CA ASP AA 71 57.04 12.03 26.48
C ASP AA 71 58.07 12.07 27.61
N ALA AA 72 59.10 12.91 27.44
CA ALA AA 72 60.19 12.97 28.42
C ALA AA 72 59.77 13.61 29.74
N SER AA 73 58.58 14.22 29.80
CA SER AA 73 58.10 14.84 31.04
C SER AA 73 57.55 13.78 32.00
N ALA AA 74 56.68 12.91 31.49
CA ALA AA 74 56.07 11.89 32.35
C ALA AA 74 57.13 10.98 32.95
N TRP AA 75 58.18 10.67 32.19
CA TRP AA 75 59.25 9.84 32.74
C TRP AA 75 59.93 10.52 33.92
N LYS AA 76 60.20 11.82 33.79
CA LYS AA 76 60.80 12.54 34.91
C LYS AA 76 59.87 12.54 36.13
N GLU AA 77 58.58 12.76 35.91
CA GLU AA 77 57.66 12.82 37.05
C GLU AA 77 57.54 11.46 37.73
N LEU AA 78 57.47 10.39 36.94
CA LEU AA 78 57.45 9.05 37.53
C LEU AA 78 58.75 8.76 38.26
N GLY AA 79 59.87 9.24 37.73
CA GLY AA 79 61.12 9.15 38.47
C GLY AA 79 61.05 9.83 39.81
N LYS AA 80 60.45 11.02 39.86
CA LYS AA 80 60.30 11.73 41.12
C LYS AA 80 59.45 10.91 42.11
N VAL AA 81 58.33 10.38 41.64
CA VAL AA 81 57.48 9.60 42.54
C VAL AA 81 58.22 8.36 43.03
N LEU AA 82 58.92 7.66 42.13
CA LEU AA 82 59.66 6.48 42.53
C LEU AA 82 60.75 6.83 43.53
N GLU AA 83 61.43 7.96 43.32
CA GLU AA 83 62.46 8.40 44.27
C GLU AA 83 61.84 8.68 45.62
N LYS AA 84 60.64 9.28 45.64
CA LYS AA 84 59.92 9.45 46.90
C LYS AA 84 59.67 8.11 47.57
N LEU AA 85 59.25 7.11 46.78
CA LEU AA 85 58.97 5.79 47.33
C LEU AA 85 60.22 5.04 47.75
N GLY AA 86 61.41 5.53 47.41
CA GLY AA 86 62.65 4.87 47.78
C GLY AA 86 63.09 3.76 46.86
N ARG AA 87 62.41 3.56 45.72
CA ARG AA 87 62.82 2.56 44.73
C ARG AA 87 63.89 3.13 43.82
N LEU AA 88 65.03 3.44 44.43
CA LEU AA 88 66.04 4.27 43.76
C LEU AA 88 66.55 3.64 42.46
N ASP AA 89 66.60 2.30 42.39
CA ASP AA 89 67.02 1.67 41.15
C ASP AA 89 66.04 1.96 40.02
N GLU AA 90 64.75 1.79 40.29
CA GLU AA 90 63.74 2.10 39.28
C GLU AA 90 63.73 3.58 38.95
N ALA AA 91 63.97 4.44 39.93
CA ALA AA 91 64.07 5.87 39.66
C ALA AA 91 65.25 6.18 38.73
N ALA AA 92 66.38 5.51 38.97
CA ALA AA 92 67.53 5.68 38.08
C ALA AA 92 67.19 5.21 36.68
N GLU AA 93 66.48 4.09 36.56
CA GLU AA 93 66.03 3.61 35.25
C GLU AA 93 65.16 4.66 34.57
N ALA AA 94 64.22 5.24 35.32
CA ALA AA 94 63.31 6.23 34.73
C ALA AA 94 64.07 7.45 34.24
N TYR AA 95 64.99 7.98 35.06
CA TYR AA 95 65.73 9.16 34.64
C TYR AA 95 66.66 8.84 33.48
N LEU AA 96 67.25 7.64 33.46
CA LEU AA 96 68.04 7.21 32.32
C LEU AA 96 67.21 7.21 31.05
N ILE AA 97 66.01 6.64 31.11
CA ILE AA 97 65.12 6.63 29.95
C ILE AA 97 64.80 8.06 29.53
N ALA AA 98 64.62 8.95 30.51
CA ALA AA 98 64.37 10.35 30.19
C ALA AA 98 65.54 10.95 29.42
N ILE AA 99 66.77 10.64 29.83
CA ILE AA 99 67.94 11.12 29.11
C ILE AA 99 67.97 10.53 27.71
N MET AA 100 67.63 9.25 27.57
CA MET AA 100 67.61 8.63 26.24
C MET AA 100 66.63 9.34 25.32
N LEU AA 101 65.44 9.67 25.84
CA LEU AA 101 64.44 10.32 25.02
C LEU AA 101 64.85 11.74 24.64
N ASP AA 102 65.61 12.41 25.50
CA ASP AA 102 66.09 13.76 25.21
C ASP AA 102 67.45 13.91 25.88
N PRO AA 103 68.55 13.72 25.13
CA PRO AA 103 69.88 13.79 25.75
C PRO AA 103 70.29 15.20 26.19
N GLU AA 104 69.57 16.24 25.77
CA GLU AA 104 69.96 17.62 26.07
C GLU AA 104 69.28 18.17 27.32
N ASP AA 105 68.48 17.37 28.02
CA ASP AA 105 67.75 17.85 29.19
C ASP AA 105 68.67 17.85 30.42
N ALA AA 106 68.86 19.02 31.02
CA ALA AA 106 69.74 19.14 32.17
C ALA AA 106 69.10 18.58 33.45
N GLU AA 107 67.80 18.82 33.64
CA GLU AA 107 67.15 18.39 34.87
C GLU AA 107 67.18 16.88 35.01
N ALA AA 108 66.99 16.15 33.91
CA ALA AA 108 67.09 14.70 33.97
C ALA AA 108 68.45 14.26 34.47
N ALA AA 109 69.52 14.89 33.98
CA ALA AA 109 70.86 14.56 34.43
C ALA AA 109 71.06 14.89 35.90
N LYS AA 110 70.52 16.04 36.34
CA LYS AA 110 70.64 16.41 37.75
C LYS AA 110 69.97 15.37 38.65
N GLU AA 111 68.74 14.99 38.30
CA GLU AA 111 68.03 13.98 39.08
C GLU AA 111 68.75 12.64 39.02
N LEU AA 112 69.29 12.28 37.86
CA LEU AA 112 70.04 11.03 37.75
C LEU AA 112 71.26 11.06 38.66
N GLY AA 113 71.95 12.20 38.71
CA GLY AA 113 73.07 12.32 39.63
C GLY AA 113 72.66 12.13 41.07
N LYS AA 114 71.58 12.81 41.49
CA LYS AA 114 71.08 12.64 42.84
C LYS AA 114 70.77 11.18 43.14
N VAL AA 115 70.01 10.53 42.26
CA VAL AA 115 69.55 9.18 42.51
C VAL AA 115 70.74 8.20 42.53
N LEU AA 116 71.67 8.35 41.60
CA LEU AA 116 72.83 7.48 41.56
C LEU AA 116 73.71 7.67 42.80
N GLU AA 117 73.90 8.93 43.23
CA GLU AA 117 74.68 9.17 44.43
C GLU AA 117 74.05 8.50 45.65
N LYS AA 118 72.74 8.69 45.83
CA LYS AA 118 72.06 8.03 46.93
C LYS AA 118 72.08 6.51 46.78
N LEU AA 119 72.12 6.02 45.53
CA LEU AA 119 72.16 4.60 45.25
C LEU AA 119 73.56 4.00 45.37
N GLY AA 120 74.60 4.84 45.44
CA GLY AA 120 75.95 4.37 45.64
C GLY AA 120 76.81 4.26 44.41
N GLU AA 121 76.32 4.68 43.24
CA GLU AA 121 77.12 4.72 42.03
C GLU AA 121 77.86 6.05 41.90
N LEU AA 122 78.82 6.29 42.80
CA LEU AA 122 79.42 7.61 42.94
C LEU AA 122 80.00 8.12 41.62
N GLU AA 123 80.70 7.26 40.88
CA GLU AA 123 81.33 7.71 39.64
C GLU AA 123 80.29 8.12 38.60
N MET AA 124 79.29 7.26 38.38
CA MET AA 124 78.24 7.60 37.43
C MET AA 124 77.42 8.78 37.90
N ALA AA 125 77.22 8.90 39.22
CA ALA AA 125 76.53 10.07 39.76
C ALA AA 125 77.30 11.35 39.44
N GLU AA 126 78.63 11.31 39.61
CA GLU AA 126 79.44 12.48 39.29
C GLU AA 126 79.38 12.80 37.80
N GLU AA 127 79.40 11.77 36.95
CA GLU AA 127 79.29 12.00 35.52
C GLU AA 127 77.96 12.67 35.18
N ALA AA 128 76.87 12.17 35.77
CA ALA AA 128 75.56 12.76 35.52
C ALA AA 128 75.48 14.20 36.04
N TYR AA 129 76.08 14.46 37.21
CA TYR AA 129 76.09 15.81 37.75
C TYR AA 129 76.84 16.76 36.83
N LYS AA 130 77.99 16.33 36.31
CA LYS AA 130 78.73 17.16 35.37
C LYS AA 130 77.91 17.41 34.11
N LEU AA 131 77.24 16.37 33.60
CA LEU AA 131 76.39 16.55 32.43
C LEU AA 131 75.29 17.56 32.69
N ALA AA 132 74.63 17.46 33.85
CA ALA AA 132 73.58 18.40 34.20
C ALA AA 132 74.12 19.82 34.29
N ILE AA 133 75.28 19.99 34.91
CA ILE AA 133 75.85 21.33 35.04
C ILE AA 133 76.20 21.91 33.68
N LYS AA 134 76.67 21.07 32.76
CA LYS AA 134 77.06 21.57 31.45
C LYS AA 134 75.86 21.85 30.56
N LEU AA 135 74.79 21.06 30.68
CA LEU AA 135 73.68 21.13 29.73
C LEU AA 135 72.96 22.49 29.80
N ASP AA 136 72.83 23.07 30.99
CA ASP AA 136 72.12 24.32 31.13
C ASP AA 136 72.93 25.30 31.97
N PRO AA 137 72.95 26.57 31.59
CA PRO AA 137 73.77 27.54 32.34
C PRO AA 137 73.12 28.03 33.61
N ASN AA 138 71.79 27.95 33.72
CA ASN AA 138 71.07 28.49 34.89
C ASN AA 138 70.73 27.42 35.91
N ASP AA 139 71.05 26.16 35.66
CA ASP AA 139 70.75 25.09 36.61
C ASP AA 139 71.49 25.29 37.92
N GLU BA 1 22.65 -16.19 50.54
CA GLU BA 1 21.71 -17.27 50.14
C GLU BA 1 21.15 -17.95 51.39
N GLU BA 2 19.87 -18.31 51.36
CA GLU BA 2 19.25 -18.91 52.54
C GLU BA 2 19.92 -20.22 52.92
N ALA BA 3 20.63 -20.84 51.99
CA ALA BA 3 21.31 -22.09 52.34
C ALA BA 3 22.23 -21.91 53.53
N GLU BA 4 22.98 -20.81 53.59
CA GLU BA 4 23.94 -20.62 54.67
C GLU BA 4 23.24 -20.23 55.97
N LEU BA 5 22.19 -19.42 55.88
CA LEU BA 5 21.43 -19.09 57.08
C LEU BA 5 20.79 -20.32 57.70
N ALA BA 6 20.18 -21.17 56.87
CA ALA BA 6 19.59 -22.40 57.38
C ALA BA 6 20.66 -23.34 57.93
N TYR BA 7 21.82 -23.42 57.25
CA TYR BA 7 22.91 -24.22 57.79
C TYR BA 7 23.36 -23.70 59.14
N LEU BA 8 23.43 -22.37 59.29
CA LEU BA 8 23.83 -21.79 60.57
C LEU BA 8 22.82 -22.14 61.65
N LEU BA 9 21.53 -22.07 61.33
CA LEU BA 9 20.53 -22.49 62.31
C LEU BA 9 20.72 -23.95 62.67
N GLY BA 10 21.02 -24.80 61.69
CA GLY BA 10 21.26 -26.20 61.98
C GLY BA 10 22.47 -26.40 62.88
N GLU BA 11 23.55 -25.68 62.59
CA GLU BA 11 24.76 -25.81 63.42
C GLU BA 11 24.49 -25.34 64.84
N LEU BA 12 23.77 -24.24 64.99
CA LEU BA 12 23.44 -23.74 66.32
C LEU BA 12 22.58 -24.75 67.08
N ALA BA 13 21.56 -25.31 66.41
CA ALA BA 13 20.71 -26.29 67.06
C ALA BA 13 21.50 -27.53 67.46
N TYR BA 14 22.37 -28.02 66.58
CA TYR BA 14 23.17 -29.20 66.89
C TYR BA 14 24.10 -28.92 68.07
N LYS BA 15 24.74 -27.75 68.07
CA LYS BA 15 25.63 -27.41 69.17
C LYS BA 15 24.89 -27.44 70.51
N LEU BA 16 23.63 -26.98 70.51
CA LEU BA 16 22.85 -26.88 71.73
C LEU BA 16 21.99 -28.11 71.99
N GLY BA 17 22.13 -29.17 71.20
CA GLY BA 17 21.49 -30.44 71.47
C GLY BA 17 20.06 -30.59 71.00
N GLU BA 18 19.54 -29.66 70.21
CA GLU BA 18 18.21 -29.78 69.62
C GLU BA 18 18.28 -30.52 68.28
N TYR BA 19 18.50 -31.83 68.37
CA TYR BA 19 18.84 -32.62 67.18
C TYR BA 19 17.73 -32.61 66.15
N ARG BA 20 16.47 -32.68 66.58
CA ARG BA 20 15.35 -32.64 65.64
C ARG BA 20 15.37 -31.34 64.84
N ILE BA 21 15.53 -30.21 65.53
CA ILE BA 21 15.59 -28.93 64.85
C ILE BA 21 16.78 -28.87 63.91
N ALA BA 22 17.90 -29.46 64.33
CA ALA BA 22 19.08 -29.50 63.47
C ALA BA 22 18.78 -30.26 62.17
N ILE BA 23 18.11 -31.40 62.29
CA ILE BA 23 17.77 -32.19 61.11
C ILE BA 23 16.89 -31.37 60.17
N ARG BA 24 15.84 -30.75 60.71
CA ARG BA 24 14.96 -29.97 59.85
C ARG BA 24 15.71 -28.83 59.17
N ALA BA 25 16.56 -28.13 59.93
CA ALA BA 25 17.29 -27.00 59.36
C ALA BA 25 18.24 -27.46 58.26
N TYR BA 26 18.97 -28.55 58.50
CA TYR BA 26 19.89 -29.05 57.48
C TYR BA 26 19.14 -29.49 56.23
N ARG BA 27 17.94 -30.07 56.40
CA ARG BA 27 17.12 -30.39 55.24
C ARG BA 27 16.78 -29.12 54.44
N ILE BA 28 16.29 -28.10 55.13
CA ILE BA 28 15.89 -26.88 54.44
C ILE BA 28 17.09 -26.27 53.73
N ALA BA 29 18.29 -26.44 54.30
CA ALA BA 29 19.50 -25.92 53.65
C ALA BA 29 19.86 -26.74 52.43
N LEU BA 30 19.96 -28.05 52.61
CA LEU BA 30 20.42 -28.94 51.53
C LEU BA 30 19.52 -28.87 50.31
N LYS BA 31 18.22 -28.63 50.50
CA LYS BA 31 17.33 -28.65 49.35
C LYS BA 31 17.76 -27.67 48.25
N ARG BA 32 18.67 -26.74 48.54
CA ARG BA 32 19.19 -25.82 47.54
C ARG BA 32 20.71 -25.82 47.46
N ASP BA 33 21.39 -26.77 48.09
CA ASP BA 33 22.84 -26.83 48.02
C ASP BA 33 23.31 -28.27 48.19
N PRO BA 34 22.92 -29.17 47.28
CA PRO BA 34 23.19 -30.60 47.50
C PRO BA 34 24.66 -30.98 47.49
N ASN BA 35 25.54 -30.14 46.96
CA ASN BA 35 26.97 -30.45 46.92
C ASN BA 35 27.68 -30.17 48.24
N ASN BA 36 26.95 -29.73 49.28
CA ASN BA 36 27.56 -29.27 50.53
C ASN BA 36 27.95 -30.47 51.38
N ALA BA 37 29.25 -30.82 51.37
CA ALA BA 37 29.73 -31.97 52.13
C ALA BA 37 29.48 -31.79 53.63
N GLU BA 38 29.76 -30.59 54.15
CA GLU BA 38 29.63 -30.37 55.58
C GLU BA 38 28.19 -30.56 56.03
N ALA BA 39 27.23 -30.10 55.22
CA ALA BA 39 25.83 -30.25 55.58
C ALA BA 39 25.44 -31.71 55.68
N TRP BA 40 25.85 -32.53 54.70
CA TRP BA 40 25.55 -33.95 54.76
C TRP BA 40 26.18 -34.60 55.98
N TYR BA 41 27.44 -34.26 56.26
CA TYR BA 41 28.11 -34.86 57.41
C TYR BA 41 27.39 -34.50 58.71
N ASN BA 42 27.03 -33.22 58.87
CA ASN BA 42 26.36 -32.80 60.10
C ASN BA 42 24.99 -33.44 60.23
N LEU BA 43 24.27 -33.59 59.10
CA LEU BA 43 22.98 -34.27 59.15
C LEU BA 43 23.15 -35.71 59.59
N GLY BA 44 24.17 -36.39 59.07
CA GLY BA 44 24.44 -37.75 59.51
C GLY BA 44 24.79 -37.82 60.98
N ASN BA 45 25.55 -36.84 61.47
CA ASN BA 45 25.89 -36.80 62.89
C ASN BA 45 24.65 -36.59 63.74
N ALA BA 46 23.74 -35.72 63.30
CA ALA BA 46 22.51 -35.50 64.03
C ALA BA 46 21.68 -36.77 64.11
N TYR BA 47 21.52 -37.45 62.97
CA TYR BA 47 20.80 -38.72 62.98
C TYR BA 47 21.51 -39.75 63.86
N THR BA 48 22.84 -39.71 63.90
CA THR BA 48 23.59 -40.66 64.74
C THR BA 48 23.28 -40.45 66.21
N LYS BA 49 23.41 -39.20 66.68
CA LYS BA 49 23.09 -38.92 68.08
C LYS BA 49 21.63 -39.18 68.36
N GLN BA 50 20.76 -39.02 67.36
CA GLN BA 50 19.35 -39.40 67.53
C GLN BA 50 19.19 -40.91 67.66
N GLY BA 51 20.19 -41.69 67.27
CA GLY BA 51 20.12 -43.14 67.34
C GLY BA 51 19.59 -43.82 66.10
N ASP BA 52 19.37 -43.09 65.01
CA ASP BA 52 18.89 -43.66 63.75
C ASP BA 52 20.05 -44.05 62.83
N TYR BA 53 20.91 -44.94 63.33
CA TYR BA 53 22.15 -45.26 62.61
C TYR BA 53 21.88 -45.75 61.19
N ASP BA 54 20.85 -46.59 61.02
CA ASP BA 54 20.57 -47.15 59.70
C ASP BA 54 20.35 -46.06 58.67
N GLU BA 55 19.86 -44.90 59.09
CA GLU BA 55 19.64 -43.79 58.17
C GLU BA 55 20.83 -42.82 58.15
N ALA BA 56 21.52 -42.66 59.28
CA ALA BA 56 22.73 -41.84 59.29
C ALA BA 56 23.77 -42.38 58.31
N ILE BA 57 23.78 -43.71 58.12
CA ILE BA 57 24.69 -44.31 57.14
C ILE BA 57 24.49 -43.68 55.77
N GLU BA 58 23.22 -43.52 55.37
CA GLU BA 58 22.92 -43.05 54.03
C GLU BA 58 23.49 -41.67 53.77
N TYR BA 59 23.52 -40.80 54.79
CA TYR BA 59 24.02 -39.46 54.61
C TYR BA 59 25.54 -39.40 54.78
N TYR BA 60 26.09 -40.23 55.66
CA TYR BA 60 27.55 -40.33 55.74
C TYR BA 60 28.13 -40.77 54.41
N LEU BA 61 27.45 -41.69 53.72
CA LEU BA 61 27.94 -42.15 52.42
C LEU BA 61 27.99 -41.00 51.41
N ARG BA 62 26.93 -40.19 51.36
CA ARG BA 62 26.94 -39.06 50.45
C ARG BA 62 28.04 -38.07 50.81
N ALA BA 63 28.24 -37.84 52.10
CA ALA BA 63 29.30 -36.93 52.53
C ALA BA 63 30.66 -37.42 52.07
N LEU BA 64 30.93 -38.72 52.23
CA LEU BA 64 32.21 -39.27 51.80
C LEU BA 64 32.36 -39.22 50.29
N VAL BA 65 31.27 -39.50 49.55
CA VAL BA 65 31.35 -39.46 48.09
C VAL BA 65 31.67 -38.05 47.62
N LEU BA 66 31.10 -37.04 48.27
CA LEU BA 66 31.36 -35.67 47.88
C LEU BA 66 32.72 -35.17 48.31
N ASP BA 67 33.36 -35.83 49.27
CA ASP BA 67 34.71 -35.47 49.70
C ASP BA 67 35.35 -36.72 50.30
N PRO BA 68 36.13 -37.47 49.52
CA PRO BA 68 36.71 -38.72 50.05
C PRO BA 68 37.84 -38.49 51.05
N ASN BA 69 38.29 -37.26 51.23
CA ASN BA 69 39.34 -36.97 52.21
C ASN BA 69 38.82 -36.84 53.64
N ASN BA 70 37.51 -36.83 53.83
CA ASN BA 70 36.92 -36.50 55.13
C ASN BA 70 37.13 -37.67 56.08
N ALA BA 71 38.23 -37.62 56.83
CA ALA BA 71 38.51 -38.69 57.79
C ALA BA 71 37.49 -38.74 58.90
N GLU BA 72 36.99 -37.58 59.34
CA GLU BA 72 35.97 -37.55 60.38
C GLU BA 72 34.72 -38.30 59.92
N ALA BA 73 34.29 -38.05 58.69
CA ALA BA 73 33.13 -38.75 58.15
C ALA BA 73 33.39 -40.25 58.06
N ALA BA 74 34.61 -40.64 57.69
CA ALA BA 74 34.96 -42.06 57.65
C ALA BA 74 34.82 -42.70 59.02
N THR BA 75 35.36 -42.03 60.05
CA THR BA 75 35.24 -42.55 61.41
C THR BA 75 33.77 -42.66 61.82
N ASN BA 76 32.97 -41.64 61.50
CA ASN BA 76 31.56 -41.68 61.86
C ASN BA 76 30.82 -42.80 61.13
N LEU BA 77 31.16 -43.03 59.86
CA LEU BA 77 30.49 -44.11 59.12
C LEU BA 77 30.89 -45.47 59.66
N GLY BA 78 32.16 -45.63 60.04
CA GLY BA 78 32.54 -46.86 60.73
C GLY BA 78 31.76 -47.05 62.01
N GLN BA 79 31.64 -45.97 62.79
CA GLN BA 79 30.81 -45.99 63.99
C GLN BA 79 29.41 -46.48 63.66
N ALA BA 80 28.78 -45.88 62.64
CA ALA BA 80 27.40 -46.20 62.30
C ALA BA 80 27.26 -47.66 61.89
N TYR BA 81 28.17 -48.15 61.05
CA TYR BA 81 28.11 -49.55 60.65
C TYR BA 81 28.28 -50.47 61.84
N MET BA 82 29.20 -50.14 62.74
CA MET BA 82 29.39 -50.97 63.94
C MET BA 82 28.14 -50.97 64.80
N ASN BA 83 27.49 -49.81 64.95
CA ASN BA 83 26.24 -49.75 65.71
C ASN BA 83 25.16 -50.60 65.04
N GLN BA 84 25.19 -50.69 63.71
CA GLN BA 84 24.30 -51.56 62.97
C GLN BA 84 24.75 -53.03 63.02
N GLY BA 85 25.94 -53.30 63.52
CA GLY BA 85 26.45 -54.64 63.61
C GLY BA 85 27.14 -55.17 62.37
N ASP BA 86 27.33 -54.34 61.35
CA ASP BA 86 28.03 -54.74 60.13
C ASP BA 86 29.55 -54.56 60.31
N LYS BA 87 30.11 -55.43 61.15
CA LYS BA 87 31.48 -55.24 61.62
C LYS BA 87 32.49 -55.18 60.47
N ASP BA 88 32.22 -55.86 59.36
CA ASP BA 88 33.19 -55.89 58.27
C ASP BA 88 33.35 -54.53 57.63
N ARG BA 89 32.25 -53.97 57.10
CA ARG BA 89 32.32 -52.65 56.47
C ARG BA 89 32.68 -51.57 57.48
N ALA BA 90 32.20 -51.70 58.72
CA ALA BA 90 32.56 -50.74 59.76
C ALA BA 90 34.07 -50.73 59.98
N LYS BA 91 34.68 -51.92 60.07
CA LYS BA 91 36.13 -51.99 60.22
C LYS BA 91 36.83 -51.42 59.01
N LEU BA 92 36.29 -51.68 57.81
CA LEU BA 92 36.89 -51.12 56.61
C LEU BA 92 36.90 -49.60 56.67
N MET BA 93 35.80 -49.00 57.10
CA MET BA 93 35.72 -47.54 57.15
C MET BA 93 36.58 -46.97 58.27
N LEU BA 94 36.69 -47.68 59.40
CA LEU BA 94 37.60 -47.22 60.46
C LEU BA 94 39.04 -47.23 59.97
N LEU BA 95 39.44 -48.30 59.29
CA LEU BA 95 40.77 -48.35 58.71
C LEU BA 95 40.95 -47.24 57.67
N LEU BA 96 39.90 -46.94 56.91
CA LEU BA 96 39.95 -45.82 55.98
C LEU BA 96 40.20 -44.51 56.72
N ALA BA 97 39.51 -44.32 57.85
CA ALA BA 97 39.74 -43.12 58.65
C ALA BA 97 41.18 -43.02 59.09
N LEU BA 98 41.75 -44.14 59.56
CA LEU BA 98 43.15 -44.14 59.98
C LEU BA 98 44.07 -43.83 58.81
N LYS BA 99 43.79 -44.39 57.63
CA LYS BA 99 44.63 -44.15 56.47
C LYS BA 99 44.58 -42.69 56.03
N LEU BA 100 43.40 -42.09 56.05
CA LEU BA 100 43.24 -40.71 55.59
C LEU BA 100 43.97 -39.76 56.53
N ASP CA 1 -29.35 1.91 27.27
CA ASP CA 1 -28.94 0.82 28.21
C ASP CA 1 -29.76 0.86 29.49
N VAL CA 2 -29.64 -0.19 30.31
CA VAL CA 2 -30.52 -0.41 31.45
C VAL CA 2 -30.48 0.74 32.47
N SER CA 3 -29.41 1.54 32.46
CA SER CA 3 -29.30 2.62 33.44
C SER CA 3 -30.46 3.59 33.34
N ALA CA 4 -31.11 3.66 32.18
CA ALA CA 4 -32.29 4.52 32.06
C ALA CA 4 -33.42 4.03 32.96
N LEU CA 5 -33.52 2.72 33.17
CA LEU CA 5 -34.59 2.14 33.96
C LEU CA 5 -34.20 1.90 35.42
N ALA CA 6 -32.92 1.66 35.69
CA ALA CA 6 -32.52 1.26 37.04
C ALA CA 6 -32.98 2.27 38.10
N TYR CA 7 -32.94 3.56 37.78
CA TYR CA 7 -33.35 4.56 38.77
C TYR CA 7 -34.79 4.38 39.20
N VAL CA 8 -35.64 3.86 38.31
CA VAL CA 8 -37.03 3.60 38.70
C VAL CA 8 -37.07 2.54 39.78
N MET CA 9 -36.26 1.49 39.66
CA MET CA 9 -36.18 0.48 40.71
C MET CA 9 -35.66 1.11 41.99
N LEU CA 10 -34.67 1.98 41.88
CA LEU CA 10 -34.11 2.60 43.08
C LEU CA 10 -35.19 3.40 43.81
N GLY CA 11 -35.98 4.15 43.06
CA GLY CA 11 -37.05 4.91 43.68
C GLY CA 11 -38.12 4.01 44.27
N LEU CA 12 -38.46 2.93 43.57
CA LEU CA 12 -39.45 2.00 44.10
C LEU CA 12 -38.99 1.39 45.40
N LEU CA 13 -37.71 1.01 45.47
CA LEU CA 13 -37.17 0.51 46.73
C LEU CA 13 -37.23 1.55 47.83
N LEU CA 14 -36.80 2.78 47.52
CA LEU CA 14 -36.79 3.80 48.55
C LEU CA 14 -38.20 4.26 48.93
N SER CA 15 -39.22 3.87 48.17
CA SER CA 15 -40.61 4.08 48.58
C SER CA 15 -41.19 2.87 49.29
N LEU CA 16 -40.71 1.68 48.98
CA LEU CA 16 -41.15 0.46 49.65
C LEU CA 16 -40.61 0.41 51.07
N LEU CA 17 -39.29 0.52 51.20
CA LEU CA 17 -38.70 1.02 52.43
C LEU CA 17 -39.04 2.51 52.56
N ASN CA 18 -39.38 2.94 53.76
CA ASN CA 18 -40.06 4.22 53.95
C ASN CA 18 -39.05 5.37 53.98
N ARG CA 19 -38.59 5.76 52.78
CA ARG CA 19 -37.74 6.93 52.60
C ARG CA 19 -38.16 7.72 51.35
N LEU CA 20 -39.46 8.03 51.27
CA LEU CA 20 -40.03 8.68 50.09
C LEU CA 20 -39.19 9.84 49.58
N SER CA 21 -38.69 10.68 50.50
CA SER CA 21 -38.06 11.93 50.11
C SER CA 21 -36.83 11.71 49.23
N LEU CA 22 -36.17 10.55 49.32
CA LEU CA 22 -35.11 10.20 48.39
C LEU CA 22 -35.64 9.54 47.13
N ALA CA 23 -36.77 8.83 47.24
CA ALA CA 23 -37.40 8.22 46.08
C ALA CA 23 -37.77 9.28 45.05
N ALA CA 24 -38.27 10.42 45.52
CA ALA CA 24 -38.60 11.49 44.57
C ALA CA 24 -37.39 11.89 43.74
N GLU CA 25 -36.24 12.05 44.38
CA GLU CA 25 -35.03 12.44 43.66
C GLU CA 25 -34.60 11.34 42.70
N ALA CA 26 -34.72 10.07 43.11
CA ALA CA 26 -34.38 8.99 42.21
C ALA CA 26 -35.25 9.01 40.97
N TYR CA 27 -36.56 9.20 41.15
CA TYR CA 27 -37.46 9.31 40.00
C TYR CA 27 -37.08 10.47 39.11
N LYS CA 28 -36.71 11.60 39.71
CA LYS CA 28 -36.33 12.77 38.93
C LYS CA 28 -35.09 12.50 38.08
N LYS CA 29 -34.10 11.81 38.65
CA LYS CA 29 -32.95 11.42 37.84
C LYS CA 29 -33.38 10.53 36.68
N ALA CA 30 -34.28 9.58 36.96
CA ALA CA 30 -34.77 8.71 35.88
C ALA CA 30 -35.41 9.53 34.78
N ILE CA 31 -36.25 10.50 35.15
CA ILE CA 31 -36.92 11.34 34.17
C ILE CA 31 -35.90 12.12 33.36
N GLU CA 32 -34.91 12.73 34.03
CA GLU CA 32 -33.90 13.49 33.32
C GLU CA 32 -33.05 12.60 32.42
N LEU CA 33 -33.09 11.28 32.62
CA LEU CA 33 -32.50 10.37 31.65
C LEU CA 33 -33.45 10.01 30.52
N ASP CA 34 -34.77 10.04 30.78
CA ASP CA 34 -35.75 9.75 29.74
C ASP CA 34 -37.10 10.39 30.09
N PRO CA 35 -37.42 11.55 29.51
CA PRO CA 35 -38.68 12.23 29.90
C PRO CA 35 -39.94 11.55 29.41
N ASN CA 36 -39.86 10.57 28.51
CA ASN CA 36 -41.03 9.97 27.89
C ASN CA 36 -41.59 8.78 28.68
N ASP CA 37 -41.01 8.44 29.82
CA ASP CA 37 -41.42 7.23 30.55
C ASP CA 37 -42.75 7.49 31.24
N ALA CA 38 -43.80 6.77 30.79
CA ALA CA 38 -45.11 6.91 31.40
C ALA CA 38 -45.18 6.31 32.79
N LEU CA 39 -44.22 5.46 33.15
CA LEU CA 39 -44.24 4.79 34.46
C LEU CA 39 -43.49 5.59 35.52
N ALA CA 40 -42.40 6.26 35.15
CA ALA CA 40 -41.71 7.11 36.11
C ALA CA 40 -42.63 8.22 36.62
N TRP CA 41 -43.29 8.92 35.70
CA TRP CA 41 -44.08 10.09 36.08
C TRP CA 41 -45.19 9.71 37.05
N LEU CA 42 -45.88 8.60 36.79
CA LEU CA 42 -47.00 8.21 37.64
C LEU CA 42 -46.56 7.91 39.07
N LEU CA 43 -45.49 7.12 39.21
CA LEU CA 43 -44.99 6.80 40.54
C LEU CA 43 -44.48 8.05 41.24
N LEU CA 44 -43.81 8.93 40.51
CA LEU CA 44 -43.38 10.19 41.09
C LEU CA 44 -44.56 11.00 41.58
N GLY CA 45 -45.65 10.99 40.81
CA GLY CA 45 -46.86 11.68 41.26
C GLY CA 45 -47.38 11.13 42.56
N SER CA 46 -47.46 9.80 42.66
CA SER CA 46 -47.95 9.21 43.90
C SER CA 46 -47.03 9.53 45.08
N VAL CA 47 -45.71 9.48 44.85
CA VAL CA 47 -44.77 9.78 45.93
C VAL CA 47 -44.92 11.22 46.39
N LEU CA 48 -44.95 12.17 45.44
CA LEU CA 48 -45.13 13.56 45.81
C LEU CA 48 -46.45 13.79 46.50
N GLU CA 49 -47.49 13.05 46.12
CA GLU CA 49 -48.76 13.13 46.85
C GLU CA 49 -48.57 12.71 48.29
N LYS CA 50 -47.87 11.60 48.52
CA LYS CA 50 -47.69 11.12 49.88
C LYS CA 50 -46.84 12.09 50.70
N LEU CA 51 -45.94 12.83 50.06
CA LEU CA 51 -45.19 13.86 50.78
C LEU CA 51 -46.02 15.14 51.01
N LYS CA 52 -47.31 15.14 50.69
CA LYS CA 52 -48.22 16.26 50.91
C LYS CA 52 -47.94 17.45 49.98
N ARG CA 53 -47.01 17.31 49.04
CA ARG CA 53 -46.72 18.38 48.09
C ARG CA 53 -47.68 18.35 46.91
N LEU CA 54 -48.97 18.45 47.20
CA LEU CA 54 -50.00 18.24 46.19
C LEU CA 54 -49.78 19.12 44.95
N ASP CA 55 -49.35 20.37 45.16
CA ASP CA 55 -49.34 21.35 44.08
C ASP CA 55 -48.58 20.85 42.87
N GLU CA 56 -47.53 20.06 43.06
CA GLU CA 56 -46.77 19.50 41.95
C GLU CA 56 -47.08 18.03 41.70
N ALA CA 57 -47.68 17.34 42.68
CA ALA CA 57 -48.16 15.99 42.43
C ALA CA 57 -49.22 16.00 41.33
N ALA CA 58 -50.11 16.99 41.37
CA ALA CA 58 -51.10 17.09 40.30
C ALA CA 58 -50.44 17.24 38.94
N GLU CA 59 -49.40 18.07 38.85
CA GLU CA 59 -48.73 18.27 37.57
C GLU CA 59 -48.02 17.00 37.12
N ALA CA 60 -47.40 16.27 38.06
CA ALA CA 60 -46.76 15.02 37.69
C ALA CA 60 -47.78 14.03 37.14
N TYR CA 61 -48.92 13.89 37.82
CA TYR CA 61 -49.98 13.02 37.30
C TYR CA 61 -50.39 13.45 35.89
N LYS CA 62 -50.63 14.74 35.71
CA LYS CA 62 -51.13 15.21 34.42
C LYS CA 62 -50.11 14.97 33.32
N LYS CA 63 -48.83 15.22 33.58
CA LYS CA 63 -47.82 14.95 32.56
C LYS CA 63 -47.73 13.47 32.26
N ALA CA 64 -47.99 12.62 33.26
CA ALA CA 64 -48.10 11.19 32.98
C ALA CA 64 -49.26 10.90 32.05
N ILE CA 65 -50.41 11.54 32.28
CA ILE CA 65 -51.63 11.22 31.53
C ILE CA 65 -51.48 11.60 30.06
N GLU CA 66 -50.71 12.65 29.76
CA GLU CA 66 -50.48 13.00 28.36
C GLU CA 66 -49.74 11.91 27.60
N LEU CA 67 -49.01 11.04 28.30
CA LEU CA 67 -48.15 10.04 27.68
C LEU CA 67 -48.79 8.67 27.58
N LYS CA 68 -49.91 8.44 28.27
CA LYS CA 68 -50.65 7.17 28.17
C LYS CA 68 -52.11 7.45 28.51
N PRO CA 69 -52.83 8.10 27.58
CA PRO CA 69 -54.05 8.82 27.97
C PRO CA 69 -55.17 7.96 28.52
N ASN CA 70 -55.25 6.68 28.18
CA ASN CA 70 -56.47 5.92 28.41
C ASN CA 70 -56.57 5.27 29.79
N ASP CA 71 -55.50 5.26 30.57
CA ASP CA 71 -55.48 4.51 31.84
C ASP CA 71 -56.40 5.18 32.83
N ALA CA 72 -57.56 4.55 33.08
CA ALA CA 72 -58.57 5.15 33.95
C ALA CA 72 -58.04 5.41 35.35
N SER CA 73 -57.20 4.51 35.87
CA SER CA 73 -56.76 4.65 37.26
C SER CA 73 -55.95 5.92 37.46
N ALA CA 74 -55.15 6.31 36.46
CA ALA CA 74 -54.39 7.55 36.59
C ALA CA 74 -55.33 8.74 36.73
N TRP CA 75 -56.41 8.76 35.95
CA TRP CA 75 -57.39 9.83 36.07
C TRP CA 75 -57.98 9.89 37.46
N LYS CA 76 -58.26 8.73 38.06
CA LYS CA 76 -58.82 8.70 39.40
C LYS CA 76 -57.85 9.29 40.43
N GLU CA 77 -56.57 8.96 40.33
CA GLU CA 77 -55.60 9.51 41.27
C GLU CA 77 -55.44 11.02 41.08
N LEU CA 78 -55.42 11.47 39.82
CA LEU CA 78 -55.42 12.91 39.59
C LEU CA 78 -56.67 13.55 40.17
N GLY CA 79 -57.81 12.85 40.09
CA GLY CA 79 -59.02 13.34 40.71
C GLY CA 79 -58.87 13.48 42.21
N LYS CA 80 -58.24 12.49 42.85
CA LYS CA 80 -58.01 12.59 44.28
C LYS CA 80 -57.14 13.80 44.63
N VAL CA 81 -56.07 14.00 43.86
CA VAL CA 81 -55.18 15.12 44.15
C VAL CA 81 -55.92 16.44 43.95
N LEU CA 82 -56.67 16.58 42.85
CA LEU CA 82 -57.44 17.79 42.62
C LEU CA 82 -58.48 17.99 43.71
N GLU CA 83 -59.12 16.92 44.15
CA GLU CA 83 -60.06 16.99 45.27
C GLU CA 83 -59.37 17.61 46.48
N LYS CA 84 -58.18 17.11 46.83
CA LYS CA 84 -57.50 17.62 48.01
C LYS CA 84 -56.94 19.02 47.78
N LEU CA 85 -56.74 19.42 46.52
CA LEU CA 85 -56.38 20.80 46.23
C LEU CA 85 -57.57 21.75 46.25
N GLY CA 86 -58.79 21.23 46.29
CA GLY CA 86 -59.98 22.06 46.31
C GLY CA 86 -60.47 22.53 44.96
N ARG CA 87 -59.92 22.01 43.87
CA ARG CA 87 -60.39 22.35 42.52
C ARG CA 87 -61.51 21.41 42.10
N LEU CA 88 -62.62 21.50 42.83
CA LEU CA 88 -63.67 20.49 42.75
C LEU CA 88 -64.21 20.30 41.35
N ASP CA 89 -64.32 21.38 40.56
CA ASP CA 89 -64.83 21.26 39.20
C ASP CA 89 -63.89 20.41 38.34
N GLU CA 90 -62.59 20.69 38.42
CA GLU CA 90 -61.64 19.89 37.66
C GLU CA 90 -61.61 18.45 38.16
N ALA CA 91 -61.78 18.25 39.46
CA ALA CA 91 -61.86 16.90 40.00
C ALA CA 91 -63.07 16.15 39.44
N ALA CA 92 -64.21 16.84 39.35
CA ALA CA 92 -65.38 16.22 38.75
C ALA CA 92 -65.14 15.89 37.28
N GLU CA 93 -64.46 16.78 36.57
CA GLU CA 93 -64.10 16.49 35.18
C GLU CA 93 -63.24 15.24 35.09
N ALA CA 94 -62.24 15.13 35.97
CA ALA CA 94 -61.35 13.97 35.95
C ALA CA 94 -62.12 12.68 36.24
N TYR CA 95 -63.00 12.70 37.25
CA TYR CA 95 -63.75 11.50 37.58
C TYR CA 95 -64.74 11.14 36.46
N LEU CA 96 -65.34 12.14 35.82
CA LEU CA 96 -66.20 11.88 34.68
C LEU CA 96 -65.43 11.23 33.55
N ILE CA 97 -64.22 11.72 33.27
CA ILE CA 97 -63.38 11.09 32.24
C ILE CA 97 -63.05 9.66 32.64
N ALA CA 98 -62.81 9.43 33.93
CA ALA CA 98 -62.55 8.08 34.39
C ALA CA 98 -63.74 7.16 34.14
N ILE CA 99 -64.95 7.63 34.44
CA ILE CA 99 -66.15 6.84 34.19
C ILE CA 99 -66.29 6.56 32.70
N MET CA 100 -66.04 7.58 31.87
CA MET CA 100 -66.22 7.42 30.43
C MET CA 100 -65.18 6.51 29.83
N LEU CA 101 -64.00 6.41 30.44
CA LEU CA 101 -63.01 5.43 30.01
C LEU CA 101 -63.40 4.02 30.42
N ASP CA 102 -64.08 3.88 31.56
CA ASP CA 102 -64.54 2.57 32.04
C ASP CA 102 -65.85 2.81 32.80
N PRO CA 103 -67.00 2.60 32.15
CA PRO CA 103 -68.27 2.94 32.80
C PRO CA 103 -68.67 2.00 33.95
N GLU CA 104 -67.95 0.90 34.14
CA GLU CA 104 -68.30 -0.09 35.15
C GLU CA 104 -67.53 0.09 36.47
N ASP CA 105 -66.79 1.19 36.63
CA ASP CA 105 -65.99 1.41 37.82
C ASP CA 105 -66.87 1.98 38.93
N ALA CA 106 -67.14 1.18 39.97
CA ALA CA 106 -67.93 1.65 41.09
C ALA CA 106 -67.22 2.75 41.86
N GLU CA 107 -65.90 2.64 42.03
CA GLU CA 107 -65.16 3.64 42.78
C GLU CA 107 -65.23 5.00 42.10
N ALA CA 108 -65.13 5.02 40.76
CA ALA CA 108 -65.24 6.28 40.05
C ALA CA 108 -66.58 6.94 40.30
N ALA CA 109 -67.67 6.16 40.26
CA ALA CA 109 -68.99 6.71 40.52
C ALA CA 109 -69.09 7.24 41.95
N LYS CA 110 -68.55 6.50 42.91
CA LYS CA 110 -68.59 6.94 44.30
C LYS CA 110 -67.85 8.27 44.47
N GLU CA 111 -66.66 8.37 43.90
CA GLU CA 111 -65.87 9.59 44.01
C GLU CA 111 -66.56 10.75 43.30
N LEU CA 112 -67.17 10.50 42.14
CA LEU CA 112 -67.91 11.54 41.45
C LEU CA 112 -69.07 12.02 42.29
N GLY CA 113 -69.78 11.09 42.95
CA GLY CA 113 -70.83 11.49 43.86
C GLY CA 113 -70.32 12.37 44.98
N LYS CA 114 -69.20 11.96 45.59
CA LYS CA 114 -68.60 12.78 46.65
C LYS CA 114 -68.30 14.19 46.17
N VAL CA 115 -67.59 14.30 45.05
CA VAL CA 115 -67.14 15.59 44.55
C VAL CA 115 -68.34 16.46 44.18
N LEU CA 116 -69.31 15.89 43.46
CA LEU CA 116 -70.45 16.67 43.03
C LEU CA 116 -71.34 17.07 44.20
N GLU CA 117 -71.45 16.23 45.23
CA GLU CA 117 -72.15 16.66 46.43
C GLU CA 117 -71.45 17.85 47.07
N LYS CA 118 -70.11 17.77 47.19
CA LYS CA 118 -69.38 18.91 47.71
C LYS CA 118 -69.47 20.10 46.76
N LEU CA 119 -69.54 19.83 45.46
CA LEU CA 119 -69.64 20.90 44.47
C LEU CA 119 -71.05 21.46 44.35
N GLY CA 120 -72.06 20.80 44.93
CA GLY CA 120 -73.40 21.31 44.94
C GLY CA 120 -74.34 20.79 43.87
N GLU CA 121 -73.87 19.87 43.02
CA GLU CA 121 -74.75 19.23 42.03
C GLU CA 121 -75.45 18.02 42.66
N LEU CA 122 -76.35 18.31 43.60
CA LEU CA 122 -76.92 17.27 44.43
C LEU CA 122 -77.55 16.16 43.61
N GLU CA 123 -78.29 16.50 42.57
CA GLU CA 123 -78.96 15.48 41.77
C GLU CA 123 -77.96 14.57 41.07
N MET CA 124 -76.91 15.17 40.48
CA MET CA 124 -75.88 14.37 39.85
C MET CA 124 -75.13 13.52 40.87
N ALA CA 125 -74.93 14.06 42.08
CA ALA CA 125 -74.28 13.29 43.13
C ALA CA 125 -75.12 12.07 43.51
N GLU CA 126 -76.44 12.26 43.63
CA GLU CA 126 -77.31 11.13 43.93
C GLU CA 126 -77.28 10.09 42.80
N GLU CA 127 -77.30 10.55 41.56
CA GLU CA 127 -77.21 9.62 40.42
C GLU CA 127 -75.91 8.83 40.48
N ALA CA 128 -74.80 9.52 40.75
CA ALA CA 128 -73.50 8.84 40.82
C ALA CA 128 -73.46 7.85 41.97
N TYR CA 129 -74.04 8.22 43.12
CA TYR CA 129 -74.05 7.31 44.26
C TYR CA 129 -74.86 6.06 43.96
N LYS CA 130 -76.03 6.23 43.32
CA LYS CA 130 -76.82 5.07 42.93
C LYS CA 130 -76.08 4.20 41.93
N LEU CA 131 -75.39 4.82 40.96
CA LEU CA 131 -74.63 4.05 39.99
C LEU CA 131 -73.52 3.27 40.67
N ALA CA 132 -72.82 3.90 41.61
CA ALA CA 132 -71.77 3.22 42.36
C ALA CA 132 -72.33 2.04 43.14
N ILE CA 133 -73.49 2.24 43.78
CA ILE CA 133 -74.09 1.15 44.55
C ILE CA 133 -74.50 0.01 43.62
N LYS CA 134 -74.97 0.33 42.42
CA LYS CA 134 -75.37 -0.71 41.48
C LYS CA 134 -74.15 -1.47 40.95
N LEU CA 135 -73.04 -0.75 40.72
CA LEU CA 135 -71.86 -1.38 40.15
C LEU CA 135 -71.22 -2.36 41.12
N ASP CA 136 -71.15 -2.01 42.40
CA ASP CA 136 -70.60 -2.88 43.42
C ASP CA 136 -71.37 -2.68 44.71
N PRO CA 137 -71.60 -3.74 45.50
CA PRO CA 137 -72.38 -3.58 46.73
C PRO CA 137 -71.63 -2.86 47.84
N ASN CA 138 -70.31 -2.72 47.75
CA ASN CA 138 -69.53 -2.16 48.85
C ASN CA 138 -69.46 -0.64 48.82
N ASP CA 139 -69.61 -0.01 47.66
CA ASP CA 139 -69.55 1.44 47.57
C ASP CA 139 -70.89 2.08 47.92
N GLU DA 1 -20.21 41.14 35.42
CA GLU DA 1 -19.06 41.57 34.59
C GLU DA 1 -18.46 42.87 35.14
N GLU DA 2 -17.20 43.14 34.77
CA GLU DA 2 -16.52 44.34 35.22
C GLU DA 2 -17.34 45.59 34.95
N ALA DA 3 -18.12 45.59 33.86
CA ALA DA 3 -18.91 46.76 33.52
C ALA DA 3 -19.88 47.13 34.64
N GLU DA 4 -20.30 46.16 35.44
CA GLU DA 4 -21.22 46.43 36.55
C GLU DA 4 -20.46 46.96 37.76
N LEU DA 5 -19.38 46.29 38.15
CA LEU DA 5 -18.65 46.70 39.33
C LEU DA 5 -18.03 48.08 39.16
N ALA DA 6 -17.45 48.35 37.99
CA ALA DA 6 -16.87 49.67 37.76
C ALA DA 6 -17.95 50.74 37.79
N TYR DA 7 -19.13 50.45 37.23
CA TYR DA 7 -20.21 51.41 37.29
C TYR DA 7 -20.68 51.66 38.72
N LEU DA 8 -20.70 50.60 39.54
CA LEU DA 8 -21.06 50.78 40.95
C LEU DA 8 -20.05 51.67 41.65
N LEU DA 9 -18.75 51.44 41.38
CA LEU DA 9 -17.73 52.34 41.92
C LEU DA 9 -17.97 53.76 41.44
N GLY DA 10 -18.38 53.93 40.19
CA GLY DA 10 -18.66 55.25 39.68
C GLY DA 10 -19.78 55.92 40.44
N GLU DA 11 -20.87 55.20 40.68
CA GLU DA 11 -21.98 55.76 41.44
C GLU DA 11 -21.51 56.16 42.84
N LEU DA 12 -20.76 55.28 43.50
CA LEU DA 12 -20.32 55.58 44.86
C LEU DA 12 -19.43 56.81 44.88
N ALA DA 13 -18.47 56.89 43.96
CA ALA DA 13 -17.57 58.03 43.91
C ALA DA 13 -18.33 59.32 43.61
N TYR DA 14 -19.25 59.29 42.66
CA TYR DA 14 -19.98 60.49 42.29
C TYR DA 14 -20.83 60.99 43.45
N LYS DA 15 -21.54 60.07 44.10
CA LYS DA 15 -22.44 60.49 45.18
C LYS DA 15 -21.68 61.11 46.33
N LEU DA 16 -20.45 60.67 46.59
CA LEU DA 16 -19.64 61.20 47.66
C LEU DA 16 -18.72 62.34 47.21
N GLY DA 17 -18.88 62.82 45.98
CA GLY DA 17 -18.20 64.02 45.53
C GLY DA 17 -16.78 63.85 45.04
N GLU DA 18 -16.32 62.62 44.80
CA GLU DA 18 -15.00 62.39 44.20
C GLU DA 18 -15.11 62.32 42.68
N TYR DA 19 -15.37 63.49 42.08
CA TYR DA 19 -15.75 63.55 40.69
C TYR DA 19 -14.66 63.03 39.75
N ARG DA 20 -13.38 63.27 40.06
CA ARG DA 20 -12.32 62.73 39.21
C ARG DA 20 -12.38 61.21 39.17
N ILE DA 21 -12.49 60.59 40.34
CA ILE DA 21 -12.60 59.14 40.40
C ILE DA 21 -13.88 58.68 39.72
N ALA DA 22 -14.96 59.46 39.85
CA ALA DA 22 -16.21 59.11 39.17
C ALA DA 22 -16.01 59.03 37.67
N ILE DA 23 -15.38 60.06 37.08
CA ILE DA 23 -15.12 60.06 35.64
C ILE DA 23 -14.26 58.87 35.26
N ARG DA 24 -13.13 58.71 35.96
CA ARG DA 24 -12.18 57.67 35.58
C ARG DA 24 -12.76 56.28 35.79
N ALA DA 25 -13.72 56.14 36.70
CA ALA DA 25 -14.38 54.86 36.91
C ALA DA 25 -15.38 54.57 35.82
N TYR DA 26 -16.30 55.52 35.57
CA TYR DA 26 -17.27 55.32 34.51
C TYR DA 26 -16.59 55.01 33.18
N ARG DA 27 -15.43 55.61 32.94
CA ARG DA 27 -14.71 55.33 31.70
C ARG DA 27 -14.45 53.84 31.53
N ILE DA 28 -14.09 53.15 32.61
CA ILE DA 28 -13.80 51.72 32.51
C ILE DA 28 -15.04 50.96 32.10
N ALA DA 29 -16.18 51.27 32.71
CA ALA DA 29 -17.41 50.56 32.40
C ALA DA 29 -17.83 50.81 30.95
N LEU DA 30 -17.82 52.06 30.52
CA LEU DA 30 -18.35 52.40 29.20
C LEU DA 30 -17.54 51.72 28.09
N LYS DA 31 -16.21 51.70 28.23
CA LYS DA 31 -15.40 51.07 27.20
C LYS DA 31 -15.60 49.56 27.16
N ARG DA 32 -16.18 48.98 28.21
CA ARG DA 32 -16.57 47.58 28.17
C ARG DA 32 -17.95 47.40 27.54
N ASP DA 33 -18.86 48.35 27.77
CA ASP DA 33 -20.26 48.20 27.37
C ASP DA 33 -20.82 49.57 27.07
N PRO DA 34 -20.76 50.01 25.80
CA PRO DA 34 -21.09 51.40 25.48
C PRO DA 34 -22.58 51.73 25.40
N ASN DA 35 -23.47 50.77 25.62
CA ASN DA 35 -24.90 51.00 25.49
C ASN DA 35 -25.58 51.45 26.77
N ASN DA 36 -24.85 51.62 27.86
CA ASN DA 36 -25.44 52.01 29.15
C ASN DA 36 -25.78 53.49 29.12
N ALA DA 37 -27.07 53.79 28.90
CA ALA DA 37 -27.51 55.18 28.84
C ALA DA 37 -27.20 55.92 30.14
N GLU DA 38 -27.55 55.33 31.29
CA GLU DA 38 -27.33 56.01 32.56
C GLU DA 38 -25.86 56.21 32.84
N ALA DA 39 -24.99 55.34 32.34
CA ALA DA 39 -23.56 55.55 32.52
C ALA DA 39 -23.09 56.80 31.79
N TRP DA 40 -23.51 56.96 30.53
CA TRP DA 40 -23.20 58.19 29.82
C TRP DA 40 -23.75 59.40 30.54
N TYR DA 41 -25.00 59.30 31.03
CA TYR DA 41 -25.61 60.43 31.72
C TYR DA 41 -24.82 60.82 32.96
N ASN DA 42 -24.41 59.83 33.77
CA ASN DA 42 -23.66 60.12 34.98
C ASN DA 42 -22.29 60.70 34.65
N LEU DA 43 -21.66 60.22 33.58
CA LEU DA 43 -20.40 60.82 33.16
C LEU DA 43 -20.60 62.28 32.79
N GLY DA 44 -21.69 62.58 32.08
CA GLY DA 44 -22.01 63.96 31.77
C GLY DA 44 -22.23 64.79 33.03
N ASN DA 45 -22.91 64.21 34.02
CA ASN DA 45 -23.13 64.91 35.27
C ASN DA 45 -21.80 65.23 35.97
N ALA DA 46 -20.88 64.26 35.97
CA ALA DA 46 -19.59 64.49 36.59
C ALA DA 46 -18.83 65.61 35.89
N TYR DA 47 -18.76 65.54 34.55
CA TYR DA 47 -18.09 66.62 33.83
C TYR DA 47 -18.78 67.95 34.05
N THR DA 48 -20.11 67.95 34.24
CA THR DA 48 -20.83 69.18 34.53
C THR DA 48 -20.40 69.77 35.87
N LYS DA 49 -20.34 68.93 36.90
CA LYS DA 49 -19.88 69.42 38.20
C LYS DA 49 -18.45 69.92 38.11
N GLN DA 50 -17.62 69.29 37.28
CA GLN DA 50 -16.28 69.81 37.05
C GLN DA 50 -16.28 71.14 36.30
N GLY DA 51 -17.39 71.53 35.70
CA GLY DA 51 -17.46 72.73 34.91
C GLY DA 51 -16.95 72.59 33.48
N ASP DA 52 -16.72 71.37 33.01
CA ASP DA 52 -16.30 71.11 31.64
C ASP DA 52 -17.49 70.94 30.70
N TYR DA 53 -18.34 71.97 30.65
CA TYR DA 53 -19.59 71.86 29.92
C TYR DA 53 -19.35 71.53 28.45
N ASP DA 54 -18.34 72.15 27.84
CA ASP DA 54 -18.09 71.93 26.42
C ASP DA 54 -17.90 70.45 26.09
N GLU DA 55 -17.41 69.67 27.05
CA GLU DA 55 -17.27 68.24 26.90
C GLU DA 55 -18.46 67.47 27.44
N ALA DA 56 -19.10 67.97 28.50
CA ALA DA 56 -20.28 67.31 29.04
C ALA DA 56 -21.39 67.21 28.00
N ILE DA 57 -21.50 68.21 27.13
CA ILE DA 57 -22.62 68.25 26.20
C ILE DA 57 -22.61 67.04 25.27
N GLU DA 58 -21.44 66.63 24.79
CA GLU DA 58 -21.43 65.51 23.84
C GLU DA 58 -21.74 64.18 24.52
N TYR DA 59 -21.30 63.99 25.77
CA TYR DA 59 -21.68 62.78 26.49
C TYR DA 59 -23.19 62.78 26.76
N TYR DA 60 -23.75 63.94 27.09
CA TYR DA 60 -25.20 64.05 27.20
C TYR DA 60 -25.87 63.72 25.88
N LEU DA 61 -25.27 64.16 24.77
CA LEU DA 61 -25.86 63.92 23.46
C LEU DA 61 -25.93 62.44 23.15
N ARG DA 62 -24.82 61.72 23.35
CA ARG DA 62 -24.87 60.28 23.13
C ARG DA 62 -25.59 59.54 24.24
N ALA DA 63 -25.91 60.20 25.36
CA ALA DA 63 -26.84 59.64 26.33
C ALA DA 63 -28.28 59.86 25.95
N LEU DA 64 -28.56 60.80 25.04
CA LEU DA 64 -29.90 61.05 24.56
C LEU DA 64 -30.19 60.39 23.22
N VAL DA 65 -29.17 60.10 22.41
CA VAL DA 65 -29.38 59.26 21.24
C VAL DA 65 -29.88 57.89 21.68
N LEU DA 66 -29.25 57.33 22.71
CA LEU DA 66 -29.83 56.20 23.43
C LEU DA 66 -30.88 56.72 24.39
N ASP DA 67 -31.88 55.88 24.69
CA ASP DA 67 -32.91 56.21 25.65
C ASP DA 67 -33.44 57.60 25.36
N PRO DA 68 -34.15 57.78 24.22
CA PRO DA 68 -34.49 59.14 23.78
C PRO DA 68 -35.51 59.85 24.66
N ASN DA 69 -36.09 59.18 25.64
CA ASN DA 69 -37.07 59.79 26.54
C ASN DA 69 -36.45 60.29 27.84
N ASN DA 70 -35.12 60.30 27.95
CA ASN DA 70 -34.46 60.61 29.21
C ASN DA 70 -34.55 62.10 29.53
N ALA DA 71 -35.61 62.51 30.24
CA ALA DA 71 -35.84 63.93 30.49
C ALA DA 71 -34.75 64.55 31.33
N GLU DA 72 -34.17 63.80 32.27
CA GLU DA 72 -33.08 64.34 33.08
C GLU DA 72 -31.89 64.71 32.21
N ALA DA 73 -31.52 63.82 31.28
CA ALA DA 73 -30.42 64.11 30.37
C ALA DA 73 -30.73 65.35 29.53
N ALA DA 74 -31.97 65.48 29.07
CA ALA DA 74 -32.34 66.66 28.29
C ALA DA 74 -32.19 67.94 29.11
N THR DA 75 -32.67 67.91 30.36
CA THR DA 75 -32.58 69.10 31.21
C THR DA 75 -31.13 69.49 31.44
N ASN DA 76 -30.29 68.50 31.77
CA ASN DA 76 -28.90 68.81 32.04
C ASN DA 76 -28.15 69.23 30.78
N LEU DA 77 -28.52 68.68 29.61
CA LEU DA 77 -27.93 69.12 28.36
C LEU DA 77 -28.30 70.57 28.07
N GLY DA 78 -29.57 70.93 28.29
CA GLY DA 78 -29.95 72.33 28.14
C GLY DA 78 -29.18 73.23 29.07
N GLN DA 79 -29.02 72.80 30.32
CA GLN DA 79 -28.24 73.57 31.29
C GLN DA 79 -26.79 73.72 30.82
N ALA DA 80 -26.20 72.65 30.30
CA ALA DA 80 -24.83 72.72 29.80
C ALA DA 80 -24.71 73.67 28.63
N TYR DA 81 -25.67 73.63 27.70
CA TYR DA 81 -25.64 74.56 26.58
C TYR DA 81 -25.76 76.00 27.09
N MET DA 82 -26.63 76.24 28.06
CA MET DA 82 -26.76 77.57 28.64
C MET DA 82 -25.47 78.02 29.30
N ASN DA 83 -24.80 77.11 30.00
CA ASN DA 83 -23.52 77.45 30.63
C ASN DA 83 -22.46 77.75 29.58
N GLN DA 84 -22.55 77.11 28.41
CA GLN DA 84 -21.68 77.43 27.29
C GLN DA 84 -22.14 78.66 26.53
N GLY DA 85 -23.31 79.22 26.87
CA GLY DA 85 -23.79 80.45 26.29
C GLY DA 85 -24.69 80.30 25.08
N ASP DA 86 -24.96 79.07 24.63
CA ASP DA 86 -25.88 78.83 23.51
C ASP DA 86 -27.29 78.72 24.06
N LYS DA 87 -27.90 79.89 24.33
CA LYS DA 87 -29.24 79.91 24.91
C LYS DA 87 -30.27 79.30 23.97
N ASP DA 88 -29.99 79.27 22.66
CA ASP DA 88 -30.98 78.78 21.71
C ASP DA 88 -31.14 77.26 21.82
N ARG DA 89 -30.05 76.51 21.61
CA ARG DA 89 -30.15 75.05 21.73
C ARG DA 89 -30.44 74.64 23.16
N ALA DA 90 -29.95 75.42 24.14
CA ALA DA 90 -30.27 75.15 25.53
C ALA DA 90 -31.78 75.23 25.76
N LYS DA 91 -32.41 76.29 25.25
CA LYS DA 91 -33.86 76.40 25.36
C LYS DA 91 -34.56 75.29 24.60
N LEU DA 92 -34.04 74.90 23.44
CA LEU DA 92 -34.62 73.79 22.70
C LEU DA 92 -34.65 72.52 23.55
N MET DA 93 -33.52 72.19 24.18
CA MET DA 93 -33.46 70.98 24.99
C MET DA 93 -34.26 71.10 26.28
N LEU DA 94 -34.37 72.30 26.85
CA LEU DA 94 -35.22 72.48 28.02
C LEU DA 94 -36.68 72.25 27.67
N LEU DA 95 -37.11 72.77 26.52
CA LEU DA 95 -38.47 72.49 26.05
C LEU DA 95 -38.66 71.01 25.78
N LEU DA 96 -37.64 70.36 25.22
CA LEU DA 96 -37.68 68.91 25.05
C LEU DA 96 -37.92 68.22 26.38
N ALA DA 97 -37.19 68.64 27.41
CA ALA DA 97 -37.34 68.04 28.73
C ALA DA 97 -38.77 68.24 29.25
N LEU DA 98 -39.28 69.45 29.13
CA LEU DA 98 -40.64 69.72 29.62
C LEU DA 98 -41.67 68.91 28.84
N LYS DA 99 -41.42 68.64 27.56
CA LYS DA 99 -42.34 67.82 26.79
C LYS DA 99 -42.25 66.35 27.21
N LEU DA 100 -41.04 65.87 27.46
CA LEU DA 100 -40.84 64.47 27.83
C LEU DA 100 -41.41 64.19 29.22
N ASP EA 1 -19.68 -8.95 34.19
CA ASP EA 1 -21.04 -8.52 33.73
C ASP EA 1 -22.03 -8.54 34.90
N VAL EA 2 -22.88 -7.51 34.95
CA VAL EA 2 -23.75 -7.26 36.09
C VAL EA 2 -24.78 -8.36 36.30
N SER EA 3 -25.06 -9.18 35.27
CA SER EA 3 -26.04 -10.23 35.41
C SER EA 3 -25.75 -11.13 36.61
N ALA EA 4 -24.46 -11.36 36.87
CA ALA EA 4 -24.06 -12.27 37.93
C ALA EA 4 -24.62 -11.84 39.28
N LEU EA 5 -24.86 -10.54 39.45
CA LEU EA 5 -25.45 -9.99 40.67
C LEU EA 5 -26.94 -9.70 40.50
N ALA EA 6 -27.37 -9.39 39.27
CA ALA EA 6 -28.79 -9.24 39.01
C ALA EA 6 -29.55 -10.49 39.43
N TYR EA 7 -28.97 -11.66 39.19
CA TYR EA 7 -29.64 -12.88 39.63
C TYR EA 7 -29.77 -12.95 41.15
N VAL EA 8 -28.76 -12.48 41.88
CA VAL EA 8 -28.88 -12.42 43.34
C VAL EA 8 -30.03 -11.52 43.72
N MET EA 9 -30.16 -10.39 43.03
CA MET EA 9 -31.27 -9.47 43.30
C MET EA 9 -32.60 -10.17 43.06
N LEU EA 10 -32.70 -10.91 41.96
CA LEU EA 10 -33.95 -11.60 41.64
C LEU EA 10 -34.30 -12.61 42.72
N GLY EA 11 -33.31 -13.35 43.21
CA GLY EA 11 -33.57 -14.29 44.27
C GLY EA 11 -34.01 -13.60 45.55
N LEU EA 12 -33.37 -12.47 45.87
CA LEU EA 12 -33.77 -11.74 47.07
C LEU EA 12 -35.21 -11.26 46.96
N LEU EA 13 -35.60 -10.75 45.79
CA LEU EA 13 -36.98 -10.33 45.61
C LEU EA 13 -37.93 -11.51 45.78
N LEU EA 14 -37.65 -12.62 45.12
CA LEU EA 14 -38.55 -13.76 45.21
C LEU EA 14 -38.54 -14.41 46.59
N SER EA 15 -37.59 -14.06 47.46
CA SER EA 15 -37.65 -14.47 48.85
C SER EA 15 -38.35 -13.43 49.73
N LEU EA 16 -38.31 -12.17 49.35
CA LEU EA 16 -38.98 -11.11 50.09
C LEU EA 16 -40.48 -11.16 49.87
N LEU EA 17 -40.90 -11.18 48.60
CA LEU EA 17 -42.18 -11.75 48.24
C LEU EA 17 -42.09 -13.25 48.39
N ASN EA 18 -43.14 -13.87 48.94
CA ASN EA 18 -43.04 -15.22 49.49
C ASN EA 18 -43.17 -16.25 48.39
N ARG EA 19 -42.08 -16.45 47.65
CA ARG EA 19 -41.98 -17.51 46.64
C ARG EA 19 -40.60 -18.19 46.70
N LEU EA 20 -40.20 -18.59 47.91
CA LEU EA 20 -38.87 -19.15 48.14
C LEU EA 20 -38.46 -20.18 47.08
N SER EA 21 -39.39 -21.04 46.68
CA SER EA 21 -39.04 -22.17 45.83
C SER EA 21 -38.47 -21.71 44.49
N LEU EA 22 -38.91 -20.54 44.01
CA LEU EA 22 -38.27 -19.95 42.83
C LEU EA 22 -36.98 -19.25 43.20
N ALA EA 23 -36.89 -18.71 44.42
CA ALA EA 23 -35.71 -17.98 44.84
C ALA EA 23 -34.48 -18.88 44.84
N ALA EA 24 -34.64 -20.14 45.28
CA ALA EA 24 -33.50 -21.04 45.30
C ALA EA 24 -32.89 -21.19 43.91
N GLU EA 25 -33.74 -21.42 42.89
CA GLU EA 25 -33.24 -21.55 41.53
C GLU EA 25 -32.62 -20.23 41.05
N ALA EA 26 -33.24 -19.11 41.40
CA ALA EA 26 -32.70 -17.82 41.01
C ALA EA 26 -31.29 -17.64 41.56
N TYR EA 27 -31.06 -18.07 42.79
CA TYR EA 27 -29.72 -18.04 43.36
C TYR EA 27 -28.78 -18.99 42.63
N LYS EA 28 -29.27 -20.19 42.33
CA LYS EA 28 -28.40 -21.21 41.72
C LYS EA 28 -27.84 -20.72 40.40
N LYS EA 29 -28.65 -20.02 39.60
CA LYS EA 29 -28.12 -19.48 38.36
C LYS EA 29 -26.99 -18.49 38.63
N ALA EA 30 -27.16 -17.63 39.64
CA ALA EA 30 -26.08 -16.71 40.00
C ALA EA 30 -24.82 -17.45 40.39
N ILE EA 31 -24.97 -18.51 41.20
CA ILE EA 31 -23.81 -19.30 41.60
C ILE EA 31 -23.11 -19.86 40.36
N GLU EA 32 -23.88 -20.38 39.41
CA GLU EA 32 -23.29 -20.94 38.21
C GLU EA 32 -22.58 -19.86 37.40
N LEU EA 33 -23.02 -18.61 37.51
CA LEU EA 33 -22.30 -17.52 36.85
C LEU EA 33 -21.03 -17.14 37.61
N ASP EA 34 -20.99 -17.35 38.92
CA ASP EA 34 -19.82 -16.98 39.72
C ASP EA 34 -19.78 -17.82 40.99
N PRO EA 35 -19.06 -18.95 40.99
CA PRO EA 35 -19.05 -19.80 42.19
C PRO EA 35 -18.45 -19.15 43.42
N ASN EA 36 -17.68 -18.08 43.27
CA ASN EA 36 -16.94 -17.52 44.40
C ASN EA 36 -17.76 -16.56 45.25
N ASP EA 37 -19.00 -16.26 44.88
CA ASP EA 37 -19.78 -15.24 45.59
C ASP EA 37 -20.13 -15.73 46.98
N ALA EA 38 -19.54 -15.10 48.01
CA ALA EA 38 -19.83 -15.46 49.38
C ALA EA 38 -21.23 -15.03 49.82
N LEU EA 39 -21.89 -14.16 49.07
CA LEU EA 39 -23.21 -13.67 49.44
C LEU EA 39 -24.33 -14.50 48.81
N ALA EA 40 -24.11 -15.03 47.61
CA ALA EA 40 -25.08 -15.93 47.01
C ALA EA 40 -25.25 -17.18 47.86
N TRP EA 41 -24.14 -17.81 48.22
CA TRP EA 41 -24.20 -19.10 48.91
C TRP EA 41 -24.94 -18.97 50.24
N LEU EA 42 -24.66 -17.91 50.99
CA LEU EA 42 -25.27 -17.75 52.31
C LEU EA 42 -26.79 -17.60 52.21
N LEU EA 43 -27.26 -16.73 51.32
CA LEU EA 43 -28.69 -16.54 51.15
C LEU EA 43 -29.35 -17.81 50.64
N LEU EA 44 -28.70 -18.51 49.71
CA LEU EA 44 -29.24 -19.78 49.24
C LEU EA 44 -29.35 -20.77 50.40
N GLY EA 45 -28.35 -20.80 51.26
CA GLY EA 45 -28.40 -21.69 52.42
C GLY EA 45 -29.59 -21.38 53.30
N SER EA 46 -29.81 -20.10 53.59
CA SER EA 46 -30.94 -19.76 54.46
C SER EA 46 -32.28 -20.00 53.78
N VAL EA 47 -32.37 -19.83 52.47
CA VAL EA 47 -33.60 -20.13 51.75
C VAL EA 47 -33.91 -21.62 51.82
N LEU EA 48 -32.91 -22.45 51.52
CA LEU EA 48 -33.09 -23.90 51.64
C LEU EA 48 -33.44 -24.29 53.07
N GLU EA 49 -32.87 -23.58 54.05
CA GLU EA 49 -33.25 -23.80 55.44
C GLU EA 49 -34.75 -23.55 55.63
N LYS EA 50 -35.24 -22.43 55.07
CA LYS EA 50 -36.65 -22.11 55.21
C LYS EA 50 -37.53 -23.17 54.55
N LEU EA 51 -37.08 -23.71 53.42
CA LEU EA 51 -37.86 -24.75 52.72
C LEU EA 51 -37.79 -26.12 53.40
N LYS EA 52 -37.17 -26.25 54.58
CA LYS EA 52 -37.10 -27.51 55.31
C LYS EA 52 -36.25 -28.55 54.61
N ARG EA 53 -35.45 -28.15 53.63
CA ARG EA 53 -34.52 -29.05 52.94
C ARG EA 53 -33.13 -29.00 53.57
N LEU EA 54 -33.05 -29.32 54.86
CA LEU EA 54 -31.84 -29.08 55.63
C LEU EA 54 -30.62 -29.75 55.01
N ASP EA 55 -30.80 -30.94 54.43
CA ASP EA 55 -29.65 -31.69 53.92
C ASP EA 55 -28.83 -30.86 52.94
N GLU EA 56 -29.50 -30.01 52.15
CA GLU EA 56 -28.79 -29.12 51.23
C GLU EA 56 -28.39 -27.80 51.90
N ALA EA 57 -29.17 -27.35 52.88
CA ALA EA 57 -28.88 -26.07 53.53
C ALA EA 57 -27.55 -26.12 54.27
N ALA EA 58 -27.31 -27.21 54.99
CA ALA EA 58 -26.03 -27.32 55.70
C ALA EA 58 -24.86 -27.28 54.71
N GLU EA 59 -25.00 -27.97 53.57
CA GLU EA 59 -23.93 -27.97 52.56
C GLU EA 59 -23.69 -26.56 52.03
N ALA EA 60 -24.78 -25.84 51.71
CA ALA EA 60 -24.62 -24.48 51.18
C ALA EA 60 -23.94 -23.58 52.20
N TYR EA 61 -24.35 -23.67 53.47
CA TYR EA 61 -23.72 -22.88 54.51
C TYR EA 61 -22.23 -23.21 54.61
N LYS EA 62 -21.90 -24.49 54.55
CA LYS EA 62 -20.50 -24.90 54.64
C LYS EA 62 -19.68 -24.32 53.51
N LYS EA 63 -20.21 -24.36 52.28
CA LYS EA 63 -19.48 -23.77 51.17
C LYS EA 63 -19.29 -22.28 51.39
N ALA EA 64 -20.33 -21.59 51.86
CA ALA EA 64 -20.22 -20.16 52.10
C ALA EA 64 -19.13 -19.87 53.12
N ILE EA 65 -19.10 -20.63 54.21
CA ILE EA 65 -18.09 -20.43 55.24
C ILE EA 65 -16.70 -20.70 54.67
N GLU EA 66 -16.57 -21.74 53.85
CA GLU EA 66 -15.29 -22.00 53.19
C GLU EA 66 -14.84 -20.81 52.36
N LEU EA 67 -15.80 -20.10 51.75
CA LEU EA 67 -15.44 -18.93 50.95
C LEU EA 67 -15.21 -17.67 51.78
N LYS EA 68 -15.55 -17.68 53.07
CA LYS EA 68 -15.46 -16.48 53.90
C LYS EA 68 -15.39 -16.91 55.36
N PRO EA 69 -14.19 -17.13 55.90
CA PRO EA 69 -14.07 -18.00 57.08
C PRO EA 69 -14.62 -17.43 58.38
N ASN EA 70 -14.59 -16.11 58.57
CA ASN EA 70 -14.59 -15.56 59.93
C ASN EA 70 -15.94 -15.06 60.44
N ASP EA 71 -16.92 -14.84 59.57
CA ASP EA 71 -18.18 -14.20 59.99
C ASP EA 71 -18.95 -15.12 60.92
N ALA EA 72 -19.15 -14.67 62.16
CA ALA EA 72 -19.85 -15.49 63.15
C ALA EA 72 -21.28 -15.80 62.78
N SER EA 73 -21.92 -14.95 61.97
CA SER EA 73 -23.32 -15.18 61.61
C SER EA 73 -23.46 -16.48 60.84
N ALA EA 74 -22.59 -16.70 59.85
CA ALA EA 74 -22.64 -17.93 59.07
C ALA EA 74 -22.40 -19.15 59.94
N TRP EA 75 -21.44 -19.07 60.85
CA TRP EA 75 -21.17 -20.20 61.74
C TRP EA 75 -22.38 -20.49 62.62
N LYS EA 76 -23.01 -19.46 63.18
CA LYS EA 76 -24.17 -19.68 64.03
C LYS EA 76 -25.31 -20.30 63.23
N GLU EA 77 -25.54 -19.83 62.00
CA GLU EA 77 -26.62 -20.39 61.21
C GLU EA 77 -26.35 -21.84 60.81
N LEU EA 78 -25.10 -22.16 60.48
CA LEU EA 78 -24.75 -23.54 60.20
C LEU EA 78 -24.94 -24.40 61.43
N GLY EA 79 -24.58 -23.87 62.61
CA GLY EA 79 -24.87 -24.57 63.84
C GLY EA 79 -26.35 -24.83 64.03
N LYS EA 80 -27.18 -23.84 63.71
CA LYS EA 80 -28.63 -24.04 63.83
C LYS EA 80 -29.11 -25.14 62.91
N VAL EA 81 -28.67 -25.14 61.66
CA VAL EA 81 -29.10 -26.17 60.72
C VAL EA 81 -28.63 -27.54 61.20
N LEU EA 82 -27.37 -27.64 61.64
CA LEU EA 82 -26.87 -28.91 62.13
C LEU EA 82 -27.64 -29.39 63.36
N GLU EA 83 -27.96 -28.46 64.27
CA GLU EA 83 -28.71 -28.83 65.46
C GLU EA 83 -30.08 -29.37 65.08
N LYS EA 84 -30.77 -28.69 64.17
CA LYS EA 84 -32.06 -29.20 63.71
C LYS EA 84 -31.89 -30.50 62.94
N LEU EA 85 -30.79 -30.66 62.20
CA LEU EA 85 -30.54 -31.89 61.46
C LEU EA 85 -30.13 -33.04 62.36
N GLY EA 86 -29.82 -32.78 63.63
CA GLY EA 86 -29.58 -33.82 64.61
C GLY EA 86 -28.15 -34.24 64.82
N ARG EA 87 -27.19 -33.62 64.14
CA ARG EA 87 -25.77 -33.92 64.32
C ARG EA 87 -25.17 -33.02 65.40
N LEU EA 88 -25.62 -33.25 66.63
CA LEU EA 88 -25.40 -32.29 67.71
C LEU EA 88 -23.92 -32.03 67.99
N ASP EA 89 -23.05 -33.02 67.77
CA ASP EA 89 -21.63 -32.80 68.02
C ASP EA 89 -21.05 -31.76 67.06
N GLU EA 90 -21.35 -31.91 65.77
CA GLU EA 90 -20.89 -30.92 64.80
C GLU EA 90 -21.51 -29.55 65.07
N ALA EA 91 -22.77 -29.53 65.54
CA ALA EA 91 -23.40 -28.26 65.90
C ALA EA 91 -22.66 -27.60 67.06
N ALA EA 92 -22.27 -28.40 68.06
CA ALA EA 92 -21.50 -27.87 69.18
C ALA EA 92 -20.17 -27.32 68.70
N GLU EA 93 -19.51 -28.04 67.77
CA GLU EA 93 -18.26 -27.54 67.20
C GLU EA 93 -18.48 -26.19 66.51
N ALA EA 94 -19.55 -26.09 65.73
CA ALA EA 94 -19.84 -24.85 65.01
C ALA EA 94 -20.07 -23.70 65.99
N TYR EA 95 -20.88 -23.93 67.03
CA TYR EA 95 -21.16 -22.85 67.97
C TYR EA 95 -19.92 -22.48 68.78
N LEU EA 96 -19.08 -23.45 69.09
CA LEU EA 96 -17.81 -23.15 69.75
C LEU EA 96 -16.94 -22.26 68.88
N ILE EA 97 -16.84 -22.59 67.59
CA ILE EA 97 -16.08 -21.75 66.66
C ILE EA 97 -16.71 -20.36 66.60
N ALA EA 98 -18.03 -20.29 66.64
CA ALA EA 98 -18.70 -18.99 66.60
C ALA EA 98 -18.32 -18.14 67.80
N ILE EA 99 -18.44 -18.70 69.01
CA ILE EA 99 -18.11 -17.92 70.20
C ILE EA 99 -16.62 -17.63 70.28
N MET EA 100 -15.78 -18.45 69.67
CA MET EA 100 -14.35 -18.15 69.64
C MET EA 100 -14.04 -17.02 68.66
N LEU EA 101 -14.81 -16.92 67.58
CA LEU EA 101 -14.64 -15.80 66.66
C LEU EA 101 -15.12 -14.49 67.28
N ASP EA 102 -16.09 -14.55 68.19
CA ASP EA 102 -16.57 -13.37 68.91
C ASP EA 102 -16.95 -13.80 70.32
N PRO EA 103 -16.06 -13.61 71.30
CA PRO EA 103 -16.35 -14.10 72.67
C PRO EA 103 -17.45 -13.33 73.38
N GLU EA 104 -17.89 -12.19 72.85
CA GLU EA 104 -18.90 -11.36 73.51
C GLU EA 104 -20.31 -11.65 73.06
N ASP EA 105 -20.52 -12.64 72.19
CA ASP EA 105 -21.85 -12.94 71.65
C ASP EA 105 -22.61 -13.78 72.68
N ALA EA 106 -23.57 -13.16 73.38
CA ALA EA 106 -24.36 -13.88 74.36
C ALA EA 106 -25.25 -14.94 73.71
N GLU EA 107 -25.79 -14.65 72.53
CA GLU EA 107 -26.66 -15.62 71.87
C GLU EA 107 -25.89 -16.91 71.56
N ALA EA 108 -24.65 -16.78 71.10
CA ALA EA 108 -23.84 -17.96 70.85
C ALA EA 108 -23.67 -18.78 72.11
N ALA EA 109 -23.40 -18.11 73.24
CA ALA EA 109 -23.22 -18.83 74.49
C ALA EA 109 -24.49 -19.57 74.90
N LYS EA 110 -25.64 -18.90 74.82
CA LYS EA 110 -26.89 -19.55 75.21
C LYS EA 110 -27.23 -20.72 74.29
N GLU EA 111 -27.03 -20.54 72.98
CA GLU EA 111 -27.33 -21.62 72.04
C GLU EA 111 -26.37 -22.79 72.24
N LEU EA 112 -25.10 -22.52 72.49
CA LEU EA 112 -24.16 -23.59 72.80
C LEU EA 112 -24.55 -24.28 74.08
N GLY EA 113 -25.08 -23.54 75.05
CA GLY EA 113 -25.61 -24.18 76.24
C GLY EA 113 -26.73 -25.15 75.91
N LYS EA 114 -27.66 -24.72 75.05
CA LYS EA 114 -28.72 -25.62 74.61
C LYS EA 114 -28.15 -26.88 73.97
N VAL EA 115 -27.21 -26.72 73.04
CA VAL EA 115 -26.67 -27.85 72.30
C VAL EA 115 -25.92 -28.79 73.24
N LEU EA 116 -25.09 -28.23 74.13
CA LEU EA 116 -24.36 -29.06 75.08
C LEU EA 116 -25.30 -29.79 76.02
N GLU EA 117 -26.36 -29.11 76.48
CA GLU EA 117 -27.33 -29.76 77.34
C GLU EA 117 -27.97 -30.97 76.65
N LYS EA 118 -28.42 -30.78 75.41
CA LYS EA 118 -29.01 -31.89 74.68
C LYS EA 118 -27.98 -32.97 74.40
N LEU EA 119 -26.72 -32.57 74.23
CA LEU EA 119 -25.63 -33.51 73.95
C LEU EA 119 -25.12 -34.20 75.21
N GLY EA 120 -25.58 -33.80 76.39
CA GLY EA 120 -25.24 -34.47 77.62
C GLY EA 120 -24.07 -33.92 78.39
N GLU EA 121 -23.45 -32.83 77.93
CA GLU EA 121 -22.38 -32.17 78.67
C GLU EA 121 -22.98 -31.15 79.65
N LEU EA 122 -23.72 -31.66 80.62
CA LEU EA 122 -24.54 -30.80 81.48
C LEU EA 122 -23.69 -29.73 82.16
N GLU EA 123 -22.51 -30.09 82.65
CA GLU EA 123 -21.66 -29.10 83.33
C GLU EA 123 -21.28 -27.97 82.38
N MET EA 124 -20.77 -28.32 81.20
CA MET EA 124 -20.37 -27.31 80.23
C MET EA 124 -21.59 -26.54 79.71
N ALA EA 125 -22.73 -27.21 79.58
CA ALA EA 125 -23.94 -26.52 79.16
C ALA EA 125 -24.34 -25.45 80.16
N GLU EA 126 -24.31 -25.79 81.45
CA GLU EA 126 -24.62 -24.80 82.48
C GLU EA 126 -23.59 -23.69 82.51
N GLU EA 127 -22.32 -24.01 82.30
CA GLU EA 127 -21.30 -22.98 82.23
C GLU EA 127 -21.57 -22.02 81.08
N ALA EA 128 -21.94 -22.56 79.92
CA ALA EA 128 -22.23 -21.72 78.77
C ALA EA 128 -23.46 -20.85 79.02
N TYR EA 129 -24.50 -21.42 79.64
CA TYR EA 129 -25.68 -20.63 79.96
C TYR EA 129 -25.33 -19.48 80.91
N LYS EA 130 -24.55 -19.78 81.94
CA LYS EA 130 -24.14 -18.74 82.88
C LYS EA 130 -23.31 -17.67 82.19
N LEU EA 131 -22.40 -18.07 81.29
CA LEU EA 131 -21.61 -17.11 80.55
C LEU EA 131 -22.49 -16.22 79.68
N ALA EA 132 -23.45 -16.83 78.99
CA ALA EA 132 -24.39 -16.06 78.16
C ALA EA 132 -25.14 -15.05 79.02
N ILE EA 133 -25.56 -15.46 80.21
CA ILE EA 133 -26.21 -14.51 81.11
C ILE EA 133 -25.25 -13.38 81.47
N LYS EA 134 -24.00 -13.73 81.77
CA LYS EA 134 -23.01 -12.72 82.11
C LYS EA 134 -22.60 -11.89 80.89
N LEU EA 135 -22.57 -12.51 79.71
CA LEU EA 135 -22.20 -11.77 78.51
C LEU EA 135 -23.21 -10.67 78.22
N ASP EA 136 -24.49 -10.96 78.37
CA ASP EA 136 -25.55 -9.98 78.17
C ASP EA 136 -26.72 -10.36 79.06
N PRO EA 137 -26.89 -9.68 80.20
CA PRO EA 137 -28.06 -9.99 81.06
C PRO EA 137 -29.38 -9.62 80.43
N ASN EA 138 -29.39 -8.83 79.36
CA ASN EA 138 -30.62 -8.44 78.68
C ASN EA 138 -31.07 -9.47 77.63
N ASP EA 139 -30.25 -10.46 77.33
CA ASP EA 139 -30.61 -11.48 76.35
C ASP EA 139 -31.23 -12.70 77.04
N GLU FA 1 -25.66 -47.02 21.84
CA GLU FA 1 -25.15 -47.23 20.45
C GLU FA 1 -25.72 -48.53 19.88
N GLU FA 2 -25.70 -48.65 18.55
CA GLU FA 2 -26.23 -49.84 17.90
C GLU FA 2 -25.54 -51.11 18.38
N ALA FA 3 -24.31 -50.99 18.86
CA ALA FA 3 -23.59 -52.16 19.38
C ALA FA 3 -24.39 -52.86 20.47
N GLU FA 4 -25.20 -52.11 21.22
CA GLU FA 4 -26.03 -52.70 22.26
C GLU FA 4 -27.32 -53.29 21.69
N LEU FA 5 -27.96 -52.56 20.78
CA LEU FA 5 -29.22 -53.03 20.23
C LEU FA 5 -29.04 -54.32 19.42
N ALA FA 6 -27.99 -54.38 18.60
CA ALA FA 6 -27.75 -55.59 17.83
C ALA FA 6 -27.44 -56.77 18.74
N TYR FA 7 -26.66 -56.53 19.82
CA TYR FA 7 -26.40 -57.59 20.77
C TYR FA 7 -27.69 -58.06 21.45
N LEU FA 8 -28.58 -57.13 21.77
CA LEU FA 8 -29.86 -57.51 22.35
C LEU FA 8 -30.66 -58.36 21.38
N LEU FA 9 -30.64 -58.00 20.10
CA LEU FA 9 -31.33 -58.82 19.11
C LEU FA 9 -30.73 -60.22 19.06
N GLY FA 10 -29.41 -60.31 19.14
CA GLY FA 10 -28.77 -61.62 19.19
C GLY FA 10 -29.20 -62.41 20.42
N GLU FA 11 -29.29 -61.72 21.56
CA GLU FA 11 -29.76 -62.37 22.78
C GLU FA 11 -31.16 -62.95 22.57
N LEU FA 12 -32.07 -62.13 22.04
CA LEU FA 12 -33.45 -62.59 21.84
C LEU FA 12 -33.50 -63.75 20.85
N ALA FA 13 -32.72 -63.67 19.78
CA ALA FA 13 -32.70 -64.75 18.80
C ALA FA 13 -32.20 -66.05 19.43
N TYR FA 14 -31.03 -65.99 20.08
CA TYR FA 14 -30.44 -67.20 20.64
C TYR FA 14 -31.34 -67.82 21.71
N LYS FA 15 -31.94 -66.99 22.56
CA LYS FA 15 -32.79 -67.51 23.61
C LYS FA 15 -34.00 -68.25 23.06
N LEU FA 16 -34.33 -68.05 21.78
CA LEU FA 16 -35.46 -68.71 21.14
C LEU FA 16 -35.00 -69.61 19.99
N GLY FA 17 -33.77 -70.10 20.04
CA GLY FA 17 -33.22 -70.87 18.94
C GLY FA 17 -32.80 -69.96 17.80
N GLU FA 18 -33.30 -70.22 16.60
CA GLU FA 18 -33.12 -69.31 15.48
C GLU FA 18 -31.66 -68.89 15.34
N TYR FA 19 -30.76 -69.87 15.43
CA TYR FA 19 -29.34 -69.56 15.53
C TYR FA 19 -28.82 -68.85 14.28
N ARG FA 20 -29.38 -69.15 13.11
CA ARG FA 20 -28.92 -68.50 11.88
C ARG FA 20 -29.07 -66.99 11.96
N ILE FA 21 -30.05 -66.50 12.73
CA ILE FA 21 -30.20 -65.06 12.92
C ILE FA 21 -29.27 -64.56 14.02
N ALA FA 22 -29.09 -65.35 15.07
CA ALA FA 22 -28.23 -64.94 16.18
C ALA FA 22 -26.80 -64.70 15.71
N ILE FA 23 -26.28 -65.60 14.86
CA ILE FA 23 -24.92 -65.43 14.37
C ILE FA 23 -24.76 -64.09 13.67
N ARG FA 24 -25.68 -63.80 12.74
CA ARG FA 24 -25.59 -62.56 11.97
C ARG FA 24 -25.73 -61.34 12.88
N ALA FA 25 -26.65 -61.38 13.83
CA ALA FA 25 -26.83 -60.24 14.72
C ALA FA 25 -25.58 -59.99 15.57
N TYR FA 26 -25.04 -61.06 16.15
CA TYR FA 26 -23.83 -60.90 16.95
C TYR FA 26 -22.68 -60.37 16.10
N ARG FA 27 -22.62 -60.78 14.83
CA ARG FA 27 -21.60 -60.25 13.94
C ARG FA 27 -21.79 -58.77 13.68
N ILE FA 28 -23.04 -58.34 13.48
CA ILE FA 28 -23.29 -56.90 13.30
C ILE FA 28 -22.83 -56.14 14.52
N ALA FA 29 -23.08 -56.70 15.70
CA ALA FA 29 -22.65 -56.05 16.93
C ALA FA 29 -21.13 -55.99 17.03
N LEU FA 30 -20.46 -57.11 16.77
CA LEU FA 30 -19.02 -57.20 16.95
C LEU FA 30 -18.26 -56.34 15.96
N LYS FA 31 -18.77 -56.19 14.73
CA LYS FA 31 -18.08 -55.32 13.78
C LYS FA 31 -17.95 -53.90 14.30
N ARG FA 32 -18.81 -53.51 15.23
CA ARG FA 32 -18.75 -52.18 15.82
C ARG FA 32 -17.83 -52.11 17.02
N ASP FA 33 -17.72 -53.19 17.80
CA ASP FA 33 -16.94 -53.19 19.03
C ASP FA 33 -16.45 -54.60 19.30
N PRO FA 34 -15.19 -54.91 18.96
CA PRO FA 34 -14.69 -56.28 19.12
C PRO FA 34 -14.30 -56.67 20.53
N ASN FA 35 -14.44 -55.78 21.52
CA ASN FA 35 -13.97 -56.08 22.88
C ASN FA 35 -14.99 -56.84 23.72
N ASN FA 36 -16.21 -57.06 23.23
CA ASN FA 36 -17.28 -57.65 24.03
C ASN FA 36 -17.06 -59.15 24.17
N ALA FA 37 -16.54 -59.56 25.34
CA ALA FA 37 -16.30 -60.98 25.59
C ALA FA 37 -17.60 -61.79 25.51
N GLU FA 38 -18.68 -61.26 26.09
CA GLU FA 38 -19.94 -61.97 26.08
C GLU FA 38 -20.43 -62.20 24.65
N ALA FA 39 -20.20 -61.23 23.76
CA ALA FA 39 -20.64 -61.37 22.38
C ALA FA 39 -19.89 -62.51 21.69
N TRP FA 40 -18.57 -62.57 21.87
CA TRP FA 40 -17.80 -63.67 21.30
C TRP FA 40 -18.28 -65.01 21.86
N TYR FA 41 -18.52 -65.06 23.17
CA TYR FA 41 -18.95 -66.30 23.79
C TYR FA 41 -20.29 -66.77 23.22
N ASN FA 42 -21.24 -65.85 23.09
CA ASN FA 42 -22.56 -66.21 22.57
C ASN FA 42 -22.46 -66.61 21.10
N LEU FA 43 -21.60 -65.95 20.33
CA LEU FA 43 -21.40 -66.36 18.94
C LEU FA 43 -20.84 -67.78 18.87
N GLY FA 44 -19.88 -68.09 19.75
CA GLY FA 44 -19.37 -69.45 19.81
C GLY FA 44 -20.45 -70.45 20.17
N ASN FA 45 -21.31 -70.10 21.12
CA ASN FA 45 -22.41 -70.99 21.47
C ASN FA 45 -23.33 -71.20 20.27
N ALA FA 46 -23.64 -70.12 19.55
CA ALA FA 46 -24.53 -70.23 18.39
C ALA FA 46 -23.94 -71.17 17.35
N TYR FA 47 -22.65 -71.01 17.05
CA TYR FA 47 -22.01 -71.94 16.13
C TYR FA 47 -21.97 -73.36 16.68
N THR FA 48 -21.85 -73.51 18.01
CA THR FA 48 -21.83 -74.84 18.60
C THR FA 48 -23.16 -75.54 18.40
N LYS FA 49 -24.28 -74.83 18.59
CA LYS FA 49 -25.58 -75.44 18.37
C LYS FA 49 -25.72 -75.90 16.92
N GLN FA 50 -25.16 -75.13 15.98
CA GLN FA 50 -25.18 -75.55 14.58
C GLN FA 50 -24.31 -76.77 14.32
N GLY FA 51 -23.41 -77.12 15.25
CA GLY FA 51 -22.47 -78.18 15.02
C GLY FA 51 -21.24 -77.78 14.24
N ASP FA 52 -21.01 -76.48 14.03
CA ASP FA 52 -19.82 -75.97 13.35
C ASP FA 52 -18.67 -75.77 14.33
N TYR FA 53 -18.28 -76.85 15.01
CA TYR FA 53 -17.29 -76.75 16.08
C TYR FA 53 -15.97 -76.19 15.55
N ASP FA 54 -15.56 -76.61 14.35
CA ASP FA 54 -14.29 -76.18 13.80
C ASP FA 54 -14.20 -74.68 13.69
N GLU FA 55 -15.33 -73.98 13.63
CA GLU FA 55 -15.35 -72.52 13.66
C GLU FA 55 -15.73 -71.96 15.01
N ALA FA 56 -16.51 -72.70 15.81
CA ALA FA 56 -16.86 -72.23 17.15
C ALA FA 56 -15.62 -72.09 18.01
N ILE FA 57 -14.64 -72.98 17.83
CA ILE FA 57 -13.40 -72.88 18.61
C ILE FA 57 -12.73 -71.54 18.37
N GLU FA 58 -12.76 -71.06 17.13
CA GLU FA 58 -12.05 -69.83 16.79
C GLU FA 58 -12.59 -68.64 17.58
N TYR FA 59 -13.91 -68.62 17.82
CA TYR FA 59 -14.49 -67.52 18.57
C TYR FA 59 -14.40 -67.75 20.08
N TYR FA 60 -14.47 -69.01 20.52
CA TYR FA 60 -14.25 -69.29 21.93
C TYR FA 60 -12.85 -68.86 22.36
N LEU FA 61 -11.87 -69.06 21.50
CA LEU FA 61 -10.50 -68.63 21.80
C LEU FA 61 -10.44 -67.12 21.99
N ARG FA 62 -11.04 -66.36 21.06
CA ARG FA 62 -11.06 -64.92 21.18
C ARG FA 62 -11.77 -64.48 22.46
N ALA FA 63 -12.83 -65.20 22.83
CA ALA FA 63 -13.52 -64.90 24.09
C ALA FA 63 -12.60 -65.10 25.29
N LEU FA 64 -11.88 -66.23 25.31
CA LEU FA 64 -11.01 -66.52 26.44
C LEU FA 64 -9.85 -65.53 26.53
N VAL FA 65 -9.28 -65.14 25.39
CA VAL FA 65 -8.18 -64.19 25.40
C VAL FA 65 -8.61 -62.88 26.03
N LEU FA 66 -9.80 -62.40 25.68
CA LEU FA 66 -10.30 -61.13 26.20
C LEU FA 66 -10.74 -61.23 27.65
N ASP FA 67 -10.97 -62.44 28.16
CA ASP FA 67 -11.32 -62.64 29.56
C ASP FA 67 -10.88 -64.02 29.97
N PRO FA 68 -9.67 -64.15 30.54
CA PRO FA 68 -9.16 -65.48 30.90
C PRO FA 68 -9.86 -66.12 32.08
N ASN FA 69 -10.77 -65.43 32.75
CA ASN FA 69 -11.50 -65.97 33.88
C ASN FA 69 -12.78 -66.70 33.47
N ASN FA 70 -13.17 -66.65 32.20
CA ASN FA 70 -14.47 -67.16 31.76
C ASN FA 70 -14.45 -68.67 31.76
N ALA FA 71 -14.88 -69.25 32.89
CA ALA FA 71 -14.88 -70.71 33.03
C ALA FA 71 -15.87 -71.37 32.07
N GLU FA 72 -17.04 -70.76 31.87
CA GLU FA 72 -18.02 -71.34 30.96
C GLU FA 72 -17.50 -71.39 29.53
N ALA FA 73 -16.80 -70.34 29.10
CA ALA FA 73 -16.19 -70.34 27.77
C ALA FA 73 -15.17 -71.47 27.66
N ALA FA 74 -14.37 -71.68 28.70
CA ALA FA 74 -13.40 -72.77 28.69
C ALA FA 74 -14.09 -74.13 28.58
N THR FA 75 -15.18 -74.31 29.32
CA THR FA 75 -15.92 -75.57 29.25
C THR FA 75 -16.45 -75.82 27.83
N ASN FA 76 -17.06 -74.79 27.23
CA ASN FA 76 -17.59 -74.95 25.89
C ASN FA 76 -16.47 -75.19 24.88
N LEU FA 77 -15.32 -74.54 25.06
CA LEU FA 77 -14.19 -74.78 24.17
C LEU FA 77 -13.69 -76.20 24.30
N GLY FA 78 -13.63 -76.73 25.52
CA GLY FA 78 -13.28 -78.12 25.70
C GLY FA 78 -14.25 -79.05 25.01
N GLN FA 79 -15.54 -78.75 25.13
CA GLN FA 79 -16.55 -79.53 24.42
C GLN FA 79 -16.30 -79.50 22.91
N ALA FA 80 -16.03 -78.31 22.37
CA ALA FA 80 -15.80 -78.18 20.94
C ALA FA 80 -14.56 -78.98 20.51
N TYR FA 81 -13.48 -78.89 21.28
CA TYR FA 81 -12.28 -79.66 20.95
C TYR FA 81 -12.54 -81.15 21.04
N MET FA 82 -13.37 -81.59 21.99
CA MET FA 82 -13.75 -82.99 22.07
C MET FA 82 -14.53 -83.41 20.82
N ASN FA 83 -15.42 -82.53 20.35
CA ASN FA 83 -16.12 -82.80 19.09
C ASN FA 83 -15.15 -82.80 17.92
N GLN FA 84 -14.09 -82.00 17.99
CA GLN FA 84 -13.05 -82.02 16.99
C GLN FA 84 -12.15 -83.25 17.09
N GLY FA 85 -12.29 -84.04 18.16
CA GLY FA 85 -11.44 -85.19 18.39
C GLY FA 85 -10.12 -84.89 19.07
N ASP FA 86 -9.83 -83.63 19.39
CA ASP FA 86 -8.63 -83.26 20.13
C ASP FA 86 -8.86 -83.48 21.62
N LYS FA 87 -8.95 -84.75 22.01
CA LYS FA 87 -9.20 -85.08 23.41
C LYS FA 87 -8.14 -84.47 24.32
N ASP FA 88 -6.91 -84.31 23.84
CA ASP FA 88 -5.88 -83.69 24.66
C ASP FA 88 -6.22 -82.24 24.97
N ARG FA 89 -6.52 -81.46 23.93
CA ARG FA 89 -6.88 -80.06 24.13
C ARG FA 89 -8.18 -79.95 24.91
N ALA FA 90 -9.13 -80.84 24.63
CA ALA FA 90 -10.39 -80.83 25.37
C ALA FA 90 -10.14 -81.02 26.86
N LYS FA 91 -9.31 -82.01 27.21
CA LYS FA 91 -8.98 -82.23 28.61
C LYS FA 91 -8.26 -81.02 29.20
N LEU FA 92 -7.33 -80.43 28.45
CA LEU FA 92 -6.63 -79.25 28.93
C LEU FA 92 -7.61 -78.14 29.29
N MET FA 93 -8.54 -77.83 28.39
CA MET FA 93 -9.45 -76.73 28.62
C MET FA 93 -10.51 -77.06 29.68
N LEU FA 94 -10.90 -78.34 29.79
CA LEU FA 94 -11.82 -78.72 30.87
C LEU FA 94 -11.15 -78.58 32.23
N LEU FA 95 -9.89 -79.00 32.33
CA LEU FA 95 -9.15 -78.78 33.56
C LEU FA 95 -9.00 -77.29 33.86
N LEU FA 96 -8.78 -76.49 32.80
CA LEU FA 96 -8.75 -75.04 32.97
C LEU FA 96 -10.07 -74.54 33.56
N ALA FA 97 -11.18 -75.04 33.04
CA ALA FA 97 -12.49 -74.64 33.56
C ALA FA 97 -12.63 -75.01 35.02
N LEU FA 98 -12.22 -76.22 35.38
CA LEU FA 98 -12.31 -76.64 36.78
C LEU FA 98 -11.42 -75.79 37.68
N LYS FA 99 -10.26 -75.37 37.16
CA LYS FA 99 -9.40 -74.48 37.94
C LYS FA 99 -10.03 -73.11 38.11
N LEU FA 100 -10.67 -72.59 37.07
CA LEU FA 100 -11.28 -71.27 37.10
C LEU FA 100 -12.52 -71.27 37.98
N ASP GA 1 -26.84 -12.81 -31.15
CA ASP GA 1 -27.21 -13.53 -29.91
C ASP GA 1 -28.12 -14.73 -30.19
N VAL GA 2 -28.66 -15.31 -29.12
CA VAL GA 2 -29.58 -16.43 -29.21
C VAL GA 2 -30.95 -16.07 -28.63
N SER GA 3 -30.97 -15.34 -27.51
CA SER GA 3 -32.23 -15.14 -26.78
C SER GA 3 -33.27 -14.46 -27.65
N ALA GA 4 -32.86 -13.44 -28.40
CA ALA GA 4 -33.81 -12.72 -29.26
C ALA GA 4 -34.33 -13.59 -30.39
N LEU GA 5 -33.65 -14.70 -30.69
CA LEU GA 5 -34.02 -15.60 -31.77
C LEU GA 5 -34.81 -16.81 -31.26
N ALA GA 6 -34.60 -17.18 -30.00
CA ALA GA 6 -35.34 -18.29 -29.41
C ALA GA 6 -36.85 -18.06 -29.51
N TYR GA 7 -37.29 -16.83 -29.30
CA TYR GA 7 -38.72 -16.55 -29.45
C TYR GA 7 -39.19 -16.76 -30.89
N VAL GA 8 -38.35 -16.45 -31.88
CA VAL GA 8 -38.71 -16.74 -33.26
C VAL GA 8 -38.88 -18.24 -33.43
N MET GA 9 -37.99 -19.01 -32.82
CA MET GA 9 -38.11 -20.47 -32.89
C MET GA 9 -39.43 -20.92 -32.27
N LEU GA 10 -39.77 -20.34 -31.11
CA LEU GA 10 -40.99 -20.74 -30.41
C LEU GA 10 -42.21 -20.42 -31.26
N GLY GA 11 -42.22 -19.25 -31.89
CA GLY GA 11 -43.33 -18.90 -32.76
C GLY GA 11 -43.44 -19.83 -33.95
N LEU GA 12 -42.29 -20.19 -34.53
CA LEU GA 12 -42.30 -21.12 -35.65
C LEU GA 12 -42.89 -22.46 -35.24
N LEU GA 13 -42.50 -22.96 -34.06
CA LEU GA 13 -43.07 -24.21 -33.58
C LEU GA 13 -44.57 -24.08 -33.40
N LEU GA 14 -45.01 -23.03 -32.70
CA LEU GA 14 -46.43 -22.88 -32.44
C LEU GA 14 -47.24 -22.55 -33.69
N SER GA 15 -46.58 -22.24 -34.80
CA SER GA 15 -47.24 -22.13 -36.10
C SER GA 15 -47.21 -23.43 -36.88
N LEU GA 16 -46.20 -24.26 -36.63
CA LEU GA 16 -46.10 -25.58 -37.27
C LEU GA 16 -47.09 -26.54 -36.65
N LEU GA 17 -47.06 -26.67 -35.33
CA LEU GA 17 -48.22 -27.13 -34.58
C LEU GA 17 -49.27 -26.03 -34.59
N ASN GA 18 -50.54 -26.40 -34.81
CA ASN GA 18 -51.57 -25.41 -35.12
C ASN GA 18 -52.01 -24.70 -33.85
N ARG GA 19 -51.23 -23.72 -33.43
CA ARG GA 19 -51.59 -22.80 -32.35
C ARG GA 19 -51.13 -21.38 -32.68
N LEU GA 20 -51.52 -20.89 -33.86
CA LEU GA 20 -51.05 -19.60 -34.34
C LEU GA 20 -51.24 -18.48 -33.33
N SER GA 21 -52.35 -18.52 -32.59
CA SER GA 21 -52.68 -17.40 -31.70
C SER GA 21 -51.62 -17.19 -30.63
N LEU GA 22 -50.96 -18.26 -30.19
CA LEU GA 22 -49.79 -18.11 -29.33
C LEU GA 22 -48.55 -17.68 -30.11
N ALA GA 23 -48.45 -18.12 -31.37
CA ALA GA 23 -47.28 -17.80 -32.18
C ALA GA 23 -47.16 -16.30 -32.39
N ALA GA 24 -48.29 -15.62 -32.62
CA ALA GA 24 -48.23 -14.17 -32.79
C ALA GA 24 -47.62 -13.50 -31.56
N GLU GA 25 -48.03 -13.92 -30.37
CA GLU GA 25 -47.47 -13.33 -29.15
C GLU GA 25 -45.99 -13.64 -29.02
N ALA GA 26 -45.59 -14.86 -29.38
CA ALA GA 26 -44.16 -15.19 -29.33
C ALA GA 26 -43.37 -14.28 -30.26
N TYR GA 27 -43.86 -14.08 -31.48
CA TYR GA 27 -43.19 -13.17 -32.41
C TYR GA 27 -43.13 -11.75 -31.85
N LYS GA 28 -44.21 -11.30 -31.21
CA LYS GA 28 -44.21 -9.96 -30.65
C LYS GA 28 -43.17 -9.81 -29.55
N LYS GA 29 -43.02 -10.84 -28.70
CA LYS GA 29 -41.94 -10.80 -27.72
C LYS GA 29 -40.58 -10.73 -28.39
N ALA GA 30 -40.40 -11.50 -29.46
CA ALA GA 30 -39.15 -11.45 -30.20
C ALA GA 30 -38.88 -10.04 -30.71
N ILE GA 31 -39.90 -9.41 -31.29
CA ILE GA 31 -39.76 -8.04 -31.78
C ILE GA 31 -39.39 -7.09 -30.65
N GLU GA 32 -40.04 -7.26 -29.49
CA GLU GA 32 -39.69 -6.44 -28.34
C GLU GA 32 -38.22 -6.60 -27.98
N LEU GA 33 -37.68 -7.80 -28.13
CA LEU GA 33 -36.26 -7.98 -27.88
C LEU GA 33 -35.40 -7.38 -28.98
N ASP GA 34 -35.88 -7.40 -30.23
CA ASP GA 34 -35.11 -6.88 -31.35
C ASP GA 34 -36.05 -6.39 -32.45
N PRO GA 35 -36.21 -5.08 -32.64
CA PRO GA 35 -37.17 -4.59 -33.63
C PRO GA 35 -36.70 -4.71 -35.07
N ASN GA 36 -35.41 -4.95 -35.32
CA ASN GA 36 -34.85 -4.92 -36.67
C ASN GA 36 -34.80 -6.29 -37.35
N ASP GA 37 -35.33 -7.34 -36.72
CA ASP GA 37 -35.26 -8.68 -37.28
C ASP GA 37 -36.26 -8.82 -38.43
N ALA GA 38 -35.77 -9.06 -39.64
CA ALA GA 38 -36.65 -9.24 -40.79
C ALA GA 38 -37.50 -10.49 -40.68
N LEU GA 39 -36.92 -11.59 -40.21
CA LEU GA 39 -37.66 -12.85 -40.12
C LEU GA 39 -38.84 -12.71 -39.17
N ALA GA 40 -38.63 -12.08 -38.02
CA ALA GA 40 -39.71 -11.91 -37.06
C ALA GA 40 -40.89 -11.21 -37.72
N TRP GA 41 -40.64 -10.07 -38.36
CA TRP GA 41 -41.74 -9.30 -38.94
C TRP GA 41 -42.41 -10.08 -40.07
N LEU GA 42 -41.63 -10.69 -40.94
CA LEU GA 42 -42.23 -11.39 -42.08
C LEU GA 42 -43.09 -12.56 -41.62
N LEU GA 43 -42.57 -13.38 -40.71
CA LEU GA 43 -43.34 -14.53 -40.23
C LEU GA 43 -44.56 -14.06 -39.44
N LEU GA 44 -44.43 -12.97 -38.67
CA LEU GA 44 -45.57 -12.45 -37.95
C LEU GA 44 -46.66 -12.01 -38.91
N GLY GA 45 -46.28 -11.35 -40.01
CA GLY GA 45 -47.27 -10.98 -41.00
C GLY GA 45 -47.98 -12.19 -41.59
N SER GA 46 -47.20 -13.21 -41.96
CA SER GA 46 -47.82 -14.39 -42.57
C SER GA 46 -48.65 -15.19 -41.58
N VAL GA 47 -48.35 -15.07 -40.27
CA VAL GA 47 -49.22 -15.67 -39.25
C VAL GA 47 -50.51 -14.88 -39.14
N LEU GA 48 -50.39 -13.55 -39.03
CA LEU GA 48 -51.56 -12.71 -38.83
C LEU GA 48 -52.54 -12.85 -40.00
N GLU GA 49 -52.02 -12.99 -41.22
CA GLU GA 49 -52.94 -13.13 -42.35
C GLU GA 49 -53.75 -14.41 -42.25
N LYS GA 50 -53.20 -15.46 -41.64
CA LYS GA 50 -53.94 -16.71 -41.49
C LYS GA 50 -54.96 -16.64 -40.35
N LEU GA 51 -54.71 -15.82 -39.33
CA LEU GA 51 -55.77 -15.51 -38.37
C LEU GA 51 -56.81 -14.57 -38.95
N LYS GA 52 -56.63 -14.13 -40.19
CA LYS GA 52 -57.58 -13.27 -40.89
C LYS GA 52 -57.69 -11.89 -40.26
N ARG GA 53 -56.64 -11.45 -39.56
CA ARG GA 53 -56.51 -10.06 -39.13
C ARG GA 53 -55.78 -9.23 -40.18
N LEU GA 54 -56.33 -9.17 -41.40
CA LEU GA 54 -55.62 -8.56 -42.51
C LEU GA 54 -55.10 -7.17 -42.17
N ASP GA 55 -55.89 -6.41 -41.40
CA ASP GA 55 -55.52 -5.02 -41.11
C ASP GA 55 -54.15 -4.94 -40.45
N GLU GA 56 -53.84 -5.87 -39.55
CA GLU GA 56 -52.53 -5.88 -38.92
C GLU GA 56 -51.48 -6.53 -39.80
N ALA GA 57 -51.87 -7.53 -40.58
CA ALA GA 57 -50.91 -8.26 -41.41
C ALA GA 57 -50.28 -7.35 -42.45
N ALA GA 58 -51.08 -6.47 -43.07
CA ALA GA 58 -50.51 -5.56 -44.06
C ALA GA 58 -49.40 -4.71 -43.45
N GLU GA 59 -49.64 -4.15 -42.25
CA GLU GA 59 -48.63 -3.30 -41.63
C GLU GA 59 -47.41 -4.12 -41.23
N ALA GA 60 -47.60 -5.34 -40.73
CA ALA GA 60 -46.43 -6.15 -40.39
C ALA GA 60 -45.59 -6.42 -41.63
N TYR GA 61 -46.24 -6.76 -42.75
CA TYR GA 61 -45.50 -6.98 -43.98
C TYR GA 61 -44.72 -5.73 -44.38
N LYS GA 62 -45.38 -4.57 -44.34
CA LYS GA 62 -44.71 -3.33 -44.73
C LYS GA 62 -43.50 -3.04 -43.85
N LYS GA 63 -43.64 -3.24 -42.54
CA LYS GA 63 -42.51 -3.01 -41.65
C LYS GA 63 -41.38 -3.99 -41.96
N ALA GA 64 -41.72 -5.18 -42.42
CA ALA GA 64 -40.68 -6.09 -42.91
C ALA GA 64 -40.02 -5.54 -44.18
N ILE GA 65 -40.83 -5.01 -45.09
CA ILE GA 65 -40.31 -4.51 -46.37
C ILE GA 65 -39.28 -3.41 -46.11
N GLU GA 66 -39.60 -2.50 -45.20
CA GLU GA 66 -38.70 -1.37 -44.95
C GLU GA 66 -37.34 -1.85 -44.44
N LEU GA 67 -37.24 -3.07 -43.92
CA LEU GA 67 -36.00 -3.60 -43.35
C LEU GA 67 -35.23 -4.49 -44.32
N LYS GA 68 -35.83 -4.89 -45.44
CA LYS GA 68 -35.15 -5.71 -46.43
C LYS GA 68 -35.79 -5.44 -47.78
N PRO GA 69 -35.52 -4.28 -48.40
CA PRO GA 69 -36.43 -3.76 -49.44
C PRO GA 69 -36.57 -4.66 -50.66
N ASN GA 70 -35.55 -5.40 -51.05
CA ASN GA 70 -35.52 -6.07 -52.34
C ASN GA 70 -36.19 -7.44 -52.34
N ASP GA 71 -36.85 -7.84 -51.27
CA ASP GA 71 -37.44 -9.16 -51.16
C ASP GA 71 -38.54 -9.32 -52.20
N ALA GA 72 -38.29 -10.15 -53.21
CA ALA GA 72 -39.23 -10.32 -54.32
C ALA GA 72 -40.51 -11.04 -53.91
N SER GA 73 -40.53 -11.72 -52.77
CA SER GA 73 -41.70 -12.47 -52.32
C SER GA 73 -42.46 -11.79 -51.20
N ALA GA 74 -41.78 -11.04 -50.34
CA ALA GA 74 -42.48 -10.23 -49.35
C ALA GA 74 -43.42 -9.26 -50.03
N TRP GA 75 -42.99 -8.66 -51.14
CA TRP GA 75 -43.87 -7.78 -51.89
C TRP GA 75 -45.09 -8.52 -52.40
N LYS GA 76 -44.91 -9.75 -52.90
CA LYS GA 76 -46.05 -10.53 -53.38
C LYS GA 76 -47.02 -10.83 -52.25
N GLU GA 77 -46.51 -11.21 -51.08
CA GLU GA 77 -47.40 -11.51 -49.97
C GLU GA 77 -48.15 -10.25 -49.51
N LEU GA 78 -47.46 -9.11 -49.47
CA LEU GA 78 -48.14 -7.86 -49.16
C LEU GA 78 -49.20 -7.56 -50.21
N GLY GA 79 -48.91 -7.88 -51.47
CA GLY GA 79 -49.91 -7.73 -52.52
C GLY GA 79 -51.14 -8.57 -52.27
N LYS GA 80 -50.93 -9.83 -51.85
CA LYS GA 80 -52.06 -10.68 -51.54
C LYS GA 80 -52.90 -10.10 -50.41
N VAL GA 81 -52.24 -9.64 -49.34
CA VAL GA 81 -52.98 -9.08 -48.22
C VAL GA 81 -53.75 -7.85 -48.65
N LEU GA 82 -53.11 -6.96 -49.43
CA LEU GA 82 -53.78 -5.75 -49.90
C LEU GA 82 -54.96 -6.10 -50.80
N GLU GA 83 -54.79 -7.09 -51.67
CA GLU GA 83 -55.87 -7.50 -52.56
C GLU GA 83 -57.05 -8.02 -51.75
N LYS GA 84 -56.78 -8.79 -50.70
CA LYS GA 84 -57.87 -9.26 -49.85
C LYS GA 84 -58.50 -8.12 -49.06
N LEU GA 85 -57.72 -7.07 -48.75
CA LEU GA 85 -58.28 -5.87 -48.15
C LEU GA 85 -59.08 -5.03 -49.14
N GLY GA 86 -59.01 -5.33 -50.44
CA GLY GA 86 -59.74 -4.59 -51.44
C GLY GA 86 -59.09 -3.32 -51.94
N ARG GA 87 -57.84 -3.05 -51.55
CA ARG GA 87 -57.10 -1.90 -52.07
C ARG GA 87 -56.39 -2.28 -53.37
N LEU GA 88 -57.20 -2.54 -54.41
CA LEU GA 88 -56.67 -3.11 -55.63
C LEU GA 88 -55.57 -2.24 -56.24
N ASP GA 89 -55.63 -0.92 -56.05
CA ASP GA 89 -54.58 -0.05 -56.58
C ASP GA 89 -53.25 -0.30 -55.87
N GLU GA 90 -53.26 -0.32 -54.54
CA GLU GA 90 -52.03 -0.59 -53.80
C GLU GA 90 -51.52 -2.00 -54.08
N ALA GA 91 -52.44 -2.96 -54.26
CA ALA GA 91 -52.04 -4.32 -54.63
C ALA GA 91 -51.37 -4.33 -56.00
N ALA GA 92 -51.91 -3.57 -56.94
CA ALA GA 92 -51.29 -3.47 -58.26
C ALA GA 92 -49.90 -2.87 -58.15
N GLU GA 93 -49.74 -1.84 -57.32
CA GLU GA 93 -48.40 -1.26 -57.10
C GLU GA 93 -47.45 -2.30 -56.53
N ALA GA 94 -47.91 -3.07 -55.54
CA ALA GA 94 -47.05 -4.09 -54.95
C ALA GA 94 -46.63 -5.13 -55.98
N TYR GA 95 -47.57 -5.61 -56.79
CA TYR GA 95 -47.22 -6.65 -57.76
C TYR GA 95 -46.34 -6.08 -58.87
N LEU GA 96 -46.52 -4.80 -59.22
CA LEU GA 96 -45.60 -4.16 -60.15
C LEU GA 96 -44.19 -4.12 -59.58
N ILE GA 97 -44.06 -3.74 -58.31
CA ILE GA 97 -42.75 -3.77 -57.66
C ILE GA 97 -42.17 -5.18 -57.71
N ALA GA 98 -43.03 -6.18 -57.50
CA ALA GA 98 -42.57 -7.57 -57.51
C ALA GA 98 -42.02 -7.96 -58.87
N ILE GA 99 -42.79 -7.71 -59.93
CA ILE GA 99 -42.33 -8.10 -61.26
C ILE GA 99 -41.11 -7.28 -61.68
N MET GA 100 -40.97 -6.06 -61.16
CA MET GA 100 -39.79 -5.27 -61.50
C MET GA 100 -38.55 -5.74 -60.75
N LEU GA 101 -38.71 -6.22 -59.52
CA LEU GA 101 -37.57 -6.78 -58.79
C LEU GA 101 -37.09 -8.06 -59.44
N ASP GA 102 -37.99 -8.82 -60.07
CA ASP GA 102 -37.64 -10.07 -60.74
C ASP GA 102 -38.49 -10.19 -61.99
N PRO GA 103 -37.99 -9.72 -63.14
CA PRO GA 103 -38.81 -9.74 -64.37
C PRO GA 103 -39.26 -11.13 -64.79
N GLU GA 104 -38.68 -12.20 -64.23
CA GLU GA 104 -38.97 -13.55 -64.68
C GLU GA 104 -39.96 -14.30 -63.78
N ASP GA 105 -40.54 -13.65 -62.78
CA ASP GA 105 -41.48 -14.29 -61.88
C ASP GA 105 -42.83 -14.41 -62.57
N ALA GA 106 -43.25 -15.65 -62.85
CA ALA GA 106 -44.51 -15.87 -63.57
C ALA GA 106 -45.72 -15.50 -62.71
N GLU GA 107 -45.77 -15.99 -61.47
CA GLU GA 107 -46.97 -15.80 -60.67
C GLU GA 107 -47.14 -14.34 -60.25
N ALA GA 108 -46.05 -13.58 -60.21
CA ALA GA 108 -46.18 -12.14 -60.02
C ALA GA 108 -47.01 -11.53 -61.14
N ALA GA 109 -46.72 -11.91 -62.39
CA ALA GA 109 -47.51 -11.45 -63.52
C ALA GA 109 -48.93 -11.98 -63.46
N LYS GA 110 -49.10 -13.22 -63.00
CA LYS GA 110 -50.46 -13.77 -62.87
C LYS GA 110 -51.29 -12.93 -61.91
N GLU GA 111 -50.73 -12.63 -60.73
CA GLU GA 111 -51.44 -11.80 -59.76
C GLU GA 111 -51.66 -10.39 -60.29
N LEU GA 112 -50.68 -9.84 -61.01
CA LEU GA 112 -50.87 -8.53 -61.61
C LEU GA 112 -52.02 -8.54 -62.59
N GLY GA 113 -52.13 -9.61 -63.39
CA GLY GA 113 -53.27 -9.73 -64.29
C GLY GA 113 -54.58 -9.78 -63.55
N LYS GA 114 -54.67 -10.61 -62.51
CA LYS GA 114 -55.89 -10.68 -61.70
C LYS GA 114 -56.27 -9.30 -61.17
N VAL GA 115 -55.31 -8.63 -60.53
CA VAL GA 115 -55.59 -7.35 -59.88
C VAL GA 115 -55.98 -6.29 -60.90
N LEU GA 116 -55.26 -6.23 -62.02
CA LEU GA 116 -55.56 -5.24 -63.04
C LEU GA 116 -56.93 -5.51 -63.68
N GLU GA 117 -57.27 -6.78 -63.92
CA GLU GA 117 -58.58 -7.10 -64.45
C GLU GA 117 -59.68 -6.64 -63.51
N LYS GA 118 -59.55 -6.97 -62.22
CA LYS GA 118 -60.55 -6.53 -61.25
C LYS GA 118 -60.55 -5.02 -61.10
N LEU GA 119 -59.41 -4.37 -61.37
CA LEU GA 119 -59.28 -2.92 -61.28
C LEU GA 119 -59.75 -2.21 -62.55
N GLY GA 120 -60.02 -2.94 -63.62
CA GLY GA 120 -60.57 -2.36 -64.83
C GLY GA 120 -59.57 -2.02 -65.92
N GLU GA 121 -58.29 -2.35 -65.74
CA GLU GA 121 -57.29 -2.18 -66.80
C GLU GA 121 -57.22 -3.42 -67.68
N LEU GA 122 -58.32 -3.65 -68.42
CA LEU GA 122 -58.50 -4.92 -69.12
C LEU GA 122 -57.33 -5.24 -70.04
N GLU GA 123 -56.91 -4.28 -70.85
CA GLU GA 123 -55.82 -4.55 -71.80
C GLU GA 123 -54.53 -4.87 -71.08
N MET GA 124 -54.18 -4.07 -70.06
CA MET GA 124 -52.96 -4.33 -69.31
C MET GA 124 -53.05 -5.66 -68.56
N ALA GA 125 -54.24 -5.99 -68.05
CA ALA GA 125 -54.42 -7.27 -67.37
C ALA GA 125 -54.20 -8.43 -68.33
N GLU GA 126 -54.74 -8.31 -69.55
CA GLU GA 126 -54.50 -9.34 -70.57
C GLU GA 126 -53.01 -9.47 -70.89
N GLU GA 127 -52.33 -8.34 -71.02
CA GLU GA 127 -50.89 -8.38 -71.28
C GLU GA 127 -50.14 -9.06 -70.15
N ALA GA 128 -50.51 -8.74 -68.91
CA ALA GA 128 -49.86 -9.38 -67.76
C ALA GA 128 -50.14 -10.88 -67.72
N TYR GA 129 -51.36 -11.28 -68.04
CA TYR GA 129 -51.69 -12.70 -68.07
C TYR GA 129 -50.88 -13.43 -69.14
N LYS GA 130 -50.75 -12.81 -70.32
CA LYS GA 130 -49.93 -13.40 -71.38
C LYS GA 130 -48.47 -13.52 -70.93
N LEU GA 131 -47.96 -12.49 -70.25
CA LEU GA 131 -46.59 -12.55 -69.75
C LEU GA 131 -46.42 -13.67 -68.73
N ALA GA 132 -47.39 -13.81 -67.83
CA ALA GA 132 -47.34 -14.89 -66.84
C ALA GA 132 -47.32 -16.25 -67.53
N ILE GA 133 -48.16 -16.42 -68.55
CA ILE GA 133 -48.20 -17.69 -69.28
C ILE GA 133 -46.86 -17.94 -69.95
N LYS GA 134 -46.28 -16.92 -70.57
CA LYS GA 134 -45.00 -17.09 -71.26
C LYS GA 134 -43.89 -17.44 -70.28
N LEU GA 135 -43.87 -16.81 -69.11
CA LEU GA 135 -42.84 -17.11 -68.12
C LEU GA 135 -42.99 -18.52 -67.59
N ASP GA 136 -44.21 -19.02 -67.45
CA ASP GA 136 -44.45 -20.39 -67.06
C ASP GA 136 -45.84 -20.81 -67.53
N PRO GA 137 -45.95 -21.90 -68.29
CA PRO GA 137 -47.28 -22.30 -68.79
C PRO GA 137 -48.13 -23.04 -67.77
N ASN GA 138 -47.53 -23.60 -66.72
CA ASN GA 138 -48.28 -24.41 -65.76
C ASN GA 138 -49.05 -23.58 -64.74
N ASP GA 139 -48.82 -22.27 -64.67
CA ASP GA 139 -49.53 -21.43 -63.71
C ASP GA 139 -50.83 -20.89 -64.30
N GLU HA 1 -55.71 12.25 -9.55
CA GLU HA 1 -55.35 12.36 -8.10
C GLU HA 1 -56.48 13.06 -7.34
N GLU HA 2 -56.19 13.43 -6.08
CA GLU HA 2 -57.21 14.02 -5.22
C GLU HA 2 -57.80 15.29 -5.80
N ALA HA 3 -57.05 16.01 -6.64
CA ALA HA 3 -57.55 17.25 -7.21
C ALA HA 3 -58.86 17.02 -7.98
N GLU HA 4 -59.04 15.82 -8.54
CA GLU HA 4 -60.26 15.51 -9.27
C GLU HA 4 -61.38 15.06 -8.32
N LEU HA 5 -61.03 14.20 -7.36
CA LEU HA 5 -62.04 13.66 -6.45
C LEU HA 5 -62.64 14.76 -5.58
N ALA HA 6 -61.80 15.63 -5.03
CA ALA HA 6 -62.32 16.72 -4.21
C ALA HA 6 -63.17 17.67 -5.04
N TYR HA 7 -62.76 17.93 -6.28
CA TYR HA 7 -63.57 18.78 -7.15
C TYR HA 7 -64.93 18.14 -7.43
N LEU HA 8 -64.95 16.83 -7.63
CA LEU HA 8 -66.23 16.15 -7.84
C LEU HA 8 -67.12 16.27 -6.61
N LEU HA 9 -66.54 16.09 -5.43
CA LEU HA 9 -67.31 16.33 -4.21
C LEU HA 9 -67.83 17.75 -4.17
N GLY HA 10 -67.02 18.70 -4.63
CA GLY HA 10 -67.46 20.08 -4.68
C GLY HA 10 -68.68 20.25 -5.58
N GLU HA 11 -68.62 19.69 -6.78
CA GLU HA 11 -69.75 19.78 -7.69
C GLU HA 11 -71.00 19.17 -7.08
N LEU HA 12 -70.85 17.98 -6.48
CA LEU HA 12 -72.01 17.30 -5.90
C LEU HA 12 -72.61 18.12 -4.78
N ALA HA 13 -71.76 18.64 -3.87
CA ALA HA 13 -72.26 19.42 -2.75
C ALA HA 13 -72.93 20.71 -3.23
N TYR HA 14 -72.32 21.39 -4.18
CA TYR HA 14 -72.89 22.64 -4.67
C TYR HA 14 -74.23 22.42 -5.33
N LYS HA 15 -74.32 21.40 -6.19
CA LYS HA 15 -75.56 21.18 -6.92
C LYS HA 15 -76.71 20.86 -5.97
N LEU HA 16 -76.43 20.21 -4.83
CA LEU HA 16 -77.44 19.89 -3.84
C LEU HA 16 -77.59 20.97 -2.77
N GLY HA 17 -76.92 22.10 -2.93
CA GLY HA 17 -77.13 23.24 -2.06
C GLY HA 17 -76.37 23.25 -0.76
N GLU HA 18 -75.41 22.35 -0.56
CA GLU HA 18 -74.56 22.35 0.64
C GLU HA 18 -73.33 23.22 0.41
N TYR HA 19 -73.56 24.53 0.44
CA TYR HA 19 -72.53 25.49 0.03
C TYR HA 19 -71.31 25.45 0.93
N ARG HA 20 -71.48 25.21 2.23
CA ARG HA 20 -70.34 25.08 3.13
C ARG HA 20 -69.42 23.96 2.68
N ILE HA 21 -69.99 22.78 2.45
CA ILE HA 21 -69.20 21.64 2.00
C ILE HA 21 -68.58 21.92 0.65
N ALA HA 22 -69.31 22.58 -0.24
CA ALA HA 22 -68.77 22.94 -1.55
C ALA HA 22 -67.55 23.82 -1.41
N ILE HA 23 -67.62 24.83 -0.55
CA ILE HA 23 -66.50 25.74 -0.35
C ILE HA 23 -65.28 24.97 0.16
N ARG HA 24 -65.48 24.16 1.20
CA ARG HA 24 -64.34 23.43 1.76
C ARG HA 24 -63.75 22.47 0.73
N ALA HA 25 -64.61 21.79 -0.03
CA ALA HA 25 -64.13 20.83 -1.02
C ALA HA 25 -63.33 21.53 -2.12
N TYR HA 26 -63.87 22.63 -2.65
CA TYR HA 26 -63.14 23.36 -3.69
C TYR HA 26 -61.83 23.91 -3.16
N ARG HA 27 -61.80 24.31 -1.89
CA ARG HA 27 -60.54 24.73 -1.29
C ARG HA 27 -59.53 23.59 -1.28
N ILE HA 28 -59.96 22.41 -0.84
CA ILE HA 28 -59.06 21.26 -0.81
C ILE HA 28 -58.54 20.97 -2.20
N ALA HA 29 -59.41 21.06 -3.20
CA ALA HA 29 -58.99 20.79 -4.58
C ALA HA 29 -57.98 21.83 -5.06
N LEU HA 30 -58.29 23.12 -4.87
CA LEU HA 30 -57.45 24.19 -5.38
C LEU HA 30 -56.07 24.18 -4.72
N LYS HA 31 -55.98 23.75 -3.46
CA LYS HA 31 -54.67 23.72 -2.82
C LYS HA 31 -53.68 22.85 -3.57
N ARG HA 32 -54.16 21.91 -4.40
CA ARG HA 32 -53.29 21.08 -5.21
C ARG HA 32 -53.21 21.51 -6.67
N ASP HA 33 -54.16 22.30 -7.16
CA ASP HA 33 -54.27 22.62 -8.59
C ASP HA 33 -54.74 24.05 -8.75
N PRO HA 34 -53.85 25.03 -8.56
CA PRO HA 34 -54.26 26.44 -8.59
C PRO HA 34 -54.63 26.95 -9.98
N ASN HA 35 -54.25 26.25 -11.05
CA ASN HA 35 -54.57 26.69 -12.40
C ASN HA 35 -55.96 26.28 -12.86
N ASN HA 36 -56.80 25.75 -11.97
CA ASN HA 36 -58.09 25.17 -12.35
C ASN HA 36 -59.15 26.25 -12.43
N ALA HA 37 -59.47 26.67 -13.66
CA ALA HA 37 -60.43 27.76 -13.85
C ALA HA 37 -61.81 27.39 -13.30
N GLU HA 38 -62.27 26.17 -13.58
CA GLU HA 38 -63.61 25.78 -13.17
C GLU HA 38 -63.75 25.78 -11.66
N ALA HA 39 -62.70 25.36 -10.95
CA ALA HA 39 -62.74 25.35 -9.49
C ALA HA 39 -62.91 26.76 -8.95
N TRP HA 40 -62.14 27.71 -9.46
CA TRP HA 40 -62.27 29.10 -9.03
C TRP HA 40 -63.67 29.61 -9.31
N TYR HA 41 -64.19 29.34 -10.51
CA TYR HA 41 -65.51 29.82 -10.88
C TYR HA 41 -66.56 29.27 -9.94
N ASN HA 42 -66.52 27.97 -9.65
CA ASN HA 42 -67.54 27.37 -8.80
C ASN HA 42 -67.41 27.86 -7.36
N LEU HA 43 -66.19 28.08 -6.89
CA LEU HA 43 -66.02 28.62 -5.54
C LEU HA 43 -66.63 30.01 -5.44
N GLY HA 44 -66.38 30.86 -6.45
CA GLY HA 44 -67.01 32.16 -6.49
C GLY HA 44 -68.53 32.05 -6.56
N ASN HA 45 -69.03 31.05 -7.29
CA ASN HA 45 -70.48 30.86 -7.38
C ASN HA 45 -71.06 30.49 -6.02
N ALA HA 46 -70.37 29.64 -5.26
CA ALA HA 46 -70.84 29.31 -3.92
C ALA HA 46 -70.88 30.55 -3.04
N TYR HA 47 -69.79 31.32 -3.01
CA TYR HA 47 -69.81 32.55 -2.22
C TYR HA 47 -70.90 33.50 -2.69
N THR HA 48 -71.22 33.47 -3.99
CA THR HA 48 -72.31 34.28 -4.51
C THR HA 48 -73.65 33.82 -3.95
N LYS HA 49 -73.88 32.51 -3.93
CA LYS HA 49 -75.09 31.97 -3.35
C LYS HA 49 -75.24 32.41 -1.90
N GLN HA 50 -74.14 32.40 -1.14
CA GLN HA 50 -74.22 32.84 0.24
C GLN HA 50 -74.35 34.35 0.37
N GLY HA 51 -74.10 35.11 -0.69
CA GLY HA 51 -74.09 36.55 -0.59
C GLY HA 51 -72.81 37.15 -0.05
N ASP HA 52 -71.73 36.37 0.01
CA ASP HA 52 -70.42 36.87 0.42
C ASP HA 52 -69.71 37.49 -0.78
N TYR HA 53 -70.30 38.58 -1.26
CA TYR HA 53 -69.98 39.09 -2.59
C TYR HA 53 -68.52 39.52 -2.72
N ASP HA 54 -67.88 39.92 -1.63
CA ASP HA 54 -66.47 40.28 -1.71
C ASP HA 54 -65.61 39.10 -2.12
N GLU HA 55 -65.79 37.96 -1.42
CA GLU HA 55 -65.05 36.75 -1.78
C GLU HA 55 -65.40 36.28 -3.18
N ALA HA 56 -66.69 36.36 -3.55
CA ALA HA 56 -67.10 35.97 -4.89
C ALA HA 56 -66.39 36.79 -5.94
N ILE HA 57 -66.31 38.11 -5.74
CA ILE HA 57 -65.58 38.99 -6.66
C ILE HA 57 -64.12 38.55 -6.73
N GLU HA 58 -63.51 38.35 -5.55
CA GLU HA 58 -62.09 38.03 -5.51
C GLU HA 58 -61.78 36.77 -6.32
N TYR HA 59 -62.63 35.74 -6.17
CA TYR HA 59 -62.35 34.49 -6.87
C TYR HA 59 -62.77 34.52 -8.34
N TYR HA 60 -63.86 35.23 -8.66
CA TYR HA 60 -64.24 35.41 -10.05
C TYR HA 60 -63.13 36.10 -10.84
N LEU HA 61 -62.43 37.05 -10.21
CA LEU HA 61 -61.35 37.74 -10.90
C LEU HA 61 -60.27 36.76 -11.33
N ARG HA 62 -59.85 35.87 -10.43
CA ARG HA 62 -58.84 34.90 -10.80
C ARG HA 62 -59.37 33.90 -11.82
N ALA HA 63 -60.65 33.56 -11.73
CA ALA HA 63 -61.25 32.69 -12.76
C ALA HA 63 -61.14 33.33 -14.13
N LEU HA 64 -61.49 34.60 -14.24
CA LEU HA 64 -61.39 35.31 -15.51
C LEU HA 64 -59.93 35.42 -15.97
N VAL HA 65 -59.02 35.73 -15.04
CA VAL HA 65 -57.62 35.86 -15.41
C VAL HA 65 -57.10 34.57 -16.01
N LEU HA 66 -57.56 33.42 -15.49
CA LEU HA 66 -57.14 32.14 -16.04
C LEU HA 66 -57.97 31.69 -17.23
N ASP HA 67 -59.06 32.40 -17.55
CA ASP HA 67 -59.94 32.01 -18.66
C ASP HA 67 -60.67 33.25 -19.17
N PRO HA 68 -59.99 34.08 -19.97
CA PRO HA 68 -60.55 35.39 -20.33
C PRO HA 68 -61.79 35.33 -21.21
N ASN HA 69 -62.11 34.18 -21.80
CA ASN HA 69 -63.31 34.04 -22.62
C ASN HA 69 -64.53 33.60 -21.84
N ASN HA 70 -64.41 33.45 -20.51
CA ASN HA 70 -65.48 32.87 -19.69
C ASN HA 70 -66.59 33.90 -19.53
N ALA HA 71 -67.60 33.82 -20.42
CA ALA HA 71 -68.69 34.79 -20.38
C ALA HA 71 -69.49 34.67 -19.08
N GLU HA 72 -69.74 33.44 -18.62
CA GLU HA 72 -70.53 33.26 -17.41
C GLU HA 72 -69.83 33.85 -16.19
N ALA HA 73 -68.51 33.68 -16.11
CA ALA HA 73 -67.75 34.27 -15.01
C ALA HA 73 -67.89 35.79 -15.02
N ALA HA 74 -67.79 36.40 -16.20
CA ALA HA 74 -67.96 37.85 -16.30
C ALA HA 74 -69.35 38.26 -15.86
N THR HA 75 -70.38 37.52 -16.27
CA THR HA 75 -71.75 37.85 -15.87
C THR HA 75 -71.88 37.83 -14.35
N ASN HA 76 -71.40 36.76 -13.72
CA ASN HA 76 -71.50 36.64 -12.27
C ASN HA 76 -70.68 37.72 -11.56
N LEU HA 77 -69.51 38.03 -12.09
CA LEU HA 77 -68.68 39.09 -11.50
C LEU HA 77 -69.38 40.44 -11.57
N GLY HA 78 -69.99 40.74 -12.72
CA GLY HA 78 -70.75 41.98 -12.84
C GLY HA 78 -71.91 42.03 -11.87
N GLN HA 79 -72.63 40.92 -11.74
CA GLN HA 79 -73.72 40.86 -10.78
C GLN HA 79 -73.22 41.07 -9.36
N ALA HA 80 -72.08 40.49 -9.02
CA ALA HA 80 -71.51 40.69 -7.68
C ALA HA 80 -71.13 42.15 -7.46
N TYR HA 81 -70.51 42.78 -8.46
CA TYR HA 81 -70.17 44.19 -8.34
C TYR HA 81 -71.42 45.04 -8.14
N MET HA 82 -72.49 44.72 -8.86
CA MET HA 82 -73.75 45.42 -8.67
C MET HA 82 -74.29 45.20 -7.26
N ASN HA 83 -74.17 43.97 -6.75
CA ASN HA 83 -74.60 43.68 -5.39
C ASN HA 83 -73.80 44.50 -4.38
N GLN HA 84 -72.54 44.77 -4.68
CA GLN HA 84 -71.72 45.66 -3.86
C GLN HA 84 -71.88 47.12 -4.26
N GLY HA 85 -72.84 47.44 -5.12
CA GLY HA 85 -73.18 48.80 -5.45
C GLY HA 85 -72.31 49.47 -6.50
N ASP HA 86 -71.32 48.78 -7.05
CA ASP HA 86 -70.45 49.35 -8.08
C ASP HA 86 -71.10 49.13 -9.45
N LYS HA 87 -72.09 49.96 -9.76
CA LYS HA 87 -72.79 49.83 -11.04
C LYS HA 87 -71.84 50.04 -12.22
N ASP HA 88 -70.74 50.77 -12.02
CA ASP HA 88 -69.83 51.05 -13.12
C ASP HA 88 -69.04 49.79 -13.52
N ARG HA 89 -68.33 49.20 -12.56
CA ARG HA 89 -67.62 47.95 -12.85
C ARG HA 89 -68.62 46.86 -13.26
N ALA HA 90 -69.79 46.85 -12.65
CA ALA HA 90 -70.82 45.88 -13.01
C ALA HA 90 -71.19 46.02 -14.48
N LYS HA 91 -71.45 47.25 -14.92
CA LYS HA 91 -71.75 47.48 -16.33
C LYS HA 91 -70.59 47.05 -17.22
N LEU HA 92 -69.36 47.37 -16.80
CA LEU HA 92 -68.19 46.97 -17.59
C LEU HA 92 -68.16 45.47 -17.80
N MET HA 93 -68.30 44.70 -16.72
CA MET HA 93 -68.19 43.25 -16.83
C MET HA 93 -69.40 42.63 -17.52
N LEU HA 94 -70.59 43.22 -17.35
CA LEU HA 94 -71.76 42.73 -18.09
C LEU HA 94 -71.59 42.94 -19.59
N LEU HA 95 -71.09 44.12 -19.98
CA LEU HA 95 -70.79 44.36 -21.38
C LEU HA 95 -69.73 43.39 -21.88
N LEU HA 96 -68.73 43.10 -21.05
CA LEU HA 96 -67.74 42.09 -21.41
C LEU HA 96 -68.39 40.74 -21.67
N ALA HA 97 -69.32 40.35 -20.80
CA ALA HA 97 -70.01 39.07 -20.97
C ALA HA 97 -70.78 39.06 -22.28
N LEU HA 98 -71.49 40.14 -22.58
CA LEU HA 98 -72.27 40.19 -23.81
C LEU HA 98 -71.36 40.18 -25.04
N LYS HA 99 -70.20 40.81 -24.95
CA LYS HA 99 -69.25 40.79 -26.06
C LYS HA 99 -68.68 39.38 -26.26
N LEU HA 100 -68.42 38.67 -25.17
CA LEU HA 100 -67.84 37.33 -25.24
C LEU HA 100 -68.87 36.34 -25.80
N ASP IA 1 -24.53 -25.83 -19.05
CA ASP IA 1 -24.67 -25.03 -20.30
C ASP IA 1 -25.74 -25.63 -21.21
N VAL IA 2 -26.59 -24.75 -21.75
CA VAL IA 2 -27.74 -25.18 -22.53
C VAL IA 2 -27.34 -25.98 -23.76
N SER IA 3 -26.08 -25.86 -24.20
CA SER IA 3 -25.61 -26.64 -25.34
C SER IA 3 -25.84 -28.13 -25.09
N ALA IA 4 -25.73 -28.56 -23.83
CA ALA IA 4 -25.93 -29.96 -23.52
C ALA IA 4 -27.32 -30.43 -23.93
N LEU IA 5 -28.31 -29.54 -23.91
CA LEU IA 5 -29.66 -29.90 -24.29
C LEU IA 5 -29.96 -29.60 -25.76
N ALA IA 6 -29.36 -28.54 -26.31
CA ALA IA 6 -29.72 -28.11 -27.66
C ALA IA 6 -29.57 -29.25 -28.67
N TYR IA 7 -28.56 -30.10 -28.49
CA TYR IA 7 -28.35 -31.18 -29.46
C TYR IA 7 -29.53 -32.13 -29.48
N VAL IA 8 -30.25 -32.27 -28.38
CA VAL IA 8 -31.44 -33.12 -28.38
C VAL IA 8 -32.50 -32.53 -29.31
N MET IA 9 -32.68 -31.21 -29.26
CA MET IA 9 -33.60 -30.57 -30.19
C MET IA 9 -33.14 -30.76 -31.63
N LEU IA 10 -31.83 -30.65 -31.85
CA LEU IA 10 -31.33 -30.83 -33.21
C LEU IA 10 -31.64 -32.24 -33.71
N GLY IA 11 -31.46 -33.23 -32.86
CA GLY IA 11 -31.77 -34.60 -33.25
C GLY IA 11 -33.25 -34.79 -33.53
N LEU IA 12 -34.10 -34.20 -32.68
CA LEU IA 12 -35.54 -34.32 -32.90
C LEU IA 12 -35.94 -33.68 -34.22
N LEU IA 13 -35.42 -32.49 -34.49
CA LEU IA 13 -35.73 -31.82 -35.74
C LEU IA 13 -35.32 -32.67 -36.93
N LEU IA 14 -34.08 -33.16 -36.91
CA LEU IA 14 -33.62 -34.00 -38.02
C LEU IA 14 -34.49 -35.25 -38.16
N SER IA 15 -34.98 -35.78 -37.03
CA SER IA 15 -35.87 -36.93 -37.09
C SER IA 15 -37.21 -36.57 -37.74
N LEU IA 16 -37.68 -35.35 -37.54
CA LEU IA 16 -38.93 -34.92 -38.16
C LEU IA 16 -38.79 -34.86 -39.68
N LEU IA 17 -37.60 -34.55 -40.19
CA LEU IA 17 -37.37 -34.47 -41.63
C LEU IA 17 -37.01 -35.81 -42.26
N ASN IA 18 -37.04 -36.89 -41.50
CA ASN IA 18 -36.69 -38.23 -41.97
C ASN IA 18 -35.20 -38.39 -42.27
N ARG IA 19 -34.38 -37.40 -41.91
CA ARG IA 19 -32.93 -37.55 -42.00
C ARG IA 19 -32.39 -38.20 -40.73
N LEU IA 20 -32.86 -39.43 -40.46
CA LEU IA 20 -32.55 -40.10 -39.20
C LEU IA 20 -31.05 -40.29 -39.01
N SER IA 21 -30.33 -40.64 -40.08
CA SER IA 21 -28.92 -40.97 -39.95
C SER IA 21 -28.13 -39.81 -39.35
N LEU IA 22 -28.51 -38.58 -39.67
CA LEU IA 22 -27.92 -37.42 -39.00
C LEU IA 22 -28.45 -37.25 -37.60
N ALA IA 23 -29.71 -37.63 -37.35
CA ALA IA 23 -30.29 -37.47 -36.03
C ALA IA 23 -29.54 -38.29 -34.98
N ALA IA 24 -29.18 -39.52 -35.33
CA ALA IA 24 -28.44 -40.35 -34.38
C ALA IA 24 -27.12 -39.69 -34.00
N GLU IA 25 -26.39 -39.18 -34.99
CA GLU IA 25 -25.11 -38.54 -34.71
C GLU IA 25 -25.30 -37.23 -33.97
N ALA IA 26 -26.47 -36.59 -34.13
CA ALA IA 26 -26.77 -35.41 -33.33
C ALA IA 26 -26.97 -35.79 -31.86
N TYR IA 27 -27.70 -36.87 -31.60
CA TYR IA 27 -27.88 -37.33 -30.22
C TYR IA 27 -26.54 -37.72 -29.60
N LYS IA 28 -25.65 -38.31 -30.40
CA LYS IA 28 -24.38 -38.79 -29.87
C LYS IA 28 -23.60 -37.67 -29.19
N LYS IA 29 -23.57 -36.49 -29.80
CA LYS IA 29 -22.86 -35.36 -29.21
C LYS IA 29 -23.47 -34.97 -27.88
N ALA IA 30 -24.80 -34.97 -27.79
CA ALA IA 30 -25.45 -34.67 -26.52
C ALA IA 30 -25.03 -35.67 -25.45
N ILE IA 31 -25.00 -36.95 -25.81
CA ILE IA 31 -24.58 -37.97 -24.84
C ILE IA 31 -23.15 -37.69 -24.40
N GLU IA 32 -22.25 -37.40 -25.35
CA GLU IA 32 -20.87 -37.12 -25.00
C GLU IA 32 -20.71 -35.83 -24.20
N LEU IA 33 -21.72 -34.96 -24.23
CA LEU IA 33 -21.74 -33.80 -23.34
C LEU IA 33 -22.32 -34.11 -21.98
N ASP IA 34 -23.26 -35.05 -21.90
CA ASP IA 34 -23.87 -35.45 -20.64
C ASP IA 34 -24.39 -36.87 -20.75
N PRO IA 35 -23.67 -37.87 -20.23
CA PRO IA 35 -24.12 -39.27 -20.38
C PRO IA 35 -25.32 -39.62 -19.53
N ASN IA 36 -25.74 -38.77 -18.61
CA ASN IA 36 -26.80 -39.10 -17.65
C ASN IA 36 -28.21 -38.79 -18.16
N ASP IA 37 -28.35 -38.21 -19.35
CA ASP IA 37 -29.66 -37.79 -19.85
C ASP IA 37 -30.46 -39.02 -20.29
N ALA IA 38 -31.53 -39.33 -19.56
CA ALA IA 38 -32.39 -40.45 -19.92
C ALA IA 38 -33.10 -40.20 -21.25
N LEU IA 39 -33.51 -38.96 -21.50
CA LEU IA 39 -34.27 -38.64 -22.69
C LEU IA 39 -33.43 -38.81 -23.95
N ALA IA 40 -32.17 -38.37 -23.90
CA ALA IA 40 -31.29 -38.55 -25.03
C ALA IA 40 -31.14 -40.02 -25.38
N TRP IA 41 -30.86 -40.85 -24.38
CA TRP IA 41 -30.68 -42.27 -24.62
C TRP IA 41 -31.95 -42.89 -25.18
N LEU IA 42 -33.10 -42.54 -24.60
CA LEU IA 42 -34.35 -43.14 -25.06
C LEU IA 42 -34.63 -42.77 -26.51
N LEU IA 43 -34.48 -41.50 -26.87
CA LEU IA 43 -34.74 -41.09 -28.23
C LEU IA 43 -33.75 -41.71 -29.20
N LEU IA 44 -32.48 -41.78 -28.82
CA LEU IA 44 -31.49 -42.44 -29.67
C LEU IA 44 -31.85 -43.90 -29.90
N GLY IA 45 -32.28 -44.59 -28.84
CA GLY IA 45 -32.69 -45.96 -28.98
C GLY IA 45 -33.87 -46.12 -29.93
N SER IA 46 -34.83 -45.20 -29.85
CA SER IA 46 -35.98 -45.29 -30.74
C SER IA 46 -35.64 -44.89 -32.18
N VAL IA 47 -34.61 -44.06 -32.37
CA VAL IA 47 -34.19 -43.71 -33.72
C VAL IA 47 -33.46 -44.88 -34.36
N LEU IA 48 -32.51 -45.49 -33.64
CA LEU IA 48 -31.68 -46.53 -34.24
C LEU IA 48 -32.51 -47.69 -34.78
N GLU IA 49 -33.63 -48.02 -34.12
CA GLU IA 49 -34.43 -49.15 -34.58
C GLU IA 49 -35.06 -48.88 -35.94
N LYS IA 50 -35.32 -47.63 -36.28
CA LYS IA 50 -35.88 -47.32 -37.59
C LYS IA 50 -34.85 -47.46 -38.70
N LEU IA 51 -33.57 -47.29 -38.39
CA LEU IA 51 -32.50 -47.53 -39.35
C LEU IA 51 -32.20 -49.01 -39.55
N LYS IA 52 -32.97 -49.91 -38.95
CA LYS IA 52 -32.72 -51.35 -39.04
C LYS IA 52 -31.32 -51.68 -38.52
N ARG IA 53 -30.96 -51.04 -37.41
CA ARG IA 53 -29.64 -51.13 -36.79
C ARG IA 53 -29.75 -51.78 -35.41
N LEU IA 54 -30.54 -52.85 -35.33
CA LEU IA 54 -31.27 -53.19 -34.12
C LEU IA 54 -30.39 -53.30 -32.88
N ASP IA 55 -29.28 -54.03 -32.96
CA ASP IA 55 -28.60 -54.39 -31.72
C ASP IA 55 -28.15 -53.15 -30.96
N GLU IA 56 -27.63 -52.14 -31.66
CA GLU IA 56 -27.28 -50.90 -30.99
C GLU IA 56 -28.50 -50.23 -30.40
N ALA IA 57 -29.66 -50.37 -31.06
CA ALA IA 57 -30.89 -49.79 -30.53
C ALA IA 57 -31.27 -50.46 -29.21
N ALA IA 58 -31.19 -51.79 -29.14
CA ALA IA 58 -31.44 -52.48 -27.89
C ALA IA 58 -30.47 -52.04 -26.81
N GLU IA 59 -29.20 -51.87 -27.19
CA GLU IA 59 -28.19 -51.41 -26.23
C GLU IA 59 -28.57 -50.05 -25.67
N ALA IA 60 -28.94 -49.11 -26.54
CA ALA IA 60 -29.29 -47.77 -26.10
C ALA IA 60 -30.53 -47.80 -25.21
N TYR IA 61 -31.56 -48.57 -25.60
CA TYR IA 61 -32.74 -48.68 -24.77
C TYR IA 61 -32.38 -49.19 -23.39
N LYS IA 62 -31.57 -50.25 -23.33
CA LYS IA 62 -31.22 -50.83 -22.04
C LYS IA 62 -30.42 -49.86 -21.20
N LYS IA 63 -29.52 -49.09 -21.82
CA LYS IA 63 -28.78 -48.07 -21.09
C LYS IA 63 -29.73 -47.03 -20.53
N ALA IA 64 -30.75 -46.66 -21.30
CA ALA IA 64 -31.75 -45.71 -20.81
C ALA IA 64 -32.50 -46.27 -19.61
N ILE IA 65 -32.88 -47.55 -19.68
CA ILE IA 65 -33.68 -48.15 -18.61
C ILE IA 65 -32.92 -48.22 -17.29
N GLU IA 66 -31.59 -48.23 -17.33
CA GLU IA 66 -30.82 -48.13 -16.10
C GLU IA 66 -30.88 -46.72 -15.52
N LEU IA 67 -30.91 -45.70 -16.39
CA LEU IA 67 -30.76 -44.33 -15.93
C LEU IA 67 -32.01 -43.80 -15.23
N LYS IA 68 -33.19 -44.34 -15.56
CA LYS IA 68 -34.38 -44.06 -14.78
C LYS IA 68 -35.25 -45.32 -14.81
N PRO IA 69 -35.54 -45.92 -13.66
CA PRO IA 69 -36.39 -47.13 -13.67
C PRO IA 69 -37.87 -46.85 -13.88
N ASN IA 70 -38.65 -47.92 -13.97
CA ASN IA 70 -40.10 -47.94 -13.83
C ASN IA 70 -40.87 -47.36 -15.02
N ASP IA 71 -40.20 -46.85 -16.05
CA ASP IA 71 -40.90 -46.28 -17.21
C ASP IA 71 -41.45 -47.43 -18.05
N ALA IA 72 -42.75 -47.69 -17.90
CA ALA IA 72 -43.35 -48.88 -18.47
C ALA IA 72 -43.26 -48.92 -19.99
N SER IA 73 -43.09 -47.78 -20.65
CA SER IA 73 -43.05 -47.74 -22.10
C SER IA 73 -41.67 -48.03 -22.66
N ALA IA 74 -40.61 -47.64 -21.95
CA ALA IA 74 -39.26 -48.01 -22.38
C ALA IA 74 -39.09 -49.52 -22.40
N TRP IA 75 -39.61 -50.20 -21.37
CA TRP IA 75 -39.53 -51.66 -21.35
C TRP IA 75 -40.24 -52.27 -22.53
N LYS IA 76 -41.41 -51.74 -22.90
CA LYS IA 76 -42.13 -52.28 -24.06
C LYS IA 76 -41.32 -52.13 -25.34
N GLU IA 77 -40.69 -50.97 -25.54
CA GLU IA 77 -39.90 -50.77 -26.75
C GLU IA 77 -38.68 -51.67 -26.78
N LEU IA 78 -38.00 -51.84 -25.64
CA LEU IA 78 -36.90 -52.80 -25.59
C LEU IA 78 -37.40 -54.20 -25.87
N GLY IA 79 -38.62 -54.52 -25.41
CA GLY IA 79 -39.21 -55.80 -25.75
C GLY IA 79 -39.40 -55.97 -27.25
N LYS IA 80 -39.89 -54.93 -27.91
CA LYS IA 80 -40.06 -54.98 -29.36
C LYS IA 80 -38.73 -55.22 -30.05
N VAL IA 81 -37.69 -54.49 -29.65
CA VAL IA 81 -36.39 -54.63 -30.30
C VAL IA 81 -35.83 -56.03 -30.05
N LEU IA 82 -35.93 -56.53 -28.82
CA LEU IA 82 -35.46 -57.87 -28.50
C LEU IA 82 -36.23 -58.91 -29.30
N GLU IA 83 -37.55 -58.73 -29.43
CA GLU IA 83 -38.35 -59.68 -30.19
C GLU IA 83 -37.91 -59.72 -31.63
N LYS IA 84 -37.62 -58.55 -32.22
CA LYS IA 84 -37.11 -58.52 -33.58
C LYS IA 84 -35.74 -59.20 -33.66
N LEU IA 85 -34.91 -59.02 -32.64
CA LEU IA 85 -33.59 -59.64 -32.61
C LEU IA 85 -33.65 -61.15 -32.40
N GLY IA 86 -34.81 -61.70 -32.06
CA GLY IA 86 -34.93 -63.13 -31.87
C GLY IA 86 -34.54 -63.63 -30.50
N ARG IA 87 -34.32 -62.76 -29.54
CA ARG IA 87 -34.04 -63.13 -28.15
C ARG IA 87 -35.33 -63.27 -27.36
N LEU IA 88 -36.17 -64.20 -27.81
CA LEU IA 88 -37.57 -64.24 -27.38
C LEU IA 88 -37.71 -64.34 -25.86
N ASP IA 89 -36.82 -65.08 -25.19
CA ASP IA 89 -36.93 -65.19 -23.74
C ASP IA 89 -36.72 -63.84 -23.06
N GLU IA 90 -35.70 -63.10 -23.49
CA GLU IA 90 -35.47 -61.77 -22.92
C GLU IA 90 -36.61 -60.82 -23.26
N ALA IA 91 -37.20 -60.96 -24.45
CA ALA IA 91 -38.35 -60.14 -24.80
C ALA IA 91 -39.54 -60.44 -23.90
N ALA IA 92 -39.76 -61.73 -23.60
CA ALA IA 92 -40.82 -62.11 -22.68
C ALA IA 92 -40.55 -61.53 -21.29
N GLU IA 93 -39.29 -61.56 -20.85
CA GLU IA 93 -38.94 -60.95 -19.58
C GLU IA 93 -39.26 -59.46 -19.58
N ALA IA 94 -38.90 -58.77 -20.66
CA ALA IA 94 -39.17 -57.33 -20.73
C ALA IA 94 -40.66 -57.04 -20.68
N TYR IA 95 -41.46 -57.78 -21.45
CA TYR IA 95 -42.91 -57.53 -21.44
C TYR IA 95 -43.51 -57.89 -20.08
N LEU IA 96 -42.96 -58.91 -19.42
CA LEU IA 96 -43.40 -59.22 -18.06
C LEU IA 96 -43.10 -58.08 -17.11
N ILE IA 97 -41.91 -57.49 -17.21
CA ILE IA 97 -41.60 -56.31 -16.41
C ILE IA 97 -42.60 -55.21 -16.68
N ALA IA 98 -42.95 -55.03 -17.95
CA ALA IA 98 -43.94 -54.02 -18.31
C ALA IA 98 -45.27 -54.30 -17.62
N ILE IA 99 -45.68 -55.58 -17.59
CA ILE IA 99 -46.91 -55.95 -16.90
C ILE IA 99 -46.80 -55.63 -15.41
N MET IA 100 -45.66 -55.95 -14.80
CA MET IA 100 -45.50 -55.68 -13.37
C MET IA 100 -45.61 -54.20 -13.08
N LEU IA 101 -45.00 -53.36 -13.91
CA LEU IA 101 -45.02 -51.93 -13.67
C LEU IA 101 -46.41 -51.34 -13.85
N ASP IA 102 -47.20 -51.88 -14.78
CA ASP IA 102 -48.55 -51.39 -15.04
C ASP IA 102 -49.44 -52.57 -15.39
N PRO IA 103 -50.14 -53.14 -14.40
CA PRO IA 103 -50.99 -54.31 -14.68
C PRO IA 103 -52.10 -54.04 -15.69
N GLU IA 104 -52.45 -52.78 -15.95
CA GLU IA 104 -53.56 -52.44 -16.83
C GLU IA 104 -53.15 -52.19 -18.28
N ASP IA 105 -51.87 -52.34 -18.61
CA ASP IA 105 -51.39 -52.08 -19.97
C ASP IA 105 -51.79 -53.25 -20.87
N ALA IA 106 -52.85 -53.05 -21.66
CA ALA IA 106 -53.33 -54.10 -22.55
C ALA IA 106 -52.34 -54.40 -23.67
N GLU IA 107 -51.66 -53.37 -24.18
CA GLU IA 107 -50.68 -53.61 -25.25
C GLU IA 107 -49.56 -54.51 -24.76
N ALA IA 108 -49.10 -54.29 -23.53
CA ALA IA 108 -48.06 -55.16 -22.98
C ALA IA 108 -48.54 -56.60 -22.91
N ALA IA 109 -49.81 -56.81 -22.55
CA ALA IA 109 -50.35 -58.17 -22.49
C ALA IA 109 -50.43 -58.78 -23.89
N LYS IA 110 -50.84 -58.00 -24.88
CA LYS IA 110 -50.89 -58.52 -26.25
C LYS IA 110 -49.51 -58.94 -26.72
N GLU IA 111 -48.51 -58.09 -26.48
CA GLU IA 111 -47.15 -58.42 -26.89
C GLU IA 111 -46.62 -59.62 -26.11
N LEU IA 112 -46.95 -59.72 -24.82
CA LEU IA 112 -46.55 -60.87 -24.04
C LEU IA 112 -47.15 -62.15 -24.59
N GLY IA 113 -48.42 -62.11 -24.98
CA GLY IA 113 -49.02 -63.26 -25.63
C GLY IA 113 -48.30 -63.63 -26.91
N LYS IA 114 -48.02 -62.63 -27.75
CA LYS IA 114 -47.29 -62.89 -28.99
C LYS IA 114 -45.96 -63.57 -28.72
N VAL IA 115 -45.17 -62.99 -27.80
CA VAL IA 115 -43.83 -63.50 -27.55
C VAL IA 115 -43.88 -64.89 -26.91
N LEU IA 116 -44.81 -65.11 -25.99
CA LEU IA 116 -44.94 -66.42 -25.37
C LEU IA 116 -45.36 -67.48 -26.37
N GLU IA 117 -46.27 -67.12 -27.29
CA GLU IA 117 -46.65 -68.07 -28.34
C GLU IA 117 -45.46 -68.39 -29.23
N LYS IA 118 -44.70 -67.36 -29.62
CA LYS IA 118 -43.48 -67.61 -30.39
C LYS IA 118 -42.52 -68.50 -29.61
N LEU IA 119 -42.48 -68.33 -28.29
CA LEU IA 119 -41.53 -69.02 -27.43
C LEU IA 119 -42.02 -70.40 -27.01
N GLY IA 120 -43.25 -70.77 -27.33
CA GLY IA 120 -43.77 -72.10 -27.06
C GLY IA 120 -44.51 -72.27 -25.76
N GLU IA 121 -44.72 -71.21 -24.99
CA GLU IA 121 -45.54 -71.28 -23.78
C GLU IA 121 -47.02 -71.08 -24.12
N LEU IA 122 -47.59 -72.04 -24.86
CA LEU IA 122 -48.91 -71.84 -25.46
C LEU IA 122 -49.96 -71.49 -24.42
N GLU IA 123 -49.98 -72.20 -23.29
CA GLU IA 123 -51.00 -71.93 -22.29
C GLU IA 123 -50.87 -70.51 -21.74
N MET IA 124 -49.65 -70.12 -21.36
CA MET IA 124 -49.46 -68.78 -20.83
C MET IA 124 -49.66 -67.71 -21.89
N ALA IA 125 -49.30 -68.00 -23.15
CA ALA IA 125 -49.56 -67.05 -24.23
C ALA IA 125 -51.05 -66.81 -24.40
N GLU IA 126 -51.85 -67.89 -24.39
CA GLU IA 126 -53.29 -67.76 -24.48
C GLU IA 126 -53.84 -66.99 -23.29
N GLU IA 127 -53.31 -67.25 -22.09
CA GLU IA 127 -53.76 -66.52 -20.92
C GLU IA 127 -53.47 -65.03 -21.06
N ALA IA 128 -52.28 -64.68 -21.53
CA ALA IA 128 -51.92 -63.28 -21.71
C ALA IA 128 -52.79 -62.61 -22.78
N TYR IA 129 -53.05 -63.32 -23.87
CA TYR IA 129 -53.93 -62.76 -24.90
C TYR IA 129 -55.33 -62.51 -24.37
N LYS IA 130 -55.86 -63.48 -23.60
CA LYS IA 130 -57.17 -63.30 -22.99
C LYS IA 130 -57.17 -62.12 -22.02
N LEU IA 131 -56.11 -61.97 -21.24
CA LEU IA 131 -56.02 -60.82 -20.33
C LEU IA 131 -56.01 -59.52 -21.10
N ALA IA 132 -55.23 -59.45 -22.17
CA ALA IA 132 -55.17 -58.24 -22.99
C ALA IA 132 -56.55 -57.91 -23.56
N ILE IA 133 -57.27 -58.92 -24.04
CA ILE IA 133 -58.61 -58.70 -24.57
C ILE IA 133 -59.53 -58.20 -23.45
N LYS IA 134 -59.45 -58.82 -22.28
CA LYS IA 134 -60.32 -58.44 -21.17
C LYS IA 134 -59.96 -57.05 -20.64
N LEU IA 135 -58.68 -56.71 -20.60
CA LEU IA 135 -58.27 -55.40 -20.10
C LEU IA 135 -58.80 -54.29 -20.99
N ASP IA 136 -58.62 -54.42 -22.30
CA ASP IA 136 -59.06 -53.43 -23.28
C ASP IA 136 -59.89 -54.12 -24.35
N PRO IA 137 -61.18 -54.36 -24.10
CA PRO IA 137 -62.04 -54.88 -25.17
C PRO IA 137 -62.16 -53.93 -26.36
N ASN IA 138 -61.92 -52.64 -26.15
CA ASN IA 138 -61.96 -51.67 -27.23
C ASN IA 138 -60.70 -51.72 -28.11
N ASP IA 139 -59.66 -52.42 -27.68
CA ASP IA 139 -58.44 -52.54 -28.47
C ASP IA 139 -58.67 -53.35 -29.74
N GLU JA 1 6.83 -46.58 -32.95
CA GLU JA 1 8.21 -46.44 -32.40
C GLU JA 1 9.23 -46.85 -33.45
N GLU JA 2 10.23 -45.98 -33.67
CA GLU JA 2 11.24 -46.25 -34.69
C GLU JA 2 11.99 -47.55 -34.44
N ALA JA 3 12.01 -48.03 -33.19
CA ALA JA 3 12.61 -49.32 -32.91
C ALA JA 3 12.03 -50.41 -33.81
N GLU JA 4 10.72 -50.36 -34.05
CA GLU JA 4 10.08 -51.36 -34.91
C GLU JA 4 10.63 -51.28 -36.33
N LEU JA 5 10.77 -50.07 -36.87
CA LEU JA 5 11.27 -49.93 -38.23
C LEU JA 5 12.73 -50.40 -38.33
N ALA JA 6 13.55 -50.03 -37.35
CA ALA JA 6 14.93 -50.48 -37.35
C ALA JA 6 15.03 -51.99 -37.27
N TYR JA 7 14.20 -52.60 -36.42
CA TYR JA 7 14.19 -54.06 -36.34
C TYR JA 7 13.76 -54.68 -37.65
N LEU JA 8 12.76 -54.09 -38.31
CA LEU JA 8 12.33 -54.62 -39.59
C LEU JA 8 13.44 -54.55 -40.62
N LEU JA 9 14.18 -53.44 -40.64
CA LEU JA 9 15.33 -53.36 -41.54
C LEU JA 9 16.34 -54.44 -41.21
N GLY JA 10 16.60 -54.65 -39.92
CA GLY JA 10 17.51 -55.71 -39.53
C GLY JA 10 17.05 -57.07 -40.02
N GLU JA 11 15.76 -57.36 -39.86
CA GLU JA 11 15.23 -58.65 -40.29
C GLU JA 11 15.36 -58.82 -41.80
N LEU JA 12 15.02 -57.78 -42.56
CA LEU JA 12 15.15 -57.85 -44.01
C LEU JA 12 16.60 -58.09 -44.42
N ALA JA 13 17.53 -57.39 -43.78
CA ALA JA 13 18.94 -57.58 -44.08
C ALA JA 13 19.38 -59.00 -43.76
N TYR JA 14 18.98 -59.52 -42.59
CA TYR JA 14 19.39 -60.86 -42.20
C TYR JA 14 18.83 -61.92 -43.15
N LYS JA 15 17.56 -61.78 -43.53
CA LYS JA 15 16.97 -62.75 -44.44
C LYS JA 15 17.68 -62.81 -45.77
N LEU JA 16 18.43 -61.76 -46.13
CA LEU JA 16 19.14 -61.70 -47.41
C LEU JA 16 20.65 -61.75 -47.25
N GLY JA 17 21.14 -62.13 -46.07
CA GLY JA 17 22.56 -62.36 -45.88
C GLY JA 17 23.43 -61.13 -45.71
N GLU JA 18 22.84 -59.95 -45.54
CA GLU JA 18 23.60 -58.72 -45.31
C GLU JA 18 23.89 -58.55 -43.81
N TYR JA 19 24.78 -59.40 -43.31
CA TYR JA 19 24.99 -59.52 -41.87
C TYR JA 19 25.54 -58.23 -41.25
N ARG JA 20 26.39 -57.51 -41.96
CA ARG JA 20 26.83 -56.21 -41.46
C ARG JA 20 25.63 -55.30 -41.22
N ILE JA 21 24.75 -55.19 -42.22
CA ILE JA 21 23.57 -54.36 -42.10
C ILE JA 21 22.66 -54.88 -40.99
N ALA JA 22 22.50 -56.20 -40.91
CA ALA JA 22 21.67 -56.78 -39.87
C ALA JA 22 22.17 -56.40 -38.49
N ILE JA 23 23.48 -56.55 -38.25
CA ILE JA 23 24.04 -56.21 -36.95
C ILE JA 23 23.81 -54.75 -36.64
N ARG JA 24 24.15 -53.86 -37.57
CA ARG JA 24 24.03 -52.44 -37.28
C ARG JA 24 22.58 -52.03 -37.04
N ALA JA 25 21.65 -52.56 -37.84
CA ALA JA 25 20.24 -52.22 -37.69
C ALA JA 25 19.68 -52.73 -36.36
N TYR JA 26 19.94 -54.01 -36.05
CA TYR JA 26 19.47 -54.55 -34.78
C TYR JA 26 20.05 -53.76 -33.62
N ARG JA 27 21.31 -53.36 -33.72
CA ARG JA 27 21.90 -52.57 -32.64
C ARG JA 27 21.21 -51.22 -32.50
N ILE JA 28 20.91 -50.57 -33.64
CA ILE JA 28 20.19 -49.31 -33.58
C ILE JA 28 18.84 -49.50 -32.89
N ALA JA 29 18.19 -50.64 -33.15
CA ALA JA 29 16.90 -50.90 -32.55
C ALA JA 29 17.02 -51.15 -31.05
N LEU JA 30 17.97 -51.99 -30.65
CA LEU JA 30 18.03 -52.46 -29.27
C LEU JA 30 18.32 -51.34 -28.28
N LYS JA 31 19.22 -50.42 -28.65
CA LYS JA 31 19.53 -49.33 -27.74
C LYS JA 31 18.30 -48.47 -27.47
N ARG JA 32 17.26 -48.61 -28.29
CA ARG JA 32 15.99 -47.95 -28.05
C ARG JA 32 15.02 -48.82 -27.24
N ASP JA 33 15.24 -50.14 -27.20
CA ASP JA 33 14.27 -51.06 -26.61
C ASP JA 33 15.01 -52.30 -26.12
N PRO JA 34 15.68 -52.20 -24.97
CA PRO JA 34 16.57 -53.31 -24.54
C PRO JA 34 15.84 -54.57 -24.11
N ASN JA 35 14.54 -54.52 -23.81
CA ASN JA 35 13.81 -55.70 -23.36
C ASN JA 35 13.36 -56.60 -24.50
N ASN JA 36 13.81 -56.35 -25.74
CA ASN JA 36 13.32 -57.06 -26.92
C ASN JA 36 14.11 -58.36 -27.09
N ALA JA 37 13.54 -59.46 -26.60
CA ALA JA 37 14.25 -60.74 -26.61
C ALA JA 37 14.59 -61.20 -28.02
N GLU JA 38 13.62 -61.14 -28.93
CA GLU JA 38 13.84 -61.67 -30.28
C GLU JA 38 14.90 -60.86 -31.02
N ALA JA 39 15.00 -59.56 -30.73
CA ALA JA 39 16.07 -58.75 -31.32
C ALA JA 39 17.43 -59.25 -30.88
N TRP JA 40 17.59 -59.54 -29.59
CA TRP JA 40 18.84 -60.10 -29.11
C TRP JA 40 19.13 -61.44 -29.79
N TYR JA 41 18.10 -62.28 -29.92
CA TYR JA 41 18.30 -63.58 -30.54
C TYR JA 41 18.77 -63.44 -31.99
N ASN JA 42 18.14 -62.54 -32.75
CA ASN JA 42 18.53 -62.35 -34.14
C ASN JA 42 19.93 -61.77 -34.25
N LEU JA 43 20.28 -60.85 -33.34
CA LEU JA 43 21.65 -60.33 -33.33
C LEU JA 43 22.65 -61.44 -33.07
N GLY JA 44 22.33 -62.34 -32.15
CA GLY JA 44 23.19 -63.49 -31.92
C GLY JA 44 23.31 -64.36 -33.15
N ASN JA 45 22.20 -64.56 -33.87
CA ASN JA 45 22.26 -65.33 -35.10
C ASN JA 45 23.17 -64.67 -36.13
N ALA JA 46 23.10 -63.35 -36.25
CA ALA JA 46 23.95 -62.65 -37.19
C ALA JA 46 25.42 -62.84 -36.83
N TYR JA 47 25.78 -62.59 -35.58
CA TYR JA 47 27.16 -62.81 -35.17
C TYR JA 47 27.58 -64.26 -35.34
N THR JA 48 26.64 -65.20 -35.20
CA THR JA 48 26.96 -66.60 -35.42
C THR JA 48 27.33 -66.85 -36.88
N LYS JA 49 26.51 -66.34 -37.80
CA LYS JA 49 26.85 -66.49 -39.21
C LYS JA 49 28.17 -65.82 -39.54
N GLN JA 50 28.50 -64.73 -38.84
CA GLN JA 50 29.81 -64.11 -39.01
C GLN JA 50 30.94 -64.96 -38.46
N GLY JA 51 30.63 -65.92 -37.59
CA GLY JA 51 31.68 -66.68 -36.91
C GLY JA 51 32.27 -65.97 -35.72
N ASP JA 52 31.65 -64.89 -35.24
CA ASP JA 52 32.12 -64.16 -34.06
C ASP JA 52 31.44 -64.72 -32.81
N TYR JA 53 31.82 -65.95 -32.48
CA TYR JA 53 31.07 -66.74 -31.52
C TYR JA 53 31.05 -66.13 -30.13
N ASP JA 54 32.06 -65.34 -29.77
CA ASP JA 54 32.05 -64.68 -28.47
C ASP JA 54 30.88 -63.71 -28.35
N GLU JA 55 30.72 -62.84 -29.36
CA GLU JA 55 29.59 -61.92 -29.35
C GLU JA 55 28.26 -62.68 -29.41
N ALA JA 56 28.20 -63.74 -30.21
CA ALA JA 56 26.98 -64.54 -30.30
C ALA JA 56 26.61 -65.10 -28.93
N ILE JA 57 27.60 -65.61 -28.19
CA ILE JA 57 27.36 -66.08 -26.83
C ILE JA 57 26.83 -64.95 -25.97
N GLU JA 58 27.53 -63.81 -26.00
CA GLU JA 58 27.18 -62.72 -25.11
C GLU JA 58 25.75 -62.23 -25.34
N TYR JA 59 25.27 -62.29 -26.58
CA TYR JA 59 23.91 -61.84 -26.86
C TYR JA 59 22.88 -62.95 -26.71
N TYR JA 60 23.23 -64.20 -27.01
CA TYR JA 60 22.32 -65.31 -26.75
C TYR JA 60 22.00 -65.44 -25.27
N LEU JA 61 22.99 -65.17 -24.42
CA LEU JA 61 22.74 -65.21 -22.98
C LEU JA 61 21.66 -64.22 -22.58
N ARG JA 62 21.78 -62.98 -23.06
CA ARG JA 62 20.74 -61.99 -22.76
C ARG JA 62 19.41 -62.39 -23.37
N ALA JA 63 19.44 -63.04 -24.53
CA ALA JA 63 18.20 -63.52 -25.13
C ALA JA 63 17.51 -64.54 -24.23
N LEU JA 64 18.27 -65.47 -23.67
CA LEU JA 64 17.69 -66.47 -22.78
C LEU JA 64 17.20 -65.84 -21.48
N VAL JA 65 17.97 -64.92 -20.91
CA VAL JA 65 17.59 -64.34 -19.64
C VAL JA 65 16.24 -63.64 -19.76
N LEU JA 66 16.01 -62.96 -20.88
CA LEU JA 66 14.74 -62.27 -21.10
C LEU JA 66 13.62 -63.19 -21.57
N ASP JA 67 13.94 -64.42 -21.95
CA ASP JA 67 12.94 -65.36 -22.45
C ASP JA 67 13.41 -66.79 -22.17
N PRO JA 68 13.25 -67.29 -20.94
CA PRO JA 68 13.88 -68.56 -20.57
C PRO JA 68 13.34 -69.78 -21.32
N ASN JA 69 12.19 -69.67 -21.98
CA ASN JA 69 11.62 -70.79 -22.71
C ASN JA 69 12.08 -70.86 -24.16
N ASN JA 70 12.96 -69.96 -24.59
CA ASN JA 70 13.36 -69.85 -26.00
C ASN JA 70 14.26 -71.02 -26.36
N ALA JA 71 13.67 -72.11 -26.84
CA ALA JA 71 14.45 -73.30 -27.16
C ALA JA 71 15.44 -73.05 -28.30
N GLU JA 72 15.04 -72.26 -29.30
CA GLU JA 72 15.94 -71.99 -30.42
C GLU JA 72 17.17 -71.23 -29.97
N ALA JA 73 16.98 -70.23 -29.10
CA ALA JA 73 18.12 -69.49 -28.56
C ALA JA 73 19.05 -70.42 -27.79
N ALA JA 74 18.48 -71.34 -27.01
CA ALA JA 74 19.31 -72.31 -26.30
C ALA JA 74 20.11 -73.18 -27.25
N THR JA 75 19.46 -73.67 -28.32
CA THR JA 75 20.16 -74.50 -29.29
C THR JA 75 21.34 -73.75 -29.91
N ASN JA 76 21.09 -72.51 -30.34
CA ASN JA 76 22.15 -71.74 -30.98
C ASN JA 76 23.25 -71.37 -29.98
N LEU JA 77 22.88 -71.12 -28.72
CA LEU JA 77 23.87 -70.86 -27.69
C LEU JA 77 24.77 -72.08 -27.47
N GLY JA 78 24.16 -73.26 -27.42
CA GLY JA 78 24.96 -74.48 -27.30
C GLY JA 78 25.87 -74.68 -28.49
N GLN JA 79 25.36 -74.41 -29.70
CA GLN JA 79 26.19 -74.52 -30.90
C GLN JA 79 27.37 -73.55 -30.82
N ALA JA 80 27.13 -72.31 -30.38
CA ALA JA 80 28.22 -71.35 -30.23
C ALA JA 80 29.23 -71.80 -29.20
N TYR JA 81 28.77 -72.37 -28.09
CA TYR JA 81 29.70 -72.89 -27.08
C TYR JA 81 30.53 -74.02 -27.65
N MET JA 82 29.93 -74.90 -28.44
CA MET JA 82 30.69 -75.96 -29.08
C MET JA 82 31.71 -75.38 -30.06
N ASN JA 83 31.32 -74.35 -30.80
CA ASN JA 83 32.27 -73.66 -31.68
C ASN JA 83 33.42 -73.07 -30.88
N GLN JA 84 33.15 -72.63 -29.65
CA GLN JA 84 34.19 -72.18 -28.73
C GLN JA 84 34.89 -73.34 -28.04
N GLY JA 85 34.49 -74.58 -28.31
CA GLY JA 85 35.13 -75.74 -27.73
C GLY JA 85 34.73 -76.06 -26.31
N ASP JA 86 33.76 -75.35 -25.74
CA ASP JA 86 33.27 -75.63 -24.39
C ASP JA 86 32.22 -76.73 -24.48
N LYS JA 87 32.70 -77.97 -24.57
CA LYS JA 87 31.78 -79.10 -24.69
C LYS JA 87 30.81 -79.17 -23.52
N ASP JA 88 31.25 -78.78 -22.33
CA ASP JA 88 30.39 -78.88 -21.15
C ASP JA 88 29.20 -77.94 -21.26
N ARG JA 89 29.46 -76.64 -21.44
CA ARG JA 89 28.36 -75.68 -21.58
C ARG JA 89 27.53 -75.98 -22.81
N ALA JA 90 28.17 -76.38 -23.90
CA ALA JA 90 27.44 -76.71 -25.12
C ALA JA 90 26.44 -77.83 -24.86
N LYS JA 91 26.89 -78.92 -24.24
CA LYS JA 91 25.99 -80.02 -23.92
C LYS JA 91 24.90 -79.58 -22.97
N LEU JA 92 25.25 -78.76 -21.96
CA LEU JA 92 24.25 -78.30 -21.00
C LEU JA 92 23.13 -77.54 -21.70
N MET JA 93 23.51 -76.60 -22.58
CA MET JA 93 22.49 -75.77 -23.23
C MET JA 93 21.73 -76.54 -24.31
N LEU JA 94 22.36 -77.52 -24.96
CA LEU JA 94 21.63 -78.36 -25.91
C LEU JA 94 20.60 -79.21 -25.18
N LEU JA 95 20.98 -79.77 -24.02
CA LEU JA 95 20.02 -80.50 -23.20
C LEU JA 95 18.91 -79.58 -22.73
N LEU JA 96 19.24 -78.33 -22.41
CA LEU JA 96 18.22 -77.35 -22.07
C LEU JA 96 17.25 -77.15 -23.22
N ALA JA 97 17.78 -77.05 -24.44
CA ALA JA 97 16.93 -76.89 -25.62
C ALA JA 97 15.99 -78.08 -25.78
N LEU JA 98 16.53 -79.30 -25.63
CA LEU JA 98 15.69 -80.49 -25.73
C LEU JA 98 14.62 -80.52 -24.65
N LYS JA 99 14.97 -80.10 -23.44
CA LYS JA 99 13.98 -80.06 -22.37
C LYS JA 99 12.89 -79.05 -22.65
N LEU JA 100 13.26 -77.88 -23.18
CA LEU JA 100 12.29 -76.81 -23.44
C LEU JA 100 11.37 -77.20 -24.59
N ASP KA 1 -35.95 -16.23 -19.81
CA ASP KA 1 -34.56 -16.60 -20.22
C ASP KA 1 -34.59 -17.78 -21.20
N VAL KA 2 -33.48 -17.99 -21.91
CA VAL KA 2 -33.45 -19.03 -22.94
C VAL KA 2 -33.59 -20.41 -22.31
N SER KA 3 -33.00 -20.63 -21.14
CA SER KA 3 -33.05 -21.95 -20.53
C SER KA 3 -34.48 -22.36 -20.19
N ALA KA 4 -35.24 -21.44 -19.57
CA ALA KA 4 -36.64 -21.72 -19.28
C ALA KA 4 -37.44 -21.94 -20.56
N LEU KA 5 -37.02 -21.32 -21.66
CA LEU KA 5 -37.71 -21.51 -22.94
C LEU KA 5 -37.33 -22.84 -23.58
N ALA KA 6 -36.09 -23.29 -23.36
CA ALA KA 6 -35.61 -24.49 -24.06
C ALA KA 6 -36.48 -25.69 -23.73
N TYR KA 7 -36.87 -25.84 -22.47
CA TYR KA 7 -37.71 -26.98 -22.11
C TYR KA 7 -39.09 -26.89 -22.74
N VAL KA 8 -39.65 -25.69 -22.86
CA VAL KA 8 -40.91 -25.53 -23.56
C VAL KA 8 -40.76 -25.98 -25.00
N MET KA 9 -39.65 -25.60 -25.63
CA MET KA 9 -39.41 -26.00 -27.01
C MET KA 9 -39.26 -27.52 -27.12
N LEU KA 10 -38.57 -28.13 -26.15
CA LEU KA 10 -38.41 -29.58 -26.18
C LEU KA 10 -39.76 -30.27 -26.06
N GLY KA 11 -40.62 -29.79 -25.17
CA GLY KA 11 -41.94 -30.37 -25.05
C GLY KA 11 -42.75 -30.18 -26.32
N LEU KA 12 -42.65 -29.01 -26.94
CA LEU KA 12 -43.37 -28.78 -28.17
C LEU KA 12 -42.90 -29.72 -29.27
N LEU KA 13 -41.59 -29.92 -29.38
CA LEU KA 13 -41.07 -30.84 -30.38
C LEU KA 13 -41.60 -32.25 -30.11
N LEU KA 14 -41.51 -32.71 -28.87
CA LEU KA 14 -41.95 -34.07 -28.57
C LEU KA 14 -43.43 -34.24 -28.86
N SER KA 15 -44.24 -33.25 -28.52
CA SER KA 15 -45.67 -33.32 -28.85
C SER KA 15 -45.87 -33.34 -30.37
N LEU KA 16 -45.10 -32.53 -31.09
CA LEU KA 16 -45.19 -32.49 -32.54
C LEU KA 16 -44.79 -33.82 -33.17
N LEU KA 17 -43.91 -34.56 -32.48
CA LEU KA 17 -43.44 -35.86 -32.93
C LEU KA 17 -44.32 -37.01 -32.43
N ASN KA 18 -45.39 -36.70 -31.70
CA ASN KA 18 -46.30 -37.71 -31.16
C ASN KA 18 -45.59 -38.57 -30.10
N ARG KA 19 -44.79 -37.92 -29.27
CA ARG KA 19 -44.11 -38.55 -28.14
C ARG KA 19 -44.60 -37.92 -26.83
N LEU KA 20 -45.92 -37.75 -26.72
CA LEU KA 20 -46.49 -36.85 -25.71
C LEU KA 20 -45.97 -37.13 -24.31
N SER KA 21 -45.87 -38.41 -23.93
CA SER KA 21 -45.64 -38.75 -22.53
C SER KA 21 -44.33 -38.18 -22.01
N LEU KA 22 -43.35 -37.97 -22.90
CA LEU KA 22 -42.13 -37.27 -22.50
C LEU KA 22 -42.33 -35.75 -22.54
N ALA KA 23 -43.20 -35.28 -23.42
CA ALA KA 23 -43.48 -33.85 -23.51
C ALA KA 23 -44.05 -33.33 -22.19
N ALA KA 24 -44.91 -34.11 -21.56
CA ALA KA 24 -45.45 -33.68 -20.27
C ALA KA 24 -44.33 -33.42 -19.27
N GLU KA 25 -43.36 -34.35 -19.19
CA GLU KA 25 -42.25 -34.17 -18.26
C GLU KA 25 -41.40 -32.96 -18.63
N ALA KA 26 -41.19 -32.74 -19.92
CA ALA KA 26 -40.43 -31.57 -20.34
C ALA KA 26 -41.13 -30.28 -19.89
N TYR KA 27 -42.45 -30.22 -20.07
CA TYR KA 27 -43.20 -29.05 -19.62
C TYR KA 27 -43.09 -28.88 -18.11
N LYS KA 28 -43.14 -29.99 -17.35
CA LYS KA 28 -43.03 -29.90 -15.91
C LYS KA 28 -41.68 -29.35 -15.48
N LYS KA 29 -40.61 -29.78 -16.15
CA LYS KA 29 -39.30 -29.19 -15.86
C LYS KA 29 -39.30 -27.70 -16.15
N ALA KA 30 -39.89 -27.31 -17.28
CA ALA KA 30 -39.97 -25.89 -17.60
C ALA KA 30 -40.71 -25.12 -16.51
N ILE KA 31 -41.84 -25.67 -16.04
CA ILE KA 31 -42.61 -25.02 -15.00
C ILE KA 31 -41.78 -24.87 -13.72
N GLU KA 32 -41.08 -25.94 -13.33
CA GLU KA 32 -40.27 -25.85 -12.12
C GLU KA 32 -39.13 -24.86 -12.30
N LEU KA 33 -38.73 -24.57 -13.54
CA LEU KA 33 -37.77 -23.49 -13.75
C LEU KA 33 -38.43 -22.12 -13.58
N ASP KA 34 -39.71 -22.00 -13.93
CA ASP KA 34 -40.43 -20.73 -13.83
C ASP KA 34 -41.92 -20.98 -13.68
N PRO KA 35 -42.46 -20.93 -12.45
CA PRO KA 35 -43.89 -21.23 -12.28
C PRO KA 35 -44.83 -20.24 -12.95
N ASN KA 36 -44.35 -19.04 -13.31
CA ASN KA 36 -45.23 -17.97 -13.78
C ASN KA 36 -45.51 -18.01 -15.28
N ASP KA 37 -44.95 -18.97 -16.02
CA ASP KA 37 -45.08 -19.00 -17.47
C ASP KA 37 -46.51 -19.37 -17.86
N ALA KA 38 -47.21 -18.43 -18.51
CA ALA KA 38 -48.59 -18.67 -18.91
C ALA KA 38 -48.72 -19.59 -20.11
N LEU KA 39 -47.63 -19.83 -20.83
CA LEU KA 39 -47.66 -20.68 -22.02
C LEU KA 39 -47.33 -22.14 -21.69
N ALA KA 40 -46.36 -22.36 -20.81
CA ALA KA 40 -46.04 -23.71 -20.37
C ALA KA 40 -47.27 -24.39 -19.79
N TRP KA 41 -47.97 -23.70 -18.89
CA TRP KA 41 -49.13 -24.31 -18.24
C TRP KA 41 -50.20 -24.66 -19.27
N LEU KA 42 -50.46 -23.77 -20.21
CA LEU KA 42 -51.51 -24.03 -21.19
C LEU KA 42 -51.15 -25.23 -22.06
N LEU KA 43 -49.92 -25.28 -22.57
CA LEU KA 43 -49.53 -26.40 -23.42
C LEU KA 43 -49.55 -27.70 -22.64
N LEU KA 44 -49.09 -27.67 -21.39
CA LEU KA 44 -49.14 -28.87 -20.55
C LEU KA 44 -50.58 -29.31 -20.32
N GLY KA 45 -51.47 -28.35 -20.12
CA GLY KA 45 -52.87 -28.70 -19.95
C GLY KA 45 -53.41 -29.43 -21.16
N SER KA 46 -53.13 -28.91 -22.36
CA SER KA 46 -53.64 -29.57 -23.55
C SER KA 46 -52.98 -30.92 -23.80
N VAL KA 47 -51.69 -31.06 -23.44
CA VAL KA 47 -51.02 -32.35 -23.60
C VAL KA 47 -51.64 -33.38 -22.66
N LEU KA 48 -51.81 -33.02 -21.39
CA LEU KA 48 -52.46 -33.93 -20.46
C LEU KA 48 -53.87 -34.26 -20.91
N GLU KA 49 -54.57 -33.28 -21.49
CA GLU KA 49 -55.88 -33.56 -22.08
C GLU KA 49 -55.76 -34.63 -23.16
N LYS KA 50 -54.73 -34.54 -24.01
CA LYS KA 50 -54.59 -35.50 -25.10
C LYS KA 50 -54.30 -36.91 -24.56
N LEU KA 51 -53.60 -37.02 -23.44
CA LEU KA 51 -53.33 -38.31 -22.82
C LEU KA 51 -54.51 -38.85 -22.04
N LYS KA 52 -55.68 -38.21 -22.08
CA LYS KA 52 -56.89 -38.65 -21.40
C LYS KA 52 -56.82 -38.54 -19.88
N ARG KA 53 -55.82 -37.82 -19.34
CA ARG KA 53 -55.76 -37.54 -17.91
C ARG KA 53 -56.56 -36.28 -17.58
N LEU KA 54 -57.87 -36.34 -17.84
CA LEU KA 54 -58.71 -35.16 -17.69
C LEU KA 54 -58.56 -34.52 -16.32
N ASP KA 55 -58.40 -35.33 -15.28
CA ASP KA 55 -58.36 -34.81 -13.92
C ASP KA 55 -57.22 -33.81 -13.75
N GLU KA 56 -56.05 -34.12 -14.32
CA GLU KA 56 -54.92 -33.20 -14.25
C GLU KA 56 -55.04 -32.07 -15.27
N ALA KA 57 -55.64 -32.35 -16.42
CA ALA KA 57 -55.76 -31.33 -17.46
C ALA KA 57 -56.60 -30.15 -16.98
N ALA KA 58 -57.71 -30.44 -16.31
CA ALA KA 58 -58.53 -29.35 -15.79
C ALA KA 58 -57.74 -28.48 -14.83
N GLU KA 59 -56.95 -29.10 -13.94
CA GLU KA 59 -56.14 -28.34 -12.99
C GLU KA 59 -55.13 -27.46 -13.71
N ALA KA 60 -54.44 -28.02 -14.70
CA ALA KA 60 -53.43 -27.24 -15.42
C ALA KA 60 -54.07 -26.06 -16.14
N TYR KA 61 -55.21 -26.30 -16.80
CA TYR KA 61 -55.91 -25.22 -17.49
C TYR KA 61 -56.32 -24.14 -16.51
N LYS KA 62 -56.85 -24.53 -15.34
CA LYS KA 62 -57.27 -23.55 -14.35
C LYS KA 62 -56.10 -22.69 -13.89
N LYS KA 63 -54.95 -23.32 -13.63
CA LYS KA 63 -53.80 -22.52 -13.23
C LYS KA 63 -53.37 -21.57 -14.34
N ALA KA 64 -53.40 -22.04 -15.59
CA ALA KA 64 -53.01 -21.18 -16.70
C ALA KA 64 -53.93 -19.98 -16.79
N ILE KA 65 -55.24 -20.20 -16.64
CA ILE KA 65 -56.20 -19.10 -16.68
C ILE KA 65 -55.94 -18.14 -15.52
N GLU KA 66 -55.66 -18.68 -14.33
CA GLU KA 66 -55.34 -17.82 -13.20
C GLU KA 66 -54.13 -16.94 -13.50
N LEU KA 67 -53.19 -17.43 -14.32
CA LEU KA 67 -52.02 -16.63 -14.67
C LEU KA 67 -52.27 -15.68 -15.82
N LYS KA 68 -53.39 -15.79 -16.53
CA LYS KA 68 -53.64 -14.96 -17.71
C LYS KA 68 -55.15 -14.94 -17.98
N PRO KA 69 -55.89 -14.03 -17.33
CA PRO KA 69 -57.33 -14.25 -17.14
C PRO KA 69 -58.17 -14.19 -18.41
N ASN KA 70 -57.80 -13.38 -19.40
CA ASN KA 70 -58.78 -12.87 -20.35
C ASN KA 70 -58.93 -13.70 -21.63
N ASP KA 71 -57.97 -14.57 -21.96
CA ASP KA 71 -57.95 -15.21 -23.26
C ASP KA 71 -59.06 -16.25 -23.36
N ALA KA 72 -59.97 -16.07 -24.32
CA ALA KA 72 -61.12 -16.96 -24.44
C ALA KA 72 -60.72 -18.39 -24.82
N SER KA 73 -59.58 -18.56 -25.49
CA SER KA 73 -59.18 -19.90 -25.91
C SER KA 73 -59.00 -20.82 -24.71
N ALA KA 74 -58.31 -20.33 -23.68
CA ALA KA 74 -58.10 -21.15 -22.49
C ALA KA 74 -59.43 -21.50 -21.83
N TRP KA 75 -60.35 -20.54 -21.73
CA TRP KA 75 -61.65 -20.83 -21.13
C TRP KA 75 -62.39 -21.88 -21.92
N LYS KA 76 -62.38 -21.78 -23.25
CA LYS KA 76 -63.08 -22.77 -24.08
C LYS KA 76 -62.46 -24.16 -23.91
N GLU KA 77 -61.13 -24.25 -23.88
CA GLU KA 77 -60.50 -25.55 -23.71
C GLU KA 77 -60.81 -26.14 -22.34
N LEU KA 78 -60.79 -25.30 -21.30
CA LEU KA 78 -61.18 -25.79 -19.98
C LEU KA 78 -62.63 -26.24 -19.98
N GLY KA 79 -63.48 -25.54 -20.73
CA GLY KA 79 -64.85 -25.98 -20.87
C GLY KA 79 -64.96 -27.36 -21.49
N LYS KA 80 -64.17 -27.60 -22.54
CA LYS KA 80 -64.16 -28.93 -23.15
C LYS KA 80 -63.71 -29.99 -22.17
N VAL KA 81 -62.63 -29.71 -21.42
CA VAL KA 81 -62.13 -30.69 -20.47
C VAL KA 81 -63.17 -30.97 -19.39
N LEU KA 82 -63.82 -29.92 -18.87
CA LEU KA 82 -64.84 -30.11 -17.86
C LEU KA 82 -66.03 -30.89 -18.42
N GLU KA 83 -66.44 -30.58 -19.65
CA GLU KA 83 -67.57 -31.28 -20.25
C GLU KA 83 -67.27 -32.77 -20.37
N LYS KA 84 -66.05 -33.11 -20.77
CA LYS KA 84 -65.66 -34.52 -20.80
C LYS KA 84 -65.64 -35.11 -19.39
N LEU KA 85 -65.13 -34.35 -18.42
CA LEU KA 85 -65.00 -34.86 -17.06
C LEU KA 85 -66.34 -34.98 -16.34
N GLY KA 86 -67.38 -34.29 -16.83
CA GLY KA 86 -68.73 -34.49 -16.34
C GLY KA 86 -69.24 -33.46 -15.35
N ARG KA 87 -68.44 -32.43 -15.03
CA ARG KA 87 -68.90 -31.36 -14.14
C ARG KA 87 -69.56 -30.26 -14.98
N LEU KA 88 -70.74 -30.61 -15.51
CA LEU KA 88 -71.36 -29.80 -16.56
C LEU KA 88 -71.66 -28.38 -16.09
N ASP KA 89 -71.91 -28.17 -14.80
CA ASP KA 89 -72.16 -26.82 -14.32
C ASP KA 89 -70.94 -25.93 -14.52
N GLU KA 90 -69.76 -26.43 -14.12
CA GLU KA 90 -68.53 -25.67 -14.35
C GLU KA 90 -68.27 -25.47 -15.83
N ALA KA 91 -68.64 -26.45 -16.66
CA ALA KA 91 -68.48 -26.30 -18.10
C ALA KA 91 -69.35 -25.18 -18.64
N ALA KA 92 -70.61 -25.11 -18.19
CA ALA KA 92 -71.49 -24.03 -18.60
C ALA KA 92 -70.93 -22.69 -18.14
N GLU KA 93 -70.43 -22.64 -16.90
CA GLU KA 93 -69.81 -21.40 -16.42
C GLU KA 93 -68.63 -21.00 -17.29
N ALA KA 94 -67.78 -21.95 -17.65
CA ALA KA 94 -66.62 -21.65 -18.47
C ALA KA 94 -67.03 -21.12 -19.84
N TYR KA 95 -68.01 -21.77 -20.48
CA TYR KA 95 -68.42 -21.31 -21.80
C TYR KA 95 -69.11 -19.95 -21.72
N LEU KA 96 -69.86 -19.70 -20.65
CA LEU KA 96 -70.43 -18.38 -20.44
C LEU KA 96 -69.34 -17.32 -20.29
N ILE KA 97 -68.29 -17.63 -19.52
CA ILE KA 97 -67.16 -16.71 -19.40
C ILE KA 97 -66.54 -16.47 -20.77
N ALA KA 98 -66.43 -17.53 -21.57
CA ALA KA 98 -65.87 -17.38 -22.91
C ALA KA 98 -66.70 -16.43 -23.76
N ILE KA 99 -68.03 -16.60 -23.73
CA ILE KA 99 -68.91 -15.73 -24.50
C ILE KA 99 -68.78 -14.29 -24.02
N MET KA 100 -68.78 -14.08 -22.70
CA MET KA 100 -68.76 -12.72 -22.18
C MET KA 100 -67.40 -12.06 -22.34
N LEU KA 101 -66.33 -12.85 -22.51
CA LEU KA 101 -65.05 -12.28 -22.90
C LEU KA 101 -65.01 -11.91 -24.36
N ASP KA 102 -65.72 -12.67 -25.20
CA ASP KA 102 -65.76 -12.42 -26.65
C ASP KA 102 -67.17 -12.74 -27.13
N PRO KA 103 -68.07 -11.75 -27.16
CA PRO KA 103 -69.47 -12.04 -27.47
C PRO KA 103 -69.72 -12.49 -28.90
N GLU KA 104 -68.71 -12.45 -29.77
CA GLU KA 104 -68.87 -12.81 -31.17
C GLU KA 104 -68.37 -14.22 -31.50
N ASP KA 105 -67.97 -15.00 -30.50
CA ASP KA 105 -67.45 -16.35 -30.73
C ASP KA 105 -68.62 -17.31 -30.96
N ALA KA 106 -68.79 -17.75 -32.21
CA ALA KA 106 -69.84 -18.71 -32.51
C ALA KA 106 -69.59 -20.07 -31.85
N GLU KA 107 -68.33 -20.51 -31.83
CA GLU KA 107 -68.02 -21.81 -31.24
C GLU KA 107 -68.40 -21.85 -29.77
N ALA KA 108 -68.16 -20.75 -29.05
CA ALA KA 108 -68.54 -20.70 -27.65
C ALA KA 108 -70.04 -20.86 -27.48
N ALA KA 109 -70.83 -20.21 -28.34
CA ALA KA 109 -72.28 -20.36 -28.27
C ALA KA 109 -72.71 -21.79 -28.57
N LYS KA 110 -72.10 -22.42 -29.57
CA LYS KA 110 -72.44 -23.80 -29.89
C LYS KA 110 -72.14 -24.73 -28.70
N GLU KA 111 -70.97 -24.57 -28.10
CA GLU KA 111 -70.60 -25.40 -26.97
C GLU KA 111 -71.50 -25.14 -25.78
N LEU KA 112 -71.88 -23.88 -25.55
CA LEU KA 112 -72.81 -23.56 -24.47
C LEU KA 112 -74.15 -24.22 -24.72
N GLY KA 113 -74.61 -24.22 -25.97
CA GLY KA 113 -75.84 -24.93 -26.30
C GLY KA 113 -75.73 -26.41 -25.99
N LYS KA 114 -74.63 -27.04 -26.40
CA LYS KA 114 -74.41 -28.45 -26.10
C LYS KA 114 -74.49 -28.71 -24.60
N VAL KA 115 -73.73 -27.94 -23.82
CA VAL KA 115 -73.63 -28.18 -22.38
C VAL KA 115 -74.98 -27.95 -21.72
N LEU KA 116 -75.67 -26.88 -22.09
CA LEU KA 116 -76.97 -26.58 -21.48
C LEU KA 116 -78.02 -27.61 -21.87
N GLU KA 117 -77.98 -28.12 -23.10
CA GLU KA 117 -78.89 -29.19 -23.48
C GLU KA 117 -78.65 -30.44 -22.65
N LYS KA 118 -77.37 -30.81 -22.47
CA LYS KA 118 -77.07 -31.94 -21.59
C LYS KA 118 -77.53 -31.65 -20.17
N LEU KA 119 -77.43 -30.40 -19.73
CA LEU KA 119 -77.75 -30.00 -18.37
C LEU KA 119 -79.24 -29.75 -18.15
N GLY KA 120 -80.06 -29.82 -19.20
CA GLY KA 120 -81.49 -29.72 -19.06
C GLY KA 120 -82.08 -28.32 -19.14
N GLU KA 121 -81.28 -27.31 -19.44
CA GLU KA 121 -81.78 -25.96 -19.67
C GLU KA 121 -82.15 -25.75 -21.14
N LEU KA 122 -83.14 -26.52 -21.60
CA LEU KA 122 -83.37 -26.65 -23.04
C LEU KA 122 -83.60 -25.30 -23.70
N GLU KA 123 -84.36 -24.41 -23.06
CA GLU KA 123 -84.65 -23.12 -23.68
C GLU KA 123 -83.38 -22.30 -23.87
N MET KA 124 -82.53 -22.24 -22.85
CA MET KA 124 -81.29 -21.49 -22.98
C MET KA 124 -80.35 -22.16 -23.97
N ALA KA 125 -80.37 -23.49 -24.05
CA ALA KA 125 -79.55 -24.20 -25.04
C ALA KA 125 -80.00 -23.84 -26.46
N GLU KA 126 -81.31 -23.80 -26.70
CA GLU KA 126 -81.81 -23.38 -28.00
C GLU KA 126 -81.42 -21.94 -28.31
N GLU KA 127 -81.49 -21.06 -27.31
CA GLU KA 127 -81.06 -19.69 -27.51
C GLU KA 127 -79.59 -19.63 -27.88
N ALA KA 128 -78.75 -20.42 -27.20
CA ALA KA 128 -77.32 -20.45 -27.51
C ALA KA 128 -77.07 -20.98 -28.91
N TYR KA 129 -77.82 -22.01 -29.32
CA TYR KA 129 -77.66 -22.55 -30.67
C TYR KA 129 -78.02 -21.50 -31.72
N LYS KA 130 -79.14 -20.80 -31.52
CA LYS KA 130 -79.51 -19.72 -32.42
C LYS KA 130 -78.43 -18.64 -32.46
N LEU KA 131 -77.88 -18.30 -31.30
CA LEU KA 131 -76.81 -17.30 -31.25
C LEU KA 131 -75.59 -17.77 -32.03
N ALA KA 132 -75.24 -19.06 -31.90
CA ALA KA 132 -74.12 -19.61 -32.65
C ALA KA 132 -74.39 -19.51 -34.16
N ILE KA 133 -75.62 -19.82 -34.57
CA ILE KA 133 -75.96 -19.70 -35.99
C ILE KA 133 -75.81 -18.26 -36.45
N LYS KA 134 -76.32 -17.31 -35.66
CA LYS KA 134 -76.26 -15.91 -36.05
C LYS KA 134 -74.82 -15.42 -36.12
N LEU KA 135 -73.98 -15.81 -35.16
CA LEU KA 135 -72.61 -15.30 -35.10
C LEU KA 135 -71.80 -15.76 -36.29
N ASP KA 136 -72.05 -16.97 -36.79
CA ASP KA 136 -71.35 -17.49 -37.96
C ASP KA 136 -72.31 -18.42 -38.69
N PRO KA 137 -73.02 -17.91 -39.70
CA PRO KA 137 -73.92 -18.78 -40.48
C PRO KA 137 -73.18 -19.86 -41.25
N ASN KA 138 -71.87 -19.73 -41.43
CA ASN KA 138 -71.10 -20.69 -42.21
C ASN KA 138 -70.79 -21.97 -41.44
N ASP KA 139 -71.10 -22.03 -40.14
CA ASP KA 139 -70.85 -23.24 -39.36
C ASP KA 139 -71.80 -24.37 -39.73
N GLU LA 1 -36.02 -43.55 12.87
CA GLU LA 1 -34.91 -43.40 13.86
C GLU LA 1 -34.85 -44.64 14.76
N GLU LA 2 -33.70 -44.82 15.42
CA GLU LA 2 -33.53 -45.97 16.31
C GLU LA 2 -34.60 -45.99 17.39
N ALA LA 3 -35.16 -44.83 17.72
CA ALA LA 3 -36.20 -44.76 18.75
C ALA LA 3 -37.34 -45.72 18.45
N GLU LA 4 -37.64 -45.96 17.17
CA GLU LA 4 -38.72 -46.88 16.82
C GLU LA 4 -38.22 -48.32 16.69
N LEU LA 5 -37.02 -48.52 16.14
CA LEU LA 5 -36.50 -49.87 16.00
C LEU LA 5 -36.31 -50.53 17.36
N ALA LA 6 -35.70 -49.81 18.30
CA ALA LA 6 -35.52 -50.36 19.64
C ALA LA 6 -36.86 -50.60 20.31
N TYR LA 7 -37.82 -49.71 20.12
CA TYR LA 7 -39.14 -49.91 20.70
C TYR LA 7 -39.81 -51.15 20.13
N LEU LA 8 -39.66 -51.38 18.82
CA LEU LA 8 -40.20 -52.58 18.22
C LEU LA 8 -39.54 -53.82 18.80
N LEU LA 9 -38.22 -53.77 19.01
CA LEU LA 9 -37.56 -54.90 19.67
C LEU LA 9 -38.13 -55.10 21.05
N GLY LA 10 -38.41 -54.02 21.76
CA GLY LA 10 -39.03 -54.16 23.08
C GLY LA 10 -40.39 -54.81 23.00
N GLU LA 11 -41.21 -54.40 22.04
CA GLU LA 11 -42.52 -55.02 21.85
C GLU LA 11 -42.37 -56.51 21.60
N LEU LA 12 -41.44 -56.88 20.73
CA LEU LA 12 -41.25 -58.30 20.41
C LEU LA 12 -40.79 -59.08 21.61
N ALA LA 13 -39.84 -58.52 22.38
CA ALA LA 13 -39.35 -59.21 23.56
C ALA LA 13 -40.46 -59.38 24.60
N TYR LA 14 -41.24 -58.33 24.84
CA TYR LA 14 -42.29 -58.42 25.84
C TYR LA 14 -43.37 -59.41 25.43
N LYS LA 15 -43.79 -59.38 24.16
CA LYS LA 15 -44.81 -60.30 23.71
C LYS LA 15 -44.38 -61.75 23.90
N LEU LA 16 -43.09 -62.03 23.77
CA LEU LA 16 -42.57 -63.38 23.89
C LEU LA 16 -42.09 -63.72 25.30
N GLY LA 17 -42.32 -62.83 26.28
CA GLY LA 17 -42.02 -63.13 27.66
C GLY LA 17 -40.57 -62.97 28.08
N GLU LA 18 -39.73 -62.32 27.26
CA GLU LA 18 -38.34 -62.04 27.62
C GLU LA 18 -38.23 -60.68 28.32
N TYR LA 19 -38.73 -60.65 29.56
CA TYR LA 19 -38.90 -59.38 30.25
C TYR LA 19 -37.58 -58.66 30.49
N ARG LA 20 -36.51 -59.39 30.83
CA ARG LA 20 -35.20 -58.76 30.92
C ARG LA 20 -34.86 -58.03 29.64
N ILE LA 21 -35.01 -58.73 28.50
CA ILE LA 21 -34.72 -58.13 27.20
C ILE LA 21 -35.63 -56.95 26.95
N ALA LA 22 -36.91 -57.05 27.32
CA ALA LA 22 -37.85 -55.97 27.08
C ALA LA 22 -37.44 -54.70 27.83
N ILE LA 23 -37.09 -54.85 29.11
CA ILE LA 23 -36.65 -53.69 29.88
C ILE LA 23 -35.41 -53.08 29.26
N ARG LA 24 -34.38 -53.91 29.03
CA ARG LA 24 -33.13 -53.37 28.53
C ARG LA 24 -33.29 -52.78 27.13
N ALA LA 25 -34.30 -53.23 26.39
CA ALA LA 25 -34.55 -52.68 25.06
C ALA LA 25 -35.25 -51.33 25.16
N TYR LA 26 -36.40 -51.28 25.82
CA TYR LA 26 -37.12 -50.02 25.94
C TYR LA 26 -36.24 -48.93 26.50
N ARG LA 27 -35.35 -49.28 27.43
CA ARG LA 27 -34.49 -48.25 28.01
C ARG LA 27 -33.60 -47.59 26.97
N ILE LA 28 -33.23 -48.32 25.92
CA ILE LA 28 -32.44 -47.71 24.85
C ILE LA 28 -33.27 -46.68 24.09
N ALA LA 29 -34.50 -47.04 23.73
CA ALA LA 29 -35.35 -46.10 22.99
C ALA LA 29 -35.57 -44.84 23.80
N LEU LA 30 -35.79 -44.98 25.10
CA LEU LA 30 -36.08 -43.80 25.92
C LEU LA 30 -34.91 -42.83 25.97
N LYS LA 31 -33.69 -43.27 25.67
CA LYS LA 31 -32.58 -42.33 25.58
C LYS LA 31 -32.78 -41.34 24.44
N ARG LA 32 -33.27 -41.82 23.29
CA ARG LA 32 -33.46 -40.95 22.14
C ARG LA 32 -34.65 -40.01 22.34
N ASP LA 33 -35.74 -40.52 22.90
CA ASP LA 33 -36.97 -39.73 23.02
C ASP LA 33 -37.68 -40.07 24.32
N PRO LA 34 -37.70 -39.16 25.31
CA PRO LA 34 -38.39 -39.46 26.58
C PRO LA 34 -39.88 -39.23 26.56
N ASN LA 35 -40.45 -38.78 25.44
CA ASN LA 35 -41.86 -38.40 25.39
C ASN LA 35 -42.80 -39.55 25.02
N ASN LA 36 -42.29 -40.73 24.71
CA ASN LA 36 -43.12 -41.85 24.27
C ASN LA 36 -43.89 -42.41 25.46
N ALA LA 37 -45.17 -42.03 25.57
CA ALA LA 37 -46.00 -42.52 26.67
C ALA LA 37 -46.12 -44.04 26.63
N GLU LA 38 -46.33 -44.60 25.44
CA GLU LA 38 -46.46 -46.04 25.32
C GLU LA 38 -45.20 -46.75 25.78
N ALA LA 39 -44.03 -46.15 25.54
CA ALA LA 39 -42.77 -46.77 25.97
C ALA LA 39 -42.68 -46.84 27.48
N TRP LA 40 -42.98 -45.73 28.16
CA TRP LA 40 -42.98 -45.76 29.62
C TRP LA 40 -43.98 -46.77 30.16
N TYR LA 41 -45.18 -46.80 29.57
CA TYR LA 41 -46.20 -47.74 30.03
C TYR LA 41 -45.74 -49.18 29.87
N ASN LA 42 -45.15 -49.52 28.72
CA ASN LA 42 -44.69 -50.89 28.51
C ASN LA 42 -43.53 -51.22 29.44
N LEU LA 43 -42.65 -50.26 29.70
CA LEU LA 43 -41.57 -50.50 30.65
C LEU LA 43 -42.12 -50.79 32.04
N GLY LA 44 -43.14 -50.04 32.45
CA GLY LA 44 -43.79 -50.33 33.70
C GLY LA 44 -44.43 -51.71 33.71
N ASN LA 45 -45.04 -52.09 32.59
CA ASN LA 45 -45.63 -53.43 32.48
C ASN LA 45 -44.55 -54.51 32.64
N ALA LA 46 -43.39 -54.30 32.02
CA ALA LA 46 -42.31 -55.29 32.15
C ALA LA 46 -41.86 -55.40 33.60
N TYR LA 47 -41.59 -54.27 34.26
CA TYR LA 47 -41.19 -54.33 35.65
C TYR LA 47 -42.28 -54.96 36.51
N THR LA 48 -43.55 -54.77 36.14
CA THR LA 48 -44.65 -55.38 36.88
C THR LA 48 -44.61 -56.90 36.75
N LYS LA 49 -44.45 -57.40 35.53
CA LYS LA 49 -44.32 -58.84 35.35
C LYS LA 49 -43.13 -59.38 36.12
N GLN LA 50 -42.05 -58.61 36.21
CA GLN LA 50 -40.92 -59.01 37.03
C GLN LA 50 -41.24 -59.03 38.52
N GLY LA 51 -42.34 -58.39 38.92
CA GLY LA 51 -42.65 -58.26 40.33
C GLY LA 51 -41.96 -57.11 41.03
N ASP LA 52 -41.21 -56.27 40.31
CA ASP LA 52 -40.57 -55.10 40.90
C ASP LA 52 -41.55 -53.93 40.95
N TYR LA 53 -42.68 -54.14 41.65
CA TYR LA 53 -43.76 -53.16 41.61
C TYR LA 53 -43.30 -51.78 42.07
N ASP LA 54 -42.47 -51.72 43.12
CA ASP LA 54 -42.03 -50.44 43.63
C ASP LA 54 -41.37 -49.59 42.55
N GLU LA 55 -40.69 -50.24 41.60
CA GLU LA 55 -40.06 -49.50 40.51
C GLU LA 55 -41.01 -49.30 39.32
N ALA LA 56 -41.93 -50.24 39.09
CA ALA LA 56 -42.92 -50.03 38.04
C ALA LA 56 -43.76 -48.79 38.32
N ILE LA 57 -43.97 -48.49 39.60
CA ILE LA 57 -44.71 -47.27 39.98
C ILE LA 57 -44.07 -46.04 39.32
N GLU LA 58 -42.74 -45.96 39.41
CA GLU LA 58 -42.04 -44.75 38.97
C GLU LA 58 -42.25 -44.49 37.48
N TYR LA 59 -42.38 -45.54 36.68
CA TYR LA 59 -42.58 -45.36 35.25
C TYR LA 59 -44.04 -45.21 34.88
N TYR LA 60 -44.95 -45.88 35.60
CA TYR LA 60 -46.36 -45.64 35.38
C TYR LA 60 -46.71 -44.18 35.65
N LEU LA 61 -46.09 -43.59 36.67
CA LEU LA 61 -46.35 -42.18 36.98
C LEU LA 61 -45.95 -41.27 35.81
N ARG LA 62 -44.77 -41.51 35.25
CA ARG LA 62 -44.35 -40.72 34.09
C ARG LA 62 -45.28 -40.94 32.91
N ALA LA 63 -45.76 -42.18 32.75
CA ALA LA 63 -46.72 -42.46 31.68
C ALA LA 63 -47.97 -41.62 31.84
N LEU LA 64 -48.49 -41.54 33.06
CA LEU LA 64 -49.70 -40.75 33.29
C LEU LA 64 -49.43 -39.26 33.15
N VAL LA 65 -48.25 -38.79 33.56
CA VAL LA 65 -47.93 -37.37 33.37
C VAL LA 65 -47.93 -37.02 31.90
N LEU LA 66 -47.32 -37.88 31.07
CA LEU LA 66 -47.23 -37.60 29.64
C LEU LA 66 -48.57 -37.79 28.93
N ASP LA 67 -49.50 -38.53 29.53
CA ASP LA 67 -50.83 -38.71 28.96
C ASP LA 67 -51.79 -39.08 30.08
N PRO LA 68 -52.56 -38.13 30.61
CA PRO LA 68 -53.47 -38.45 31.72
C PRO LA 68 -54.71 -39.24 31.30
N ASN LA 69 -54.93 -39.47 30.00
CA ASN LA 69 -56.10 -40.21 29.55
C ASN LA 69 -55.90 -41.72 29.57
N ASN LA 70 -54.69 -42.21 29.83
CA ASN LA 70 -54.36 -43.62 29.67
C ASN LA 70 -54.99 -44.41 30.82
N ALA LA 71 -56.20 -44.93 30.57
CA ALA LA 71 -56.91 -45.68 31.61
C ALA LA 71 -56.19 -46.96 31.98
N GLU LA 72 -55.62 -47.66 31.00
CA GLU LA 72 -54.92 -48.91 31.28
C GLU LA 72 -53.71 -48.67 32.17
N ALA LA 73 -52.94 -47.61 31.88
CA ALA LA 73 -51.81 -47.26 32.72
C ALA LA 73 -52.27 -46.95 34.14
N ALA LA 74 -53.42 -46.26 34.27
CA ALA LA 74 -53.96 -45.98 35.59
C ALA LA 74 -54.31 -47.27 36.33
N THR LA 75 -54.92 -48.23 35.62
CA THR LA 75 -55.27 -49.51 36.25
C THR LA 75 -54.02 -50.23 36.75
N ASN LA 76 -52.99 -50.31 35.90
CA ASN LA 76 -51.77 -50.98 36.31
C ASN LA 76 -51.10 -50.26 37.47
N LEU LA 77 -51.10 -48.92 37.44
CA LEU LA 77 -50.57 -48.15 38.56
C LEU LA 77 -51.32 -48.45 39.84
N GLY LA 78 -52.65 -48.53 39.77
CA GLY LA 78 -53.43 -48.86 40.95
C GLY LA 78 -53.08 -50.23 41.49
N GLN LA 79 -52.94 -51.21 40.60
CA GLN LA 79 -52.56 -52.55 41.05
C GLN LA 79 -51.18 -52.55 41.69
N ALA LA 80 -50.22 -51.83 41.10
CA ALA LA 80 -48.88 -51.76 41.66
C ALA LA 80 -48.87 -51.07 43.01
N TYR LA 81 -49.76 -50.11 43.23
CA TYR LA 81 -49.92 -49.55 44.56
C TYR LA 81 -50.56 -50.55 45.52
N MET LA 82 -51.53 -51.33 45.02
CA MET LA 82 -52.26 -52.25 45.87
C MET LA 82 -51.34 -53.34 46.41
N ASN LA 83 -50.53 -53.93 45.54
CA ASN LA 83 -49.60 -54.95 46.01
C ASN LA 83 -48.41 -54.36 46.76
N GLN LA 84 -48.23 -53.03 46.71
CA GLN LA 84 -47.31 -52.36 47.61
C GLN LA 84 -47.95 -52.02 48.96
N GLY LA 85 -49.25 -52.27 49.12
CA GLY LA 85 -49.95 -52.01 50.36
C GLY LA 85 -50.55 -50.63 50.50
N ASP LA 86 -50.34 -49.74 49.52
CA ASP LA 86 -50.94 -48.41 49.55
C ASP LA 86 -52.37 -48.45 48.99
N LYS LA 87 -53.24 -49.10 49.76
CA LYS LA 87 -54.61 -49.31 49.27
C LYS LA 87 -55.32 -48.00 48.97
N ASP LA 88 -54.97 -46.93 49.67
CA ASP LA 88 -55.58 -45.63 49.37
C ASP LA 88 -55.19 -45.15 47.97
N ARG LA 89 -53.89 -45.13 47.68
CA ARG LA 89 -53.43 -44.68 46.37
C ARG LA 89 -53.91 -45.63 45.28
N ALA LA 90 -53.87 -46.94 45.56
CA ALA LA 90 -54.35 -47.92 44.60
C ALA LA 90 -55.82 -47.70 44.27
N LYS LA 91 -56.64 -47.49 45.31
CA LYS LA 91 -58.06 -47.23 45.10
C LYS LA 91 -58.25 -45.96 44.30
N LEU LA 92 -57.50 -44.90 44.62
CA LEU LA 92 -57.62 -43.66 43.88
C LEU LA 92 -57.34 -43.87 42.40
N MET LA 93 -56.26 -44.58 42.09
CA MET LA 93 -55.89 -44.76 40.69
C MET LA 93 -56.83 -45.72 39.96
N LEU LA 94 -57.35 -46.74 40.65
CA LEU LA 94 -58.32 -47.63 40.00
C LEU LA 94 -59.62 -46.88 39.70
N LEU LA 95 -60.09 -46.08 40.66
CA LEU LA 95 -61.27 -45.26 40.40
C LEU LA 95 -61.00 -44.28 39.27
N LEU LA 96 -59.78 -43.74 39.21
CA LEU LA 96 -59.39 -42.90 38.09
C LEU LA 96 -59.50 -43.66 36.76
N ALA LA 97 -59.04 -44.91 36.75
CA ALA LA 97 -59.13 -45.72 35.54
C ALA LA 97 -60.58 -45.89 35.12
N LEU LA 98 -61.46 -46.17 36.08
CA LEU LA 98 -62.88 -46.31 35.75
C LEU LA 98 -63.47 -45.00 35.25
N LYS LA 99 -63.06 -43.88 35.85
CA LYS LA 99 -63.56 -42.58 35.41
C LYS LA 99 -63.13 -42.26 33.99
N LEU LA 100 -61.89 -42.59 33.65
CA LEU LA 100 -61.35 -42.30 32.33
C LEU LA 100 -62.06 -43.15 31.28
N ASP MA 1 23.04 -32.82 4.83
CA ASP MA 1 21.96 -33.75 5.27
C ASP MA 1 22.55 -35.09 5.71
N VAL MA 2 21.99 -35.64 6.78
CA VAL MA 2 22.57 -36.80 7.46
C VAL MA 2 22.58 -38.06 6.60
N SER MA 3 21.77 -38.09 5.53
CA SER MA 3 21.72 -39.27 4.68
C SER MA 3 23.11 -39.69 4.21
N ALA MA 4 23.98 -38.70 3.96
CA ALA MA 4 25.31 -38.98 3.45
C ALA MA 4 26.08 -39.91 4.38
N LEU MA 5 25.77 -39.88 5.68
CA LEU MA 5 26.38 -40.77 6.66
C LEU MA 5 25.49 -41.97 6.96
N ALA MA 6 24.18 -41.80 6.87
CA ALA MA 6 23.27 -42.92 7.04
C ALA MA 6 23.63 -44.05 6.08
N TYR MA 7 24.02 -43.70 4.86
CA TYR MA 7 24.42 -44.74 3.91
C TYR MA 7 25.68 -45.47 4.37
N VAL MA 8 26.64 -44.75 4.97
CA VAL MA 8 27.81 -45.42 5.52
C VAL MA 8 27.39 -46.40 6.60
N MET MA 9 26.46 -45.99 7.45
CA MET MA 9 25.99 -46.88 8.51
C MET MA 9 25.33 -48.12 7.92
N LEU MA 10 24.52 -47.94 6.88
CA LEU MA 10 23.88 -49.08 6.24
C LEU MA 10 24.92 -50.04 5.68
N GLY MA 11 25.95 -49.50 5.05
CA GLY MA 11 27.00 -50.36 4.52
C GLY MA 11 27.71 -51.12 5.62
N LEU MA 12 27.99 -50.46 6.74
CA LEU MA 12 28.64 -51.13 7.85
C LEU MA 12 27.79 -52.27 8.36
N LEU MA 13 26.49 -52.02 8.54
CA LEU MA 13 25.61 -53.07 9.02
C LEU MA 13 25.61 -54.26 8.07
N LEU MA 14 25.45 -53.99 6.77
CA LEU MA 14 25.42 -55.09 5.81
C LEU MA 14 26.73 -55.88 5.83
N SER MA 15 27.86 -55.19 6.00
CA SER MA 15 29.13 -55.91 6.13
C SER MA 15 29.14 -56.75 7.40
N LEU MA 16 28.49 -56.27 8.45
CA LEU MA 16 28.49 -56.98 9.72
C LEU MA 16 27.64 -58.26 9.64
N LEU MA 17 26.63 -58.28 8.77
CA LEU MA 17 25.85 -59.48 8.51
C LEU MA 17 26.52 -60.45 7.56
N ASN MA 18 27.65 -60.07 6.96
CA ASN MA 18 28.35 -60.85 5.94
C ASN MA 18 27.64 -60.80 4.59
N ARG MA 19 26.81 -59.79 4.35
CA ARG MA 19 26.30 -59.48 3.02
C ARG MA 19 27.13 -58.38 2.36
N LEU MA 20 28.42 -58.67 2.19
CA LEU MA 20 29.36 -57.69 1.68
C LEU MA 20 28.90 -57.07 0.36
N SER MA 21 28.36 -57.90 -0.54
CA SER MA 21 28.07 -57.45 -1.90
C SER MA 21 27.04 -56.33 -1.95
N LEU MA 22 26.14 -56.26 -0.96
CA LEU MA 22 25.25 -55.11 -0.85
C LEU MA 22 25.92 -53.93 -0.15
N ALA MA 23 26.84 -54.23 0.78
CA ALA MA 23 27.55 -53.18 1.49
C ALA MA 23 28.35 -52.33 0.52
N ALA MA 24 28.97 -52.95 -0.49
CA ALA MA 24 29.72 -52.17 -1.47
C ALA MA 24 28.82 -51.15 -2.16
N GLU MA 25 27.62 -51.55 -2.55
CA GLU MA 25 26.69 -50.62 -3.20
C GLU MA 25 26.27 -49.51 -2.25
N ALA MA 26 26.03 -49.86 -0.98
CA ALA MA 26 25.66 -48.83 -0.01
C ALA MA 26 26.78 -47.80 0.12
N TYR MA 27 28.03 -48.27 0.21
CA TYR MA 27 29.16 -47.35 0.28
C TYR MA 27 29.24 -46.48 -0.97
N LYS MA 28 28.98 -47.08 -2.13
CA LYS MA 28 29.07 -46.31 -3.37
C LYS MA 28 28.04 -45.18 -3.41
N LYS MA 29 26.82 -45.46 -2.97
CA LYS MA 29 25.83 -44.38 -2.91
C LYS MA 29 26.26 -43.33 -1.91
N ALA MA 30 26.81 -43.75 -0.76
CA ALA MA 30 27.32 -42.79 0.20
C ALA MA 30 28.37 -41.88 -0.44
N ILE MA 31 29.30 -42.48 -1.17
CA ILE MA 31 30.34 -41.71 -1.85
C ILE MA 31 29.73 -40.72 -2.83
N GLU MA 32 28.77 -41.18 -3.64
CA GLU MA 32 28.17 -40.29 -4.61
C GLU MA 32 27.41 -39.16 -3.93
N LEU MA 33 27.02 -39.33 -2.67
CA LEU MA 33 26.45 -38.20 -1.94
C LEU MA 33 27.52 -37.26 -1.40
N ASP MA 34 28.73 -37.76 -1.17
CA ASP MA 34 29.80 -36.95 -0.59
C ASP MA 34 31.15 -37.54 -0.96
N PRO MA 35 31.72 -37.18 -2.11
CA PRO MA 35 32.95 -37.85 -2.58
C PRO MA 35 34.16 -37.64 -1.69
N ASN MA 36 34.18 -36.61 -0.85
CA ASN MA 36 35.36 -36.29 -0.05
C ASN MA 36 35.44 -37.08 1.26
N ASP MA 37 34.47 -37.94 1.56
CA ASP MA 37 34.47 -38.71 2.80
C ASP MA 37 35.56 -39.77 2.75
N ALA MA 38 36.58 -39.62 3.60
CA ALA MA 38 37.68 -40.58 3.63
C ALA MA 38 37.28 -41.91 4.23
N LEU MA 39 36.36 -41.91 5.19
CA LEU MA 39 35.96 -43.12 5.88
C LEU MA 39 35.16 -44.05 4.96
N ALA MA 40 34.29 -43.47 4.15
CA ALA MA 40 33.57 -44.25 3.15
C ALA MA 40 34.55 -44.97 2.23
N TRP MA 41 35.52 -44.22 1.70
CA TRP MA 41 36.48 -44.81 0.77
C TRP MA 41 37.27 -45.93 1.44
N LEU MA 42 37.72 -45.69 2.68
CA LEU MA 42 38.53 -46.71 3.34
C LEU MA 42 37.72 -47.99 3.58
N LEU MA 43 36.50 -47.85 4.10
CA LEU MA 43 35.69 -49.04 4.36
C LEU MA 43 35.34 -49.75 3.06
N LEU MA 44 35.02 -48.99 2.01
CA LEU MA 44 34.76 -49.61 0.72
C LEU MA 44 35.97 -50.37 0.21
N GLY MA 45 37.17 -49.82 0.43
CA GLY MA 45 38.37 -50.51 0.04
C GLY MA 45 38.49 -51.85 0.74
N SER MA 46 38.27 -51.87 2.06
CA SER MA 46 38.42 -53.13 2.77
C SER MA 46 37.27 -54.09 2.53
N VAL MA 47 36.13 -53.61 2.01
CA VAL MA 47 35.06 -54.52 1.61
C VAL MA 47 35.38 -55.17 0.27
N LEU MA 48 35.73 -54.34 -0.73
CA LEU MA 48 36.14 -54.89 -2.02
C LEU MA 48 37.33 -55.82 -1.85
N GLU MA 49 38.18 -55.57 -0.85
CA GLU MA 49 39.29 -56.46 -0.59
C GLU MA 49 38.80 -57.89 -0.33
N LYS MA 50 37.78 -58.04 0.51
CA LYS MA 50 37.30 -59.37 0.86
C LYS MA 50 36.32 -59.94 -0.15
N LEU MA 51 35.76 -59.11 -1.03
CA LEU MA 51 35.13 -59.69 -2.21
C LEU MA 51 36.16 -60.19 -3.22
N LYS MA 52 37.44 -59.98 -2.94
CA LYS MA 52 38.54 -60.47 -3.77
C LYS MA 52 38.57 -59.82 -5.14
N ARG MA 53 37.99 -58.62 -5.27
CA ARG MA 53 38.22 -57.75 -6.43
C ARG MA 53 39.46 -56.90 -6.21
N LEU MA 54 40.62 -57.53 -6.06
CA LEU MA 54 41.79 -56.87 -5.48
C LEU MA 54 42.09 -55.53 -6.15
N ASP MA 55 42.19 -55.52 -7.48
CA ASP MA 55 42.62 -54.30 -8.15
C ASP MA 55 41.58 -53.20 -8.07
N GLU MA 56 40.30 -53.56 -7.95
CA GLU MA 56 39.27 -52.54 -7.72
C GLU MA 56 39.39 -51.97 -6.31
N ALA MA 57 39.85 -52.76 -5.35
CA ALA MA 57 40.01 -52.29 -3.98
C ALA MA 57 41.24 -51.40 -3.85
N ALA MA 58 42.31 -51.69 -4.60
CA ALA MA 58 43.53 -50.89 -4.50
C ALA MA 58 43.25 -49.43 -4.82
N GLU MA 59 42.43 -49.16 -5.84
CA GLU MA 59 42.13 -47.78 -6.20
C GLU MA 59 41.36 -47.07 -5.09
N ALA MA 60 40.41 -47.75 -4.46
CA ALA MA 60 39.68 -47.15 -3.36
C ALA MA 60 40.63 -46.83 -2.21
N TYR MA 61 41.54 -47.75 -1.89
CA TYR MA 61 42.52 -47.47 -0.84
C TYR MA 61 43.37 -46.26 -1.19
N LYS MA 62 43.82 -46.18 -2.44
CA LYS MA 62 44.66 -45.07 -2.85
C LYS MA 62 43.90 -43.74 -2.78
N LYS MA 63 42.65 -43.73 -3.20
CA LYS MA 63 41.87 -42.49 -3.09
C LYS MA 63 41.67 -42.09 -1.64
N ALA MA 64 41.44 -43.06 -0.76
CA ALA MA 64 41.32 -42.75 0.65
C ALA MA 64 42.61 -42.15 1.19
N ILE MA 65 43.75 -42.74 0.83
CA ILE MA 65 45.04 -42.21 1.27
C ILE MA 65 45.24 -40.80 0.74
N GLU MA 66 44.82 -40.54 -0.51
CA GLU MA 66 44.92 -39.20 -1.05
C GLU MA 66 44.06 -38.22 -0.25
N LEU MA 67 42.91 -38.68 0.23
CA LEU MA 67 41.98 -37.77 0.91
C LEU MA 67 42.39 -37.46 2.34
N LYS MA 68 43.20 -38.29 2.99
CA LYS MA 68 43.75 -37.98 4.31
C LYS MA 68 45.16 -38.54 4.41
N PRO MA 69 46.18 -37.72 4.14
CA PRO MA 69 47.55 -38.24 4.17
C PRO MA 69 47.98 -38.62 5.58
N ASN MA 70 49.06 -39.38 5.65
CA ASN MA 70 49.72 -39.81 6.89
C ASN MA 70 48.93 -40.87 7.65
N ASP MA 71 47.91 -41.46 7.04
CA ASP MA 71 47.06 -42.46 7.69
C ASP MA 71 47.81 -43.79 7.69
N ALA MA 72 48.57 -44.03 8.76
CA ALA MA 72 49.49 -45.16 8.79
C ALA MA 72 48.80 -46.50 8.62
N SER MA 73 47.51 -46.60 8.93
CA SER MA 73 46.77 -47.85 8.74
C SER MA 73 46.40 -48.06 7.29
N ALA MA 74 45.92 -46.99 6.62
CA ALA MA 74 45.52 -47.10 5.22
C ALA MA 74 46.69 -47.52 4.35
N TRP MA 75 47.90 -47.03 4.64
CA TRP MA 75 49.05 -47.40 3.84
C TRP MA 75 49.34 -48.90 3.93
N LYS MA 76 49.28 -49.46 5.14
CA LYS MA 76 49.50 -50.90 5.29
C LYS MA 76 48.39 -51.70 4.60
N GLU MA 77 47.15 -51.25 4.74
CA GLU MA 77 46.04 -51.99 4.12
C GLU MA 77 46.12 -51.92 2.60
N LEU MA 78 46.68 -50.84 2.05
CA LEU MA 78 46.96 -50.80 0.62
C LEU MA 78 48.14 -51.70 0.27
N GLY MA 79 49.14 -51.76 1.14
CA GLY MA 79 50.27 -52.63 0.88
C GLY MA 79 49.87 -54.09 0.79
N LYS MA 80 48.92 -54.51 1.63
CA LYS MA 80 48.46 -55.90 1.56
C LYS MA 80 47.83 -56.19 0.20
N VAL MA 81 46.97 -55.29 -0.27
CA VAL MA 81 46.31 -55.48 -1.56
C VAL MA 81 47.35 -55.52 -2.68
N LEU MA 82 48.30 -54.57 -2.65
CA LEU MA 82 49.33 -54.55 -3.67
C LEU MA 82 50.16 -55.82 -3.65
N GLU MA 83 50.49 -56.32 -2.46
CA GLU MA 83 51.26 -57.55 -2.35
C GLU MA 83 50.49 -58.72 -2.95
N LYS MA 84 49.18 -58.79 -2.69
CA LYS MA 84 48.37 -59.86 -3.28
C LYS MA 84 48.34 -59.73 -4.80
N LEU MA 85 48.32 -58.50 -5.32
CA LEU MA 85 48.34 -58.30 -6.76
C LEU MA 85 49.71 -58.55 -7.37
N GLY MA 86 50.75 -58.72 -6.56
CA GLY MA 86 52.07 -59.02 -7.07
C GLY MA 86 52.87 -57.83 -7.58
N ARG MA 87 52.34 -56.61 -7.45
CA ARG MA 87 53.08 -55.41 -7.81
C ARG MA 87 54.03 -55.04 -6.66
N LEU MA 88 55.00 -55.93 -6.46
CA LEU MA 88 55.77 -55.94 -5.22
C LEU MA 88 56.56 -54.65 -5.00
N ASP MA 89 56.93 -53.95 -6.07
CA ASP MA 89 57.66 -52.70 -5.89
C ASP MA 89 56.79 -51.65 -5.21
N GLU MA 90 55.56 -51.48 -5.71
CA GLU MA 90 54.65 -50.54 -5.07
C GLU MA 90 54.29 -50.98 -3.66
N ALA MA 91 54.20 -52.29 -3.42
CA ALA MA 91 53.95 -52.78 -2.06
C ALA MA 91 55.10 -52.42 -1.13
N ALA MA 92 56.34 -52.58 -1.61
CA ALA MA 92 57.49 -52.18 -0.80
C ALA MA 92 57.46 -50.69 -0.54
N GLU MA 93 57.09 -49.90 -1.54
CA GLU MA 93 56.97 -48.45 -1.34
C GLU MA 93 55.93 -48.14 -0.26
N ALA MA 94 54.78 -48.82 -0.32
CA ALA MA 94 53.74 -48.57 0.67
C ALA MA 94 54.20 -48.93 2.09
N TYR MA 95 54.83 -50.09 2.25
CA TYR MA 95 55.28 -50.48 3.58
C TYR MA 95 56.40 -49.56 4.07
N LEU MA 96 57.25 -49.10 3.15
CA LEU MA 96 58.26 -48.12 3.53
C LEU MA 96 57.62 -46.82 4.01
N ILE MA 97 56.58 -46.35 3.30
CA ILE MA 97 55.85 -45.17 3.76
C ILE MA 97 55.28 -45.42 5.14
N ALA MA 98 54.77 -46.63 5.38
CA ALA MA 98 54.26 -46.96 6.71
C ALA MA 98 55.36 -46.83 7.76
N ILE MA 99 56.57 -47.29 7.43
CA ILE MA 99 57.69 -47.15 8.35
C ILE MA 99 58.00 -45.67 8.60
N MET MA 100 58.00 -44.87 7.53
CA MET MA 100 58.34 -43.46 7.68
C MET MA 100 57.32 -42.74 8.55
N LEU MA 101 56.04 -43.06 8.38
CA LEU MA 101 54.99 -42.40 9.16
C LEU MA 101 55.02 -42.84 10.61
N ASP MA 102 55.39 -44.09 10.88
CA ASP MA 102 55.46 -44.62 12.24
C ASP MA 102 56.65 -45.57 12.31
N PRO MA 103 57.82 -45.11 12.75
CA PRO MA 103 59.01 -45.98 12.76
C PRO MA 103 58.97 -47.08 13.81
N GLU MA 104 57.94 -47.11 14.67
CA GLU MA 104 57.87 -48.07 15.76
C GLU MA 104 56.86 -49.18 15.51
N ASP MA 105 56.27 -49.26 14.32
CA ASP MA 105 55.27 -50.30 14.00
C ASP MA 105 56.01 -51.58 13.62
N ALA MA 106 55.96 -52.58 14.52
CA ALA MA 106 56.63 -53.85 14.25
C ALA MA 106 55.99 -54.60 13.09
N GLU MA 107 54.66 -54.54 12.97
CA GLU MA 107 53.98 -55.25 11.89
C GLU MA 107 54.41 -54.71 10.54
N ALA MA 108 54.56 -53.38 10.42
CA ALA MA 108 55.01 -52.79 9.18
C ALA MA 108 56.39 -53.33 8.80
N ALA MA 109 57.30 -53.40 9.77
CA ALA MA 109 58.63 -53.95 9.48
C ALA MA 109 58.56 -55.40 9.07
N LYS MA 110 57.73 -56.20 9.75
CA LYS MA 110 57.60 -57.61 9.41
C LYS MA 110 57.14 -57.79 7.97
N GLU MA 111 56.06 -57.09 7.59
CA GLU MA 111 55.53 -57.28 6.25
C GLU MA 111 56.42 -56.62 5.19
N LEU MA 112 57.15 -55.56 5.57
CA LEU MA 112 58.14 -55.01 4.66
C LEU MA 112 59.25 -56.01 4.40
N GLY MA 113 59.68 -56.73 5.44
CA GLY MA 113 60.63 -57.81 5.24
C GLY MA 113 60.10 -58.88 4.30
N LYS MA 114 58.83 -59.27 4.50
CA LYS MA 114 58.22 -60.25 3.61
C LYS MA 114 58.24 -59.77 2.16
N VAL MA 115 57.82 -58.53 1.94
CA VAL MA 115 57.73 -57.99 0.58
C VAL MA 115 59.11 -57.85 -0.03
N LEU MA 116 60.10 -57.41 0.75
CA LEU MA 116 61.46 -57.29 0.23
C LEU MA 116 62.04 -58.64 -0.12
N GLU MA 117 61.77 -59.66 0.72
CA GLU MA 117 62.23 -61.01 0.41
C GLU MA 117 61.63 -61.50 -0.90
N LYS MA 118 60.33 -61.28 -1.09
CA LYS MA 118 59.70 -61.63 -2.36
C LYS MA 118 60.33 -60.83 -3.50
N LEU MA 119 60.66 -59.56 -3.26
CA LEU MA 119 61.20 -58.67 -4.28
C LEU MA 119 62.68 -58.92 -4.56
N GLY MA 120 63.35 -59.72 -3.73
CA GLY MA 120 64.73 -60.07 -3.97
C GLY MA 120 65.77 -59.20 -3.28
N GLU MA 121 65.34 -58.26 -2.44
CA GLU MA 121 66.28 -57.49 -1.62
C GLU MA 121 66.60 -58.22 -0.31
N LEU MA 122 67.27 -59.37 -0.44
CA LEU MA 122 67.42 -60.28 0.69
C LEU MA 122 68.04 -59.60 1.90
N GLU MA 123 69.10 -58.82 1.70
CA GLU MA 123 69.76 -58.16 2.82
C GLU MA 123 68.80 -57.18 3.51
N MET MA 124 68.14 -56.34 2.73
CA MET MA 124 67.20 -55.39 3.30
C MET MA 124 66.01 -56.09 3.94
N ALA MA 125 65.55 -57.20 3.35
CA ALA MA 125 64.46 -57.96 3.95
C ALA MA 125 64.87 -58.51 5.32
N GLU MA 126 66.08 -59.07 5.40
CA GLU MA 126 66.57 -59.55 6.69
C GLU MA 126 66.69 -58.41 7.69
N GLU MA 127 67.17 -57.25 7.24
CA GLU MA 127 67.26 -56.10 8.15
C GLU MA 127 65.88 -55.70 8.67
N ALA MA 128 64.88 -55.68 7.78
CA ALA MA 128 63.53 -55.32 8.20
C ALA MA 128 62.95 -56.35 9.16
N TYR MA 129 63.19 -57.64 8.90
CA TYR MA 129 62.72 -58.67 9.81
C TYR MA 129 63.36 -58.53 11.18
N LYS MA 130 64.67 -58.27 11.22
CA LYS MA 130 65.34 -58.03 12.49
C LYS MA 130 64.77 -56.82 13.21
N LEU MA 131 64.52 -55.74 12.47
CA LEU MA 131 63.92 -54.55 13.07
C LEU MA 131 62.56 -54.85 13.67
N ALA MA 132 61.73 -55.61 12.94
CA ALA MA 132 60.43 -55.99 13.44
C ALA MA 132 60.55 -56.83 14.72
N ILE MA 133 61.49 -57.77 14.73
CA ILE MA 133 61.67 -58.62 15.90
C ILE MA 133 62.11 -57.78 17.09
N LYS MA 134 63.04 -56.85 16.88
CA LYS MA 134 63.54 -56.05 17.99
C LYS MA 134 62.49 -55.07 18.49
N LEU MA 135 61.64 -54.54 17.60
CA LEU MA 135 60.62 -53.59 18.01
C LEU MA 135 59.64 -54.24 18.97
N ASP MA 136 59.11 -55.40 18.60
CA ASP MA 136 58.11 -56.12 19.40
C ASP MA 136 58.60 -57.55 19.62
N PRO MA 137 59.41 -57.78 20.65
CA PRO MA 137 59.76 -59.16 21.00
C PRO MA 137 58.55 -59.99 21.43
N ASN MA 138 57.48 -59.34 21.87
CA ASN MA 138 56.27 -60.06 22.25
C ASN MA 138 55.39 -60.43 21.05
N ASP MA 139 55.71 -59.94 19.86
CA ASP MA 139 54.94 -60.27 18.66
C ASP MA 139 55.10 -61.73 18.28
N GLU NA 1 21.34 -41.30 -34.40
CA GLU NA 1 20.10 -40.68 -34.96
C GLU NA 1 19.60 -41.50 -36.15
N GLU NA 2 18.32 -41.37 -36.46
CA GLU NA 2 17.72 -42.15 -37.54
C GLU NA 2 18.34 -41.85 -38.89
N ALA NA 3 19.17 -40.80 -38.99
CA ALA NA 3 19.94 -40.60 -40.21
C ALA NA 3 20.73 -41.85 -40.56
N GLU NA 4 21.29 -42.52 -39.54
CA GLU NA 4 22.02 -43.75 -39.80
C GLU NA 4 21.09 -44.86 -40.28
N LEU NA 5 19.85 -44.90 -39.78
CA LEU NA 5 18.91 -45.88 -40.28
C LEU NA 5 18.61 -45.65 -41.76
N ALA NA 6 18.39 -44.39 -42.13
CA ALA NA 6 18.15 -44.08 -43.54
C ALA NA 6 19.37 -44.45 -44.39
N TYR NA 7 20.57 -44.15 -43.88
CA TYR NA 7 21.77 -44.50 -44.62
C TYR NA 7 21.90 -46.01 -44.78
N LEU NA 8 21.58 -46.77 -43.73
CA LEU NA 8 21.63 -48.22 -43.83
C LEU NA 8 20.64 -48.73 -44.87
N LEU NA 9 19.42 -48.16 -44.88
CA LEU NA 9 18.47 -48.53 -45.91
C LEU NA 9 19.05 -48.25 -47.29
N GLY NA 10 19.69 -47.09 -47.45
CA GLY NA 10 20.30 -46.78 -48.73
C GLY NA 10 21.36 -47.78 -49.12
N GLU NA 11 22.23 -48.15 -48.17
CA GLU NA 11 23.29 -49.10 -48.48
C GLU NA 11 22.71 -50.46 -48.86
N LEU NA 12 21.71 -50.93 -48.11
CA LEU NA 12 21.08 -52.20 -48.43
C LEU NA 12 20.44 -52.17 -49.81
N ALA NA 13 19.75 -51.07 -50.14
CA ALA NA 13 19.14 -50.96 -51.46
C ALA NA 13 20.20 -50.97 -52.56
N TYR NA 14 21.30 -50.23 -52.36
CA TYR NA 14 22.34 -50.17 -53.38
C TYR NA 14 22.97 -51.54 -53.59
N LYS NA 15 23.34 -52.21 -52.50
CA LYS NA 15 24.02 -53.49 -52.63
C LYS NA 15 23.14 -54.54 -53.31
N LEU NA 16 21.82 -54.43 -53.17
CA LEU NA 16 20.89 -55.35 -53.82
C LEU NA 16 20.43 -54.84 -55.18
N GLY NA 17 21.01 -53.76 -55.69
CA GLY NA 17 20.74 -53.31 -57.04
C GLY NA 17 19.49 -52.47 -57.21
N GLU NA 18 18.85 -52.02 -56.13
CA GLU NA 18 17.70 -51.12 -56.22
C GLU NA 18 18.16 -49.67 -56.16
N TYR NA 19 18.95 -49.28 -57.17
CA TYR NA 19 19.52 -47.93 -57.20
C TYR NA 19 18.43 -46.87 -57.11
N ARG NA 20 17.30 -47.10 -57.78
CA ARG NA 20 16.25 -46.11 -57.86
C ARG NA 20 15.78 -45.70 -56.47
N ILE NA 21 15.73 -46.64 -55.54
CA ILE NA 21 15.30 -46.33 -54.18
C ILE NA 21 16.49 -45.95 -53.29
N ALA NA 22 17.68 -46.46 -53.62
CA ALA NA 22 18.88 -46.04 -52.89
C ALA NA 22 19.05 -44.53 -52.96
N ILE NA 23 18.76 -43.94 -54.12
CA ILE NA 23 18.86 -42.48 -54.24
C ILE NA 23 17.97 -41.79 -53.21
N ARG NA 24 16.70 -42.19 -53.16
CA ARG NA 24 15.77 -41.54 -52.22
C ARG NA 24 16.21 -41.75 -50.77
N ALA NA 25 16.65 -42.97 -50.43
CA ALA NA 25 17.08 -43.22 -49.06
C ALA NA 25 18.27 -42.35 -48.68
N TYR NA 26 19.28 -42.31 -49.55
CA TYR NA 26 20.46 -41.49 -49.26
C TYR NA 26 20.06 -40.01 -49.15
N ARG NA 27 19.10 -39.57 -49.96
CA ARG NA 27 18.63 -38.19 -49.82
C ARG NA 27 17.99 -37.94 -48.46
N ILE NA 28 17.15 -38.86 -48.00
CA ILE NA 28 16.53 -38.70 -46.69
C ILE NA 28 17.60 -38.62 -45.63
N ALA NA 29 18.65 -39.42 -45.76
CA ALA NA 29 19.75 -39.37 -44.79
C ALA NA 29 20.49 -38.04 -44.86
N LEU NA 30 20.87 -37.63 -46.08
CA LEU NA 30 21.72 -36.46 -46.24
C LEU NA 30 21.05 -35.18 -45.79
N LYS NA 31 19.76 -35.01 -46.09
CA LYS NA 31 19.12 -33.75 -45.77
C LYS NA 31 19.09 -33.49 -44.28
N ARG NA 32 19.35 -34.50 -43.45
CA ARG NA 32 19.50 -34.34 -42.01
C ARG NA 32 20.94 -34.44 -41.52
N ASP NA 33 21.90 -34.69 -42.40
CA ASP NA 33 23.31 -34.84 -42.00
C ASP NA 33 24.20 -34.50 -43.19
N PRO NA 34 24.33 -33.21 -43.51
CA PRO NA 34 25.02 -32.82 -44.76
C PRO NA 34 26.52 -33.07 -44.76
N ASN NA 35 27.15 -33.24 -43.60
CA ASN NA 35 28.59 -33.42 -43.54
C ASN NA 35 29.04 -34.85 -43.84
N ASN NA 36 28.13 -35.74 -44.23
CA ASN NA 36 28.40 -37.18 -44.34
C ASN NA 36 29.05 -37.48 -45.69
N ALA NA 37 30.38 -37.60 -45.69
CA ALA NA 37 31.12 -37.84 -46.93
C ALA NA 37 30.70 -39.15 -47.58
N GLU NA 38 30.57 -40.21 -46.78
CA GLU NA 38 30.23 -41.52 -47.35
C GLU NA 38 28.88 -41.47 -48.04
N ALA NA 39 27.92 -40.77 -47.45
CA ALA NA 39 26.59 -40.66 -48.05
C ALA NA 39 26.65 -39.96 -49.40
N TRP NA 40 27.42 -38.87 -49.48
CA TRP NA 40 27.56 -38.17 -50.76
C TRP NA 40 28.20 -39.09 -51.80
N TYR NA 41 29.27 -39.79 -51.42
CA TYR NA 41 29.93 -40.68 -52.38
C TYR NA 41 28.99 -41.77 -52.86
N ASN NA 42 28.23 -42.37 -51.94
CA ASN NA 42 27.33 -43.45 -52.33
C ASN NA 42 26.20 -42.93 -53.22
N LEU NA 43 25.70 -41.72 -52.94
CA LEU NA 43 24.69 -41.14 -53.81
C LEU NA 43 25.25 -40.92 -55.21
N GLY NA 44 26.48 -40.41 -55.30
CA GLY NA 44 27.09 -40.25 -56.61
C GLY NA 44 27.26 -41.57 -57.32
N ASN NA 45 27.63 -42.61 -56.58
CA ASN NA 45 27.76 -43.94 -57.18
C ASN NA 45 26.42 -44.45 -57.68
N ALA NA 46 25.36 -44.23 -56.90
CA ALA NA 46 24.03 -44.66 -57.32
C ALA NA 46 23.62 -43.97 -58.61
N TYR NA 47 23.85 -42.66 -58.70
CA TYR NA 47 23.56 -41.97 -59.95
C TYR NA 47 24.45 -42.48 -61.08
N THR NA 48 25.69 -42.88 -60.77
CA THR NA 48 26.58 -43.39 -61.80
C THR NA 48 26.04 -44.68 -62.40
N LYS NA 49 25.68 -45.64 -61.54
CA LYS NA 49 25.07 -46.87 -62.05
C LYS NA 49 23.80 -46.56 -62.84
N GLN NA 50 23.04 -45.54 -62.40
CA GLN NA 50 21.85 -45.15 -63.13
C GLN NA 50 22.17 -44.52 -64.47
N GLY NA 51 23.39 -44.01 -64.65
CA GLY NA 51 23.76 -43.34 -65.88
C GLY NA 51 23.50 -41.85 -65.90
N ASP NA 52 23.19 -41.24 -64.76
CA ASP NA 52 22.97 -39.80 -64.67
C ASP NA 52 24.26 -39.08 -64.27
N TYR NA 53 25.18 -39.03 -65.22
CA TYR NA 53 26.57 -38.67 -64.90
C TYR NA 53 26.70 -37.24 -64.41
N ASP NA 54 25.80 -36.34 -64.81
CA ASP NA 54 25.88 -34.97 -64.32
C ASP NA 54 25.64 -34.91 -62.81
N GLU NA 55 24.56 -35.54 -62.35
CA GLU NA 55 24.31 -35.59 -60.91
C GLU NA 55 25.42 -36.33 -60.17
N ALA NA 56 25.92 -37.41 -60.77
CA ALA NA 56 27.00 -38.16 -60.15
C ALA NA 56 28.23 -37.26 -59.96
N ILE NA 57 28.56 -36.47 -60.99
CA ILE NA 57 29.67 -35.52 -60.87
C ILE NA 57 29.40 -34.52 -59.76
N GLU NA 58 28.19 -33.95 -59.75
CA GLU NA 58 27.88 -32.91 -58.78
C GLU NA 58 28.03 -33.42 -57.36
N TYR NA 59 27.65 -34.67 -57.11
CA TYR NA 59 27.72 -35.20 -55.75
C TYR NA 59 29.11 -35.75 -55.42
N TYR NA 60 29.82 -36.30 -56.42
CA TYR NA 60 31.19 -36.71 -56.21
C TYR NA 60 32.06 -35.52 -55.81
N LEU NA 61 31.84 -34.37 -56.44
CA LEU NA 61 32.59 -33.17 -56.07
C LEU NA 61 32.36 -32.81 -54.61
N ARG NA 62 31.10 -32.82 -54.17
CA ARG NA 62 30.80 -32.50 -52.78
C ARG NA 62 31.44 -33.52 -51.85
N ALA NA 63 31.47 -34.78 -52.25
CA ALA NA 63 32.15 -35.79 -51.44
C ALA NA 63 33.63 -35.50 -51.32
N LEU NA 64 34.28 -35.15 -52.44
CA LEU NA 64 35.72 -34.91 -52.42
C LEU NA 64 36.06 -33.68 -51.60
N VAL NA 65 35.24 -32.64 -51.66
CA VAL NA 65 35.49 -31.45 -50.84
C VAL NA 65 35.53 -31.83 -49.36
N LEU NA 66 34.60 -32.69 -48.93
CA LEU NA 66 34.53 -33.09 -47.54
C LEU NA 66 35.58 -34.13 -47.15
N ASP NA 67 36.22 -34.78 -48.13
CA ASP NA 67 37.19 -35.84 -47.86
C ASP NA 67 38.22 -35.84 -48.98
N PRO NA 68 39.19 -34.93 -48.92
CA PRO NA 68 40.12 -34.78 -50.05
C PRO NA 68 41.05 -35.97 -50.26
N ASN NA 69 41.13 -36.90 -49.31
CA ASN NA 69 41.95 -38.09 -49.46
C ASN NA 69 41.22 -39.25 -50.13
N ASN NA 70 39.95 -39.06 -50.50
CA ASN NA 70 39.11 -40.16 -50.98
C ASN NA 70 39.51 -40.52 -52.41
N ALA NA 71 40.45 -41.47 -52.52
CA ALA NA 71 40.92 -41.90 -53.83
C ALA NA 71 39.80 -42.57 -54.64
N GLU NA 72 38.94 -43.34 -53.98
CA GLU NA 72 37.85 -43.99 -54.69
C GLU NA 72 36.93 -42.97 -55.35
N ALA NA 73 36.55 -41.94 -54.59
CA ALA NA 73 35.70 -40.88 -55.15
C ALA NA 73 36.41 -40.18 -56.30
N ALA NA 74 37.72 -39.98 -56.19
CA ALA NA 74 38.47 -39.36 -57.28
C ALA NA 74 38.39 -40.22 -58.54
N THR NA 75 38.58 -41.53 -58.40
CA THR NA 75 38.50 -42.42 -59.55
C THR NA 75 37.11 -42.37 -60.17
N ASN NA 76 36.08 -42.43 -59.33
CA ASN NA 76 34.72 -42.39 -59.84
C ASN NA 76 34.44 -41.08 -60.57
N LEU NA 77 34.90 -39.96 -60.01
CA LEU NA 77 34.68 -38.67 -60.65
C LEU NA 77 35.42 -38.58 -61.98
N GLY NA 78 36.64 -39.11 -62.04
CA GLY NA 78 37.35 -39.14 -63.30
C GLY NA 78 36.61 -39.94 -64.36
N GLN NA 79 36.12 -41.12 -63.98
CA GLN NA 79 35.34 -41.93 -64.91
C GLN NA 79 34.08 -41.20 -65.35
N ALA NA 80 33.42 -40.51 -64.42
CA ALA NA 80 32.22 -39.75 -64.78
C ALA NA 80 32.54 -38.64 -65.77
N TYR NA 81 33.64 -37.92 -65.54
CA TYR NA 81 34.05 -36.87 -66.47
C TYR NA 81 34.35 -37.47 -67.84
N MET NA 82 34.99 -38.64 -67.86
CA MET NA 82 35.25 -39.31 -69.14
C MET NA 82 33.94 -39.67 -69.84
N ASN NA 83 32.95 -40.13 -69.07
CA ASN NA 83 31.64 -40.39 -69.64
C ASN NA 83 31.02 -39.13 -70.19
N GLN NA 84 31.28 -37.98 -69.57
CA GLN NA 84 30.83 -36.70 -70.08
C GLN NA 84 31.74 -36.14 -71.16
N GLY NA 85 32.82 -36.84 -71.50
CA GLY NA 85 33.72 -36.41 -72.56
C GLY NA 85 34.76 -35.39 -72.16
N ASP NA 86 34.79 -34.96 -70.90
CA ASP NA 86 35.83 -34.04 -70.42
C ASP NA 86 37.10 -34.83 -70.10
N LYS NA 87 37.74 -35.31 -71.17
CA LYS NA 87 38.93 -36.14 -71.00
C LYS NA 87 40.00 -35.41 -70.20
N ASP NA 88 40.05 -34.09 -70.28
CA ASP NA 88 41.04 -33.34 -69.50
C ASP NA 88 40.75 -33.46 -68.00
N ARG NA 89 39.52 -33.11 -67.59
CA ARG NA 89 39.16 -33.23 -66.18
C ARG NA 89 39.24 -34.68 -65.73
N ALA NA 90 38.82 -35.61 -66.60
CA ALA NA 90 38.89 -37.03 -66.26
C ALA NA 90 40.32 -37.45 -65.98
N LYS NA 91 41.25 -37.07 -66.86
CA LYS NA 91 42.66 -37.38 -66.63
C LYS NA 91 43.16 -36.74 -65.35
N LEU NA 92 42.78 -35.49 -65.08
CA LEU NA 92 43.21 -34.83 -63.86
C LEU NA 92 42.77 -35.62 -62.63
N MET NA 93 41.50 -36.01 -62.58
CA MET NA 93 41.00 -36.69 -61.39
C MET NA 93 41.52 -38.12 -61.30
N LEU NA 94 41.77 -38.77 -62.43
CA LEU NA 94 42.38 -40.11 -62.38
C LEU NA 94 43.81 -40.04 -61.84
N LEU NA 95 44.57 -39.03 -62.29
CA LEU NA 95 45.91 -38.83 -61.74
C LEU NA 95 45.84 -38.51 -60.26
N LEU NA 96 44.82 -37.74 -59.84
CA LEU NA 96 44.61 -37.48 -58.43
C LEU NA 96 44.36 -38.78 -57.67
N ALA NA 97 43.57 -39.68 -58.25
CA ALA NA 97 43.31 -40.96 -57.61
C ALA NA 97 44.60 -41.76 -57.47
N LEU NA 98 45.44 -41.77 -58.52
CA LEU NA 98 46.71 -42.48 -58.43
C LEU NA 98 47.60 -41.87 -57.36
N LYS NA 99 47.62 -40.54 -57.25
CA LYS NA 99 48.42 -39.88 -56.23
C LYS NA 99 47.92 -40.24 -54.84
N LEU NA 100 46.61 -40.25 -54.64
CA LEU NA 100 46.03 -40.54 -53.34
C LEU NA 100 46.19 -42.01 -52.99
N ASP OA 1 -19.87 35.45 -1.44
CA ASP OA 1 -19.93 35.42 -2.93
C ASP OA 1 -20.44 36.75 -3.48
N VAL OA 2 -19.83 37.20 -4.57
CA VAL OA 2 -20.04 38.55 -5.08
C VAL OA 2 -21.48 38.78 -5.54
N SER OA 3 -22.23 37.73 -5.85
CA SER OA 3 -23.61 37.90 -6.30
C SER OA 3 -24.42 38.71 -5.28
N ALA OA 4 -24.15 38.49 -4.00
CA ALA OA 4 -24.89 39.17 -2.94
C ALA OA 4 -24.77 40.68 -3.09
N LEU OA 5 -23.67 41.16 -3.66
CA LEU OA 5 -23.51 42.58 -3.94
C LEU OA 5 -24.00 42.92 -5.34
N ALA OA 6 -23.78 42.04 -6.32
CA ALA OA 6 -24.20 42.31 -7.69
C ALA OA 6 -25.68 42.67 -7.76
N TYR OA 7 -26.50 41.97 -6.97
CA TYR OA 7 -27.92 42.30 -6.99
C TYR OA 7 -28.18 43.75 -6.61
N VAL OA 8 -27.33 44.32 -5.74
CA VAL OA 8 -27.50 45.72 -5.36
C VAL OA 8 -27.24 46.61 -6.57
N MET OA 9 -26.22 46.30 -7.37
CA MET OA 9 -25.98 47.06 -8.58
C MET OA 9 -27.16 46.95 -9.53
N LEU OA 10 -27.74 45.76 -9.64
CA LEU OA 10 -28.91 45.62 -10.50
C LEU OA 10 -30.05 46.51 -10.02
N GLY OA 11 -30.27 46.56 -8.71
CA GLY OA 11 -31.30 47.42 -8.17
C GLY OA 11 -31.02 48.89 -8.40
N LEU OA 12 -29.75 49.28 -8.38
CA LEU OA 12 -29.39 50.68 -8.61
C LEU OA 12 -29.56 51.05 -10.07
N LEU OA 13 -29.19 50.16 -10.98
CA LEU OA 13 -29.40 50.43 -12.40
C LEU OA 13 -30.89 50.56 -12.71
N LEU OA 14 -31.69 49.64 -12.18
CA LEU OA 14 -33.12 49.73 -12.46
C LEU OA 14 -33.79 50.92 -11.79
N SER OA 15 -33.04 51.73 -11.05
CA SER OA 15 -33.55 53.01 -10.54
C SER OA 15 -32.96 54.20 -11.27
N LEU OA 16 -31.71 54.12 -11.75
CA LEU OA 16 -31.20 55.12 -12.66
C LEU OA 16 -32.06 55.16 -13.91
N LEU OA 17 -32.21 54.01 -14.56
CA LEU OA 17 -33.29 53.81 -15.52
C LEU OA 17 -34.58 53.59 -14.75
N ASN OA 18 -35.63 54.33 -15.11
CA ASN OA 18 -36.80 54.48 -14.25
C ASN OA 18 -37.69 53.24 -14.35
N ARG OA 19 -37.32 52.21 -13.59
CA ARG OA 19 -38.12 50.99 -13.44
C ARG OA 19 -38.12 50.54 -11.97
N LEU OA 20 -38.42 51.47 -11.08
CA LEU OA 20 -38.33 51.22 -9.64
C LEU OA 20 -38.95 49.88 -9.23
N SER OA 21 -40.09 49.52 -9.83
CA SER OA 21 -40.84 48.37 -9.34
C SER OA 21 -40.06 47.08 -9.49
N LEU OA 22 -39.18 46.98 -10.48
CA LEU OA 22 -38.27 45.85 -10.58
C LEU OA 22 -37.08 46.01 -9.63
N ALA OA 23 -36.66 47.25 -9.40
CA ALA OA 23 -35.54 47.50 -8.51
C ALA OA 23 -35.84 46.99 -7.10
N ALA OA 24 -37.06 47.20 -6.63
CA ALA OA 24 -37.42 46.71 -5.30
C ALA OA 24 -37.19 45.21 -5.19
N GLU OA 25 -37.63 44.45 -6.20
CA GLU OA 25 -37.42 43.01 -6.17
C GLU OA 25 -35.94 42.66 -6.20
N ALA OA 26 -35.16 43.41 -7.00
CA ALA OA 26 -33.72 43.16 -7.03
C ALA OA 26 -33.12 43.34 -5.65
N TYR OA 27 -33.47 44.43 -4.97
CA TYR OA 27 -32.96 44.67 -3.63
C TYR OA 27 -33.40 43.59 -2.67
N LYS OA 28 -34.64 43.12 -2.81
CA LYS OA 28 -35.14 42.07 -1.93
C LYS OA 28 -34.33 40.79 -2.07
N LYS OA 29 -34.03 40.39 -3.31
CA LYS OA 29 -33.19 39.21 -3.49
C LYS OA 29 -31.80 39.44 -2.91
N ALA OA 30 -31.25 40.64 -3.09
CA ALA OA 30 -29.96 40.96 -2.48
C ALA OA 30 -30.02 40.76 -0.97
N ILE OA 31 -31.09 41.27 -0.34
CA ILE OA 31 -31.25 41.14 1.11
C ILE OA 31 -31.31 39.66 1.49
N GLU OA 32 -32.10 38.87 0.77
CA GLU OA 32 -32.24 37.47 1.10
C GLU OA 32 -30.92 36.72 0.92
N LEU OA 33 -30.01 37.24 0.10
CA LEU OA 33 -28.68 36.65 0.04
C LEU OA 33 -27.79 37.08 1.21
N ASP OA 34 -28.05 38.25 1.80
CA ASP OA 34 -27.21 38.76 2.87
C ASP OA 34 -28.00 39.77 3.71
N PRO OA 35 -28.73 39.32 4.72
CA PRO OA 35 -29.62 40.25 5.45
C PRO OA 35 -28.89 41.33 6.22
N ASN OA 36 -27.60 41.17 6.50
CA ASN OA 36 -26.85 42.13 7.31
C ASN OA 36 -26.41 43.37 6.52
N ASP OA 37 -26.64 43.41 5.21
CA ASP OA 37 -26.16 44.52 4.39
C ASP OA 37 -26.89 45.80 4.76
N ALA OA 38 -26.15 46.79 5.29
CA ALA OA 38 -26.75 48.05 5.72
C ALA OA 38 -27.07 48.96 4.55
N LEU OA 39 -26.56 48.67 3.36
CA LEU OA 39 -26.80 49.51 2.19
C LEU OA 39 -28.02 49.07 1.40
N ALA OA 40 -28.21 47.76 1.26
CA ALA OA 40 -29.39 47.25 0.58
C ALA OA 40 -30.66 47.74 1.24
N TRP OA 41 -30.73 47.63 2.57
CA TRP OA 41 -31.94 48.05 3.28
C TRP OA 41 -32.21 49.52 3.06
N LEU OA 42 -31.17 50.36 3.14
CA LEU OA 42 -31.38 51.79 2.99
C LEU OA 42 -31.85 52.15 1.59
N LEU OA 43 -31.22 51.57 0.57
CA LEU OA 43 -31.65 51.88 -0.80
C LEU OA 43 -33.06 51.37 -1.05
N LEU OA 44 -33.39 50.18 -0.55
CA LEU OA 44 -34.75 49.67 -0.67
C LEU OA 44 -35.74 50.58 0.05
N GLY OA 45 -35.34 51.12 1.20
CA GLY OA 45 -36.20 52.06 1.90
C GLY OA 45 -36.49 53.28 1.05
N SER OA 46 -35.46 53.82 0.40
CA SER OA 46 -35.70 54.96 -0.48
C SER OA 46 -36.56 54.58 -1.68
N VAL OA 47 -36.36 53.39 -2.24
CA VAL OA 47 -37.12 52.98 -3.43
C VAL OA 47 -38.59 52.82 -3.10
N LEU OA 48 -38.89 52.08 -2.03
CA LEU OA 48 -40.30 51.88 -1.66
C LEU OA 48 -40.97 53.20 -1.34
N GLU OA 49 -40.23 54.17 -0.81
CA GLU OA 49 -40.80 55.48 -0.56
C GLU OA 49 -41.29 56.12 -1.85
N LYS OA 50 -40.49 56.03 -2.92
CA LYS OA 50 -40.88 56.64 -4.18
C LYS OA 50 -42.08 55.93 -4.81
N LEU OA 51 -42.19 54.61 -4.61
CA LEU OA 51 -43.40 53.91 -5.03
C LEU OA 51 -44.60 54.23 -4.16
N LYS OA 52 -44.44 55.03 -3.12
CA LYS OA 52 -45.53 55.48 -2.26
C LYS OA 52 -46.14 54.33 -1.47
N ARG OA 53 -45.32 53.35 -1.11
CA ARG OA 53 -45.68 52.33 -0.12
C ARG OA 53 -45.14 52.71 1.26
N LEU OA 54 -45.66 53.81 1.80
CA LEU OA 54 -44.99 54.52 2.87
C LEU OA 54 -44.57 53.61 4.03
N ASP OA 55 -45.47 52.77 4.52
CA ASP OA 55 -45.18 52.03 5.75
C ASP OA 55 -44.13 50.94 5.52
N GLU OA 56 -44.17 50.29 4.36
CA GLU OA 56 -43.14 49.32 4.03
C GLU OA 56 -41.76 49.98 4.00
N ALA OA 57 -41.70 51.19 3.43
CA ALA OA 57 -40.46 51.95 3.42
C ALA OA 57 -40.04 52.32 4.83
N ALA OA 58 -40.99 52.67 5.69
CA ALA OA 58 -40.67 52.97 7.08
C ALA OA 58 -40.01 51.77 7.75
N GLU OA 59 -40.56 50.58 7.55
CA GLU OA 59 -39.98 49.39 8.17
C GLU OA 59 -38.58 49.14 7.62
N ALA OA 60 -38.41 49.29 6.30
CA ALA OA 60 -37.08 49.10 5.72
C ALA OA 60 -36.08 50.08 6.30
N TYR OA 61 -36.47 51.36 6.42
CA TYR OA 61 -35.58 52.36 7.01
C TYR OA 61 -35.21 52.00 8.43
N LYS OA 62 -36.19 51.57 9.23
CA LYS OA 62 -35.91 51.24 10.62
C LYS OA 62 -34.95 50.06 10.72
N LYS OA 63 -35.13 49.04 9.88
CA LYS OA 63 -34.19 47.93 9.90
C LYS OA 63 -32.79 48.41 9.54
N ALA OA 64 -32.68 49.28 8.54
CA ALA OA 64 -31.38 49.82 8.16
C ALA OA 64 -30.75 50.58 9.32
N ILE OA 65 -31.55 51.39 10.00
CA ILE OA 65 -31.03 52.18 11.12
C ILE OA 65 -30.57 51.27 12.25
N GLU OA 66 -31.27 50.15 12.46
CA GLU OA 66 -30.76 49.17 13.42
C GLU OA 66 -29.42 48.62 12.98
N LEU OA 67 -29.23 48.40 11.68
CA LEU OA 67 -28.00 47.76 11.22
C LEU OA 67 -26.78 48.68 11.22
N LYS OA 68 -26.96 50.00 11.15
CA LYS OA 68 -25.84 50.93 11.26
C LYS OA 68 -26.26 52.12 12.12
N PRO OA 69 -26.00 52.06 13.43
CA PRO OA 69 -26.39 53.17 14.30
C PRO OA 69 -25.68 54.47 13.94
N ASN OA 70 -26.25 55.57 14.42
CA ASN OA 70 -25.69 56.92 14.33
C ASN OA 70 -25.68 57.48 12.92
N ASP OA 71 -26.46 56.92 12.00
CA ASP OA 71 -26.54 57.42 10.64
C ASP OA 71 -27.41 58.67 10.64
N ALA OA 72 -26.80 59.84 10.51
CA ALA OA 72 -27.52 61.09 10.64
C ALA OA 72 -28.51 61.34 9.50
N SER OA 73 -28.35 60.66 8.37
CA SER OA 73 -29.22 60.85 7.21
C SER OA 73 -30.35 59.82 7.15
N ALA OA 74 -30.08 58.58 7.55
CA ALA OA 74 -31.14 57.58 7.61
C ALA OA 74 -32.25 58.03 8.55
N TRP OA 75 -31.88 58.64 9.67
CA TRP OA 75 -32.89 59.14 10.60
C TRP OA 75 -33.75 60.22 9.95
N LYS OA 76 -33.13 61.13 9.20
CA LYS OA 76 -33.92 62.18 8.55
C LYS OA 76 -34.87 61.60 7.51
N GLU OA 77 -34.40 60.65 6.70
CA GLU OA 77 -35.29 60.05 5.71
C GLU OA 77 -36.43 59.30 6.38
N LEU OA 78 -36.14 58.57 7.45
CA LEU OA 78 -37.21 57.92 8.21
C LEU OA 78 -38.16 58.95 8.79
N GLY OA 79 -37.64 60.11 9.17
CA GLY OA 79 -38.50 61.18 9.65
C GLY OA 79 -39.47 61.65 8.58
N LYS OA 80 -38.97 61.81 7.35
CA LYS OA 80 -39.85 62.20 6.25
C LYS OA 80 -40.94 61.15 6.03
N VAL OA 81 -40.55 59.87 6.01
CA VAL OA 81 -41.53 58.81 5.81
C VAL OA 81 -42.57 58.82 6.92
N LEU OA 82 -42.11 58.95 8.18
CA LEU OA 82 -43.03 58.95 9.31
C LEU OA 82 -43.97 60.14 9.24
N GLU OA 83 -43.46 61.31 8.86
CA GLU OA 83 -44.33 62.47 8.70
C GLU OA 83 -45.40 62.19 7.68
N LYS OA 84 -45.03 61.60 6.54
CA LYS OA 84 -46.02 61.28 5.53
C LYS OA 84 -47.03 60.24 6.04
N LEU OA 85 -46.61 59.40 6.97
CA LEU OA 85 -47.55 58.45 7.58
C LEU OA 85 -48.41 59.08 8.67
N GLY OA 86 -48.16 60.33 9.04
CA GLY OA 86 -48.95 60.99 10.05
C GLY OA 86 -48.56 60.70 11.48
N ARG OA 87 -47.49 59.92 11.70
CA ARG OA 87 -47.02 59.61 13.04
C ARG OA 87 -46.08 60.73 13.53
N LEU OA 88 -46.65 61.93 13.64
CA LEU OA 88 -45.85 63.13 13.83
C LEU OA 88 -44.98 63.06 15.08
N ASP OA 89 -45.44 62.35 16.12
CA ASP OA 89 -44.61 62.20 17.31
C ASP OA 89 -43.34 61.42 17.00
N GLU OA 90 -43.47 60.27 16.33
CA GLU OA 90 -42.29 59.51 15.95
C GLU OA 90 -41.41 60.28 14.99
N ALA OA 91 -42.02 61.07 14.10
CA ALA OA 91 -41.23 61.90 13.19
C ALA OA 91 -40.42 62.93 13.95
N ALA OA 92 -41.04 63.58 14.93
CA ALA OA 92 -40.31 64.53 15.77
C ALA OA 92 -39.18 63.84 16.51
N GLU OA 93 -39.43 62.63 17.02
CA GLU OA 93 -38.37 61.88 17.68
C GLU OA 93 -37.22 61.62 16.73
N ALA OA 94 -37.51 61.17 15.50
CA ALA OA 94 -36.47 60.89 14.54
C ALA OA 94 -35.65 62.14 14.22
N TYR OA 95 -36.32 63.27 13.98
CA TYR OA 95 -35.58 64.49 13.69
C TYR OA 95 -34.77 64.95 14.90
N LEU OA 96 -35.27 64.68 16.11
CA LEU OA 96 -34.49 64.96 17.31
C LEU OA 96 -33.21 64.13 17.33
N ILE OA 97 -33.32 62.84 17.01
CA ILE OA 97 -32.12 62.00 16.92
C ILE OA 97 -31.16 62.59 15.88
N ALA OA 98 -31.72 63.05 14.76
CA ALA OA 98 -30.90 63.60 13.69
C ALA OA 98 -30.12 64.82 14.17
N ILE OA 99 -30.82 65.78 14.78
CA ILE OA 99 -30.15 67.00 15.23
C ILE OA 99 -29.16 66.69 16.36
N MET OA 100 -29.44 65.64 17.15
CA MET OA 100 -28.50 65.28 18.21
C MET OA 100 -27.24 64.64 17.65
N LEU OA 101 -27.37 63.86 16.58
CA LEU OA 101 -26.18 63.27 15.96
C LEU OA 101 -25.34 64.33 15.26
N ASP OA 102 -25.99 65.22 14.51
CA ASP OA 102 -25.33 66.32 13.81
C ASP OA 102 -25.93 67.62 14.31
N PRO OA 103 -25.42 68.16 15.42
CA PRO OA 103 -25.98 69.40 15.97
C PRO OA 103 -25.77 70.61 15.05
N GLU OA 104 -24.95 70.48 14.01
CA GLU OA 104 -24.67 71.57 13.09
C GLU OA 104 -25.53 71.53 11.83
N ASP OA 105 -26.43 70.54 11.69
CA ASP OA 105 -27.22 70.37 10.48
C ASP OA 105 -28.43 71.31 10.52
N ALA OA 106 -28.51 72.22 9.56
CA ALA OA 106 -29.66 73.12 9.48
C ALA OA 106 -30.92 72.37 9.06
N GLU OA 107 -30.78 71.38 8.18
CA GLU OA 107 -31.95 70.68 7.66
C GLU OA 107 -32.70 69.96 8.77
N ALA OA 108 -31.98 69.29 9.66
CA ALA OA 108 -32.64 68.62 10.79
C ALA OA 108 -33.44 69.60 11.61
N ALA OA 109 -32.87 70.77 11.90
CA ALA OA 109 -33.57 71.77 12.69
C ALA OA 109 -34.82 72.26 11.97
N LYS OA 110 -34.72 72.52 10.67
CA LYS OA 110 -35.87 73.00 9.92
C LYS OA 110 -36.99 71.96 9.90
N GLU OA 111 -36.63 70.69 9.68
CA GLU OA 111 -37.63 69.63 9.68
C GLU OA 111 -38.26 69.47 11.06
N LEU OA 112 -37.45 69.55 12.13
CA LEU OA 112 -38.00 69.47 13.47
C LEU OA 112 -38.96 70.62 13.73
N GLY OA 113 -38.60 71.83 13.29
CA GLY OA 113 -39.52 72.95 13.42
C GLY OA 113 -40.82 72.71 12.68
N LYS OA 114 -40.73 72.18 11.46
CA LYS OA 114 -41.93 71.87 10.68
C LYS OA 114 -42.83 70.89 11.43
N VAL OA 115 -42.24 69.79 11.90
CA VAL OA 115 -43.04 68.73 12.51
C VAL OA 115 -43.61 69.20 13.85
N LEU OA 116 -42.84 69.95 14.63
CA LEU OA 116 -43.35 70.51 15.88
C LEU OA 116 -44.45 71.53 15.63
N GLU OA 117 -44.31 72.34 14.58
CA GLU OA 117 -45.36 73.30 14.25
C GLU OA 117 -46.65 72.59 13.91
N LYS OA 118 -46.57 71.50 13.13
CA LYS OA 118 -47.75 70.69 12.88
C LYS OA 118 -48.27 70.07 14.17
N LEU OA 119 -47.36 69.64 15.04
CA LEU OA 119 -47.71 68.89 16.25
C LEU OA 119 -48.22 69.78 17.38
N GLY OA 120 -48.02 71.09 17.28
CA GLY OA 120 -48.55 72.02 18.27
C GLY OA 120 -47.57 72.52 19.31
N GLU OA 121 -46.30 72.16 19.22
CA GLU OA 121 -45.28 72.72 20.11
C GLU OA 121 -44.72 74.03 19.55
N LEU OA 122 -45.58 75.06 19.50
CA LEU OA 122 -45.26 76.27 18.75
C LEU OA 122 -43.93 76.87 19.16
N GLU OA 123 -43.70 77.01 20.47
CA GLU OA 123 -42.46 77.64 20.92
C GLU OA 123 -41.24 76.83 20.48
N MET OA 124 -41.29 75.51 20.67
CA MET OA 124 -40.17 74.67 20.26
C MET OA 124 -39.99 74.67 18.75
N ALA OA 125 -41.09 74.70 18.00
CA ALA OA 125 -40.99 74.77 16.54
C ALA OA 125 -40.32 76.06 16.11
N GLU OA 126 -40.69 77.19 16.71
CA GLU OA 126 -40.04 78.45 16.40
C GLU OA 126 -38.56 78.42 16.75
N GLU OA 127 -38.22 77.82 17.90
CA GLU OA 127 -36.81 77.69 18.27
C GLU OA 127 -36.06 76.84 17.26
N ALA OA 128 -36.65 75.74 16.82
CA ALA OA 128 -36.00 74.89 15.82
C ALA OA 128 -35.83 75.63 14.49
N TYR OA 129 -36.84 76.39 14.08
CA TYR OA 129 -36.73 77.17 12.85
C TYR OA 129 -35.61 78.21 12.96
N LYS OA 130 -35.52 78.89 14.11
CA LYS OA 130 -34.45 79.86 14.30
C LYS OA 130 -33.09 79.17 14.28
N LEU OA 131 -32.98 78.00 14.90
CA LEU OA 131 -31.72 77.25 14.88
C LEU OA 131 -31.35 76.86 13.46
N ALA OA 132 -32.34 76.41 12.67
CA ALA OA 132 -32.09 76.06 11.28
C ALA OA 132 -31.60 77.26 10.50
N ILE OA 133 -32.20 78.43 10.73
CA ILE OA 133 -31.76 79.63 10.02
C ILE OA 133 -30.35 80.01 10.45
N LYS OA 134 -30.02 79.84 11.73
CA LYS OA 134 -28.69 80.21 12.20
C LYS OA 134 -27.62 79.26 11.68
N LEU OA 135 -27.94 77.97 11.58
CA LEU OA 135 -26.95 76.99 11.14
C LEU OA 135 -26.56 77.19 9.68
N ASP OA 136 -27.54 77.43 8.81
CA ASP OA 136 -27.29 77.67 7.40
C ASP OA 136 -28.08 78.88 6.95
N PRO OA 137 -27.47 79.80 6.21
CA PRO OA 137 -28.18 81.01 5.81
C PRO OA 137 -29.18 80.80 4.69
N ASN OA 138 -29.10 79.70 3.95
CA ASN OA 138 -29.93 79.49 2.77
C ASN OA 138 -31.05 78.51 2.98
N ASP OA 139 -31.19 77.94 4.18
CA ASP OA 139 -32.27 76.99 4.44
C ASP OA 139 -33.45 77.67 5.14
N GLU PA 1 -55.59 16.55 3.13
CA GLU PA 1 -55.52 15.19 3.74
C GLU PA 1 -56.89 14.55 3.75
N GLU PA 2 -56.92 13.21 3.66
CA GLU PA 2 -58.19 12.50 3.67
C GLU PA 2 -58.96 12.79 4.95
N ALA PA 3 -58.27 13.11 6.05
CA ALA PA 3 -58.95 13.36 7.30
C ALA PA 3 -60.00 14.45 7.18
N GLU PA 4 -59.87 15.34 6.18
CA GLU PA 4 -60.88 16.35 5.90
C GLU PA 4 -61.77 15.99 4.73
N LEU PA 5 -61.21 15.44 3.65
CA LEU PA 5 -62.02 15.15 2.48
C LEU PA 5 -63.03 14.05 2.77
N ALA PA 6 -62.57 12.93 3.34
CA ALA PA 6 -63.49 11.86 3.69
C ALA PA 6 -64.46 12.30 4.77
N TYR PA 7 -64.00 13.14 5.71
CA TYR PA 7 -64.93 13.68 6.70
C TYR PA 7 -66.02 14.51 6.05
N LEU PA 8 -65.65 15.32 5.06
CA LEU PA 8 -66.65 16.12 4.34
C LEU PA 8 -67.63 15.21 3.62
N LEU PA 9 -67.14 14.15 3.00
CA LEU PA 9 -68.05 13.21 2.38
C LEU PA 9 -69.01 12.63 3.42
N GLY PA 10 -68.49 12.30 4.59
CA GLY PA 10 -69.35 11.77 5.64
C GLY PA 10 -70.39 12.79 6.08
N GLU PA 11 -69.98 14.05 6.24
CA GLU PA 11 -70.91 15.08 6.65
C GLU PA 11 -72.01 15.28 5.63
N LEU PA 12 -71.63 15.30 4.34
CA LEU PA 12 -72.63 15.45 3.29
C LEU PA 12 -73.59 14.25 3.27
N ALA PA 13 -73.05 13.04 3.40
CA ALA PA 13 -73.90 11.85 3.41
C ALA PA 13 -74.87 11.88 4.58
N TYR PA 14 -74.37 12.20 5.78
CA TYR PA 14 -75.24 12.24 6.95
C TYR PA 14 -76.31 13.30 6.81
N LYS PA 15 -75.93 14.49 6.34
CA LYS PA 15 -76.91 15.57 6.24
C LYS PA 15 -78.00 15.25 5.23
N LEU PA 16 -77.71 14.42 4.24
CA LEU PA 16 -78.70 14.00 3.25
C LEU PA 16 -79.36 12.67 3.61
N GLY PA 17 -79.09 12.13 4.80
CA GLY PA 17 -79.75 10.93 5.28
C GLY PA 17 -79.19 9.62 4.78
N GLU PA 18 -78.00 9.63 4.15
CA GLU PA 18 -77.36 8.39 3.69
C GLU PA 18 -76.45 7.82 4.78
N TYR PA 19 -77.09 7.29 5.83
CA TYR PA 19 -76.38 6.98 7.06
C TYR PA 19 -75.33 5.88 6.85
N ARG PA 20 -75.62 4.87 6.05
CA ARG PA 20 -74.60 3.85 5.78
C ARG PA 20 -73.38 4.49 5.13
N ILE PA 21 -73.60 5.37 4.15
CA ILE PA 21 -72.52 6.09 3.52
C ILE PA 21 -71.77 6.93 4.55
N ALA PA 22 -72.50 7.58 5.45
CA ALA PA 22 -71.87 8.41 6.46
C ALA PA 22 -70.93 7.59 7.36
N ILE PA 23 -71.40 6.42 7.81
CA ILE PA 23 -70.58 5.57 8.65
C ILE PA 23 -69.33 5.13 7.91
N ARG PA 24 -69.52 4.56 6.72
CA ARG PA 24 -68.38 4.03 5.97
C ARG PA 24 -67.42 5.12 5.55
N ALA PA 25 -67.90 6.37 5.46
CA ALA PA 25 -67.01 7.48 5.16
C ALA PA 25 -66.23 7.91 6.41
N TYR PA 26 -66.94 8.17 7.50
CA TYR PA 26 -66.28 8.65 8.71
C TYR PA 26 -65.20 7.68 9.17
N ARG PA 27 -65.42 6.38 8.99
CA ARG PA 27 -64.41 5.42 9.42
C ARG PA 27 -63.08 5.65 8.70
N ILE PA 28 -63.13 5.99 7.41
CA ILE PA 28 -61.91 6.24 6.66
C ILE PA 28 -61.14 7.41 7.26
N ALA PA 29 -61.84 8.50 7.56
CA ALA PA 29 -61.18 9.66 8.16
C ALA PA 29 -60.58 9.31 9.51
N LEU PA 30 -61.36 8.60 10.35
CA LEU PA 30 -60.88 8.26 11.68
C LEU PA 30 -59.64 7.38 11.62
N LYS PA 31 -59.55 6.50 10.63
CA LYS PA 31 -58.35 5.68 10.51
C LYS PA 31 -57.09 6.52 10.28
N ARG PA 32 -57.24 7.75 9.79
CA ARG PA 32 -56.10 8.66 9.67
C ARG PA 32 -55.92 9.54 10.89
N ASP PA 33 -57.01 9.94 11.55
CA ASP PA 33 -56.99 10.99 12.57
C ASP PA 33 -57.82 10.54 13.76
N PRO PA 34 -57.27 9.65 14.59
CA PRO PA 34 -58.11 9.00 15.63
C PRO PA 34 -58.58 9.92 16.74
N ASN PA 35 -57.99 11.10 16.92
CA ASN PA 35 -58.39 12.00 17.99
C ASN PA 35 -59.37 13.08 17.53
N ASN PA 36 -60.00 12.91 16.37
CA ASN PA 36 -60.92 13.91 15.82
C ASN PA 36 -62.25 13.84 16.55
N ALA PA 37 -62.53 14.87 17.36
CA ALA PA 37 -63.73 14.84 18.21
C ALA PA 37 -65.01 14.80 17.38
N GLU PA 38 -65.15 15.74 16.43
CA GLU PA 38 -66.38 15.82 15.67
C GLU PA 38 -66.62 14.56 14.85
N ALA PA 39 -65.53 13.91 14.40
CA ALA PA 39 -65.69 12.67 13.65
C ALA PA 39 -66.36 11.60 14.51
N TRP PA 40 -65.87 11.41 15.73
CA TRP PA 40 -66.49 10.44 16.64
C TRP PA 40 -67.93 10.82 16.94
N TYR PA 41 -68.17 12.11 17.20
CA TYR PA 41 -69.53 12.54 17.52
C TYR PA 41 -70.50 12.24 16.37
N ASN PA 42 -70.09 12.58 15.14
CA ASN PA 42 -70.96 12.35 13.99
C ASN PA 42 -71.14 10.87 13.72
N LEU PA 43 -70.10 10.07 13.94
CA LEU PA 43 -70.26 8.63 13.77
C LEU PA 43 -71.28 8.08 14.76
N GLY PA 44 -71.21 8.52 16.02
CA GLY PA 44 -72.21 8.12 16.98
C GLY PA 44 -73.60 8.59 16.60
N ASN PA 45 -73.70 9.79 16.05
CA ASN PA 45 -75.00 10.30 15.62
C ASN PA 45 -75.57 9.46 14.49
N ALA PA 46 -74.71 9.06 13.54
CA ALA PA 46 -75.16 8.22 12.45
C ALA PA 46 -75.66 6.88 12.97
N TYR PA 47 -74.90 6.26 13.88
CA TYR PA 47 -75.38 5.01 14.45
C TYR PA 47 -76.67 5.21 15.24
N THR PA 48 -76.82 6.37 15.87
CA THR PA 48 -78.05 6.66 16.61
C THR PA 48 -79.25 6.70 15.67
N LYS PA 49 -79.14 7.44 14.57
CA LYS PA 49 -80.21 7.46 13.58
C LYS PA 49 -80.45 6.06 13.04
N GLN PA 50 -79.39 5.27 12.89
CA GLN PA 50 -79.54 3.89 12.42
C GLN PA 50 -80.22 3.00 13.45
N GLY PA 51 -80.20 3.38 14.72
CA GLY PA 51 -80.77 2.56 15.77
C GLY PA 51 -79.80 1.56 16.39
N ASP PA 52 -78.51 1.70 16.15
CA ASP PA 52 -77.49 0.82 16.73
C ASP PA 52 -76.89 1.46 17.98
N TYR PA 53 -77.69 1.48 19.03
CA TYR PA 53 -77.41 2.33 20.17
C TYR PA 53 -76.14 1.93 20.93
N ASP PA 54 -75.73 0.66 20.85
CA ASP PA 54 -74.51 0.25 21.53
C ASP PA 54 -73.28 0.91 20.88
N GLU PA 55 -73.19 0.82 19.55
CA GLU PA 55 -72.10 1.48 18.84
C GLU PA 55 -72.12 2.98 19.07
N ALA PA 56 -73.31 3.58 19.03
CA ALA PA 56 -73.44 5.00 19.30
C ALA PA 56 -72.92 5.33 20.70
N ILE PA 57 -73.25 4.50 21.69
CA ILE PA 57 -72.78 4.74 23.05
C ILE PA 57 -71.26 4.71 23.10
N GLU PA 58 -70.65 3.70 22.48
CA GLU PA 58 -69.20 3.58 22.50
C GLU PA 58 -68.54 4.82 21.87
N TYR PA 59 -69.02 5.20 20.68
CA TYR PA 59 -68.37 6.29 19.97
C TYR PA 59 -68.65 7.64 20.63
N TYR PA 60 -69.83 7.81 21.23
CA TYR PA 60 -70.10 8.98 22.04
C TYR PA 60 -69.17 9.06 23.25
N LEU PA 61 -68.89 7.91 23.88
CA LEU PA 61 -67.96 7.90 24.99
C LEU PA 61 -66.58 8.37 24.56
N ARG PA 62 -66.12 7.87 23.40
CA ARG PA 62 -64.83 8.34 22.90
C ARG PA 62 -64.88 9.85 22.61
N ALA PA 63 -65.99 10.32 22.02
CA ALA PA 63 -66.11 11.73 21.72
C ALA PA 63 -66.03 12.59 22.99
N LEU PA 64 -66.73 12.16 24.04
CA LEU PA 64 -66.70 12.90 25.29
C LEU PA 64 -65.31 12.88 25.91
N VAL PA 65 -64.64 11.73 25.89
CA VAL PA 65 -63.30 11.66 26.46
C VAL PA 65 -62.36 12.61 25.73
N LEU PA 66 -62.51 12.71 24.41
CA LEU PA 66 -61.67 13.61 23.64
C LEU PA 66 -62.14 15.06 23.69
N ASP PA 67 -63.33 15.32 24.21
CA ASP PA 67 -63.87 16.69 24.30
C ASP PA 67 -64.83 16.74 25.48
N PRO PA 68 -64.29 16.96 26.69
CA PRO PA 68 -65.13 16.82 27.89
C PRO PA 68 -66.21 17.89 28.04
N ASN PA 69 -66.17 18.95 27.26
CA ASN PA 69 -67.18 20.01 27.33
C ASN PA 69 -68.28 19.86 26.29
N ASN PA 70 -68.31 18.74 25.55
CA ASN PA 70 -69.24 18.56 24.43
C ASN PA 70 -70.63 18.24 24.97
N ALA PA 71 -71.41 19.29 25.22
CA ALA PA 71 -72.75 19.11 25.77
C ALA PA 71 -73.65 18.32 24.83
N GLU PA 72 -73.50 18.53 23.51
CA GLU PA 72 -74.32 17.79 22.56
C GLU PA 72 -74.04 16.30 22.65
N ALA PA 73 -72.76 15.92 22.73
CA ALA PA 73 -72.41 14.51 22.88
C ALA PA 73 -73.00 13.95 24.17
N ALA PA 74 -72.94 14.71 25.25
CA ALA PA 74 -73.52 14.25 26.51
C ALA PA 74 -75.02 14.01 26.37
N THR PA 75 -75.74 14.93 25.71
CA THR PA 75 -77.18 14.77 25.54
C THR PA 75 -77.49 13.53 24.72
N ASN PA 76 -76.79 13.36 23.59
CA ASN PA 76 -77.06 12.21 22.75
C ASN PA 76 -76.71 10.91 23.45
N LEU PA 77 -75.61 10.89 24.22
CA LEU PA 77 -75.24 9.70 24.96
C LEU PA 77 -76.28 9.37 26.02
N GLY PA 78 -76.80 10.39 26.70
CA GLY PA 78 -77.88 10.15 27.65
C GLY PA 78 -79.08 9.53 26.98
N GLN PA 79 -79.48 10.07 25.82
CA GLN PA 79 -80.61 9.51 25.08
C GLN PA 79 -80.32 8.06 24.68
N ALA PA 80 -79.10 7.79 24.22
CA ALA PA 80 -78.75 6.43 23.82
C ALA PA 80 -78.82 5.47 25.01
N TYR PA 81 -78.31 5.90 26.16
CA TYR PA 81 -78.42 5.08 27.36
C TYR PA 81 -79.89 4.82 27.70
N MET PA 82 -80.73 5.85 27.56
CA MET PA 82 -82.16 5.66 27.79
C MET PA 82 -82.75 4.66 26.81
N ASN PA 83 -82.32 4.70 25.55
CA ASN PA 83 -82.77 3.72 24.58
C ASN PA 83 -82.34 2.31 24.97
N GLN PA 84 -81.23 2.20 25.71
CA GLN PA 84 -80.79 0.92 26.24
C GLN PA 84 -81.35 0.62 27.62
N GLY PA 85 -82.18 1.51 28.16
CA GLY PA 85 -82.82 1.31 29.44
C GLY PA 85 -81.98 1.66 30.66
N ASP PA 86 -80.75 2.12 30.48
CA ASP PA 86 -79.91 2.56 31.59
C ASP PA 86 -80.28 3.98 32.01
N LYS PA 87 -81.49 4.12 32.53
CA LYS PA 87 -82.01 5.45 32.83
C LYS PA 87 -81.18 6.16 33.87
N ASP PA 88 -80.46 5.43 34.72
CA ASP PA 88 -79.56 6.06 35.67
C ASP PA 88 -78.39 6.75 34.95
N ARG PA 89 -77.69 5.99 34.10
CA ARG PA 89 -76.58 6.57 33.33
C ARG PA 89 -77.09 7.65 32.38
N ALA PA 90 -78.25 7.43 31.77
CA ALA PA 90 -78.86 8.43 30.91
C ALA PA 90 -79.11 9.72 31.69
N LYS PA 91 -79.71 9.60 32.87
CA LYS PA 91 -79.97 10.78 33.69
C LYS PA 91 -78.67 11.49 34.06
N LEU PA 92 -77.64 10.72 34.43
CA LEU PA 92 -76.36 11.33 34.77
C LEU PA 92 -75.83 12.15 33.59
N MET PA 93 -75.82 11.56 32.39
CA MET PA 93 -75.27 12.27 31.24
C MET PA 93 -76.14 13.44 30.82
N LEU PA 94 -77.46 13.34 30.98
CA LEU PA 94 -78.34 14.47 30.66
C LEU PA 94 -78.08 15.63 31.61
N LEU PA 95 -77.95 15.34 32.90
CA LEU PA 95 -77.61 16.38 33.86
C LEU PA 95 -76.24 16.98 33.53
N LEU PA 96 -75.30 16.14 33.10
CA LEU PA 96 -74.00 16.64 32.65
C LEU PA 96 -74.17 17.60 31.49
N ALA PA 97 -75.03 17.26 30.53
CA ALA PA 97 -75.26 18.14 29.39
C ALA PA 97 -75.82 19.48 29.86
N LEU PA 98 -76.79 19.44 30.77
CA LEU PA 98 -77.36 20.69 31.27
C LEU PA 98 -76.32 21.51 32.02
N LYS PA 99 -75.40 20.84 32.74
CA LYS PA 99 -74.35 21.57 33.45
C LYS PA 99 -73.36 22.20 32.49
N LEU PA 100 -72.96 21.47 31.45
CA LEU PA 100 -71.96 21.96 30.51
C LEU PA 100 -72.52 23.11 29.68
N ASP QA 1 -19.97 -20.41 -28.91
CA ASP QA 1 -21.30 -19.98 -28.38
C ASP QA 1 -22.43 -20.65 -29.16
N VAL QA 2 -23.53 -20.90 -28.45
CA VAL QA 2 -24.61 -21.76 -28.97
C VAL QA 2 -25.30 -21.18 -30.19
N SER QA 3 -25.20 -19.86 -30.41
CA SER QA 3 -25.88 -19.25 -31.55
C SER QA 3 -25.50 -19.95 -32.85
N ALA QA 4 -24.25 -20.42 -32.94
CA ALA QA 4 -23.78 -21.06 -34.16
C ALA QA 4 -24.65 -22.25 -34.54
N LEU QA 5 -25.23 -22.93 -33.54
CA LEU QA 5 -26.14 -24.03 -33.77
C LEU QA 5 -27.60 -23.58 -33.77
N ALA QA 6 -27.91 -22.55 -32.99
CA ALA QA 6 -29.27 -22.01 -33.00
C ALA QA 6 -29.69 -21.62 -34.41
N TYR QA 7 -28.76 -21.04 -35.18
CA TYR QA 7 -29.10 -20.69 -36.56
C TYR QA 7 -29.41 -21.93 -37.39
N VAL QA 8 -28.66 -23.01 -37.18
CA VAL QA 8 -28.97 -24.26 -37.88
C VAL QA 8 -30.37 -24.72 -37.54
N MET QA 9 -30.75 -24.63 -36.27
CA MET QA 9 -32.09 -25.02 -35.86
C MET QA 9 -33.14 -24.16 -36.53
N LEU QA 10 -32.89 -22.85 -36.60
CA LEU QA 10 -33.85 -21.95 -37.23
C LEU QA 10 -34.03 -22.32 -38.70
N GLY QA 11 -32.94 -22.60 -39.40
CA GLY QA 11 -33.07 -23.02 -40.78
C GLY QA 11 -33.77 -24.35 -40.93
N LEU QA 12 -33.56 -25.26 -39.99
CA LEU QA 12 -34.24 -26.54 -40.06
C LEU QA 12 -35.75 -26.35 -39.92
N LEU QA 13 -36.15 -25.49 -38.99
CA LEU QA 13 -37.57 -25.19 -38.85
C LEU QA 13 -38.13 -24.58 -40.13
N LEU QA 14 -37.44 -23.57 -40.66
CA LEU QA 14 -37.95 -22.91 -41.85
C LEU QA 14 -37.89 -23.80 -43.08
N SER QA 15 -37.19 -24.92 -43.03
CA SER QA 15 -37.26 -25.94 -44.07
C SER QA 15 -38.33 -26.98 -43.81
N LEU QA 16 -38.65 -27.22 -42.53
CA LEU QA 16 -39.72 -28.14 -42.16
C LEU QA 16 -41.07 -27.55 -42.53
N LEU QA 17 -41.35 -26.36 -42.00
CA LEU QA 17 -42.36 -25.48 -42.58
C LEU QA 17 -41.84 -24.98 -43.93
N ASN QA 18 -42.73 -24.87 -44.90
CA ASN QA 18 -42.32 -24.69 -46.31
C ASN QA 18 -41.98 -23.22 -46.57
N ARG QA 19 -40.80 -22.82 -46.10
CA ARG QA 19 -40.21 -21.52 -46.40
C ARG QA 19 -38.72 -21.65 -46.70
N LEU QA 20 -38.38 -22.55 -47.62
CA LEU QA 20 -36.98 -22.85 -47.92
C LEU QA 20 -36.15 -21.59 -48.16
N SER QA 21 -36.71 -20.61 -48.87
CA SER QA 21 -35.93 -19.45 -49.27
C SER QA 21 -35.36 -18.69 -48.08
N LEU QA 22 -36.02 -18.76 -46.93
CA LEU QA 22 -35.47 -18.17 -45.72
C LEU QA 22 -34.50 -19.15 -45.03
N ALA QA 23 -34.76 -20.45 -45.17
CA ALA QA 23 -33.89 -21.45 -44.58
C ALA QA 23 -32.48 -21.35 -45.15
N ALA QA 24 -32.37 -21.10 -46.45
CA ALA QA 24 -31.04 -20.94 -47.04
C ALA QA 24 -30.27 -19.82 -46.35
N GLU QA 25 -30.92 -18.68 -46.13
CA GLU QA 25 -30.25 -17.56 -45.46
C GLU QA 25 -29.88 -17.92 -44.03
N ALA QA 26 -30.76 -18.63 -43.32
CA ALA QA 26 -30.44 -19.04 -41.97
C ALA QA 26 -29.20 -19.92 -41.95
N TYR QA 27 -29.13 -20.91 -42.84
CA TYR QA 27 -27.94 -21.75 -42.92
C TYR QA 27 -26.71 -20.93 -43.26
N LYS QA 28 -26.86 -19.95 -44.15
CA LYS QA 28 -25.73 -19.10 -44.52
C LYS QA 28 -25.19 -18.35 -43.30
N LYS QA 29 -26.07 -17.79 -42.48
CA LYS QA 29 -25.62 -17.13 -41.26
C LYS QA 29 -24.92 -18.12 -40.35
N ALA QA 30 -25.47 -19.33 -40.23
CA ALA QA 30 -24.82 -20.34 -39.39
C ALA QA 30 -23.41 -20.64 -39.89
N ILE QA 31 -23.27 -20.79 -41.21
CA ILE QA 31 -21.96 -21.07 -41.79
C ILE QA 31 -20.99 -19.93 -41.50
N GLU QA 32 -21.44 -18.69 -41.68
CA GLU QA 32 -20.56 -17.56 -41.42
C GLU QA 32 -20.19 -17.49 -39.95
N LEU QA 33 -21.01 -18.06 -39.07
CA LEU QA 33 -20.64 -18.15 -37.66
C LEU QA 33 -19.60 -19.25 -37.43
N ASP QA 34 -19.62 -20.31 -38.25
CA ASP QA 34 -18.75 -21.45 -38.02
C ASP QA 34 -18.57 -22.23 -39.33
N PRO QA 35 -17.59 -21.88 -40.16
CA PRO QA 35 -17.49 -22.52 -41.49
C PRO QA 35 -17.18 -24.00 -41.45
N ASN QA 36 -16.67 -24.52 -40.34
CA ASN QA 36 -16.26 -25.93 -40.27
C ASN QA 36 -17.42 -26.88 -40.01
N ASP QA 37 -18.63 -26.39 -39.81
CA ASP QA 37 -19.77 -27.24 -39.46
C ASP QA 37 -20.10 -28.15 -40.64
N ALA QA 38 -19.93 -29.47 -40.45
CA ALA QA 38 -20.20 -30.43 -41.50
C ALA QA 38 -21.69 -30.65 -41.75
N LEU QA 39 -22.56 -30.20 -40.86
CA LEU QA 39 -23.99 -30.39 -40.99
C LEU QA 39 -24.69 -29.21 -41.63
N ALA QA 40 -24.25 -27.99 -41.33
CA ALA QA 40 -24.83 -26.82 -41.96
C ALA QA 40 -24.69 -26.91 -43.48
N TRP QA 41 -23.48 -27.18 -43.97
CA TRP QA 41 -23.26 -27.29 -45.40
C TRP QA 41 -24.12 -28.41 -46.00
N LEU QA 42 -24.17 -29.55 -45.32
CA LEU QA 42 -24.89 -30.70 -45.87
C LEU QA 42 -26.37 -30.39 -46.02
N LEU QA 43 -26.96 -29.72 -45.03
CA LEU QA 43 -28.37 -29.36 -45.13
C LEU QA 43 -28.60 -28.26 -46.16
N LEU QA 44 -27.70 -27.27 -46.21
CA LEU QA 44 -27.82 -26.21 -47.19
C LEU QA 44 -27.80 -26.77 -48.60
N GLY QA 45 -27.03 -27.83 -48.82
CA GLY QA 45 -27.02 -28.45 -50.14
C GLY QA 45 -28.40 -28.93 -50.55
N SER QA 46 -29.08 -29.63 -49.65
CA SER QA 46 -30.42 -30.12 -49.98
C SER QA 46 -31.40 -28.98 -50.14
N VAL QA 47 -31.30 -27.96 -49.29
CA VAL QA 47 -32.24 -26.83 -49.40
C VAL QA 47 -32.08 -26.14 -50.74
N LEU QA 48 -30.83 -25.85 -51.14
CA LEU QA 48 -30.60 -25.23 -52.43
C LEU QA 48 -31.04 -26.14 -53.57
N GLU QA 49 -30.83 -27.45 -53.43
CA GLU QA 49 -31.26 -28.36 -54.47
C GLU QA 49 -32.77 -28.31 -54.67
N LYS QA 50 -33.53 -28.24 -53.57
CA LYS QA 50 -34.97 -28.19 -53.68
C LYS QA 50 -35.45 -26.90 -54.33
N LEU QA 51 -34.74 -25.79 -54.11
CA LEU QA 51 -35.04 -24.55 -54.82
C LEU QA 51 -34.61 -24.60 -56.28
N LYS QA 52 -33.99 -25.69 -56.72
CA LYS QA 52 -33.56 -25.87 -58.11
C LYS QA 52 -32.44 -24.90 -58.50
N ARG QA 53 -31.76 -24.32 -57.50
CA ARG QA 53 -30.54 -23.55 -57.73
C ARG QA 53 -29.33 -24.48 -57.77
N LEU QA 54 -29.36 -25.46 -58.68
CA LEU QA 54 -28.41 -26.58 -58.64
C LEU QA 54 -26.96 -26.11 -58.63
N ASP QA 55 -26.65 -25.06 -59.38
CA ASP QA 55 -25.26 -24.65 -59.53
C ASP QA 55 -24.59 -24.39 -58.20
N GLU QA 56 -25.35 -23.92 -57.21
CA GLU QA 56 -24.82 -23.70 -55.87
C GLU QA 56 -24.89 -24.94 -55.01
N ALA QA 57 -25.91 -25.79 -55.22
CA ALA QA 57 -26.04 -27.01 -54.43
C ALA QA 57 -24.87 -27.95 -54.65
N ALA QA 58 -24.40 -28.05 -55.90
CA ALA QA 58 -23.25 -28.90 -56.15
C ALA QA 58 -22.05 -28.47 -55.31
N GLU QA 59 -21.75 -27.16 -55.30
CA GLU QA 59 -20.62 -26.68 -54.52
C GLU QA 59 -20.84 -26.88 -53.03
N ALA QA 60 -22.06 -26.65 -52.55
CA ALA QA 60 -22.33 -26.86 -51.14
C ALA QA 60 -22.06 -28.31 -50.74
N TYR QA 61 -22.55 -29.26 -51.54
CA TYR QA 61 -22.30 -30.67 -51.24
C TYR QA 61 -20.80 -30.97 -51.28
N LYS QA 62 -20.10 -30.43 -52.27
CA LYS QA 62 -18.67 -30.70 -52.38
C LYS QA 62 -17.92 -30.18 -51.17
N LYS QA 63 -18.25 -28.97 -50.70
CA LYS QA 63 -17.58 -28.44 -49.52
C LYS QA 63 -17.90 -29.31 -48.29
N ALA QA 64 -19.15 -29.75 -48.17
CA ALA QA 64 -19.50 -30.61 -47.06
C ALA QA 64 -18.67 -31.89 -47.08
N ILE QA 65 -18.56 -32.52 -48.25
CA ILE QA 65 -17.78 -33.75 -48.37
C ILE QA 65 -16.32 -33.49 -48.05
N GLU QA 66 -15.78 -32.36 -48.48
CA GLU QA 66 -14.42 -32.01 -48.14
C GLU QA 66 -14.25 -31.90 -46.62
N LEU QA 67 -15.28 -31.40 -45.93
CA LEU QA 67 -15.19 -31.22 -44.49
C LEU QA 67 -15.39 -32.51 -43.71
N LYS QA 68 -15.96 -33.55 -44.32
CA LYS QA 68 -16.23 -34.80 -43.61
C LYS QA 68 -16.20 -35.94 -44.61
N PRO QA 69 -15.04 -36.52 -44.88
CA PRO QA 69 -14.93 -37.55 -45.92
C PRO QA 69 -15.66 -38.82 -45.54
N ASN QA 70 -15.77 -39.72 -46.51
CA ASN QA 70 -16.31 -41.07 -46.38
C ASN QA 70 -17.82 -41.09 -46.15
N ASP QA 71 -18.50 -39.96 -46.29
CA ASP QA 71 -19.95 -39.89 -46.07
C ASP QA 71 -20.67 -40.51 -47.26
N ALA QA 72 -21.17 -41.73 -47.09
CA ALA QA 72 -21.79 -42.44 -48.21
C ALA QA 72 -23.10 -41.81 -48.66
N SER QA 73 -23.70 -40.93 -47.87
CA SER QA 73 -24.94 -40.25 -48.24
C SER QA 73 -24.67 -38.96 -49.01
N ALA QA 74 -23.69 -38.19 -48.55
CA ALA QA 74 -23.36 -36.94 -49.22
C ALA QA 74 -22.92 -37.19 -50.66
N TRP QA 75 -22.14 -38.25 -50.88
CA TRP QA 75 -21.71 -38.58 -52.24
C TRP QA 75 -22.91 -38.87 -53.13
N LYS QA 76 -23.89 -39.62 -52.63
CA LYS QA 76 -25.06 -39.93 -53.45
C LYS QA 76 -25.87 -38.68 -53.76
N GLU QA 77 -26.07 -37.81 -52.77
CA GLU QA 77 -26.83 -36.59 -53.04
C GLU QA 77 -26.10 -35.70 -54.04
N LEU QA 78 -24.78 -35.61 -53.91
CA LEU QA 78 -24.00 -34.85 -54.89
C LEU QA 78 -24.09 -35.49 -56.27
N GLY QA 79 -24.14 -36.82 -56.31
CA GLY QA 79 -24.36 -37.49 -57.58
C GLY QA 79 -25.68 -37.09 -58.22
N LYS QA 80 -26.74 -37.03 -57.41
CA LYS QA 80 -28.03 -36.60 -57.95
C LYS QA 80 -27.93 -35.18 -58.50
N VAL QA 81 -27.32 -34.27 -57.75
CA VAL QA 81 -27.19 -32.89 -58.23
C VAL QA 81 -26.40 -32.86 -59.52
N LEU QA 82 -25.28 -33.60 -59.56
CA LEU QA 82 -24.43 -33.59 -60.75
C LEU QA 82 -25.17 -34.15 -61.96
N GLU QA 83 -25.95 -35.21 -61.78
CA GLU QA 83 -26.74 -35.73 -62.88
C GLU QA 83 -27.72 -34.68 -63.37
N LYS QA 84 -28.39 -33.99 -62.45
CA LYS QA 84 -29.34 -32.96 -62.87
C LYS QA 84 -28.65 -31.79 -63.54
N LEU QA 85 -27.37 -31.53 -63.21
CA LEU QA 85 -26.60 -30.53 -63.95
C LEU QA 85 -26.11 -31.07 -65.29
N GLY QA 86 -26.22 -32.37 -65.54
CA GLY QA 86 -25.82 -32.95 -66.80
C GLY QA 86 -24.35 -33.28 -66.92
N ARG QA 87 -23.56 -33.14 -65.85
CA ARG QA 87 -22.14 -33.49 -65.87
C ARG QA 87 -21.98 -34.97 -65.48
N LEU QA 88 -22.46 -35.84 -66.37
CA LEU QA 88 -22.63 -37.25 -66.04
C LEU QA 88 -21.33 -37.93 -65.67
N ASP QA 89 -20.18 -37.45 -66.14
CA ASP QA 89 -18.91 -38.08 -65.76
C ASP QA 89 -18.65 -37.91 -64.27
N GLU QA 90 -18.81 -36.68 -63.76
CA GLU QA 90 -18.64 -36.45 -62.34
C GLU QA 90 -19.70 -37.19 -61.53
N ALA QA 91 -20.91 -37.32 -62.06
CA ALA QA 91 -21.93 -38.10 -61.38
C ALA QA 91 -21.55 -39.56 -61.27
N ALA QA 92 -21.01 -40.13 -62.36
CA ALA QA 92 -20.55 -41.50 -62.32
C ALA QA 92 -19.42 -41.66 -61.32
N GLU QA 93 -18.50 -40.69 -61.27
CA GLU QA 93 -17.42 -40.75 -60.29
C GLU QA 93 -17.98 -40.74 -58.87
N ALA QA 94 -18.96 -39.85 -58.61
CA ALA QA 94 -19.55 -39.77 -57.28
C ALA QA 94 -20.22 -41.08 -56.89
N TYR QA 95 -21.02 -41.65 -57.79
CA TYR QA 95 -21.72 -42.89 -57.46
C TYR QA 95 -20.73 -44.05 -57.31
N LEU QA 96 -19.64 -44.05 -58.09
CA LEU QA 96 -18.61 -45.05 -57.92
C LEU QA 96 -17.98 -44.95 -56.53
N ILE QA 97 -17.66 -43.74 -56.11
CA ILE QA 97 -17.11 -43.55 -54.76
C ILE QA 97 -18.12 -44.01 -53.72
N ALA QA 98 -19.41 -43.74 -53.96
CA ALA QA 98 -20.43 -44.16 -53.01
C ALA QA 98 -20.46 -45.67 -52.87
N ILE QA 99 -20.52 -46.38 -54.00
CA ILE QA 99 -20.57 -47.84 -53.93
C ILE QA 99 -19.28 -48.40 -53.35
N MET QA 100 -18.14 -47.74 -53.60
CA MET QA 100 -16.89 -48.22 -53.03
C MET QA 100 -16.78 -47.92 -51.55
N LEU QA 101 -17.55 -46.97 -51.02
CA LEU QA 101 -17.62 -46.74 -49.59
C LEU QA 101 -18.52 -47.77 -48.91
N ASP QA 102 -19.72 -47.96 -49.45
CA ASP QA 102 -20.68 -48.95 -48.96
C ASP QA 102 -20.95 -49.94 -50.09
N PRO QA 103 -20.17 -51.02 -50.19
CA PRO QA 103 -20.36 -51.96 -51.31
C PRO QA 103 -21.69 -52.68 -51.29
N GLU QA 104 -22.43 -52.63 -50.18
CA GLU QA 104 -23.72 -53.29 -50.06
C GLU QA 104 -24.90 -52.37 -50.38
N ASP QA 105 -24.65 -51.12 -50.78
CA ASP QA 105 -25.72 -50.16 -51.05
C ASP QA 105 -26.33 -50.45 -52.42
N ALA QA 106 -27.53 -51.02 -52.43
CA ALA QA 106 -28.20 -51.30 -53.70
C ALA QA 106 -28.58 -50.03 -54.45
N GLU QA 107 -29.02 -48.99 -53.72
CA GLU QA 107 -29.42 -47.75 -54.38
C GLU QA 107 -28.26 -47.10 -55.11
N ALA QA 108 -27.07 -47.13 -54.50
CA ALA QA 108 -25.89 -46.61 -55.18
C ALA QA 108 -25.65 -47.35 -56.49
N ALA QA 109 -25.79 -48.69 -56.46
CA ALA QA 109 -25.60 -49.47 -57.68
C ALA QA 109 -26.63 -49.09 -58.73
N LYS QA 110 -27.89 -48.90 -58.32
CA LYS QA 110 -28.92 -48.55 -59.28
C LYS QA 110 -28.64 -47.19 -59.92
N GLU QA 111 -28.25 -46.21 -59.10
CA GLU QA 111 -27.92 -44.89 -59.64
C GLU QA 111 -26.71 -44.95 -60.54
N LEU QA 112 -25.70 -45.74 -60.18
CA LEU QA 112 -24.53 -45.89 -61.03
C LEU QA 112 -24.92 -46.49 -62.38
N GLY QA 113 -25.80 -47.50 -62.36
CA GLY QA 113 -26.31 -48.03 -63.62
C GLY QA 113 -27.03 -46.98 -64.42
N LYS QA 114 -27.85 -46.17 -63.76
CA LYS QA 114 -28.58 -45.10 -64.45
C LYS QA 114 -27.62 -44.17 -65.17
N VAL QA 115 -26.63 -43.64 -64.44
CA VAL QA 115 -25.75 -42.64 -65.02
C VAL QA 115 -24.82 -43.28 -66.05
N LEU QA 116 -24.41 -44.53 -65.83
CA LEU QA 116 -23.59 -45.22 -66.81
C LEU QA 116 -24.35 -45.45 -68.10
N GLU QA 117 -25.62 -45.88 -68.01
CA GLU QA 117 -26.43 -46.08 -69.21
C GLU QA 117 -26.59 -44.78 -69.97
N LYS QA 118 -26.92 -43.69 -69.26
CA LYS QA 118 -27.05 -42.41 -69.94
C LYS QA 118 -25.71 -41.92 -70.47
N LEU QA 119 -24.61 -42.35 -69.86
CA LEU QA 119 -23.27 -41.99 -70.31
C LEU QA 119 -22.74 -42.91 -71.40
N GLY QA 120 -23.45 -43.99 -71.71
CA GLY QA 120 -23.07 -44.88 -72.79
C GLY QA 120 -22.21 -46.06 -72.42
N GLU QA 121 -21.93 -46.28 -71.14
CA GLU QA 121 -21.22 -47.47 -70.69
C GLU QA 121 -22.20 -48.62 -70.44
N LEU QA 122 -22.81 -49.07 -71.55
CA LEU QA 122 -23.94 -49.99 -71.46
C LEU QA 122 -23.60 -51.23 -70.63
N GLU QA 123 -22.44 -51.84 -70.88
CA GLU QA 123 -22.09 -53.06 -70.15
C GLU QA 123 -21.94 -52.78 -68.65
N MET QA 124 -21.23 -51.70 -68.31
CA MET QA 124 -21.07 -51.35 -66.90
C MET QA 124 -22.41 -51.00 -66.26
N ALA QA 125 -23.29 -50.32 -67.00
CA ALA QA 125 -24.61 -50.00 -66.49
C ALA QA 125 -25.41 -51.25 -66.19
N GLU QA 126 -25.39 -52.21 -67.12
CA GLU QA 126 -26.08 -53.49 -66.88
C GLU QA 126 -25.50 -54.20 -65.67
N GLU QA 127 -24.17 -54.21 -65.54
CA GLU QA 127 -23.55 -54.86 -64.39
C GLU QA 127 -23.98 -54.18 -63.09
N ALA QA 128 -24.04 -52.84 -63.09
CA ALA QA 128 -24.46 -52.12 -61.89
C ALA QA 128 -25.92 -52.40 -61.57
N TYR QA 129 -26.77 -52.49 -62.58
CA TYR QA 129 -28.17 -52.83 -62.34
C TYR QA 129 -28.29 -54.22 -61.74
N LYS QA 130 -27.52 -55.18 -62.24
CA LYS QA 130 -27.52 -56.52 -61.66
C LYS QA 130 -27.03 -56.50 -60.22
N LEU QA 131 -25.99 -55.71 -59.94
CA LEU QA 131 -25.50 -55.58 -58.57
C LEU QA 131 -26.59 -55.02 -57.66
N ALA QA 132 -27.28 -53.97 -58.11
CA ALA QA 132 -28.37 -53.40 -57.33
C ALA QA 132 -29.45 -54.43 -57.06
N ILE QA 133 -29.82 -55.21 -58.08
CA ILE QA 133 -30.84 -56.23 -57.91
C ILE QA 133 -30.39 -57.27 -56.88
N LYS QA 134 -29.13 -57.72 -56.99
CA LYS QA 134 -28.65 -58.75 -56.08
C LYS QA 134 -28.57 -58.26 -54.65
N LEU QA 135 -28.10 -57.02 -54.45
CA LEU QA 135 -27.97 -56.49 -53.10
C LEU QA 135 -29.35 -56.34 -52.46
N ASP QA 136 -30.28 -55.72 -53.16
CA ASP QA 136 -31.65 -55.63 -52.70
C ASP QA 136 -32.58 -55.47 -53.89
N PRO QA 137 -33.42 -56.47 -54.19
CA PRO QA 137 -34.37 -56.31 -55.32
C PRO QA 137 -35.41 -55.24 -55.09
N ASN QA 138 -35.65 -54.84 -53.84
CA ASN QA 138 -36.67 -53.84 -53.55
C ASN QA 138 -36.18 -52.41 -53.75
N ASP QA 139 -34.87 -52.21 -53.84
CA ASP QA 139 -34.31 -50.88 -54.04
C ASP QA 139 -34.22 -50.52 -55.52
N GLU RA 1 -13.01 9.09 -55.19
CA GLU RA 1 -12.22 10.23 -54.68
C GLU RA 1 -12.37 11.44 -55.61
N GLU RA 2 -12.26 12.64 -55.04
CA GLU RA 2 -12.50 13.85 -55.82
C GLU RA 2 -11.54 13.97 -57.00
N ALA RA 3 -10.39 13.31 -56.96
CA ALA RA 3 -9.47 13.37 -58.09
C ALA RA 3 -10.13 12.88 -59.36
N GLU RA 4 -10.90 11.79 -59.26
CA GLU RA 4 -11.58 11.25 -60.45
C GLU RA 4 -12.59 12.24 -60.99
N LEU RA 5 -13.36 12.88 -60.10
CA LEU RA 5 -14.36 13.85 -60.54
C LEU RA 5 -13.69 15.05 -61.19
N ALA RA 6 -12.59 15.53 -60.61
CA ALA RA 6 -11.88 16.66 -61.21
C ALA RA 6 -11.35 16.29 -62.58
N TYR RA 7 -10.80 15.09 -62.74
CA TYR RA 7 -10.34 14.65 -64.05
C TYR RA 7 -11.49 14.57 -65.04
N LEU RA 8 -12.64 14.08 -64.59
CA LEU RA 8 -13.81 14.05 -65.46
C LEU RA 8 -14.18 15.45 -65.94
N LEU RA 9 -14.19 16.41 -65.01
CA LEU RA 9 -14.47 17.79 -65.39
C LEU RA 9 -13.43 18.29 -66.38
N GLY RA 10 -12.17 17.93 -66.16
CA GLY RA 10 -11.14 18.34 -67.10
C GLY RA 10 -11.39 17.80 -68.50
N GLU RA 11 -11.76 16.52 -68.60
CA GLU RA 11 -12.04 15.94 -69.90
C GLU RA 11 -13.21 16.64 -70.57
N LEU RA 12 -14.28 16.89 -69.81
CA LEU RA 12 -15.45 17.55 -70.38
C LEU RA 12 -15.10 18.95 -70.86
N ALA RA 13 -14.37 19.71 -70.04
CA ALA RA 13 -13.98 21.06 -70.43
C ALA RA 13 -13.09 21.05 -71.67
N TYR RA 14 -12.12 20.15 -71.73
CA TYR RA 14 -11.22 20.11 -72.87
C TYR RA 14 -11.98 19.78 -74.14
N LYS RA 15 -12.87 18.80 -74.08
CA LYS RA 15 -13.59 18.41 -75.29
C LYS RA 15 -14.45 19.56 -75.80
N LEU RA 16 -14.98 20.38 -74.90
CA LEU RA 16 -15.82 21.51 -75.28
C LEU RA 16 -15.02 22.79 -75.53
N GLY RA 17 -13.69 22.73 -75.46
CA GLY RA 17 -12.86 23.86 -75.83
C GLY RA 17 -12.68 24.92 -74.76
N GLU RA 18 -12.97 24.61 -73.49
CA GLU RA 18 -12.75 25.55 -72.39
C GLU RA 18 -11.41 25.26 -71.72
N TYR RA 19 -10.35 25.67 -72.42
CA TYR RA 19 -8.99 25.24 -72.06
C TYR RA 19 -8.55 25.74 -70.70
N ARG RA 20 -8.91 26.97 -70.32
CA ARG RA 20 -8.59 27.43 -68.97
C ARG RA 20 -9.24 26.52 -67.93
N ILE RA 21 -10.52 26.20 -68.12
CA ILE RA 21 -11.22 25.31 -67.22
C ILE RA 21 -10.54 23.95 -67.17
N ALA RA 22 -10.15 23.44 -68.34
CA ALA RA 22 -9.50 22.14 -68.40
C ALA RA 22 -8.19 22.14 -67.63
N ILE RA 23 -7.38 23.18 -67.82
CA ILE RA 23 -6.09 23.24 -67.13
C ILE RA 23 -6.28 23.24 -65.63
N ARG RA 24 -7.16 24.13 -65.13
CA ARG RA 24 -7.31 24.19 -63.69
C ARG RA 24 -7.93 22.91 -63.13
N ALA RA 25 -8.83 22.28 -63.87
CA ALA RA 25 -9.41 21.03 -63.40
C ALA RA 25 -8.37 19.93 -63.32
N TYR RA 26 -7.56 19.79 -64.37
CA TYR RA 26 -6.51 18.78 -64.36
C TYR RA 26 -5.50 19.04 -63.25
N ARG RA 27 -5.23 20.31 -62.96
CA ARG RA 27 -4.37 20.62 -61.81
C ARG RA 27 -4.99 20.12 -60.51
N ILE RA 28 -6.26 20.44 -60.29
CA ILE RA 28 -6.91 20.02 -59.04
C ILE RA 28 -6.92 18.50 -58.95
N ALA RA 29 -6.97 17.81 -60.08
CA ALA RA 29 -6.94 16.35 -60.07
C ALA RA 29 -5.54 15.84 -59.75
N LEU RA 30 -4.54 16.31 -60.50
CA LEU RA 30 -3.17 15.81 -60.35
C LEU RA 30 -2.62 16.06 -58.97
N LYS RA 31 -3.05 17.13 -58.30
CA LYS RA 31 -2.53 17.39 -56.96
C LYS RA 31 -2.68 16.21 -56.03
N ARG RA 32 -3.56 15.26 -56.36
CA ARG RA 32 -3.77 14.08 -55.54
C ARG RA 32 -3.55 12.76 -56.27
N ASP RA 33 -3.02 12.77 -57.49
CA ASP RA 33 -2.77 11.54 -58.24
C ASP RA 33 -1.66 11.79 -59.25
N PRO RA 34 -0.42 11.98 -58.77
CA PRO RA 34 0.67 12.36 -59.68
C PRO RA 34 1.05 11.30 -60.71
N ASN RA 35 0.69 10.04 -60.49
CA ASN RA 35 1.09 8.97 -61.40
C ASN RA 35 0.18 8.87 -62.63
N ASN RA 36 -0.81 9.74 -62.77
CA ASN RA 36 -1.85 9.60 -63.80
C ASN RA 36 -1.31 10.08 -65.14
N ALA RA 37 -0.93 9.13 -65.99
CA ALA RA 37 -0.37 9.48 -67.29
C ALA RA 37 -1.36 10.25 -68.16
N GLU RA 38 -2.62 9.81 -68.18
CA GLU RA 38 -3.60 10.44 -69.05
C GLU RA 38 -3.83 11.90 -68.66
N ALA RA 39 -3.82 12.19 -67.36
CA ALA RA 39 -4.02 13.55 -66.90
C ALA RA 39 -2.88 14.46 -67.37
N TRP RA 40 -1.64 14.00 -67.23
CA TRP RA 40 -0.51 14.78 -67.73
C TRP RA 40 -0.63 15.01 -69.23
N TYR RA 41 -0.99 13.96 -69.98
CA TYR RA 41 -1.09 14.09 -71.43
C TYR RA 41 -2.16 15.12 -71.80
N ASN RA 42 -3.32 15.06 -71.16
CA ASN RA 42 -4.39 15.99 -71.49
C ASN RA 42 -4.02 17.43 -71.10
N LEU RA 43 -3.32 17.59 -69.99
CA LEU RA 43 -2.84 18.92 -69.62
C LEU RA 43 -1.89 19.46 -70.67
N GLY RA 44 -0.99 18.61 -71.16
CA GLY RA 44 -0.11 19.02 -72.24
C GLY RA 44 -0.90 19.41 -73.49
N ASN RA 45 -1.93 18.63 -73.82
CA ASN RA 45 -2.76 18.97 -74.97
C ASN RA 45 -3.44 20.32 -74.79
N ALA RA 46 -3.90 20.62 -73.58
CA ALA RA 46 -4.52 21.92 -73.34
C ALA RA 46 -3.51 23.05 -73.57
N TYR RA 47 -2.33 22.95 -72.95
CA TYR RA 47 -1.34 23.99 -73.16
C TYR RA 47 -0.94 24.09 -74.63
N THR RA 48 -0.93 22.96 -75.36
CA THR RA 48 -0.67 23.01 -76.79
C THR RA 48 -1.75 23.79 -77.52
N LYS RA 49 -3.02 23.52 -77.20
CA LYS RA 49 -4.11 24.24 -77.84
C LYS RA 49 -3.96 25.74 -77.62
N GLN RA 50 -3.56 26.15 -76.41
CA GLN RA 50 -3.34 27.57 -76.16
C GLN RA 50 -2.09 28.09 -76.86
N GLY RA 51 -1.22 27.20 -77.35
CA GLY RA 51 0.03 27.63 -77.96
C GLY RA 51 1.15 27.91 -76.99
N ASP RA 52 1.02 27.47 -75.74
CA ASP RA 52 2.08 27.61 -74.73
C ASP RA 52 3.02 26.41 -74.76
N TYR RA 53 3.67 26.22 -75.90
CA TYR RA 53 4.46 25.00 -76.12
C TYR RA 53 5.56 24.85 -75.09
N ASP RA 54 6.21 25.95 -74.72
CA ASP RA 54 7.28 25.87 -73.72
C ASP RA 54 6.77 25.32 -72.40
N GLU RA 55 5.47 25.45 -72.12
CA GLU RA 55 4.89 24.80 -70.96
C GLU RA 55 4.51 23.36 -71.27
N ALA RA 56 3.93 23.13 -72.44
CA ALA RA 56 3.40 21.81 -72.78
C ALA RA 56 4.50 20.74 -72.81
N ILE RA 57 5.71 21.13 -73.22
CA ILE RA 57 6.77 20.13 -73.39
C ILE RA 57 7.06 19.43 -72.07
N GLU RA 58 7.06 20.17 -70.96
CA GLU RA 58 7.38 19.56 -69.68
C GLU RA 58 6.37 18.48 -69.30
N TYR RA 59 5.08 18.79 -69.47
CA TYR RA 59 4.06 17.82 -69.11
C TYR RA 59 4.03 16.64 -70.06
N TYR RA 60 4.31 16.87 -71.35
CA TYR RA 60 4.45 15.75 -72.27
C TYR RA 60 5.60 14.85 -71.86
N LEU RA 61 6.72 15.44 -71.45
CA LEU RA 61 7.87 14.67 -70.98
C LEU RA 61 7.51 13.84 -69.76
N ARG RA 62 6.81 14.46 -68.80
CA ARG RA 62 6.40 13.71 -67.61
C ARG RA 62 5.49 12.55 -67.98
N ALA RA 63 4.58 12.78 -68.94
CA ALA RA 63 3.69 11.72 -69.38
C ALA RA 63 4.48 10.57 -70.02
N LEU RA 64 5.45 10.90 -70.86
CA LEU RA 64 6.27 9.86 -71.48
C LEU RA 64 7.06 9.09 -70.44
N VAL RA 65 7.59 9.79 -69.43
CA VAL RA 65 8.30 9.10 -68.36
C VAL RA 65 7.38 8.11 -67.66
N LEU RA 66 6.14 8.52 -67.39
CA LEU RA 66 5.21 7.63 -66.70
C LEU RA 66 4.67 6.53 -67.59
N ASP RA 67 4.82 6.65 -68.91
CA ASP RA 67 4.41 5.59 -69.84
C ASP RA 67 5.22 5.77 -71.12
N PRO RA 68 6.28 4.97 -71.32
CA PRO RA 68 7.10 5.16 -72.52
C PRO RA 68 6.45 4.67 -73.81
N ASN RA 69 5.29 4.02 -73.74
CA ASN RA 69 4.62 3.50 -74.92
C ASN RA 69 3.66 4.49 -75.56
N ASN RA 70 3.45 5.66 -74.96
CA ASN RA 70 2.40 6.58 -75.39
C ASN RA 70 2.83 7.27 -76.68
N ALA RA 71 2.45 6.67 -77.81
CA ALA RA 71 2.82 7.24 -79.10
C ALA RA 71 2.19 8.61 -79.33
N GLU RA 72 0.96 8.80 -78.87
CA GLU RA 72 0.31 10.10 -79.05
C GLU RA 72 1.06 11.20 -78.31
N ALA RA 73 1.48 10.91 -77.07
CA ALA RA 73 2.28 11.88 -76.32
C ALA RA 73 3.57 12.19 -77.05
N ALA RA 74 4.21 11.17 -77.62
CA ALA RA 74 5.43 11.40 -78.38
C ALA RA 74 5.18 12.30 -79.57
N THR RA 75 4.10 12.07 -80.29
CA THR RA 75 3.78 12.89 -81.46
C THR RA 75 3.55 14.35 -81.06
N ASN RA 76 2.77 14.56 -80.00
CA ASN RA 76 2.48 15.92 -79.57
C ASN RA 76 3.74 16.60 -79.03
N LEU RA 77 4.60 15.85 -78.35
CA LEU RA 77 5.86 16.42 -77.88
C LEU RA 77 6.75 16.80 -79.06
N GLY RA 78 6.79 15.96 -80.09
CA GLY RA 78 7.52 16.33 -81.30
C GLY RA 78 6.99 17.60 -81.91
N GLN RA 79 5.67 17.73 -81.99
CA GLN RA 79 5.08 18.96 -82.52
C GLN RA 79 5.45 20.16 -81.66
N ALA RA 80 5.42 20.00 -80.33
CA ALA RA 80 5.77 21.09 -79.43
C ALA RA 80 7.22 21.53 -79.64
N TYR RA 81 8.13 20.56 -79.76
CA TYR RA 81 9.52 20.90 -80.05
C TYR RA 81 9.65 21.57 -81.40
N MET RA 82 8.85 21.15 -82.38
CA MET RA 82 8.88 21.80 -83.68
C MET RA 82 8.46 23.26 -83.57
N ASN RA 83 7.42 23.53 -82.78
CA ASN RA 83 7.03 24.92 -82.54
C ASN RA 83 8.12 25.68 -81.78
N GLN RA 84 8.84 25.00 -80.89
CA GLN RA 84 9.96 25.61 -80.20
C GLN RA 84 11.18 25.79 -81.11
N GLY RA 85 11.16 25.24 -82.32
CA GLY RA 85 12.26 25.33 -83.24
C GLY RA 85 13.36 24.31 -83.05
N ASP RA 86 13.22 23.40 -82.08
CA ASP RA 86 14.19 22.33 -81.88
C ASP RA 86 13.91 21.21 -82.87
N LYS RA 87 14.29 21.46 -84.12
CA LYS RA 87 14.01 20.51 -85.18
C LYS RA 87 14.57 19.13 -84.85
N ASP RA 88 15.75 19.09 -84.23
CA ASP RA 88 16.36 17.80 -83.90
C ASP RA 88 15.52 17.03 -82.90
N ARG RA 89 15.14 17.68 -81.79
CA ARG RA 89 14.36 17.01 -80.76
C ARG RA 89 12.99 16.61 -81.28
N ALA RA 90 12.36 17.49 -82.05
CA ALA RA 90 11.06 17.17 -82.65
C ALA RA 90 11.18 15.95 -83.56
N LYS RA 91 12.23 15.92 -84.39
CA LYS RA 91 12.44 14.77 -85.26
C LYS RA 91 12.64 13.50 -84.45
N LEU RA 92 13.43 13.58 -83.38
CA LEU RA 92 13.65 12.40 -82.54
C LEU RA 92 12.33 11.88 -81.98
N MET RA 93 11.50 12.77 -81.45
CA MET RA 93 10.26 12.31 -80.84
C MET RA 93 9.26 11.83 -81.87
N LEU RA 94 9.26 12.43 -83.07
CA LEU RA 94 8.39 11.92 -84.13
C LEU RA 94 8.82 10.53 -84.58
N LEU RA 95 10.13 10.30 -84.69
CA LEU RA 95 10.61 8.96 -85.00
C LEU RA 95 10.25 7.99 -83.89
N LEU RA 96 10.32 8.43 -82.64
CA LEU RA 96 9.88 7.60 -81.53
C LEU RA 96 8.41 7.22 -81.68
N ALA RA 97 7.57 8.20 -82.06
CA ALA RA 97 6.15 7.93 -82.25
C ALA RA 97 5.95 6.89 -83.34
N LEU RA 98 6.64 7.05 -84.47
CA LEU RA 98 6.48 6.10 -85.57
C LEU RA 98 6.99 4.72 -85.18
N LYS RA 99 8.04 4.65 -84.36
CA LYS RA 99 8.51 3.35 -83.88
C LYS RA 99 7.49 2.70 -82.96
N LEU RA 100 6.86 3.48 -82.09
CA LEU RA 100 5.87 2.95 -81.16
C LEU RA 100 4.62 2.52 -81.91
N ASP SA 1 22.20 17.44 27.04
CA ASP SA 1 23.66 17.66 26.87
C ASP SA 1 24.34 17.93 28.22
N VAL SA 2 25.61 18.35 28.17
CA VAL SA 2 26.45 18.54 29.35
C VAL SA 2 26.04 19.76 30.18
N SER SA 3 24.96 20.43 29.77
CA SER SA 3 24.54 21.65 30.45
C SER SA 3 24.44 21.44 31.95
N ALA SA 4 23.92 20.29 32.38
CA ALA SA 4 23.74 20.04 33.81
C ALA SA 4 25.06 20.17 34.56
N LEU SA 5 26.18 19.87 33.90
CA LEU SA 5 27.50 19.99 34.51
C LEU SA 5 28.13 21.37 34.29
N ALA SA 6 27.86 21.98 33.13
CA ALA SA 6 28.55 23.21 32.78
C ALA SA 6 28.45 24.28 33.86
N TYR SA 7 27.27 24.41 34.48
CA TYR SA 7 27.08 25.49 35.46
C TYR SA 7 28.03 25.35 36.64
N VAL SA 8 28.43 24.13 36.99
CA VAL SA 8 29.40 23.96 38.07
C VAL SA 8 30.72 24.62 37.70
N MET SA 9 31.16 24.42 36.46
CA MET SA 9 32.38 25.07 36.00
C MET SA 9 32.21 26.59 36.00
N LEU SA 10 31.03 27.06 35.58
CA LEU SA 10 30.81 28.50 35.59
C LEU SA 10 30.94 29.05 37.00
N GLY SA 11 30.37 28.35 37.98
CA GLY SA 11 30.48 28.79 39.35
C GLY SA 11 31.91 28.77 39.86
N LEU SA 12 32.66 27.72 39.53
CA LEU SA 12 34.05 27.65 39.96
C LEU SA 12 34.85 28.80 39.36
N LEU SA 13 34.67 29.07 38.07
CA LEU SA 13 35.37 30.17 37.44
C LEU SA 13 35.05 31.48 38.16
N LEU SA 14 33.76 31.76 38.36
CA LEU SA 14 33.39 33.00 39.03
C LEU SA 14 33.99 33.06 40.42
N SER SA 15 34.13 31.92 41.09
CA SER SA 15 34.76 31.90 42.41
C SER SA 15 36.23 32.25 42.31
N LEU SA 16 36.90 31.82 41.23
CA LEU SA 16 38.30 32.15 41.06
C LEU SA 16 38.51 33.65 40.91
N LEU SA 17 37.53 34.36 40.35
CA LEU SA 17 37.62 35.81 40.18
C LEU SA 17 37.11 36.59 41.37
N ASN SA 18 36.74 35.91 42.46
CA ASN SA 18 36.22 36.52 43.67
C ASN SA 18 34.84 37.16 43.48
N ARG SA 19 34.16 36.87 42.37
CA ARG SA 19 32.76 37.25 42.21
C ARG SA 19 31.85 36.15 42.76
N LEU SA 20 32.01 35.90 44.06
CA LEU SA 20 31.30 34.81 44.73
C LEU SA 20 29.79 34.93 44.56
N SER SA 21 29.26 36.15 44.67
CA SER SA 21 27.81 36.34 44.69
C SER SA 21 27.16 35.87 43.39
N LEU SA 22 27.88 35.89 42.28
CA LEU SA 22 27.38 35.28 41.04
C LEU SA 22 27.60 33.77 41.02
N ALA SA 23 28.68 33.31 41.65
CA ALA SA 23 28.95 31.88 41.70
C ALA SA 23 27.85 31.14 42.44
N ALA SA 24 27.34 31.73 43.52
CA ALA SA 24 26.25 31.08 44.24
C ALA SA 24 25.04 30.87 43.32
N GLU SA 25 24.70 31.87 42.52
CA GLU SA 25 23.58 31.72 41.60
C GLU SA 25 23.87 30.67 40.54
N ALA SA 26 25.10 30.64 40.04
CA ALA SA 26 25.46 29.60 39.07
C ALA SA 26 25.28 28.21 39.66
N TYR SA 27 25.75 28.01 40.89
CA TYR SA 27 25.57 26.72 41.54
C TYR SA 27 24.08 26.41 41.71
N LYS SA 28 23.29 27.40 42.13
CA LYS SA 28 21.87 27.17 42.32
C LYS SA 28 21.20 26.74 41.02
N LYS SA 29 21.60 27.35 39.91
CA LYS SA 29 21.10 26.89 38.61
C LYS SA 29 21.51 25.44 38.36
N ALA SA 30 22.75 25.10 38.70
CA ALA SA 30 23.21 23.72 38.51
C ALA SA 30 22.34 22.75 39.30
N ILE SA 31 22.06 23.09 40.57
CA ILE SA 31 21.29 22.20 41.44
C ILE SA 31 19.91 21.96 40.86
N GLU SA 32 19.25 23.01 40.39
CA GLU SA 32 17.90 22.86 39.85
C GLU SA 32 17.90 21.99 38.60
N LEU SA 33 19.03 21.94 37.89
CA LEU SA 33 19.15 20.99 36.78
C LEU SA 33 19.35 19.56 37.27
N ASP SA 34 20.03 19.39 38.40
CA ASP SA 34 20.32 18.06 38.94
C ASP SA 34 20.51 18.16 40.46
N PRO SA 35 19.49 17.84 41.27
CA PRO SA 35 19.63 18.02 42.72
C PRO SA 35 20.57 17.04 43.39
N ASN SA 36 20.95 15.94 42.73
CA ASN SA 36 21.72 14.88 43.34
C ASN SA 36 23.24 15.07 43.26
N ASP SA 37 23.71 16.16 42.66
CA ASP SA 37 25.14 16.35 42.49
C ASP SA 37 25.79 16.75 43.82
N ALA SA 38 26.76 15.95 44.27
CA ALA SA 38 27.45 16.26 45.52
C ALA SA 38 28.36 17.47 45.40
N LEU SA 39 29.05 17.63 44.26
CA LEU SA 39 29.99 18.73 44.10
C LEU SA 39 29.25 20.06 44.13
N ALA SA 40 28.10 20.14 43.46
CA ALA SA 40 27.33 21.37 43.46
C ALA SA 40 27.03 21.81 44.89
N TRP SA 41 26.46 20.90 45.68
CA TRP SA 41 26.08 21.27 47.05
C TRP SA 41 27.29 21.62 47.88
N LEU SA 42 28.37 20.84 47.79
CA LEU SA 42 29.53 21.11 48.62
C LEU SA 42 30.17 22.45 48.29
N LEU SA 43 30.38 22.73 47.00
CA LEU SA 43 30.99 23.99 46.61
C LEU SA 43 30.08 25.16 46.93
N LEU SA 44 28.77 24.99 46.76
CA LEU SA 44 27.84 26.04 47.14
C LEU SA 44 27.92 26.31 48.64
N GLY SA 45 28.05 25.26 49.45
CA GLY SA 45 28.23 25.45 50.87
C GLY SA 45 29.46 26.28 51.17
N SER SA 46 30.59 25.94 50.55
CA SER SA 46 31.80 26.71 50.81
C SER SA 46 31.66 28.16 50.36
N VAL SA 47 31.04 28.38 49.20
CA VAL SA 47 30.88 29.73 48.69
C VAL SA 47 30.01 30.56 49.64
N LEU SA 48 28.86 30.01 50.03
CA LEU SA 48 28.01 30.71 50.99
C LEU SA 48 28.73 30.94 52.30
N GLU SA 49 29.60 30.02 52.71
CA GLU SA 49 30.38 30.23 53.92
C GLU SA 49 31.26 31.47 53.77
N LYS SA 50 31.97 31.58 52.65
CA LYS SA 50 32.88 32.71 52.48
C LYS SA 50 32.16 34.03 52.28
N LEU SA 51 30.89 34.01 51.88
CA LEU SA 51 30.09 35.22 51.87
C LEU SA 51 29.60 35.62 53.25
N LYS SA 52 29.90 34.82 54.28
CA LYS SA 52 29.45 35.10 55.64
C LYS SA 52 27.93 35.05 55.74
N ARG SA 53 27.30 34.15 54.98
CA ARG SA 53 25.86 33.90 55.04
C ARG SA 53 25.57 32.57 55.73
N LEU SA 54 26.34 32.29 56.77
CA LEU SA 54 26.44 30.94 57.35
C LEU SA 54 25.10 30.22 57.45
N ASP SA 55 24.01 30.96 57.70
CA ASP SA 55 22.73 30.31 57.95
C ASP SA 55 22.36 29.35 56.84
N GLU SA 56 22.70 29.69 55.59
CA GLU SA 56 22.44 28.80 54.46
C GLU SA 56 23.56 27.80 54.24
N ALA SA 57 24.80 28.18 54.59
CA ALA SA 57 25.94 27.30 54.37
C ALA SA 57 25.80 26.03 55.18
N ALA SA 58 25.32 26.14 56.43
CA ALA SA 58 25.13 24.95 57.23
C ALA SA 58 24.20 23.96 56.55
N GLU SA 59 23.06 24.44 56.04
CA GLU SA 59 22.11 23.56 55.38
C GLU SA 59 22.68 22.98 54.09
N ALA SA 60 23.41 23.79 53.32
CA ALA SA 60 24.01 23.27 52.10
C ALA SA 60 24.99 22.12 52.40
N TYR SA 61 25.85 22.33 53.40
CA TYR SA 61 26.77 21.26 53.79
C TYR SA 61 26.00 20.02 54.26
N LYS SA 62 24.94 20.21 55.03
CA LYS SA 62 24.17 19.07 55.52
C LYS SA 62 23.55 18.29 54.37
N LYS SA 63 23.00 19.00 53.37
CA LYS SA 63 22.44 18.29 52.22
C LYS SA 63 23.53 17.54 51.48
N ALA SA 64 24.70 18.14 51.32
CA ALA SA 64 25.79 17.44 50.64
C ALA SA 64 26.17 16.18 51.39
N ILE SA 65 26.29 16.26 52.71
CA ILE SA 65 26.64 15.10 53.52
C ILE SA 65 25.57 14.03 53.40
N GLU SA 66 24.30 14.44 53.38
CA GLU SA 66 23.21 13.47 53.20
C GLU SA 66 23.31 12.78 51.85
N LEU SA 67 23.80 13.49 50.83
CA LEU SA 67 23.80 12.92 49.48
C LEU SA 67 24.99 12.00 49.22
N LYS SA 68 26.09 12.16 49.94
CA LYS SA 68 27.31 11.37 49.70
C LYS SA 68 28.08 11.23 51.00
N PRO SA 69 27.66 10.31 51.87
CA PRO SA 69 28.20 10.26 53.23
C PRO SA 69 29.64 9.76 53.31
N ASN SA 70 30.21 9.83 54.52
CA ASN SA 70 31.46 9.23 54.94
C ASN SA 70 32.70 10.06 54.56
N ASP SA 71 32.55 11.22 53.95
CA ASP SA 71 33.69 12.07 53.58
C ASP SA 71 34.01 13.00 54.74
N ALA SA 72 35.18 12.80 55.36
CA ALA SA 72 35.54 13.58 56.54
C ALA SA 72 35.64 15.07 56.24
N SER SA 73 36.01 15.45 55.02
CA SER SA 73 36.19 16.86 54.70
C SER SA 73 34.88 17.62 54.85
N ALA SA 74 33.78 17.07 54.33
CA ALA SA 74 32.49 17.73 54.44
C ALA SA 74 32.08 17.86 55.90
N TRP SA 75 32.30 16.82 56.69
CA TRP SA 75 31.96 16.88 58.10
C TRP SA 75 32.75 17.95 58.82
N LYS SA 76 34.05 18.05 58.54
CA LYS SA 76 34.87 19.08 59.18
C LYS SA 76 34.42 20.48 58.78
N GLU SA 77 34.08 20.68 57.50
CA GLU SA 77 33.63 22.01 57.08
C GLU SA 77 32.30 22.36 57.72
N LEU SA 78 31.38 21.40 57.81
CA LEU SA 78 30.13 21.65 58.52
C LEU SA 78 30.39 21.94 59.99
N GLY SA 79 31.39 21.27 60.57
CA GLY SA 79 31.77 21.59 61.93
C GLY SA 79 32.24 23.02 62.07
N LYS SA 80 33.03 23.50 61.11
CA LYS SA 80 33.48 24.88 61.15
C LYS SA 80 32.31 25.85 61.07
N VAL SA 81 31.38 25.61 60.15
CA VAL SA 81 30.23 26.50 60.02
C VAL SA 81 29.39 26.49 61.29
N LEU SA 82 29.14 25.29 61.84
CA LEU SA 82 28.35 25.20 63.07
C LEU SA 82 29.06 25.89 64.23
N GLU SA 83 30.39 25.72 64.33
CA GLU SA 83 31.13 26.37 65.41
C GLU SA 83 31.01 27.89 65.29
N LYS SA 84 31.10 28.42 64.07
CA LYS SA 84 30.92 29.85 63.89
C LYS SA 84 29.51 30.28 64.25
N LEU SA 85 28.51 29.44 63.95
CA LEU SA 85 27.14 29.75 64.34
C LEU SA 85 26.89 29.59 65.84
N GLY SA 86 27.85 29.02 66.57
CA GLY SA 86 27.74 28.90 68.01
C GLY SA 86 26.92 27.73 68.52
N ARG SA 87 26.47 26.84 67.64
CA ARG SA 87 25.74 25.63 68.06
C ARG SA 87 26.73 24.51 68.36
N LEU SA 88 27.52 24.73 69.42
CA LEU SA 88 28.72 23.93 69.65
C LEU SA 88 28.42 22.46 69.89
N ASP SA 89 27.21 22.09 70.32
CA ASP SA 89 26.89 20.68 70.46
C ASP SA 89 26.93 19.98 69.12
N GLU SA 90 26.26 20.56 68.11
CA GLU SA 90 26.29 19.98 66.78
C GLU SA 90 27.70 20.00 66.20
N ALA SA 91 28.48 21.05 66.51
CA ALA SA 91 29.86 21.10 66.03
C ALA SA 91 30.70 19.99 66.63
N ALA SA 92 30.55 19.74 67.93
CA ALA SA 92 31.26 18.63 68.57
C ALA SA 92 30.84 17.30 67.95
N GLU SA 93 29.54 17.14 67.71
CA GLU SA 93 29.07 15.92 67.04
C GLU SA 93 29.74 15.76 65.68
N ALA SA 94 29.79 16.85 64.91
CA ALA SA 94 30.38 16.79 63.57
C ALA SA 94 31.85 16.41 63.64
N TYR SA 95 32.62 17.03 64.53
CA TYR SA 95 34.05 16.72 64.60
C TYR SA 95 34.28 15.31 65.12
N LEU SA 96 33.45 14.84 66.06
CA LEU SA 96 33.54 13.47 66.51
C LEU SA 96 33.27 12.50 65.37
N ILE SA 97 32.26 12.78 64.56
CA ILE SA 97 31.98 11.93 63.39
C ILE SA 97 33.16 11.97 62.42
N ALA SA 98 33.78 13.14 62.27
CA ALA SA 98 34.95 13.25 61.40
C ALA SA 98 36.07 12.35 61.88
N ILE SA 99 36.36 12.38 63.19
CA ILE SA 99 37.40 11.51 63.74
C ILE SA 99 37.03 10.05 63.53
N MET SA 100 35.78 9.69 63.78
CA MET SA 100 35.36 8.30 63.68
C MET SA 100 35.41 7.81 62.23
N LEU SA 101 35.23 8.70 61.27
CA LEU SA 101 35.39 8.31 59.88
C LEU SA 101 36.86 8.18 59.48
N ASP SA 102 37.74 8.93 60.13
CA ASP SA 102 39.18 8.88 59.81
C ASP SA 102 39.94 9.19 61.09
N PRO SA 103 40.32 8.17 61.86
CA PRO SA 103 40.89 8.40 63.20
C PRO SA 103 42.28 9.03 63.22
N GLU SA 104 42.85 9.47 62.10
CA GLU SA 104 44.27 9.73 62.04
C GLU SA 104 44.68 11.17 61.73
N ASP SA 105 43.77 12.04 61.33
CA ASP SA 105 44.16 13.40 60.94
C ASP SA 105 44.26 14.32 62.16
N ALA SA 106 45.24 15.24 62.11
CA ALA SA 106 45.46 16.15 63.23
C ALA SA 106 44.38 17.23 63.31
N GLU SA 107 43.93 17.73 62.16
CA GLU SA 107 43.04 18.89 62.15
C GLU SA 107 41.76 18.60 62.92
N ALA SA 108 41.19 17.41 62.72
CA ALA SA 108 39.95 17.07 63.43
C ALA SA 108 40.17 17.08 64.93
N ALA SA 109 41.30 16.54 65.39
CA ALA SA 109 41.58 16.53 66.82
C ALA SA 109 41.74 17.95 67.36
N LYS SA 110 42.50 18.80 66.65
CA LYS SA 110 42.64 20.18 67.08
C LYS SA 110 41.30 20.87 67.22
N GLU SA 111 40.45 20.74 66.19
CA GLU SA 111 39.18 21.46 66.19
C GLU SA 111 38.22 20.88 67.23
N LEU SA 112 38.26 19.56 67.44
CA LEU SA 112 37.44 18.98 68.50
C LEU SA 112 37.89 19.48 69.86
N GLY SA 113 39.20 19.60 70.07
CA GLY SA 113 39.68 20.20 71.31
C GLY SA 113 39.18 21.62 71.49
N LYS SA 114 39.28 22.43 70.44
CA LYS SA 114 38.77 23.80 70.49
C LYS SA 114 37.30 23.82 70.90
N VAL SA 115 36.49 23.03 70.20
CA VAL SA 115 35.05 23.05 70.43
C VAL SA 115 34.72 22.58 71.84
N LEU SA 116 35.38 21.52 72.30
CA LEU SA 116 35.09 20.99 73.62
C LEU SA 116 35.53 21.96 74.72
N GLU SA 117 36.70 22.59 74.56
CA GLU SA 117 37.13 23.58 75.54
C GLU SA 117 36.16 24.76 75.57
N LYS SA 118 35.79 25.27 74.40
CA LYS SA 118 34.81 26.35 74.34
C LYS SA 118 33.48 25.94 74.94
N LEU SA 119 33.15 24.65 74.84
CA LEU SA 119 31.89 24.10 75.36
C LEU SA 119 31.98 23.73 76.83
N GLY SA 120 33.17 23.69 77.41
CA GLY SA 120 33.33 23.42 78.83
C GLY SA 120 33.70 22.00 79.19
N GLU SA 121 33.89 21.11 78.21
CA GLU SA 121 34.36 19.76 78.49
C GLU SA 121 35.88 19.74 78.58
N LEU SA 122 36.44 20.39 79.61
CA LEU SA 122 37.87 20.66 79.65
C LEU SA 122 38.69 19.38 79.51
N GLU SA 123 38.33 18.33 80.24
CA GLU SA 123 39.13 17.10 80.21
C GLU SA 123 39.15 16.50 78.81
N MET SA 124 37.98 16.35 78.19
CA MET SA 124 37.93 15.78 76.85
C MET SA 124 38.61 16.69 75.84
N ALA SA 125 38.52 18.00 76.02
CA ALA SA 125 39.20 18.92 75.12
C ALA SA 125 40.72 18.74 75.21
N GLU SA 126 41.24 18.62 76.44
CA GLU SA 126 42.67 18.38 76.62
C GLU SA 126 43.09 17.05 76.01
N GLU SA 127 42.25 16.02 76.17
CA GLU SA 127 42.54 14.74 75.55
C GLU SA 127 42.58 14.85 74.03
N ALA SA 128 41.64 15.59 73.46
CA ALA SA 128 41.64 15.81 72.01
C ALA SA 128 42.87 16.58 71.56
N TYR SA 129 43.28 17.59 72.33
CA TYR SA 129 44.48 18.35 71.99
C TYR SA 129 45.71 17.45 72.02
N LYS SA 130 45.82 16.59 73.05
CA LYS SA 130 46.93 15.65 73.09
C LYS SA 130 46.89 14.69 71.91
N LEU SA 131 45.70 14.22 71.55
CA LEU SA 131 45.57 13.35 70.39
C LEU SA 131 46.02 14.06 69.12
N ALA SA 132 45.65 15.33 68.97
CA ALA SA 132 46.08 16.11 67.81
C ALA SA 132 47.59 16.31 67.80
N ILE SA 133 48.21 16.39 68.98
CA ILE SA 133 49.67 16.47 69.02
C ILE SA 133 50.29 15.13 68.62
N LYS SA 134 49.64 14.04 69.01
CA LYS SA 134 50.17 12.71 68.68
C LYS SA 134 50.05 12.42 67.19
N LEU SA 135 48.92 12.78 66.58
CA LEU SA 135 48.61 12.40 65.22
C LEU SA 135 49.20 13.40 64.23
N ASP SA 136 50.04 12.90 63.32
CA ASP SA 136 50.56 13.63 62.17
C ASP SA 136 51.03 15.04 62.54
N PRO SA 137 51.86 15.19 63.55
CA PRO SA 137 52.37 16.51 63.91
C PRO SA 137 53.41 17.01 62.92
N ASN SA 138 53.56 18.33 62.87
CA ASN SA 138 54.66 18.98 62.15
C ASN SA 138 54.76 18.49 60.71
N ASP SA 139 53.63 18.42 60.03
CA ASP SA 139 53.63 18.04 58.62
C ASP SA 139 54.28 19.15 57.79
N GLU TA 1 -8.99 37.70 42.43
CA GLU TA 1 -10.26 37.55 41.67
C GLU TA 1 -11.19 38.72 41.96
N GLU TA 2 -12.08 39.02 40.99
CA GLU TA 2 -12.97 40.17 41.14
C GLU TA 2 -13.85 40.08 42.37
N ALA TA 3 -14.07 38.86 42.87
CA ALA TA 3 -14.90 38.70 44.07
C ALA TA 3 -14.37 39.54 45.22
N GLU TA 4 -13.04 39.61 45.37
CA GLU TA 4 -12.47 40.38 46.46
C GLU TA 4 -12.75 41.86 46.30
N LEU TA 5 -12.61 42.38 45.08
CA LEU TA 5 -12.92 43.80 44.86
C LEU TA 5 -14.39 44.07 45.10
N ALA TA 6 -15.26 43.17 44.67
CA ALA TA 6 -16.69 43.37 44.91
C ALA TA 6 -16.99 43.41 46.40
N TYR TA 7 -16.42 42.49 47.17
CA TYR TA 7 -16.66 42.49 48.61
C TYR TA 7 -16.11 43.76 49.25
N LEU TA 8 -14.94 44.20 48.82
CA LEU TA 8 -14.36 45.41 49.39
C LEU TA 8 -15.24 46.62 49.08
N LEU TA 9 -15.75 46.71 47.86
CA LEU TA 9 -16.65 47.80 47.53
C LEU TA 9 -17.91 47.72 48.37
N GLY TA 10 -18.40 46.49 48.61
CA GLY TA 10 -19.54 46.35 49.51
C GLY TA 10 -19.25 46.89 50.89
N GLU TA 11 -18.09 46.53 51.44
CA GLU TA 11 -17.72 47.00 52.78
C GLU TA 11 -17.63 48.52 52.81
N LEU TA 12 -16.97 49.10 51.80
CA LEU TA 12 -16.81 50.55 51.76
C LEU TA 12 -18.16 51.25 51.67
N ALA TA 13 -19.02 50.77 50.77
CA ALA TA 13 -20.34 51.39 50.61
C ALA TA 13 -21.15 51.26 51.90
N TYR TA 14 -21.14 50.10 52.52
CA TYR TA 14 -21.91 49.90 53.75
C TYR TA 14 -21.41 50.81 54.85
N LYS TA 15 -20.09 50.87 55.04
CA LYS TA 15 -19.55 51.66 56.14
C LYS TA 15 -19.87 53.14 55.98
N LEU TA 16 -19.92 53.63 54.74
CA LEU TA 16 -20.25 55.02 54.47
C LEU TA 16 -21.75 55.25 54.29
N GLY TA 17 -22.57 54.26 54.63
CA GLY TA 17 -24.01 54.44 54.67
C GLY TA 17 -24.72 54.30 53.34
N GLU TA 18 -24.04 53.84 52.29
CA GLU TA 18 -24.68 53.63 50.98
C GLU TA 18 -25.19 52.19 50.86
N TYR TA 19 -26.17 51.87 51.70
CA TYR TA 19 -26.70 50.51 51.73
C TYR TA 19 -27.25 50.09 50.37
N ARG TA 20 -27.94 51.02 49.69
CA ARG TA 20 -28.45 50.72 48.36
C ARG TA 20 -27.32 50.28 47.43
N ILE TA 21 -26.14 50.89 47.57
CA ILE TA 21 -24.99 50.47 46.79
C ILE TA 21 -24.42 49.17 47.33
N ALA TA 22 -24.39 49.01 48.66
CA ALA TA 22 -23.74 47.85 49.27
C ALA TA 22 -24.42 46.56 48.87
N ILE TA 23 -25.75 46.55 48.78
CA ILE TA 23 -26.46 45.33 48.40
C ILE TA 23 -26.01 44.85 47.02
N ARG TA 24 -26.06 45.76 46.04
CA ARG TA 24 -25.65 45.40 44.68
C ARG TA 24 -24.19 45.00 44.65
N ALA TA 25 -23.35 45.68 45.44
CA ALA TA 25 -21.94 45.33 45.47
C ALA TA 25 -21.74 43.90 45.98
N TYR TA 26 -22.32 43.58 47.12
CA TYR TA 26 -22.12 42.26 47.71
C TYR TA 26 -22.66 41.16 46.80
N ARG TA 27 -23.80 41.40 46.15
CA ARG TA 27 -24.38 40.36 45.32
C ARG TA 27 -23.41 39.89 44.25
N ILE TA 28 -22.60 40.81 43.71
CA ILE TA 28 -21.64 40.42 42.69
C ILE TA 28 -20.61 39.44 43.27
N ALA TA 29 -20.15 39.70 44.49
CA ALA TA 29 -19.18 38.81 45.11
C ALA TA 29 -19.81 37.44 45.40
N LEU TA 30 -20.98 37.43 46.03
CA LEU TA 30 -21.61 36.17 46.39
C LEU TA 30 -21.94 35.31 45.18
N LYS TA 31 -22.18 35.95 44.03
CA LYS TA 31 -22.49 35.18 42.82
C LYS TA 31 -21.35 34.26 42.46
N ARG TA 32 -20.11 34.70 42.67
CA ARG TA 32 -18.95 33.88 42.31
C ARG TA 32 -18.58 32.90 43.41
N ASP TA 33 -18.83 33.24 44.68
CA ASP TA 33 -18.36 32.43 45.80
C ASP TA 33 -19.38 32.52 46.92
N PRO TA 34 -20.32 31.59 46.99
CA PRO TA 34 -21.34 31.64 48.04
C PRO TA 34 -20.89 31.13 49.41
N ASN TA 35 -19.62 30.77 49.57
CA ASN TA 35 -19.14 30.23 50.84
C ASN TA 35 -18.74 31.32 51.84
N ASN TA 36 -18.74 32.59 51.44
CA ASN TA 36 -18.28 33.67 52.31
C ASN TA 36 -19.34 33.99 53.35
N ALA TA 37 -19.14 33.48 54.56
CA ALA TA 37 -20.08 33.77 55.66
C ALA TA 37 -20.17 35.26 55.94
N GLU TA 38 -19.01 35.94 55.95
CA GLU TA 38 -19.00 37.36 56.22
C GLU TA 38 -19.84 38.12 55.18
N ALA TA 39 -19.78 37.68 53.93
CA ALA TA 39 -20.53 38.36 52.87
C ALA TA 39 -22.03 38.22 53.09
N TRP TA 40 -22.50 37.01 53.40
CA TRP TA 40 -23.91 36.82 53.69
C TRP TA 40 -24.34 37.66 54.89
N TYR TA 41 -23.52 37.67 55.94
CA TYR TA 41 -23.86 38.46 57.13
C TYR TA 41 -23.97 39.94 56.79
N ASN TA 42 -23.02 40.46 56.03
CA ASN TA 42 -23.04 41.88 55.69
C ASN TA 42 -24.23 42.20 54.79
N LEU TA 43 -24.58 41.30 53.88
CA LEU TA 43 -25.77 41.52 53.06
C LEU TA 43 -27.02 41.58 53.93
N GLY TA 44 -27.13 40.67 54.89
CA GLY TA 44 -28.26 40.73 55.81
C GLY TA 44 -28.28 42.01 56.61
N ASN TA 45 -27.10 42.47 57.05
CA ASN TA 45 -27.01 43.72 57.80
C ASN TA 45 -27.45 44.90 56.94
N ALA TA 46 -27.05 44.91 55.67
CA ALA TA 46 -27.45 45.97 54.76
C ALA TA 46 -28.96 45.99 54.59
N TYR TA 47 -29.56 44.83 54.38
CA TYR TA 47 -31.03 44.78 54.30
C TYR TA 47 -31.67 45.19 55.61
N THR TA 48 -31.02 44.90 56.74
CA THR TA 48 -31.58 45.30 58.04
C THR TA 48 -31.62 46.81 58.17
N LYS TA 49 -30.49 47.46 57.88
CA LYS TA 49 -30.49 48.93 57.90
C LYS TA 49 -31.48 49.48 56.88
N GLN TA 50 -31.66 48.79 55.76
CA GLN TA 50 -32.66 49.21 54.78
C GLN TA 50 -34.08 49.05 55.31
N GLY TA 51 -34.28 48.23 56.34
CA GLY TA 51 -35.59 47.98 56.88
C GLY TA 51 -36.34 46.82 56.28
N ASP TA 52 -35.70 46.01 55.44
CA ASP TA 52 -36.32 44.82 54.85
C ASP TA 52 -36.05 43.58 55.70
N TYR TA 53 -36.50 43.62 56.95
CA TYR TA 53 -36.17 42.55 57.90
C TYR TA 53 -36.59 41.19 57.39
N ASP TA 54 -37.78 41.11 56.76
CA ASP TA 54 -38.26 39.82 56.27
C ASP TA 54 -37.27 39.17 55.31
N GLU TA 55 -36.54 39.98 54.55
CA GLU TA 55 -35.55 39.44 53.62
C GLU TA 55 -34.16 39.37 54.23
N ALA TA 56 -33.82 40.25 55.17
CA ALA TA 56 -32.56 40.12 55.90
C ALA TA 56 -32.48 38.79 56.63
N ILE TA 57 -33.62 38.31 57.14
CA ILE TA 57 -33.65 37.01 57.82
C ILE TA 57 -33.10 35.92 56.90
N GLU TA 58 -33.53 35.94 55.64
CA GLU TA 58 -33.18 34.85 54.73
C GLU TA 58 -31.68 34.73 54.56
N TYR TA 59 -30.97 35.86 54.52
CA TYR TA 59 -29.53 35.81 54.33
C TYR TA 59 -28.79 35.59 55.65
N TYR TA 60 -29.32 36.11 56.76
CA TYR TA 60 -28.76 35.75 58.06
C TYR TA 60 -28.78 34.24 58.27
N LEU TA 61 -29.80 33.57 57.74
CA LEU TA 61 -29.87 32.12 57.86
C LEU TA 61 -28.71 31.44 57.14
N ARG TA 62 -28.39 31.89 55.93
CA ARG TA 62 -27.22 31.37 55.24
C ARG TA 62 -25.96 31.64 56.05
N ALA TA 63 -25.86 32.85 56.60
CA ALA TA 63 -24.67 33.21 57.36
C ALA TA 63 -24.47 32.26 58.54
N LEU TA 64 -25.56 31.94 59.25
CA LEU TA 64 -25.46 31.04 60.39
C LEU TA 64 -25.19 29.61 59.96
N VAL TA 65 -25.84 29.15 58.89
CA VAL TA 65 -25.63 27.77 58.45
C VAL TA 65 -24.18 27.56 58.05
N LEU TA 66 -23.58 28.55 57.40
CA LEU TA 66 -22.18 28.44 56.98
C LEU TA 66 -21.20 28.71 58.11
N ASP TA 67 -21.66 29.21 59.25
CA ASP TA 67 -20.78 29.53 60.39
C ASP TA 67 -21.60 29.47 61.66
N PRO TA 68 -21.79 28.28 62.22
CA PRO TA 68 -22.71 28.13 63.37
C PRO TA 68 -22.25 28.83 64.64
N ASN TA 69 -21.00 29.27 64.71
CA ASN TA 69 -20.50 29.97 65.89
C ASN TA 69 -20.66 31.49 65.81
N ASN TA 70 -21.27 32.00 64.75
CA ASN TA 70 -21.32 33.45 64.50
C ASN TA 70 -22.33 34.10 65.44
N ALA TA 71 -21.84 34.52 66.61
CA ALA TA 71 -22.72 35.14 67.60
C ALA TA 71 -23.34 36.43 67.09
N GLU TA 72 -22.58 37.24 66.35
CA GLU TA 72 -23.11 38.50 65.83
C GLU TA 72 -24.29 38.25 64.90
N ALA TA 73 -24.15 37.28 64.00
CA ALA TA 73 -25.23 36.94 63.09
C ALA TA 73 -26.45 36.47 63.87
N ALA TA 74 -26.24 35.69 64.93
CA ALA TA 74 -27.36 35.23 65.74
C ALA TA 74 -28.08 36.41 66.39
N THR TA 75 -27.32 37.37 66.93
CA THR TA 75 -27.93 38.54 67.55
C THR TA 75 -28.75 39.33 66.54
N ASN TA 76 -28.17 39.58 65.36
CA ASN TA 76 -28.89 40.35 64.35
C ASN TA 76 -30.12 39.60 63.86
N LEU TA 77 -30.02 38.28 63.70
CA LEU TA 77 -31.17 37.51 63.27
C LEU TA 77 -32.29 37.53 64.32
N GLY TA 78 -31.91 37.46 65.61
CA GLY TA 78 -32.91 37.59 66.65
C GLY TA 78 -33.61 38.93 66.60
N GLN TA 79 -32.83 40.00 66.41
CA GLN TA 79 -33.41 41.33 66.27
C GLN TA 79 -34.36 41.38 65.07
N ALA TA 80 -33.95 40.79 63.96
CA ALA TA 80 -34.80 40.77 62.77
C ALA TA 80 -36.11 40.02 63.02
N TYR TA 81 -36.02 38.86 63.68
CA TYR TA 81 -37.23 38.09 64.00
C TYR TA 81 -38.14 38.91 64.91
N MET TA 82 -37.56 39.61 65.88
CA MET TA 82 -38.37 40.47 66.75
C MET TA 82 -39.04 41.57 65.94
N ASN TA 83 -38.32 42.14 64.97
CA ASN TA 83 -38.91 43.13 64.09
C ASN TA 83 -40.07 42.54 63.29
N GLN TA 84 -39.97 41.27 62.92
CA GLN TA 84 -41.06 40.57 62.24
C GLN TA 84 -42.14 40.07 63.20
N GLY TA 85 -41.95 40.26 64.50
CA GLY TA 85 -42.91 39.81 65.49
C GLY TA 85 -42.80 38.36 65.89
N ASP TA 86 -41.84 37.62 65.36
CA ASP TA 86 -41.61 36.24 65.77
C ASP TA 86 -40.81 36.19 67.08
N LYS TA 87 -41.46 36.70 68.13
CA LYS TA 87 -40.79 36.82 69.42
C LYS TA 87 -40.23 35.49 69.91
N ASP TA 88 -40.90 34.38 69.58
CA ASP TA 88 -40.37 33.07 69.98
C ASP TA 88 -39.04 32.77 69.29
N ARG TA 89 -39.01 32.89 67.96
CA ARG TA 89 -37.78 32.63 67.23
C ARG TA 89 -36.72 33.66 67.58
N ALA TA 90 -37.13 34.91 67.78
CA ALA TA 90 -36.20 35.95 68.20
C ALA TA 90 -35.55 35.59 69.52
N LYS TA 91 -36.36 35.16 70.50
CA LYS TA 91 -35.82 34.75 71.80
C LYS TA 91 -34.88 33.56 71.65
N LEU TA 92 -35.25 32.59 70.81
CA LEU TA 92 -34.38 31.44 70.58
C LEU TA 92 -33.02 31.89 70.09
N MET TA 93 -33.00 32.74 69.05
CA MET TA 93 -31.73 33.15 68.47
C MET TA 93 -30.95 34.09 69.41
N LEU TA 94 -31.64 34.87 70.23
CA LEU TA 94 -30.95 35.70 71.20
C LEU TA 94 -30.26 34.85 72.27
N LEU TA 95 -30.97 33.83 72.77
CA LEU TA 95 -30.35 32.90 73.69
C LEU TA 95 -29.16 32.19 73.02
N LEU TA 96 -29.31 31.86 71.74
CA LEU TA 96 -28.20 31.27 71.00
C LEU TA 96 -27.00 32.21 70.98
N ALA TA 97 -27.24 33.49 70.72
CA ALA TA 97 -26.16 34.47 70.71
C ALA TA 97 -25.48 34.55 72.07
N LEU TA 98 -26.28 34.57 73.15
CA LEU TA 98 -25.69 34.63 74.49
C LEU TA 98 -24.89 33.38 74.81
N LYS TA 99 -25.33 32.21 74.31
CA LYS TA 99 -24.58 30.98 74.52
C LYS TA 99 -23.27 31.00 73.73
N LEU TA 100 -23.31 31.52 72.50
CA LEU TA 100 -22.13 31.55 71.64
C LEU TA 100 -21.12 32.57 72.15
N ASP UA 1 -12.86 34.35 -17.58
CA ASP UA 1 -13.26 34.92 -16.27
C ASP UA 1 -13.99 36.26 -16.47
N VAL UA 2 -14.93 36.54 -15.56
CA VAL UA 2 -15.88 37.63 -15.75
C VAL UA 2 -15.22 39.00 -15.72
N SER UA 3 -14.01 39.11 -15.17
CA SER UA 3 -13.33 40.40 -15.13
C SER UA 3 -13.23 41.02 -16.51
N ALA UA 4 -13.08 40.18 -17.53
CA ALA UA 4 -12.91 40.67 -18.89
C ALA UA 4 -14.10 41.52 -19.33
N LEU UA 5 -15.27 41.27 -18.74
CA LEU UA 5 -16.47 42.05 -19.02
C LEU UA 5 -16.73 43.11 -17.94
N ALA UA 6 -16.35 42.81 -16.70
CA ALA UA 6 -16.45 43.81 -15.65
C ALA UA 6 -15.71 45.09 -16.05
N TYR UA 7 -14.56 44.95 -16.71
CA TYR UA 7 -13.85 46.14 -17.15
C TYR UA 7 -14.64 46.92 -18.19
N VAL UA 8 -15.37 46.23 -19.08
CA VAL UA 8 -16.23 46.94 -20.02
C VAL UA 8 -17.30 47.70 -19.26
N MET UA 9 -17.84 47.10 -18.22
CA MET UA 9 -18.83 47.79 -17.40
C MET UA 9 -18.24 49.04 -16.79
N LEU UA 10 -17.02 48.93 -16.27
CA LEU UA 10 -16.38 50.07 -15.63
C LEU UA 10 -16.17 51.20 -16.63
N GLY UA 11 -15.75 50.86 -17.85
CA GLY UA 11 -15.57 51.89 -18.86
C GLY UA 11 -16.89 52.53 -19.24
N LEU UA 12 -17.95 51.73 -19.33
CA LEU UA 12 -19.27 52.29 -19.64
C LEU UA 12 -19.70 53.26 -18.56
N LEU UA 13 -19.49 52.90 -17.29
CA LEU UA 13 -19.84 53.82 -16.22
C LEU UA 13 -19.04 55.11 -16.31
N LEU UA 14 -17.73 54.99 -16.49
CA LEU UA 14 -16.89 56.19 -16.56
C LEU UA 14 -17.15 57.01 -17.81
N SER UA 15 -17.85 56.47 -18.80
CA SER UA 15 -18.30 57.27 -19.93
C SER UA 15 -19.70 57.84 -19.73
N LEU UA 16 -20.53 57.16 -18.94
CA LEU UA 16 -21.88 57.64 -18.64
C LEU UA 16 -21.81 58.81 -17.67
N LEU UA 17 -21.12 58.63 -16.56
CA LEU UA 17 -20.56 59.76 -15.83
C LEU UA 17 -19.39 60.31 -16.64
N ASN UA 18 -19.28 61.64 -16.70
CA ASN UA 18 -18.45 62.30 -17.71
C ASN UA 18 -16.99 62.30 -17.26
N ARG UA 19 -16.33 61.15 -17.43
CA ARG UA 19 -14.90 61.00 -17.21
C ARG UA 19 -14.26 60.12 -18.30
N LEU UA 20 -14.52 60.48 -19.56
CA LEU UA 20 -14.11 59.66 -20.70
C LEU UA 20 -12.65 59.20 -20.61
N SER UA 21 -11.76 60.09 -20.18
CA SER UA 21 -10.32 59.82 -20.27
C SER UA 21 -9.90 58.62 -19.41
N LEU UA 22 -10.67 58.28 -18.37
CA LEU UA 22 -10.46 57.04 -17.64
C LEU UA 22 -11.17 55.86 -18.28
N ALA UA 23 -12.30 56.12 -18.94
CA ALA UA 23 -13.02 55.07 -19.64
C ALA UA 23 -12.16 54.45 -20.72
N ALA UA 24 -11.39 55.28 -21.44
CA ALA UA 24 -10.51 54.73 -22.46
C ALA UA 24 -9.54 53.71 -21.87
N GLU UA 25 -8.95 54.02 -20.72
CA GLU UA 25 -8.02 53.09 -20.09
C GLU UA 25 -8.73 51.83 -19.63
N ALA UA 26 -9.95 51.97 -19.10
CA ALA UA 26 -10.71 50.79 -18.69
C ALA UA 26 -10.95 49.87 -19.88
N TYR UA 27 -11.35 50.46 -21.01
CA TYR UA 27 -11.56 49.66 -22.22
C TYR UA 27 -10.27 48.99 -22.67
N LYS UA 28 -9.15 49.70 -22.57
CA LYS UA 28 -7.88 49.11 -22.98
C LYS UA 28 -7.53 47.90 -22.12
N LYS UA 29 -7.75 48.00 -20.80
CA LYS UA 29 -7.54 46.84 -19.94
C LYS UA 29 -8.43 45.69 -20.36
N ALA UA 30 -9.72 45.99 -20.63
CA ALA UA 30 -10.64 44.95 -21.05
C ALA UA 30 -10.14 44.27 -22.32
N ILE UA 31 -9.69 45.06 -23.29
CA ILE UA 31 -9.17 44.51 -24.54
C ILE UA 31 -7.98 43.61 -24.27
N GLU UA 32 -7.05 44.06 -23.44
CA GLU UA 32 -5.87 43.25 -23.15
C GLU UA 32 -6.24 41.97 -22.42
N LEU UA 33 -7.40 41.94 -21.76
CA LEU UA 33 -7.87 40.67 -21.20
C LEU UA 33 -8.52 39.79 -22.26
N ASP UA 34 -9.08 40.37 -23.32
CA ASP UA 34 -9.78 39.60 -24.34
C ASP UA 34 -9.81 40.39 -25.65
N PRO UA 35 -8.79 40.25 -26.50
CA PRO UA 35 -8.71 41.12 -27.69
C PRO UA 35 -9.82 40.90 -28.71
N ASN UA 36 -10.51 39.76 -28.68
CA ASN UA 36 -11.51 39.44 -29.69
C ASN UA 36 -12.89 40.04 -29.41
N ASP UA 37 -13.04 40.77 -28.31
CA ASP UA 37 -14.35 41.32 -27.93
C ASP UA 37 -14.76 42.40 -28.92
N ALA UA 38 -15.84 42.15 -29.66
CA ALA UA 38 -16.31 43.10 -30.67
C ALA UA 38 -17.00 44.32 -30.08
N LEU UA 39 -17.36 44.29 -28.80
CA LEU UA 39 -18.05 45.40 -28.16
C LEU UA 39 -17.07 46.38 -27.50
N ALA UA 40 -16.03 45.84 -26.86
CA ALA UA 40 -15.01 46.69 -26.27
C ALA UA 40 -14.41 47.62 -27.31
N TRP UA 41 -14.02 47.07 -28.46
CA TRP UA 41 -13.38 47.88 -29.48
C TRP UA 41 -14.32 48.98 -29.97
N LEU UA 42 -15.59 48.65 -30.19
CA LEU UA 42 -16.53 49.64 -30.69
C LEU UA 42 -16.73 50.77 -29.70
N LEU UA 43 -16.94 50.43 -28.43
CA LEU UA 43 -17.13 51.47 -27.42
C LEU UA 43 -15.88 52.32 -27.26
N LEU UA 44 -14.70 51.67 -27.29
CA LEU UA 44 -13.46 52.42 -27.22
C LEU UA 44 -13.32 53.36 -28.41
N GLY UA 45 -13.74 52.91 -29.58
CA GLY UA 45 -13.69 53.78 -30.74
C GLY UA 45 -14.55 55.01 -30.55
N SER UA 46 -15.79 54.83 -30.10
CA SER UA 46 -16.65 55.98 -29.94
C SER UA 46 -16.27 56.84 -28.74
N VAL UA 47 -15.49 56.31 -27.80
CA VAL UA 47 -14.96 57.13 -26.71
C VAL UA 47 -13.80 57.98 -27.19
N LEU UA 48 -12.81 57.35 -27.83
CA LEU UA 48 -11.71 58.11 -28.41
C LEU UA 48 -12.21 59.14 -29.41
N GLU UA 49 -13.33 58.86 -30.07
CA GLU UA 49 -13.90 59.83 -30.99
C GLU UA 49 -14.22 61.14 -30.28
N LYS UA 50 -14.85 61.07 -29.11
CA LYS UA 50 -15.28 62.29 -28.42
C LYS UA 50 -14.14 62.97 -27.68
N LEU UA 51 -13.06 62.27 -27.36
CA LEU UA 51 -11.85 62.94 -26.91
C LEU UA 51 -11.13 63.65 -28.05
N LYS UA 52 -11.62 63.51 -29.28
CA LYS UA 52 -11.04 64.17 -30.45
C LYS UA 52 -9.62 63.68 -30.72
N ARG UA 53 -9.33 62.44 -30.34
CA ARG UA 53 -8.14 61.72 -30.78
C ARG UA 53 -8.45 60.86 -31.99
N LEU UA 54 -8.95 61.48 -33.06
CA LEU UA 54 -9.53 60.74 -34.17
C LEU UA 54 -8.56 59.73 -34.76
N ASP UA 55 -7.28 60.08 -34.81
CA ASP UA 55 -6.30 59.28 -35.55
C ASP UA 55 -6.31 57.83 -35.11
N GLU UA 56 -6.62 57.56 -33.84
CA GLU UA 56 -6.73 56.20 -33.33
C GLU UA 56 -8.17 55.76 -33.12
N ALA UA 57 -9.12 56.68 -33.10
CA ALA UA 57 -10.52 56.30 -33.08
C ALA UA 57 -10.89 55.54 -34.34
N ALA UA 58 -10.40 56.01 -35.50
CA ALA UA 58 -10.62 55.27 -36.73
C ALA UA 58 -10.01 53.88 -36.65
N GLU UA 59 -8.82 53.77 -36.04
CA GLU UA 59 -8.16 52.47 -35.90
C GLU UA 59 -9.00 51.52 -35.06
N ALA UA 60 -9.51 52.00 -33.93
CA ALA UA 60 -10.34 51.16 -33.08
C ALA UA 60 -11.60 50.72 -33.81
N TYR UA 61 -12.24 51.65 -34.52
CA TYR UA 61 -13.43 51.28 -35.29
C TYR UA 61 -13.10 50.19 -36.30
N LYS UA 62 -11.97 50.32 -36.98
CA LYS UA 62 -11.60 49.32 -37.99
C LYS UA 62 -11.34 47.97 -37.35
N LYS UA 63 -10.70 47.94 -36.19
CA LYS UA 63 -10.54 46.67 -35.49
C LYS UA 63 -11.89 46.05 -35.20
N ALA UA 64 -12.83 46.85 -34.70
CA ALA UA 64 -14.14 46.32 -34.36
C ALA UA 64 -14.84 45.77 -35.59
N ILE UA 65 -14.79 46.51 -36.70
CA ILE UA 65 -15.44 46.06 -37.93
C ILE UA 65 -14.81 44.77 -38.42
N GLU UA 66 -13.48 44.68 -38.39
CA GLU UA 66 -12.82 43.44 -38.77
C GLU UA 66 -13.27 42.28 -37.90
N LEU UA 67 -13.62 42.55 -36.64
CA LEU UA 67 -14.07 41.48 -35.77
C LEU UA 67 -15.56 41.15 -35.90
N LYS UA 68 -16.34 41.98 -36.60
CA LYS UA 68 -17.74 41.69 -36.81
C LYS UA 68 -18.23 42.46 -38.05
N PRO UA 69 -18.09 41.87 -39.24
CA PRO UA 69 -18.06 42.68 -40.48
C PRO UA 69 -19.34 43.42 -40.83
N ASN UA 70 -20.51 42.95 -40.38
CA ASN UA 70 -21.76 43.30 -41.07
C ASN UA 70 -22.53 44.47 -40.47
N ASP UA 71 -22.20 44.92 -39.26
CA ASP UA 71 -23.03 45.90 -38.57
C ASP UA 71 -22.89 47.27 -39.24
N ALA UA 72 -24.00 47.76 -39.82
CA ALA UA 72 -23.95 49.03 -40.55
C ALA UA 72 -23.63 50.20 -39.63
N SER UA 73 -24.00 50.12 -38.36
CA SER UA 73 -23.73 51.21 -37.43
C SER UA 73 -22.24 51.50 -37.34
N ALA UA 74 -21.43 50.44 -37.20
CA ALA UA 74 -19.99 50.61 -37.12
C ALA UA 74 -19.43 51.23 -38.38
N TRP UA 75 -19.92 50.80 -39.54
CA TRP UA 75 -19.45 51.38 -40.80
C TRP UA 75 -19.79 52.86 -40.88
N LYS UA 76 -21.00 53.24 -40.48
CA LYS UA 76 -21.38 54.65 -40.51
C LYS UA 76 -20.50 55.47 -39.56
N GLU UA 77 -20.24 54.96 -38.36
CA GLU UA 77 -19.41 55.71 -37.42
C GLU UA 77 -17.98 55.85 -37.93
N LEU UA 78 -17.42 54.78 -38.50
CA LEU UA 78 -16.09 54.88 -39.11
C LEU UA 78 -16.12 55.87 -40.26
N GLY UA 79 -17.22 55.91 -41.01
CA GLY UA 79 -17.37 56.93 -42.04
C GLY UA 79 -17.29 58.32 -41.47
N LYS UA 80 -17.97 58.55 -40.34
CA LYS UA 80 -17.90 59.87 -39.72
C LYS UA 80 -16.47 60.22 -39.31
N VAL UA 81 -15.77 59.28 -38.67
CA VAL UA 81 -14.42 59.56 -38.22
C VAL UA 81 -13.51 59.84 -39.41
N LEU UA 82 -13.62 59.03 -40.47
CA LEU UA 82 -12.82 59.27 -41.67
C LEU UA 82 -13.16 60.61 -42.30
N GLU UA 83 -14.45 60.96 -42.33
CA GLU UA 83 -14.85 62.24 -42.92
C GLU UA 83 -14.22 63.40 -42.17
N LYS UA 84 -14.20 63.34 -40.84
CA LYS UA 84 -13.59 64.42 -40.08
C LYS UA 84 -12.06 64.37 -40.18
N LEU UA 85 -11.49 63.21 -40.49
CA LEU UA 85 -10.06 63.14 -40.77
C LEU UA 85 -9.72 63.65 -42.16
N GLY UA 86 -10.71 63.91 -43.00
CA GLY UA 86 -10.49 64.45 -44.34
C GLY UA 86 -10.13 63.44 -45.40
N ARG UA 87 -10.13 62.14 -45.08
CA ARG UA 87 -9.87 61.10 -46.08
C ARG UA 87 -11.18 60.68 -46.75
N LEU UA 88 -11.74 61.63 -47.51
CA LEU UA 88 -13.11 61.49 -47.98
C LEU UA 88 -13.32 60.29 -48.89
N ASP UA 89 -12.27 59.79 -49.55
CA ASP UA 89 -12.45 58.58 -50.36
C ASP UA 89 -12.81 57.39 -49.49
N GLU UA 90 -12.05 57.17 -48.41
CA GLU UA 90 -12.38 56.08 -47.49
C GLU UA 90 -13.75 56.31 -46.84
N ALA UA 91 -14.10 57.56 -46.56
CA ALA UA 91 -15.41 57.85 -45.98
C ALA UA 91 -16.53 57.47 -46.94
N ALA UA 92 -16.37 57.83 -48.22
CA ALA UA 92 -17.36 57.45 -49.22
C ALA UA 92 -17.45 55.94 -49.34
N GLU UA 93 -16.31 55.24 -49.31
CA GLU UA 93 -16.32 53.79 -49.34
C GLU UA 93 -17.10 53.23 -48.15
N ALA UA 94 -16.85 53.77 -46.96
CA ALA UA 94 -17.53 53.30 -45.76
C ALA UA 94 -19.04 53.51 -45.85
N TYR UA 95 -19.47 54.69 -46.29
CA TYR UA 95 -20.90 54.95 -46.38
C TYR UA 95 -21.56 54.09 -47.46
N LEU UA 96 -20.85 53.86 -48.56
CA LEU UA 96 -21.35 52.94 -49.58
C LEU UA 96 -21.51 51.52 -49.01
N ILE UA 97 -20.53 51.06 -48.24
CA ILE UA 97 -20.64 49.77 -47.58
C ILE UA 97 -21.86 49.76 -46.66
N ALA UA 98 -22.08 50.86 -45.94
CA ALA UA 98 -23.23 50.94 -45.05
C ALA UA 98 -24.54 50.81 -45.82
N ILE UA 99 -24.65 51.50 -46.95
CA ILE UA 99 -25.87 51.40 -47.77
C ILE UA 99 -26.04 49.97 -48.27
N MET UA 100 -24.96 49.35 -48.72
CA MET UA 100 -25.07 48.02 -49.30
C MET UA 100 -25.38 46.97 -48.25
N LEU UA 101 -24.96 47.20 -47.00
CA LEU UA 101 -25.35 46.30 -45.92
C LEU UA 101 -26.81 46.47 -45.53
N ASP UA 102 -27.33 47.70 -45.66
CA ASP UA 102 -28.72 48.00 -45.31
C ASP UA 102 -29.23 49.06 -46.29
N PRO UA 103 -29.88 48.63 -47.38
CA PRO UA 103 -30.32 49.62 -48.38
C PRO UA 103 -31.43 50.54 -47.92
N GLU UA 104 -32.01 50.32 -46.73
CA GLU UA 104 -33.09 51.15 -46.22
C GLU UA 104 -32.62 52.31 -45.36
N ASP UA 105 -31.31 52.45 -45.12
CA ASP UA 105 -30.79 53.45 -44.19
C ASP UA 105 -30.75 54.80 -44.88
N ALA UA 106 -31.69 55.68 -44.51
CA ALA UA 106 -31.69 57.04 -45.06
C ALA UA 106 -30.48 57.85 -44.59
N GLU UA 107 -30.06 57.66 -43.33
CA GLU UA 107 -28.91 58.41 -42.83
C GLU UA 107 -27.66 58.09 -43.63
N ALA UA 108 -27.48 56.83 -44.01
CA ALA UA 108 -26.33 56.47 -44.82
C ALA UA 108 -26.34 57.21 -46.15
N ALA UA 109 -27.51 57.31 -46.79
CA ALA UA 109 -27.62 58.04 -48.05
C ALA UA 109 -27.31 59.53 -47.85
N LYS UA 110 -27.83 60.11 -46.77
CA LYS UA 110 -27.56 61.52 -46.51
C LYS UA 110 -26.06 61.77 -46.31
N GLU UA 111 -25.42 60.92 -45.52
CA GLU UA 111 -23.98 61.06 -45.29
C GLU UA 111 -23.20 60.86 -46.58
N LEU UA 112 -23.61 59.88 -47.40
CA LEU UA 112 -22.95 59.67 -48.68
C LEU UA 112 -23.10 60.90 -49.57
N GLY UA 113 -24.28 61.51 -49.58
CA GLY UA 113 -24.45 62.75 -50.32
C GLY UA 113 -23.50 63.84 -49.84
N LYS UA 114 -23.41 64.01 -48.52
CA LYS UA 114 -22.50 65.00 -47.97
C LYS UA 114 -21.06 64.74 -48.42
N VAL UA 115 -20.60 63.50 -48.25
CA VAL UA 115 -19.22 63.16 -48.56
C VAL UA 115 -18.93 63.32 -50.04
N LEU UA 116 -19.86 62.86 -50.89
CA LEU UA 116 -19.66 62.99 -52.33
C LEU UA 116 -19.65 64.45 -52.75
N GLU UA 117 -20.53 65.27 -52.19
CA GLU UA 117 -20.55 66.68 -52.53
C GLU UA 117 -19.23 67.35 -52.15
N LYS UA 118 -18.76 67.10 -50.92
CA LYS UA 118 -17.47 67.67 -50.52
C LYS UA 118 -16.34 67.10 -51.36
N LEU UA 119 -16.50 65.88 -51.87
CA LEU UA 119 -15.50 65.24 -52.71
C LEU UA 119 -15.60 65.66 -54.17
N GLY UA 120 -16.62 66.42 -54.54
CA GLY UA 120 -16.76 66.93 -55.89
C GLY UA 120 -17.48 66.03 -56.88
N GLU UA 121 -18.06 64.92 -56.42
CA GLU UA 121 -18.89 64.08 -57.28
C GLU UA 121 -20.35 64.54 -57.22
N LEU UA 122 -20.58 65.73 -57.78
CA LEU UA 122 -21.85 66.43 -57.58
C LEU UA 122 -23.05 65.58 -57.99
N GLU UA 123 -22.97 64.91 -59.15
CA GLU UA 123 -24.12 64.15 -59.63
C GLU UA 123 -24.46 63.01 -58.68
N MET UA 124 -23.46 62.24 -58.26
CA MET UA 124 -23.72 61.13 -57.34
C MET UA 124 -24.16 61.64 -55.98
N ALA UA 125 -23.62 62.79 -55.55
CA ALA UA 125 -24.06 63.38 -54.29
C ALA UA 125 -25.54 63.74 -54.34
N GLU UA 126 -25.97 64.37 -55.45
CA GLU UA 126 -27.38 64.70 -55.61
C GLU UA 126 -28.24 63.44 -55.65
N GLU UA 127 -27.77 62.40 -56.34
CA GLU UA 127 -28.52 61.16 -56.39
C GLU UA 127 -28.68 60.57 -54.99
N ALA UA 128 -27.61 60.55 -54.21
CA ALA UA 128 -27.67 60.06 -52.84
C ALA UA 128 -28.60 60.91 -51.98
N TYR UA 129 -28.55 62.23 -52.15
CA TYR UA 129 -29.44 63.10 -51.38
C TYR UA 129 -30.90 62.80 -51.68
N LYS UA 130 -31.23 62.65 -52.97
CA LYS UA 130 -32.60 62.29 -53.34
C LYS UA 130 -32.98 60.92 -52.79
N LEU UA 131 -32.05 59.96 -52.84
CA LEU UA 131 -32.34 58.64 -52.29
C LEU UA 131 -32.62 58.72 -50.80
N ALA UA 132 -31.85 59.52 -50.08
CA ALA UA 132 -32.10 59.73 -48.66
C ALA UA 132 -33.46 60.38 -48.42
N ILE UA 133 -33.80 61.37 -49.24
CA ILE UA 133 -35.11 62.01 -49.10
C ILE UA 133 -36.22 61.00 -49.32
N LYS UA 134 -36.00 60.03 -50.21
CA LYS UA 134 -37.01 58.99 -50.46
C LYS UA 134 -37.05 57.96 -49.34
N LEU UA 135 -35.90 57.62 -48.76
CA LEU UA 135 -35.85 56.55 -47.77
C LEU UA 135 -36.57 56.93 -46.49
N ASP UA 136 -36.49 58.20 -46.10
CA ASP UA 136 -37.16 58.69 -44.89
C ASP UA 136 -37.78 60.03 -45.23
N PRO UA 137 -38.83 60.43 -44.53
CA PRO UA 137 -39.54 61.67 -44.91
C PRO UA 137 -38.66 62.90 -44.75
N ASN UA 138 -38.31 63.53 -45.86
CA ASN UA 138 -37.55 64.78 -45.85
C ASN UA 138 -36.34 64.70 -44.94
N ASP UA 139 -35.73 63.51 -44.84
CA ASP UA 139 -34.59 63.31 -43.96
C ASP UA 139 -33.38 64.10 -44.47
N GLU VA 1 24.85 47.40 -21.45
CA GLU VA 1 25.67 46.85 -20.33
C GLU VA 1 27.04 47.51 -20.29
N GLU VA 2 27.94 46.95 -19.47
CA GLU VA 2 29.26 47.55 -19.29
C GLU VA 2 30.04 47.66 -20.60
N ALA VA 3 29.73 46.79 -21.57
CA ALA VA 3 30.44 46.85 -22.84
C ALA VA 3 30.35 48.22 -23.48
N GLU VA 4 29.26 48.96 -23.22
CA GLU VA 4 29.10 50.29 -23.78
C GLU VA 4 29.79 51.34 -22.94
N LEU VA 5 29.63 51.26 -21.61
CA LEU VA 5 30.22 52.26 -20.73
C LEU VA 5 31.74 52.22 -20.80
N ALA VA 6 32.33 51.03 -20.81
CA ALA VA 6 33.77 50.93 -20.91
C ALA VA 6 34.27 51.50 -22.24
N TYR VA 7 33.53 51.24 -23.32
CA TYR VA 7 33.90 51.83 -24.60
C TYR VA 7 33.84 53.34 -24.55
N LEU VA 8 32.81 53.90 -23.90
CA LEU VA 8 32.72 55.35 -23.78
C LEU VA 8 33.92 55.89 -23.02
N LEU VA 9 34.29 55.24 -21.92
CA LEU VA 9 35.46 55.69 -21.18
C LEU VA 9 36.71 55.62 -22.04
N GLY VA 10 36.85 54.55 -22.82
CA GLY VA 10 37.98 54.44 -23.72
C GLY VA 10 38.03 55.58 -24.73
N GLU VA 11 36.88 55.90 -25.33
CA GLU VA 11 36.85 56.98 -26.31
C GLU VA 11 37.19 58.31 -25.65
N LEU VA 12 36.66 58.56 -24.45
CA LEU VA 12 36.99 59.81 -23.76
C LEU VA 12 38.48 59.89 -23.46
N ALA VA 13 39.08 58.79 -23.00
CA ALA VA 13 40.51 58.78 -22.73
C ALA VA 13 41.31 59.04 -23.99
N TYR VA 14 40.96 58.36 -25.09
CA TYR VA 14 41.70 58.53 -26.33
C TYR VA 14 41.59 59.95 -26.86
N LYS VA 15 40.39 60.51 -26.84
CA LYS VA 15 40.20 61.87 -27.33
C LYS VA 15 41.08 62.86 -26.59
N LEU VA 16 41.38 62.59 -25.32
CA LEU VA 16 42.20 63.48 -24.50
C LEU VA 16 43.63 62.99 -24.37
N GLY VA 17 44.05 62.04 -25.20
CA GLY VA 17 45.44 61.62 -25.25
C GLY VA 17 45.91 60.72 -24.13
N GLU VA 18 44.99 60.17 -23.33
CA GLU VA 18 45.35 59.25 -22.24
C GLU VA 18 45.37 57.80 -22.74
N TYR VA 19 46.34 57.51 -23.60
CA TYR VA 19 46.42 56.19 -24.23
C TYR VA 19 46.62 55.08 -23.21
N ARG VA 20 47.47 55.32 -22.20
CA ARG VA 20 47.66 54.34 -21.14
C ARG VA 20 46.33 53.98 -20.49
N ILE VA 21 45.39 54.91 -20.50
CA ILE VA 21 44.04 54.66 -20.00
C ILE VA 21 43.16 54.04 -21.07
N ALA VA 22 43.26 54.55 -22.30
CA ALA VA 22 42.37 54.13 -23.37
C ALA VA 22 42.52 52.63 -23.66
N ILE VA 23 43.76 52.14 -23.69
CA ILE VA 23 43.95 50.72 -24.01
C ILE VA 23 43.32 49.84 -22.95
N ARG VA 24 43.65 50.10 -21.68
CA ARG VA 24 43.10 49.30 -20.59
C ARG VA 24 41.59 49.44 -20.51
N ALA VA 25 41.06 50.56 -20.99
CA ALA VA 25 39.61 50.71 -21.03
C ALA VA 25 38.99 49.83 -22.11
N TYR VA 26 39.45 50.00 -23.34
CA TYR VA 26 38.88 49.22 -24.44
C TYR VA 26 39.00 47.73 -24.21
N ARG VA 27 40.06 47.30 -23.51
CA ARG VA 27 40.19 45.87 -23.23
C ARG VA 27 38.98 45.32 -22.50
N ILE VA 28 38.45 46.09 -21.55
CA ILE VA 28 37.30 45.61 -20.78
C ILE VA 28 36.10 45.43 -21.69
N ALA VA 29 35.84 46.38 -22.58
CA ALA VA 29 34.72 46.26 -23.49
C ALA VA 29 34.89 45.06 -24.40
N LEU VA 30 36.08 44.89 -24.98
CA LEU VA 30 36.30 43.79 -25.91
C LEU VA 30 36.20 42.44 -25.24
N LYS VA 31 36.56 42.36 -23.95
CA LYS VA 31 36.39 41.11 -23.23
C LYS VA 31 34.93 40.67 -23.21
N ARG VA 32 33.99 41.61 -23.33
CA ARG VA 32 32.57 41.31 -23.30
C ARG VA 32 31.94 41.30 -24.69
N ASP VA 33 32.51 42.01 -25.66
CA ASP VA 33 31.90 42.21 -26.98
C ASP VA 33 32.97 42.08 -28.05
N PRO VA 34 33.39 40.85 -28.37
CA PRO VA 34 34.53 40.68 -29.29
C PRO VA 34 34.24 41.07 -30.73
N ASN VA 35 32.98 41.13 -31.15
CA ASN VA 35 32.64 41.45 -32.54
C ASN VA 35 32.65 42.95 -32.83
N ASN VA 36 33.13 43.78 -31.91
CA ASN VA 36 33.01 45.24 -32.00
C ASN VA 36 34.13 45.79 -32.87
N ALA VA 37 33.82 46.16 -34.12
CA ALA VA 37 34.83 46.67 -35.04
C ALA VA 37 35.46 47.95 -34.52
N GLU VA 38 34.66 48.87 -34.01
CA GLU VA 38 35.17 50.17 -33.61
C GLU VA 38 36.17 50.04 -32.47
N ALA VA 39 35.91 49.13 -31.54
CA ALA VA 39 36.83 48.93 -30.41
C ALA VA 39 38.19 48.46 -30.89
N TRP VA 40 38.21 47.48 -31.80
CA TRP VA 40 39.48 47.01 -32.35
C TRP VA 40 40.20 48.15 -33.08
N TYR VA 41 39.47 48.93 -33.87
CA TYR VA 41 40.07 50.03 -34.59
C TYR VA 41 40.70 51.04 -33.63
N ASN VA 42 40.00 51.36 -32.55
CA ASN VA 42 40.52 52.34 -31.60
C ASN VA 42 41.72 51.79 -30.84
N LEU VA 43 41.71 50.49 -30.53
CA LEU VA 43 42.91 49.89 -29.95
C LEU VA 43 44.10 50.05 -30.89
N GLY VA 44 43.87 49.80 -32.18
CA GLY VA 44 44.93 50.02 -33.16
C GLY VA 44 45.45 51.45 -33.15
N ASN VA 45 44.53 52.42 -33.13
CA ASN VA 45 44.94 53.82 -33.11
C ASN VA 45 45.76 54.12 -31.86
N ALA VA 46 45.33 53.62 -30.70
CA ALA VA 46 46.05 53.89 -29.47
C ALA VA 46 47.46 53.31 -29.52
N TYR VA 47 47.59 52.07 -29.99
CA TYR VA 47 48.91 51.48 -30.06
C TYR VA 47 49.80 52.20 -31.08
N THR VA 48 49.21 52.70 -32.16
CA THR VA 48 50.01 53.46 -33.13
C THR VA 48 50.51 54.76 -32.51
N LYS VA 49 49.64 55.49 -31.82
CA LYS VA 49 50.09 56.73 -31.20
C LYS VA 49 51.06 56.47 -30.06
N GLN VA 50 51.04 55.26 -29.47
CA GLN VA 50 52.08 54.87 -28.55
C GLN VA 50 53.40 54.55 -29.25
N GLY VA 51 53.39 54.40 -30.57
CA GLY VA 51 54.55 53.94 -31.30
C GLY VA 51 54.76 52.44 -31.27
N ASP VA 52 53.83 51.69 -30.71
CA ASP VA 52 53.88 50.22 -30.70
C ASP VA 52 53.24 49.63 -31.95
N TYR VA 53 53.74 50.03 -33.12
CA TYR VA 53 53.10 49.68 -34.38
C TYR VA 53 52.93 48.17 -34.51
N ASP VA 54 53.92 47.39 -34.08
CA ASP VA 54 53.83 45.94 -34.22
C ASP VA 54 52.58 45.42 -33.52
N GLU VA 55 52.26 45.96 -32.34
CA GLU VA 55 51.03 45.57 -31.66
C GLU VA 55 49.80 46.01 -32.44
N ALA VA 56 49.82 47.22 -32.98
CA ALA VA 56 48.66 47.75 -33.70
C ALA VA 56 48.33 46.91 -34.93
N ILE VA 57 49.33 46.23 -35.50
CA ILE VA 57 49.10 45.44 -36.71
C ILE VA 57 47.95 44.46 -36.49
N GLU VA 58 48.04 43.66 -35.42
CA GLU VA 58 47.07 42.59 -35.20
C GLU VA 58 45.67 43.16 -35.01
N TYR VA 59 45.54 44.22 -34.23
CA TYR VA 59 44.21 44.75 -33.95
C TYR VA 59 43.60 45.40 -35.18
N TYR VA 60 44.42 46.07 -35.99
CA TYR VA 60 43.91 46.60 -37.25
C TYR VA 60 43.44 45.47 -38.17
N LEU VA 61 44.20 44.37 -38.22
CA LEU VA 61 43.78 43.22 -39.01
C LEU VA 61 42.45 42.67 -38.52
N ARG VA 62 42.31 42.48 -37.21
CA ARG VA 62 41.07 41.96 -36.66
C ARG VA 62 39.91 42.90 -36.94
N ALA VA 63 40.17 44.21 -36.97
CA ALA VA 63 39.14 45.15 -37.34
C ALA VA 63 38.73 44.98 -38.80
N LEU VA 64 39.71 44.84 -39.69
CA LEU VA 64 39.41 44.70 -41.11
C LEU VA 64 38.61 43.43 -41.38
N VAL VA 65 38.92 42.34 -40.67
CA VAL VA 65 38.16 41.11 -40.86
C VAL VA 65 36.69 41.35 -40.54
N LEU VA 66 36.41 42.08 -39.46
CA LEU VA 66 35.03 42.32 -39.03
C LEU VA 66 34.36 43.43 -39.82
N ASP VA 67 35.11 44.26 -40.54
CA ASP VA 67 34.55 45.40 -41.26
C ASP VA 67 35.39 45.64 -42.51
N PRO VA 68 35.20 44.82 -43.55
CA PRO VA 68 36.10 44.87 -44.71
C PRO VA 68 36.04 46.18 -45.49
N ASN VA 69 35.01 47.00 -45.30
CA ASN VA 69 34.88 48.27 -46.00
C ASN VA 69 35.53 49.43 -45.25
N ASN VA 70 36.17 49.17 -44.11
CA ASN VA 70 36.69 50.22 -43.24
C ASN VA 70 37.93 50.83 -43.87
N ALA VA 71 37.74 51.93 -44.61
CA ALA VA 71 38.87 52.58 -45.27
C ALA VA 71 39.86 53.15 -44.27
N GLU VA 72 39.37 53.70 -43.17
CA GLU VA 72 40.28 54.28 -42.17
C GLU VA 72 41.19 53.23 -41.57
N ALA VA 73 40.64 52.05 -41.27
CA ALA VA 73 41.46 50.96 -40.75
C ALA VA 73 42.52 50.56 -41.76
N ALA VA 74 42.16 50.48 -43.04
CA ALA VA 74 43.14 50.14 -44.06
C ALA VA 74 44.26 51.17 -44.12
N THR VA 75 43.91 52.46 -44.08
CA THR VA 75 44.92 53.50 -44.13
C THR VA 75 45.86 53.42 -42.94
N ASN VA 76 45.30 53.24 -41.74
CA ASN VA 76 46.15 53.19 -40.54
C ASN VA 76 47.00 51.92 -40.54
N LEU VA 77 46.46 50.80 -41.05
CA LEU VA 77 47.26 49.59 -41.14
C LEU VA 77 48.40 49.77 -42.14
N GLY VA 78 48.14 50.47 -43.24
CA GLY VA 78 49.22 50.82 -44.14
C GLY VA 78 50.30 51.64 -43.46
N GLN VA 79 49.88 52.64 -42.69
CA GLN VA 79 50.83 53.42 -41.90
C GLN VA 79 51.65 52.52 -40.98
N ALA VA 80 50.98 51.61 -40.28
CA ALA VA 80 51.67 50.72 -39.34
C ALA VA 80 52.66 49.82 -40.06
N TYR VA 81 52.27 49.25 -41.19
CA TYR VA 81 53.18 48.40 -41.95
C TYR VA 81 54.39 49.20 -42.44
N MET VA 82 54.16 50.44 -42.89
CA MET VA 82 55.27 51.27 -43.33
C MET VA 82 56.19 51.59 -42.17
N ASN VA 83 55.64 51.83 -40.98
CA ASN VA 83 56.48 52.03 -39.79
C ASN VA 83 57.25 50.76 -39.45
N GLN VA 84 56.68 49.60 -39.77
CA GLN VA 84 57.38 48.33 -39.61
C GLN VA 84 58.34 48.05 -40.77
N GLY VA 85 58.40 48.93 -41.76
CA GLY VA 85 59.30 48.79 -42.88
C GLY VA 85 58.82 47.89 -44.00
N ASP VA 86 57.62 47.32 -43.90
CA ASP VA 86 57.06 46.48 -44.95
C ASP VA 86 56.34 47.38 -45.96
N LYS VA 87 57.13 48.01 -46.83
CA LYS VA 87 56.56 48.90 -47.83
C LYS VA 87 55.60 48.16 -48.74
N ASP VA 88 55.81 46.87 -48.97
CA ASP VA 88 54.95 46.14 -49.91
C ASP VA 88 53.53 46.02 -49.38
N ARG VA 89 53.36 45.40 -48.20
CA ARG VA 89 52.02 45.23 -47.65
C ARG VA 89 51.41 46.57 -47.25
N ALA VA 90 52.24 47.52 -46.81
CA ALA VA 90 51.73 48.85 -46.52
C ALA VA 90 51.12 49.48 -47.77
N LYS VA 91 51.82 49.37 -48.90
CA LYS VA 91 51.28 49.87 -50.16
C LYS VA 91 50.02 49.11 -50.54
N LEU VA 92 49.99 47.80 -50.31
CA LEU VA 92 48.80 47.01 -50.59
C LEU VA 92 47.59 47.56 -49.84
N MET VA 93 47.76 47.82 -48.54
CA MET VA 93 46.65 48.31 -47.74
C MET VA 93 46.29 49.75 -48.07
N LEU VA 94 47.27 50.57 -48.44
CA LEU VA 94 46.96 51.92 -48.90
C LEU VA 94 46.14 51.90 -50.18
N LEU VA 95 46.50 51.03 -51.11
CA LEU VA 95 45.71 50.87 -52.32
C LEU VA 95 44.31 50.37 -52.00
N LEU VA 96 44.21 49.45 -51.02
CA LEU VA 96 42.90 49.01 -50.57
C LEU VA 96 42.08 50.18 -50.05
N ALA VA 97 42.70 51.05 -49.26
CA ALA VA 97 41.99 52.21 -48.73
C ALA VA 97 41.50 53.11 -49.85
N LEU VA 98 42.37 53.39 -50.82
CA LEU VA 98 41.96 54.27 -51.92
C LEU VA 98 40.87 53.62 -52.77
N LYS VA 99 40.89 52.30 -52.91
CA LYS VA 99 39.82 51.61 -53.61
C LYS VA 99 38.51 51.71 -52.85
N LEU VA 100 38.57 51.61 -51.53
CA LEU VA 100 37.36 51.70 -50.70
C LEU VA 100 36.85 53.14 -50.68
#